data_7NPV
#
_entry.id   7NPV
#
_cell.length_a   1.00
_cell.length_b   1.00
_cell.length_c   1.00
_cell.angle_alpha   90.00
_cell.angle_beta   90.00
_cell.angle_gamma   90.00
#
_symmetry.space_group_name_H-M   'P 1'
#
loop_
_entity.id
_entity.type
_entity.pdbx_description
1 polymer 'ESX-5 secretion system ATPase EccB5'
2 polymer 'ESX-5 secretion system protein EccC5'
3 polymer 'ESX-5 secretion system protein EccD5'
#
loop_
_entity_poly.entity_id
_entity_poly.type
_entity_poly.pdbx_seq_one_letter_code
_entity_poly.pdbx_strand_id
1 'polypeptide(L)'
;MAEESRGQRGSGYGLGLSTRTQVTGYQFLARRTAMALTRWRVRMEIEPGRRQTLAVVASVSAALVICLGALLWSFISPSG
QLNESPIIADRDSGALYVRVGDRLYPALNLASARLITGRPDNPHLVRSSQIATMPRGPLVGIPGAPSSFSPKSPPASSWL
VCDTVATSSSIGSLQGVTVTVIDGTPDLTGHRQILSGSDAVVLRYGGDAWVIREGRRSRIEPTNRAVLLPLGLTPEQVSQ
ARPMSRALFDALPVGPELLVPEVPNAGGPATFPGAPGPIGTVIVTPQISGPQQYSLVLGDGVQTLPPLVAQILQNAGSAG
NTKPLTVEPSTLAKMPVVNRLDLSAYPDNPLEVVDIREHPSTCWWWERTAGENRARVRVVSGPTIPVAATEMNKVVSLVK
ADTSGRQADQVYFGPDHANFVAVTGNNPGAQTSESLWWVTDAGARFGVEDSKEARDALGLTLTPSLAPWVALRLLPQGPT
LSRADALVEHDTLPMDMTPAELVVPK
;
B1,B2,B3,B4,B5,B6
2 'polypeptide(L)'
;MKRGFARPTPEKPPVIKPENIVLSTPLSIPPPEGKPWWLIVVGVVVVGLLGGMVAMVFASGSHVFGGIGSIFPLFMMVGI
MMMMFRGMGGGQQQMSRPKLDAMRAQFMLMLDMLRETAQESADSMDANYRWFHPAPNTLAAAVGSPRMWERKPDGKDLNF
GVVRVGVGMTRPEVTWGEPQNMPTDIELEPVTGKALQEFGRYQSVVYNLPKMVSLLVEPWYALVGEREQVLGLMRAIICQ
LAFSHGPDHVQMIVVSSDLDQWDWVKWLPHFGDSRRHDAAGNARMVYTSVREFAAEQAELFAGRGSFTPRHASSSAQTPT
PHTVIIADVDDPQWEYVISAEGVDGVTFFDLTGSSMWTDIPERKLQFDKTGVIEALPRDRDTWMVIDDKAWFFALTDQVS
IAEAEEFAQKLAQWRLAEAYEEIGQRVAHIGARDILSYYGIDDPGNIDFDSLWASRTDTMGRSRLRAPFGNRSDNGELLF
LDMKSLDEGGDGPHGVMSGTTGSGKSTLVRTVIESLMLSHPPEELQFVLADLKGGSAVKPFAGVPHVSRIITDLEEDQAL
MERFLDALWGEIARRKAICDSAGVDDAKEYNSVRARMRARGQDMAPLPMLVVVIDEFYEWFRIMPTAVDVLDSIGRQGRA
YWIHLMMASQTIESRAEKLMENMGYRLVLKARTAGAAQAAGVPNAVNLPAQAGLGYFRKSLEDIIRFQAEFLWRDYFQPG
VSIDGEEAPALVHSIDYIRPQLFTNSFTPLEVSVGGPDIEPVVAQPNGEVLESDDIEGGEDEDEEGVRTPKVGTVIIDQL
RKIKFEPYRLWQPPLTQPVAIDDLVNRFLGRPWHKEYGSACNLVFPIGIIDRPYKHDQPPWTVDTSGPGANVLILGAGGS
GKTTALQTLICSAALTHTPQQVQFYCLAYSSTALTTVSRIPHVGEVAGPTDPYGVRRTVAELLALVRERKRSFLECGIAS
MEMFRRRKFGGEAGPVPDDGFGDVYLVIDNYRALAEENEVLIEQVNVIINQGPSFGVHVVVTADRESELRPPVRSGFGSR
IELRLAAVEDAKLVRSRFAKDVPVKPGRGMVAVNYVRLDSDPQAGLHTLVARPALGSTPDNVFECDSVVAAVSRLTSAQA
PPVRRLPARFGVEQVRELASRDTRQGVGAGGIAWAISELDLAPVYLNFAENSHLMVTGRRECGRTTTLATIMSEIGRLYA
PGASSAPPPAPGRPSAQVWLVDPRRQLLTALGSDYVERFAYNLDGVVAMMGELAAALAGREPPPGLSAEELLSRSWWSGP
EIFLIVDDIQQLPPGFDSPLHKAVPFVNRAADVGLHVIVTRTFGGWSSAGSDPMLRALHQANAPLLVMDADPDEGFIRGK
MKGGPLPRGRGLLMAEDTGVFVQVAATEVRR
;
C1,C2,C3,C4,C5,C6
3 'polypeptide(L)'
;MTAVADAPQADIEGVASPQAVVVGVMAGEGVQIGVLLDANAPVSVMTDPLLKVVNSRLRELGEAPLEATGRGRWALCLVD
GAPLRATQSLTEQDVYDGDRLWIRFIADTERRSQVIEHISTAVASDLSKRFARIDPIVAVQVGASMVATGVVLATGVLGW
WRWHHNTWLTTIYTAVIGVLVLAVAMLLLMRAKTDADRRVADIMLMSAIMPVTVAAAAAPPGPVGSPQAVLGFGVLTVAA
ALALRFTGRRLGIYTTIVIIGALTMLAALARMVAATSAVTLLSSLLLICVVAYHAAPALSRRLAGIRLPVFPSATSRWVF
EARPDLPTTVVVSGGSAPVLEGPSSVRDVLLQAERARSFLSGLLTGLGVMVVVCMTSLCDPHTGQRWLPLILAGFTSGFL
LLRGRSYVDRWQSITLAGTAVIIAAAVCVRYALELSSPLAVSIVAAILVLLPAAGMAAAAHVPHTIYSPLFRKFVEWIEY
LCLMPIFPLALWLMNVYAAIRYR
;
D1,D2,D3,D4,D5,D6,D7,D8,D9,DA,DB,DC
#
# COMPACT_ATOMS: atom_id res chain seq x y z
N GLY A 10 -37.31 -19.69 -25.85
CA GLY A 10 -36.12 -19.19 -26.50
C GLY A 10 -36.38 -17.89 -27.24
N SER A 11 -35.37 -17.42 -27.95
CA SER A 11 -35.42 -16.20 -28.76
C SER A 11 -35.80 -14.93 -27.99
N GLY A 12 -35.82 -14.94 -26.66
CA GLY A 12 -36.09 -13.68 -26.02
C GLY A 12 -37.45 -13.05 -26.25
N TYR A 13 -38.46 -13.82 -26.57
CA TYR A 13 -39.77 -13.21 -26.75
C TYR A 13 -40.31 -12.70 -25.40
N GLY A 14 -41.32 -11.82 -25.50
CA GLY A 14 -42.04 -11.23 -24.37
C GLY A 14 -41.34 -10.09 -23.62
N LEU A 15 -41.92 -9.76 -22.45
CA LEU A 15 -41.46 -8.63 -21.65
C LEU A 15 -40.77 -9.01 -20.35
N GLY A 16 -39.77 -9.87 -20.44
CA GLY A 16 -39.01 -10.30 -19.29
C GLY A 16 -38.17 -9.19 -18.66
N LEU A 17 -37.81 -9.39 -17.38
CA LEU A 17 -37.03 -8.42 -16.62
C LEU A 17 -35.65 -8.26 -17.23
N SER A 18 -34.97 -7.17 -16.90
CA SER A 18 -33.65 -6.96 -17.48
C SER A 18 -32.66 -6.25 -16.56
N THR A 19 -31.41 -6.68 -16.69
CA THR A 19 -30.28 -6.18 -15.91
C THR A 19 -29.74 -4.85 -16.43
N ARG A 20 -29.31 -4.00 -15.50
CA ARG A 20 -28.78 -2.69 -15.87
C ARG A 20 -27.55 -2.79 -16.78
N THR A 21 -26.80 -3.87 -16.69
CA THR A 21 -25.64 -4.10 -17.56
C THR A 21 -26.06 -4.21 -19.01
N GLN A 22 -27.21 -4.82 -19.23
CA GLN A 22 -27.78 -4.99 -20.57
C GLN A 22 -28.27 -3.66 -21.15
N VAL A 23 -28.78 -2.76 -20.31
CA VAL A 23 -29.31 -1.49 -20.80
C VAL A 23 -28.23 -0.67 -21.50
N THR A 24 -27.06 -0.51 -20.89
CA THR A 24 -26.04 0.24 -21.59
C THR A 24 -25.53 -0.51 -22.80
N GLY A 25 -25.52 -1.84 -22.75
CA GLY A 25 -25.09 -2.61 -23.89
C GLY A 25 -25.90 -2.32 -25.15
N TYR A 26 -27.22 -2.35 -25.01
CA TYR A 26 -28.09 -2.03 -26.14
C TYR A 26 -27.90 -0.60 -26.61
N GLN A 27 -27.90 0.34 -25.69
CA GLN A 27 -27.76 1.75 -26.02
C GLN A 27 -26.42 2.04 -26.70
N PHE A 28 -25.39 1.25 -26.39
CA PHE A 28 -24.09 1.39 -27.04
C PHE A 28 -24.15 0.89 -28.49
N LEU A 29 -24.74 -0.28 -28.72
CA LEU A 29 -24.85 -0.79 -30.08
C LEU A 29 -25.69 0.16 -30.95
N ALA A 30 -26.69 0.81 -30.38
CA ALA A 30 -27.51 1.77 -31.12
C ALA A 30 -26.69 2.98 -31.57
N ARG A 31 -25.93 3.58 -30.67
CA ARG A 31 -25.13 4.75 -31.03
C ARG A 31 -24.17 4.41 -32.15
N ARG A 32 -23.48 3.27 -32.03
CA ARG A 32 -22.54 2.83 -33.06
C ARG A 32 -23.26 2.68 -34.40
N THR A 33 -24.48 2.15 -34.39
CA THR A 33 -25.25 1.95 -35.61
C THR A 33 -25.73 3.28 -36.20
N ALA A 34 -26.11 4.23 -35.37
CA ALA A 34 -26.52 5.53 -35.88
C ALA A 34 -25.37 6.19 -36.64
N MET A 35 -24.15 6.03 -36.16
CA MET A 35 -22.98 6.61 -36.83
C MET A 35 -22.75 6.01 -38.22
N ALA A 36 -22.93 4.71 -38.37
CA ALA A 36 -22.69 4.08 -39.67
C ALA A 36 -23.60 4.65 -40.76
N LEU A 37 -24.87 4.94 -40.44
CA LEU A 37 -25.79 5.46 -41.45
C LEU A 37 -25.39 6.83 -41.96
N THR A 38 -24.81 7.67 -41.14
CA THR A 38 -24.44 9.00 -41.61
C THR A 38 -22.97 9.12 -41.98
N ARG A 39 -22.06 8.49 -41.24
CA ARG A 39 -20.64 8.64 -41.54
C ARG A 39 -20.08 7.42 -42.24
N TRP A 40 -20.84 6.37 -42.39
CA TRP A 40 -20.35 5.19 -43.11
C TRP A 40 -19.02 4.64 -42.59
N ARG A 41 -18.69 4.86 -41.32
CA ARG A 41 -17.46 4.31 -40.75
C ARG A 41 -17.69 4.16 -39.25
N VAL A 42 -16.84 3.36 -38.60
CA VAL A 42 -17.04 3.13 -37.17
C VAL A 42 -15.82 3.27 -36.26
N ARG A 43 -14.72 3.81 -36.76
CA ARG A 43 -13.54 3.95 -35.91
C ARG A 43 -13.87 4.75 -34.66
N MET A 44 -14.69 5.77 -34.82
CA MET A 44 -15.14 6.65 -33.75
C MET A 44 -14.02 7.12 -32.81
N GLU A 45 -13.04 7.84 -33.37
CA GLU A 45 -11.97 8.37 -32.53
C GLU A 45 -12.57 9.28 -31.46
N ILE A 46 -13.66 9.96 -31.83
CA ILE A 46 -14.45 10.83 -30.97
C ILE A 46 -15.90 10.51 -31.27
N GLU A 47 -16.73 10.60 -30.25
CA GLU A 47 -18.16 10.31 -30.39
C GLU A 47 -19.04 11.55 -30.35
N PRO A 48 -19.21 12.22 -31.49
CA PRO A 48 -20.00 13.46 -31.55
C PRO A 48 -21.47 13.25 -31.27
N GLY A 49 -22.00 12.06 -31.48
CA GLY A 49 -23.40 11.83 -31.22
C GLY A 49 -23.82 12.24 -29.82
N ARG A 50 -23.11 11.77 -28.81
CA ARG A 50 -23.50 12.14 -27.46
C ARG A 50 -23.26 13.63 -27.21
N ARG A 51 -22.10 14.13 -27.61
CA ARG A 51 -21.78 15.55 -27.39
C ARG A 51 -22.89 16.45 -27.95
N GLN A 52 -23.35 16.17 -29.16
CA GLN A 52 -24.40 16.96 -29.78
C GLN A 52 -25.73 16.83 -29.04
N THR A 53 -25.99 15.66 -28.47
CA THR A 53 -27.25 15.42 -27.78
C THR A 53 -27.33 16.17 -26.47
N LEU A 54 -26.26 16.14 -25.69
CA LEU A 54 -26.23 16.80 -24.40
C LEU A 54 -26.52 18.29 -24.48
N ALA A 55 -26.09 18.94 -25.56
CA ALA A 55 -26.31 20.38 -25.71
C ALA A 55 -27.78 20.73 -25.74
N VAL A 56 -28.60 19.86 -26.30
CA VAL A 56 -30.04 20.10 -26.34
C VAL A 56 -30.59 19.96 -24.94
N VAL A 57 -30.18 18.93 -24.22
CA VAL A 57 -30.63 18.70 -22.86
C VAL A 57 -30.29 19.90 -21.99
N ALA A 58 -29.12 20.49 -22.21
CA ALA A 58 -28.73 21.68 -21.45
C ALA A 58 -29.63 22.87 -21.77
N SER A 59 -30.03 23.05 -23.02
CA SER A 59 -30.88 24.18 -23.41
C SER A 59 -32.26 24.08 -22.77
N VAL A 60 -32.87 22.91 -22.81
CA VAL A 60 -34.18 22.69 -22.20
C VAL A 60 -34.06 22.91 -20.70
N SER A 61 -32.98 22.40 -20.10
CA SER A 61 -32.76 22.58 -18.68
C SER A 61 -32.64 24.05 -18.32
N ALA A 62 -31.91 24.81 -19.12
CA ALA A 62 -31.77 26.26 -18.86
C ALA A 62 -33.12 26.96 -18.94
N ALA A 63 -33.98 26.54 -19.86
CA ALA A 63 -35.32 27.12 -20.01
C ALA A 63 -36.21 26.83 -18.79
N LEU A 64 -36.15 25.62 -18.25
CA LEU A 64 -36.94 25.29 -17.06
C LEU A 64 -36.53 26.11 -15.85
N VAL A 65 -35.23 26.40 -15.70
CA VAL A 65 -34.73 27.21 -14.60
C VAL A 65 -35.33 28.61 -14.61
N ILE A 66 -35.46 29.22 -15.78
CA ILE A 66 -36.05 30.56 -15.89
C ILE A 66 -37.53 30.53 -15.50
N CYS A 67 -38.24 29.46 -15.83
CA CYS A 67 -39.64 29.32 -15.44
C CYS A 67 -39.79 29.23 -13.92
N LEU A 68 -38.89 28.52 -13.26
CA LEU A 68 -38.90 28.46 -11.80
C LEU A 68 -38.68 29.86 -11.23
N GLY A 69 -37.78 30.62 -11.86
CA GLY A 69 -37.54 32.00 -11.43
C GLY A 69 -38.81 32.84 -11.48
N ALA A 70 -39.54 32.75 -12.58
CA ALA A 70 -40.79 33.47 -12.75
C ALA A 70 -41.85 32.98 -11.77
N LEU A 71 -41.92 31.66 -11.58
CA LEU A 71 -42.86 31.08 -10.63
C LEU A 71 -42.55 31.57 -9.22
N LEU A 72 -41.26 31.63 -8.90
CA LEU A 72 -40.79 32.16 -7.62
C LEU A 72 -41.14 33.64 -7.49
N TRP A 73 -40.99 34.39 -8.57
CA TRP A 73 -41.35 35.80 -8.58
C TRP A 73 -42.83 35.99 -8.27
N SER A 74 -43.68 35.06 -8.72
CA SER A 74 -45.13 35.11 -8.47
C SER A 74 -45.46 35.08 -6.98
N PHE A 75 -44.63 34.39 -6.18
CA PHE A 75 -44.81 34.34 -4.73
C PHE A 75 -44.22 35.54 -4.01
N ILE A 76 -43.19 36.15 -4.57
CA ILE A 76 -42.57 37.33 -3.96
C ILE A 76 -43.48 38.56 -4.09
N SER A 77 -44.02 38.82 -5.27
CA SER A 77 -44.88 39.98 -5.49
C SER A 77 -46.11 39.63 -6.31
N PRO A 78 -47.15 39.10 -5.66
CA PRO A 78 -48.40 38.72 -6.34
C PRO A 78 -49.06 39.85 -7.11
N SER A 79 -49.73 39.45 -8.19
CA SER A 79 -50.52 40.34 -9.07
C SER A 79 -51.35 39.40 -9.94
N GLY A 80 -52.09 39.95 -10.91
CA GLY A 80 -52.86 39.07 -11.78
C GLY A 80 -53.19 39.57 -13.18
N GLN A 81 -53.53 38.58 -14.02
CA GLN A 81 -53.92 38.71 -15.41
C GLN A 81 -55.01 37.69 -15.70
N LEU A 82 -55.92 38.01 -16.62
CA LEU A 82 -56.93 37.02 -17.00
C LEU A 82 -56.27 35.82 -17.66
N ASN A 83 -56.78 34.63 -17.33
CA ASN A 83 -56.25 33.37 -17.85
C ASN A 83 -57.35 32.35 -18.15
N GLY B 10 10.64 -17.30 43.69
CA GLY B 10 9.61 -16.97 44.65
C GLY B 10 8.26 -17.56 44.28
N SER B 11 7.23 -17.22 45.06
CA SER B 11 5.89 -17.76 44.84
C SER B 11 4.83 -16.67 44.75
N GLY B 12 5.18 -15.50 44.22
CA GLY B 12 4.18 -14.48 43.99
C GLY B 12 3.46 -13.99 45.22
N TYR B 13 3.99 -14.25 46.40
CA TYR B 13 3.27 -13.82 47.58
C TYR B 13 3.33 -12.29 47.75
N GLY B 14 2.36 -11.79 48.50
CA GLY B 14 2.23 -10.38 48.85
C GLY B 14 1.79 -9.44 47.75
N LEU B 15 1.61 -8.19 48.14
CA LEU B 15 1.20 -7.13 47.24
C LEU B 15 2.35 -6.81 46.30
N GLY B 16 2.05 -6.07 45.23
CA GLY B 16 3.09 -5.77 44.25
C GLY B 16 2.68 -4.86 43.10
N LEU B 17 3.17 -5.18 41.91
CA LEU B 17 2.86 -4.45 40.68
C LEU B 17 2.55 -5.44 39.57
N SER B 18 1.71 -5.02 38.60
CA SER B 18 1.32 -5.89 37.50
C SER B 18 0.97 -5.07 36.27
N THR B 19 1.11 -5.71 35.12
CA THR B 19 0.84 -5.10 33.81
C THR B 19 -0.63 -5.19 33.41
N ARG B 20 -1.00 -4.37 32.41
CA ARG B 20 -2.36 -4.36 31.88
C ARG B 20 -2.71 -5.68 31.21
N THR B 21 -1.71 -6.32 30.60
CA THR B 21 -1.89 -7.61 29.94
C THR B 21 -2.26 -8.70 30.93
N GLN B 22 -1.68 -8.64 32.10
CA GLN B 22 -2.00 -9.56 33.18
C GLN B 22 -3.39 -9.29 33.74
N VAL B 23 -3.79 -8.03 33.85
CA VAL B 23 -5.11 -7.71 34.40
C VAL B 23 -6.26 -8.22 33.53
N THR B 24 -6.21 -8.01 32.22
CA THR B 24 -7.31 -8.52 31.42
C THR B 24 -7.28 -10.04 31.39
N GLY B 25 -6.11 -10.64 31.46
CA GLY B 25 -6.02 -12.08 31.47
C GLY B 25 -6.78 -12.67 32.64
N TYR B 26 -6.55 -12.14 33.84
CA TYR B 26 -7.27 -12.62 35.01
C TYR B 26 -8.76 -12.36 34.83
N GLN B 27 -9.13 -11.16 34.40
CA GLN B 27 -10.53 -10.80 34.26
C GLN B 27 -11.25 -11.69 33.26
N PHE B 28 -10.52 -12.31 32.35
CA PHE B 28 -11.08 -13.26 31.41
C PHE B 28 -11.29 -14.63 32.05
N LEU B 29 -10.30 -15.13 32.78
CA LEU B 29 -10.45 -16.43 33.42
C LEU B 29 -11.59 -16.43 34.43
N ALA B 30 -11.84 -15.30 35.07
CA ALA B 30 -12.92 -15.21 36.03
C ALA B 30 -14.28 -15.40 35.34
N ARG B 31 -14.48 -14.73 34.21
CA ARG B 31 -15.73 -14.86 33.48
C ARG B 31 -15.94 -16.29 33.00
N ARG B 32 -14.90 -16.88 32.39
CA ARG B 32 -15.00 -18.25 31.89
C ARG B 32 -15.37 -19.23 32.99
N THR B 33 -14.79 -19.08 34.16
CA THR B 33 -15.09 -20.00 35.26
C THR B 33 -16.45 -19.73 35.84
N ALA B 34 -16.87 -18.48 35.85
CA ALA B 34 -18.20 -18.16 36.38
C ALA B 34 -19.27 -18.79 35.52
N MET B 35 -19.04 -18.82 34.21
CA MET B 35 -20.00 -19.43 33.30
C MET B 35 -20.15 -20.91 33.58
N ALA B 36 -19.04 -21.61 33.79
CA ALA B 36 -19.05 -23.05 34.05
C ALA B 36 -19.96 -23.43 35.20
N LEU B 37 -19.90 -22.71 36.31
CA LEU B 37 -20.74 -23.05 37.44
C LEU B 37 -22.21 -22.87 37.15
N THR B 38 -22.59 -22.02 36.21
CA THR B 38 -23.99 -21.75 35.94
C THR B 38 -24.55 -22.52 34.74
N ARG B 39 -23.83 -22.59 33.62
CA ARG B 39 -24.30 -23.28 32.42
C ARG B 39 -23.64 -24.63 32.18
N TRP B 40 -22.62 -25.00 32.92
CA TRP B 40 -21.94 -26.27 32.72
C TRP B 40 -21.33 -26.44 31.34
N ARG B 41 -21.10 -25.36 30.60
CA ARG B 41 -20.43 -25.47 29.31
C ARG B 41 -19.61 -24.21 29.09
N VAL B 42 -18.57 -24.30 28.23
CA VAL B 42 -17.64 -23.19 28.03
C VAL B 42 -17.41 -22.73 26.58
N ARG B 43 -18.23 -23.18 25.64
CA ARG B 43 -18.06 -22.75 24.25
C ARG B 43 -18.19 -21.23 24.11
N MET B 44 -19.02 -20.61 24.95
CA MET B 44 -19.28 -19.16 25.01
C MET B 44 -19.44 -18.50 23.65
N GLU B 45 -20.40 -19.06 22.90
CA GLU B 45 -20.71 -18.61 21.55
C GLU B 45 -21.11 -17.13 21.60
N ILE B 46 -21.82 -16.77 22.65
CA ILE B 46 -22.24 -15.43 23.04
C ILE B 46 -21.85 -15.36 24.51
N GLU B 47 -21.44 -14.19 24.96
CA GLU B 47 -21.05 -14.02 26.35
C GLU B 47 -22.04 -13.17 27.13
N PRO B 48 -23.14 -13.79 27.57
CA PRO B 48 -24.23 -13.07 28.25
C PRO B 48 -23.82 -12.41 29.55
N GLY B 49 -22.76 -12.92 30.16
CA GLY B 49 -22.29 -12.34 31.42
C GLY B 49 -21.98 -10.87 31.28
N ARG B 50 -21.17 -10.51 30.31
CA ARG B 50 -20.83 -9.11 30.10
C ARG B 50 -22.07 -8.28 29.74
N ARG B 51 -22.86 -8.76 28.79
CA ARG B 51 -24.05 -8.03 28.34
C ARG B 51 -24.95 -7.66 29.52
N GLN B 52 -25.20 -8.61 30.41
CA GLN B 52 -26.05 -8.38 31.58
C GLN B 52 -25.45 -7.37 32.53
N THR B 53 -24.12 -7.31 32.65
CA THR B 53 -23.50 -6.36 33.55
C THR B 53 -23.58 -4.94 33.01
N LEU B 54 -23.29 -4.75 31.73
CA LEU B 54 -23.32 -3.44 31.10
C LEU B 54 -24.70 -2.79 31.19
N ALA B 55 -25.76 -3.59 31.19
CA ALA B 55 -27.12 -3.08 31.35
C ALA B 55 -27.29 -2.42 32.71
N VAL B 56 -26.63 -2.95 33.74
CA VAL B 56 -26.70 -2.38 35.07
C VAL B 56 -25.98 -1.03 35.06
N VAL B 57 -24.82 -0.98 34.43
CA VAL B 57 -24.06 0.26 34.31
C VAL B 57 -24.89 1.31 33.60
N ALA B 58 -25.61 0.91 32.57
CA ALA B 58 -26.45 1.86 31.85
C ALA B 58 -27.58 2.35 32.75
N SER B 59 -28.11 1.48 33.60
CA SER B 59 -29.19 1.84 34.50
C SER B 59 -28.71 2.87 35.52
N VAL B 60 -27.54 2.63 36.11
CA VAL B 60 -26.94 3.55 37.07
C VAL B 60 -26.57 4.86 36.40
N SER B 61 -25.97 4.77 35.22
CA SER B 61 -25.57 5.97 34.48
C SER B 61 -26.76 6.85 34.15
N ALA B 62 -27.85 6.24 33.70
CA ALA B 62 -29.05 7.01 33.39
C ALA B 62 -29.60 7.70 34.63
N ALA B 63 -29.51 7.05 35.77
CA ALA B 63 -29.99 7.63 37.02
C ALA B 63 -29.15 8.86 37.39
N LEU B 64 -27.84 8.78 37.22
CA LEU B 64 -26.96 9.91 37.51
C LEU B 64 -27.22 11.07 36.55
N VAL B 65 -27.49 10.77 35.28
CA VAL B 65 -27.76 11.82 34.30
C VAL B 65 -29.00 12.59 34.73
N ILE B 66 -30.00 11.90 35.25
CA ILE B 66 -31.18 12.58 35.71
C ILE B 66 -30.83 13.41 36.95
N CYS B 67 -29.91 12.95 37.78
CA CYS B 67 -29.51 13.73 38.95
C CYS B 67 -28.84 15.04 38.50
N LEU B 68 -27.98 14.97 37.48
CA LEU B 68 -27.34 16.17 36.93
C LEU B 68 -28.41 17.11 36.35
N GLY B 69 -29.41 16.54 35.69
CA GLY B 69 -30.54 17.30 35.14
C GLY B 69 -31.31 18.05 36.21
N ALA B 70 -31.61 17.36 37.31
CA ALA B 70 -32.29 17.95 38.47
C ALA B 70 -31.42 19.03 39.13
N LEU B 71 -30.12 18.83 39.16
CA LEU B 71 -29.20 19.80 39.73
C LEU B 71 -29.17 21.11 38.93
N LEU B 72 -29.14 21.04 37.60
CA LEU B 72 -29.17 22.26 36.79
C LEU B 72 -30.49 23.03 36.92
N TRP B 73 -31.64 22.35 36.95
CA TRP B 73 -32.91 23.07 37.11
C TRP B 73 -32.91 23.89 38.40
N SER B 74 -32.28 23.35 39.44
CA SER B 74 -32.20 24.00 40.75
C SER B 74 -31.42 25.31 40.72
N PHE B 75 -30.51 25.48 39.78
CA PHE B 75 -29.76 26.72 39.64
C PHE B 75 -30.45 27.68 38.69
N ILE B 76 -31.23 27.18 37.75
CA ILE B 76 -31.94 28.04 36.82
C ILE B 76 -33.06 28.78 37.54
N SER B 77 -33.86 28.08 38.33
CA SER B 77 -34.97 28.69 39.07
C SER B 77 -35.02 28.24 40.53
N PRO B 78 -34.24 28.90 41.40
CA PRO B 78 -34.24 28.60 42.83
C PRO B 78 -35.63 28.61 43.46
N SER B 79 -35.80 27.80 44.50
CA SER B 79 -37.07 27.70 45.23
C SER B 79 -36.77 27.04 46.57
N GLY B 80 -37.81 26.73 47.34
CA GLY B 80 -37.61 26.07 48.62
C GLY B 80 -38.86 25.35 49.07
N GLN B 81 -38.66 24.42 50.00
CA GLN B 81 -39.71 23.56 50.52
C GLN B 81 -39.75 23.64 52.04
N LEU B 82 -40.95 23.48 52.60
CA LEU B 82 -41.11 23.50 54.05
C LEU B 82 -40.30 22.36 54.66
N ASN B 83 -39.76 22.60 55.84
CA ASN B 83 -38.93 21.61 56.50
C ASN B 83 -39.06 21.67 58.02
N GLY C 10 31.57 28.45 -23.63
CA GLY C 10 31.64 29.20 -22.39
C GLY C 10 32.03 28.33 -21.21
N SER C 11 32.13 28.95 -20.03
CA SER C 11 32.52 28.24 -18.82
C SER C 11 31.81 28.77 -17.59
N GLY C 12 30.67 29.43 -17.77
CA GLY C 12 29.86 29.93 -16.69
C GLY C 12 30.02 31.41 -16.43
N TYR C 13 30.71 32.12 -17.31
CA TYR C 13 30.88 33.55 -17.16
C TYR C 13 29.58 34.24 -17.57
N GLY C 14 29.44 35.50 -17.20
CA GLY C 14 28.26 36.24 -17.59
C GLY C 14 27.03 35.91 -16.78
N LEU C 15 25.90 36.45 -17.22
CA LEU C 15 24.61 36.36 -16.55
C LEU C 15 23.69 35.24 -17.10
N GLY C 16 24.19 34.02 -17.30
CA GLY C 16 23.36 32.94 -17.80
C GLY C 16 22.30 32.47 -16.79
N LEU C 17 21.21 31.88 -17.32
CA LEU C 17 20.11 31.42 -16.48
C LEU C 17 20.52 30.28 -15.55
N SER C 18 19.69 30.06 -14.51
CA SER C 18 19.97 29.03 -13.50
C SER C 18 18.70 28.44 -12.88
N THR C 19 18.83 27.20 -12.42
CA THR C 19 17.78 26.38 -11.81
C THR C 19 17.79 26.41 -10.27
N ARG C 20 16.66 25.95 -9.71
CA ARG C 20 16.47 25.90 -8.25
C ARG C 20 17.49 24.98 -7.58
N THR C 21 17.88 23.91 -8.26
CA THR C 21 18.87 22.97 -7.75
C THR C 21 20.25 23.60 -7.64
N GLN C 22 20.58 24.47 -8.58
CA GLN C 22 21.82 25.21 -8.50
C GLN C 22 21.77 26.27 -7.41
N VAL C 23 20.62 26.91 -7.21
CA VAL C 23 20.51 27.96 -6.19
C VAL C 23 20.77 27.43 -4.78
N THR C 24 20.14 26.34 -4.38
CA THR C 24 20.44 25.85 -3.03
C THR C 24 21.83 25.24 -2.95
N GLY C 25 22.29 24.62 -4.03
CA GLY C 25 23.62 24.01 -4.05
C GLY C 25 24.72 24.99 -3.69
N TYR C 26 24.72 26.14 -4.34
CA TYR C 26 25.68 27.18 -4.03
C TYR C 26 25.54 27.65 -2.58
N GLN C 27 24.32 27.93 -2.14
CA GLN C 27 24.11 28.45 -0.79
C GLN C 27 24.65 27.48 0.27
N PHE C 28 24.64 26.20 -0.02
CA PHE C 28 25.18 25.24 0.94
C PHE C 28 26.70 25.35 1.01
N LEU C 29 27.35 25.47 -0.13
CA LEU C 29 28.80 25.60 -0.16
C LEU C 29 29.26 26.86 0.56
N ALA C 30 28.48 27.94 0.49
CA ALA C 30 28.80 29.21 1.15
C ALA C 30 28.75 29.09 2.67
N ARG C 31 27.69 28.50 3.20
CA ARG C 31 27.57 28.31 4.64
C ARG C 31 28.74 27.48 5.14
N ARG C 32 29.04 26.39 4.45
CA ARG C 32 30.15 25.53 4.83
C ARG C 32 31.47 26.29 4.82
N THR C 33 31.68 27.18 3.87
CA THR C 33 32.92 27.94 3.84
C THR C 33 32.97 29.00 4.95
N ALA C 34 31.83 29.59 5.28
CA ALA C 34 31.77 30.59 6.35
C ALA C 34 32.11 29.97 7.72
N MET C 35 31.67 28.75 7.95
CA MET C 35 31.98 28.02 9.18
C MET C 35 33.48 27.76 9.31
N ALA C 36 34.11 27.32 8.23
CA ALA C 36 35.53 27.01 8.24
C ALA C 36 36.37 28.20 8.68
N LEU C 37 36.09 29.37 8.15
CA LEU C 37 36.86 30.54 8.54
C LEU C 37 36.69 30.88 10.00
N THR C 38 35.60 30.48 10.63
CA THR C 38 35.32 30.85 12.02
C THR C 38 35.67 29.76 13.02
N ARG C 39 35.41 28.48 12.72
CA ARG C 39 35.66 27.41 13.68
C ARG C 39 36.78 26.46 13.31
N TRP C 40 37.34 26.58 12.12
CA TRP C 40 38.43 25.70 11.68
C TRP C 40 38.09 24.22 11.63
N ARG C 41 36.82 23.85 11.53
CA ARG C 41 36.44 22.45 11.38
C ARG C 41 35.15 22.43 10.57
N VAL C 42 34.91 21.33 9.86
CA VAL C 42 33.75 21.22 8.97
C VAL C 42 32.84 20.05 9.30
N ARG C 43 33.05 19.41 10.45
CA ARG C 43 32.21 18.30 10.83
C ARG C 43 30.74 18.71 10.83
N MET C 44 30.47 19.95 11.21
CA MET C 44 29.15 20.58 11.23
C MET C 44 28.04 19.66 11.71
N GLU C 45 28.18 19.22 12.95
CA GLU C 45 27.21 18.33 13.55
C GLU C 45 25.87 19.06 13.65
N ILE C 46 25.92 20.34 13.97
CA ILE C 46 24.80 21.27 14.05
C ILE C 46 25.25 22.48 13.24
N GLU C 47 24.29 23.16 12.61
CA GLU C 47 24.59 24.33 11.77
C GLU C 47 24.11 25.64 12.38
N PRO C 48 24.89 26.17 13.31
CA PRO C 48 24.51 27.40 14.01
C PRO C 48 24.39 28.64 13.15
N GLY C 49 24.95 28.65 11.95
CA GLY C 49 24.85 29.84 11.11
C GLY C 49 23.42 30.25 10.81
N ARG C 50 22.60 29.30 10.38
CA ARG C 50 21.20 29.60 10.06
C ARG C 50 20.48 30.01 11.33
N ARG C 51 20.70 29.25 12.40
CA ARG C 51 20.07 29.48 13.68
C ARG C 51 20.27 30.94 14.09
N GLN C 52 21.50 31.42 14.02
CA GLN C 52 21.77 32.80 14.40
C GLN C 52 21.07 33.77 13.46
N THR C 53 20.89 33.41 12.20
CA THR C 53 20.26 34.30 11.23
C THR C 53 18.77 34.44 11.45
N LEU C 54 18.10 33.33 11.70
CA LEU C 54 16.65 33.33 11.90
C LEU C 54 16.24 34.24 13.05
N ALA C 55 17.03 34.32 14.10
CA ALA C 55 16.67 35.20 15.20
C ALA C 55 16.62 36.65 14.76
N VAL C 56 17.45 37.05 13.80
CA VAL C 56 17.40 38.41 13.30
C VAL C 56 16.14 38.60 12.47
N VAL C 57 15.83 37.64 11.60
CA VAL C 57 14.64 37.70 10.75
C VAL C 57 13.40 37.82 11.62
N ALA C 58 13.38 37.12 12.73
CA ALA C 58 12.25 37.21 13.65
C ALA C 58 12.15 38.61 14.24
N SER C 59 13.28 39.21 14.53
CA SER C 59 13.29 40.55 15.12
C SER C 59 12.71 41.58 14.17
N VAL C 60 13.06 41.53 12.89
CA VAL C 60 12.53 42.49 11.91
C VAL C 60 11.02 42.31 11.76
N SER C 61 10.57 41.07 11.70
CA SER C 61 9.15 40.79 11.55
C SER C 61 8.33 41.28 12.73
N ALA C 62 8.81 41.07 13.95
CA ALA C 62 8.10 41.52 15.15
C ALA C 62 7.95 43.04 15.20
N ALA C 63 8.99 43.77 14.84
CA ALA C 63 8.98 45.24 14.81
C ALA C 63 7.97 45.78 13.80
N LEU C 64 7.96 45.22 12.61
CA LEU C 64 7.01 45.62 11.57
C LEU C 64 5.59 45.31 12.02
N VAL C 65 5.40 44.19 12.73
CA VAL C 65 4.08 43.83 13.23
C VAL C 65 3.59 44.90 14.21
N ILE C 66 4.48 45.44 15.04
CA ILE C 66 4.02 46.52 15.92
C ILE C 66 3.69 47.75 15.07
N CYS C 67 4.43 47.96 13.98
CA CYS C 67 4.16 49.06 13.05
C CYS C 67 2.82 48.86 12.34
N LEU C 68 2.54 47.64 11.88
CA LEU C 68 1.26 47.34 11.24
C LEU C 68 0.12 47.55 12.22
N GLY C 69 0.30 47.11 13.45
CA GLY C 69 -0.70 47.30 14.49
C GLY C 69 -0.98 48.78 14.70
N ALA C 70 0.07 49.57 14.78
CA ALA C 70 -0.05 51.02 14.96
C ALA C 70 -0.69 51.68 13.74
N LEU C 71 -0.35 51.26 12.54
CA LEU C 71 -0.95 51.85 11.34
C LEU C 71 -2.44 51.57 11.30
N LEU C 72 -2.83 50.36 11.65
CA LEU C 72 -4.24 50.00 11.69
C LEU C 72 -4.97 50.79 12.77
N TRP C 73 -4.34 50.97 13.92
CA TRP C 73 -4.95 51.77 14.99
C TRP C 73 -5.23 53.20 14.53
N SER C 74 -4.35 53.79 13.70
CA SER C 74 -4.54 55.16 13.22
C SER C 74 -5.80 55.32 12.36
N PHE C 75 -6.28 54.25 11.72
CA PHE C 75 -7.53 54.32 10.95
C PHE C 75 -8.72 54.03 11.84
N ILE C 76 -8.54 53.22 12.87
CA ILE C 76 -9.63 52.90 13.76
C ILE C 76 -10.02 54.15 14.54
N SER C 77 -9.03 54.86 15.08
CA SER C 77 -9.30 56.08 15.84
C SER C 77 -8.26 57.15 15.53
N PRO C 78 -8.40 57.83 14.39
CA PRO C 78 -7.48 58.92 14.03
C PRO C 78 -7.39 59.99 15.11
N SER C 79 -6.23 60.63 15.16
CA SER C 79 -5.92 61.70 16.09
C SER C 79 -4.81 62.52 15.45
N GLY C 80 -4.10 63.33 16.24
CA GLY C 80 -3.02 64.10 15.65
C GLY C 80 -2.07 64.63 16.70
N GLN C 81 -0.95 65.12 16.20
CA GLN C 81 0.15 65.65 17.00
C GLN C 81 0.78 66.82 16.26
N LEU C 82 1.35 67.75 17.02
CA LEU C 82 1.97 68.93 16.42
C LEU C 82 3.18 68.53 15.58
N ASN C 83 3.27 69.09 14.38
CA ASN C 83 4.38 68.80 13.46
C ASN C 83 4.83 70.07 12.72
N GLY D 10 -35.27 -32.84 20.41
CA GLY D 10 -34.08 -32.80 19.60
C GLY D 10 -33.42 -31.44 19.49
N SER D 11 -32.40 -31.39 18.63
CA SER D 11 -31.62 -30.19 18.38
C SER D 11 -32.45 -29.18 17.59
N GLY D 12 -32.10 -27.90 17.72
CA GLY D 12 -32.81 -26.90 16.97
C GLY D 12 -34.13 -26.49 17.56
N TYR D 13 -34.68 -27.26 18.46
CA TYR D 13 -35.95 -26.91 19.05
C TYR D 13 -35.76 -25.93 20.21
N GLY D 14 -36.86 -25.27 20.58
CA GLY D 14 -36.91 -24.32 21.68
C GLY D 14 -36.29 -22.94 21.44
N LEU D 15 -36.38 -22.14 22.50
CA LEU D 15 -35.94 -20.75 22.52
C LEU D 15 -34.47 -20.55 22.92
N GLY D 16 -33.53 -21.13 22.18
CA GLY D 16 -32.13 -20.96 22.50
C GLY D 16 -31.59 -19.58 22.09
N LEU D 17 -30.28 -19.41 22.23
CA LEU D 17 -29.59 -18.17 21.84
C LEU D 17 -29.41 -18.10 20.32
N SER D 18 -28.97 -16.93 19.84
CA SER D 18 -28.81 -16.71 18.40
C SER D 18 -27.82 -15.57 18.11
N THR D 19 -27.40 -15.45 16.85
CA THR D 19 -26.44 -14.44 16.42
C THR D 19 -26.94 -13.67 15.19
N ARG D 20 -26.29 -12.53 14.93
CA ARG D 20 -26.67 -11.65 13.81
C ARG D 20 -26.49 -12.29 12.44
N THR D 21 -25.54 -13.21 12.29
CA THR D 21 -25.33 -13.87 11.00
C THR D 21 -26.44 -14.85 10.73
N GLN D 22 -27.01 -15.39 11.79
CA GLN D 22 -28.13 -16.31 11.71
C GLN D 22 -29.40 -15.59 11.31
N VAL D 23 -29.59 -14.34 11.73
CA VAL D 23 -30.78 -13.58 11.35
C VAL D 23 -30.84 -13.33 9.84
N THR D 24 -29.72 -12.97 9.22
CA THR D 24 -29.75 -12.79 7.77
C THR D 24 -29.87 -14.13 7.06
N GLY D 25 -29.22 -15.16 7.60
CA GLY D 25 -29.32 -16.48 6.99
C GLY D 25 -30.76 -16.93 6.84
N TYR D 26 -31.56 -16.73 7.89
CA TYR D 26 -32.96 -17.10 7.82
C TYR D 26 -33.69 -16.26 6.78
N GLN D 27 -33.40 -14.97 6.72
CA GLN D 27 -34.08 -14.15 5.72
C GLN D 27 -33.69 -14.55 4.30
N PHE D 28 -32.48 -15.03 4.10
CA PHE D 28 -32.11 -15.47 2.77
C PHE D 28 -32.93 -16.68 2.35
N LEU D 29 -33.05 -17.68 3.22
CA LEU D 29 -33.90 -18.83 2.90
C LEU D 29 -35.38 -18.45 2.77
N ALA D 30 -35.84 -17.51 3.56
CA ALA D 30 -37.25 -17.07 3.50
C ALA D 30 -37.61 -16.42 2.16
N ARG D 31 -36.74 -15.59 1.61
CA ARG D 31 -36.98 -14.99 0.31
C ARG D 31 -36.93 -16.03 -0.79
N ARG D 32 -35.91 -16.89 -0.80
CA ARG D 32 -35.77 -17.92 -1.82
C ARG D 32 -36.97 -18.87 -1.85
N THR D 33 -37.48 -19.26 -0.71
CA THR D 33 -38.67 -20.12 -0.72
C THR D 33 -39.90 -19.33 -1.12
N ALA D 34 -39.99 -18.07 -0.71
CA ALA D 34 -41.15 -17.28 -1.08
C ALA D 34 -41.24 -17.11 -2.59
N MET D 35 -40.09 -16.98 -3.25
CA MET D 35 -40.03 -16.88 -4.71
C MET D 35 -40.47 -18.16 -5.40
N ALA D 36 -40.07 -19.31 -4.86
CA ALA D 36 -40.42 -20.60 -5.44
C ALA D 36 -41.92 -20.86 -5.48
N LEU D 37 -42.70 -20.30 -4.57
CA LEU D 37 -44.13 -20.54 -4.58
C LEU D 37 -44.85 -19.79 -5.68
N THR D 38 -44.39 -18.61 -6.05
CA THR D 38 -45.09 -17.85 -7.07
C THR D 38 -44.50 -18.00 -8.48
N ARG D 39 -43.20 -18.20 -8.61
CA ARG D 39 -42.58 -18.31 -9.92
C ARG D 39 -42.10 -19.71 -10.27
N TRP D 40 -42.17 -20.64 -9.34
CA TRP D 40 -41.80 -22.04 -9.55
C TRP D 40 -40.38 -22.22 -10.09
N ARG D 41 -39.49 -21.27 -9.88
CA ARG D 41 -38.11 -21.45 -10.31
C ARG D 41 -37.29 -20.66 -9.30
N VAL D 42 -36.02 -21.05 -9.14
CA VAL D 42 -35.17 -20.46 -8.13
C VAL D 42 -33.95 -19.73 -8.68
N ARG D 43 -33.89 -19.46 -9.97
CA ARG D 43 -32.66 -18.87 -10.50
C ARG D 43 -32.32 -17.56 -9.77
N MET D 44 -33.29 -16.70 -9.53
CA MET D 44 -33.08 -15.44 -8.82
C MET D 44 -31.89 -14.64 -9.37
N GLU D 45 -31.87 -14.45 -10.68
CA GLU D 45 -30.95 -13.52 -11.32
C GLU D 45 -31.18 -12.09 -10.85
N ILE D 46 -32.44 -11.74 -10.62
CA ILE D 46 -32.90 -10.47 -10.08
C ILE D 46 -33.79 -10.81 -8.91
N GLU D 47 -33.74 -10.01 -7.87
CA GLU D 47 -34.54 -10.33 -6.70
C GLU D 47 -35.64 -9.30 -6.46
N PRO D 48 -36.76 -9.50 -7.15
CA PRO D 48 -37.86 -8.53 -7.16
C PRO D 48 -38.61 -8.39 -5.85
N GLY D 49 -38.58 -9.37 -4.98
CA GLY D 49 -39.30 -9.24 -3.73
C GLY D 49 -38.80 -8.06 -2.93
N ARG D 50 -37.49 -7.90 -2.87
CA ARG D 50 -36.86 -6.80 -2.14
C ARG D 50 -37.40 -5.45 -2.62
N ARG D 51 -37.31 -5.20 -3.92
CA ARG D 51 -37.76 -3.93 -4.51
C ARG D 51 -39.23 -3.67 -4.25
N GLN D 52 -40.08 -4.65 -4.47
CA GLN D 52 -41.51 -4.43 -4.26
C GLN D 52 -41.78 -4.10 -2.80
N THR D 53 -41.01 -4.65 -1.90
CA THR D 53 -41.20 -4.36 -0.48
C THR D 53 -40.72 -2.95 -0.20
N LEU D 54 -39.54 -2.63 -0.69
CA LEU D 54 -38.95 -1.33 -0.48
C LEU D 54 -39.88 -0.23 -1.00
N ALA D 55 -40.58 -0.50 -2.09
CA ALA D 55 -41.50 0.49 -2.62
C ALA D 55 -42.60 0.83 -1.62
N VAL D 56 -43.04 -0.14 -0.85
CA VAL D 56 -44.07 0.12 0.15
C VAL D 56 -43.49 0.98 1.26
N VAL D 57 -42.31 0.63 1.73
CA VAL D 57 -41.67 1.38 2.81
C VAL D 57 -41.49 2.83 2.40
N ALA D 58 -41.13 3.05 1.16
CA ALA D 58 -40.97 4.41 0.67
C ALA D 58 -42.30 5.12 0.73
N SER D 59 -43.35 4.43 0.36
CA SER D 59 -44.68 5.01 0.37
C SER D 59 -45.06 5.47 1.77
N VAL D 60 -44.87 4.60 2.76
CA VAL D 60 -45.22 4.94 4.14
C VAL D 60 -44.41 6.11 4.65
N SER D 61 -43.11 6.12 4.35
CA SER D 61 -42.26 7.21 4.80
C SER D 61 -42.70 8.56 4.24
N ALA D 62 -43.04 8.63 2.96
CA ALA D 62 -43.45 9.89 2.35
C ALA D 62 -44.69 10.46 3.00
N ALA D 63 -45.64 9.62 3.38
CA ALA D 63 -46.86 10.08 4.03
C ALA D 63 -46.56 10.76 5.35
N LEU D 64 -45.70 10.15 6.14
CA LEU D 64 -45.34 10.72 7.44
C LEU D 64 -44.61 12.04 7.28
N VAL D 65 -43.74 12.15 6.27
CA VAL D 65 -43.02 13.40 6.03
C VAL D 65 -43.98 14.54 5.73
N ILE D 66 -44.97 14.32 4.88
CA ILE D 66 -45.94 15.38 4.61
C ILE D 66 -46.75 15.71 5.86
N CYS D 67 -47.10 14.69 6.65
CA CYS D 67 -47.89 14.87 7.87
C CYS D 67 -47.18 15.82 8.83
N LEU D 68 -45.89 15.60 9.08
CA LEU D 68 -45.14 16.48 9.97
C LEU D 68 -45.07 17.89 9.41
N GLY D 69 -45.05 18.01 8.08
CA GLY D 69 -45.06 19.33 7.46
C GLY D 69 -46.28 20.10 7.91
N ALA D 70 -47.40 19.41 7.99
CA ALA D 70 -48.64 20.02 8.45
C ALA D 70 -48.49 20.45 9.90
N LEU D 71 -47.86 19.61 10.73
CA LEU D 71 -47.64 19.98 12.12
C LEU D 71 -46.74 21.20 12.21
N LEU D 72 -45.74 21.29 11.33
CA LEU D 72 -44.85 22.45 11.34
C LEU D 72 -45.58 23.76 11.06
N TRP D 73 -46.48 23.77 10.09
CA TRP D 73 -47.24 24.97 9.75
C TRP D 73 -48.22 25.34 10.87
N SER D 74 -48.72 24.35 11.60
CA SER D 74 -49.65 24.59 12.71
C SER D 74 -49.10 25.55 13.75
N PHE D 75 -47.80 25.49 14.00
CA PHE D 75 -47.20 26.41 14.96
C PHE D 75 -46.82 27.74 14.32
N ILE D 76 -46.48 27.73 13.04
CA ILE D 76 -46.04 28.94 12.33
C ILE D 76 -47.20 29.90 12.06
N SER D 77 -48.37 29.40 11.66
CA SER D 77 -49.52 30.26 11.35
C SER D 77 -50.82 29.62 11.82
N PRO D 78 -51.10 29.72 13.13
CA PRO D 78 -52.28 29.09 13.72
C PRO D 78 -53.58 29.81 13.37
N SER D 79 -54.66 29.10 13.70
CA SER D 79 -56.02 29.59 13.54
C SER D 79 -56.52 30.46 14.70
N GLY D 80 -55.86 30.43 15.85
CA GLY D 80 -56.27 31.19 17.04
C GLY D 80 -56.08 32.70 16.96
N GLN D 81 -55.36 33.20 15.94
CA GLN D 81 -55.11 34.63 15.77
C GLN D 81 -56.30 35.36 15.14
N LEU D 82 -57.41 35.43 15.89
CA LEU D 82 -58.59 36.15 15.45
C LEU D 82 -58.60 37.59 15.97
N ASN D 83 -59.68 38.31 15.65
CA ASN D 83 -59.93 39.68 16.10
C ASN D 83 -58.75 40.58 15.74
N GLY E 10 40.29 17.71 27.10
CA GLY E 10 39.42 16.56 27.32
C GLY E 10 38.38 16.35 26.24
N SER E 11 37.72 15.19 26.29
CA SER E 11 36.73 14.78 25.30
C SER E 11 35.30 15.25 25.60
N GLY E 12 34.83 15.07 26.84
CA GLY E 12 33.47 15.40 27.23
C GLY E 12 33.30 16.57 28.20
N TYR E 13 34.41 17.13 28.63
CA TYR E 13 34.40 18.25 29.53
C TYR E 13 33.86 19.49 28.81
N GLY E 14 33.70 20.54 29.59
CA GLY E 14 33.31 21.85 29.09
C GLY E 14 31.84 22.13 28.93
N LEU E 15 31.55 23.09 28.06
CA LEU E 15 30.19 23.61 27.85
C LEU E 15 29.83 23.69 26.36
N GLY E 16 30.25 22.72 25.57
CA GLY E 16 29.97 22.72 24.14
C GLY E 16 28.51 22.39 23.81
N LEU E 17 28.23 22.44 22.50
CA LEU E 17 26.91 22.18 21.95
C LEU E 17 26.45 20.72 22.18
N SER E 18 25.13 20.53 22.03
CA SER E 18 24.47 19.25 22.23
C SER E 18 23.26 19.13 21.32
N THR E 19 22.74 17.92 21.18
CA THR E 19 21.61 17.66 20.29
C THR E 19 20.43 17.08 21.09
N ARG E 20 19.26 17.05 20.43
CA ARG E 20 18.03 16.58 21.07
C ARG E 20 18.11 15.12 21.52
N THR E 21 18.68 14.26 20.69
CA THR E 21 18.80 12.84 21.06
C THR E 21 19.66 12.65 22.30
N GLN E 22 20.63 13.51 22.50
CA GLN E 22 21.47 13.46 23.70
C GLN E 22 20.69 13.84 24.96
N VAL E 23 19.66 14.67 24.85
CA VAL E 23 18.88 15.10 26.01
C VAL E 23 18.03 13.97 26.57
N THR E 24 17.32 13.25 25.72
CA THR E 24 16.53 12.14 26.24
C THR E 24 17.45 11.03 26.71
N GLY E 25 18.54 10.80 25.99
CA GLY E 25 19.50 9.78 26.38
C GLY E 25 20.01 9.99 27.80
N TYR E 26 20.37 11.21 28.14
CA TYR E 26 20.81 11.47 29.51
C TYR E 26 19.69 11.25 30.51
N GLN E 27 18.49 11.72 30.23
CA GLN E 27 17.41 11.53 31.20
C GLN E 27 17.08 10.05 31.41
N PHE E 28 17.30 9.21 30.41
CA PHE E 28 17.07 7.78 30.57
C PHE E 28 18.03 7.17 31.58
N LEU E 29 19.31 7.49 31.47
CA LEU E 29 20.30 7.02 32.44
C LEU E 29 19.99 7.55 33.84
N ALA E 30 19.48 8.78 33.95
CA ALA E 30 19.16 9.34 35.25
C ALA E 30 18.05 8.58 35.96
N ARG E 31 17.00 8.20 35.24
CA ARG E 31 15.92 7.45 35.86
C ARG E 31 16.41 6.08 36.28
N ARG E 32 17.09 5.39 35.37
CA ARG E 32 17.62 4.05 35.64
C ARG E 32 18.58 4.05 36.81
N THR E 33 19.46 5.03 36.91
CA THR E 33 20.34 5.05 38.06
C THR E 33 19.64 5.56 39.29
N ALA E 34 18.55 6.30 39.14
CA ALA E 34 17.85 6.81 40.30
C ALA E 34 17.12 5.69 41.05
N MET E 35 16.37 4.86 40.33
CA MET E 35 15.66 3.76 40.98
C MET E 35 16.65 2.76 41.54
N ALA E 36 17.86 2.72 40.98
CA ALA E 36 18.90 1.85 41.49
C ALA E 36 19.28 2.20 42.91
N LEU E 37 19.09 3.45 43.31
CA LEU E 37 19.42 3.81 44.67
C LEU E 37 18.35 3.36 45.65
N THR E 38 17.10 3.27 45.23
CA THR E 38 15.99 2.92 46.11
C THR E 38 15.52 1.48 46.01
N ARG E 39 15.57 0.85 44.83
CA ARG E 39 15.10 -0.51 44.65
C ARG E 39 16.21 -1.51 44.41
N TRP E 40 17.44 -1.05 44.25
CA TRP E 40 18.60 -1.92 44.07
C TRP E 40 18.48 -2.92 42.91
N ARG E 41 17.64 -2.66 41.91
CA ARG E 41 17.56 -3.55 40.76
C ARG E 41 17.19 -2.72 39.54
N VAL E 42 17.69 -3.14 38.39
CA VAL E 42 17.51 -2.44 37.13
C VAL E 42 16.52 -3.13 36.19
N ARG E 43 15.85 -4.20 36.63
CA ARG E 43 14.94 -4.92 35.75
C ARG E 43 13.92 -3.99 35.11
N MET E 44 13.44 -3.03 35.86
CA MET E 44 12.51 -1.99 35.41
C MET E 44 11.41 -2.54 34.49
N GLU E 45 10.67 -3.50 35.05
CA GLU E 45 9.56 -4.09 34.31
C GLU E 45 8.59 -2.98 33.92
N ILE E 46 8.26 -2.13 34.90
CA ILE E 46 7.43 -0.94 34.83
C ILE E 46 8.22 0.17 35.52
N GLU E 47 8.01 1.39 35.07
CA GLU E 47 8.75 2.54 35.61
C GLU E 47 7.91 3.49 36.45
N PRO E 48 7.69 3.16 37.72
CA PRO E 48 6.83 3.99 38.58
C PRO E 48 7.36 5.38 38.87
N GLY E 49 8.67 5.61 38.74
CA GLY E 49 9.21 6.94 38.99
C GLY E 49 8.55 8.00 38.12
N ARG E 50 8.36 7.68 36.84
CA ARG E 50 7.70 8.59 35.92
C ARG E 50 6.30 8.95 36.43
N ARG E 51 5.50 7.94 36.75
CA ARG E 51 4.14 8.16 37.21
C ARG E 51 4.10 9.01 38.47
N GLN E 52 4.94 8.69 39.45
CA GLN E 52 4.91 9.48 40.66
C GLN E 52 5.25 10.93 40.33
N THR E 53 6.08 11.14 39.32
CA THR E 53 6.43 12.51 38.95
C THR E 53 5.27 13.20 38.25
N LEU E 54 4.70 12.54 37.25
CA LEU E 54 3.57 13.12 36.52
C LEU E 54 2.41 13.47 37.43
N ALA E 55 2.19 12.68 38.47
CA ALA E 55 1.09 12.93 39.40
C ALA E 55 1.23 14.28 40.08
N VAL E 56 2.45 14.72 40.32
CA VAL E 56 2.64 16.03 40.93
C VAL E 56 2.26 17.08 39.91
N VAL E 57 2.69 16.88 38.67
CA VAL E 57 2.42 17.81 37.59
C VAL E 57 0.92 17.97 37.41
N ALA E 58 0.18 16.88 37.50
CA ALA E 58 -1.27 16.93 37.39
C ALA E 58 -1.88 17.75 38.52
N SER E 59 -1.38 17.60 39.74
CA SER E 59 -1.88 18.32 40.92
C SER E 59 -1.75 19.84 40.77
N VAL E 60 -0.57 20.31 40.40
CA VAL E 60 -0.29 21.73 40.20
C VAL E 60 -1.13 22.31 39.06
N SER E 61 -1.23 21.59 37.95
CA SER E 61 -2.01 22.06 36.81
C SER E 61 -3.46 22.28 37.20
N ALA E 62 -4.03 21.37 37.97
CA ALA E 62 -5.42 21.51 38.41
C ALA E 62 -5.57 22.74 39.27
N ALA E 63 -4.58 23.02 40.10
CA ALA E 63 -4.61 24.22 40.94
C ALA E 63 -4.57 25.48 40.10
N LEU E 64 -3.73 25.53 39.09
CA LEU E 64 -3.64 26.69 38.20
C LEU E 64 -4.94 26.89 37.43
N VAL E 65 -5.57 25.80 36.98
CA VAL E 65 -6.85 25.88 36.28
C VAL E 65 -7.95 26.48 37.17
N ILE E 66 -8.05 26.04 38.41
CA ILE E 66 -9.05 26.58 39.32
C ILE E 66 -8.75 28.05 39.59
N CYS E 67 -7.49 28.37 39.82
CA CYS E 67 -7.07 29.75 40.07
C CYS E 67 -7.52 30.64 38.91
N LEU E 68 -7.28 30.21 37.69
CA LEU E 68 -7.71 30.97 36.52
C LEU E 68 -9.22 30.97 36.38
N GLY E 69 -9.88 29.90 36.81
CA GLY E 69 -11.33 29.84 36.77
C GLY E 69 -11.97 30.88 37.67
N ALA E 70 -11.35 31.15 38.82
CA ALA E 70 -11.82 32.17 39.75
C ALA E 70 -11.67 33.57 39.17
N LEU E 71 -10.56 33.85 38.51
CA LEU E 71 -10.35 35.16 37.89
C LEU E 71 -11.43 35.43 36.86
N LEU E 72 -11.81 34.43 36.08
CA LEU E 72 -12.89 34.59 35.11
C LEU E 72 -14.20 34.96 35.80
N TRP E 73 -14.48 34.39 36.96
CA TRP E 73 -15.69 34.69 37.71
C TRP E 73 -15.71 36.14 38.18
N SER E 74 -14.54 36.68 38.53
CA SER E 74 -14.42 38.07 38.97
C SER E 74 -14.93 39.08 37.93
N PHE E 75 -14.63 38.86 36.65
CA PHE E 75 -15.09 39.76 35.59
C PHE E 75 -16.57 39.56 35.30
N ILE E 76 -17.08 38.36 35.48
CA ILE E 76 -18.48 38.05 35.27
C ILE E 76 -19.36 38.59 36.40
N SER E 77 -18.82 38.78 37.62
CA SER E 77 -19.66 39.31 38.71
C SER E 77 -18.86 39.99 39.82
N PRO E 78 -18.52 41.28 39.64
CA PRO E 78 -17.73 42.01 40.65
C PRO E 78 -18.51 42.45 41.89
N SER E 79 -17.72 42.98 42.83
CA SER E 79 -18.15 43.44 44.15
C SER E 79 -19.05 44.69 44.15
N GLY E 80 -18.90 45.60 43.19
CA GLY E 80 -19.72 46.80 43.23
C GLY E 80 -21.18 46.63 42.90
N GLN E 81 -21.62 45.45 42.49
CA GLN E 81 -23.02 45.22 42.15
C GLN E 81 -23.84 44.98 43.42
N LEU E 82 -24.27 46.09 44.03
CA LEU E 82 -25.08 46.05 45.25
C LEU E 82 -26.57 46.29 44.94
N ASN E 83 -27.38 46.15 45.99
CA ASN E 83 -28.83 46.35 45.94
C ASN E 83 -29.45 45.47 44.86
N GLY F 10 -4.17 14.21 -50.30
CA GLY F 10 -3.25 14.04 -49.19
C GLY F 10 -3.92 13.63 -47.88
N SER F 11 -3.15 13.75 -46.80
CA SER F 11 -3.61 13.47 -45.45
C SER F 11 -3.39 14.71 -44.60
N GLY F 12 -4.24 14.91 -43.60
CA GLY F 12 -4.11 16.07 -42.74
C GLY F 12 -4.80 17.33 -43.23
N TYR F 13 -5.23 17.38 -44.48
CA TYR F 13 -5.90 18.55 -44.99
C TYR F 13 -7.34 18.64 -44.46
N GLY F 14 -7.92 19.83 -44.64
CA GLY F 14 -9.28 20.14 -44.25
C GLY F 14 -9.51 20.29 -42.76
N LEU F 15 -10.79 20.48 -42.42
CA LEU F 15 -11.26 20.73 -41.06
C LEU F 15 -11.76 19.51 -40.31
N GLY F 16 -11.00 18.43 -40.27
CA GLY F 16 -11.45 17.26 -39.54
C GLY F 16 -11.40 17.47 -38.02
N LEU F 17 -11.97 16.52 -37.30
CA LEU F 17 -12.04 16.55 -35.84
C LEU F 17 -10.66 16.42 -35.21
N SER F 18 -10.58 16.75 -33.92
CA SER F 18 -9.34 16.73 -33.18
C SER F 18 -9.61 16.41 -31.72
N THR F 19 -8.55 16.06 -31.01
CA THR F 19 -8.60 15.63 -29.60
C THR F 19 -7.68 16.48 -28.73
N ARG F 20 -7.90 16.36 -27.42
CA ARG F 20 -7.14 17.13 -26.44
C ARG F 20 -5.66 16.80 -26.43
N THR F 21 -5.28 15.57 -26.77
CA THR F 21 -3.86 15.25 -26.79
C THR F 21 -3.18 15.91 -27.98
N GLN F 22 -3.92 16.10 -29.05
CA GLN F 22 -3.41 16.76 -30.25
C GLN F 22 -3.23 18.26 -30.02
N VAL F 23 -4.03 18.87 -29.16
CA VAL F 23 -3.91 20.30 -28.89
C VAL F 23 -2.63 20.62 -28.13
N THR F 24 -2.29 19.86 -27.10
CA THR F 24 -1.06 20.16 -26.38
C THR F 24 0.13 19.83 -27.26
N GLY F 25 0.03 18.76 -28.02
CA GLY F 25 1.12 18.40 -28.91
C GLY F 25 1.50 19.54 -29.85
N TYR F 26 0.51 20.20 -30.42
CA TYR F 26 0.79 21.34 -31.29
C TYR F 26 1.38 22.52 -30.51
N GLN F 27 0.83 22.84 -29.35
CA GLN F 27 1.37 23.96 -28.58
C GLN F 27 2.80 23.69 -28.15
N PHE F 28 3.16 22.45 -27.90
CA PHE F 28 4.54 22.13 -27.57
C PHE F 28 5.45 22.44 -28.75
N LEU F 29 5.08 22.00 -29.94
CA LEU F 29 5.88 22.28 -31.13
C LEU F 29 5.96 23.77 -31.40
N ALA F 30 4.90 24.52 -31.15
CA ALA F 30 4.96 25.96 -31.39
C ALA F 30 5.96 26.64 -30.47
N ARG F 31 5.95 26.31 -29.19
CA ARG F 31 6.90 26.89 -28.26
C ARG F 31 8.32 26.50 -28.64
N ARG F 32 8.56 25.23 -28.92
CA ARG F 32 9.89 24.77 -29.28
C ARG F 32 10.43 25.45 -30.52
N THR F 33 9.61 25.61 -31.55
CA THR F 33 10.10 26.27 -32.76
C THR F 33 10.30 27.76 -32.58
N ALA F 34 9.51 28.40 -31.73
CA ALA F 34 9.64 29.85 -31.56
C ALA F 34 11.02 30.25 -31.05
N MET F 35 11.51 29.58 -30.01
CA MET F 35 12.82 29.92 -29.49
C MET F 35 13.93 29.57 -30.48
N ALA F 36 13.70 28.60 -31.34
CA ALA F 36 14.72 28.24 -32.33
C ALA F 36 15.01 29.40 -33.24
N LEU F 37 14.08 30.33 -33.38
CA LEU F 37 14.35 31.49 -34.21
C LEU F 37 15.16 32.54 -33.46
N THR F 38 14.99 32.68 -32.14
CA THR F 38 15.71 33.70 -31.40
C THR F 38 16.98 33.22 -30.72
N ARG F 39 17.06 31.97 -30.25
CA ARG F 39 18.24 31.51 -29.52
C ARG F 39 19.11 30.52 -30.26
N TRP F 40 18.68 30.02 -31.39
CA TRP F 40 19.49 29.11 -32.20
C TRP F 40 19.97 27.85 -31.47
N ARG F 41 19.21 27.38 -30.49
CA ARG F 41 19.46 26.11 -29.82
C ARG F 41 18.10 25.63 -29.32
N VAL F 42 17.90 24.32 -29.30
CA VAL F 42 16.63 23.74 -28.90
C VAL F 42 16.67 23.07 -27.54
N ARG F 43 17.78 23.19 -26.82
CA ARG F 43 17.94 22.49 -25.54
C ARG F 43 16.78 22.75 -24.59
N MET F 44 16.28 23.98 -24.57
CA MET F 44 15.17 24.43 -23.73
C MET F 44 15.30 23.96 -22.28
N GLU F 45 16.48 24.23 -21.72
CA GLU F 45 16.76 23.85 -20.33
C GLU F 45 15.65 24.35 -19.42
N ILE F 46 15.22 25.57 -19.69
CA ILE F 46 14.15 26.28 -18.99
C ILE F 46 13.33 26.98 -20.07
N GLU F 47 12.05 27.22 -19.77
CA GLU F 47 11.15 27.82 -20.76
C GLU F 47 10.72 29.24 -20.45
N PRO F 48 11.57 30.20 -20.82
CA PRO F 48 11.31 31.59 -20.49
C PRO F 48 10.12 32.17 -21.21
N GLY F 49 9.76 31.65 -22.39
CA GLY F 49 8.63 32.20 -23.10
C GLY F 49 7.35 32.10 -22.29
N ARG F 50 7.14 30.96 -21.65
CA ARG F 50 5.97 30.76 -20.82
C ARG F 50 5.91 31.82 -19.74
N ARG F 51 7.00 31.97 -19.00
CA ARG F 51 7.05 32.93 -17.91
C ARG F 51 6.79 34.34 -18.41
N GLN F 52 7.43 34.70 -19.52
CA GLN F 52 7.22 36.05 -20.04
C GLN F 52 5.77 36.26 -20.41
N THR F 53 5.14 35.23 -20.95
CA THR F 53 3.74 35.36 -21.34
C THR F 53 2.84 35.41 -20.12
N LEU F 54 3.08 34.52 -19.17
CA LEU F 54 2.29 34.48 -17.95
C LEU F 54 2.38 35.80 -17.20
N ALA F 55 3.53 36.44 -17.26
CA ALA F 55 3.71 37.72 -16.59
C ALA F 55 2.72 38.76 -17.10
N VAL F 56 2.44 38.74 -18.39
CA VAL F 56 1.48 39.67 -18.94
C VAL F 56 0.09 39.38 -18.39
N VAL F 57 -0.28 38.10 -18.36
CA VAL F 57 -1.59 37.69 -17.84
C VAL F 57 -1.75 38.12 -16.39
N ALA F 58 -0.68 38.03 -15.61
CA ALA F 58 -0.73 38.44 -14.20
C ALA F 58 -0.98 39.93 -14.15
N SER F 59 -0.36 40.66 -15.04
CA SER F 59 -0.52 42.10 -15.12
C SER F 59 -1.97 42.42 -15.42
N VAL F 60 -2.54 41.74 -16.40
CA VAL F 60 -3.92 41.97 -16.79
C VAL F 60 -4.85 41.64 -15.64
N SER F 61 -4.63 40.53 -14.97
CA SER F 61 -5.47 40.15 -13.83
C SER F 61 -5.46 41.22 -12.74
N ALA F 62 -4.29 41.77 -12.44
CA ALA F 62 -4.19 42.83 -11.42
C ALA F 62 -4.99 44.07 -11.78
N ALA F 63 -5.02 44.44 -13.05
CA ALA F 63 -5.78 45.62 -13.48
C ALA F 63 -7.27 45.40 -13.31
N LEU F 64 -7.76 44.22 -13.68
CA LEU F 64 -9.17 43.91 -13.53
C LEU F 64 -9.57 43.90 -12.06
N VAL F 65 -8.73 43.34 -11.21
CA VAL F 65 -8.97 43.29 -9.76
C VAL F 65 -9.06 44.70 -9.19
N ILE F 66 -8.19 45.61 -9.61
CA ILE F 66 -8.21 46.98 -9.12
C ILE F 66 -9.49 47.70 -9.54
N CYS F 67 -9.89 47.63 -10.81
CA CYS F 67 -11.11 48.33 -11.23
C CYS F 67 -12.36 47.71 -10.60
N LEU F 68 -12.36 46.41 -10.35
CA LEU F 68 -13.49 45.84 -9.60
C LEU F 68 -13.46 46.37 -8.17
N GLY F 69 -12.25 46.59 -7.66
CA GLY F 69 -12.08 47.20 -6.34
C GLY F 69 -12.63 48.61 -6.35
N ALA F 70 -12.43 49.32 -7.45
CA ALA F 70 -12.97 50.67 -7.65
C ALA F 70 -14.49 50.62 -7.72
N LEU F 71 -15.03 49.65 -8.43
CA LEU F 71 -16.47 49.51 -8.52
C LEU F 71 -17.04 49.22 -7.14
N LEU F 72 -16.30 48.44 -6.35
CA LEU F 72 -16.71 48.17 -4.97
C LEU F 72 -16.70 49.48 -4.16
N TRP F 73 -15.75 50.37 -4.44
CA TRP F 73 -15.69 51.68 -3.77
C TRP F 73 -16.91 52.54 -4.14
N SER F 74 -17.36 52.47 -5.38
CA SER F 74 -18.50 53.25 -5.87
C SER F 74 -19.78 53.03 -5.08
N PHE F 75 -20.07 51.81 -4.68
CA PHE F 75 -21.27 51.54 -3.89
C PHE F 75 -21.13 51.90 -2.41
N ILE F 76 -19.94 51.80 -1.84
CA ILE F 76 -19.72 52.10 -0.43
C ILE F 76 -19.70 53.61 -0.09
N SER F 77 -19.34 54.51 -0.99
CA SER F 77 -19.32 55.95 -0.65
C SER F 77 -19.50 56.80 -1.90
N PRO F 78 -20.73 56.91 -2.38
CA PRO F 78 -21.05 57.65 -3.60
C PRO F 78 -20.96 59.17 -3.48
N SER F 79 -21.09 59.80 -4.65
CA SER F 79 -21.05 61.26 -4.84
C SER F 79 -22.28 62.02 -4.32
N GLY F 80 -23.46 61.39 -4.30
CA GLY F 80 -24.73 62.03 -3.92
C GLY F 80 -24.96 62.34 -2.44
N GLN F 81 -24.06 61.94 -1.54
CA GLN F 81 -24.20 62.18 -0.10
C GLN F 81 -23.74 63.59 0.30
N LEU F 82 -24.50 64.61 -0.15
CA LEU F 82 -24.22 65.99 0.21
C LEU F 82 -24.91 66.42 1.51
N ASN F 83 -24.69 67.68 1.89
CA ASN F 83 -25.28 68.26 3.10
C ASN F 83 -24.86 67.46 4.33
N MET G 1 -4.57 -87.55 41.52
CA MET G 1 -5.26 -87.54 40.23
C MET G 1 -5.83 -86.15 39.92
N LYS G 2 -5.63 -85.74 38.67
CA LYS G 2 -6.06 -84.43 38.18
C LYS G 2 -6.93 -84.51 36.94
N ARG G 3 -7.73 -83.46 36.77
CA ARG G 3 -8.55 -83.25 35.59
C ARG G 3 -7.65 -82.79 34.43
N GLY G 4 -7.87 -83.37 33.25
CA GLY G 4 -7.11 -82.97 32.07
C GLY G 4 -7.53 -81.62 31.54
N PHE G 5 -6.58 -80.92 30.90
CA PHE G 5 -6.86 -79.60 30.33
C PHE G 5 -6.01 -79.33 29.10
N ALA G 6 -6.67 -79.18 27.94
CA ALA G 6 -6.00 -78.88 26.67
C ALA G 6 -6.20 -77.41 26.30
N ARG G 7 -5.11 -76.68 26.09
CA ARG G 7 -5.12 -75.25 25.76
C ARG G 7 -5.48 -74.96 24.30
N PRO G 8 -6.56 -74.23 24.04
CA PRO G 8 -6.98 -73.90 22.67
C PRO G 8 -6.24 -72.69 22.11
N THR G 9 -6.60 -72.33 20.88
CA THR G 9 -6.01 -71.17 20.21
C THR G 9 -6.32 -69.88 20.98
N PRO G 10 -5.31 -69.07 21.31
CA PRO G 10 -5.54 -67.82 22.08
C PRO G 10 -6.49 -66.83 21.41
N GLU G 11 -7.37 -66.26 22.21
CA GLU G 11 -8.33 -65.25 21.77
C GLU G 11 -7.63 -63.91 21.54
N LYS G 12 -8.18 -63.09 20.65
CA LYS G 12 -7.59 -61.78 20.31
C LYS G 12 -7.57 -60.78 21.46
N PRO G 13 -6.40 -60.30 21.88
CA PRO G 13 -6.32 -59.24 22.90
C PRO G 13 -6.65 -57.89 22.29
N PRO G 14 -7.11 -56.93 23.09
CA PRO G 14 -7.40 -55.60 22.52
C PRO G 14 -6.12 -54.90 22.05
N VAL G 15 -6.14 -54.46 20.78
CA VAL G 15 -5.02 -53.77 20.13
C VAL G 15 -4.83 -52.34 20.63
N ILE G 16 -3.56 -51.97 20.86
CA ILE G 16 -3.14 -50.62 21.26
C ILE G 16 -2.92 -49.76 20.02
N LYS G 17 -3.38 -48.50 20.06
CA LYS G 17 -3.17 -47.58 18.94
C LYS G 17 -2.34 -46.36 19.34
N PRO G 18 -1.09 -46.23 18.91
CA PRO G 18 -0.28 -45.04 19.21
C PRO G 18 -0.81 -43.80 18.49
N GLU G 19 -0.35 -42.61 18.94
CA GLU G 19 -0.76 -41.35 18.33
C GLU G 19 0.35 -40.30 18.38
N ASN G 20 0.55 -39.60 17.26
CA ASN G 20 1.49 -38.48 17.14
C ASN G 20 0.70 -37.16 17.15
N ILE G 21 0.96 -36.29 18.13
CA ILE G 21 0.21 -35.03 18.29
C ILE G 21 1.14 -33.81 18.40
N VAL G 22 0.88 -32.77 17.61
CA VAL G 22 1.70 -31.56 17.64
C VAL G 22 0.94 -30.42 18.35
N LEU G 23 1.58 -29.84 19.37
CA LEU G 23 1.00 -28.77 20.20
C LEU G 23 0.89 -27.40 19.54
N SER G 24 -0.15 -26.64 19.91
CA SER G 24 -0.37 -25.28 19.41
C SER G 24 0.62 -24.26 20.01
N THR G 25 1.24 -23.42 19.18
CA THR G 25 2.20 -22.43 19.68
C THR G 25 1.52 -21.28 20.46
N PRO G 26 2.06 -20.87 21.61
CA PRO G 26 1.42 -19.81 22.41
C PRO G 26 1.27 -18.49 21.66
N LEU G 27 0.36 -17.65 22.17
CA LEU G 27 0.09 -16.33 21.62
C LEU G 27 1.25 -15.37 21.89
N SER G 28 1.38 -14.32 21.06
CA SER G 28 2.46 -13.35 21.22
C SER G 28 1.96 -12.02 21.78
N ILE G 29 2.69 -11.49 22.76
CA ILE G 29 2.29 -10.24 23.43
C ILE G 29 2.29 -9.08 22.45
N PRO G 30 1.26 -8.25 22.41
CA PRO G 30 1.20 -7.10 21.51
C PRO G 30 2.23 -6.02 21.86
N PRO G 31 3.09 -5.60 20.94
CA PRO G 31 4.05 -4.55 21.27
C PRO G 31 3.34 -3.27 21.67
N PRO G 32 3.98 -2.43 22.49
CA PRO G 32 3.41 -1.21 23.11
C PRO G 32 3.20 0.04 22.25
N GLU G 33 2.15 0.01 21.42
CA GLU G 33 1.75 1.17 20.63
C GLU G 33 1.35 2.31 21.56
N GLY G 34 1.70 3.55 21.19
CA GLY G 34 1.42 4.68 22.06
C GLY G 34 0.80 5.94 21.48
N LYS G 35 -0.32 6.39 22.13
CA LYS G 35 -1.15 7.57 21.92
C LYS G 35 -0.47 8.84 22.45
N PRO G 36 -0.59 9.97 21.72
CA PRO G 36 -0.02 11.26 22.16
C PRO G 36 -0.96 11.98 23.13
N TRP G 37 -1.17 11.32 24.27
CA TRP G 37 -2.09 11.75 25.32
C TRP G 37 -2.04 13.25 25.67
N TRP G 38 -0.84 13.80 25.83
CA TRP G 38 -0.66 15.22 26.16
C TRP G 38 -1.24 16.18 25.12
N LEU G 39 -1.21 15.80 23.86
CA LEU G 39 -1.70 16.67 22.78
C LEU G 39 -3.19 16.98 22.91
N ILE G 40 -4.01 15.95 23.13
CA ILE G 40 -5.45 16.13 23.33
C ILE G 40 -5.77 16.84 24.65
N VAL G 41 -4.91 16.70 25.66
CA VAL G 41 -5.09 17.38 26.95
C VAL G 41 -4.90 18.88 26.78
N VAL G 42 -3.90 19.30 26.01
CA VAL G 42 -3.73 20.72 25.75
C VAL G 42 -4.90 21.22 24.92
N GLY G 43 -5.33 20.42 23.97
CA GLY G 43 -6.45 20.73 23.10
C GLY G 43 -7.70 21.12 23.85
N VAL G 44 -8.17 20.25 24.75
CA VAL G 44 -9.38 20.53 25.52
C VAL G 44 -9.24 21.75 26.42
N VAL G 45 -8.02 22.13 26.79
CA VAL G 45 -7.81 23.34 27.57
C VAL G 45 -8.00 24.56 26.68
N VAL G 46 -7.39 24.54 25.51
CA VAL G 46 -7.45 25.66 24.57
C VAL G 46 -8.88 25.97 24.16
N VAL G 47 -9.65 24.98 23.74
CA VAL G 47 -11.04 25.24 23.34
C VAL G 47 -11.85 25.75 24.53
N GLY G 48 -11.51 25.32 25.74
CA GLY G 48 -12.23 25.78 26.91
C GLY G 48 -11.91 27.22 27.23
N LEU G 49 -10.62 27.58 27.15
CA LEU G 49 -10.16 28.95 27.43
C LEU G 49 -10.73 29.93 26.41
N LEU G 50 -10.98 29.48 25.18
CA LEU G 50 -11.60 30.33 24.17
C LEU G 50 -12.99 30.79 24.63
N GLY G 51 -13.81 29.86 25.10
CA GLY G 51 -15.14 30.21 25.56
C GLY G 51 -15.10 31.25 26.67
N GLY G 52 -14.10 31.14 27.55
CA GLY G 52 -13.96 32.11 28.62
C GLY G 52 -13.62 33.49 28.09
N MET G 53 -12.73 33.57 27.11
CA MET G 53 -12.37 34.86 26.51
C MET G 53 -13.60 35.51 25.88
N VAL G 54 -14.43 34.71 25.19
CA VAL G 54 -15.65 35.21 24.56
C VAL G 54 -16.67 35.65 25.60
N ALA G 55 -16.95 34.79 26.58
CA ALA G 55 -17.94 35.09 27.61
C ALA G 55 -17.58 36.35 28.38
N MET G 56 -16.30 36.54 28.69
CA MET G 56 -15.84 37.72 29.43
C MET G 56 -16.24 39.04 28.76
N VAL G 57 -16.31 39.08 27.43
CA VAL G 57 -16.67 40.31 26.72
C VAL G 57 -18.16 40.66 26.93
N PHE G 58 -19.05 39.66 26.95
CA PHE G 58 -20.48 39.94 27.14
C PHE G 58 -20.80 40.54 28.50
N ALA G 59 -20.21 40.04 29.57
CA ALA G 59 -20.49 40.62 30.88
C ALA G 59 -20.04 42.07 30.98
N SER G 60 -19.07 42.49 30.17
CA SER G 60 -18.62 43.87 30.16
C SER G 60 -19.55 44.78 29.38
N GLY G 61 -20.49 44.21 28.62
CA GLY G 61 -21.48 44.94 27.86
C GLY G 61 -21.10 45.41 26.49
N SER G 62 -19.91 45.09 25.99
CA SER G 62 -19.55 45.53 24.66
C SER G 62 -20.44 44.84 23.63
N HIS G 63 -20.75 43.56 23.87
CA HIS G 63 -21.62 42.73 23.01
C HIS G 63 -21.28 42.88 21.53
N VAL G 64 -19.99 43.01 21.24
CA VAL G 64 -19.48 43.22 19.89
C VAL G 64 -19.78 42.02 18.98
N PHE G 65 -20.00 40.84 19.55
CA PHE G 65 -20.30 39.64 18.78
C PHE G 65 -21.69 39.65 18.19
N GLY G 66 -21.91 38.69 17.29
CA GLY G 66 -23.11 38.54 16.49
C GLY G 66 -22.85 39.04 15.09
N GLY G 67 -23.19 38.19 14.10
CA GLY G 67 -22.95 38.51 12.70
C GLY G 67 -21.49 38.60 12.29
N ILE G 68 -21.11 39.75 11.74
CA ILE G 68 -19.74 39.98 11.27
C ILE G 68 -18.71 39.51 12.30
N GLY G 69 -18.83 39.97 13.54
CA GLY G 69 -17.84 39.63 14.55
C GLY G 69 -17.72 38.15 14.87
N SER G 70 -18.85 37.46 15.05
CA SER G 70 -18.87 36.03 15.39
C SER G 70 -18.17 35.12 14.37
N ILE G 71 -18.00 35.55 13.12
CA ILE G 71 -17.36 34.70 12.09
C ILE G 71 -15.91 34.31 12.46
N PHE G 72 -15.19 35.16 13.19
CA PHE G 72 -13.82 34.85 13.61
C PHE G 72 -13.75 33.66 14.55
N PRO G 73 -14.31 33.70 15.75
CA PRO G 73 -14.25 32.53 16.64
C PRO G 73 -14.86 31.31 15.97
N LEU G 74 -15.85 31.51 15.11
CA LEU G 74 -16.46 30.38 14.41
C LEU G 74 -15.42 29.69 13.54
N PHE G 75 -14.73 30.45 12.68
CA PHE G 75 -13.72 29.86 11.81
C PHE G 75 -12.52 29.40 12.64
N MET G 76 -12.19 30.16 13.69
CA MET G 76 -11.07 29.82 14.58
C MET G 76 -11.26 28.48 15.27
N MET G 77 -12.48 28.19 15.71
CA MET G 77 -12.77 26.95 16.42
C MET G 77 -12.45 25.72 15.56
N VAL G 78 -12.71 25.80 14.26
CA VAL G 78 -12.42 24.70 13.33
C VAL G 78 -10.91 24.40 13.29
N GLY G 79 -10.08 25.44 13.32
CA GLY G 79 -8.64 25.25 13.28
C GLY G 79 -8.09 24.44 14.45
N ILE G 80 -8.57 24.69 15.65
CA ILE G 80 -8.10 23.94 16.82
C ILE G 80 -8.48 22.46 16.68
N MET G 81 -9.73 22.19 16.30
CA MET G 81 -10.17 20.82 16.10
C MET G 81 -9.35 20.12 15.02
N MET G 82 -9.04 20.84 13.94
CA MET G 82 -8.24 20.30 12.84
C MET G 82 -6.82 19.96 13.27
N MET G 83 -6.22 20.74 14.16
CA MET G 83 -4.88 20.47 14.66
C MET G 83 -4.80 19.19 15.49
N MET G 84 -5.84 18.88 16.26
CA MET G 84 -5.89 17.68 17.10
C MET G 84 -6.13 16.40 16.30
N PHE G 85 -7.07 16.43 15.38
CA PHE G 85 -7.41 15.26 14.56
C PHE G 85 -6.26 14.79 13.70
N ARG G 86 -5.40 15.70 13.26
CA ARG G 86 -4.23 15.33 12.47
C ARG G 86 -3.32 14.32 13.17
N GLY G 87 -3.30 14.29 14.49
CA GLY G 87 -2.49 13.31 15.20
C GLY G 87 -3.04 11.88 15.21
N MET G 88 -4.32 11.73 14.88
CA MET G 88 -5.06 10.44 14.89
C MET G 88 -4.75 9.45 13.76
N GLY G 89 -4.38 9.90 12.57
CA GLY G 89 -4.13 9.01 11.42
C GLY G 89 -2.85 8.20 11.30
N GLY G 90 -2.26 7.82 12.42
CA GLY G 90 -0.97 7.14 12.57
C GLY G 90 -0.84 5.69 12.11
N GLY G 91 -1.85 5.01 11.59
CA GLY G 91 -1.61 3.61 11.24
C GLY G 91 -2.85 2.83 10.81
N GLN G 92 -2.59 1.55 10.47
CA GLN G 92 -3.60 0.55 10.03
C GLN G 92 -3.35 -0.84 10.68
N GLN G 93 -3.60 -0.95 11.98
CA GLN G 93 -3.45 -2.23 12.66
C GLN G 93 -4.35 -2.20 13.89
N GLN G 94 -4.71 -3.39 14.39
CA GLN G 94 -5.60 -3.45 15.54
C GLN G 94 -5.15 -4.46 16.59
N MET G 95 -5.29 -4.03 17.85
CA MET G 95 -4.95 -4.82 19.04
C MET G 95 -5.97 -4.55 20.16
N SER G 96 -7.19 -4.21 19.76
CA SER G 96 -8.31 -3.94 20.65
C SER G 96 -8.58 -5.11 21.60
N ARG G 97 -8.99 -4.81 22.84
CA ARG G 97 -9.30 -5.83 23.83
C ARG G 97 -10.22 -6.92 23.27
N PRO G 98 -11.29 -6.60 22.57
CA PRO G 98 -12.18 -7.64 22.02
C PRO G 98 -11.48 -8.69 21.17
N LYS G 99 -10.46 -8.32 20.42
CA LYS G 99 -9.77 -9.28 19.54
C LYS G 99 -8.75 -10.10 20.30
N LEU G 100 -8.11 -9.52 21.29
CA LEU G 100 -7.16 -10.30 22.08
C LEU G 100 -7.90 -11.37 22.88
N ASP G 101 -9.04 -11.02 23.48
CA ASP G 101 -9.81 -12.01 24.21
C ASP G 101 -10.34 -13.10 23.28
N ALA G 102 -10.65 -12.75 22.03
CA ALA G 102 -11.14 -13.75 21.10
C ALA G 102 -10.07 -14.78 20.77
N MET G 103 -8.83 -14.35 20.60
CA MET G 103 -7.76 -15.29 20.32
C MET G 103 -7.56 -16.22 21.50
N ARG G 104 -7.64 -15.68 22.71
CA ARG G 104 -7.48 -16.50 23.90
C ARG G 104 -8.58 -17.55 23.96
N ALA G 105 -9.83 -17.11 23.81
CA ALA G 105 -10.98 -18.00 23.87
C ALA G 105 -10.87 -19.11 22.85
N GLN G 106 -10.41 -18.77 21.65
CA GLN G 106 -10.26 -19.76 20.62
C GLN G 106 -9.15 -20.74 20.97
N PHE G 107 -8.04 -20.24 21.49
CA PHE G 107 -6.92 -21.11 21.79
C PHE G 107 -7.29 -22.18 22.83
N MET G 108 -8.01 -21.81 23.88
CA MET G 108 -8.39 -22.76 24.92
C MET G 108 -9.22 -23.92 24.37
N LEU G 109 -10.16 -23.60 23.47
CA LEU G 109 -11.03 -24.62 22.87
C LEU G 109 -10.23 -25.56 22.00
N MET G 110 -9.29 -25.04 21.23
CA MET G 110 -8.46 -25.87 20.37
C MET G 110 -7.61 -26.83 21.18
N LEU G 111 -7.13 -26.40 22.34
CA LEU G 111 -6.33 -27.28 23.20
C LEU G 111 -7.16 -28.43 23.79
N ASP G 112 -8.39 -28.17 24.19
CA ASP G 112 -9.25 -29.22 24.76
C ASP G 112 -9.58 -30.32 23.78
N MET G 113 -9.64 -30.03 22.49
CA MET G 113 -9.85 -31.11 21.53
C MET G 113 -8.63 -32.04 21.48
N LEU G 114 -7.44 -31.52 21.77
CA LEU G 114 -6.25 -32.36 21.85
C LEU G 114 -6.38 -33.28 23.05
N ARG G 115 -6.95 -32.75 24.12
CA ARG G 115 -7.21 -33.53 25.32
C ARG G 115 -8.07 -34.75 24.98
N GLU G 116 -9.13 -34.53 24.22
CA GLU G 116 -10.03 -35.60 23.80
C GLU G 116 -9.29 -36.70 23.04
N THR G 117 -8.32 -36.33 22.20
CA THR G 117 -7.55 -37.32 21.44
C THR G 117 -6.70 -38.18 22.36
N ALA G 118 -6.16 -37.60 23.41
CA ALA G 118 -5.36 -38.33 24.39
C ALA G 118 -6.20 -39.35 25.16
N GLN G 119 -7.38 -38.95 25.61
CA GLN G 119 -8.26 -39.82 26.40
C GLN G 119 -8.57 -41.16 25.73
N GLU G 120 -8.95 -41.18 24.45
CA GLU G 120 -9.24 -42.47 23.81
C GLU G 120 -8.03 -43.38 23.84
N SER G 121 -6.85 -42.84 23.58
CA SER G 121 -5.64 -43.67 23.59
C SER G 121 -5.37 -44.24 24.98
N ALA G 122 -5.60 -43.45 26.02
CA ALA G 122 -5.38 -43.93 27.38
C ALA G 122 -6.29 -45.10 27.74
N ASP G 123 -7.55 -45.07 27.31
CA ASP G 123 -8.45 -46.18 27.55
C ASP G 123 -7.98 -47.44 26.87
N SER G 124 -7.45 -47.33 25.65
CA SER G 124 -6.99 -48.51 24.93
C SER G 124 -5.85 -49.19 25.68
N MET G 125 -5.00 -48.40 26.32
CA MET G 125 -3.91 -48.98 27.10
C MET G 125 -4.43 -49.60 28.40
N ASP G 126 -5.41 -48.97 29.05
CA ASP G 126 -5.97 -49.53 30.28
C ASP G 126 -6.59 -50.89 30.03
N ALA G 127 -7.46 -51.00 29.03
CA ALA G 127 -8.10 -52.26 28.69
C ALA G 127 -7.07 -53.34 28.40
N ASN G 128 -6.09 -53.02 27.57
CA ASN G 128 -5.05 -53.97 27.19
C ASN G 128 -4.24 -54.44 28.39
N TYR G 129 -3.77 -53.52 29.21
CA TYR G 129 -2.91 -53.93 30.32
C TYR G 129 -3.70 -54.75 31.34
N ARG G 130 -4.95 -54.39 31.58
CA ARG G 130 -5.79 -55.17 32.51
C ARG G 130 -6.04 -56.56 31.96
N TRP G 131 -6.18 -56.68 30.64
CA TRP G 131 -6.44 -57.95 29.97
C TRP G 131 -5.30 -58.96 30.15
N PHE G 132 -4.08 -58.50 30.37
CA PHE G 132 -2.94 -59.38 30.59
C PHE G 132 -2.49 -59.50 32.03
N HIS G 133 -2.76 -58.54 32.88
CA HIS G 133 -2.29 -58.58 34.27
C HIS G 133 -3.36 -58.20 35.27
N PRO G 134 -4.29 -59.13 35.54
CA PRO G 134 -5.36 -58.88 36.51
C PRO G 134 -4.84 -58.85 37.94
N ALA G 135 -5.67 -58.30 38.81
CA ALA G 135 -5.36 -58.25 40.22
C ALA G 135 -5.32 -59.67 40.78
N PRO G 136 -4.39 -59.95 41.68
CA PRO G 136 -4.25 -61.32 42.22
C PRO G 136 -5.50 -61.92 42.83
N ASN G 137 -6.34 -61.15 43.50
CA ASN G 137 -7.53 -61.75 44.09
C ASN G 137 -8.52 -62.26 43.05
N THR G 138 -8.50 -61.74 41.82
CA THR G 138 -9.40 -62.20 40.77
C THR G 138 -8.93 -63.45 40.02
N LEU G 139 -7.68 -63.86 40.17
CA LEU G 139 -7.14 -65.02 39.44
C LEU G 139 -7.84 -66.34 39.78
N ALA G 140 -8.30 -66.51 41.02
CA ALA G 140 -8.92 -67.77 41.40
C ALA G 140 -10.12 -68.13 40.53
N ALA G 141 -11.01 -67.16 40.30
CA ALA G 141 -12.19 -67.41 39.47
C ALA G 141 -11.85 -67.74 38.01
N ALA G 142 -10.72 -67.26 37.51
CA ALA G 142 -10.28 -67.49 36.12
C ALA G 142 -9.68 -68.88 35.88
N VAL G 143 -9.45 -69.68 36.92
CA VAL G 143 -8.83 -71.00 36.81
C VAL G 143 -9.47 -71.87 35.72
N GLY G 144 -10.79 -71.85 35.59
CA GLY G 144 -11.47 -72.65 34.57
C GLY G 144 -11.40 -72.13 33.15
N SER G 145 -11.13 -70.84 32.96
CA SER G 145 -11.09 -70.25 31.62
C SER G 145 -9.86 -70.66 30.81
N PRO G 146 -9.96 -70.55 29.48
CA PRO G 146 -8.82 -70.83 28.59
C PRO G 146 -7.67 -69.86 28.74
N ARG G 147 -7.84 -68.80 29.52
CA ARG G 147 -6.78 -67.82 29.76
C ARG G 147 -5.64 -68.43 30.58
N MET G 148 -5.89 -69.52 31.29
CA MET G 148 -4.84 -70.15 32.09
C MET G 148 -3.78 -70.81 31.21
N TRP G 149 -2.51 -70.66 31.64
CA TRP G 149 -1.33 -71.25 30.97
C TRP G 149 -1.27 -70.93 29.47
N GLU G 150 -1.73 -69.74 29.13
CA GLU G 150 -1.78 -69.23 27.77
C GLU G 150 -0.42 -68.76 27.24
N ARG G 151 0.51 -68.36 28.11
CA ARG G 151 1.81 -67.80 27.72
C ARG G 151 2.70 -68.73 26.91
N LYS G 152 3.28 -68.21 25.81
CA LYS G 152 4.18 -68.94 24.94
C LYS G 152 5.52 -68.23 24.75
N PRO G 153 6.63 -68.99 24.70
CA PRO G 153 7.96 -68.38 24.52
C PRO G 153 8.34 -68.05 23.08
N ASP G 154 7.53 -68.42 22.09
CA ASP G 154 7.90 -68.26 20.69
C ASP G 154 7.97 -66.84 20.15
N GLY G 155 8.95 -66.08 20.62
CA GLY G 155 9.23 -64.72 20.15
C GLY G 155 8.15 -63.67 20.01
N LYS G 156 6.99 -64.02 19.46
CA LYS G 156 5.94 -63.03 19.24
C LYS G 156 5.17 -62.64 20.50
N ASP G 157 5.08 -63.51 21.52
CA ASP G 157 4.39 -63.17 22.76
C ASP G 157 5.25 -62.28 23.65
N LEU G 158 4.99 -60.97 23.60
CA LEU G 158 5.75 -59.98 24.34
C LEU G 158 5.52 -60.04 25.86
N ASN G 159 4.57 -60.83 26.32
CA ASN G 159 4.29 -60.96 27.75
C ASN G 159 5.10 -62.06 28.43
N PHE G 160 5.83 -62.86 27.68
CA PHE G 160 6.63 -63.93 28.26
C PHE G 160 7.70 -63.35 29.19
N GLY G 161 7.83 -63.94 30.38
CA GLY G 161 8.77 -63.43 31.36
C GLY G 161 8.39 -62.14 32.06
N VAL G 162 7.14 -61.66 31.92
CA VAL G 162 6.68 -60.40 32.53
C VAL G 162 5.75 -60.71 33.70
N VAL G 163 5.95 -59.98 34.82
CA VAL G 163 5.17 -60.15 36.05
C VAL G 163 4.69 -58.82 36.63
N ARG G 164 3.43 -58.83 37.08
CA ARG G 164 2.77 -57.70 37.75
C ARG G 164 3.15 -57.54 39.22
N VAL G 165 3.57 -56.34 39.63
CA VAL G 165 3.97 -56.11 41.02
C VAL G 165 3.08 -55.10 41.75
N GLY G 166 2.28 -54.30 41.06
CA GLY G 166 1.43 -53.32 41.73
C GLY G 166 0.92 -52.30 40.72
N VAL G 167 0.52 -51.14 41.24
CA VAL G 167 0.00 -50.06 40.41
C VAL G 167 0.82 -48.78 40.58
N GLY G 168 0.81 -47.95 39.54
CA GLY G 168 1.57 -46.72 39.60
C GLY G 168 1.40 -45.86 38.36
N MET G 169 2.38 -44.98 38.17
CA MET G 169 2.46 -44.03 37.07
C MET G 169 3.21 -44.62 35.88
N THR G 170 2.87 -44.17 34.67
CA THR G 170 3.56 -44.64 33.48
C THR G 170 3.46 -43.61 32.35
N ARG G 171 4.38 -43.74 31.38
CA ARG G 171 4.39 -42.87 30.20
C ARG G 171 3.37 -43.36 29.18
N PRO G 172 2.48 -42.49 28.67
CA PRO G 172 1.52 -42.93 27.65
C PRO G 172 2.21 -43.29 26.34
N GLU G 173 1.45 -43.98 25.48
CA GLU G 173 1.95 -44.41 24.18
C GLU G 173 1.98 -43.27 23.15
N VAL G 174 1.42 -42.12 23.49
CA VAL G 174 1.39 -40.94 22.63
C VAL G 174 2.76 -40.26 22.59
N THR G 175 3.03 -39.56 21.50
CA THR G 175 4.28 -38.81 21.34
C THR G 175 3.96 -37.35 21.01
N TRP G 176 4.29 -36.45 21.93
CA TRP G 176 4.04 -35.00 21.83
C TRP G 176 5.11 -34.26 21.03
N GLY G 177 4.67 -33.41 20.11
CA GLY G 177 5.55 -32.61 19.29
C GLY G 177 5.71 -31.20 19.86
N GLU G 178 6.97 -30.77 20.00
CA GLU G 178 7.27 -29.44 20.51
C GLU G 178 6.64 -28.32 19.67
N PRO G 179 6.12 -27.27 20.30
CA PRO G 179 5.56 -26.15 19.54
C PRO G 179 6.66 -25.43 18.77
N GLN G 180 6.48 -25.29 17.46
CA GLN G 180 7.46 -24.61 16.64
C GLN G 180 7.43 -23.09 16.85
N ASN G 181 8.57 -22.46 16.57
CA ASN G 181 8.75 -21.01 16.67
C ASN G 181 8.32 -20.38 18.00
N MET G 182 8.68 -21.01 19.10
CA MET G 182 8.35 -20.55 20.46
C MET G 182 8.77 -19.09 20.75
N PRO G 183 7.83 -18.21 21.13
CA PRO G 183 8.19 -16.83 21.50
C PRO G 183 9.10 -16.77 22.72
N THR G 184 9.98 -15.77 22.77
CA THR G 184 10.84 -15.62 23.94
C THR G 184 10.02 -15.33 25.20
N ASP G 185 10.61 -15.69 26.35
CA ASP G 185 9.94 -15.55 27.65
C ASP G 185 9.41 -14.15 27.87
N ILE G 186 10.13 -13.14 27.38
CA ILE G 186 9.66 -11.77 27.51
C ILE G 186 8.52 -11.52 26.53
N GLU G 187 8.38 -12.39 25.52
CA GLU G 187 7.35 -12.28 24.50
C GLU G 187 6.11 -13.11 24.80
N LEU G 188 6.15 -14.00 25.79
CA LEU G 188 5.01 -14.87 26.12
C LEU G 188 3.78 -14.18 26.71
N GLU G 189 2.58 -14.61 26.23
CA GLU G 189 1.29 -14.20 26.75
C GLU G 189 1.03 -14.95 28.07
N PRO G 190 0.50 -14.28 29.10
CA PRO G 190 0.34 -14.96 30.40
C PRO G 190 -0.68 -16.09 30.51
N VAL G 191 -1.86 -15.97 29.90
CA VAL G 191 -2.90 -16.98 30.04
C VAL G 191 -2.52 -18.29 29.36
N THR G 192 -2.25 -18.23 28.07
CA THR G 192 -1.91 -19.41 27.28
C THR G 192 -0.58 -20.01 27.70
N GLY G 193 0.31 -19.20 28.22
CA GLY G 193 1.57 -19.71 28.69
C GLY G 193 1.38 -20.71 29.82
N LYS G 194 0.71 -20.32 30.89
CA LYS G 194 0.50 -21.26 31.97
C LYS G 194 -0.33 -22.45 31.52
N ALA G 195 -1.33 -22.22 30.68
CA ALA G 195 -2.17 -23.30 30.21
C ALA G 195 -1.33 -24.39 29.54
N LEU G 196 -0.44 -24.01 28.65
CA LEU G 196 0.39 -24.99 27.97
C LEU G 196 1.41 -25.61 28.91
N GLN G 197 1.88 -24.84 29.88
CA GLN G 197 2.87 -25.32 30.84
C GLN G 197 2.28 -26.42 31.71
N GLU G 198 1.09 -26.20 32.25
CA GLU G 198 0.40 -27.19 33.08
C GLU G 198 0.03 -28.43 32.26
N PHE G 199 -0.43 -28.22 31.04
CA PHE G 199 -0.79 -29.34 30.16
C PHE G 199 0.36 -30.31 30.01
N GLY G 200 1.56 -29.80 29.75
CA GLY G 200 2.71 -30.67 29.62
C GLY G 200 3.05 -31.43 30.88
N ARG G 201 2.92 -30.78 32.04
CA ARG G 201 3.26 -31.42 33.30
C ARG G 201 2.31 -32.56 33.65
N TYR G 202 1.01 -32.34 33.55
CA TYR G 202 0.10 -33.43 33.91
C TYR G 202 -0.17 -34.41 32.79
N GLN G 203 -0.20 -33.98 31.54
CA GLN G 203 -0.51 -34.89 30.44
C GLN G 203 0.69 -35.70 29.96
N SER G 204 1.85 -35.59 30.60
CA SER G 204 3.01 -36.38 30.20
C SER G 204 3.09 -37.72 30.92
N VAL G 205 2.14 -38.05 31.77
CA VAL G 205 2.11 -39.30 32.51
C VAL G 205 0.66 -39.66 32.76
N VAL G 206 0.38 -40.96 32.89
CA VAL G 206 -0.96 -41.44 33.19
C VAL G 206 -0.93 -42.21 34.51
N TYR G 207 -1.86 -41.87 35.39
CA TYR G 207 -2.02 -42.45 36.72
C TYR G 207 -2.80 -43.75 36.82
N ASN G 208 -2.40 -44.56 37.81
CA ASN G 208 -3.00 -45.85 38.19
C ASN G 208 -3.05 -46.93 37.10
N LEU G 209 -1.87 -47.34 36.65
CA LEU G 209 -1.74 -48.43 35.69
C LEU G 209 -0.93 -49.56 36.33
N PRO G 210 -1.18 -50.83 35.97
CA PRO G 210 -0.41 -51.92 36.56
C PRO G 210 1.03 -51.89 36.10
N LYS G 211 1.94 -51.82 37.08
CA LYS G 211 3.37 -51.83 36.88
C LYS G 211 3.86 -53.26 36.76
N MET G 212 4.92 -53.47 35.97
CA MET G 212 5.45 -54.82 35.75
C MET G 212 6.96 -54.84 35.88
N VAL G 213 7.47 -56.04 36.16
CA VAL G 213 8.89 -56.31 36.33
C VAL G 213 9.25 -57.48 35.43
N SER G 214 10.44 -57.44 34.83
CA SER G 214 10.88 -58.51 33.93
C SER G 214 11.98 -59.36 34.56
N LEU G 215 11.78 -60.69 34.47
CA LEU G 215 12.72 -61.69 34.97
C LEU G 215 13.96 -61.84 34.09
N LEU G 216 13.80 -61.72 32.77
CA LEU G 216 14.85 -61.92 31.74
C LEU G 216 15.89 -60.81 31.67
N VAL G 217 15.81 -59.77 32.50
CA VAL G 217 16.74 -58.65 32.45
C VAL G 217 17.68 -58.55 33.65
N GLU G 218 17.39 -59.17 34.79
CA GLU G 218 18.30 -59.06 35.95
C GLU G 218 18.53 -60.36 36.70
N PRO G 219 19.77 -60.57 37.20
CA PRO G 219 20.07 -61.79 37.95
C PRO G 219 19.25 -61.94 39.24
N TRP G 220 18.91 -60.87 39.94
CA TRP G 220 18.14 -61.01 41.17
C TRP G 220 17.42 -59.70 41.44
N TYR G 221 16.48 -59.75 42.40
CA TYR G 221 15.70 -58.60 42.88
C TYR G 221 15.64 -58.68 44.39
N ALA G 222 16.42 -57.83 45.05
CA ALA G 222 16.49 -57.77 46.50
C ALA G 222 15.30 -56.99 47.06
N LEU G 223 14.54 -57.64 47.94
CA LEU G 223 13.37 -57.07 48.58
C LEU G 223 13.77 -56.65 49.98
N VAL G 224 13.69 -55.35 50.27
CA VAL G 224 14.08 -54.81 51.57
C VAL G 224 12.87 -54.17 52.25
N GLY G 225 12.46 -54.76 53.37
CA GLY G 225 11.31 -54.29 54.13
C GLY G 225 10.93 -55.31 55.19
N GLU G 226 9.81 -55.06 55.85
CA GLU G 226 9.37 -56.00 56.88
C GLU G 226 8.90 -57.34 56.32
N ARG G 227 9.03 -58.37 57.15
CA ARG G 227 8.70 -59.73 56.78
C ARG G 227 7.28 -59.85 56.22
N GLU G 228 6.32 -59.23 56.89
CA GLU G 228 4.92 -59.26 56.47
C GLU G 228 4.72 -58.66 55.07
N GLN G 229 5.42 -57.56 54.78
CA GLN G 229 5.32 -56.95 53.46
C GLN G 229 5.99 -57.84 52.42
N VAL G 230 7.22 -58.25 52.69
CA VAL G 230 8.00 -59.07 51.77
C VAL G 230 7.30 -60.42 51.50
N LEU G 231 6.80 -61.09 52.54
CA LEU G 231 6.08 -62.35 52.30
C LEU G 231 4.76 -62.10 51.59
N GLY G 232 4.11 -60.99 51.87
CA GLY G 232 2.88 -60.66 51.18
C GLY G 232 3.09 -60.49 49.69
N LEU G 233 4.10 -59.71 49.32
CA LEU G 233 4.46 -59.49 47.91
C LEU G 233 4.90 -60.77 47.22
N MET G 234 5.72 -61.58 47.88
CA MET G 234 6.22 -62.81 47.29
C MET G 234 5.09 -63.80 46.96
N ARG G 235 4.12 -63.96 47.86
CA ARG G 235 2.99 -64.83 47.56
C ARG G 235 2.22 -64.36 46.33
N ALA G 236 2.04 -63.06 46.18
CA ALA G 236 1.36 -62.50 45.02
C ALA G 236 2.14 -62.78 43.73
N ILE G 237 3.47 -62.61 43.76
CA ILE G 237 4.32 -62.87 42.60
C ILE G 237 4.21 -64.33 42.17
N ILE G 238 4.30 -65.24 43.14
CA ILE G 238 4.23 -66.67 42.86
C ILE G 238 2.91 -67.06 42.19
N CYS G 239 1.77 -66.65 42.75
CA CYS G 239 0.51 -67.07 42.14
C CYS G 239 0.28 -66.39 40.79
N GLN G 240 0.81 -65.19 40.59
CA GLN G 240 0.65 -64.54 39.30
C GLN G 240 1.36 -65.35 38.22
N LEU G 241 2.61 -65.72 38.47
CA LEU G 241 3.36 -66.54 37.55
C LEU G 241 2.67 -67.88 37.35
N ALA G 242 2.25 -68.50 38.45
CA ALA G 242 1.63 -69.82 38.46
C ALA G 242 0.37 -69.90 37.58
N PHE G 243 -0.43 -68.85 37.54
CA PHE G 243 -1.63 -68.87 36.69
C PHE G 243 -1.30 -68.63 35.23
N SER G 244 -0.39 -67.72 34.95
CA SER G 244 -0.09 -67.38 33.57
C SER G 244 0.91 -68.32 32.93
N HIS G 245 1.89 -68.83 33.67
CA HIS G 245 2.89 -69.73 33.11
C HIS G 245 2.68 -71.17 33.55
N GLY G 246 2.73 -72.09 32.58
CA GLY G 246 2.61 -73.50 32.84
C GLY G 246 3.87 -74.11 33.43
N PRO G 247 3.73 -75.26 34.09
CA PRO G 247 4.89 -75.92 34.70
C PRO G 247 5.98 -76.33 33.71
N ASP G 248 5.64 -76.48 32.43
CA ASP G 248 6.56 -76.82 31.35
C ASP G 248 7.48 -75.68 30.97
N HIS G 249 7.18 -74.47 31.42
CA HIS G 249 7.96 -73.30 31.10
C HIS G 249 8.59 -72.64 32.34
N VAL G 250 8.03 -72.87 33.54
CA VAL G 250 8.59 -72.31 34.77
C VAL G 250 8.57 -73.37 35.87
N GLN G 251 9.68 -73.44 36.60
CA GLN G 251 9.91 -74.28 37.76
C GLN G 251 10.39 -73.38 38.90
N MET G 252 9.92 -73.68 40.12
CA MET G 252 10.18 -72.82 41.29
C MET G 252 10.75 -73.57 42.50
N ILE G 253 11.72 -72.93 43.18
CA ILE G 253 12.40 -73.50 44.33
C ILE G 253 12.46 -72.48 45.47
N VAL G 254 12.26 -72.97 46.70
CA VAL G 254 12.35 -72.16 47.93
C VAL G 254 13.38 -72.75 48.90
N VAL G 255 14.24 -71.90 49.43
CA VAL G 255 15.23 -72.27 50.45
C VAL G 255 14.87 -71.44 51.69
N SER G 256 14.29 -72.09 52.70
CA SER G 256 13.82 -71.37 53.87
C SER G 256 13.93 -72.19 55.14
N SER G 257 14.18 -71.50 56.24
CA SER G 257 14.22 -72.09 57.58
C SER G 257 12.84 -72.11 58.22
N ASP G 258 12.00 -71.11 57.91
CA ASP G 258 10.64 -70.98 58.43
C ASP G 258 9.64 -71.72 57.54
N LEU G 259 9.79 -73.05 57.52
CA LEU G 259 8.94 -73.94 56.72
C LEU G 259 7.46 -73.77 57.00
N ASP G 260 7.10 -73.30 58.20
CA ASP G 260 5.71 -73.08 58.54
C ASP G 260 5.07 -72.03 57.65
N GLN G 261 5.89 -71.17 57.06
CA GLN G 261 5.42 -70.13 56.16
C GLN G 261 5.21 -70.64 54.74
N TRP G 262 5.83 -71.76 54.39
CA TRP G 262 5.77 -72.36 53.06
C TRP G 262 4.92 -73.63 52.97
N ASP G 263 4.14 -73.92 54.01
CA ASP G 263 3.31 -75.13 54.04
C ASP G 263 2.31 -75.17 52.88
N TRP G 264 1.71 -74.02 52.56
CA TRP G 264 0.75 -73.90 51.46
C TRP G 264 1.33 -74.20 50.08
N VAL G 265 2.65 -74.20 49.91
CA VAL G 265 3.29 -74.47 48.62
C VAL G 265 2.99 -75.88 48.12
N LYS G 266 2.69 -76.81 49.03
CA LYS G 266 2.43 -78.21 48.71
C LYS G 266 1.47 -78.44 47.52
N TRP G 267 0.38 -77.69 47.43
CA TRP G 267 -0.59 -77.90 46.36
C TRP G 267 -0.11 -77.48 44.96
N LEU G 268 0.79 -76.51 44.84
CA LEU G 268 1.19 -76.02 43.52
C LEU G 268 2.04 -77.01 42.73
N PRO G 269 1.75 -77.20 41.41
CA PRO G 269 2.51 -78.11 40.56
C PRO G 269 3.88 -77.62 40.11
N HIS G 270 4.04 -76.31 40.04
CA HIS G 270 5.31 -75.72 39.62
C HIS G 270 6.45 -76.07 40.57
N PHE G 271 6.11 -76.52 41.77
CA PHE G 271 7.05 -76.95 42.78
C PHE G 271 7.30 -78.46 42.80
N GLY G 272 6.78 -79.21 41.82
CA GLY G 272 6.89 -80.65 41.82
C GLY G 272 8.15 -81.25 41.19
N ASP G 273 8.23 -82.58 41.30
CA ASP G 273 9.31 -83.39 40.77
C ASP G 273 8.83 -84.84 40.68
N SER G 274 9.63 -85.67 40.02
CA SER G 274 9.33 -87.10 39.93
C SER G 274 9.43 -87.75 41.30
N MET G 285 9.70 -79.54 47.57
CA MET G 285 10.90 -79.10 46.87
C MET G 285 11.43 -77.85 47.57
N VAL G 286 11.23 -77.84 48.88
CA VAL G 286 11.70 -76.76 49.77
C VAL G 286 12.89 -77.28 50.56
N TYR G 287 13.94 -76.47 50.64
CA TYR G 287 15.17 -76.86 51.32
C TYR G 287 15.44 -75.98 52.53
N THR G 288 16.04 -76.62 53.55
CA THR G 288 16.35 -75.96 54.81
C THR G 288 17.65 -75.16 54.77
N SER G 289 18.57 -75.50 53.89
CA SER G 289 19.83 -74.78 53.85
C SER G 289 20.49 -74.95 52.49
N VAL G 290 21.44 -74.06 52.22
CA VAL G 290 22.19 -74.10 50.97
C VAL G 290 22.93 -75.43 50.84
N ARG G 291 23.41 -75.97 51.96
CA ARG G 291 24.09 -77.26 51.93
C ARG G 291 23.15 -78.35 51.43
N GLU G 292 21.89 -78.29 51.84
CA GLU G 292 20.91 -79.28 51.41
C GLU G 292 20.58 -79.07 49.93
N PHE G 293 20.38 -77.81 49.55
CA PHE G 293 20.14 -77.44 48.15
C PHE G 293 21.33 -77.83 47.27
N ALA G 294 22.54 -77.65 47.79
CA ALA G 294 23.76 -77.98 47.06
C ALA G 294 23.84 -79.46 46.69
N ALA G 295 23.38 -80.33 47.58
CA ALA G 295 23.38 -81.76 47.33
C ALA G 295 22.38 -82.17 46.25
N GLU G 296 21.14 -81.69 46.35
CA GLU G 296 20.09 -82.02 45.39
C GLU G 296 20.08 -81.19 44.11
N GLN G 297 19.92 -79.88 44.22
CA GLN G 297 19.76 -78.96 43.09
C GLN G 297 21.04 -78.34 42.51
N ALA G 298 21.98 -77.85 43.31
CA ALA G 298 23.17 -77.21 42.74
C ALA G 298 23.96 -78.16 41.83
N GLU G 299 23.89 -79.46 42.06
CA GLU G 299 24.55 -80.40 41.15
C GLU G 299 24.05 -80.23 39.71
N LEU G 300 22.78 -79.87 39.53
CA LEU G 300 22.17 -79.61 38.23
C LEU G 300 22.47 -78.21 37.68
N PHE G 301 22.22 -77.17 38.49
CA PHE G 301 22.33 -75.77 38.08
C PHE G 301 23.74 -75.18 38.04
N ALA G 302 24.64 -75.51 38.95
CA ALA G 302 25.96 -74.87 38.93
C ALA G 302 26.88 -75.35 37.80
N GLY G 303 26.53 -76.42 37.11
CA GLY G 303 27.37 -76.98 36.06
C GLY G 303 27.81 -75.99 34.97
N ARG G 304 26.96 -75.02 34.59
CA ARG G 304 27.36 -74.15 33.47
C ARG G 304 26.74 -72.75 33.51
N GLY G 305 27.40 -71.84 32.78
CA GLY G 305 26.92 -70.49 32.53
C GLY G 305 27.05 -69.41 33.59
N SER G 306 26.52 -68.25 33.19
CA SER G 306 26.40 -67.01 33.95
C SER G 306 25.25 -66.24 33.32
N PHE G 307 24.70 -65.26 34.05
CA PHE G 307 23.58 -64.49 33.53
C PHE G 307 23.87 -63.74 32.23
N THR G 308 22.80 -63.60 31.41
CA THR G 308 22.83 -62.91 30.12
C THR G 308 21.48 -62.23 29.81
N PRO G 309 21.39 -60.90 29.90
CA PRO G 309 20.11 -60.21 29.62
C PRO G 309 19.57 -60.50 28.22
N ARG G 310 18.30 -60.91 28.17
CA ARG G 310 17.55 -61.24 26.96
C ARG G 310 16.50 -60.18 26.60
N HIS G 311 15.68 -60.50 25.59
CA HIS G 311 14.61 -59.64 25.12
C HIS G 311 13.57 -60.51 24.42
N ALA G 312 12.42 -59.89 24.14
CA ALA G 312 11.27 -60.58 23.53
C ALA G 312 11.66 -61.44 22.32
N SER G 313 12.35 -60.86 21.34
CA SER G 313 12.74 -61.63 20.15
C SER G 313 13.67 -62.79 20.53
N SER G 314 14.59 -62.56 21.47
CA SER G 314 15.52 -63.58 21.96
C SER G 314 14.82 -64.72 22.68
N SER G 315 13.60 -64.51 23.16
CA SER G 315 12.83 -65.53 23.84
C SER G 315 12.75 -66.84 23.05
N ALA G 316 12.77 -66.77 21.73
CA ALA G 316 12.74 -67.99 20.93
C ALA G 316 13.98 -68.88 21.12
N GLN G 317 15.11 -68.33 21.54
CA GLN G 317 16.33 -69.12 21.71
C GLN G 317 16.52 -69.73 23.09
N THR G 318 16.06 -69.09 24.16
CA THR G 318 16.25 -69.66 25.49
C THR G 318 15.48 -70.96 25.70
N PRO G 319 16.07 -71.92 26.42
CA PRO G 319 15.38 -73.18 26.71
C PRO G 319 14.08 -72.96 27.47
N THR G 320 13.14 -73.89 27.27
CA THR G 320 11.82 -73.78 27.90
C THR G 320 11.80 -73.71 29.43
N PRO G 321 12.56 -74.52 30.24
CA PRO G 321 12.35 -74.41 31.69
C PRO G 321 13.08 -73.28 32.41
N HIS G 322 12.38 -72.18 32.67
CA HIS G 322 12.95 -71.11 33.46
C HIS G 322 12.83 -71.44 34.95
N THR G 323 13.90 -71.19 35.71
CA THR G 323 13.95 -71.52 37.14
C THR G 323 13.87 -70.27 38.00
N VAL G 324 12.99 -70.30 38.99
CA VAL G 324 12.82 -69.22 39.96
C VAL G 324 13.25 -69.77 41.31
N ILE G 325 14.17 -69.07 41.98
CA ILE G 325 14.70 -69.49 43.27
C ILE G 325 14.45 -68.41 44.32
N ILE G 326 13.93 -68.83 45.46
CA ILE G 326 13.59 -67.97 46.58
C ILE G 326 14.55 -68.29 47.72
N ALA G 327 15.27 -67.28 48.21
CA ALA G 327 16.24 -67.44 49.29
C ALA G 327 15.72 -66.88 50.62
N ASP G 328 15.63 -67.74 51.63
CA ASP G 328 15.08 -67.37 52.92
C ASP G 328 15.87 -68.00 54.07
N VAL G 329 17.21 -67.90 54.05
CA VAL G 329 18.02 -68.49 55.11
C VAL G 329 19.21 -67.64 55.53
N ASP G 330 19.72 -66.73 54.68
CA ASP G 330 20.90 -65.94 55.03
C ASP G 330 22.11 -66.84 55.26
N ASP G 331 22.42 -67.67 54.27
CA ASP G 331 23.59 -68.56 54.36
C ASP G 331 24.78 -67.91 53.66
N PRO G 332 25.97 -67.88 54.29
CA PRO G 332 27.13 -67.29 53.62
C PRO G 332 27.59 -68.11 52.43
N GLN G 333 27.15 -69.36 52.34
CA GLN G 333 27.49 -70.25 51.24
C GLN G 333 27.02 -69.73 49.88
N TRP G 334 26.06 -68.80 49.85
CA TRP G 334 25.54 -68.22 48.61
C TRP G 334 26.57 -67.44 47.78
N GLU G 335 27.68 -67.04 48.39
CA GLU G 335 28.72 -66.26 47.71
C GLU G 335 29.20 -66.84 46.38
N TYR G 336 29.22 -68.17 46.26
CA TYR G 336 29.69 -68.83 45.03
C TYR G 336 28.96 -68.37 43.76
N VAL G 337 27.63 -68.32 43.80
CA VAL G 337 26.80 -67.88 42.66
C VAL G 337 26.78 -66.36 42.50
N ILE G 338 26.78 -65.61 43.59
CA ILE G 338 26.71 -64.15 43.51
C ILE G 338 28.00 -63.57 42.95
N SER G 339 29.15 -64.00 43.45
CA SER G 339 30.41 -63.50 42.91
C SER G 339 30.63 -63.92 41.46
N ALA G 340 29.98 -65.00 41.00
CA ALA G 340 30.08 -65.46 39.61
C ALA G 340 29.06 -64.79 38.70
N GLU G 341 28.26 -63.87 39.23
CA GLU G 341 27.21 -63.14 38.50
C GLU G 341 26.10 -64.06 37.99
N GLY G 342 25.62 -64.93 38.87
CA GLY G 342 24.56 -65.88 38.58
C GLY G 342 24.81 -66.90 37.49
N VAL G 343 23.70 -67.34 36.90
CA VAL G 343 23.65 -68.30 35.79
C VAL G 343 22.46 -67.96 34.92
N ASP G 344 22.51 -68.33 33.64
CA ASP G 344 21.40 -68.08 32.75
C ASP G 344 20.26 -69.06 33.04
N GLY G 345 19.02 -68.59 32.81
CA GLY G 345 17.84 -69.41 33.02
C GLY G 345 17.39 -69.52 34.47
N VAL G 346 17.88 -68.65 35.34
CA VAL G 346 17.58 -68.64 36.76
C VAL G 346 17.30 -67.19 37.17
N THR G 347 16.55 -67.02 38.27
CA THR G 347 16.31 -65.69 38.82
C THR G 347 16.10 -65.83 40.32
N PHE G 348 16.78 -64.99 41.11
CA PHE G 348 16.73 -65.05 42.56
C PHE G 348 16.01 -63.88 43.22
N PHE G 349 15.27 -64.19 44.29
CA PHE G 349 14.58 -63.23 45.14
C PHE G 349 15.08 -63.39 46.56
N ASP G 350 15.69 -62.35 47.11
CA ASP G 350 16.17 -62.38 48.50
C ASP G 350 15.11 -61.82 49.42
N LEU G 351 14.63 -62.65 50.35
CA LEU G 351 13.63 -62.21 51.30
C LEU G 351 14.26 -61.72 52.60
N THR G 352 15.56 -61.94 52.77
CA THR G 352 16.28 -61.57 53.97
C THR G 352 16.87 -60.16 53.89
N GLY G 353 17.30 -59.73 52.70
CA GLY G 353 17.92 -58.43 52.56
C GLY G 353 19.39 -58.45 52.90
N SER G 354 20.05 -59.58 52.71
CA SER G 354 21.46 -59.75 53.05
C SER G 354 22.34 -58.83 52.22
N SER G 355 23.44 -58.40 52.83
CA SER G 355 24.37 -57.45 52.22
C SER G 355 24.91 -57.92 50.87
N MET G 356 25.08 -59.23 50.67
CA MET G 356 25.64 -59.72 49.40
C MET G 356 24.70 -59.47 48.23
N TRP G 357 23.40 -59.47 48.46
CA TRP G 357 22.41 -59.16 47.43
C TRP G 357 22.15 -57.66 47.33
N THR G 358 22.26 -56.97 48.44
CA THR G 358 21.97 -55.55 48.63
C THR G 358 23.09 -54.64 48.14
N ASP G 359 24.12 -55.18 47.48
CA ASP G 359 25.24 -54.39 47.00
C ASP G 359 25.03 -53.78 45.61
N ILE G 360 23.82 -53.89 45.05
CA ILE G 360 23.55 -53.35 43.72
C ILE G 360 22.20 -52.61 43.76
N PRO G 361 22.22 -51.28 43.74
CA PRO G 361 20.98 -50.51 43.79
C PRO G 361 20.04 -50.86 42.66
N GLU G 362 20.61 -51.12 41.48
CA GLU G 362 19.91 -51.49 40.27
C GLU G 362 19.12 -52.79 40.40
N ARG G 363 19.27 -53.51 41.52
CA ARG G 363 18.55 -54.75 41.80
C ARG G 363 17.87 -54.73 43.17
N LYS G 364 17.71 -53.56 43.79
CA LYS G 364 17.12 -53.40 45.12
C LYS G 364 15.78 -52.66 45.09
N LEU G 365 14.80 -53.23 45.78
CA LEU G 365 13.46 -52.67 45.99
C LEU G 365 13.28 -52.34 47.47
N GLN G 366 13.02 -51.08 47.77
CA GLN G 366 12.86 -50.57 49.12
C GLN G 366 11.38 -50.35 49.45
N PHE G 367 10.93 -50.84 50.61
CA PHE G 367 9.54 -50.69 51.06
C PHE G 367 9.34 -49.66 52.16
N ASP G 368 8.36 -48.77 51.98
CA ASP G 368 7.97 -47.88 53.06
C ASP G 368 6.92 -48.55 53.93
N LYS G 369 6.73 -48.03 55.14
CA LYS G 369 5.72 -48.61 56.03
C LYS G 369 4.34 -48.67 55.38
N THR G 370 4.06 -47.73 54.48
CA THR G 370 2.79 -47.62 53.79
C THR G 370 2.62 -48.54 52.60
N GLY G 371 3.58 -49.41 52.32
CA GLY G 371 3.44 -50.29 51.19
C GLY G 371 3.84 -49.68 49.85
N VAL G 372 4.36 -48.46 49.85
CA VAL G 372 4.87 -47.82 48.63
C VAL G 372 6.28 -48.34 48.39
N ILE G 373 6.56 -48.74 47.15
CA ILE G 373 7.87 -49.24 46.76
C ILE G 373 8.61 -48.18 45.95
N GLU G 374 9.89 -48.01 46.27
CA GLU G 374 10.79 -47.10 45.57
C GLU G 374 11.94 -47.87 44.95
N ALA G 375 12.33 -47.43 43.76
CA ALA G 375 13.42 -48.07 43.03
C ALA G 375 13.92 -47.13 41.94
N LEU G 376 14.99 -47.54 41.28
CA LEU G 376 15.47 -46.77 40.16
C LEU G 376 14.52 -46.92 38.97
N PRO G 377 14.31 -45.87 38.20
CA PRO G 377 13.43 -45.96 37.03
C PRO G 377 14.07 -46.74 35.90
N ARG G 378 13.24 -47.54 35.22
CA ARG G 378 13.65 -48.35 34.09
C ARG G 378 12.77 -48.02 32.90
N ASP G 379 13.37 -48.02 31.71
CA ASP G 379 12.64 -47.68 30.51
C ASP G 379 11.58 -48.72 30.19
N ARG G 380 10.36 -48.23 29.97
CA ARG G 380 9.23 -49.09 29.65
C ARG G 380 9.49 -49.89 28.37
N ASP G 381 10.25 -49.33 27.44
CA ASP G 381 10.44 -50.02 26.17
C ASP G 381 11.65 -50.93 26.12
N THR G 382 12.72 -50.65 26.88
CA THR G 382 13.91 -51.49 26.86
C THR G 382 14.33 -52.01 28.22
N TRP G 383 13.63 -51.64 29.29
CA TRP G 383 13.99 -52.08 30.64
C TRP G 383 15.37 -51.61 31.08
N MET G 384 16.04 -50.79 30.27
CA MET G 384 17.34 -50.28 30.66
C MET G 384 17.15 -49.25 31.75
N VAL G 385 18.10 -49.20 32.69
CA VAL G 385 18.02 -48.20 33.76
C VAL G 385 18.25 -46.82 33.17
N ILE G 386 17.39 -45.87 33.54
CA ILE G 386 17.45 -44.51 33.02
C ILE G 386 17.86 -43.44 34.05
N ASP G 387 17.92 -43.75 35.35
CA ASP G 387 18.39 -42.74 36.30
C ASP G 387 19.01 -43.38 37.54
N ASP G 388 19.86 -42.61 38.19
CA ASP G 388 20.66 -43.05 39.33
C ASP G 388 20.03 -42.71 40.67
N LYS G 389 18.88 -42.04 40.68
CA LYS G 389 18.19 -41.70 41.92
C LYS G 389 16.96 -42.57 42.08
N ALA G 390 16.79 -43.16 43.26
CA ALA G 390 15.63 -43.97 43.57
C ALA G 390 14.41 -43.07 43.68
N TRP G 391 13.27 -43.58 43.23
CA TRP G 391 12.04 -42.80 43.22
C TRP G 391 10.84 -43.72 43.32
N PHE G 392 9.67 -43.10 43.48
CA PHE G 392 8.42 -43.84 43.57
C PHE G 392 8.28 -44.80 42.40
N PHE G 393 7.88 -46.04 42.69
CA PHE G 393 7.70 -47.05 41.66
C PHE G 393 6.30 -47.64 41.57
N ALA G 394 5.76 -48.16 42.67
CA ALA G 394 4.43 -48.76 42.64
C ALA G 394 3.85 -48.89 44.04
N LEU G 395 2.52 -48.95 44.10
CA LEU G 395 1.81 -49.22 45.33
C LEU G 395 1.55 -50.73 45.40
N THR G 396 2.05 -51.36 46.47
CA THR G 396 2.01 -52.81 46.63
C THR G 396 0.64 -53.45 46.80
N ASP G 397 0.50 -54.62 46.18
CA ASP G 397 -0.62 -55.56 46.34
C ASP G 397 -0.09 -56.78 47.10
N GLN G 398 -0.84 -57.27 48.10
CA GLN G 398 -0.39 -58.39 48.92
C GLN G 398 -1.56 -59.29 49.34
N VAL G 399 -1.27 -60.60 49.47
CA VAL G 399 -2.28 -61.63 49.80
C VAL G 399 -1.88 -62.43 51.05
N SER G 400 -2.90 -62.86 51.79
CA SER G 400 -2.72 -63.65 53.00
C SER G 400 -2.39 -65.11 52.67
N ILE G 401 -1.97 -65.85 53.71
CA ILE G 401 -1.67 -67.27 53.61
C ILE G 401 -2.91 -68.07 53.22
N ALA G 402 -4.05 -67.72 53.80
CA ALA G 402 -5.34 -68.36 53.50
C ALA G 402 -5.72 -68.17 52.04
N GLU G 403 -5.59 -66.95 51.56
CA GLU G 403 -5.89 -66.61 50.17
C GLU G 403 -4.97 -67.38 49.22
N ALA G 404 -3.69 -67.50 49.56
CA ALA G 404 -2.73 -68.22 48.73
C ALA G 404 -3.06 -69.71 48.63
N GLU G 405 -3.29 -70.37 49.77
CA GLU G 405 -3.62 -71.79 49.75
C GLU G 405 -4.94 -72.03 49.04
N GLU G 406 -5.89 -71.13 49.22
CA GLU G 406 -7.17 -71.26 48.54
C GLU G 406 -6.95 -71.25 47.04
N PHE G 407 -6.15 -70.32 46.54
CA PHE G 407 -5.82 -70.30 45.12
C PHE G 407 -5.04 -71.54 44.71
N ALA G 408 -4.06 -71.94 45.52
CA ALA G 408 -3.23 -73.11 45.22
C ALA G 408 -4.04 -74.40 45.10
N GLN G 409 -5.00 -74.63 46.00
CA GLN G 409 -5.85 -75.81 45.93
C GLN G 409 -6.66 -75.85 44.64
N LYS G 410 -7.22 -74.71 44.23
CA LYS G 410 -7.99 -74.63 42.98
C LYS G 410 -7.13 -75.02 41.77
N LEU G 411 -5.88 -74.58 41.73
CA LEU G 411 -4.97 -74.92 40.64
C LEU G 411 -4.51 -76.39 40.69
N ALA G 412 -4.34 -76.95 41.88
CA ALA G 412 -3.87 -78.33 42.06
C ALA G 412 -4.79 -79.36 41.40
N GLN G 413 -6.04 -79.00 41.14
CA GLN G 413 -7.04 -79.85 40.50
C GLN G 413 -6.75 -80.15 39.03
N TRP G 414 -5.89 -79.39 38.36
CA TRP G 414 -5.68 -79.51 36.93
C TRP G 414 -4.27 -79.95 36.54
N ARG G 415 -4.20 -80.59 35.37
CA ARG G 415 -2.98 -81.09 34.75
C ARG G 415 -3.06 -80.83 33.25
N LEU G 416 -1.91 -80.94 32.59
CA LEU G 416 -1.79 -80.68 31.15
C LEU G 416 -2.95 -81.26 30.35
N MET H 1 70.62 -38.21 56.58
CA MET H 1 69.56 -39.17 56.32
C MET H 1 68.21 -38.47 56.09
N LYS H 2 67.52 -38.92 55.05
CA LYS H 2 66.22 -38.40 54.64
C LYS H 2 65.17 -39.51 54.60
N ARG H 3 63.94 -39.10 54.80
CA ARG H 3 62.78 -39.97 54.70
C ARG H 3 62.51 -40.24 53.21
N GLY H 4 62.19 -41.50 52.89
CA GLY H 4 61.92 -41.86 51.50
C GLY H 4 60.60 -41.31 51.00
N PHE H 5 60.57 -40.99 49.71
CA PHE H 5 59.39 -40.42 49.07
C PHE H 5 59.26 -40.83 47.61
N ALA H 6 58.16 -41.49 47.30
CA ALA H 6 57.78 -41.91 45.95
C ALA H 6 56.59 -41.07 45.51
N ARG H 7 56.71 -40.42 44.36
CA ARG H 7 55.64 -39.55 43.87
C ARG H 7 54.47 -40.33 43.28
N PRO H 8 53.24 -40.15 43.80
CA PRO H 8 52.07 -40.88 43.32
C PRO H 8 51.47 -40.30 42.03
N THR H 9 50.40 -40.96 41.57
CA THR H 9 49.70 -40.52 40.36
C THR H 9 49.08 -39.12 40.54
N PRO H 10 49.36 -38.16 39.64
CA PRO H 10 48.80 -36.81 39.78
C PRO H 10 47.27 -36.74 39.75
N GLU H 11 46.71 -35.90 40.62
CA GLU H 11 45.27 -35.66 40.72
C GLU H 11 44.79 -34.72 39.60
N LYS H 12 43.53 -34.91 39.15
CA LYS H 12 42.97 -34.07 38.06
C LYS H 12 42.73 -32.60 38.46
N PRO H 13 43.29 -31.64 37.72
CA PRO H 13 43.12 -30.20 38.01
C PRO H 13 41.72 -29.69 37.69
N PRO H 14 41.32 -28.56 38.28
CA PRO H 14 40.02 -27.96 37.93
C PRO H 14 40.06 -27.46 36.48
N VAL H 15 39.18 -28.03 35.66
CA VAL H 15 39.12 -27.76 34.22
C VAL H 15 38.68 -26.33 33.88
N ILE H 16 39.42 -25.70 32.93
CA ILE H 16 39.14 -24.38 32.37
C ILE H 16 38.15 -24.53 31.23
N LYS H 17 37.17 -23.61 31.14
CA LYS H 17 36.14 -23.66 30.10
C LYS H 17 36.14 -22.44 29.16
N PRO H 18 36.51 -22.60 27.87
CA PRO H 18 36.49 -21.47 26.93
C PRO H 18 35.08 -21.02 26.52
N GLU H 19 34.99 -19.80 25.96
CA GLU H 19 33.71 -19.23 25.54
C GLU H 19 33.82 -18.33 24.30
N ASN H 20 33.07 -18.64 23.24
CA ASN H 20 32.99 -17.83 22.02
C ASN H 20 31.70 -16.99 22.10
N ILE H 21 31.82 -15.66 22.15
CA ILE H 21 30.65 -14.79 22.32
C ILE H 21 30.56 -13.70 21.24
N VAL H 22 29.40 -13.62 20.55
CA VAL H 22 29.16 -12.61 19.51
C VAL H 22 28.31 -11.46 20.05
N LEU H 23 28.81 -10.23 19.90
CA LEU H 23 28.17 -9.03 20.47
C LEU H 23 26.92 -8.49 19.75
N SER H 24 26.07 -7.82 20.53
CA SER H 24 24.83 -7.16 20.11
C SER H 24 25.08 -5.91 19.25
N THR H 25 24.42 -5.79 18.09
CA THR H 25 24.62 -4.59 17.25
C THR H 25 23.94 -3.36 17.84
N PRO H 26 24.63 -2.21 17.90
CA PRO H 26 24.05 -0.99 18.50
C PRO H 26 22.77 -0.53 17.82
N LEU H 27 22.07 0.37 18.52
CA LEU H 27 20.86 0.99 17.99
C LEU H 27 21.18 2.01 16.91
N SER H 28 20.23 2.21 16.00
CA SER H 28 20.36 3.14 14.89
C SER H 28 19.53 4.38 15.16
N ILE H 29 20.12 5.55 14.98
CA ILE H 29 19.39 6.79 15.22
C ILE H 29 18.25 6.92 14.22
N PRO H 30 17.13 7.54 14.58
CA PRO H 30 16.05 7.68 13.62
C PRO H 30 16.44 8.53 12.43
N PRO H 31 15.74 8.37 11.31
CA PRO H 31 16.05 9.16 10.10
C PRO H 31 15.60 10.60 10.24
N PRO H 32 16.40 11.57 9.81
CA PRO H 32 15.98 12.98 9.88
C PRO H 32 14.80 13.26 8.95
N GLU H 33 13.90 14.18 9.32
CA GLU H 33 12.75 14.44 8.44
C GLU H 33 12.21 15.87 8.55
N GLY H 34 11.59 16.32 7.42
CA GLY H 34 11.00 17.66 7.31
C GLY H 34 9.60 17.89 7.88
N LYS H 35 9.30 19.18 8.02
CA LYS H 35 8.06 19.69 8.59
C LYS H 35 6.84 19.56 7.67
N PRO H 36 5.63 19.39 8.23
CA PRO H 36 4.33 19.34 7.55
C PRO H 36 3.84 20.77 7.29
N TRP H 37 4.33 21.36 6.20
CA TRP H 37 4.06 22.75 5.84
C TRP H 37 2.62 23.24 6.02
N TRP H 38 1.61 22.46 5.65
CA TRP H 38 0.21 22.86 5.82
C TRP H 38 -0.23 23.02 7.27
N LEU H 39 0.44 22.37 8.22
CA LEU H 39 0.07 22.52 9.62
C LEU H 39 0.49 23.88 10.16
N ILE H 40 1.73 24.29 9.90
CA ILE H 40 2.22 25.59 10.35
C ILE H 40 1.48 26.72 9.65
N VAL H 41 1.14 26.55 8.38
CA VAL H 41 0.40 27.58 7.65
C VAL H 41 -0.97 27.81 8.29
N VAL H 42 -1.61 26.77 8.79
CA VAL H 42 -2.88 26.92 9.50
C VAL H 42 -2.66 27.74 10.77
N GLY H 43 -1.66 27.35 11.55
CA GLY H 43 -1.34 27.99 12.83
C GLY H 43 -1.05 29.49 12.76
N VAL H 44 -0.28 29.93 11.77
CA VAL H 44 0.03 31.36 11.69
C VAL H 44 -1.23 32.16 11.41
N VAL H 45 -2.23 31.55 10.79
CA VAL H 45 -3.51 32.22 10.59
C VAL H 45 -4.25 32.29 11.92
N VAL H 46 -4.35 31.16 12.60
CA VAL H 46 -5.06 31.10 13.89
C VAL H 46 -4.52 32.14 14.87
N VAL H 47 -3.20 32.24 15.01
CA VAL H 47 -2.66 33.21 15.96
C VAL H 47 -2.99 34.62 15.50
N GLY H 48 -2.97 34.85 14.19
CA GLY H 48 -3.33 36.15 13.66
C GLY H 48 -4.82 36.39 13.85
N LEU H 49 -5.61 35.36 13.61
CA LEU H 49 -7.06 35.42 13.76
C LEU H 49 -7.45 35.71 15.21
N LEU H 50 -6.73 35.10 16.16
CA LEU H 50 -6.93 35.37 17.58
C LEU H 50 -6.62 36.83 17.94
N GLY H 51 -5.47 37.34 17.51
CA GLY H 51 -5.10 38.74 17.74
C GLY H 51 -6.15 39.68 17.17
N GLY H 52 -6.71 39.31 16.03
CA GLY H 52 -7.77 40.08 15.40
C GLY H 52 -8.96 40.18 16.33
N MET H 53 -9.26 39.10 17.05
CA MET H 53 -10.35 39.09 18.01
C MET H 53 -10.05 40.08 19.14
N VAL H 54 -8.84 40.05 19.70
CA VAL H 54 -8.45 40.99 20.75
C VAL H 54 -8.53 42.42 20.20
N ALA H 55 -8.00 42.61 19.00
CA ALA H 55 -7.99 43.92 18.34
C ALA H 55 -9.41 44.41 18.10
N MET H 56 -10.31 43.52 17.70
CA MET H 56 -11.71 43.91 17.48
C MET H 56 -12.30 44.44 18.78
N VAL H 57 -12.06 43.77 19.90
CA VAL H 57 -12.56 44.24 21.19
C VAL H 57 -11.92 45.58 21.55
N PHE H 58 -10.63 45.74 21.26
CA PHE H 58 -9.96 47.03 21.49
C PHE H 58 -10.49 48.14 20.60
N ALA H 59 -10.78 47.85 19.34
CA ALA H 59 -11.31 48.89 18.45
C ALA H 59 -12.70 49.34 18.89
N SER H 60 -13.52 48.41 19.39
CA SER H 60 -14.86 48.75 19.88
C SER H 60 -14.80 49.62 21.13
N GLY H 61 -13.68 49.61 21.86
CA GLY H 61 -13.50 50.42 23.05
C GLY H 61 -13.79 49.80 24.41
N SER H 62 -13.91 48.48 24.49
CA SER H 62 -14.21 47.84 25.77
C SER H 62 -13.02 47.95 26.72
N HIS H 63 -11.81 47.79 26.20
CA HIS H 63 -10.58 47.85 27.00
C HIS H 63 -10.60 46.88 28.18
N VAL H 64 -11.36 45.79 28.05
CA VAL H 64 -11.49 44.81 29.13
C VAL H 64 -10.21 44.01 29.32
N PHE H 65 -9.44 43.82 28.26
CA PHE H 65 -8.16 43.11 28.31
C PHE H 65 -7.03 43.92 28.92
N GLY H 66 -7.30 45.15 29.34
CA GLY H 66 -6.27 45.96 29.94
C GLY H 66 -5.86 45.38 31.29
N GLY H 67 -4.57 45.51 31.60
CA GLY H 67 -4.05 44.98 32.85
C GLY H 67 -4.09 43.46 32.93
N ILE H 68 -4.45 42.93 34.09
CA ILE H 68 -4.47 41.48 34.26
C ILE H 68 -5.45 40.77 33.33
N GLY H 69 -6.46 41.45 32.82
CA GLY H 69 -7.38 40.79 31.90
C GLY H 69 -6.68 40.19 30.68
N SER H 70 -5.55 40.76 30.26
CA SER H 70 -4.72 40.30 29.14
C SER H 70 -4.16 38.88 29.27
N ILE H 71 -4.18 38.28 30.47
CA ILE H 71 -3.63 36.94 30.68
C ILE H 71 -4.34 35.87 29.86
N PHE H 72 -5.59 36.07 29.52
CA PHE H 72 -6.34 35.08 28.74
C PHE H 72 -5.77 34.91 27.33
N PRO H 73 -5.64 35.95 26.52
CA PRO H 73 -5.02 35.80 25.21
C PRO H 73 -3.61 35.23 25.28
N LEU H 74 -2.81 35.68 26.25
CA LEU H 74 -1.42 35.26 26.39
C LEU H 74 -1.29 33.75 26.62
N PHE H 75 -1.97 33.19 27.62
CA PHE H 75 -1.86 31.76 27.86
C PHE H 75 -2.34 30.96 26.65
N MET H 76 -3.41 31.42 26.02
CA MET H 76 -3.94 30.70 24.86
C MET H 76 -2.90 30.64 23.75
N MET H 77 -2.30 31.78 23.44
CA MET H 77 -1.29 31.89 22.39
C MET H 77 -0.07 30.99 22.63
N VAL H 78 0.32 30.75 23.88
CA VAL H 78 1.44 29.85 24.18
C VAL H 78 1.08 28.39 23.90
N GLY H 79 -0.10 27.96 24.33
CA GLY H 79 -0.52 26.59 24.08
C GLY H 79 -0.63 26.28 22.60
N ILE H 80 -1.15 27.22 21.82
CA ILE H 80 -1.26 27.01 20.38
C ILE H 80 0.12 26.86 19.78
N MET H 81 1.08 27.62 20.27
CA MET H 81 2.46 27.54 19.76
C MET H 81 3.06 26.14 19.92
N MET H 82 2.86 25.50 21.07
CA MET H 82 3.40 24.15 21.34
C MET H 82 2.88 23.08 20.38
N MET H 83 1.60 23.13 20.06
CA MET H 83 0.98 22.13 19.18
C MET H 83 1.45 22.22 17.74
N MET H 84 1.52 23.42 17.17
CA MET H 84 1.91 23.58 15.76
C MET H 84 3.41 23.45 15.46
N PHE H 85 4.30 23.84 16.36
CA PHE H 85 5.73 23.77 16.04
C PHE H 85 6.35 22.40 16.31
N ARG H 86 6.18 21.88 17.52
CA ARG H 86 6.73 20.58 17.91
C ARG H 86 5.80 19.43 17.52
N GLY H 87 4.63 19.35 18.14
CA GLY H 87 3.64 18.30 17.92
C GLY H 87 4.17 16.88 18.06
N MET H 88 3.53 15.95 17.34
CA MET H 88 3.91 14.53 17.37
C MET H 88 3.71 13.93 15.98
N GLY H 89 4.56 12.95 15.64
CA GLY H 89 4.50 12.31 14.35
C GLY H 89 3.59 11.09 14.25
N GLY H 90 3.28 10.76 13.00
CA GLY H 90 2.50 9.60 12.63
C GLY H 90 3.37 8.37 12.45
N GLY H 91 2.84 7.39 11.72
CA GLY H 91 3.55 6.14 11.46
C GLY H 91 4.87 6.30 10.73
N GLN H 92 5.09 7.43 10.07
CA GLN H 92 6.33 7.65 9.35
C GLN H 92 7.50 7.89 10.30
N GLN H 93 7.21 8.31 11.53
CA GLN H 93 8.19 8.54 12.59
C GLN H 93 7.94 7.43 13.59
N GLN H 94 8.80 6.42 13.50
CA GLN H 94 8.75 5.22 14.32
C GLN H 94 9.30 5.42 15.73
N MET H 95 10.37 6.20 15.88
CA MET H 95 11.00 6.38 17.17
C MET H 95 10.31 7.42 18.08
N SER H 96 9.07 7.12 18.42
CA SER H 96 8.34 7.93 19.37
C SER H 96 8.97 7.74 20.76
N ARG H 97 9.07 8.83 21.52
CA ARG H 97 9.72 8.81 22.84
C ARG H 97 9.47 7.55 23.65
N PRO H 98 8.25 7.05 23.81
CA PRO H 98 8.04 5.84 24.62
C PRO H 98 8.65 4.57 24.05
N LYS H 99 8.80 4.46 22.72
CA LYS H 99 9.36 3.26 22.10
C LYS H 99 10.88 3.27 22.12
N LEU H 100 11.47 4.43 21.95
CA LEU H 100 12.92 4.52 21.98
C LEU H 100 13.41 4.10 23.34
N ASP H 101 12.67 4.46 24.38
CA ASP H 101 13.06 4.05 25.72
C ASP H 101 12.99 2.53 25.86
N ALA H 102 11.98 1.90 25.29
CA ALA H 102 11.86 0.45 25.38
C ALA H 102 13.00 -0.25 24.65
N MET H 103 13.38 0.24 23.46
CA MET H 103 14.48 -0.36 22.71
C MET H 103 15.79 -0.19 23.46
N ARG H 104 16.01 0.98 24.02
CA ARG H 104 17.21 1.24 24.80
C ARG H 104 17.28 0.25 25.95
N ALA H 105 16.18 0.11 26.67
CA ALA H 105 16.12 -0.79 27.81
C ALA H 105 16.40 -2.24 27.41
N GLN H 106 15.83 -2.70 26.30
CA GLN H 106 16.08 -4.08 25.87
C GLN H 106 17.55 -4.28 25.54
N PHE H 107 18.18 -3.30 24.91
CA PHE H 107 19.60 -3.42 24.59
C PHE H 107 20.42 -3.52 25.87
N MET H 108 20.13 -2.68 26.85
CA MET H 108 20.86 -2.70 28.13
C MET H 108 20.72 -4.03 28.85
N LEU H 109 19.51 -4.56 28.93
CA LEU H 109 19.26 -5.84 29.60
C LEU H 109 20.04 -6.99 28.94
N MET H 110 20.08 -7.03 27.62
CA MET H 110 20.80 -8.07 26.88
C MET H 110 22.31 -8.00 27.09
N LEU H 111 22.87 -6.80 27.20
CA LEU H 111 24.32 -6.66 27.42
C LEU H 111 24.75 -7.28 28.74
N ASP H 112 23.93 -7.17 29.79
CA ASP H 112 24.29 -7.74 31.07
C ASP H 112 24.28 -9.28 31.06
N MET H 113 23.47 -9.92 30.21
CA MET H 113 23.55 -11.37 30.14
C MET H 113 24.94 -11.80 29.64
N LEU H 114 25.53 -11.02 28.74
CA LEU H 114 26.88 -11.37 28.27
C LEU H 114 27.86 -11.19 29.42
N ARG H 115 27.61 -10.22 30.27
CA ARG H 115 28.47 -9.97 31.42
C ARG H 115 28.44 -11.16 32.35
N GLU H 116 27.26 -11.71 32.59
CA GLU H 116 27.16 -12.89 33.44
C GLU H 116 27.98 -14.04 32.88
N THR H 117 27.92 -14.25 31.57
CA THR H 117 28.66 -15.33 30.90
C THR H 117 30.17 -15.21 31.05
N ALA H 118 30.70 -14.00 30.90
CA ALA H 118 32.13 -13.76 31.05
C ALA H 118 32.57 -14.03 32.47
N GLN H 119 31.82 -13.52 33.43
CA GLN H 119 32.15 -13.70 34.83
C GLN H 119 32.17 -15.18 35.20
N GLU H 120 31.25 -15.97 34.66
CA GLU H 120 31.28 -17.39 34.98
C GLU H 120 32.59 -17.97 34.48
N SER H 121 32.96 -17.63 33.27
CA SER H 121 34.20 -18.18 32.74
C SER H 121 35.39 -17.68 33.55
N ALA H 122 35.32 -16.44 34.03
CA ALA H 122 36.43 -15.90 34.82
C ALA H 122 36.64 -16.65 36.13
N ASP H 123 35.57 -17.14 36.77
CA ASP H 123 35.71 -17.89 38.02
C ASP H 123 36.48 -19.19 37.83
N SER H 124 36.22 -19.89 36.74
CA SER H 124 36.90 -21.15 36.43
C SER H 124 38.40 -20.94 36.24
N MET H 125 38.77 -19.86 35.57
CA MET H 125 40.16 -19.56 35.28
C MET H 125 40.95 -19.22 36.54
N ASP H 126 40.32 -18.54 37.51
CA ASP H 126 41.01 -18.18 38.76
C ASP H 126 41.44 -19.41 39.55
N ALA H 127 40.52 -20.32 39.82
CA ALA H 127 40.81 -21.53 40.59
C ALA H 127 41.94 -22.38 40.00
N ASN H 128 41.92 -22.61 38.69
CA ASN H 128 42.96 -23.39 38.02
C ASN H 128 44.36 -22.77 38.10
N TYR H 129 44.50 -21.47 37.86
CA TYR H 129 45.81 -20.84 37.91
C TYR H 129 46.42 -20.87 39.32
N ARG H 130 45.62 -20.67 40.35
CA ARG H 130 46.15 -20.75 41.71
C ARG H 130 46.57 -22.18 42.00
N TRP H 131 45.76 -23.15 41.58
CA TRP H 131 46.05 -24.57 41.80
C TRP H 131 47.35 -24.96 41.12
N PHE H 132 47.72 -24.27 40.04
CA PHE H 132 49.01 -24.52 39.43
C PHE H 132 50.08 -23.55 39.89
N HIS H 133 49.75 -22.35 40.34
CA HIS H 133 50.78 -21.39 40.74
C HIS H 133 50.38 -20.57 41.97
N PRO H 134 50.48 -21.18 43.15
CA PRO H 134 50.14 -20.48 44.41
C PRO H 134 51.15 -19.42 44.82
N ALA H 135 50.70 -18.61 45.77
CA ALA H 135 51.52 -17.57 46.38
C ALA H 135 52.66 -18.21 47.19
N PRO H 136 53.84 -17.59 47.21
CA PRO H 136 55.00 -18.19 47.89
C PRO H 136 54.85 -18.52 49.36
N ASN H 137 54.11 -17.73 50.14
CA ASN H 137 53.95 -18.02 51.57
C ASN H 137 53.18 -19.31 51.87
N THR H 138 52.38 -19.80 50.93
CA THR H 138 51.60 -21.04 51.12
C THR H 138 52.37 -22.32 50.83
N LEU H 139 53.54 -22.24 50.18
CA LEU H 139 54.35 -23.40 49.79
C LEU H 139 54.92 -24.19 50.97
N ALA H 140 55.25 -23.53 52.09
CA ALA H 140 55.84 -24.20 53.24
C ALA H 140 54.95 -25.30 53.83
N ALA H 141 53.68 -24.99 54.07
CA ALA H 141 52.76 -26.00 54.62
C ALA H 141 52.50 -27.16 53.66
N ALA H 142 52.52 -26.92 52.35
CA ALA H 142 52.28 -27.91 51.30
C ALA H 142 53.42 -28.91 51.09
N VAL H 143 54.57 -28.72 51.72
CA VAL H 143 55.73 -29.60 51.52
C VAL H 143 55.38 -31.06 51.67
N GLY H 144 54.54 -31.41 52.65
CA GLY H 144 54.17 -32.81 52.83
C GLY H 144 53.19 -33.34 51.81
N SER H 145 52.44 -32.46 51.17
CA SER H 145 51.46 -32.86 50.18
C SER H 145 52.11 -33.47 48.93
N PRO H 146 51.33 -34.29 48.20
CA PRO H 146 51.81 -34.87 46.93
C PRO H 146 51.98 -33.86 45.81
N ARG H 147 51.59 -32.61 46.01
CA ARG H 147 51.76 -31.58 44.99
C ARG H 147 53.22 -31.24 44.75
N MET H 148 54.07 -31.54 45.72
CA MET H 148 55.50 -31.31 45.60
C MET H 148 56.15 -32.19 44.52
N TRP H 149 57.08 -31.57 43.77
CA TRP H 149 57.86 -32.22 42.70
C TRP H 149 56.99 -32.96 41.69
N GLU H 150 55.77 -32.47 41.49
CA GLU H 150 54.77 -33.09 40.62
C GLU H 150 54.98 -32.85 39.11
N ARG H 151 55.60 -31.74 38.69
CA ARG H 151 55.71 -31.43 37.26
C ARG H 151 56.48 -32.49 36.47
N LYS H 152 56.04 -32.73 35.23
CA LYS H 152 56.62 -33.70 34.29
C LYS H 152 57.01 -33.07 32.95
N PRO H 153 58.11 -33.54 32.34
CA PRO H 153 58.55 -33.04 31.03
C PRO H 153 57.94 -33.72 29.80
N ASP H 154 57.15 -34.78 29.96
CA ASP H 154 56.62 -35.54 28.82
C ASP H 154 55.55 -34.86 27.96
N GLY H 155 55.95 -33.83 27.21
CA GLY H 155 55.12 -33.15 26.22
C GLY H 155 53.73 -32.58 26.50
N LYS H 156 52.83 -33.37 27.11
CA LYS H 156 51.47 -32.90 27.36
C LYS H 156 51.37 -31.92 28.54
N ASP H 157 52.27 -31.99 29.52
CA ASP H 157 52.27 -31.06 30.64
C ASP H 157 52.85 -29.73 30.17
N LEU H 158 51.96 -28.79 29.92
CA LEU H 158 52.32 -27.45 29.41
C LEU H 158 52.98 -26.56 30.44
N ASN H 159 52.92 -26.89 31.73
CA ASN H 159 53.49 -26.05 32.79
C ASN H 159 54.97 -26.33 33.10
N PHE H 160 55.58 -27.33 32.47
CA PHE H 160 57.00 -27.60 32.72
C PHE H 160 57.86 -26.42 32.28
N GLY H 161 58.88 -26.09 33.08
CA GLY H 161 59.76 -24.96 32.80
C GLY H 161 59.17 -23.57 32.97
N VAL H 162 58.00 -23.44 33.59
CA VAL H 162 57.30 -22.18 33.81
C VAL H 162 57.39 -21.81 35.29
N VAL H 163 57.64 -20.52 35.57
CA VAL H 163 57.76 -20.03 36.94
C VAL H 163 56.92 -18.76 37.16
N ARG H 164 56.19 -18.75 38.28
CA ARG H 164 55.38 -17.63 38.71
C ARG H 164 56.25 -16.48 39.21
N VAL H 165 56.01 -15.27 38.70
CA VAL H 165 56.80 -14.12 39.10
C VAL H 165 56.00 -13.07 39.84
N GLY H 166 54.68 -13.12 39.77
CA GLY H 166 53.86 -12.11 40.43
C GLY H 166 52.44 -12.15 39.90
N VAL H 167 51.79 -10.99 39.94
CA VAL H 167 50.40 -10.85 39.49
C VAL H 167 50.24 -9.67 38.55
N GLY H 168 49.19 -9.74 37.73
CA GLY H 168 48.95 -8.67 36.77
C GLY H 168 47.70 -8.88 35.94
N MET H 169 47.64 -8.20 34.79
CA MET H 169 46.53 -8.30 33.85
C MET H 169 46.71 -9.40 32.81
N THR H 170 45.59 -9.97 32.36
CA THR H 170 45.68 -11.01 31.34
C THR H 170 44.38 -11.11 30.55
N ARG H 171 44.48 -11.65 29.33
CA ARG H 171 43.30 -11.85 28.48
C ARG H 171 42.52 -13.07 28.93
N PRO H 172 41.22 -12.97 29.17
CA PRO H 172 40.45 -14.16 29.54
C PRO H 172 40.28 -15.10 28.36
N GLU H 173 39.80 -16.31 28.66
CA GLU H 173 39.59 -17.35 27.65
C GLU H 173 38.38 -17.08 26.76
N VAL H 174 37.71 -15.95 26.95
CA VAL H 174 36.64 -15.59 26.05
C VAL H 174 37.23 -15.14 24.71
N THR H 175 36.47 -15.39 23.65
CA THR H 175 36.81 -14.99 22.28
C THR H 175 35.61 -14.24 21.69
N TRP H 176 35.80 -12.94 21.46
CA TRP H 176 34.78 -12.03 20.94
C TRP H 176 34.53 -12.11 19.45
N GLY H 177 33.23 -12.19 19.11
CA GLY H 177 32.76 -12.19 17.74
C GLY H 177 32.27 -10.80 17.43
N GLU H 178 32.81 -10.21 16.38
CA GLU H 178 32.53 -8.83 16.03
C GLU H 178 31.08 -8.56 15.64
N PRO H 179 30.53 -7.41 16.06
CA PRO H 179 29.17 -7.03 15.68
C PRO H 179 29.06 -6.74 14.19
N GLN H 180 28.12 -7.40 13.52
CA GLN H 180 27.86 -7.17 12.10
C GLN H 180 27.11 -5.88 11.82
N ASN H 181 27.37 -5.29 10.65
CA ASN H 181 26.72 -4.06 10.15
C ASN H 181 26.77 -2.88 11.14
N MET H 182 27.93 -2.65 11.74
CA MET H 182 28.04 -1.53 12.67
C MET H 182 27.68 -0.22 11.96
N PRO H 183 26.68 0.52 12.43
CA PRO H 183 26.31 1.78 11.76
C PRO H 183 27.43 2.81 11.78
N THR H 184 27.45 3.64 10.75
CA THR H 184 28.45 4.71 10.67
C THR H 184 28.29 5.68 11.84
N ASP H 185 29.38 6.36 12.15
CA ASP H 185 29.46 7.16 13.39
C ASP H 185 28.37 8.24 13.52
N ILE H 186 27.87 8.79 12.42
CA ILE H 186 26.78 9.79 12.53
C ILE H 186 25.42 9.17 12.78
N GLU H 187 25.30 7.88 12.55
CA GLU H 187 24.06 7.13 12.71
C GLU H 187 23.95 6.45 14.08
N LEU H 188 25.05 6.39 14.82
CA LEU H 188 25.07 5.74 16.13
C LEU H 188 24.30 6.51 17.18
N GLU H 189 23.45 5.78 17.89
CA GLU H 189 22.72 6.32 19.01
C GLU H 189 23.74 6.54 20.13
N PRO H 190 23.74 7.69 20.77
CA PRO H 190 24.77 7.99 21.77
C PRO H 190 24.79 7.07 22.97
N VAL H 191 23.64 6.73 23.54
CA VAL H 191 23.60 5.95 24.78
C VAL H 191 24.20 4.55 24.61
N THR H 192 23.70 3.79 23.65
CA THR H 192 24.20 2.42 23.47
C THR H 192 25.61 2.37 22.92
N GLY H 193 26.03 3.36 22.16
CA GLY H 193 27.37 3.36 21.59
C GLY H 193 28.46 3.36 22.65
N LYS H 194 28.40 4.28 23.58
CA LYS H 194 29.45 4.36 24.58
C LYS H 194 29.37 3.17 25.49
N ALA H 195 28.17 2.65 25.69
CA ALA H 195 28.05 1.45 26.49
C ALA H 195 28.83 0.33 25.81
N LEU H 196 28.59 0.13 24.52
CA LEU H 196 29.28 -0.91 23.78
C LEU H 196 30.76 -0.62 23.67
N GLN H 197 31.15 0.65 23.74
CA GLN H 197 32.57 1.01 23.65
C GLN H 197 33.31 0.68 24.94
N GLU H 198 32.81 1.12 26.09
CA GLU H 198 33.45 0.83 27.37
C GLU H 198 33.45 -0.65 27.68
N PHE H 199 32.41 -1.37 27.29
CA PHE H 199 32.37 -2.81 27.53
C PHE H 199 33.58 -3.51 26.92
N GLY H 200 33.96 -3.11 25.72
CA GLY H 200 35.13 -3.69 25.04
C GLY H 200 36.47 -3.37 25.68
N ARG H 201 36.63 -2.16 26.21
CA ARG H 201 37.88 -1.76 26.86
C ARG H 201 38.12 -2.48 28.20
N TYR H 202 37.09 -2.66 29.03
CA TYR H 202 37.31 -3.31 30.32
C TYR H 202 37.08 -4.81 30.30
N GLN H 203 35.99 -5.29 29.72
CA GLN H 203 35.71 -6.72 29.73
C GLN H 203 36.63 -7.51 28.82
N SER H 204 37.54 -6.88 28.11
CA SER H 204 38.46 -7.63 27.27
C SER H 204 39.65 -8.19 28.05
N VAL H 205 39.81 -7.87 29.33
CA VAL H 205 40.90 -8.37 30.15
C VAL H 205 40.41 -8.67 31.56
N VAL H 206 41.04 -9.62 32.23
CA VAL H 206 40.76 -9.96 33.62
C VAL H 206 41.96 -9.56 34.47
N TYR H 207 41.68 -8.91 35.59
CA TYR H 207 42.65 -8.39 36.55
C TYR H 207 43.04 -9.31 37.71
N ASN H 208 44.25 -9.03 38.22
CA ASN H 208 44.87 -9.69 39.38
C ASN H 208 45.06 -11.20 39.25
N LEU H 209 45.59 -11.61 38.12
CA LEU H 209 45.95 -13.00 37.85
C LEU H 209 47.45 -13.15 38.01
N PRO H 210 47.94 -14.36 38.30
CA PRO H 210 49.38 -14.57 38.42
C PRO H 210 50.08 -14.55 37.08
N LYS H 211 51.22 -13.84 37.04
CA LYS H 211 52.06 -13.69 35.87
C LYS H 211 53.23 -14.69 35.96
N MET H 212 53.75 -15.13 34.80
CA MET H 212 54.82 -16.13 34.76
C MET H 212 55.88 -15.84 33.70
N VAL H 213 57.05 -16.49 33.89
CA VAL H 213 58.20 -16.43 32.98
C VAL H 213 58.56 -17.86 32.57
N SER H 214 58.98 -18.04 31.32
CA SER H 214 59.36 -19.36 30.80
C SER H 214 60.84 -19.53 30.47
N LEU H 215 61.43 -20.60 31.03
CA LEU H 215 62.83 -20.96 30.79
C LEU H 215 63.08 -21.46 29.36
N LEU H 216 62.07 -22.05 28.73
CA LEU H 216 62.16 -22.60 27.38
C LEU H 216 62.15 -21.55 26.26
N VAL H 217 62.01 -20.27 26.58
CA VAL H 217 61.88 -19.23 25.56
C VAL H 217 63.11 -18.34 25.41
N GLU H 218 63.96 -18.19 26.42
CA GLU H 218 65.10 -17.29 26.22
C GLU H 218 66.39 -17.77 26.87
N PRO H 219 67.54 -17.46 26.24
CA PRO H 219 68.82 -17.80 26.86
C PRO H 219 69.06 -17.14 28.20
N TRP H 220 68.57 -15.92 28.43
CA TRP H 220 68.80 -15.26 29.72
C TRP H 220 67.72 -14.22 29.96
N TYR H 221 67.65 -13.77 31.22
CA TYR H 221 66.72 -12.73 31.67
C TYR H 221 67.49 -11.78 32.58
N ALA H 222 67.86 -10.62 32.02
CA ALA H 222 68.57 -9.59 32.76
C ALA H 222 67.64 -8.85 33.72
N LEU H 223 67.98 -8.89 34.99
CA LEU H 223 67.21 -8.25 36.06
C LEU H 223 67.87 -6.91 36.34
N VAL H 224 67.16 -5.81 36.07
CA VAL H 224 67.72 -4.47 36.24
C VAL H 224 66.98 -3.65 37.29
N GLY H 225 67.70 -3.31 38.34
CA GLY H 225 67.15 -2.52 39.43
C GLY H 225 68.07 -2.57 40.64
N GLU H 226 67.55 -2.10 41.75
CA GLU H 226 68.30 -2.13 43.01
C GLU H 226 68.48 -3.56 43.54
N ARG H 227 69.56 -3.76 44.30
CA ARG H 227 69.95 -5.08 44.80
C ARG H 227 68.82 -5.80 45.57
N GLU H 228 68.14 -5.07 46.45
CA GLU H 228 67.07 -5.64 47.28
C GLU H 228 65.95 -6.24 46.45
N GLN H 229 65.53 -5.52 45.41
CA GLN H 229 64.45 -5.96 44.54
C GLN H 229 64.86 -7.21 43.75
N VAL H 230 66.05 -7.16 43.16
CA VAL H 230 66.56 -8.24 42.34
C VAL H 230 66.72 -9.51 43.18
N LEU H 231 67.32 -9.39 44.36
CA LEU H 231 67.49 -10.56 45.22
C LEU H 231 66.16 -11.04 45.77
N GLY H 232 65.24 -10.10 46.04
CA GLY H 232 63.92 -10.47 46.53
C GLY H 232 63.20 -11.39 45.55
N LEU H 233 63.14 -10.99 44.28
CA LEU H 233 62.54 -11.83 43.26
C LEU H 233 63.31 -13.13 43.04
N MET H 234 64.64 -13.08 43.02
CA MET H 234 65.43 -14.28 42.77
C MET H 234 65.19 -15.36 43.82
N ARG H 235 65.14 -15.01 45.10
CA ARG H 235 64.86 -16.01 46.13
C ARG H 235 63.47 -16.65 45.93
N ALA H 236 62.49 -15.87 45.49
CA ALA H 236 61.13 -16.35 45.21
C ALA H 236 61.10 -17.35 44.03
N ILE H 237 61.83 -17.05 42.97
CA ILE H 237 61.94 -17.91 41.78
C ILE H 237 62.53 -19.28 42.14
N ILE H 238 63.60 -19.29 42.92
CA ILE H 238 64.26 -20.52 43.32
C ILE H 238 63.32 -21.41 44.14
N CYS H 239 62.66 -20.87 45.16
CA CYS H 239 61.76 -21.71 45.95
C CYS H 239 60.57 -22.16 45.13
N GLN H 240 60.06 -21.32 44.23
CA GLN H 240 58.95 -21.75 43.37
C GLN H 240 59.42 -22.89 42.48
N LEU H 241 60.58 -22.73 41.87
CA LEU H 241 61.16 -23.78 41.05
C LEU H 241 61.34 -25.05 41.86
N ALA H 242 61.94 -24.91 43.04
CA ALA H 242 62.26 -26.04 43.92
C ALA H 242 61.03 -26.77 44.41
N PHE H 243 59.93 -26.07 44.66
CA PHE H 243 58.73 -26.77 45.10
C PHE H 243 58.09 -27.60 43.99
N SER H 244 57.97 -27.05 42.78
CA SER H 244 57.25 -27.77 41.75
C SER H 244 58.07 -28.78 40.96
N HIS H 245 59.39 -28.64 40.88
CA HIS H 245 60.23 -29.55 40.08
C HIS H 245 61.27 -30.27 40.94
N GLY H 246 61.48 -31.55 40.62
CA GLY H 246 62.44 -32.37 41.30
C GLY H 246 63.87 -32.19 40.82
N PRO H 247 64.83 -32.60 41.66
CA PRO H 247 66.24 -32.49 41.29
C PRO H 247 66.62 -33.31 40.07
N ASP H 248 65.84 -34.32 39.75
CA ASP H 248 66.09 -35.15 38.57
C ASP H 248 65.79 -34.40 37.30
N HIS H 249 65.13 -33.26 37.40
CA HIS H 249 64.78 -32.44 36.25
C HIS H 249 65.42 -31.06 36.28
N VAL H 250 65.80 -30.52 37.44
CA VAL H 250 66.38 -29.19 37.50
C VAL H 250 67.60 -29.19 38.42
N GLN H 251 68.68 -28.54 37.95
CA GLN H 251 69.93 -28.35 38.67
C GLN H 251 70.26 -26.87 38.63
N MET H 252 70.77 -26.34 39.75
CA MET H 252 71.04 -24.91 39.90
C MET H 252 72.46 -24.62 40.39
N ILE H 253 73.05 -23.53 39.85
CA ILE H 253 74.42 -23.10 40.13
C ILE H 253 74.43 -21.61 40.46
N VAL H 254 75.22 -21.23 41.47
CA VAL H 254 75.40 -19.83 41.87
C VAL H 254 76.85 -19.40 41.72
N VAL H 255 77.06 -18.26 41.05
CA VAL H 255 78.37 -17.64 40.90
C VAL H 255 78.25 -16.26 41.55
N SER H 256 78.84 -16.09 42.75
CA SER H 256 78.68 -14.84 43.46
C SER H 256 79.88 -14.52 44.32
N SER H 257 80.14 -13.22 44.49
CA SER H 257 81.17 -12.73 45.38
C SER H 257 80.64 -12.54 46.79
N ASP H 258 79.36 -12.21 46.91
CA ASP H 258 78.67 -11.98 48.18
C ASP H 258 78.05 -13.28 48.72
N LEU H 259 78.95 -14.21 49.07
CA LEU H 259 78.57 -15.52 49.59
C LEU H 259 77.71 -15.47 50.85
N ASP H 260 77.77 -14.39 51.62
CA ASP H 260 76.95 -14.25 52.83
C ASP H 260 75.46 -14.22 52.53
N GLN H 261 75.08 -13.87 51.31
CA GLN H 261 73.68 -13.81 50.88
C GLN H 261 73.13 -15.15 50.40
N TRP H 262 74.00 -16.04 49.93
CA TRP H 262 73.67 -17.34 49.36
C TRP H 262 73.92 -18.55 50.29
N ASP H 263 74.11 -18.32 51.58
CA ASP H 263 74.41 -19.39 52.55
C ASP H 263 73.24 -20.37 52.70
N TRP H 264 72.02 -19.87 52.69
CA TRP H 264 70.81 -20.68 52.81
C TRP H 264 70.64 -21.71 51.69
N VAL H 265 71.34 -21.52 50.56
CA VAL H 265 71.26 -22.41 49.40
C VAL H 265 71.67 -23.85 49.75
N LYS H 266 72.51 -24.01 50.77
CA LYS H 266 73.03 -25.32 51.20
C LYS H 266 71.95 -26.41 51.37
N TRP H 267 70.79 -26.06 51.94
CA TRP H 267 69.73 -27.03 52.20
C TRP H 267 68.98 -27.53 50.96
N LEU H 268 68.80 -26.73 49.91
CA LEU H 268 68.06 -27.22 48.75
C LEU H 268 68.80 -28.32 48.00
N PRO H 269 68.13 -29.44 47.67
CA PRO H 269 68.79 -30.55 46.97
C PRO H 269 69.17 -30.27 45.54
N HIS H 270 68.48 -29.34 44.88
CA HIS H 270 68.76 -29.04 43.47
C HIS H 270 70.16 -28.46 43.28
N PHE H 271 70.77 -27.92 44.34
CA PHE H 271 72.13 -27.38 44.32
C PHE H 271 73.19 -28.36 44.80
N GLY H 272 72.86 -29.63 45.01
CA GLY H 272 73.79 -30.60 45.57
C GLY H 272 74.68 -31.29 44.55
N ASP H 273 75.40 -32.28 45.05
CA ASP H 273 76.32 -33.09 44.27
C ASP H 273 76.46 -34.46 44.94
N SER H 274 77.01 -35.42 44.20
CA SER H 274 77.19 -36.77 44.72
C SER H 274 78.17 -36.77 45.89
N MET H 285 77.41 -25.82 45.62
CA MET H 285 77.90 -25.72 44.25
C MET H 285 77.88 -24.26 43.82
N VAL H 286 78.40 -23.40 44.72
CA VAL H 286 78.50 -21.96 44.52
C VAL H 286 79.94 -21.62 44.15
N TYR H 287 80.11 -20.78 43.12
CA TYR H 287 81.43 -20.41 42.63
C TYR H 287 81.71 -18.93 42.84
N THR H 288 83.00 -18.62 43.03
CA THR H 288 83.46 -17.26 43.29
C THR H 288 83.70 -16.45 42.01
N SER H 289 84.01 -17.10 40.90
CA SER H 289 84.27 -16.36 39.67
C SER H 289 84.12 -17.27 38.46
N VAL H 290 84.02 -16.62 37.30
CA VAL H 290 83.89 -17.32 36.01
C VAL H 290 85.10 -18.21 35.75
N ARG H 291 86.30 -17.76 36.16
CA ARG H 291 87.49 -18.56 35.98
C ARG H 291 87.41 -19.86 36.77
N GLU H 292 86.83 -19.80 37.97
CA GLU H 292 86.65 -21.00 38.78
C GLU H 292 85.57 -21.88 38.16
N PHE H 293 84.45 -21.25 37.81
CA PHE H 293 83.32 -21.93 37.16
C PHE H 293 83.75 -22.57 35.84
N ALA H 294 84.57 -21.88 35.08
CA ALA H 294 85.07 -22.35 33.79
C ALA H 294 85.89 -23.63 33.92
N ALA H 295 86.64 -23.77 35.00
CA ALA H 295 87.45 -24.96 35.22
C ALA H 295 86.60 -26.22 35.48
N GLU H 296 85.59 -26.11 36.34
CA GLU H 296 84.71 -27.22 36.70
C GLU H 296 83.52 -27.46 35.74
N GLN H 297 82.65 -26.47 35.60
CA GLN H 297 81.40 -26.58 34.85
C GLN H 297 81.51 -26.33 33.33
N ALA H 298 82.17 -25.26 32.89
CA ALA H 298 82.25 -24.97 31.46
C ALA H 298 82.95 -26.07 30.66
N GLU H 299 83.86 -26.82 31.27
CA GLU H 299 84.49 -27.93 30.55
C GLU H 299 83.45 -28.92 30.03
N LEU H 300 82.36 -29.09 30.78
CA LEU H 300 81.25 -29.97 30.43
C LEU H 300 80.22 -29.31 29.50
N PHE H 301 79.74 -28.12 29.85
CA PHE H 301 78.70 -27.42 29.06
C PHE H 301 79.17 -26.85 27.72
N ALA H 302 80.41 -26.39 27.60
CA ALA H 302 80.87 -25.83 26.32
C ALA H 302 81.04 -26.88 25.22
N GLY H 303 81.05 -28.16 25.56
CA GLY H 303 81.26 -29.22 24.59
C GLY H 303 80.25 -29.23 23.44
N ARG H 304 78.98 -28.88 23.69
CA ARG H 304 78.00 -28.98 22.59
C ARG H 304 76.83 -28.01 22.68
N GLY H 305 76.21 -27.79 21.51
CA GLY H 305 74.97 -27.04 21.35
C GLY H 305 74.98 -25.52 21.41
N SER H 306 73.77 -24.99 21.21
CA SER H 306 73.42 -23.58 21.26
C SER H 306 71.94 -23.49 21.63
N PHE H 307 71.51 -22.34 22.16
CA PHE H 307 70.11 -22.17 22.55
C PHE H 307 69.14 -22.33 21.39
N THR H 308 67.93 -22.84 21.72
CA THR H 308 66.83 -23.05 20.78
C THR H 308 65.47 -22.94 21.48
N PRO H 309 64.67 -21.92 21.19
CA PRO H 309 63.34 -21.80 21.81
C PRO H 309 62.48 -23.03 21.53
N ARG H 310 61.94 -23.62 22.60
CA ARG H 310 61.11 -24.82 22.57
C ARG H 310 59.63 -24.52 22.80
N HIS H 311 58.84 -25.60 22.77
CA HIS H 311 57.41 -25.54 22.96
C HIS H 311 57.01 -26.89 23.59
N ALA H 312 55.78 -26.96 24.12
CA ALA H 312 55.30 -28.14 24.85
C ALA H 312 55.60 -29.52 24.24
N SER H 313 55.23 -29.75 22.99
CA SER H 313 55.48 -31.05 22.37
C SER H 313 56.97 -31.40 22.32
N SER H 314 57.81 -30.41 22.05
CA SER H 314 59.26 -30.61 22.00
C SER H 314 59.86 -30.91 23.37
N SER H 315 59.18 -30.53 24.46
CA SER H 315 59.68 -30.80 25.81
C SER H 315 60.00 -32.26 26.09
N ALA H 316 59.30 -33.20 25.45
CA ALA H 316 59.57 -34.62 25.65
C ALA H 316 60.95 -35.05 25.14
N GLN H 317 61.52 -34.35 24.16
CA GLN H 317 62.81 -34.70 23.57
C GLN H 317 64.01 -34.01 24.20
N THR H 318 63.88 -32.79 24.71
CA THR H 318 65.03 -32.15 25.33
C THR H 318 65.44 -32.94 26.58
N PRO H 319 66.75 -33.05 26.86
CA PRO H 319 67.19 -33.85 28.01
C PRO H 319 66.62 -33.39 29.35
N THR H 320 66.45 -34.38 30.22
CA THR H 320 65.83 -34.16 31.53
C THR H 320 66.50 -33.10 32.38
N PRO H 321 67.85 -33.03 32.53
CA PRO H 321 68.37 -32.01 33.46
C PRO H 321 68.59 -30.63 32.87
N HIS H 322 67.69 -29.70 33.17
CA HIS H 322 67.86 -28.32 32.76
C HIS H 322 68.74 -27.58 33.76
N THR H 323 69.67 -26.76 33.28
CA THR H 323 70.60 -26.05 34.14
C THR H 323 70.24 -24.57 34.26
N VAL H 324 70.14 -24.10 35.50
CA VAL H 324 69.85 -22.70 35.83
C VAL H 324 71.11 -22.12 36.47
N ILE H 325 71.59 -21.02 35.89
CA ILE H 325 72.80 -20.35 36.33
C ILE H 325 72.46 -18.95 36.81
N ILE H 326 72.94 -18.60 38.01
CA ILE H 326 72.73 -17.30 38.64
C ILE H 326 74.04 -16.55 38.62
N ALA H 327 74.07 -15.39 37.95
CA ALA H 327 75.26 -14.57 37.80
C ALA H 327 75.26 -13.37 38.75
N ASP H 328 76.28 -13.31 39.62
CA ASP H 328 76.42 -12.28 40.65
C ASP H 328 77.89 -11.84 40.80
N VAL H 329 78.68 -11.93 39.74
CA VAL H 329 80.09 -11.54 39.78
C VAL H 329 80.45 -10.40 38.82
N ASP H 330 79.67 -10.15 37.76
CA ASP H 330 79.98 -9.09 36.80
C ASP H 330 81.31 -9.30 36.09
N ASP H 331 81.73 -10.54 35.94
CA ASP H 331 82.97 -10.86 35.21
C ASP H 331 82.74 -10.67 33.71
N PRO H 332 83.60 -9.91 33.01
CA PRO H 332 83.43 -9.72 31.56
C PRO H 332 83.66 -10.98 30.72
N GLN H 333 84.28 -11.99 31.30
CA GLN H 333 84.61 -13.26 30.64
C GLN H 333 83.37 -14.02 30.14
N TRP H 334 82.17 -13.66 30.59
CA TRP H 334 80.95 -14.32 30.15
C TRP H 334 80.65 -14.19 28.65
N GLU H 335 81.25 -13.22 27.96
CA GLU H 335 80.98 -12.99 26.53
C GLU H 335 81.05 -14.24 25.64
N TYR H 336 81.96 -15.17 25.93
CA TYR H 336 82.15 -16.37 25.10
C TYR H 336 80.88 -17.20 24.84
N VAL H 337 80.16 -17.59 25.88
CA VAL H 337 78.93 -18.37 25.72
C VAL H 337 77.77 -17.48 25.29
N ILE H 338 77.74 -16.25 25.77
CA ILE H 338 76.66 -15.34 25.46
C ILE H 338 76.69 -14.96 23.98
N SER H 339 77.87 -14.63 23.45
CA SER H 339 77.98 -14.32 22.03
C SER H 339 77.74 -15.53 21.14
N ALA H 340 77.92 -16.74 21.65
CA ALA H 340 77.64 -17.98 20.92
C ALA H 340 76.15 -18.35 20.98
N GLU H 341 75.34 -17.45 21.52
CA GLU H 341 73.90 -17.62 21.72
C GLU H 341 73.60 -18.78 22.67
N GLY H 342 74.36 -18.85 23.76
CA GLY H 342 74.20 -19.87 24.76
C GLY H 342 74.37 -21.28 24.25
N VAL H 343 73.69 -22.17 24.98
CA VAL H 343 73.63 -23.61 24.72
C VAL H 343 72.22 -24.05 25.12
N ASP H 344 71.72 -25.10 24.47
CA ASP H 344 70.40 -25.59 24.85
C ASP H 344 70.50 -26.30 26.20
N GLY H 345 69.46 -26.18 27.00
CA GLY H 345 69.49 -26.75 28.34
C GLY H 345 70.13 -25.87 29.40
N VAL H 346 70.37 -24.59 29.12
CA VAL H 346 70.98 -23.65 30.06
C VAL H 346 70.17 -22.37 29.99
N THR H 347 70.16 -21.64 31.11
CA THR H 347 69.47 -20.36 31.22
C THR H 347 70.14 -19.52 32.31
N PHE H 348 70.47 -18.28 31.97
CA PHE H 348 71.17 -17.38 32.87
C PHE H 348 70.28 -16.27 33.41
N PHE H 349 70.45 -15.98 34.69
CA PHE H 349 69.81 -14.86 35.39
C PHE H 349 70.93 -13.95 35.87
N ASP H 350 71.02 -12.75 35.28
CA ASP H 350 72.01 -11.74 35.65
C ASP H 350 71.47 -10.87 36.78
N LEU H 351 72.07 -11.00 37.96
CA LEU H 351 71.62 -10.19 39.08
C LEU H 351 72.33 -8.84 39.13
N THR H 352 73.38 -8.67 38.35
CA THR H 352 74.17 -7.45 38.36
C THR H 352 73.69 -6.41 37.36
N GLY H 353 73.20 -6.85 36.21
CA GLY H 353 72.78 -5.93 35.17
C GLY H 353 73.95 -5.47 34.32
N SER H 354 74.80 -6.42 33.91
CA SER H 354 75.98 -6.09 33.13
C SER H 354 75.62 -5.82 31.67
N SER H 355 76.44 -4.96 31.05
CA SER H 355 76.14 -4.36 29.75
C SER H 355 75.86 -5.41 28.67
N MET H 356 76.54 -6.56 28.72
CA MET H 356 76.35 -7.60 27.70
C MET H 356 74.96 -8.22 27.77
N TRP H 357 74.39 -8.36 28.97
CA TRP H 357 73.07 -8.94 29.11
C TRP H 357 71.99 -7.89 28.91
N THR H 358 72.29 -6.65 29.32
CA THR H 358 71.40 -5.49 29.35
C THR H 358 71.24 -4.77 28.01
N ASP H 359 71.89 -5.21 26.94
CA ASP H 359 71.76 -4.55 25.65
C ASP H 359 70.68 -5.18 24.73
N ILE H 360 69.79 -6.01 25.27
CA ILE H 360 68.73 -6.66 24.48
C ILE H 360 67.37 -6.51 25.13
N PRO H 361 66.48 -5.72 24.52
CA PRO H 361 65.14 -5.52 25.10
C PRO H 361 64.32 -6.80 25.28
N GLU H 362 64.43 -7.74 24.35
CA GLU H 362 63.69 -9.00 24.43
C GLU H 362 64.10 -9.88 25.60
N ARG H 363 65.19 -9.54 26.30
CA ARG H 363 65.67 -10.29 27.45
C ARG H 363 65.90 -9.41 28.69
N LYS H 364 65.37 -8.18 28.70
CA LYS H 364 65.57 -7.23 29.79
C LYS H 364 64.31 -6.92 30.57
N LEU H 365 64.40 -7.08 31.90
CA LEU H 365 63.34 -6.79 32.87
C LEU H 365 63.75 -5.55 33.69
N GLN H 366 62.96 -4.49 33.59
CA GLN H 366 63.21 -3.22 34.28
C GLN H 366 62.27 -3.01 35.48
N PHE H 367 62.86 -2.73 36.64
CA PHE H 367 62.15 -2.55 37.92
C PHE H 367 62.09 -1.09 38.33
N ASP H 368 60.88 -0.62 38.62
CA ASP H 368 60.63 0.73 39.14
C ASP H 368 60.85 0.78 40.65
N LYS H 369 60.93 2.02 41.15
CA LYS H 369 61.15 2.28 42.57
C LYS H 369 60.08 1.62 43.43
N THR H 370 58.87 1.45 42.88
CA THR H 370 57.74 0.82 43.56
C THR H 370 57.70 -0.72 43.48
N GLY H 371 58.67 -1.36 42.84
CA GLY H 371 58.64 -2.80 42.73
C GLY H 371 57.89 -3.35 41.53
N VAL H 372 57.43 -2.48 40.65
CA VAL H 372 56.78 -2.83 39.40
C VAL H 372 57.83 -3.20 38.37
N ILE H 373 57.58 -4.29 37.63
CA ILE H 373 58.45 -4.75 36.56
C ILE H 373 57.84 -4.37 35.22
N GLU H 374 58.68 -3.92 34.30
CA GLU H 374 58.31 -3.61 32.93
C GLU H 374 59.05 -4.50 31.95
N ALA H 375 58.35 -4.91 30.89
CA ALA H 375 58.94 -5.78 29.88
C ALA H 375 58.10 -5.69 28.61
N LEU H 376 58.60 -6.34 27.58
CA LEU H 376 57.88 -6.39 26.32
C LEU H 376 56.66 -7.30 26.46
N PRO H 377 55.55 -6.96 25.81
CA PRO H 377 54.37 -7.82 25.88
C PRO H 377 54.55 -9.11 25.09
N ARG H 378 54.12 -10.19 25.71
CA ARG H 378 54.18 -11.53 25.11
C ARG H 378 52.81 -12.19 25.18
N ASP H 379 52.52 -12.97 24.14
CA ASP H 379 51.26 -13.70 24.04
C ASP H 379 51.13 -14.73 25.15
N ARG H 380 49.93 -14.83 25.70
CA ARG H 380 49.64 -15.76 26.79
C ARG H 380 49.88 -17.22 26.45
N ASP H 381 49.49 -17.68 25.27
CA ASP H 381 49.63 -19.11 24.97
C ASP H 381 50.94 -19.48 24.29
N THR H 382 51.55 -18.57 23.54
CA THR H 382 52.75 -18.91 22.78
C THR H 382 53.99 -18.15 23.23
N TRP H 383 53.88 -17.23 24.19
CA TRP H 383 55.04 -16.49 24.69
C TRP H 383 55.76 -15.67 23.62
N MET H 384 55.25 -15.63 22.40
CA MET H 384 55.96 -14.89 21.35
C MET H 384 55.84 -13.39 21.60
N VAL H 385 56.91 -12.65 21.33
CA VAL H 385 56.86 -11.20 21.52
C VAL H 385 55.92 -10.59 20.49
N ILE H 386 55.00 -9.75 20.95
CA ILE H 386 54.02 -9.13 20.07
C ILE H 386 54.25 -7.65 19.81
N ASP H 387 55.07 -6.96 20.60
CA ASP H 387 55.37 -5.54 20.37
C ASP H 387 56.78 -5.27 20.86
N ASP H 388 57.41 -4.28 20.25
CA ASP H 388 58.79 -3.97 20.56
C ASP H 388 59.01 -2.92 21.63
N LYS H 389 57.98 -2.31 22.20
CA LYS H 389 58.19 -1.29 23.23
C LYS H 389 57.78 -1.84 24.60
N ALA H 390 58.67 -1.65 25.59
CA ALA H 390 58.50 -2.14 26.96
C ALA H 390 57.34 -1.47 27.68
N TRP H 391 56.68 -2.25 28.54
CA TRP H 391 55.51 -1.80 29.29
C TRP H 391 55.38 -2.64 30.57
N PHE H 392 54.43 -2.26 31.42
CA PHE H 392 54.15 -2.98 32.67
C PHE H 392 54.01 -4.48 32.48
N PHE H 393 54.61 -5.24 33.40
CA PHE H 393 54.56 -6.70 33.38
C PHE H 393 53.94 -7.34 34.61
N ALA H 394 54.39 -7.04 35.83
CA ALA H 394 53.79 -7.68 37.00
C ALA H 394 54.24 -6.96 38.27
N LEU H 395 53.48 -7.17 39.35
CA LEU H 395 53.86 -6.70 40.68
C LEU H 395 54.68 -7.81 41.36
N THR H 396 55.90 -7.46 41.74
CA THR H 396 56.87 -8.38 42.35
C THR H 396 56.49 -8.94 43.73
N ASP H 397 56.76 -10.23 43.91
CA ASP H 397 56.62 -10.96 45.17
C ASP H 397 58.01 -11.36 45.67
N GLN H 398 58.26 -11.27 46.98
CA GLN H 398 59.60 -11.56 47.47
C GLN H 398 59.59 -12.19 48.86
N VAL H 399 60.68 -12.93 49.18
CA VAL H 399 60.84 -13.61 50.46
C VAL H 399 62.17 -13.29 51.12
N SER H 400 62.19 -13.29 52.46
CA SER H 400 63.41 -13.03 53.22
C SER H 400 64.30 -14.28 53.27
N ILE H 401 65.55 -14.07 53.68
CA ILE H 401 66.54 -15.15 53.81
C ILE H 401 66.10 -16.18 54.85
N ALA H 402 65.53 -15.71 55.96
CA ALA H 402 65.02 -16.57 57.01
C ALA H 402 63.86 -17.43 56.50
N GLU H 403 62.95 -16.82 55.77
CA GLU H 403 61.85 -17.55 55.17
C GLU H 403 62.37 -18.58 54.17
N ALA H 404 63.37 -18.20 53.37
CA ALA H 404 63.96 -19.11 52.39
C ALA H 404 64.64 -20.32 53.03
N GLU H 405 65.46 -20.11 54.06
CA GLU H 405 66.10 -21.25 54.72
C GLU H 405 65.05 -22.11 55.42
N GLU H 406 64.02 -21.48 55.97
CA GLU H 406 62.94 -22.20 56.62
C GLU H 406 62.25 -23.12 55.61
N PHE H 407 61.90 -22.57 54.46
CA PHE H 407 61.28 -23.34 53.38
C PHE H 407 62.26 -24.42 52.90
N ALA H 408 63.53 -24.05 52.73
CA ALA H 408 64.56 -24.98 52.26
C ALA H 408 64.78 -26.13 53.24
N GLN H 409 64.83 -25.85 54.54
CA GLN H 409 65.01 -26.89 55.55
C GLN H 409 63.87 -27.91 55.55
N LYS H 410 62.63 -27.46 55.37
CA LYS H 410 61.49 -28.36 55.29
C LYS H 410 61.64 -29.33 54.10
N LEU H 411 62.14 -28.83 52.97
CA LEU H 411 62.37 -29.65 51.78
C LEU H 411 63.57 -30.61 51.94
N ALA H 412 64.61 -30.20 52.66
CA ALA H 412 65.79 -31.04 52.86
C ALA H 412 65.49 -32.36 53.58
N GLN H 413 64.32 -32.46 54.22
CA GLN H 413 63.91 -33.69 54.92
C GLN H 413 63.61 -34.86 53.99
N TRP H 414 63.38 -34.64 52.70
CA TRP H 414 62.95 -35.71 51.79
C TRP H 414 63.96 -36.07 50.72
N ARG H 415 63.86 -37.34 50.27
CA ARG H 415 64.68 -37.91 49.22
C ARG H 415 63.82 -38.81 48.34
N LEU H 416 64.29 -39.04 47.11
CA LEU H 416 63.57 -39.86 46.13
C LEU H 416 63.05 -41.16 46.73
N MET I 1 -8.28 -38.13 -88.71
CA MET I 1 -7.10 -37.33 -88.47
C MET I 1 -7.35 -36.24 -87.42
N LYS I 2 -6.39 -36.13 -86.50
CA LYS I 2 -6.44 -35.19 -85.39
C LYS I 2 -5.19 -34.32 -85.36
N ARG I 3 -5.36 -33.13 -84.77
CA ARG I 3 -4.26 -32.21 -84.58
C ARG I 3 -3.38 -32.72 -83.44
N GLY I 4 -2.06 -32.64 -83.63
CA GLY I 4 -1.15 -33.12 -82.60
C GLY I 4 -1.07 -32.19 -81.39
N PHE I 5 -0.83 -32.82 -80.23
CA PHE I 5 -0.71 -32.11 -78.96
C PHE I 5 0.24 -32.83 -78.00
N ALA I 6 1.33 -32.16 -77.66
CA ALA I 6 2.30 -32.64 -76.68
C ALA I 6 2.10 -31.84 -75.41
N ARG I 7 1.90 -32.53 -74.29
CA ARG I 7 1.66 -31.83 -73.03
C ARG I 7 2.93 -31.21 -72.47
N PRO I 8 2.98 -29.88 -72.34
CA PRO I 8 4.19 -29.18 -71.86
C PRO I 8 4.27 -29.17 -70.34
N THR I 9 5.32 -28.53 -69.85
CA THR I 9 5.49 -28.34 -68.42
C THR I 9 4.36 -27.44 -67.87
N PRO I 10 3.61 -27.88 -66.87
CA PRO I 10 2.51 -27.07 -66.33
C PRO I 10 2.91 -25.69 -65.80
N GLU I 11 2.01 -24.74 -65.99
CA GLU I 11 2.19 -23.39 -65.50
C GLU I 11 2.11 -23.36 -63.96
N LYS I 12 2.79 -22.39 -63.34
CA LYS I 12 2.76 -22.26 -61.87
C LYS I 12 1.38 -21.85 -61.35
N PRO I 13 0.73 -22.64 -60.50
CA PRO I 13 -0.55 -22.27 -59.94
C PRO I 13 -0.41 -21.25 -58.83
N PRO I 14 -1.47 -20.45 -58.56
CA PRO I 14 -1.43 -19.52 -57.42
C PRO I 14 -1.39 -20.28 -56.08
N VAL I 15 -0.31 -20.07 -55.32
CA VAL I 15 -0.09 -20.77 -54.03
C VAL I 15 -1.03 -20.32 -52.92
N ILE I 16 -1.49 -21.31 -52.11
CA ILE I 16 -2.34 -21.12 -50.95
C ILE I 16 -1.48 -20.85 -49.72
N LYS I 17 -1.88 -19.90 -48.88
CA LYS I 17 -1.13 -19.55 -47.66
C LYS I 17 -1.93 -19.70 -46.37
N PRO I 18 -1.67 -20.71 -45.55
CA PRO I 18 -2.41 -20.89 -44.29
C PRO I 18 -2.14 -19.79 -43.25
N GLU I 19 -2.99 -19.78 -42.21
CA GLU I 19 -2.92 -18.82 -41.10
C GLU I 19 -3.38 -19.38 -39.75
N ASN I 20 -2.58 -19.06 -38.72
CA ASN I 20 -2.83 -19.42 -37.33
C ASN I 20 -3.30 -18.18 -36.58
N ILE I 21 -4.53 -18.21 -36.02
CA ILE I 21 -5.11 -17.07 -35.31
C ILE I 21 -5.69 -17.48 -33.96
N VAL I 22 -5.40 -16.71 -32.91
CA VAL I 22 -5.91 -16.95 -31.55
C VAL I 22 -6.83 -15.80 -31.15
N LEU I 23 -8.06 -16.15 -30.72
CA LEU I 23 -9.09 -15.19 -30.32
C LEU I 23 -8.81 -14.43 -29.01
N SER I 24 -9.31 -13.19 -28.93
CA SER I 24 -9.23 -12.41 -27.70
C SER I 24 -10.22 -12.95 -26.66
N THR I 25 -10.00 -12.60 -25.37
CA THR I 25 -10.91 -13.12 -24.35
C THR I 25 -11.97 -12.10 -23.95
N PRO I 26 -13.25 -12.47 -23.85
CA PRO I 26 -14.31 -11.51 -23.52
C PRO I 26 -14.10 -10.78 -22.20
N LEU I 27 -14.83 -9.67 -22.06
CA LEU I 27 -14.81 -8.85 -20.83
C LEU I 27 -15.55 -9.52 -19.68
N SER I 28 -15.18 -9.16 -18.46
CA SER I 28 -15.80 -9.71 -17.25
C SER I 28 -16.74 -8.69 -16.64
N ILE I 29 -17.94 -9.15 -16.30
CA ILE I 29 -18.96 -8.27 -15.72
C ILE I 29 -18.46 -7.73 -14.38
N PRO I 30 -18.56 -6.43 -14.12
CA PRO I 30 -18.08 -5.88 -12.84
C PRO I 30 -18.85 -6.45 -11.67
N PRO I 31 -18.16 -6.86 -10.61
CA PRO I 31 -18.84 -7.43 -9.43
C PRO I 31 -19.88 -6.48 -8.84
N PRO I 32 -20.90 -7.03 -8.14
CA PRO I 32 -22.02 -6.23 -7.62
C PRO I 32 -21.75 -5.28 -6.45
N GLU I 33 -20.73 -4.45 -6.53
CA GLU I 33 -20.44 -3.45 -5.52
C GLU I 33 -21.56 -2.40 -5.43
N GLY I 34 -21.83 -1.91 -4.22
CA GLY I 34 -22.89 -0.93 -4.03
C GLY I 34 -22.71 -0.05 -2.81
N LYS I 35 -23.37 1.14 -2.89
CA LYS I 35 -23.48 2.28 -1.97
C LYS I 35 -24.44 2.03 -0.80
N PRO I 36 -24.13 2.52 0.42
CA PRO I 36 -25.03 2.38 1.58
C PRO I 36 -26.14 3.42 1.57
N TRP I 37 -26.97 3.34 0.54
CA TRP I 37 -28.05 4.30 0.29
C TRP I 37 -28.88 4.75 1.50
N TRP I 38 -29.32 3.82 2.35
CA TRP I 38 -30.16 4.19 3.48
C TRP I 38 -29.48 5.17 4.42
N LEU I 39 -28.16 5.14 4.51
CA LEU I 39 -27.48 6.06 5.41
C LEU I 39 -27.66 7.52 4.98
N ILE I 40 -27.47 7.83 3.70
CA ILE I 40 -27.66 9.19 3.20
C ILE I 40 -29.13 9.65 3.23
N VAL I 41 -30.08 8.73 3.08
CA VAL I 41 -31.51 9.06 3.15
C VAL I 41 -31.92 9.56 4.53
N VAL I 42 -31.49 8.89 5.60
CA VAL I 42 -31.83 9.36 6.94
C VAL I 42 -31.07 10.64 7.30
N GLY I 43 -29.85 10.79 6.80
CA GLY I 43 -29.06 11.99 7.06
C GLY I 43 -29.78 13.25 6.63
N VAL I 44 -30.27 13.27 5.39
CA VAL I 44 -31.02 14.39 4.83
C VAL I 44 -32.26 14.64 5.65
N VAL I 45 -32.86 13.59 6.19
CA VAL I 45 -34.03 13.73 7.05
C VAL I 45 -33.64 14.49 8.33
N VAL I 46 -32.50 14.15 8.92
CA VAL I 46 -32.05 14.83 10.14
C VAL I 46 -31.76 16.30 9.88
N VAL I 47 -31.02 16.63 8.82
CA VAL I 47 -30.71 18.03 8.55
C VAL I 47 -31.99 18.80 8.23
N GLY I 48 -32.95 18.14 7.60
CA GLY I 48 -34.21 18.79 7.29
C GLY I 48 -35.01 19.10 8.55
N LEU I 49 -35.05 18.16 9.48
CA LEU I 49 -35.77 18.34 10.74
C LEU I 49 -35.19 19.46 11.59
N LEU I 50 -33.88 19.71 11.51
CA LEU I 50 -33.23 20.77 12.29
C LEU I 50 -33.76 22.16 11.92
N GLY I 51 -33.87 22.44 10.62
CA GLY I 51 -34.38 23.72 10.16
C GLY I 51 -35.75 24.03 10.73
N GLY I 52 -36.60 23.02 10.79
CA GLY I 52 -37.92 23.17 11.39
C GLY I 52 -37.84 23.47 12.88
N MET I 53 -36.97 22.77 13.61
CA MET I 53 -36.81 23.00 15.05
C MET I 53 -36.44 24.45 15.34
N VAL I 54 -35.54 25.02 14.54
CA VAL I 54 -35.13 26.42 14.69
C VAL I 54 -36.26 27.37 14.29
N ALA I 55 -36.85 27.16 13.13
CA ALA I 55 -37.91 28.02 12.61
C ALA I 55 -39.10 28.14 13.56
N MET I 56 -39.49 27.05 14.20
CA MET I 56 -40.62 27.07 15.14
C MET I 56 -40.44 28.06 16.29
N VAL I 57 -39.20 28.29 16.73
CA VAL I 57 -38.90 29.25 17.80
C VAL I 57 -39.12 30.70 17.33
N PHE I 58 -38.77 31.03 16.08
CA PHE I 58 -38.98 32.39 15.57
C PHE I 58 -40.45 32.77 15.53
N ALA I 59 -41.33 31.84 15.18
CA ALA I 59 -42.75 32.17 15.16
C ALA I 59 -43.27 32.51 16.55
N SER I 60 -42.60 32.03 17.60
CA SER I 60 -42.97 32.34 18.98
C SER I 60 -42.46 33.72 19.41
N GLY I 61 -41.51 34.31 18.69
CA GLY I 61 -40.96 35.62 18.99
C GLY I 61 -39.85 35.68 20.02
N SER I 62 -39.39 34.54 20.55
CA SER I 62 -38.34 34.58 21.56
C SER I 62 -37.03 35.06 20.96
N HIS I 63 -36.81 34.77 19.68
CA HIS I 63 -35.62 35.17 18.94
C HIS I 63 -34.35 35.00 19.75
N VAL I 64 -34.26 33.90 20.49
CA VAL I 64 -33.14 33.57 21.35
C VAL I 64 -31.84 33.37 20.56
N PHE I 65 -31.96 33.06 19.28
CA PHE I 65 -30.80 32.87 18.41
C PHE I 65 -30.14 34.20 18.07
N GLY I 66 -28.95 34.10 17.48
CA GLY I 66 -28.13 35.26 17.17
C GLY I 66 -27.02 35.37 18.19
N GLY I 67 -25.78 35.34 17.71
CA GLY I 67 -24.63 35.35 18.59
C GLY I 67 -24.56 34.11 19.48
N ILE I 68 -24.64 34.31 20.79
CA ILE I 68 -24.59 33.24 21.80
C ILE I 68 -25.42 32.01 21.44
N GLY I 69 -26.68 32.21 21.08
CA GLY I 69 -27.57 31.09 20.77
C GLY I 69 -27.27 30.39 19.46
N SER I 70 -27.04 31.15 18.40
CA SER I 70 -26.77 30.58 17.08
C SER I 70 -25.55 29.67 17.00
N ILE I 71 -24.56 29.84 17.87
CA ILE I 71 -23.38 28.98 17.80
C ILE I 71 -23.76 27.51 17.94
N PHE I 72 -24.78 27.20 18.74
CA PHE I 72 -25.21 25.80 18.90
C PHE I 72 -25.73 25.21 17.60
N PRO I 73 -26.80 25.73 16.99
CA PRO I 73 -27.25 25.15 15.72
C PRO I 73 -26.17 25.24 14.65
N LEU I 74 -25.39 26.32 14.66
CA LEU I 74 -24.33 26.51 13.68
C LEU I 74 -23.29 25.40 13.79
N PHE I 75 -22.78 25.16 15.00
CA PHE I 75 -21.80 24.08 15.21
C PHE I 75 -22.44 22.71 15.05
N MET I 76 -23.67 22.55 15.54
CA MET I 76 -24.41 21.29 15.47
C MET I 76 -24.60 20.82 14.02
N MET I 77 -24.84 21.76 13.11
CA MET I 77 -25.02 21.42 11.70
C MET I 77 -23.80 20.72 11.12
N VAL I 78 -22.60 21.13 11.52
CA VAL I 78 -21.38 20.52 10.99
C VAL I 78 -21.28 19.05 11.41
N GLY I 79 -21.63 18.74 12.65
CA GLY I 79 -21.57 17.37 13.14
C GLY I 79 -22.35 16.38 12.30
N ILE I 80 -23.52 16.78 11.79
CA ILE I 80 -24.34 15.88 10.96
C ILE I 80 -23.64 15.60 9.63
N MET I 81 -23.14 16.64 8.96
CA MET I 81 -22.43 16.46 7.69
C MET I 81 -21.20 15.57 7.86
N MET I 82 -20.50 15.72 8.98
CA MET I 82 -19.30 14.96 9.27
C MET I 82 -19.56 13.46 9.38
N MET I 83 -20.75 13.05 9.80
CA MET I 83 -21.07 11.62 9.89
C MET I 83 -21.33 11.01 8.52
N MET I 84 -22.00 11.72 7.63
CA MET I 84 -22.29 11.19 6.31
C MET I 84 -21.00 11.00 5.51
N PHE I 85 -20.01 11.87 5.73
CA PHE I 85 -18.70 11.75 5.08
C PHE I 85 -18.06 10.43 5.47
N ARG I 86 -18.10 10.11 6.77
CA ARG I 86 -17.60 8.83 7.26
C ARG I 86 -18.48 7.71 6.72
N GLY I 87 -19.75 8.03 6.47
CA GLY I 87 -20.69 7.09 5.89
C GLY I 87 -20.34 6.64 4.48
N MET I 88 -19.83 7.53 3.65
CA MET I 88 -19.42 7.21 2.29
C MET I 88 -18.04 6.57 2.16
N GLY I 89 -17.44 6.11 3.25
CA GLY I 89 -16.11 5.52 3.24
C GLY I 89 -15.79 4.46 2.19
N GLY I 90 -14.49 4.38 1.88
CA GLY I 90 -13.88 3.49 0.88
C GLY I 90 -13.82 4.10 -0.50
N GLY I 91 -13.44 3.26 -1.48
CA GLY I 91 -13.33 3.74 -2.86
C GLY I 91 -12.19 3.05 -3.61
N GLN I 92 -11.69 3.78 -4.60
CA GLN I 92 -10.56 3.46 -5.48
C GLN I 92 -10.72 2.19 -6.32
N GLN I 93 -11.91 1.60 -6.41
CA GLN I 93 -12.07 0.42 -7.25
C GLN I 93 -11.95 0.80 -8.73
N GLN I 94 -12.35 2.02 -9.08
CA GLN I 94 -12.26 2.60 -10.43
C GLN I 94 -13.03 1.85 -11.53
N MET I 95 -14.35 1.79 -11.41
CA MET I 95 -15.20 1.24 -12.46
C MET I 95 -16.18 2.35 -12.81
N SER I 96 -16.47 2.51 -14.11
CA SER I 96 -17.38 3.58 -14.51
C SER I 96 -17.91 3.37 -15.92
N ARG I 97 -19.13 3.86 -16.14
CA ARG I 97 -19.78 3.81 -17.45
C ARG I 97 -18.85 4.22 -18.59
N PRO I 98 -18.16 5.36 -18.54
CA PRO I 98 -17.27 5.73 -19.64
C PRO I 98 -16.11 4.76 -19.81
N LYS I 99 -15.70 4.06 -18.77
CA LYS I 99 -14.58 3.11 -18.92
C LYS I 99 -15.06 1.82 -19.56
N LEU I 100 -16.25 1.35 -19.20
CA LEU I 100 -16.78 0.12 -19.76
C LEU I 100 -16.99 0.22 -21.27
N ASP I 101 -17.55 1.32 -21.75
CA ASP I 101 -17.76 1.48 -23.18
C ASP I 101 -16.45 1.54 -23.97
N ALA I 102 -15.39 2.10 -23.38
CA ALA I 102 -14.11 2.15 -24.09
C ALA I 102 -13.53 0.75 -24.31
N MET I 103 -13.61 -0.14 -23.33
CA MET I 103 -13.09 -1.49 -23.54
C MET I 103 -13.92 -2.20 -24.59
N ARG I 104 -15.23 -1.98 -24.56
CA ARG I 104 -16.12 -2.54 -25.57
C ARG I 104 -15.67 -2.08 -26.95
N ALA I 105 -15.48 -0.77 -27.11
CA ALA I 105 -15.04 -0.22 -28.38
C ALA I 105 -13.71 -0.80 -28.81
N GLN I 106 -12.79 -1.00 -27.87
CA GLN I 106 -11.52 -1.59 -28.23
C GLN I 106 -11.69 -3.03 -28.71
N PHE I 107 -12.47 -3.82 -27.99
CA PHE I 107 -12.65 -5.22 -28.35
C PHE I 107 -13.22 -5.39 -29.74
N MET I 108 -14.22 -4.61 -30.11
CA MET I 108 -14.81 -4.71 -31.43
C MET I 108 -13.78 -4.46 -32.53
N LEU I 109 -12.92 -3.47 -32.34
CA LEU I 109 -11.90 -3.16 -33.36
C LEU I 109 -10.93 -4.32 -33.55
N MET I 110 -10.54 -4.99 -32.46
CA MET I 110 -9.65 -6.13 -32.59
C MET I 110 -10.28 -7.21 -33.47
N LEU I 111 -11.57 -7.44 -33.32
CA LEU I 111 -12.23 -8.47 -34.13
C LEU I 111 -12.22 -8.12 -35.61
N ASP I 112 -12.46 -6.85 -35.96
CA ASP I 112 -12.47 -6.47 -37.37
C ASP I 112 -11.14 -6.79 -38.05
N MET I 113 -10.04 -6.58 -37.35
CA MET I 113 -8.74 -6.89 -37.95
C MET I 113 -8.56 -8.39 -38.13
N LEU I 114 -9.12 -9.19 -37.24
CA LEU I 114 -9.06 -10.64 -37.40
C LEU I 114 -9.89 -11.06 -38.62
N ARG I 115 -11.06 -10.45 -38.80
CA ARG I 115 -11.94 -10.73 -39.93
C ARG I 115 -11.22 -10.53 -41.26
N GLU I 116 -10.55 -9.40 -41.42
CA GLU I 116 -9.80 -9.11 -42.64
C GLU I 116 -8.71 -10.16 -42.91
N THR I 117 -8.03 -10.62 -41.88
CA THR I 117 -6.96 -11.60 -42.05
C THR I 117 -7.52 -12.90 -42.59
N ALA I 118 -8.68 -13.31 -42.10
CA ALA I 118 -9.35 -14.52 -42.56
C ALA I 118 -9.77 -14.39 -44.02
N GLN I 119 -10.39 -13.26 -44.37
CA GLN I 119 -10.87 -13.03 -45.73
C GLN I 119 -9.77 -13.18 -46.78
N GLU I 120 -8.59 -12.62 -46.54
CA GLU I 120 -7.50 -12.75 -47.51
C GLU I 120 -7.07 -14.19 -47.72
N SER I 121 -7.00 -14.97 -46.65
CA SER I 121 -6.62 -16.38 -46.77
C SER I 121 -7.65 -17.16 -47.59
N ALA I 122 -8.93 -16.86 -47.39
CA ALA I 122 -10.00 -17.52 -48.14
C ALA I 122 -9.92 -17.20 -49.63
N ASP I 123 -9.62 -15.94 -49.98
CA ASP I 123 -9.48 -15.56 -51.39
C ASP I 123 -8.35 -16.33 -52.05
N SER I 124 -7.28 -16.62 -51.33
CA SER I 124 -6.20 -17.40 -51.92
C SER I 124 -6.70 -18.79 -52.24
N MET I 125 -7.62 -19.32 -51.43
CA MET I 125 -8.20 -20.63 -51.69
C MET I 125 -9.17 -20.58 -52.87
N ASP I 126 -9.99 -19.53 -52.96
CA ASP I 126 -10.93 -19.37 -54.07
C ASP I 126 -10.20 -19.29 -55.40
N ALA I 127 -9.20 -18.42 -55.47
CA ALA I 127 -8.38 -18.25 -56.67
C ALA I 127 -7.78 -19.58 -57.11
N ASN I 128 -7.22 -20.32 -56.17
CA ASN I 128 -6.62 -21.61 -56.45
C ASN I 128 -7.63 -22.65 -56.91
N TYR I 129 -8.73 -22.82 -56.18
CA TYR I 129 -9.68 -23.87 -56.54
C TYR I 129 -10.32 -23.59 -57.91
N ARG I 130 -10.63 -22.34 -58.22
CA ARG I 130 -11.22 -22.01 -59.51
C ARG I 130 -10.23 -22.32 -60.64
N TRP I 131 -8.95 -22.13 -60.38
CA TRP I 131 -7.87 -22.40 -61.33
C TRP I 131 -7.78 -23.87 -61.71
N PHE I 132 -8.24 -24.77 -60.85
CA PHE I 132 -8.20 -26.20 -61.14
C PHE I 132 -9.51 -26.86 -61.54
N HIS I 133 -10.67 -26.35 -61.15
CA HIS I 133 -11.93 -27.02 -61.44
C HIS I 133 -13.01 -26.04 -61.91
N PRO I 134 -12.95 -25.64 -63.17
CA PRO I 134 -13.92 -24.67 -63.70
C PRO I 134 -15.33 -25.21 -63.90
N ALA I 135 -16.26 -24.27 -64.07
CA ALA I 135 -17.64 -24.61 -64.33
C ALA I 135 -17.80 -25.29 -65.68
N PRO I 136 -18.68 -26.30 -65.76
CA PRO I 136 -18.80 -27.11 -66.99
C PRO I 136 -19.08 -26.38 -68.30
N ASN I 137 -19.87 -25.30 -68.27
CA ASN I 137 -20.17 -24.55 -69.49
C ASN I 137 -18.96 -23.82 -70.06
N THR I 138 -17.98 -23.48 -69.22
CA THR I 138 -16.76 -22.79 -69.67
C THR I 138 -15.68 -23.72 -70.20
N LEU I 139 -15.80 -25.02 -69.95
CA LEU I 139 -14.76 -25.98 -70.35
C LEU I 139 -14.49 -26.00 -71.84
N ALA I 140 -15.51 -25.79 -72.66
CA ALA I 140 -15.34 -25.85 -74.12
C ALA I 140 -14.32 -24.84 -74.64
N ALA I 141 -14.41 -23.58 -74.23
CA ALA I 141 -13.45 -22.59 -74.72
C ALA I 141 -12.00 -22.89 -74.33
N ALA I 142 -11.77 -23.61 -73.23
CA ALA I 142 -10.42 -23.96 -72.74
C ALA I 142 -9.77 -25.13 -73.45
N VAL I 143 -10.50 -25.85 -74.29
CA VAL I 143 -9.99 -27.05 -74.97
C VAL I 143 -8.63 -26.82 -75.62
N GLY I 144 -8.41 -25.64 -76.22
CA GLY I 144 -7.13 -25.36 -76.84
C GLY I 144 -5.97 -25.06 -75.91
N SER I 145 -6.25 -24.62 -74.70
CA SER I 145 -5.21 -24.28 -73.75
C SER I 145 -4.45 -25.49 -73.22
N PRO I 146 -3.22 -25.27 -72.74
CA PRO I 146 -2.41 -26.33 -72.15
C PRO I 146 -2.94 -26.89 -70.83
N ARG I 147 -4.03 -26.31 -70.31
CA ARG I 147 -4.65 -26.76 -69.07
C ARG I 147 -5.33 -28.11 -69.24
N MET I 148 -5.66 -28.49 -70.47
CA MET I 148 -6.28 -29.77 -70.77
C MET I 148 -5.32 -30.94 -70.54
N TRP I 149 -5.86 -32.03 -69.97
CA TRP I 149 -5.13 -33.26 -69.66
C TRP I 149 -3.87 -33.02 -68.82
N GLU I 150 -3.95 -31.98 -67.98
CA GLU I 150 -2.83 -31.56 -67.13
C GLU I 150 -2.59 -32.48 -65.92
N ARG I 151 -3.61 -33.18 -65.43
CA ARG I 151 -3.51 -34.05 -64.26
C ARG I 151 -2.52 -35.20 -64.40
N LYS I 152 -1.69 -35.40 -63.36
CA LYS I 152 -0.71 -36.47 -63.37
C LYS I 152 -0.88 -37.44 -62.21
N PRO I 153 -0.69 -38.73 -62.46
CA PRO I 153 -0.79 -39.77 -61.42
C PRO I 153 0.48 -39.97 -60.60
N ASP I 154 1.60 -39.34 -60.98
CA ASP I 154 2.89 -39.57 -60.34
C ASP I 154 3.08 -39.06 -58.91
N GLY I 155 2.14 -39.40 -58.04
CA GLY I 155 2.18 -39.07 -56.63
C GLY I 155 2.16 -37.64 -56.15
N LYS I 156 2.97 -36.77 -56.77
CA LYS I 156 3.07 -35.40 -56.28
C LYS I 156 1.85 -34.55 -56.63
N ASP I 157 1.09 -34.91 -57.65
CA ASP I 157 -0.12 -34.17 -57.98
C ASP I 157 -1.26 -34.67 -57.08
N LEU I 158 -1.61 -33.86 -56.08
CA LEU I 158 -2.65 -34.16 -55.10
C LEU I 158 -4.07 -34.07 -55.66
N ASN I 159 -4.26 -33.51 -56.86
CA ASN I 159 -5.59 -33.38 -57.46
C ASN I 159 -6.00 -34.59 -58.27
N PHE I 160 -5.12 -35.57 -58.44
CA PHE I 160 -5.45 -36.74 -59.23
C PHE I 160 -6.62 -37.51 -58.64
N GLY I 161 -7.53 -37.93 -59.52
CA GLY I 161 -8.74 -38.64 -59.14
C GLY I 161 -9.85 -37.81 -58.53
N VAL I 162 -9.75 -36.49 -58.54
CA VAL I 162 -10.73 -35.60 -57.95
C VAL I 162 -11.58 -35.01 -59.08
N VAL I 163 -12.89 -34.99 -58.89
CA VAL I 163 -13.85 -34.49 -59.88
C VAL I 163 -14.85 -33.54 -59.24
N ARG I 164 -15.09 -32.41 -59.91
CA ARG I 164 -16.05 -31.39 -59.49
C ARG I 164 -17.49 -31.77 -59.79
N VAL I 165 -18.36 -31.69 -58.78
CA VAL I 165 -19.78 -32.04 -58.94
C VAL I 165 -20.71 -30.85 -58.75
N GLY I 166 -20.26 -29.75 -58.18
CA GLY I 166 -21.11 -28.59 -57.94
C GLY I 166 -20.46 -27.65 -56.94
N VAL I 167 -21.30 -26.88 -56.24
CA VAL I 167 -20.87 -25.94 -55.20
C VAL I 167 -21.60 -26.20 -53.88
N GLY I 168 -20.95 -25.82 -52.78
CA GLY I 168 -21.52 -26.02 -51.46
C GLY I 168 -20.61 -25.47 -50.37
N MET I 169 -20.78 -25.96 -49.13
CA MET I 169 -19.96 -25.52 -48.00
C MET I 169 -18.66 -26.32 -47.82
N THR I 170 -17.64 -25.66 -47.27
CA THR I 170 -16.37 -26.30 -46.96
C THR I 170 -15.65 -25.55 -45.83
N ARG I 171 -14.68 -26.25 -45.18
CA ARG I 171 -13.88 -25.68 -44.09
C ARG I 171 -12.69 -24.87 -44.59
N PRO I 172 -12.48 -23.64 -44.10
CA PRO I 172 -11.30 -22.87 -44.52
C PRO I 172 -10.00 -23.51 -44.02
N GLU I 173 -8.88 -23.00 -44.53
CA GLU I 173 -7.55 -23.46 -44.12
C GLU I 173 -7.04 -22.87 -42.81
N VAL I 174 -7.76 -21.94 -42.23
CA VAL I 174 -7.42 -21.26 -40.98
C VAL I 174 -7.69 -22.13 -39.75
N THR I 175 -6.93 -21.86 -38.68
CA THR I 175 -7.05 -22.52 -37.39
C THR I 175 -7.26 -21.48 -36.28
N TRP I 176 -8.47 -21.50 -35.70
CA TRP I 176 -8.88 -20.61 -34.61
C TRP I 176 -8.41 -21.16 -33.26
N GLY I 177 -7.78 -20.33 -32.46
CA GLY I 177 -7.32 -20.75 -31.13
C GLY I 177 -8.36 -20.42 -30.07
N GLU I 178 -8.60 -21.38 -29.17
CA GLU I 178 -9.60 -21.22 -28.13
C GLU I 178 -9.27 -20.10 -27.15
N PRO I 179 -10.28 -19.39 -26.65
CA PRO I 179 -10.04 -18.31 -25.70
C PRO I 179 -9.56 -18.85 -24.37
N GLN I 180 -8.51 -18.24 -23.82
CA GLN I 180 -7.96 -18.68 -22.54
C GLN I 180 -8.65 -18.03 -21.36
N ASN I 181 -8.57 -18.70 -20.21
CA ASN I 181 -9.15 -18.23 -18.95
C ASN I 181 -10.58 -17.76 -19.12
N MET I 182 -11.38 -18.54 -19.82
CA MET I 182 -12.75 -18.14 -20.13
C MET I 182 -13.58 -17.81 -18.88
N PRO I 183 -14.23 -16.65 -18.83
CA PRO I 183 -15.07 -16.32 -17.69
C PRO I 183 -16.27 -17.26 -17.60
N THR I 184 -16.69 -17.53 -16.37
CA THR I 184 -17.87 -18.37 -16.18
C THR I 184 -19.10 -17.74 -16.82
N ASP I 185 -20.03 -18.60 -17.23
CA ASP I 185 -21.25 -18.19 -17.92
C ASP I 185 -22.05 -17.10 -17.20
N ILE I 186 -22.01 -17.06 -15.87
CA ILE I 186 -22.72 -16.03 -15.10
C ILE I 186 -21.96 -14.73 -15.00
N GLU I 187 -20.75 -14.66 -15.53
CA GLU I 187 -19.88 -13.50 -15.41
C GLU I 187 -19.53 -12.84 -16.75
N LEU I 188 -20.01 -13.40 -17.86
CA LEU I 188 -19.75 -12.86 -19.19
C LEU I 188 -20.47 -11.55 -19.48
N GLU I 189 -19.75 -10.63 -20.10
CA GLU I 189 -20.34 -9.38 -20.57
C GLU I 189 -21.24 -9.67 -21.77
N PRO I 190 -22.47 -9.17 -21.79
CA PRO I 190 -23.40 -9.55 -22.86
C PRO I 190 -23.03 -9.06 -24.26
N VAL I 191 -22.32 -7.96 -24.41
CA VAL I 191 -22.00 -7.46 -25.74
C VAL I 191 -20.91 -8.30 -26.38
N THR I 192 -19.78 -8.40 -25.70
CA THR I 192 -18.64 -9.14 -26.23
C THR I 192 -18.93 -10.63 -26.34
N GLY I 193 -19.78 -11.15 -25.49
CA GLY I 193 -20.10 -12.55 -25.55
C GLY I 193 -20.74 -12.98 -26.85
N LYS I 194 -21.85 -12.38 -27.21
CA LYS I 194 -22.48 -12.73 -28.48
C LYS I 194 -21.56 -12.49 -29.66
N ALA I 195 -20.77 -11.43 -29.62
CA ALA I 195 -19.88 -11.14 -30.74
C ALA I 195 -18.93 -12.29 -30.99
N LEU I 196 -18.28 -12.79 -29.96
CA LEU I 196 -17.34 -13.90 -30.16
C LEU I 196 -18.08 -15.17 -30.50
N GLN I 197 -19.28 -15.33 -29.97
CA GLN I 197 -20.07 -16.52 -30.27
C GLN I 197 -20.48 -16.52 -31.74
N GLU I 198 -21.05 -15.42 -32.21
CA GLU I 198 -21.44 -15.35 -33.61
C GLU I 198 -20.23 -15.46 -34.53
N PHE I 199 -19.13 -14.82 -34.15
CA PHE I 199 -17.91 -14.88 -34.95
C PHE I 199 -17.56 -16.32 -35.25
N GLY I 200 -17.58 -17.17 -34.23
CA GLY I 200 -17.26 -18.58 -34.43
C GLY I 200 -18.24 -19.29 -35.34
N ARG I 201 -19.53 -19.03 -35.19
CA ARG I 201 -20.52 -19.73 -36.00
C ARG I 201 -20.41 -19.40 -37.47
N TYR I 202 -20.29 -18.12 -37.83
CA TYR I 202 -20.25 -17.82 -39.25
C TYR I 202 -18.84 -17.86 -39.81
N GLN I 203 -17.83 -17.46 -39.07
CA GLN I 203 -16.48 -17.47 -39.61
C GLN I 203 -15.86 -18.86 -39.70
N SER I 204 -16.56 -19.92 -39.32
CA SER I 204 -16.03 -21.27 -39.40
C SER I 204 -16.26 -21.98 -40.74
N VAL I 205 -16.93 -21.34 -41.71
CA VAL I 205 -17.23 -21.99 -42.98
C VAL I 205 -17.22 -20.93 -44.08
N VAL I 206 -16.92 -21.37 -45.30
CA VAL I 206 -16.93 -20.49 -46.47
C VAL I 206 -17.88 -21.06 -47.51
N TYR I 207 -18.77 -20.19 -47.99
CA TYR I 207 -19.80 -20.46 -48.97
C TYR I 207 -19.41 -20.34 -50.44
N ASN I 208 -20.11 -21.13 -51.27
CA ASN I 208 -20.00 -21.17 -52.73
C ASN I 208 -18.67 -21.71 -53.28
N LEU I 209 -18.03 -22.64 -52.59
CA LEU I 209 -16.80 -23.27 -53.10
C LEU I 209 -17.16 -24.53 -53.87
N PRO I 210 -16.36 -24.93 -54.85
CA PRO I 210 -16.66 -26.15 -55.62
C PRO I 210 -16.46 -27.41 -54.79
N LYS I 211 -17.51 -28.23 -54.72
CA LYS I 211 -17.48 -29.52 -54.04
C LYS I 211 -16.96 -30.57 -55.03
N MET I 212 -16.23 -31.56 -54.51
CA MET I 212 -15.63 -32.59 -55.35
C MET I 212 -15.80 -33.99 -54.77
N VAL I 213 -15.62 -34.99 -55.66
CA VAL I 213 -15.72 -36.41 -55.35
C VAL I 213 -14.44 -37.09 -55.83
N SER I 214 -13.96 -38.09 -55.08
CA SER I 214 -12.76 -38.84 -55.42
C SER I 214 -13.05 -40.28 -55.83
N LEU I 215 -12.50 -40.67 -56.99
CA LEU I 215 -12.65 -42.02 -57.55
C LEU I 215 -11.87 -43.07 -56.77
N LEU I 216 -10.68 -42.73 -56.29
CA LEU I 216 -9.78 -43.64 -55.59
C LEU I 216 -10.25 -44.01 -54.18
N VAL I 217 -11.39 -43.54 -53.72
CA VAL I 217 -11.86 -43.79 -52.36
C VAL I 217 -13.00 -44.80 -52.28
N GLU I 218 -13.75 -45.06 -53.35
CA GLU I 218 -14.85 -46.02 -53.26
C GLU I 218 -15.04 -46.85 -54.51
N PRO I 219 -15.51 -48.08 -54.35
CA PRO I 219 -15.81 -48.94 -55.52
C PRO I 219 -16.92 -48.40 -56.41
N TRP I 220 -17.94 -47.76 -55.85
CA TRP I 220 -19.04 -47.28 -56.67
C TRP I 220 -19.76 -46.14 -55.94
N TYR I 221 -20.62 -45.45 -56.69
CA TYR I 221 -21.46 -44.34 -56.20
C TYR I 221 -22.86 -44.46 -56.78
N ALA I 222 -23.83 -44.81 -55.93
CA ALA I 222 -25.23 -44.95 -56.33
C ALA I 222 -25.93 -43.60 -56.40
N LEU I 223 -26.47 -43.28 -57.59
CA LEU I 223 -27.19 -42.05 -57.87
C LEU I 223 -28.68 -42.32 -57.84
N VAL I 224 -29.40 -41.67 -56.93
CA VAL I 224 -30.85 -41.84 -56.77
C VAL I 224 -31.59 -40.53 -57.00
N GLY I 225 -32.44 -40.51 -58.03
CA GLY I 225 -33.21 -39.33 -58.39
C GLY I 225 -33.92 -39.57 -59.71
N GLU I 226 -34.59 -38.53 -60.22
CA GLU I 226 -35.24 -38.68 -61.52
C GLU I 226 -34.22 -38.83 -62.65
N ARG I 227 -34.63 -39.52 -63.71
CA ARG I 227 -33.75 -39.84 -64.84
C ARG I 227 -33.05 -38.61 -65.42
N GLU I 228 -33.81 -37.55 -65.66
CA GLU I 228 -33.25 -36.33 -66.25
C GLU I 228 -32.15 -35.72 -65.38
N GLN I 229 -32.34 -35.71 -64.07
CA GLN I 229 -31.32 -35.19 -63.16
C GLN I 229 -30.08 -36.08 -63.18
N VAL I 230 -30.27 -37.38 -63.04
CA VAL I 230 -29.16 -38.32 -63.00
C VAL I 230 -28.34 -38.24 -64.28
N LEU I 231 -29.00 -38.19 -65.43
CA LEU I 231 -28.27 -38.06 -66.70
C LEU I 231 -27.63 -36.68 -66.83
N GLY I 232 -28.28 -35.64 -66.32
CA GLY I 232 -27.70 -34.31 -66.37
C GLY I 232 -26.37 -34.24 -65.62
N LEU I 233 -26.36 -34.74 -64.40
CA LEU I 233 -25.15 -34.79 -63.58
C LEU I 233 -24.08 -35.71 -64.17
N MET I 234 -24.47 -36.89 -64.63
CA MET I 234 -23.53 -37.84 -65.20
C MET I 234 -22.82 -37.29 -66.42
N ARG I 235 -23.55 -36.64 -67.32
CA ARG I 235 -22.90 -36.04 -68.49
C ARG I 235 -21.88 -35.00 -68.04
N ALA I 236 -22.22 -34.23 -67.02
CA ALA I 236 -21.31 -33.22 -66.49
C ALA I 236 -20.07 -33.90 -65.93
N ILE I 237 -20.25 -35.01 -65.23
CA ILE I 237 -19.15 -35.77 -64.67
C ILE I 237 -18.22 -36.25 -65.78
N ILE I 238 -18.79 -36.79 -66.85
CA ILE I 238 -18.02 -37.31 -67.98
C ILE I 238 -17.15 -36.22 -68.62
N CYS I 239 -17.73 -35.06 -68.92
CA CYS I 239 -16.94 -34.03 -69.56
C CYS I 239 -15.92 -33.43 -68.60
N GLN I 240 -16.22 -33.40 -67.31
CA GLN I 240 -15.23 -32.90 -66.37
C GLN I 240 -13.99 -33.78 -66.35
N LEU I 241 -14.19 -35.09 -66.23
CA LEU I 241 -13.08 -36.04 -66.29
C LEU I 241 -12.35 -35.96 -67.63
N ALA I 242 -13.12 -35.99 -68.72
CA ALA I 242 -12.58 -35.99 -70.08
C ALA I 242 -11.68 -34.79 -70.34
N PHE I 243 -12.01 -33.63 -69.78
CA PHE I 243 -11.18 -32.46 -69.97
C PHE I 243 -9.93 -32.52 -69.10
N SER I 244 -10.07 -33.00 -67.87
CA SER I 244 -8.95 -32.99 -66.92
C SER I 244 -8.02 -34.20 -67.06
N HIS I 245 -8.55 -35.38 -67.39
CA HIS I 245 -7.73 -36.58 -67.54
C HIS I 245 -7.64 -37.03 -68.99
N GLY I 246 -6.43 -37.42 -69.40
CA GLY I 246 -6.15 -37.90 -70.73
C GLY I 246 -6.61 -39.34 -70.98
N PRO I 247 -6.80 -39.67 -72.26
CA PRO I 247 -7.25 -41.02 -72.62
C PRO I 247 -6.25 -42.12 -72.25
N ASP I 248 -4.96 -41.80 -72.13
CA ASP I 248 -3.92 -42.74 -71.71
C ASP I 248 -3.98 -43.04 -70.24
N HIS I 249 -4.75 -42.27 -69.49
CA HIS I 249 -4.91 -42.43 -68.06
C HIS I 249 -6.33 -42.81 -67.67
N VAL I 250 -7.31 -42.55 -68.51
CA VAL I 250 -8.70 -42.90 -68.23
C VAL I 250 -9.38 -43.47 -69.46
N GLN I 251 -10.11 -44.55 -69.24
CA GLN I 251 -10.94 -45.25 -70.22
C GLN I 251 -12.33 -45.34 -69.62
N MET I 252 -13.36 -45.18 -70.46
CA MET I 252 -14.75 -45.13 -70.02
C MET I 252 -15.64 -46.10 -70.77
N ILE I 253 -16.56 -46.74 -70.04
CA ILE I 253 -17.47 -47.75 -70.56
C ILE I 253 -18.89 -47.47 -70.08
N VAL I 254 -19.86 -47.66 -70.98
CA VAL I 254 -21.29 -47.51 -70.70
C VAL I 254 -22.03 -48.80 -70.99
N VAL I 255 -22.84 -49.24 -70.04
CA VAL I 255 -23.70 -50.42 -70.18
C VAL I 255 -25.11 -49.84 -70.08
N SER I 256 -25.79 -49.73 -71.22
CA SER I 256 -27.11 -49.12 -71.27
C SER I 256 -27.98 -49.74 -72.35
N SER I 257 -29.29 -49.72 -72.09
CA SER I 257 -30.30 -50.17 -73.04
C SER I 257 -30.79 -49.04 -73.93
N ASP I 258 -30.82 -47.82 -73.40
CA ASP I 258 -31.25 -46.61 -74.12
C ASP I 258 -30.09 -45.96 -74.87
N LEU I 259 -29.61 -46.70 -75.87
CA LEU I 259 -28.47 -46.30 -76.69
C LEU I 259 -28.66 -44.94 -77.36
N ASP I 260 -29.91 -44.53 -77.61
CA ASP I 260 -30.21 -43.24 -78.23
C ASP I 260 -29.80 -42.05 -77.39
N GLN I 261 -29.68 -42.22 -76.08
CA GLN I 261 -29.26 -41.17 -75.15
C GLN I 261 -27.76 -40.99 -75.09
N TRP I 262 -26.99 -42.00 -75.49
CA TRP I 262 -25.53 -42.01 -75.47
C TRP I 262 -24.92 -41.81 -76.86
N ASP I 263 -25.72 -41.41 -77.86
CA ASP I 263 -25.28 -41.24 -79.24
C ASP I 263 -24.12 -40.28 -79.37
N TRP I 264 -24.12 -39.22 -78.58
CA TRP I 264 -23.05 -38.22 -78.57
C TRP I 264 -21.69 -38.77 -78.12
N VAL I 265 -21.64 -39.90 -77.43
CA VAL I 265 -20.39 -40.48 -76.93
C VAL I 265 -19.41 -40.83 -78.06
N LYS I 266 -19.93 -41.08 -79.26
CA LYS I 266 -19.13 -41.47 -80.42
C LYS I 266 -17.86 -40.62 -80.64
N TRP I 267 -17.95 -39.31 -80.46
CA TRP I 267 -16.78 -38.45 -80.69
C TRP I 267 -15.65 -38.57 -79.66
N LEU I 268 -15.93 -38.93 -78.40
CA LEU I 268 -14.86 -38.93 -77.40
C LEU I 268 -13.79 -40.01 -77.59
N PRO I 269 -12.51 -39.64 -77.45
CA PRO I 269 -11.38 -40.58 -77.58
C PRO I 269 -11.22 -41.53 -76.42
N HIS I 270 -11.67 -41.11 -75.24
CA HIS I 270 -11.61 -41.93 -74.03
C HIS I 270 -12.41 -43.21 -74.15
N PHE I 271 -13.33 -43.29 -75.11
CA PHE I 271 -14.16 -44.47 -75.35
C PHE I 271 -13.63 -45.42 -76.42
N GLY I 272 -12.39 -45.23 -76.91
CA GLY I 272 -11.81 -46.10 -77.91
C GLY I 272 -11.12 -47.32 -77.31
N ASP I 273 -10.62 -48.18 -78.19
CA ASP I 273 -9.90 -49.39 -77.78
C ASP I 273 -9.04 -49.89 -78.94
N SER I 274 -8.19 -50.87 -78.63
CA SER I 274 -7.32 -51.52 -79.62
C SER I 274 -8.13 -52.28 -80.67
N MET I 285 -18.21 -48.79 -78.07
CA MET I 285 -17.78 -49.52 -76.88
C MET I 285 -18.87 -49.43 -75.81
N VAL I 286 -20.12 -49.38 -76.27
CA VAL I 286 -21.30 -49.36 -75.39
C VAL I 286 -21.91 -50.74 -75.48
N TYR I 287 -22.27 -51.31 -74.32
CA TYR I 287 -22.81 -52.65 -74.27
C TYR I 287 -24.27 -52.68 -73.86
N THR I 288 -25.01 -53.61 -74.47
CA THR I 288 -26.44 -53.76 -74.27
C THR I 288 -26.79 -54.60 -73.05
N SER I 289 -25.90 -55.50 -72.62
CA SER I 289 -26.21 -56.33 -71.48
C SER I 289 -24.92 -56.82 -70.82
N VAL I 290 -25.06 -57.29 -69.59
CA VAL I 290 -23.95 -57.81 -68.81
C VAL I 290 -23.29 -59.00 -69.50
N ARG I 291 -24.08 -59.84 -70.16
CA ARG I 291 -23.51 -60.99 -70.86
C ARG I 291 -22.58 -60.53 -71.98
N GLU I 292 -22.95 -59.48 -72.69
CA GLU I 292 -22.13 -58.96 -73.76
C GLU I 292 -20.85 -58.33 -73.20
N PHE I 293 -20.99 -57.54 -72.15
CA PHE I 293 -19.84 -56.93 -71.46
C PHE I 293 -18.91 -57.99 -70.86
N ALA I 294 -19.49 -59.04 -70.28
CA ALA I 294 -18.72 -60.11 -69.63
C ALA I 294 -17.78 -60.81 -70.61
N ALA I 295 -18.25 -61.05 -71.82
CA ALA I 295 -17.45 -61.72 -72.83
C ALA I 295 -16.27 -60.87 -73.32
N GLU I 296 -16.51 -59.62 -73.65
CA GLU I 296 -15.47 -58.74 -74.18
C GLU I 296 -14.56 -58.15 -73.10
N GLN I 297 -15.11 -57.38 -72.18
CA GLN I 297 -14.37 -56.65 -71.17
C GLN I 297 -14.05 -57.43 -69.89
N ALA I 298 -15.04 -58.09 -69.27
CA ALA I 298 -14.77 -58.77 -68.00
C ALA I 298 -13.70 -59.85 -68.13
N GLU I 299 -13.57 -60.49 -69.29
CA GLU I 299 -12.51 -61.47 -69.46
C GLU I 299 -11.13 -60.86 -69.19
N LEU I 300 -10.96 -59.57 -69.48
CA LEU I 300 -9.71 -58.87 -69.24
C LEU I 300 -9.53 -58.37 -67.81
N PHE I 301 -10.52 -57.65 -67.30
CA PHE I 301 -10.50 -57.00 -65.97
C PHE I 301 -10.81 -57.89 -64.76
N ALA I 302 -11.67 -58.89 -64.87
CA ALA I 302 -12.02 -59.72 -63.70
C ALA I 302 -10.88 -60.63 -63.23
N GLY I 303 -9.82 -60.75 -64.02
CA GLY I 303 -8.69 -61.64 -63.73
C GLY I 303 -8.12 -61.51 -62.32
N ARG I 304 -8.00 -60.29 -61.76
CA ARG I 304 -7.41 -60.19 -60.42
C ARG I 304 -7.88 -58.97 -59.64
N GLY I 305 -7.70 -59.09 -58.30
CA GLY I 305 -7.94 -58.03 -57.35
C GLY I 305 -9.35 -57.75 -56.85
N SER I 306 -9.38 -56.76 -55.95
CA SER I 306 -10.57 -56.21 -55.29
C SER I 306 -10.22 -54.79 -54.89
N PHE I 307 -11.24 -53.97 -54.62
CA PHE I 307 -11.01 -52.57 -54.28
C PHE I 307 -10.13 -52.39 -53.04
N THR I 308 -9.35 -51.30 -53.08
CA THR I 308 -8.38 -50.87 -52.07
C THR I 308 -8.27 -49.36 -51.99
N PRO I 309 -8.80 -48.71 -50.95
CA PRO I 309 -8.71 -47.24 -50.85
C PRO I 309 -7.27 -46.73 -50.83
N ARG I 310 -6.97 -45.80 -51.74
CA ARG I 310 -5.66 -45.19 -51.92
C ARG I 310 -5.55 -43.80 -51.30
N HIS I 311 -4.43 -43.15 -51.59
CA HIS I 311 -4.09 -41.80 -51.15
C HIS I 311 -3.12 -41.22 -52.17
N ALA I 312 -2.95 -39.90 -52.11
CA ALA I 312 -2.09 -39.18 -53.07
C ALA I 312 -0.72 -39.84 -53.25
N SER I 313 0.00 -40.09 -52.16
CA SER I 313 1.33 -40.69 -52.29
C SER I 313 1.25 -42.09 -52.92
N SER I 314 0.20 -42.85 -52.63
CA SER I 314 -0.01 -44.18 -53.20
C SER I 314 -0.30 -44.17 -54.70
N SER I 315 -0.79 -43.05 -55.23
CA SER I 315 -1.13 -42.92 -56.64
C SER I 315 -0.01 -43.30 -57.62
N ALA I 316 1.25 -43.16 -57.22
CA ALA I 316 2.34 -43.57 -58.11
C ALA I 316 2.37 -45.06 -58.43
N GLN I 317 1.79 -45.90 -57.58
CA GLN I 317 1.83 -47.35 -57.75
C GLN I 317 0.71 -47.93 -58.63
N THR I 318 -0.48 -47.34 -58.62
CA THR I 318 -1.59 -47.88 -59.40
C THR I 318 -1.36 -47.76 -60.91
N PRO I 319 -1.79 -48.75 -61.70
CA PRO I 319 -1.61 -48.71 -63.15
C PRO I 319 -2.29 -47.53 -63.82
N THR I 320 -1.70 -47.11 -64.94
CA THR I 320 -2.19 -45.94 -65.67
C THR I 320 -3.63 -46.01 -66.17
N PRO I 321 -4.15 -47.11 -66.79
CA PRO I 321 -5.53 -46.99 -67.30
C PRO I 321 -6.61 -47.22 -66.26
N HIS I 322 -7.13 -46.14 -65.69
CA HIS I 322 -8.23 -46.24 -64.75
C HIS I 322 -9.52 -46.39 -65.54
N THR I 323 -10.39 -47.29 -65.11
CA THR I 323 -11.63 -47.58 -65.82
C THR I 323 -12.85 -47.03 -65.09
N VAL I 324 -13.69 -46.33 -65.84
CA VAL I 324 -14.96 -45.79 -65.36
C VAL I 324 -16.06 -46.55 -66.09
N ILE I 325 -16.96 -47.15 -65.31
CA ILE I 325 -18.06 -47.96 -65.81
C ILE I 325 -19.39 -47.35 -65.41
N ILE I 326 -20.28 -47.21 -66.40
CA ILE I 326 -21.60 -46.62 -66.23
C ILE I 326 -22.64 -47.72 -66.43
N ALA I 327 -23.47 -47.91 -65.40
CA ALA I 327 -24.52 -48.93 -65.38
C ALA I 327 -25.90 -48.30 -65.59
N ASP I 328 -26.57 -48.71 -66.67
CA ASP I 328 -27.88 -48.19 -67.10
C ASP I 328 -28.77 -49.33 -67.62
N VAL I 329 -28.55 -50.57 -67.17
CA VAL I 329 -29.33 -51.71 -67.63
C VAL I 329 -30.13 -52.41 -66.53
N ASP I 330 -29.77 -52.33 -65.26
CA ASP I 330 -30.50 -53.03 -64.19
C ASP I 330 -30.55 -54.56 -64.37
N ASP I 331 -29.52 -55.12 -65.01
CA ASP I 331 -29.43 -56.57 -65.19
C ASP I 331 -29.09 -57.25 -63.86
N PRO I 332 -29.82 -58.29 -63.44
CA PRO I 332 -29.52 -58.96 -62.16
C PRO I 332 -28.20 -59.72 -62.15
N GLN I 333 -27.61 -60.01 -63.32
CA GLN I 333 -26.34 -60.74 -63.43
C GLN I 333 -25.17 -60.04 -62.74
N TRP I 334 -25.27 -58.73 -62.49
CA TRP I 334 -24.18 -57.95 -61.88
C TRP I 334 -23.76 -58.40 -60.47
N GLU I 335 -24.59 -59.18 -59.78
CA GLU I 335 -24.29 -59.62 -58.42
C GLU I 335 -22.89 -60.22 -58.24
N TYR I 336 -22.37 -60.91 -59.27
CA TYR I 336 -21.06 -61.56 -59.21
C TYR I 336 -19.92 -60.59 -58.81
N VAL I 337 -19.81 -59.45 -59.46
CA VAL I 337 -18.76 -58.46 -59.15
C VAL I 337 -19.08 -57.63 -57.90
N ILE I 338 -20.36 -57.33 -57.64
CA ILE I 338 -20.76 -56.48 -56.52
C ILE I 338 -20.59 -57.19 -55.16
N SER I 339 -21.04 -58.44 -55.05
CA SER I 339 -20.84 -59.15 -53.80
C SER I 339 -19.37 -59.41 -53.50
N ALA I 340 -18.50 -59.40 -54.50
CA ALA I 340 -17.08 -59.62 -54.33
C ALA I 340 -16.31 -58.34 -53.99
N GLU I 341 -17.01 -57.22 -53.83
CA GLU I 341 -16.41 -55.92 -53.55
C GLU I 341 -15.51 -55.43 -54.68
N GLY I 342 -16.02 -55.53 -55.90
CA GLY I 342 -15.36 -55.02 -57.10
C GLY I 342 -13.97 -55.54 -57.40
N VAL I 343 -13.23 -54.67 -58.07
CA VAL I 343 -11.84 -54.87 -58.48
C VAL I 343 -11.13 -53.52 -58.45
N ASP I 344 -9.81 -53.55 -58.27
CA ASP I 344 -9.02 -52.32 -58.28
C ASP I 344 -8.87 -51.80 -59.71
N GLY I 345 -8.81 -50.47 -59.84
CA GLY I 345 -8.66 -49.82 -61.13
C GLY I 345 -9.95 -49.63 -61.91
N VAL I 346 -11.10 -49.85 -61.27
CA VAL I 346 -12.42 -49.72 -61.88
C VAL I 346 -13.32 -48.98 -60.89
N THR I 347 -14.27 -48.21 -61.43
CA THR I 347 -15.24 -47.53 -60.58
C THR I 347 -16.58 -47.51 -61.30
N PHE I 348 -17.64 -47.84 -60.57
CA PHE I 348 -18.99 -47.92 -61.11
C PHE I 348 -19.92 -46.81 -60.60
N PHE I 349 -20.74 -46.31 -61.52
CA PHE I 349 -21.80 -45.33 -61.31
C PHE I 349 -23.11 -45.98 -61.72
N ASP I 350 -24.02 -46.18 -60.77
CA ASP I 350 -25.31 -46.77 -61.06
C ASP I 350 -26.32 -45.67 -61.38
N LEU I 351 -26.82 -45.70 -62.63
CA LEU I 351 -27.81 -44.74 -63.10
C LEU I 351 -29.24 -45.23 -62.91
N THR I 352 -29.42 -46.48 -62.51
CA THR I 352 -30.73 -47.08 -62.33
C THR I 352 -31.26 -47.00 -60.91
N GLY I 353 -30.38 -47.11 -59.91
CA GLY I 353 -30.82 -47.11 -58.54
C GLY I 353 -31.31 -48.49 -58.15
N SER I 354 -30.54 -49.52 -58.51
CA SER I 354 -30.88 -50.90 -58.23
C SER I 354 -30.39 -51.35 -56.86
N SER I 355 -31.16 -52.28 -56.28
CA SER I 355 -31.04 -52.65 -54.87
C SER I 355 -29.62 -53.10 -54.49
N MET I 356 -28.91 -53.75 -55.40
CA MET I 356 -27.56 -54.24 -55.09
C MET I 356 -26.58 -53.12 -54.86
N TRP I 357 -26.75 -52.01 -55.54
CA TRP I 357 -25.87 -50.86 -55.39
C TRP I 357 -26.34 -49.98 -54.25
N THR I 358 -27.64 -49.97 -54.01
CA THR I 358 -28.35 -49.14 -53.05
C THR I 358 -28.24 -49.64 -51.61
N ASP I 359 -27.46 -50.69 -51.33
CA ASP I 359 -27.33 -51.20 -49.97
C ASP I 359 -26.14 -50.62 -49.19
N ILE I 360 -25.55 -49.53 -49.65
CA ILE I 360 -24.44 -48.95 -48.90
C ILE I 360 -24.57 -47.42 -48.81
N PRO I 361 -24.94 -46.90 -47.63
CA PRO I 361 -25.07 -45.44 -47.49
C PRO I 361 -23.78 -44.71 -47.80
N GLU I 362 -22.64 -45.30 -47.46
CA GLU I 362 -21.33 -44.71 -47.73
C GLU I 362 -21.04 -44.61 -49.22
N ARG I 363 -21.94 -45.13 -50.06
CA ARG I 363 -21.84 -45.06 -51.52
C ARG I 363 -23.13 -44.55 -52.18
N LYS I 364 -24.04 -43.93 -51.43
CA LYS I 364 -25.32 -43.46 -51.96
C LYS I 364 -25.43 -41.94 -51.99
N LEU I 365 -25.87 -41.42 -53.16
CA LEU I 365 -26.13 -40.00 -53.41
C LEU I 365 -27.62 -39.79 -53.70
N GLN I 366 -28.28 -38.98 -52.87
CA GLN I 366 -29.71 -38.66 -52.94
C GLN I 366 -29.98 -37.29 -53.53
N PHE I 367 -30.88 -37.20 -54.51
CA PHE I 367 -31.23 -35.94 -55.17
C PHE I 367 -32.58 -35.41 -54.68
N ASP I 368 -32.60 -34.13 -54.29
CA ASP I 368 -33.81 -33.42 -53.87
C ASP I 368 -34.55 -32.82 -55.07
N LYS I 369 -35.82 -32.49 -54.84
CA LYS I 369 -36.63 -31.88 -55.89
C LYS I 369 -36.01 -30.60 -56.41
N THR I 370 -35.24 -29.92 -55.58
CA THR I 370 -34.55 -28.70 -55.98
C THR I 370 -33.21 -28.96 -56.63
N GLY I 371 -32.83 -30.21 -56.83
CA GLY I 371 -31.54 -30.51 -57.42
C GLY I 371 -30.40 -30.52 -56.42
N VAL I 372 -30.71 -30.34 -55.15
CA VAL I 372 -29.71 -30.39 -54.07
C VAL I 372 -29.45 -31.85 -53.72
N ILE I 373 -28.18 -32.20 -53.60
CA ILE I 373 -27.76 -33.56 -53.25
C ILE I 373 -27.36 -33.61 -51.78
N GLU I 374 -27.76 -34.71 -51.12
CA GLU I 374 -27.44 -35.02 -49.74
C GLU I 374 -26.63 -36.30 -49.62
N ALA I 375 -25.69 -36.33 -48.67
CA ALA I 375 -24.84 -37.50 -48.47
C ALA I 375 -24.17 -37.43 -47.10
N LEU I 376 -23.44 -38.48 -46.76
CA LEU I 376 -22.66 -38.51 -45.55
C LEU I 376 -21.43 -37.59 -45.67
N PRO I 377 -21.03 -36.96 -44.57
CA PRO I 377 -19.85 -36.08 -44.59
C PRO I 377 -18.51 -36.82 -44.60
N ARG I 378 -17.57 -36.27 -45.36
CA ARG I 378 -16.22 -36.79 -45.45
C ARG I 378 -15.22 -35.67 -45.17
N ASP I 379 -14.14 -36.02 -44.50
CA ASP I 379 -13.09 -35.05 -44.16
C ASP I 379 -12.37 -34.54 -45.40
N ARG I 380 -12.29 -33.22 -45.53
CA ARG I 380 -11.57 -32.63 -46.66
C ARG I 380 -10.11 -33.05 -46.69
N ASP I 381 -9.52 -33.28 -45.54
CA ASP I 381 -8.09 -33.55 -45.51
C ASP I 381 -7.75 -35.02 -45.75
N THR I 382 -8.63 -35.96 -45.38
CA THR I 382 -8.34 -37.37 -45.57
C THR I 382 -9.40 -38.12 -46.37
N TRP I 383 -10.51 -37.47 -46.74
CA TRP I 383 -11.60 -38.13 -47.46
C TRP I 383 -12.26 -39.25 -46.63
N MET I 384 -11.90 -39.38 -45.36
CA MET I 384 -12.51 -40.38 -44.49
C MET I 384 -13.94 -40.02 -44.14
N VAL I 385 -14.82 -41.03 -44.06
CA VAL I 385 -16.19 -40.74 -43.64
C VAL I 385 -16.15 -40.41 -42.16
N ILE I 386 -16.81 -39.31 -41.78
CA ILE I 386 -16.79 -38.88 -40.38
C ILE I 386 -18.12 -39.03 -39.67
N ASP I 387 -19.20 -39.40 -40.36
CA ASP I 387 -20.46 -39.54 -39.64
C ASP I 387 -21.37 -40.54 -40.35
N ASP I 388 -22.34 -41.04 -39.60
CA ASP I 388 -23.33 -42.01 -40.08
C ASP I 388 -24.67 -41.39 -40.49
N LYS I 389 -24.87 -40.09 -40.30
CA LYS I 389 -26.11 -39.44 -40.69
C LYS I 389 -25.88 -38.52 -41.88
N ALA I 390 -26.75 -38.67 -42.88
CA ALA I 390 -26.72 -37.95 -44.15
C ALA I 390 -27.07 -36.48 -43.98
N TRP I 391 -26.45 -35.64 -44.80
CA TRP I 391 -26.63 -34.21 -44.69
C TRP I 391 -26.37 -33.54 -46.04
N PHE I 392 -26.66 -32.23 -46.09
CA PHE I 392 -26.45 -31.42 -47.31
C PHE I 392 -25.06 -31.58 -47.88
N PHE I 393 -24.97 -31.72 -49.22
CA PHE I 393 -23.67 -31.86 -49.86
C PHE I 393 -23.34 -30.84 -50.95
N ALA I 394 -24.16 -30.70 -51.99
CA ALA I 394 -23.83 -29.76 -53.06
C ALA I 394 -25.04 -29.40 -53.92
N LEU I 395 -24.95 -28.25 -54.58
CA LEU I 395 -25.96 -27.80 -55.55
C LEU I 395 -25.60 -28.33 -56.93
N THR I 396 -26.51 -29.09 -57.55
CA THR I 396 -26.28 -29.71 -58.85
C THR I 396 -26.11 -28.74 -60.02
N ASP I 397 -25.11 -29.03 -60.86
CA ASP I 397 -24.81 -28.37 -62.13
C ASP I 397 -25.13 -29.33 -63.27
N GLN I 398 -25.72 -28.86 -64.39
CA GLN I 398 -26.07 -29.83 -65.44
C GLN I 398 -25.92 -29.29 -66.86
N VAL I 399 -25.66 -30.22 -67.81
CA VAL I 399 -25.47 -29.93 -69.23
C VAL I 399 -26.41 -30.78 -70.10
N SER I 400 -26.84 -30.21 -71.23
CA SER I 400 -27.73 -30.86 -72.19
C SER I 400 -26.99 -31.84 -73.10
N ILE I 401 -27.80 -32.63 -73.82
CA ILE I 401 -27.31 -33.59 -74.82
C ILE I 401 -26.57 -32.85 -75.92
N ALA I 402 -27.12 -31.72 -76.34
CA ALA I 402 -26.52 -30.86 -77.35
C ALA I 402 -25.17 -30.35 -76.88
N GLU I 403 -25.12 -29.87 -75.65
CA GLU I 403 -23.88 -29.39 -75.07
C GLU I 403 -22.82 -30.48 -74.98
N ALA I 404 -23.22 -31.69 -74.61
CA ALA I 404 -22.28 -32.80 -74.51
C ALA I 404 -21.65 -33.12 -75.87
N GLU I 405 -22.45 -33.23 -76.92
CA GLU I 405 -21.90 -33.49 -78.26
C GLU I 405 -21.06 -32.32 -78.72
N GLU I 406 -21.50 -31.11 -78.42
CA GLU I 406 -20.76 -29.92 -78.82
C GLU I 406 -19.37 -29.95 -78.19
N PHE I 407 -19.31 -30.25 -76.90
CA PHE I 407 -18.04 -30.37 -76.21
C PHE I 407 -17.23 -31.53 -76.76
N ALA I 408 -17.89 -32.66 -77.01
CA ALA I 408 -17.24 -33.86 -77.54
C ALA I 408 -16.62 -33.62 -78.93
N GLN I 409 -17.31 -32.89 -79.80
CA GLN I 409 -16.75 -32.58 -81.12
C GLN I 409 -15.48 -31.73 -81.01
N LYS I 410 -15.51 -30.72 -80.14
CA LYS I 410 -14.34 -29.87 -79.90
C LYS I 410 -13.15 -30.68 -79.37
N LEU I 411 -13.41 -31.61 -78.43
CA LEU I 411 -12.36 -32.45 -77.86
C LEU I 411 -11.84 -33.49 -78.86
N ALA I 412 -12.71 -34.01 -79.72
CA ALA I 412 -12.31 -35.02 -80.70
C ALA I 412 -11.23 -34.53 -81.65
N GLN I 413 -11.05 -33.22 -81.78
CA GLN I 413 -10.05 -32.65 -82.68
C GLN I 413 -8.59 -32.91 -82.27
N TRP I 414 -8.29 -33.32 -81.04
CA TRP I 414 -6.90 -33.46 -80.60
C TRP I 414 -6.48 -34.91 -80.30
N ARG I 415 -5.18 -35.15 -80.49
CA ARG I 415 -4.50 -36.42 -80.27
C ARG I 415 -3.12 -36.20 -79.67
N LEU I 416 -2.52 -37.26 -79.13
CA LEU I 416 -1.15 -37.21 -78.61
C LEU I 416 -0.21 -36.55 -79.62
N MET J 1 -43.68 -84.40 -23.40
CA MET J 1 -43.03 -83.76 -24.54
C MET J 1 -43.00 -82.24 -24.35
N LYS J 2 -41.81 -81.68 -24.57
CA LYS J 2 -41.50 -80.26 -24.36
C LYS J 2 -41.00 -79.57 -25.62
N ARG J 3 -41.23 -78.25 -25.66
CA ARG J 3 -40.68 -77.44 -26.73
C ARG J 3 -39.18 -77.20 -26.56
N GLY J 4 -38.47 -77.34 -27.67
CA GLY J 4 -37.03 -77.13 -27.67
C GLY J 4 -36.68 -75.66 -27.54
N PHE J 5 -35.54 -75.40 -26.91
CA PHE J 5 -35.09 -74.03 -26.70
C PHE J 5 -33.57 -73.90 -26.71
N ALA J 6 -33.06 -73.12 -27.65
CA ALA J 6 -31.64 -72.82 -27.74
C ALA J 6 -31.47 -71.35 -27.37
N ARG J 7 -30.60 -71.09 -26.40
CA ARG J 7 -30.33 -69.73 -25.92
C ARG J 7 -29.39 -68.95 -26.83
N PRO J 8 -29.83 -67.82 -27.39
CA PRO J 8 -29.01 -67.01 -28.28
C PRO J 8 -28.08 -66.09 -27.48
N THR J 9 -27.26 -65.31 -28.19
CA THR J 9 -26.34 -64.38 -27.53
C THR J 9 -27.11 -63.31 -26.75
N PRO J 10 -26.78 -63.09 -25.47
CA PRO J 10 -27.49 -62.09 -24.68
C PRO J 10 -27.50 -60.69 -25.30
N GLU J 11 -28.63 -60.00 -25.19
CA GLU J 11 -28.79 -58.66 -25.71
C GLU J 11 -27.99 -57.66 -24.84
N LYS J 12 -27.57 -56.53 -25.41
CA LYS J 12 -26.75 -55.56 -24.66
C LYS J 12 -27.47 -54.86 -23.49
N PRO J 13 -26.91 -54.91 -22.28
CA PRO J 13 -27.47 -54.25 -21.11
C PRO J 13 -27.24 -52.75 -21.13
N PRO J 14 -28.08 -51.97 -20.42
CA PRO J 14 -27.87 -50.51 -20.33
C PRO J 14 -26.64 -50.18 -19.49
N VAL J 15 -25.68 -49.50 -20.11
CA VAL J 15 -24.39 -49.17 -19.47
C VAL J 15 -24.54 -48.17 -18.31
N ILE J 16 -23.91 -48.50 -17.18
CA ILE J 16 -23.86 -47.66 -15.97
C ILE J 16 -22.70 -46.68 -16.14
N LYS J 17 -22.86 -45.45 -15.66
CA LYS J 17 -21.76 -44.46 -15.75
C LYS J 17 -21.22 -44.03 -14.39
N PRO J 18 -19.99 -44.42 -14.02
CA PRO J 18 -19.42 -43.99 -12.74
C PRO J 18 -19.05 -42.51 -12.74
N GLU J 19 -18.89 -41.94 -11.53
CA GLU J 19 -18.58 -40.52 -11.39
C GLU J 19 -17.78 -40.15 -10.15
N ASN J 20 -16.66 -39.45 -10.36
CA ASN J 20 -15.83 -38.89 -9.30
C ASN J 20 -16.13 -37.39 -9.18
N ILE J 21 -16.65 -36.95 -8.03
CA ILE J 21 -17.02 -35.55 -7.82
C ILE J 21 -16.44 -35.00 -6.52
N VAL J 22 -15.75 -33.86 -6.59
CA VAL J 22 -15.16 -33.23 -5.41
C VAL J 22 -16.07 -32.05 -5.01
N LEU J 23 -16.47 -32.02 -3.74
CA LEU J 23 -17.42 -31.01 -3.26
C LEU J 23 -16.87 -29.58 -3.17
N SER J 24 -17.79 -28.62 -3.31
CA SER J 24 -17.54 -27.18 -3.22
C SER J 24 -17.16 -26.76 -1.79
N THR J 25 -16.11 -25.96 -1.64
CA THR J 25 -15.70 -25.51 -0.30
C THR J 25 -16.70 -24.54 0.29
N PRO J 26 -17.11 -24.73 1.55
CA PRO J 26 -18.08 -23.82 2.16
C PRO J 26 -17.60 -22.38 2.15
N LEU J 27 -18.54 -21.48 2.43
CA LEU J 27 -18.24 -20.06 2.51
C LEU J 27 -17.59 -19.73 3.86
N SER J 28 -16.77 -18.69 3.91
CA SER J 28 -16.04 -18.30 5.13
C SER J 28 -16.74 -17.15 5.87
N ILE J 29 -16.94 -17.30 7.17
CA ILE J 29 -17.62 -16.28 7.97
C ILE J 29 -16.78 -15.00 8.02
N PRO J 30 -17.37 -13.80 8.06
CA PRO J 30 -16.59 -12.56 8.16
C PRO J 30 -15.80 -12.42 9.46
N PRO J 31 -14.82 -11.52 9.50
CA PRO J 31 -13.99 -11.27 10.72
C PRO J 31 -14.63 -10.27 11.68
N PRO J 32 -14.54 -10.48 13.00
CA PRO J 32 -15.06 -9.49 13.95
C PRO J 32 -14.21 -8.21 13.98
N GLU J 33 -14.78 -7.11 14.50
CA GLU J 33 -14.06 -5.82 14.54
C GLU J 33 -14.37 -4.97 15.78
N GLY J 34 -13.45 -4.05 16.11
CA GLY J 34 -13.63 -3.12 17.22
C GLY J 34 -14.44 -1.86 16.86
N LYS J 35 -15.39 -1.47 17.71
CA LYS J 35 -16.23 -0.31 17.42
C LYS J 35 -15.42 0.99 17.24
N PRO J 36 -15.92 1.92 16.39
CA PRO J 36 -15.23 3.19 16.09
C PRO J 36 -15.40 4.30 17.14
N TRP J 37 -14.45 4.45 18.05
CA TRP J 37 -14.51 5.48 19.09
C TRP J 37 -14.58 6.93 18.56
N TRP J 38 -13.84 7.25 17.51
CA TRP J 38 -13.78 8.60 16.95
C TRP J 38 -15.00 8.96 16.09
N LEU J 39 -16.10 8.22 16.31
CA LEU J 39 -17.39 8.46 15.68
C LEU J 39 -18.42 8.60 16.81
N ILE J 40 -18.43 7.64 17.74
CA ILE J 40 -19.36 7.67 18.88
C ILE J 40 -19.11 8.89 19.74
N VAL J 41 -17.85 9.31 19.82
CA VAL J 41 -17.48 10.52 20.56
C VAL J 41 -18.18 11.72 19.94
N VAL J 42 -18.26 11.76 18.62
CA VAL J 42 -18.92 12.85 17.92
C VAL J 42 -20.40 12.87 18.27
N GLY J 43 -21.06 11.72 18.17
CA GLY J 43 -22.49 11.59 18.45
C GLY J 43 -22.91 11.98 19.86
N VAL J 44 -22.16 11.55 20.87
CA VAL J 44 -22.53 11.90 22.25
C VAL J 44 -22.40 13.40 22.47
N VAL J 45 -21.52 14.07 21.72
CA VAL J 45 -21.41 15.51 21.83
C VAL J 45 -22.62 16.17 21.16
N VAL J 46 -22.96 15.71 19.96
CA VAL J 46 -24.09 16.26 19.22
C VAL J 46 -25.38 16.16 20.04
N VAL J 47 -25.64 15.00 20.63
CA VAL J 47 -26.87 14.88 21.43
C VAL J 47 -26.80 15.75 22.67
N GLY J 48 -25.62 15.92 23.26
CA GLY J 48 -25.48 16.78 24.42
C GLY J 48 -25.70 18.22 24.02
N LEU J 49 -25.15 18.59 22.87
CA LEU J 49 -25.26 19.93 22.29
C LEU J 49 -26.72 20.26 21.99
N LEU J 50 -27.46 19.27 21.50
CA LEU J 50 -28.89 19.41 21.24
C LEU J 50 -29.63 19.76 22.53
N GLY J 51 -29.30 19.05 23.61
CA GLY J 51 -29.89 19.34 24.90
C GLY J 51 -29.65 20.78 25.31
N GLY J 52 -28.50 21.33 24.95
CA GLY J 52 -28.20 22.73 25.24
C GLY J 52 -29.17 23.70 24.58
N MET J 53 -29.56 23.43 23.33
CA MET J 53 -30.51 24.28 22.63
C MET J 53 -31.90 24.28 23.30
N VAL J 54 -32.45 23.10 23.60
CA VAL J 54 -33.77 23.00 24.23
C VAL J 54 -33.80 23.71 25.58
N ALA J 55 -32.79 23.47 26.41
CA ALA J 55 -32.70 24.11 27.72
C ALA J 55 -32.59 25.63 27.59
N MET J 56 -31.79 26.10 26.65
CA MET J 56 -31.65 27.54 26.43
C MET J 56 -32.98 28.15 26.02
N VAL J 57 -33.72 27.48 25.15
CA VAL J 57 -35.04 27.98 24.74
C VAL J 57 -35.99 27.99 25.93
N PHE J 58 -35.92 26.96 26.78
CA PHE J 58 -36.77 26.86 27.97
C PHE J 58 -36.39 27.91 29.01
N ALA J 59 -35.10 28.12 29.22
CA ALA J 59 -34.64 29.13 30.16
C ALA J 59 -35.00 30.53 29.67
N SER J 60 -35.01 30.74 28.36
CA SER J 60 -35.38 32.02 27.77
C SER J 60 -36.87 32.35 27.92
N GLY J 61 -37.69 31.41 28.40
CA GLY J 61 -39.11 31.68 28.61
C GLY J 61 -40.04 31.50 27.43
N SER J 62 -39.61 30.85 26.36
CA SER J 62 -40.47 30.66 25.20
C SER J 62 -41.59 29.67 25.51
N HIS J 63 -41.25 28.52 26.09
CA HIS J 63 -42.19 27.44 26.40
C HIS J 63 -42.92 26.90 25.16
N VAL J 64 -42.32 27.06 23.98
CA VAL J 64 -42.90 26.61 22.71
C VAL J 64 -42.84 25.09 22.56
N PHE J 65 -41.77 24.45 23.03
CA PHE J 65 -41.60 23.00 22.96
C PHE J 65 -42.42 22.24 23.99
N GLY J 66 -43.18 22.94 24.81
CA GLY J 66 -44.05 22.27 25.77
C GLY J 66 -45.15 21.53 25.03
N GLY J 67 -45.53 20.36 25.59
CA GLY J 67 -46.53 19.51 24.96
C GLY J 67 -46.08 18.80 23.69
N ILE J 68 -46.96 18.73 22.69
CA ILE J 68 -46.66 18.00 21.44
C ILE J 68 -45.45 18.53 20.68
N GLY J 69 -45.08 19.79 20.85
CA GLY J 69 -43.92 20.34 20.16
C GLY J 69 -42.63 19.54 20.39
N SER J 70 -42.53 18.87 21.54
CA SER J 70 -41.38 18.03 21.90
C SER J 70 -41.14 16.89 20.91
N ILE J 71 -42.11 16.58 20.06
CA ILE J 71 -41.96 15.53 19.05
C ILE J 71 -40.80 15.80 18.10
N PHE J 72 -40.47 17.08 17.86
CA PHE J 72 -39.36 17.41 16.97
C PHE J 72 -38.03 17.02 17.60
N PRO J 73 -37.68 17.50 18.81
CA PRO J 73 -36.45 17.06 19.47
C PRO J 73 -36.38 15.56 19.64
N LEU J 74 -37.52 14.95 19.99
CA LEU J 74 -37.59 13.51 20.21
C LEU J 74 -37.21 12.72 18.95
N PHE J 75 -37.84 13.01 17.81
CA PHE J 75 -37.49 12.30 16.57
C PHE J 75 -36.05 12.56 16.16
N MET J 76 -35.59 13.79 16.29
CA MET J 76 -34.21 14.14 15.93
C MET J 76 -33.19 13.31 16.72
N MET J 77 -33.38 13.24 18.03
CA MET J 77 -32.46 12.50 18.88
C MET J 77 -32.36 11.03 18.44
N VAL J 78 -33.48 10.42 18.06
CA VAL J 78 -33.54 9.03 17.62
C VAL J 78 -32.80 8.83 16.31
N GLY J 79 -33.02 9.73 15.36
CA GLY J 79 -32.34 9.63 14.08
C GLY J 79 -30.84 9.75 14.21
N ILE J 80 -30.38 10.58 15.12
CA ILE J 80 -28.94 10.71 15.34
C ILE J 80 -28.38 9.40 15.89
N MET J 81 -29.11 8.77 16.82
CA MET J 81 -28.68 7.49 17.39
C MET J 81 -28.54 6.38 16.34
N MET J 82 -29.49 6.27 15.41
CA MET J 82 -29.38 5.25 14.39
C MET J 82 -28.15 5.45 13.52
N MET J 83 -27.83 6.69 13.18
CA MET J 83 -26.68 6.92 12.30
C MET J 83 -25.40 6.45 12.96
N MET J 84 -25.24 6.69 14.25
CA MET J 84 -24.02 6.28 14.94
C MET J 84 -24.05 4.83 15.43
N PHE J 85 -25.09 4.05 15.11
CA PHE J 85 -25.20 2.66 15.54
C PHE J 85 -25.19 1.68 14.36
N ARG J 86 -24.81 2.15 13.17
CA ARG J 86 -24.80 1.36 11.95
C ARG J 86 -23.70 0.31 11.89
N GLY J 87 -22.67 0.42 12.73
CA GLY J 87 -21.57 -0.53 12.72
C GLY J 87 -20.49 -0.26 11.68
N MET J 88 -19.56 -1.21 11.58
CA MET J 88 -18.42 -1.09 10.67
C MET J 88 -18.76 -1.33 9.21
N GLY J 89 -18.40 -0.35 8.39
CA GLY J 89 -18.52 -0.34 6.95
C GLY J 89 -17.32 0.36 6.33
N GLY J 90 -16.38 -0.36 5.72
CA GLY J 90 -15.21 0.28 5.15
C GLY J 90 -14.91 -0.08 3.72
N GLY J 91 -13.67 0.14 3.29
CA GLY J 91 -13.20 -0.23 1.97
C GLY J 91 -12.63 -1.64 1.94
N GLN J 92 -12.03 -2.02 3.05
CA GLN J 92 -11.49 -3.36 3.26
C GLN J 92 -12.53 -4.22 3.97
N GLN J 93 -13.25 -3.65 4.94
CA GLN J 93 -14.38 -4.33 5.59
C GLN J 93 -15.59 -4.28 4.65
N GLN J 94 -15.42 -4.94 3.51
CA GLN J 94 -16.41 -5.03 2.45
C GLN J 94 -17.55 -6.00 2.75
N MET J 95 -17.37 -6.90 3.71
CA MET J 95 -18.41 -7.87 4.04
C MET J 95 -19.70 -7.23 4.52
N SER J 96 -20.75 -7.42 3.73
CA SER J 96 -22.07 -6.90 3.99
C SER J 96 -23.11 -7.76 3.27
N ARG J 97 -24.34 -7.64 3.74
CA ARG J 97 -25.48 -8.40 3.22
C ARG J 97 -25.56 -8.43 1.69
N PRO J 98 -25.37 -7.32 0.98
CA PRO J 98 -25.52 -7.34 -0.48
C PRO J 98 -24.54 -8.25 -1.18
N LYS J 99 -23.37 -8.49 -0.58
CA LYS J 99 -22.37 -9.36 -1.18
C LYS J 99 -22.41 -10.74 -0.58
N LEU J 100 -22.71 -10.85 0.70
CA LEU J 100 -22.80 -12.17 1.32
C LEU J 100 -23.98 -12.94 0.72
N ASP J 101 -25.06 -12.23 0.40
CA ASP J 101 -26.20 -12.89 -0.24
C ASP J 101 -25.81 -13.39 -1.62
N ALA J 102 -25.05 -12.58 -2.35
CA ALA J 102 -24.61 -12.97 -3.69
C ALA J 102 -23.75 -14.22 -3.60
N MET J 103 -22.83 -14.24 -2.65
CA MET J 103 -21.98 -15.42 -2.47
C MET J 103 -22.86 -16.58 -2.04
N ARG J 104 -23.84 -16.32 -1.19
CA ARG J 104 -24.74 -17.38 -0.79
C ARG J 104 -25.50 -17.88 -2.01
N ALA J 105 -26.04 -16.95 -2.81
CA ALA J 105 -26.77 -17.29 -4.03
C ALA J 105 -25.90 -18.06 -5.03
N GLN J 106 -24.67 -17.59 -5.25
CA GLN J 106 -23.77 -18.30 -6.14
C GLN J 106 -23.48 -19.72 -5.67
N PHE J 107 -23.32 -19.93 -4.37
CA PHE J 107 -23.05 -21.27 -3.87
C PHE J 107 -24.23 -22.23 -4.04
N MET J 108 -25.46 -21.78 -3.76
CA MET J 108 -26.64 -22.64 -3.92
C MET J 108 -26.81 -23.09 -5.37
N LEU J 109 -26.63 -22.17 -6.30
CA LEU J 109 -26.78 -22.48 -7.73
C LEU J 109 -25.77 -23.52 -8.19
N MET J 110 -24.51 -23.39 -7.79
CA MET J 110 -23.49 -24.37 -8.17
C MET J 110 -23.79 -25.75 -7.59
N LEU J 111 -24.28 -25.80 -6.35
CA LEU J 111 -24.59 -27.07 -5.70
C LEU J 111 -25.67 -27.86 -6.45
N ASP J 112 -26.68 -27.20 -6.98
CA ASP J 112 -27.73 -27.91 -7.72
C ASP J 112 -27.21 -28.59 -8.98
N MET J 113 -26.25 -28.01 -9.68
CA MET J 113 -25.72 -28.70 -10.86
C MET J 113 -25.04 -30.00 -10.46
N LEU J 114 -24.46 -30.04 -9.28
CA LEU J 114 -23.86 -31.28 -8.78
C LEU J 114 -24.95 -32.29 -8.47
N ARG J 115 -26.09 -31.82 -7.95
CA ARG J 115 -27.24 -32.66 -7.70
C ARG J 115 -27.73 -33.31 -8.99
N GLU J 116 -27.81 -32.52 -10.07
CA GLU J 116 -28.23 -33.03 -11.37
C GLU J 116 -27.29 -34.14 -11.86
N THR J 117 -25.99 -33.95 -11.67
CA THR J 117 -25.00 -34.94 -12.09
C THR J 117 -25.22 -36.28 -11.38
N ALA J 118 -25.51 -36.24 -10.09
CA ALA J 118 -25.76 -37.46 -9.32
C ALA J 118 -27.04 -38.15 -9.81
N GLN J 119 -28.12 -37.40 -9.94
CA GLN J 119 -29.40 -37.97 -10.35
C GLN J 119 -29.27 -38.63 -11.72
N GLU J 120 -28.51 -38.01 -12.62
CA GLU J 120 -28.31 -38.59 -13.93
C GLU J 120 -27.59 -39.92 -13.84
N SER J 121 -26.62 -40.04 -12.95
CA SER J 121 -25.92 -41.30 -12.75
C SER J 121 -26.83 -42.34 -12.09
N ALA J 122 -27.67 -41.90 -11.15
CA ALA J 122 -28.57 -42.81 -10.43
C ALA J 122 -29.59 -43.48 -11.34
N ASP J 123 -30.14 -42.75 -12.29
CA ASP J 123 -31.08 -43.34 -13.24
C ASP J 123 -30.45 -44.48 -14.01
N SER J 124 -29.17 -44.35 -14.34
CA SER J 124 -28.48 -45.38 -15.08
C SER J 124 -28.41 -46.69 -14.30
N MET J 125 -28.26 -46.61 -12.98
CA MET J 125 -28.18 -47.83 -12.18
C MET J 125 -29.55 -48.51 -12.02
N ASP J 126 -30.63 -47.75 -11.89
CA ASP J 126 -31.94 -48.39 -11.74
C ASP J 126 -32.26 -49.28 -12.93
N ALA J 127 -32.15 -48.73 -14.14
CA ALA J 127 -32.44 -49.48 -15.37
C ALA J 127 -31.59 -50.74 -15.49
N ASN J 128 -30.30 -50.62 -15.22
CA ASN J 128 -29.38 -51.75 -15.31
C ASN J 128 -29.72 -52.87 -14.33
N TYR J 129 -29.93 -52.58 -13.06
CA TYR J 129 -30.22 -53.66 -12.10
C TYR J 129 -31.56 -54.33 -12.38
N ARG J 130 -32.58 -53.57 -12.77
CA ARG J 130 -33.87 -54.17 -13.09
C ARG J 130 -33.71 -55.10 -14.29
N TRP J 131 -32.91 -54.68 -15.26
CA TRP J 131 -32.66 -55.46 -16.46
C TRP J 131 -32.05 -56.82 -16.14
N PHE J 132 -31.33 -56.93 -15.02
CA PHE J 132 -30.74 -58.19 -14.61
C PHE J 132 -31.49 -58.95 -13.53
N HIS J 133 -32.34 -58.30 -12.73
CA HIS J 133 -33.06 -58.99 -11.67
C HIS J 133 -34.49 -58.49 -11.54
N PRO J 134 -35.37 -58.91 -12.44
CA PRO J 134 -36.76 -58.48 -12.39
C PRO J 134 -37.55 -59.11 -11.24
N ALA J 135 -38.71 -58.51 -11.02
CA ALA J 135 -39.67 -58.91 -10.01
C ALA J 135 -40.28 -60.28 -10.33
N PRO J 136 -40.57 -61.08 -9.29
CA PRO J 136 -41.10 -62.43 -9.52
C PRO J 136 -42.37 -62.50 -10.36
N ASN J 137 -43.30 -61.55 -10.18
CA ASN J 137 -44.55 -61.57 -10.96
C ASN J 137 -44.37 -61.31 -12.45
N THR J 138 -43.30 -60.65 -12.87
CA THR J 138 -43.07 -60.38 -14.30
C THR J 138 -42.44 -61.54 -15.04
N LEU J 139 -41.89 -62.50 -14.30
CA LEU J 139 -41.20 -63.68 -14.84
C LEU J 139 -42.13 -64.63 -15.60
N ALA J 140 -43.39 -64.73 -15.19
CA ALA J 140 -44.31 -65.65 -15.84
C ALA J 140 -44.49 -65.35 -17.33
N ALA J 141 -44.71 -64.10 -17.69
CA ALA J 141 -44.84 -63.75 -19.10
C ALA J 141 -43.54 -63.91 -19.88
N ALA J 142 -42.40 -63.66 -19.24
CA ALA J 142 -41.05 -63.70 -19.84
C ALA J 142 -40.53 -65.10 -20.16
N VAL J 143 -41.26 -66.15 -19.78
CA VAL J 143 -40.84 -67.53 -20.01
C VAL J 143 -40.41 -67.77 -21.45
N GLY J 144 -41.13 -67.22 -22.41
CA GLY J 144 -40.77 -67.43 -23.81
C GLY J 144 -39.61 -66.58 -24.27
N SER J 145 -39.32 -65.49 -23.59
CA SER J 145 -38.24 -64.61 -23.98
C SER J 145 -36.86 -65.24 -23.81
N PRO J 146 -35.86 -64.72 -24.54
CA PRO J 146 -34.46 -65.19 -24.44
C PRO J 146 -33.77 -64.87 -23.11
N ARG J 147 -34.40 -64.08 -22.25
CA ARG J 147 -33.86 -63.70 -20.95
C ARG J 147 -33.80 -64.89 -19.98
N MET J 148 -34.61 -65.91 -20.23
CA MET J 148 -34.65 -67.13 -19.44
C MET J 148 -33.37 -67.96 -19.59
N TRP J 149 -32.94 -68.57 -18.46
CA TRP J 149 -31.76 -69.43 -18.41
C TRP J 149 -30.52 -68.78 -19.00
N GLU J 150 -30.49 -67.47 -18.89
CA GLU J 150 -29.44 -66.61 -19.42
C GLU J 150 -28.14 -66.66 -18.61
N ARG J 151 -28.22 -66.96 -17.31
CA ARG J 151 -27.03 -66.95 -16.45
C ARG J 151 -25.99 -67.99 -16.82
N LYS J 152 -24.72 -67.58 -16.71
CA LYS J 152 -23.54 -68.38 -17.03
C LYS J 152 -22.57 -68.48 -15.86
N PRO J 153 -21.91 -69.63 -15.69
CA PRO J 153 -20.93 -69.81 -14.62
C PRO J 153 -19.48 -69.48 -14.98
N ASP J 154 -19.20 -69.20 -16.26
CA ASP J 154 -17.84 -69.03 -16.76
C ASP J 154 -17.03 -67.80 -16.31
N GLY J 155 -16.87 -67.65 -15.00
CA GLY J 155 -16.02 -66.61 -14.43
C GLY J 155 -16.34 -65.14 -14.64
N LYS J 156 -16.62 -64.74 -15.87
CA LYS J 156 -16.89 -63.34 -16.17
C LYS J 156 -18.28 -62.92 -15.69
N ASP J 157 -19.22 -63.85 -15.62
CA ASP J 157 -20.58 -63.56 -15.17
C ASP J 157 -20.62 -63.50 -13.65
N LEU J 158 -20.58 -62.27 -13.14
CA LEU J 158 -20.58 -61.98 -11.71
C LEU J 158 -21.94 -62.19 -11.06
N ASN J 159 -23.00 -62.36 -11.86
CA ASN J 159 -24.36 -62.55 -11.36
C ASN J 159 -24.69 -64.00 -11.04
N PHE J 160 -23.80 -64.93 -11.35
CA PHE J 160 -24.02 -66.33 -11.04
C PHE J 160 -24.09 -66.54 -9.53
N GLY J 161 -25.02 -67.37 -9.08
CA GLY J 161 -25.20 -67.62 -7.66
C GLY J 161 -25.80 -66.48 -6.85
N VAL J 162 -26.26 -65.41 -7.49
CA VAL J 162 -26.85 -64.25 -6.82
C VAL J 162 -28.35 -64.30 -7.06
N VAL J 163 -29.13 -64.10 -6.01
CA VAL J 163 -30.59 -64.16 -6.09
C VAL J 163 -31.24 -62.93 -5.46
N ARG J 164 -32.21 -62.37 -6.17
CA ARG J 164 -33.00 -61.22 -5.74
C ARG J 164 -33.90 -61.62 -4.58
N VAL J 165 -33.81 -60.90 -3.47
CA VAL J 165 -34.62 -61.21 -2.30
C VAL J 165 -35.62 -60.12 -1.96
N GLY J 166 -35.49 -58.93 -2.53
CA GLY J 166 -36.38 -57.84 -2.22
C GLY J 166 -35.78 -56.52 -2.65
N VAL J 167 -36.25 -55.45 -2.02
CA VAL J 167 -35.78 -54.10 -2.30
C VAL J 167 -35.32 -53.39 -1.04
N GLY J 168 -34.39 -52.45 -1.20
CA GLY J 168 -33.89 -51.69 -0.06
C GLY J 168 -32.89 -50.62 -0.46
N MET J 169 -32.05 -50.21 0.49
CA MET J 169 -31.04 -49.18 0.26
C MET J 169 -29.71 -49.72 -0.24
N THR J 170 -29.01 -48.93 -1.06
CA THR J 170 -27.69 -49.30 -1.54
C THR J 170 -26.87 -48.06 -1.82
N ARG J 171 -25.54 -48.25 -1.78
CA ARG J 171 -24.59 -47.18 -2.02
C ARG J 171 -24.29 -46.99 -3.51
N PRO J 172 -24.48 -45.80 -4.07
CA PRO J 172 -24.26 -45.58 -5.50
C PRO J 172 -22.80 -45.72 -5.92
N GLU J 173 -22.62 -45.80 -7.25
CA GLU J 173 -21.32 -45.94 -7.90
C GLU J 173 -20.50 -44.65 -7.93
N VAL J 174 -21.05 -43.55 -7.45
CA VAL J 174 -20.33 -42.28 -7.37
C VAL J 174 -19.28 -42.32 -6.27
N THR J 175 -18.20 -41.55 -6.44
CA THR J 175 -17.14 -41.44 -5.43
C THR J 175 -16.87 -39.96 -5.15
N TRP J 176 -17.32 -39.53 -3.97
CA TRP J 176 -17.25 -38.15 -3.45
C TRP J 176 -15.88 -37.77 -2.87
N GLY J 177 -15.34 -36.64 -3.31
CA GLY J 177 -14.08 -36.12 -2.82
C GLY J 177 -14.29 -35.05 -1.76
N GLU J 178 -13.54 -35.18 -0.65
CA GLU J 178 -13.63 -34.23 0.45
C GLU J 178 -13.21 -32.81 0.06
N PRO J 179 -13.93 -31.80 0.52
CA PRO J 179 -13.58 -30.40 0.20
C PRO J 179 -12.25 -29.96 0.78
N GLN J 180 -11.40 -29.41 -0.07
CA GLN J 180 -10.12 -28.86 0.34
C GLN J 180 -10.31 -27.53 1.09
N ASN J 181 -9.34 -27.20 1.94
CA ASN J 181 -9.30 -25.97 2.77
C ASN J 181 -10.57 -25.76 3.60
N MET J 182 -11.13 -26.83 4.15
CA MET J 182 -12.32 -26.71 4.98
C MET J 182 -12.14 -25.81 6.21
N PRO J 183 -12.96 -24.77 6.38
CA PRO J 183 -12.87 -23.92 7.58
C PRO J 183 -13.29 -24.66 8.85
N THR J 184 -12.69 -24.27 9.96
CA THR J 184 -13.05 -24.85 11.25
C THR J 184 -14.49 -24.46 11.63
N ASP J 185 -15.06 -25.23 12.56
CA ASP J 185 -16.46 -25.07 12.99
C ASP J 185 -16.84 -23.62 13.34
N ILE J 186 -15.94 -22.87 13.95
CA ILE J 186 -16.23 -21.49 14.28
C ILE J 186 -16.10 -20.55 13.09
N GLU J 187 -15.42 -20.99 12.03
CA GLU J 187 -15.23 -20.23 10.79
C GLU J 187 -16.28 -20.54 9.72
N LEU J 188 -17.10 -21.56 9.92
CA LEU J 188 -18.14 -21.96 8.97
C LEU J 188 -19.33 -21.01 8.94
N GLU J 189 -19.72 -20.65 7.73
CA GLU J 189 -20.92 -19.87 7.53
C GLU J 189 -22.13 -20.79 7.76
N PRO J 190 -23.12 -20.36 8.54
CA PRO J 190 -24.25 -21.25 8.88
C PRO J 190 -25.08 -21.79 7.71
N VAL J 191 -25.41 -20.97 6.71
CA VAL J 191 -26.27 -21.43 5.62
C VAL J 191 -25.60 -22.52 4.79
N THR J 192 -24.42 -22.27 4.26
CA THR J 192 -23.73 -23.27 3.44
C THR J 192 -23.34 -24.51 4.23
N GLY J 193 -23.17 -24.38 5.53
CA GLY J 193 -22.85 -25.53 6.36
C GLY J 193 -23.93 -26.59 6.36
N LYS J 194 -25.14 -26.29 6.82
CA LYS J 194 -26.19 -27.30 6.81
C LYS J 194 -26.50 -27.77 5.40
N ALA J 195 -26.38 -26.90 4.40
CA ALA J 195 -26.66 -27.30 3.03
C ALA J 195 -25.71 -28.43 2.63
N LEU J 196 -24.42 -28.22 2.79
CA LEU J 196 -23.46 -29.23 2.40
C LEU J 196 -23.57 -30.44 3.33
N GLN J 197 -23.98 -30.22 4.56
CA GLN J 197 -24.09 -31.27 5.54
C GLN J 197 -25.25 -32.22 5.20
N GLU J 198 -26.43 -31.67 4.94
CA GLU J 198 -27.59 -32.47 4.56
C GLU J 198 -27.42 -33.14 3.19
N PHE J 199 -26.80 -32.45 2.25
CA PHE J 199 -26.53 -32.99 0.92
C PHE J 199 -25.79 -34.32 0.96
N GLY J 200 -24.74 -34.38 1.78
CA GLY J 200 -23.95 -35.60 1.92
C GLY J 200 -24.72 -36.77 2.51
N ARG J 201 -25.62 -36.50 3.45
CA ARG J 201 -26.40 -37.58 4.07
C ARG J 201 -27.40 -38.19 3.10
N TYR J 202 -28.26 -37.38 2.48
CA TYR J 202 -29.26 -37.96 1.59
C TYR J 202 -28.72 -38.38 0.23
N GLN J 203 -27.89 -37.59 -0.44
CA GLN J 203 -27.38 -37.96 -1.77
C GLN J 203 -26.27 -39.00 -1.77
N SER J 204 -26.04 -39.71 -0.67
CA SER J 204 -25.01 -40.72 -0.61
C SER J 204 -25.54 -42.13 -0.78
N VAL J 205 -26.84 -42.30 -0.97
CA VAL J 205 -27.45 -43.62 -1.08
C VAL J 205 -28.64 -43.50 -2.03
N VAL J 206 -29.02 -44.61 -2.67
CA VAL J 206 -30.17 -44.61 -3.57
C VAL J 206 -31.20 -45.61 -3.07
N TYR J 207 -32.43 -45.13 -2.94
CA TYR J 207 -33.60 -45.84 -2.42
C TYR J 207 -34.39 -46.67 -3.44
N ASN J 208 -34.99 -47.74 -2.92
CA ASN J 208 -35.82 -48.68 -3.68
C ASN J 208 -35.07 -49.51 -4.72
N LEU J 209 -33.95 -50.02 -4.40
CA LEU J 209 -33.20 -50.84 -5.34
C LEU J 209 -33.33 -52.32 -4.96
N PRO J 210 -33.21 -53.23 -5.94
CA PRO J 210 -33.31 -54.66 -5.67
C PRO J 210 -32.13 -55.20 -4.89
N LYS J 211 -32.42 -55.79 -3.74
CA LYS J 211 -31.46 -56.41 -2.83
C LYS J 211 -31.24 -57.88 -3.18
N MET J 212 -30.03 -58.40 -2.88
CA MET J 212 -29.69 -59.78 -3.24
C MET J 212 -28.91 -60.51 -2.14
N VAL J 213 -28.95 -61.85 -2.24
CA VAL J 213 -28.26 -62.83 -1.40
C VAL J 213 -27.46 -63.79 -2.28
N SER J 214 -26.29 -64.22 -1.79
CA SER J 214 -25.41 -65.13 -2.53
C SER J 214 -25.26 -66.52 -1.90
N LEU J 215 -25.51 -67.55 -2.73
CA LEU J 215 -25.36 -68.97 -2.34
C LEU J 215 -23.90 -69.37 -2.12
N LEU J 216 -22.96 -68.68 -2.78
CA LEU J 216 -21.52 -68.89 -2.74
C LEU J 216 -20.84 -68.36 -1.46
N VAL J 217 -21.58 -67.75 -0.55
CA VAL J 217 -20.99 -67.12 0.61
C VAL J 217 -21.20 -67.88 1.93
N GLU J 218 -22.25 -68.70 2.08
CA GLU J 218 -22.42 -69.38 3.36
C GLU J 218 -22.92 -70.82 3.26
N PRO J 219 -22.52 -71.66 4.21
CA PRO J 219 -23.01 -73.03 4.25
C PRO J 219 -24.54 -73.11 4.40
N TRP J 220 -25.16 -72.17 5.13
CA TRP J 220 -26.60 -72.17 5.31
C TRP J 220 -27.09 -70.75 5.59
N TYR J 221 -28.41 -70.56 5.45
CA TYR J 221 -29.11 -69.30 5.72
C TYR J 221 -30.39 -69.59 6.49
N ALA J 222 -30.36 -69.38 7.81
CA ALA J 222 -31.54 -69.62 8.64
C ALA J 222 -32.58 -68.51 8.52
N LEU J 223 -33.79 -68.91 8.10
CA LEU J 223 -34.93 -68.02 7.90
C LEU J 223 -35.78 -68.10 9.16
N VAL J 224 -35.84 -67.02 9.93
CA VAL J 224 -36.54 -67.00 11.20
C VAL J 224 -37.70 -66.01 11.18
N GLY J 225 -38.90 -66.54 11.35
CA GLY J 225 -40.10 -65.73 11.35
C GLY J 225 -41.30 -66.65 11.23
N GLU J 226 -42.46 -66.05 11.01
CA GLU J 226 -43.64 -66.87 10.82
C GLU J 226 -43.54 -67.70 9.54
N ARG J 227 -44.24 -68.84 9.57
CA ARG J 227 -44.21 -69.80 8.47
C ARG J 227 -44.53 -69.13 7.13
N GLU J 228 -45.56 -68.30 7.13
CA GLU J 228 -45.99 -67.64 5.90
C GLU J 228 -44.90 -66.78 5.30
N GLN J 229 -44.16 -66.05 6.13
CA GLN J 229 -43.07 -65.22 5.59
C GLN J 229 -41.97 -66.12 5.06
N VAL J 230 -41.59 -67.11 5.85
CA VAL J 230 -40.49 -68.02 5.52
C VAL J 230 -40.78 -68.78 4.24
N LEU J 231 -41.95 -69.40 4.14
CA LEU J 231 -42.30 -70.14 2.94
C LEU J 231 -42.56 -69.21 1.76
N GLY J 232 -43.13 -68.04 2.03
CA GLY J 232 -43.40 -67.08 0.96
C GLY J 232 -42.15 -66.68 0.20
N LEU J 233 -41.12 -66.25 0.93
CA LEU J 233 -39.86 -65.86 0.31
C LEU J 233 -39.18 -67.03 -0.38
N MET J 234 -39.17 -68.19 0.26
CA MET J 234 -38.53 -69.35 -0.35
C MET J 234 -39.17 -69.67 -1.69
N ARG J 235 -40.50 -69.59 -1.78
CA ARG J 235 -41.16 -69.81 -3.06
C ARG J 235 -40.68 -68.78 -4.07
N ALA J 236 -40.46 -67.55 -3.62
CA ALA J 236 -39.93 -66.51 -4.51
C ALA J 236 -38.51 -66.86 -4.94
N ILE J 237 -37.69 -67.34 -4.00
CA ILE J 237 -36.32 -67.76 -4.27
C ILE J 237 -36.28 -68.90 -5.28
N ILE J 238 -37.15 -69.89 -5.10
CA ILE J 238 -37.22 -71.06 -5.98
C ILE J 238 -37.55 -70.67 -7.41
N CYS J 239 -38.60 -69.91 -7.63
CA CYS J 239 -38.93 -69.52 -9.00
C CYS J 239 -37.88 -68.59 -9.63
N GLN J 240 -37.26 -67.71 -8.86
CA GLN J 240 -36.23 -66.84 -9.41
C GLN J 240 -35.05 -67.67 -9.90
N LEU J 241 -34.60 -68.59 -9.07
CA LEU J 241 -33.50 -69.48 -9.43
C LEU J 241 -33.86 -70.24 -10.69
N ALA J 242 -35.05 -70.83 -10.67
CA ALA J 242 -35.53 -71.64 -11.79
C ALA J 242 -35.65 -70.84 -13.08
N PHE J 243 -36.05 -69.58 -13.01
CA PHE J 243 -36.12 -68.81 -14.25
C PHE J 243 -34.75 -68.42 -14.76
N SER J 244 -33.84 -68.00 -13.88
CA SER J 244 -32.55 -67.51 -14.36
C SER J 244 -31.53 -68.61 -14.62
N HIS J 245 -31.63 -69.75 -13.96
CA HIS J 245 -30.64 -70.81 -14.14
C HIS J 245 -31.28 -72.12 -14.58
N GLY J 246 -30.61 -72.79 -15.52
CA GLY J 246 -31.01 -74.08 -16.04
C GLY J 246 -30.68 -75.28 -15.17
N PRO J 247 -31.34 -76.40 -15.44
CA PRO J 247 -31.10 -77.63 -14.66
C PRO J 247 -29.67 -78.12 -14.78
N ASP J 248 -28.96 -77.70 -15.82
CA ASP J 248 -27.57 -78.07 -16.04
C ASP J 248 -26.63 -77.36 -15.07
N HIS J 249 -27.11 -76.33 -14.40
CA HIS J 249 -26.32 -75.60 -13.43
C HIS J 249 -26.86 -75.66 -12.01
N VAL J 250 -28.15 -75.92 -11.81
CA VAL J 250 -28.72 -75.95 -10.47
C VAL J 250 -29.67 -77.13 -10.29
N GLN J 251 -29.56 -77.79 -9.13
CA GLN J 251 -30.40 -78.90 -8.68
C GLN J 251 -30.90 -78.61 -7.27
N MET J 252 -32.16 -78.96 -7.00
CA MET J 252 -32.82 -78.65 -5.73
C MET J 252 -33.47 -79.86 -5.07
N ILE J 253 -33.40 -79.92 -3.73
CA ILE J 253 -33.95 -81.02 -2.93
C ILE J 253 -34.72 -80.45 -1.75
N VAL J 254 -35.86 -81.07 -1.44
CA VAL J 254 -36.74 -80.73 -0.32
C VAL J 254 -36.91 -81.93 0.62
N VAL J 255 -36.70 -81.69 1.91
CA VAL J 255 -36.92 -82.68 2.96
C VAL J 255 -37.98 -82.08 3.88
N SER J 256 -39.20 -82.60 3.81
CA SER J 256 -40.30 -82.00 4.56
C SER J 256 -41.36 -83.00 4.98
N SER J 257 -41.99 -82.69 6.11
CA SER J 257 -43.12 -83.44 6.64
C SER J 257 -44.45 -82.93 6.10
N ASP J 258 -44.54 -81.62 5.85
CA ASP J 258 -45.75 -80.96 5.33
C ASP J 258 -45.76 -81.00 3.80
N LEU J 259 -45.85 -82.23 3.28
CA LEU J 259 -45.85 -82.51 1.85
C LEU J 259 -46.94 -81.74 1.12
N ASP J 260 -48.00 -81.34 1.82
CA ASP J 260 -49.09 -80.59 1.21
C ASP J 260 -48.63 -79.24 0.69
N GLN J 261 -47.53 -78.72 1.22
CA GLN J 261 -46.96 -77.45 0.82
C GLN J 261 -46.01 -77.59 -0.38
N TRP J 262 -45.46 -78.78 -0.58
CA TRP J 262 -44.50 -79.09 -1.63
C TRP J 262 -45.10 -79.85 -2.82
N ASP J 263 -46.43 -79.87 -2.95
CA ASP J 263 -47.12 -80.57 -4.04
C ASP J 263 -46.83 -79.98 -5.42
N TRP J 264 -46.84 -78.65 -5.52
CA TRP J 264 -46.60 -77.95 -6.79
C TRP J 264 -45.20 -78.19 -7.36
N VAL J 265 -44.25 -78.61 -6.54
CA VAL J 265 -42.86 -78.83 -6.92
C VAL J 265 -42.72 -79.84 -8.07
N LYS J 266 -43.68 -80.75 -8.21
CA LYS J 266 -43.66 -81.79 -9.25
C LYS J 266 -43.39 -81.27 -10.66
N TRP J 267 -43.96 -80.12 -11.02
CA TRP J 267 -43.80 -79.59 -12.38
C TRP J 267 -42.40 -79.04 -12.68
N LEU J 268 -41.69 -78.46 -11.71
CA LEU J 268 -40.37 -77.89 -12.00
C LEU J 268 -39.30 -78.94 -12.33
N PRO J 269 -38.54 -78.74 -13.42
CA PRO J 269 -37.49 -79.69 -13.82
C PRO J 269 -36.29 -79.73 -12.89
N HIS J 270 -36.00 -78.63 -12.20
CA HIS J 270 -34.86 -78.56 -11.30
C HIS J 270 -34.98 -79.51 -10.12
N PHE J 271 -36.17 -80.00 -9.84
CA PHE J 271 -36.36 -80.99 -8.80
C PHE J 271 -36.34 -82.42 -9.34
N GLY J 272 -36.04 -82.58 -10.63
CA GLY J 272 -35.94 -83.88 -11.25
C GLY J 272 -34.51 -84.41 -11.19
N ASP J 273 -34.27 -85.50 -11.94
CA ASP J 273 -32.95 -86.10 -12.01
C ASP J 273 -32.74 -86.76 -13.37
N SER J 274 -31.48 -87.00 -13.69
CA SER J 274 -31.10 -87.58 -14.98
C SER J 274 -31.60 -89.03 -15.08
N MET J 285 -38.66 -85.74 -5.87
CA MET J 285 -37.39 -85.90 -5.20
C MET J 285 -37.49 -85.26 -3.81
N VAL J 286 -38.66 -85.43 -3.20
CA VAL J 286 -38.98 -84.92 -1.87
C VAL J 286 -38.94 -86.06 -0.87
N TYR J 287 -38.32 -85.82 0.28
CA TYR J 287 -38.16 -86.82 1.32
C TYR J 287 -38.86 -86.44 2.62
N THR J 288 -39.28 -87.47 3.35
CA THR J 288 -39.98 -87.32 4.61
C THR J 288 -39.07 -87.16 5.83
N SER J 289 -37.83 -87.67 5.79
CA SER J 289 -36.97 -87.56 6.95
C SER J 289 -35.50 -87.70 6.53
N VAL J 290 -34.62 -87.33 7.45
CA VAL J 290 -33.17 -87.41 7.23
C VAL J 290 -32.74 -88.86 7.00
N ARG J 291 -33.35 -89.81 7.71
CA ARG J 291 -32.99 -91.21 7.50
C ARG J 291 -33.29 -91.63 6.06
N GLU J 292 -34.41 -91.16 5.52
CA GLU J 292 -34.79 -91.48 4.15
C GLU J 292 -33.88 -90.75 3.17
N PHE J 293 -33.67 -89.46 3.40
CA PHE J 293 -32.77 -88.65 2.60
C PHE J 293 -31.34 -89.20 2.64
N ALA J 294 -30.89 -89.64 3.81
CA ALA J 294 -29.55 -90.17 3.98
C ALA J 294 -29.28 -91.40 3.14
N ALA J 295 -30.26 -92.29 3.03
CA ALA J 295 -30.13 -93.51 2.23
C ALA J 295 -30.04 -93.22 0.74
N GLU J 296 -30.90 -92.34 0.24
CA GLU J 296 -30.93 -91.99 -1.19
C GLU J 296 -29.92 -90.91 -1.61
N GLN J 297 -30.02 -89.72 -1.04
CA GLN J 297 -29.17 -88.59 -1.43
C GLN J 297 -27.82 -88.48 -0.71
N ALA J 298 -27.79 -88.55 0.61
CA ALA J 298 -26.53 -88.35 1.34
C ALA J 298 -25.45 -89.35 0.96
N GLU J 299 -25.81 -90.52 0.48
CA GLU J 299 -24.80 -91.48 0.03
C GLU J 299 -23.87 -90.87 -1.02
N LEU J 300 -24.39 -89.98 -1.87
CA LEU J 300 -23.60 -89.31 -2.90
C LEU J 300 -22.82 -88.09 -2.40
N PHE J 301 -23.49 -87.16 -1.71
CA PHE J 301 -22.95 -85.89 -1.24
C PHE J 301 -22.06 -85.92 0.02
N ALA J 302 -22.31 -86.80 0.99
CA ALA J 302 -21.51 -86.80 2.22
C ALA J 302 -20.08 -87.29 2.01
N GLY J 303 -19.80 -87.92 0.87
CA GLY J 303 -18.50 -88.51 0.57
C GLY J 303 -17.31 -87.54 0.65
N ARG J 304 -17.46 -86.27 0.27
CA ARG J 304 -16.27 -85.42 0.26
C ARG J 304 -16.55 -83.93 0.48
N GLY J 305 -15.46 -83.24 0.90
CA GLY J 305 -15.41 -81.80 1.07
C GLY J 305 -16.02 -81.17 2.31
N SER J 306 -15.87 -79.84 2.34
CA SER J 306 -16.38 -78.92 3.36
C SER J 306 -16.57 -77.56 2.71
N PHE J 307 -17.45 -76.74 3.31
CA PHE J 307 -17.71 -75.42 2.73
C PHE J 307 -16.46 -74.55 2.63
N THR J 308 -16.47 -73.69 1.60
CA THR J 308 -15.43 -72.74 1.27
C THR J 308 -16.03 -71.54 0.55
N PRO J 309 -16.07 -70.35 1.16
CA PRO J 309 -16.63 -69.18 0.45
C PRO J 309 -15.88 -68.97 -0.86
N ARG J 310 -16.64 -68.88 -1.96
CA ARG J 310 -16.14 -68.67 -3.31
C ARG J 310 -16.33 -67.25 -3.81
N HIS J 311 -15.87 -67.00 -5.03
CA HIS J 311 -15.96 -65.68 -5.65
C HIS J 311 -16.07 -65.88 -7.16
N ALA J 312 -16.47 -64.80 -7.85
CA ALA J 312 -16.72 -64.82 -9.30
C ALA J 312 -15.64 -65.53 -10.13
N SER J 313 -14.37 -65.16 -9.97
CA SER J 313 -13.31 -65.80 -10.74
C SER J 313 -13.19 -67.28 -10.43
N SER J 314 -13.40 -67.67 -9.19
CA SER J 314 -13.35 -69.06 -8.76
C SER J 314 -14.49 -69.89 -9.36
N SER J 315 -15.62 -69.23 -9.69
CA SER J 315 -16.79 -69.90 -10.28
C SER J 315 -16.49 -70.72 -11.53
N ALA J 316 -15.49 -70.33 -12.31
CA ALA J 316 -15.13 -71.11 -13.48
C ALA J 316 -14.60 -72.50 -13.10
N GLN J 317 -14.06 -72.65 -11.88
CA GLN J 317 -13.49 -73.91 -11.44
C GLN J 317 -14.45 -74.84 -10.67
N THR J 318 -15.41 -74.33 -9.90
CA THR J 318 -16.32 -75.22 -9.18
C THR J 318 -17.21 -76.02 -10.14
N PRO J 319 -17.56 -77.25 -9.78
CA PRO J 319 -18.42 -78.05 -10.67
C PRO J 319 -19.74 -77.37 -11.01
N THR J 320 -20.22 -77.65 -12.22
CA THR J 320 -21.43 -77.01 -12.72
C THR J 320 -22.67 -77.20 -11.85
N PRO J 321 -23.03 -78.40 -11.34
CA PRO J 321 -24.31 -78.48 -10.61
C PRO J 321 -24.24 -78.10 -9.14
N HIS J 322 -24.68 -76.90 -8.81
CA HIS J 322 -24.78 -76.51 -7.42
C HIS J 322 -26.05 -77.12 -6.84
N THR J 323 -25.95 -77.63 -5.61
CA THR J 323 -27.04 -78.31 -4.93
C THR J 323 -27.65 -77.44 -3.84
N VAL J 324 -28.97 -77.34 -3.87
CA VAL J 324 -29.75 -76.61 -2.89
C VAL J 324 -30.61 -77.61 -2.14
N ILE J 325 -30.50 -77.56 -0.81
CA ILE J 325 -31.21 -78.42 0.11
C ILE J 325 -32.12 -77.59 1.02
N ILE J 326 -33.40 -77.96 1.09
CA ILE J 326 -34.40 -77.29 1.91
C ILE J 326 -34.71 -78.19 3.11
N ALA J 327 -34.47 -77.69 4.30
CA ALA J 327 -34.70 -78.41 5.55
C ALA J 327 -36.00 -77.99 6.22
N ASP J 328 -36.93 -78.95 6.37
CA ASP J 328 -38.25 -78.74 6.95
C ASP J 328 -38.68 -79.90 7.83
N VAL J 329 -37.74 -80.64 8.42
CA VAL J 329 -38.10 -81.78 9.25
C VAL J 329 -37.61 -81.67 10.70
N ASP J 330 -36.62 -80.86 11.02
CA ASP J 330 -36.13 -80.73 12.40
C ASP J 330 -35.59 -82.05 12.96
N ASP J 331 -34.83 -82.77 12.18
CA ASP J 331 -34.23 -84.02 12.63
C ASP J 331 -32.85 -83.75 13.24
N PRO J 332 -32.55 -84.28 14.42
CA PRO J 332 -31.24 -84.03 15.03
C PRO J 332 -30.09 -84.66 14.27
N GLN J 333 -30.38 -85.62 13.41
CA GLN J 333 -29.34 -86.28 12.64
C GLN J 333 -28.60 -85.32 11.71
N TRP J 334 -29.17 -84.15 11.42
CA TRP J 334 -28.48 -83.18 10.55
C TRP J 334 -27.18 -82.63 11.14
N GLU J 335 -27.00 -82.69 12.46
CA GLU J 335 -25.80 -82.15 13.11
C GLU J 335 -24.46 -82.59 12.50
N TYR J 336 -24.36 -83.83 12.00
CA TYR J 336 -23.11 -84.37 11.45
C TYR J 336 -22.46 -83.50 10.37
N VAL J 337 -23.21 -83.13 9.34
CA VAL J 337 -22.70 -82.28 8.25
C VAL J 337 -22.59 -80.83 8.69
N ILE J 338 -23.51 -80.38 9.54
CA ILE J 338 -23.54 -79.00 10.02
C ILE J 338 -22.35 -78.72 10.93
N SER J 339 -22.06 -79.60 11.87
CA SER J 339 -20.88 -79.39 12.72
C SER J 339 -19.60 -79.54 11.93
N ALA J 340 -19.62 -80.27 10.82
CA ALA J 340 -18.46 -80.41 9.95
C ALA J 340 -18.30 -79.22 9.01
N GLU J 341 -19.13 -78.20 9.17
CA GLU J 341 -19.14 -76.99 8.35
C GLU J 341 -19.49 -77.26 6.89
N GLY J 342 -20.51 -78.09 6.67
CA GLY J 342 -21.02 -78.45 5.34
C GLY J 342 -20.08 -79.17 4.40
N VAL J 343 -20.35 -78.95 3.11
CA VAL J 343 -19.61 -79.50 1.98
C VAL J 343 -19.65 -78.47 0.85
N ASP J 344 -18.64 -78.47 -0.03
CA ASP J 344 -18.65 -77.52 -1.14
C ASP J 344 -19.67 -77.92 -2.20
N GLY J 345 -20.31 -76.90 -2.79
CA GLY J 345 -21.32 -77.09 -3.81
C GLY J 345 -22.70 -77.37 -3.25
N VAL J 346 -22.90 -77.15 -1.96
CA VAL J 346 -24.16 -77.40 -1.28
C VAL J 346 -24.50 -76.18 -0.42
N THR J 347 -25.79 -75.96 -0.19
CA THR J 347 -26.23 -74.87 0.67
C THR J 347 -27.59 -75.26 1.23
N PHE J 348 -27.75 -75.10 2.55
CA PHE J 348 -28.98 -75.48 3.26
C PHE J 348 -29.82 -74.30 3.70
N PHE J 349 -31.14 -74.46 3.60
CA PHE J 349 -32.11 -73.48 4.06
C PHE J 349 -33.02 -74.17 5.08
N ASP J 350 -32.92 -73.77 6.34
CA ASP J 350 -33.75 -74.32 7.42
C ASP J 350 -35.05 -73.53 7.54
N LEU J 351 -36.18 -74.18 7.24
CA LEU J 351 -37.50 -73.55 7.35
C LEU J 351 -38.13 -73.75 8.72
N THR J 352 -37.53 -74.57 9.58
CA THR J 352 -38.07 -74.87 10.91
C THR J 352 -37.61 -73.91 12.01
N GLY J 353 -36.37 -73.43 11.94
CA GLY J 353 -35.83 -72.57 12.97
C GLY J 353 -35.23 -73.34 14.12
N SER J 354 -34.67 -74.51 13.84
CA SER J 354 -34.05 -75.36 14.84
C SER J 354 -32.80 -74.72 15.44
N SER J 355 -32.53 -75.09 16.70
CA SER J 355 -31.44 -74.48 17.47
C SER J 355 -30.07 -74.57 16.80
N MET J 356 -29.80 -75.64 16.04
CA MET J 356 -28.49 -75.79 15.40
C MET J 356 -28.25 -74.76 14.30
N TRP J 357 -29.28 -74.36 13.59
CA TRP J 357 -29.17 -73.38 12.53
C TRP J 357 -29.34 -71.97 13.03
N THR J 358 -30.16 -71.80 14.06
CA THR J 358 -30.53 -70.48 14.57
C THR J 358 -29.57 -69.84 15.56
N ASP J 359 -28.47 -70.47 15.97
CA ASP J 359 -27.61 -69.80 16.94
C ASP J 359 -26.41 -69.07 16.32
N ILE J 360 -26.48 -68.70 15.04
CA ILE J 360 -25.35 -68.00 14.42
C ILE J 360 -25.90 -66.77 13.69
N PRO J 361 -25.63 -65.56 14.20
CA PRO J 361 -26.18 -64.35 13.56
C PRO J 361 -25.76 -64.14 12.12
N GLU J 362 -24.51 -64.50 11.79
CA GLU J 362 -23.96 -64.34 10.45
C GLU J 362 -24.66 -65.18 9.39
N ARG J 363 -25.52 -66.10 9.81
CA ARG J 363 -26.29 -66.97 8.96
C ARG J 363 -27.79 -66.87 9.28
N LYS J 364 -28.20 -65.87 10.04
CA LYS J 364 -29.58 -65.71 10.48
C LYS J 364 -30.25 -64.48 9.90
N LEU J 365 -31.42 -64.71 9.29
CA LEU J 365 -32.29 -63.70 8.71
C LEU J 365 -33.52 -63.56 9.59
N GLN J 366 -33.70 -62.37 10.15
CA GLN J 366 -34.79 -62.06 11.08
C GLN J 366 -35.89 -61.27 10.37
N PHE J 367 -37.13 -61.75 10.49
CA PHE J 367 -38.29 -61.13 9.86
C PHE J 367 -39.21 -60.47 10.89
N ASP J 368 -39.49 -59.20 10.67
CA ASP J 368 -40.42 -58.48 11.53
C ASP J 368 -41.86 -58.80 11.11
N LYS J 369 -42.80 -58.50 12.01
CA LYS J 369 -44.20 -58.74 11.72
C LYS J 369 -44.66 -58.07 10.42
N THR J 370 -44.04 -56.94 10.07
CA THR J 370 -44.35 -56.16 8.88
C THR J 370 -43.64 -56.66 7.62
N GLY J 371 -42.88 -57.74 7.68
CA GLY J 371 -42.21 -58.23 6.50
C GLY J 371 -40.89 -57.57 6.21
N VAL J 372 -40.41 -56.69 7.09
CA VAL J 372 -39.11 -56.07 6.93
C VAL J 372 -38.05 -57.08 7.39
N ILE J 373 -37.01 -57.28 6.58
CA ILE J 373 -35.93 -58.20 6.93
C ILE J 373 -34.76 -57.41 7.48
N GLU J 374 -34.18 -57.93 8.55
CA GLU J 374 -32.98 -57.37 9.15
C GLU J 374 -31.87 -58.40 9.15
N ALA J 375 -30.65 -57.96 8.86
CA ALA J 375 -29.50 -58.84 8.78
C ALA J 375 -28.23 -58.02 8.94
N LEU J 376 -27.11 -58.72 9.07
CA LEU J 376 -25.83 -58.05 9.22
C LEU J 376 -25.45 -57.36 7.92
N PRO J 377 -24.83 -56.19 8.00
CA PRO J 377 -24.40 -55.50 6.78
C PRO J 377 -23.26 -56.22 6.09
N ARG J 378 -23.34 -56.29 4.77
CA ARG J 378 -22.32 -56.93 3.96
C ARG J 378 -21.82 -56.00 2.87
N ASP J 379 -20.53 -56.11 2.56
CA ASP J 379 -19.92 -55.28 1.53
C ASP J 379 -20.49 -55.57 0.15
N ARG J 380 -20.78 -54.51 -0.59
CA ARG J 380 -21.37 -54.66 -1.92
C ARG J 380 -20.47 -55.39 -2.92
N ASP J 381 -19.15 -55.21 -2.83
CA ASP J 381 -18.28 -55.87 -3.81
C ASP J 381 -17.80 -57.24 -3.38
N THR J 382 -17.68 -57.50 -2.08
CA THR J 382 -17.14 -58.77 -1.63
C THR J 382 -18.11 -59.56 -0.76
N TRP J 383 -19.28 -59.03 -0.46
CA TRP J 383 -20.30 -59.69 0.36
C TRP J 383 -19.84 -59.99 1.78
N MET J 384 -18.65 -59.55 2.17
CA MET J 384 -18.14 -59.83 3.52
C MET J 384 -18.86 -59.02 4.58
N VAL J 385 -19.12 -59.64 5.73
CA VAL J 385 -19.78 -58.96 6.84
C VAL J 385 -18.85 -57.91 7.43
N ILE J 386 -19.37 -56.70 7.62
CA ILE J 386 -18.59 -55.58 8.15
C ILE J 386 -18.95 -55.23 9.60
N ASP J 387 -20.05 -55.76 10.13
CA ASP J 387 -20.45 -55.46 11.51
C ASP J 387 -21.21 -56.62 12.12
N ASP J 388 -21.15 -56.66 13.45
CA ASP J 388 -21.81 -57.71 14.21
C ASP J 388 -23.22 -57.34 14.62
N LYS J 389 -23.68 -56.11 14.35
CA LYS J 389 -25.03 -55.72 14.72
C LYS J 389 -25.90 -55.66 13.48
N ALA J 390 -27.06 -56.31 13.58
CA ALA J 390 -28.08 -56.40 12.55
C ALA J 390 -28.81 -55.08 12.33
N TRP J 391 -29.20 -54.85 11.07
CA TRP J 391 -29.92 -53.66 10.64
C TRP J 391 -30.79 -54.02 9.45
N PHE J 392 -31.64 -53.07 9.07
CA PHE J 392 -32.55 -53.22 7.93
C PHE J 392 -31.81 -53.73 6.71
N PHE J 393 -32.41 -54.70 6.04
CA PHE J 393 -31.81 -55.32 4.87
C PHE J 393 -32.67 -55.18 3.61
N ALA J 394 -33.93 -55.58 3.64
CA ALA J 394 -34.81 -55.45 2.47
C ALA J 394 -36.26 -55.67 2.86
N LEU J 395 -37.17 -55.18 2.00
CA LEU J 395 -38.60 -55.40 2.14
C LEU J 395 -38.99 -56.65 1.36
N THR J 396 -39.58 -57.61 2.08
CA THR J 396 -39.91 -58.92 1.52
C THR J 396 -40.96 -58.91 0.41
N ASP J 397 -40.68 -59.73 -0.62
CA ASP J 397 -41.54 -60.04 -1.74
C ASP J 397 -41.97 -61.51 -1.62
N GLN J 398 -43.24 -61.82 -1.86
CA GLN J 398 -43.66 -63.22 -1.67
C GLN J 398 -44.73 -63.62 -2.68
N VAL J 399 -44.80 -64.94 -2.94
CA VAL J 399 -45.74 -65.55 -3.89
C VAL J 399 -46.52 -66.69 -3.26
N SER J 400 -47.78 -66.84 -3.68
CA SER J 400 -48.65 -67.91 -3.21
C SER J 400 -48.33 -69.21 -3.96
N ILE J 401 -48.88 -70.32 -3.46
CA ILE J 401 -48.71 -71.63 -4.12
C ILE J 401 -49.29 -71.63 -5.53
N ALA J 402 -50.44 -70.97 -5.72
CA ALA J 402 -51.08 -70.87 -7.03
C ALA J 402 -50.19 -70.17 -8.05
N GLU J 403 -49.61 -69.05 -7.64
CA GLU J 403 -48.71 -68.29 -8.51
C GLU J 403 -47.48 -69.11 -8.84
N ALA J 404 -46.96 -69.83 -7.85
CA ALA J 404 -45.81 -70.69 -8.07
C ALA J 404 -46.16 -71.81 -9.04
N GLU J 405 -47.30 -72.48 -8.83
CA GLU J 405 -47.67 -73.55 -9.74
C GLU J 405 -47.93 -72.99 -11.12
N GLU J 406 -48.53 -71.81 -11.19
CA GLU J 406 -48.77 -71.19 -12.49
C GLU J 406 -47.45 -70.95 -13.19
N PHE J 407 -46.49 -70.36 -12.47
CA PHE J 407 -45.15 -70.14 -13.02
C PHE J 407 -44.49 -71.47 -13.37
N ALA J 408 -44.60 -72.45 -12.47
CA ALA J 408 -43.99 -73.77 -12.68
C ALA J 408 -44.56 -74.48 -13.90
N GLN J 409 -45.87 -74.43 -14.09
CA GLN J 409 -46.49 -75.05 -15.27
C GLN J 409 -45.97 -74.41 -16.56
N LYS J 410 -45.85 -73.09 -16.57
CA LYS J 410 -45.30 -72.40 -17.74
C LYS J 410 -43.87 -72.87 -18.02
N LEU J 411 -43.04 -73.03 -16.99
CA LEU J 411 -41.67 -73.49 -17.19
C LEU J 411 -41.57 -74.95 -17.62
N ALA J 412 -42.47 -75.81 -17.15
CA ALA J 412 -42.44 -77.24 -17.49
C ALA J 412 -42.58 -77.51 -18.99
N GLN J 413 -43.07 -76.54 -19.76
CA GLN J 413 -43.21 -76.68 -21.21
C GLN J 413 -41.89 -76.68 -21.99
N TRP J 414 -40.77 -76.26 -21.41
CA TRP J 414 -39.52 -76.11 -22.15
C TRP J 414 -38.40 -77.07 -21.72
N ARG J 415 -37.52 -77.35 -22.68
CA ARG J 415 -36.34 -78.19 -22.54
C ARG J 415 -35.21 -77.59 -23.35
N LEU J 416 -33.97 -78.00 -23.03
CA LEU J 416 -32.79 -77.51 -23.75
C LEU J 416 -32.99 -77.57 -25.26
N MET K 1 97.23 4.05 -2.65
CA MET K 1 96.66 3.25 -1.56
C MET K 1 95.24 3.71 -1.22
N LYS K 2 94.35 2.73 -1.05
CA LYS K 2 92.95 2.94 -0.71
C LYS K 2 92.51 2.08 0.46
N ARG K 3 91.47 2.57 1.15
CA ARG K 3 90.83 1.88 2.24
C ARG K 3 89.95 0.75 1.73
N GLY K 4 90.03 -0.40 2.42
CA GLY K 4 89.24 -1.55 2.02
C GLY K 4 87.76 -1.41 2.36
N PHE K 5 86.93 -1.99 1.50
CA PHE K 5 85.48 -1.97 1.66
C PHE K 5 84.80 -3.21 1.08
N ALA K 6 84.20 -4.01 1.94
CA ALA K 6 83.41 -5.18 1.58
C ALA K 6 81.93 -4.82 1.80
N ARG K 7 81.10 -4.99 0.77
CA ARG K 7 79.69 -4.60 0.91
C ARG K 7 78.90 -5.56 1.80
N PRO K 8 78.33 -5.10 2.90
CA PRO K 8 77.58 -5.94 3.83
C PRO K 8 76.13 -6.18 3.40
N THR K 9 75.40 -6.91 4.23
CA THR K 9 73.98 -7.18 4.00
C THR K 9 73.16 -5.90 4.00
N PRO K 10 72.39 -5.61 2.94
CA PRO K 10 71.57 -4.39 2.92
C PRO K 10 70.55 -4.31 4.05
N GLU K 11 70.39 -3.11 4.60
CA GLU K 11 69.46 -2.84 5.69
C GLU K 11 68.00 -2.88 5.19
N LYS K 12 67.06 -3.16 6.09
CA LYS K 12 65.63 -3.24 5.71
C LYS K 12 65.06 -1.92 5.19
N PRO K 13 64.58 -1.87 3.95
CA PRO K 13 63.96 -0.66 3.42
C PRO K 13 62.55 -0.46 3.97
N PRO K 14 62.04 0.76 3.95
CA PRO K 14 60.65 1.00 4.40
C PRO K 14 59.62 0.34 3.48
N VAL K 15 58.74 -0.47 4.06
CA VAL K 15 57.72 -1.23 3.32
C VAL K 15 56.59 -0.36 2.77
N ILE K 16 56.26 -0.58 1.46
CA ILE K 16 55.18 0.07 0.71
C ILE K 16 53.87 -0.70 0.90
N LYS K 17 52.75 0.01 1.10
CA LYS K 17 51.45 -0.66 1.22
C LYS K 17 50.46 -0.24 0.13
N PRO K 18 50.19 -1.08 -0.88
CA PRO K 18 49.23 -0.72 -1.92
C PRO K 18 47.80 -0.72 -1.38
N GLU K 19 46.89 -0.07 -2.12
CA GLU K 19 45.50 0.03 -1.67
C GLU K 19 44.53 0.06 -2.85
N ASN K 20 43.52 -0.81 -2.82
CA ASN K 20 42.46 -0.85 -3.82
C ASN K 20 41.22 -0.19 -3.22
N ILE K 21 40.76 0.91 -3.83
CA ILE K 21 39.65 1.70 -3.32
C ILE K 21 38.59 1.97 -4.38
N VAL K 22 37.31 1.75 -4.03
CA VAL K 22 36.17 2.01 -4.91
C VAL K 22 35.43 3.25 -4.43
N LEU K 23 35.22 4.20 -5.35
CA LEU K 23 34.58 5.48 -5.06
C LEU K 23 33.08 5.41 -4.76
N SER K 24 32.60 6.36 -3.96
CA SER K 24 31.18 6.49 -3.64
C SER K 24 30.37 6.97 -4.85
N THR K 25 29.03 6.81 -4.78
CA THR K 25 28.17 7.24 -5.90
C THR K 25 27.48 8.59 -5.70
N PRO K 26 27.49 9.45 -6.74
CA PRO K 26 26.83 10.75 -6.68
C PRO K 26 25.32 10.68 -6.42
N LEU K 27 24.79 11.81 -5.93
CA LEU K 27 23.36 12.00 -5.64
C LEU K 27 22.51 12.14 -6.90
N SER K 28 21.22 11.82 -6.76
CA SER K 28 20.25 11.91 -7.86
C SER K 28 19.34 13.12 -7.67
N ILE K 29 19.17 13.92 -8.73
CA ILE K 29 18.32 15.12 -8.66
C ILE K 29 16.86 14.73 -8.42
N PRO K 30 16.15 15.38 -7.49
CA PRO K 30 14.74 15.07 -7.28
C PRO K 30 13.93 15.35 -8.54
N PRO K 31 13.04 14.45 -8.95
CA PRO K 31 12.26 14.65 -10.18
C PRO K 31 11.47 15.94 -10.19
N PRO K 32 11.16 16.45 -11.39
CA PRO K 32 10.48 17.74 -11.55
C PRO K 32 8.99 17.69 -11.23
N GLU K 33 8.60 17.26 -10.03
CA GLU K 33 7.19 17.23 -9.65
C GLU K 33 6.58 18.62 -9.52
N GLY K 34 5.49 18.84 -10.27
CA GLY K 34 4.77 20.09 -10.29
C GLY K 34 3.50 20.05 -9.45
N LYS K 35 3.07 21.23 -9.03
CA LYS K 35 1.89 21.53 -8.23
C LYS K 35 0.85 22.35 -9.03
N PRO K 36 -0.46 22.11 -8.86
CA PRO K 36 -1.53 22.81 -9.59
C PRO K 36 -1.80 24.21 -9.05
N TRP K 37 -0.75 25.00 -9.06
CA TRP K 37 -0.71 26.37 -8.57
C TRP K 37 -1.87 27.25 -9.05
N TRP K 38 -2.25 27.15 -10.33
CA TRP K 38 -3.34 27.98 -10.88
C TRP K 38 -4.69 27.77 -10.20
N LEU K 39 -4.89 26.63 -9.55
CA LEU K 39 -6.15 26.34 -8.86
C LEU K 39 -6.35 27.23 -7.64
N ILE K 40 -5.35 27.28 -6.76
CA ILE K 40 -5.39 28.10 -5.55
C ILE K 40 -5.41 29.60 -5.87
N VAL K 41 -4.87 30.00 -7.02
CA VAL K 41 -4.91 31.41 -7.44
C VAL K 41 -6.34 31.86 -7.70
N VAL K 42 -7.17 31.00 -8.26
CA VAL K 42 -8.57 31.34 -8.46
C VAL K 42 -9.30 31.33 -7.12
N GLY K 43 -8.98 30.35 -6.28
CA GLY K 43 -9.61 30.21 -4.98
C GLY K 43 -9.60 31.49 -4.15
N VAL K 44 -8.42 32.09 -3.99
CA VAL K 44 -8.28 33.33 -3.21
C VAL K 44 -9.10 34.46 -3.78
N VAL K 45 -9.36 34.48 -5.08
CA VAL K 45 -10.18 35.53 -5.67
C VAL K 45 -11.64 35.30 -5.28
N VAL K 46 -12.11 34.07 -5.43
CA VAL K 46 -13.50 33.74 -5.14
C VAL K 46 -13.83 34.07 -3.69
N VAL K 47 -12.99 33.66 -2.76
CA VAL K 47 -13.26 33.94 -1.34
C VAL K 47 -13.20 35.43 -1.08
N GLY K 48 -12.37 36.17 -1.80
CA GLY K 48 -12.29 37.61 -1.58
C GLY K 48 -13.54 38.31 -2.07
N LEU K 49 -14.03 37.89 -3.23
CA LEU K 49 -15.23 38.46 -3.84
C LEU K 49 -16.46 38.26 -2.94
N LEU K 50 -16.49 37.21 -2.14
CA LEU K 50 -17.61 36.99 -1.21
C LEU K 50 -17.72 38.13 -0.20
N GLY K 51 -16.60 38.51 0.41
CA GLY K 51 -16.61 39.60 1.39
C GLY K 51 -17.11 40.90 0.79
N GLY K 52 -16.71 41.18 -0.44
CA GLY K 52 -17.17 42.38 -1.14
C GLY K 52 -18.68 42.36 -1.35
N MET K 53 -19.20 41.24 -1.81
CA MET K 53 -20.64 41.11 -2.03
C MET K 53 -21.43 41.33 -0.73
N VAL K 54 -20.92 40.81 0.38
CA VAL K 54 -21.57 41.00 1.69
C VAL K 54 -21.47 42.45 2.17
N ALA K 55 -20.29 43.04 2.11
CA ALA K 55 -20.10 44.43 2.54
C ALA K 55 -21.02 45.39 1.78
N MET K 56 -21.12 45.22 0.46
CA MET K 56 -21.95 46.07 -0.38
C MET K 56 -23.40 46.06 0.10
N VAL K 57 -23.89 44.94 0.62
CA VAL K 57 -25.25 44.88 1.14
C VAL K 57 -25.33 45.67 2.46
N PHE K 58 -24.33 45.55 3.33
CA PHE K 58 -24.37 46.36 4.55
C PHE K 58 -24.33 47.84 4.25
N ALA K 59 -23.51 48.25 3.28
CA ALA K 59 -23.46 49.67 2.92
C ALA K 59 -24.79 50.15 2.38
N SER K 60 -25.61 49.25 1.85
CA SER K 60 -26.94 49.65 1.40
C SER K 60 -27.91 49.76 2.58
N GLY K 61 -27.50 49.25 3.74
CA GLY K 61 -28.29 49.33 4.95
C GLY K 61 -29.38 48.30 5.08
N SER K 62 -29.47 47.35 4.15
CA SER K 62 -30.57 46.40 4.21
C SER K 62 -30.43 45.56 5.48
N HIS K 63 -29.19 45.30 5.87
CA HIS K 63 -28.82 44.55 7.08
C HIS K 63 -29.65 43.30 7.31
N VAL K 64 -29.97 42.62 6.21
CA VAL K 64 -30.75 41.39 6.25
C VAL K 64 -30.01 40.29 7.00
N PHE K 65 -28.69 40.43 7.12
CA PHE K 65 -27.83 39.50 7.85
C PHE K 65 -27.97 39.65 9.37
N GLY K 66 -27.40 38.65 10.06
CA GLY K 66 -27.48 38.48 11.50
C GLY K 66 -28.51 37.39 11.73
N GLY K 67 -28.05 36.30 12.36
CA GLY K 67 -28.88 35.12 12.58
C GLY K 67 -29.27 34.47 11.25
N ILE K 68 -30.56 34.45 10.94
CA ILE K 68 -31.12 33.86 9.73
C ILE K 68 -30.33 34.19 8.45
N GLY K 69 -30.00 35.47 8.23
CA GLY K 69 -29.28 35.86 7.02
C GLY K 69 -27.82 35.41 6.98
N SER K 70 -27.07 35.59 8.07
CA SER K 70 -25.65 35.21 8.10
C SER K 70 -25.38 33.73 7.76
N ILE K 71 -26.36 32.85 7.97
CA ILE K 71 -26.23 31.42 7.68
C ILE K 71 -25.85 31.15 6.21
N PHE K 72 -26.34 31.94 5.26
CA PHE K 72 -26.01 31.73 3.85
C PHE K 72 -24.52 31.90 3.56
N PRO K 73 -23.91 33.06 3.78
CA PRO K 73 -22.46 33.22 3.55
C PRO K 73 -21.60 32.32 4.42
N LEU K 74 -22.02 32.02 5.65
CA LEU K 74 -21.28 31.11 6.53
C LEU K 74 -21.16 29.73 5.93
N PHE K 75 -22.26 29.14 5.49
CA PHE K 75 -22.21 27.82 4.88
C PHE K 75 -21.44 27.85 3.55
N MET K 76 -21.67 28.89 2.74
CA MET K 76 -21.03 29.05 1.43
C MET K 76 -19.50 29.13 1.51
N MET K 77 -18.96 29.77 2.54
CA MET K 77 -17.51 29.86 2.71
C MET K 77 -16.82 28.51 2.77
N VAL K 78 -17.43 27.54 3.45
CA VAL K 78 -16.82 26.22 3.60
C VAL K 78 -16.70 25.54 2.24
N GLY K 79 -17.70 25.67 1.39
CA GLY K 79 -17.69 25.01 0.08
C GLY K 79 -16.49 25.35 -0.79
N ILE K 80 -16.11 26.62 -0.84
CA ILE K 80 -14.97 27.03 -1.66
C ILE K 80 -13.69 26.39 -1.14
N MET K 81 -13.48 26.38 0.17
CA MET K 81 -12.31 25.75 0.76
C MET K 81 -12.24 24.25 0.46
N MET K 82 -13.36 23.55 0.51
CA MET K 82 -13.35 22.12 0.20
C MET K 82 -12.90 21.83 -1.24
N MET K 83 -13.45 22.58 -2.19
CA MET K 83 -13.13 22.37 -3.61
C MET K 83 -11.65 22.60 -3.90
N MET K 84 -11.06 23.62 -3.30
CA MET K 84 -9.63 23.88 -3.52
C MET K 84 -8.79 22.93 -2.69
N PHE K 85 -9.30 22.49 -1.55
CA PHE K 85 -8.59 21.54 -0.74
C PHE K 85 -8.52 20.20 -1.48
N ARG K 86 -9.63 19.80 -2.09
CA ARG K 86 -9.74 18.54 -2.85
C ARG K 86 -8.73 18.44 -4.01
N GLY K 87 -8.47 19.54 -4.71
CA GLY K 87 -7.53 19.53 -5.82
C GLY K 87 -6.07 19.39 -5.39
N MET K 88 -5.74 19.90 -4.22
CA MET K 88 -4.39 19.85 -3.67
C MET K 88 -4.05 18.45 -3.14
N GLY K 89 -5.05 17.72 -2.68
CA GLY K 89 -4.94 16.39 -2.09
C GLY K 89 -4.61 15.21 -2.99
N GLY K 90 -3.86 15.45 -4.06
CA GLY K 90 -3.44 14.42 -5.02
C GLY K 90 -2.33 13.46 -4.54
N GLY K 91 -1.62 13.77 -3.46
CA GLY K 91 -0.57 12.87 -2.99
C GLY K 91 0.21 13.47 -1.83
N GLN K 92 1.13 12.65 -1.28
CA GLN K 92 2.00 13.06 -0.17
C GLN K 92 3.38 12.40 -0.21
N GLN K 93 4.39 13.16 -0.60
CA GLN K 93 5.78 12.70 -0.66
C GLN K 93 6.64 13.95 -0.54
N GLN K 94 7.87 13.79 -0.04
CA GLN K 94 8.73 14.94 0.27
C GLN K 94 10.15 14.85 -0.28
N MET K 95 10.68 16.01 -0.68
CA MET K 95 12.01 16.16 -1.25
C MET K 95 12.67 17.42 -0.69
N SER K 96 12.25 17.83 0.50
CA SER K 96 12.66 19.06 1.17
C SER K 96 14.17 19.23 1.33
N ARG K 97 14.53 20.52 1.37
CA ARG K 97 15.89 21.04 1.53
C ARG K 97 16.64 20.38 2.68
N PRO K 98 16.06 20.21 3.87
CA PRO K 98 16.75 19.52 4.96
C PRO K 98 17.24 18.14 4.61
N LYS K 99 16.49 17.39 3.80
CA LYS K 99 16.89 16.03 3.44
C LYS K 99 17.94 16.02 2.34
N LEU K 100 17.81 16.90 1.36
CA LEU K 100 18.78 16.97 0.27
C LEU K 100 20.11 17.50 0.79
N ASP K 101 20.08 18.56 1.58
CA ASP K 101 21.32 19.10 2.11
C ASP K 101 21.97 18.12 3.06
N ALA K 102 21.18 17.32 3.75
CA ALA K 102 21.75 16.33 4.65
C ALA K 102 22.53 15.29 3.87
N MET K 103 21.96 14.82 2.76
CA MET K 103 22.67 13.84 1.94
C MET K 103 23.94 14.47 1.39
N ARG K 104 23.86 15.73 0.99
CA ARG K 104 25.03 16.42 0.49
C ARG K 104 26.09 16.45 1.59
N ALA K 105 25.71 16.87 2.79
CA ALA K 105 26.65 16.95 3.90
C ALA K 105 27.29 15.60 4.19
N GLN K 106 26.49 14.54 4.18
CA GLN K 106 27.05 13.22 4.47
C GLN K 106 27.99 12.80 3.37
N PHE K 107 27.61 13.06 2.13
CA PHE K 107 28.42 12.71 0.98
C PHE K 107 29.79 13.35 1.08
N MET K 108 29.84 14.62 1.44
CA MET K 108 31.12 15.31 1.55
C MET K 108 32.00 14.64 2.60
N LEU K 109 31.40 14.20 3.70
CA LEU K 109 32.17 13.57 4.77
C LEU K 109 32.79 12.25 4.32
N MET K 110 32.05 11.46 3.53
CA MET K 110 32.61 10.19 3.06
C MET K 110 33.83 10.43 2.17
N LEU K 111 33.81 11.49 1.39
CA LEU K 111 34.94 11.81 0.51
C LEU K 111 36.20 12.16 1.28
N ASP K 112 36.06 12.88 2.40
CA ASP K 112 37.21 13.25 3.22
C ASP K 112 38.02 12.05 3.72
N MET K 113 37.35 10.99 4.17
CA MET K 113 38.05 9.81 4.69
C MET K 113 38.86 9.08 3.63
N LEU K 114 38.45 9.12 2.37
CA LEU K 114 39.26 8.53 1.32
C LEU K 114 40.52 9.36 1.12
N ARG K 115 40.43 10.67 1.28
CA ARG K 115 41.59 11.54 1.15
C ARG K 115 42.68 11.13 2.13
N GLU K 116 42.32 10.96 3.41
CA GLU K 116 43.27 10.53 4.42
C GLU K 116 43.92 9.20 4.07
N THR K 117 43.15 8.23 3.58
CA THR K 117 43.69 6.91 3.26
C THR K 117 44.73 6.98 2.14
N ALA K 118 44.50 7.82 1.15
CA ALA K 118 45.44 7.98 0.03
C ALA K 118 46.75 8.61 0.48
N GLN K 119 46.68 9.65 1.30
CA GLN K 119 47.85 10.39 1.79
C GLN K 119 48.88 9.51 2.54
N GLU K 120 48.45 8.61 3.43
CA GLU K 120 49.41 7.75 4.13
C GLU K 120 50.16 6.86 3.16
N SER K 121 49.47 6.36 2.14
CA SER K 121 50.10 5.51 1.16
C SER K 121 51.15 6.28 0.38
N ALA K 122 50.88 7.56 0.10
CA ALA K 122 51.82 8.40 -0.63
C ALA K 122 53.09 8.63 0.16
N ASP K 123 52.99 8.89 1.46
CA ASP K 123 54.19 9.07 2.27
C ASP K 123 55.07 7.84 2.23
N SER K 124 54.48 6.64 2.23
CA SER K 124 55.28 5.43 2.20
C SER K 124 56.08 5.33 0.91
N MET K 125 55.56 5.81 -0.21
CA MET K 125 56.33 5.74 -1.45
C MET K 125 57.46 6.78 -1.43
N ASP K 126 57.18 7.98 -0.91
CA ASP K 126 58.20 9.01 -0.83
C ASP K 126 59.37 8.53 0.01
N ALA K 127 59.06 8.02 1.19
CA ALA K 127 60.11 7.49 2.07
C ALA K 127 60.91 6.40 1.37
N ASN K 128 60.23 5.44 0.74
CA ASN K 128 60.93 4.34 0.07
C ASN K 128 61.80 4.83 -1.10
N TYR K 129 61.25 5.67 -1.98
CA TYR K 129 62.01 6.14 -3.12
C TYR K 129 63.18 7.00 -2.69
N ARG K 130 62.95 7.87 -1.70
CA ARG K 130 64.00 8.73 -1.18
C ARG K 130 65.09 7.85 -0.55
N TRP K 131 64.68 6.75 0.08
CA TRP K 131 65.59 5.84 0.75
C TRP K 131 66.57 5.21 -0.24
N PHE K 132 66.20 5.12 -1.51
CA PHE K 132 67.06 4.60 -2.56
C PHE K 132 67.64 5.65 -3.47
N HIS K 133 67.02 6.81 -3.62
CA HIS K 133 67.48 7.86 -4.53
C HIS K 133 67.53 9.25 -3.89
N PRO K 134 68.55 9.51 -3.09
CA PRO K 134 68.73 10.84 -2.48
C PRO K 134 69.12 11.93 -3.49
N ALA K 135 68.99 13.17 -3.05
CA ALA K 135 69.42 14.32 -3.86
C ALA K 135 70.94 14.29 -4.03
N PRO K 136 71.42 14.64 -5.23
CA PRO K 136 72.86 14.52 -5.55
C PRO K 136 73.83 15.23 -4.61
N ASN K 137 73.47 16.38 -4.07
CA ASN K 137 74.35 17.12 -3.16
C ASN K 137 74.61 16.41 -1.84
N THR K 138 73.71 15.56 -1.39
CA THR K 138 73.88 14.81 -0.14
C THR K 138 74.75 13.56 -0.27
N LEU K 139 75.07 13.13 -1.49
CA LEU K 139 75.81 11.89 -1.74
C LEU K 139 77.22 11.86 -1.15
N ALA K 140 77.91 13.00 -1.11
CA ALA K 140 79.29 13.04 -0.59
C ALA K 140 79.41 12.59 0.87
N ALA K 141 78.58 13.15 1.74
CA ALA K 141 78.60 12.78 3.16
C ALA K 141 78.23 11.32 3.40
N ALA K 142 77.46 10.72 2.52
CA ALA K 142 77.04 9.32 2.63
C ALA K 142 78.10 8.31 2.19
N VAL K 143 79.21 8.76 1.59
CA VAL K 143 80.25 7.88 1.04
C VAL K 143 80.68 6.77 2.02
N GLY K 144 80.84 7.09 3.29
CA GLY K 144 81.23 6.05 4.24
C GLY K 144 80.15 5.07 4.62
N SER K 145 78.89 5.44 4.46
CA SER K 145 77.80 4.56 4.84
C SER K 145 77.70 3.34 3.92
N PRO K 146 77.09 2.26 4.42
CA PRO K 146 76.89 1.03 3.64
C PRO K 146 75.93 1.15 2.48
N ARG K 147 75.27 2.30 2.34
CA ARG K 147 74.32 2.52 1.25
C ARG K 147 75.04 2.64 -0.10
N MET K 148 76.33 2.95 -0.08
CA MET K 148 77.16 3.05 -1.28
C MET K 148 77.36 1.69 -1.96
N TRP K 149 77.33 1.70 -3.30
CA TRP K 149 77.54 0.52 -4.14
C TRP K 149 76.65 -0.65 -3.72
N GLU K 150 75.47 -0.30 -3.21
CA GLU K 150 74.48 -1.25 -2.72
C GLU K 150 73.71 -1.96 -3.85
N ARG K 151 73.59 -1.35 -5.02
CA ARG K 151 72.77 -1.90 -6.11
C ARG K 151 73.23 -3.28 -6.56
N LYS K 152 72.26 -4.22 -6.66
CA LYS K 152 72.55 -5.60 -7.03
C LYS K 152 71.77 -6.05 -8.27
N PRO K 153 72.41 -6.83 -9.15
CA PRO K 153 71.75 -7.32 -10.36
C PRO K 153 70.92 -8.58 -10.13
N ASP K 154 70.96 -9.14 -8.92
CA ASP K 154 70.30 -10.39 -8.60
C ASP K 154 68.76 -10.34 -8.57
N GLY K 155 68.18 -10.14 -9.75
CA GLY K 155 66.74 -10.19 -9.99
C GLY K 155 65.71 -9.47 -9.15
N LYS K 156 65.83 -9.49 -7.82
CA LYS K 156 64.83 -8.84 -6.96
C LYS K 156 64.94 -7.32 -6.88
N ASP K 157 66.12 -6.75 -7.10
CA ASP K 157 66.29 -5.30 -7.02
C ASP K 157 65.76 -4.63 -8.27
N LEU K 158 64.53 -4.12 -8.17
CA LEU K 158 63.83 -3.46 -9.25
C LEU K 158 64.44 -2.09 -9.60
N ASN K 159 65.36 -1.58 -8.78
CA ASN K 159 66.04 -0.32 -9.05
C ASN K 159 67.33 -0.49 -9.86
N PHE K 160 67.76 -1.71 -10.14
CA PHE K 160 68.97 -1.90 -10.92
C PHE K 160 68.76 -1.29 -12.30
N GLY K 161 69.79 -0.59 -12.77
CA GLY K 161 69.78 0.12 -14.04
C GLY K 161 68.98 1.39 -14.05
N VAL K 162 68.53 1.86 -12.90
CA VAL K 162 67.73 3.07 -12.79
C VAL K 162 68.60 4.19 -12.23
N VAL K 163 68.47 5.40 -12.80
CA VAL K 163 69.24 6.57 -12.39
C VAL K 163 68.30 7.76 -12.16
N ARG K 164 68.52 8.48 -11.07
CA ARG K 164 67.75 9.68 -10.76
C ARG K 164 68.23 10.85 -11.61
N VAL K 165 67.30 11.49 -12.32
CA VAL K 165 67.62 12.62 -13.20
C VAL K 165 66.98 13.93 -12.72
N GLY K 166 66.02 13.89 -11.81
CA GLY K 166 65.35 15.09 -11.38
C GLY K 166 64.07 14.77 -10.61
N VAL K 167 63.16 15.73 -10.59
CA VAL K 167 61.88 15.59 -9.90
C VAL K 167 60.69 15.90 -10.80
N GLY K 168 59.55 15.30 -10.46
CA GLY K 168 58.35 15.50 -11.24
C GLY K 168 57.15 14.75 -10.72
N MET K 169 56.19 14.50 -11.61
CA MET K 169 54.94 13.81 -11.32
C MET K 169 55.00 12.30 -11.50
N THR K 170 54.18 11.59 -10.71
CA THR K 170 54.06 10.14 -10.84
C THR K 170 52.69 9.68 -10.35
N ARG K 171 52.29 8.48 -10.81
CA ARG K 171 51.02 7.85 -10.45
C ARG K 171 51.17 7.10 -9.13
N PRO K 172 50.30 7.33 -8.16
CA PRO K 172 50.40 6.63 -6.87
C PRO K 172 50.14 5.15 -7.00
N GLU K 173 50.48 4.44 -5.92
CA GLU K 173 50.29 3.00 -5.82
C GLU K 173 48.85 2.62 -5.54
N VAL K 174 47.97 3.59 -5.38
CA VAL K 174 46.54 3.35 -5.18
C VAL K 174 45.88 3.03 -6.51
N THR K 175 44.84 2.18 -6.45
CA THR K 175 44.07 1.81 -7.63
C THR K 175 42.59 2.10 -7.37
N TRP K 176 42.07 3.05 -8.14
CA TRP K 176 40.71 3.58 -8.06
C TRP K 176 39.65 2.78 -8.83
N GLY K 177 38.55 2.50 -8.17
CA GLY K 177 37.41 1.80 -8.76
C GLY K 177 36.26 2.73 -9.15
N GLU K 178 35.72 2.49 -10.35
CA GLU K 178 34.59 3.24 -10.87
C GLU K 178 33.31 3.05 -10.04
N PRO K 179 32.56 4.11 -9.80
CA PRO K 179 31.30 4.00 -9.06
C PRO K 179 30.20 3.29 -9.86
N GLN K 180 29.49 2.40 -9.19
CA GLN K 180 28.34 1.68 -9.73
C GLN K 180 27.05 2.53 -9.75
N ASN K 181 26.12 2.12 -10.63
CA ASN K 181 24.79 2.73 -10.84
C ASN K 181 24.76 4.24 -11.03
N MET K 182 25.76 4.80 -11.70
CA MET K 182 25.77 6.27 -11.88
C MET K 182 24.56 6.81 -12.64
N PRO K 183 23.84 7.78 -12.08
CA PRO K 183 22.70 8.39 -12.78
C PRO K 183 23.11 9.03 -14.10
N THR K 184 22.15 9.15 -15.01
CA THR K 184 22.42 9.83 -16.27
C THR K 184 22.69 11.32 -16.02
N ASP K 185 23.41 11.93 -16.97
CA ASP K 185 23.84 13.33 -16.87
C ASP K 185 22.72 14.31 -16.52
N ILE K 186 21.54 14.16 -17.12
CA ILE K 186 20.42 15.06 -16.81
C ILE K 186 19.84 14.88 -15.42
N GLU K 187 20.20 13.82 -14.72
CA GLU K 187 19.72 13.52 -13.39
C GLU K 187 20.76 13.81 -12.29
N LEU K 188 21.98 14.23 -12.66
CA LEU K 188 23.06 14.48 -11.71
C LEU K 188 22.87 15.75 -10.89
N GLU K 189 23.13 15.63 -9.59
CA GLU K 189 23.13 16.75 -8.65
C GLU K 189 24.40 17.59 -8.90
N PRO K 190 24.28 18.92 -8.98
CA PRO K 190 25.44 19.76 -9.33
C PRO K 190 26.61 19.81 -8.34
N VAL K 191 26.35 19.81 -7.03
CA VAL K 191 27.43 19.93 -6.04
C VAL K 191 28.34 18.70 -6.05
N THR K 192 27.77 17.54 -5.81
CA THR K 192 28.51 16.29 -5.69
C THR K 192 29.18 15.87 -6.98
N GLY K 193 28.62 16.23 -8.11
CA GLY K 193 29.26 15.91 -9.37
C GLY K 193 30.64 16.52 -9.48
N LYS K 194 30.73 17.83 -9.33
CA LYS K 194 32.04 18.47 -9.43
C LYS K 194 33.00 17.98 -8.35
N ALA K 195 32.53 17.79 -7.13
CA ALA K 195 33.43 17.34 -6.07
C ALA K 195 34.12 16.04 -6.44
N LEU K 196 33.35 15.06 -6.92
CA LEU K 196 33.94 13.77 -7.28
C LEU K 196 34.76 13.90 -8.55
N GLN K 197 34.33 14.76 -9.46
CA GLN K 197 35.07 14.97 -10.69
C GLN K 197 36.44 15.56 -10.38
N GLU K 198 36.47 16.60 -9.55
CA GLU K 198 37.72 17.23 -9.17
C GLU K 198 38.62 16.30 -8.38
N PHE K 199 38.05 15.51 -7.47
CA PHE K 199 38.84 14.56 -6.67
C PHE K 199 39.65 13.62 -7.56
N GLY K 200 39.01 13.06 -8.58
CA GLY K 200 39.72 12.19 -9.49
C GLY K 200 40.81 12.91 -10.24
N ARG K 201 40.56 14.15 -10.63
CA ARG K 201 41.56 14.86 -11.41
C ARG K 201 42.82 15.11 -10.59
N TYR K 202 42.69 15.58 -9.35
CA TYR K 202 43.90 15.83 -8.59
C TYR K 202 44.43 14.61 -7.86
N GLN K 203 43.56 13.77 -7.32
CA GLN K 203 44.05 12.60 -6.59
C GLN K 203 44.61 11.48 -7.48
N SER K 204 44.60 11.65 -8.79
CA SER K 204 45.16 10.66 -9.70
C SER K 204 46.67 10.81 -9.89
N VAL K 205 47.32 11.77 -9.23
CA VAL K 205 48.76 11.97 -9.37
C VAL K 205 49.35 12.52 -8.08
N VAL K 206 50.63 12.25 -7.85
CA VAL K 206 51.38 12.77 -6.71
C VAL K 206 52.58 13.56 -7.23
N TYR K 207 52.71 14.78 -6.72
CA TYR K 207 53.74 15.77 -7.07
C TYR K 207 55.05 15.68 -6.30
N ASN K 208 56.10 16.17 -6.95
CA ASN K 208 57.46 16.28 -6.44
C ASN K 208 58.18 14.96 -6.15
N LEU K 209 57.94 13.97 -6.92
CA LEU K 209 58.67 12.73 -6.70
C LEU K 209 59.90 12.70 -7.62
N PRO K 210 60.94 11.98 -7.22
CA PRO K 210 62.16 11.87 -8.03
C PRO K 210 61.92 11.06 -9.29
N LYS K 211 62.17 11.68 -10.44
CA LYS K 211 62.03 11.05 -11.74
C LYS K 211 63.31 10.28 -12.06
N MET K 212 63.17 9.20 -12.83
CA MET K 212 64.28 8.29 -13.11
C MET K 212 64.35 7.84 -14.57
N VAL K 213 65.55 7.37 -14.95
CA VAL K 213 65.85 6.84 -16.28
C VAL K 213 66.50 5.48 -16.15
N SER K 214 66.15 4.56 -17.06
CA SER K 214 66.69 3.20 -17.08
C SER K 214 67.63 2.95 -18.26
N LEU K 215 68.84 2.46 -17.94
CA LEU K 215 69.87 2.14 -18.92
C LEU K 215 69.51 0.93 -19.77
N LEU K 216 68.86 -0.07 -19.16
CA LEU K 216 68.46 -1.33 -19.78
C LEU K 216 67.29 -1.20 -20.76
N VAL K 217 66.76 -0.01 -20.99
CA VAL K 217 65.58 0.17 -21.84
C VAL K 217 65.86 0.82 -23.20
N GLU K 218 66.95 1.55 -23.39
CA GLU K 218 67.19 2.18 -24.69
C GLU K 218 68.66 2.16 -25.08
N PRO K 219 68.96 2.05 -26.38
CA PRO K 219 70.37 2.07 -26.82
C PRO K 219 71.10 3.37 -26.49
N TRP K 220 70.42 4.51 -26.54
CA TRP K 220 71.07 5.80 -26.27
C TRP K 220 70.00 6.81 -25.83
N TYR K 221 70.46 7.97 -25.33
CA TYR K 221 69.60 9.09 -24.92
C TYR K 221 70.18 10.42 -25.39
N ALA K 222 69.55 11.01 -26.40
CA ALA K 222 69.95 12.29 -26.96
C ALA K 222 69.49 13.45 -26.09
N LEU K 223 70.45 14.26 -25.63
CA LEU K 223 70.23 15.43 -24.79
C LEU K 223 70.35 16.67 -25.67
N VAL K 224 69.26 17.44 -25.79
CA VAL K 224 69.25 18.62 -26.65
C VAL K 224 68.95 19.90 -25.88
N GLY K 225 69.92 20.82 -25.88
CA GLY K 225 69.84 22.10 -25.21
C GLY K 225 71.20 22.77 -25.22
N GLU K 226 71.31 23.89 -24.51
CA GLU K 226 72.60 24.58 -24.46
C GLU K 226 73.61 23.76 -23.67
N ARG K 227 74.88 23.96 -24.01
CA ARG K 227 75.99 23.21 -23.45
C ARG K 227 75.98 23.21 -21.92
N GLU K 228 75.74 24.36 -21.30
CA GLU K 228 75.76 24.45 -19.84
C GLU K 228 74.68 23.57 -19.21
N GLN K 229 73.49 23.54 -19.78
CA GLN K 229 72.45 22.70 -19.21
C GLN K 229 72.81 21.24 -19.41
N VAL K 230 73.23 20.90 -20.63
CA VAL K 230 73.58 19.53 -20.97
C VAL K 230 74.75 19.05 -20.12
N LEU K 231 75.81 19.84 -20.00
CA LEU K 231 76.93 19.43 -19.18
C LEU K 231 76.57 19.39 -17.70
N GLY K 232 75.69 20.30 -17.27
CA GLY K 232 75.23 20.31 -15.88
C GLY K 232 74.55 19.02 -15.46
N LEU K 233 73.61 18.55 -16.28
CA LEU K 233 72.91 17.29 -16.04
C LEU K 233 73.83 16.07 -16.12
N MET K 234 74.71 16.01 -17.12
CA MET K 234 75.59 14.86 -17.31
C MET K 234 76.53 14.60 -16.12
N ARG K 235 77.11 15.64 -15.53
CA ARG K 235 77.97 15.42 -14.37
C ARG K 235 77.19 14.77 -13.24
N ALA K 236 75.93 15.18 -13.03
CA ALA K 236 75.08 14.60 -11.99
C ALA K 236 74.81 13.11 -12.25
N ILE K 237 74.54 12.75 -13.50
CA ILE K 237 74.31 11.36 -13.90
C ILE K 237 75.53 10.48 -13.61
N ILE K 238 76.71 10.96 -13.95
CA ILE K 238 77.95 10.19 -13.73
C ILE K 238 78.17 9.92 -12.25
N CYS K 239 78.09 10.94 -11.41
CA CYS K 239 78.33 10.71 -9.98
C CYS K 239 77.21 9.90 -9.37
N GLN K 240 75.99 10.02 -9.88
CA GLN K 240 74.90 9.20 -9.37
C GLN K 240 75.23 7.72 -9.62
N LEU K 241 75.67 7.41 -10.85
CA LEU K 241 76.09 6.06 -11.19
C LEU K 241 77.25 5.59 -10.32
N ALA K 242 78.28 6.42 -10.20
CA ALA K 242 79.47 6.10 -9.42
C ALA K 242 79.15 5.81 -7.94
N PHE K 243 78.18 6.50 -7.36
CA PHE K 243 77.82 6.22 -5.96
C PHE K 243 76.95 4.98 -5.80
N SER K 244 75.98 4.78 -6.67
CA SER K 244 75.04 3.68 -6.48
C SER K 244 75.56 2.37 -7.06
N HIS K 245 76.33 2.39 -8.13
CA HIS K 245 76.83 1.17 -8.73
C HIS K 245 78.33 1.00 -8.50
N GLY K 246 78.70 -0.22 -8.13
CA GLY K 246 80.07 -0.60 -7.90
C GLY K 246 80.82 -0.76 -9.21
N PRO K 247 82.13 -0.60 -9.14
CA PRO K 247 82.98 -0.73 -10.34
C PRO K 247 82.94 -2.12 -10.98
N ASP K 248 82.50 -3.14 -10.25
CA ASP K 248 82.32 -4.50 -10.76
C ASP K 248 81.08 -4.65 -11.63
N HIS K 249 80.17 -3.70 -11.58
CA HIS K 249 78.95 -3.70 -12.37
C HIS K 249 78.88 -2.61 -13.43
N VAL K 250 79.65 -1.52 -13.32
CA VAL K 250 79.64 -0.45 -14.32
C VAL K 250 81.05 0.04 -14.60
N GLN K 251 81.32 0.25 -15.89
CA GLN K 251 82.55 0.83 -16.44
C GLN K 251 82.16 1.95 -17.40
N MET K 252 82.95 3.04 -17.42
CA MET K 252 82.64 4.24 -18.20
C MET K 252 83.78 4.71 -19.10
N ILE K 253 83.43 5.22 -20.29
CA ILE K 253 84.38 5.72 -21.28
C ILE K 253 83.87 7.05 -21.83
N VAL K 254 84.79 7.98 -22.09
CA VAL K 254 84.49 9.30 -22.68
C VAL K 254 85.23 9.51 -23.99
N VAL K 255 84.50 9.96 -25.01
CA VAL K 255 85.06 10.34 -26.30
C VAL K 255 84.72 11.82 -26.46
N SER K 256 85.71 12.70 -26.27
CA SER K 256 85.47 14.14 -26.30
C SER K 256 86.70 14.90 -26.80
N SER K 257 86.44 16.04 -27.44
CA SER K 257 87.48 16.96 -27.91
C SER K 257 87.84 18.02 -26.86
N ASP K 258 86.89 18.42 -26.03
CA ASP K 258 87.08 19.42 -24.97
C ASP K 258 87.56 18.75 -23.66
N LEU K 259 88.78 18.20 -23.74
CA LEU K 259 89.39 17.49 -22.62
C LEU K 259 89.51 18.32 -21.34
N ASP K 260 89.55 19.65 -21.44
CA ASP K 260 89.64 20.49 -20.24
C ASP K 260 88.43 20.35 -19.33
N GLN K 261 87.29 19.93 -19.87
CA GLN K 261 86.07 19.77 -19.09
C GLN K 261 86.02 18.46 -18.32
N TRP K 262 86.75 17.45 -18.81
CA TRP K 262 86.79 16.11 -18.25
C TRP K 262 88.05 15.85 -17.42
N ASP K 263 88.79 16.89 -17.08
CA ASP K 263 90.05 16.78 -16.33
C ASP K 263 89.84 16.13 -14.97
N TRP K 264 88.71 16.42 -14.31
CA TRP K 264 88.38 15.85 -13.00
C TRP K 264 88.22 14.33 -12.98
N VAL K 265 88.02 13.69 -14.12
CA VAL K 265 87.81 12.24 -14.21
C VAL K 265 88.97 11.41 -13.66
N LYS K 266 90.17 11.98 -13.60
CA LYS K 266 91.39 11.28 -13.13
C LYS K 266 91.24 10.49 -11.84
N TRP K 267 90.53 11.03 -10.86
CA TRP K 267 90.36 10.35 -9.56
C TRP K 267 89.42 9.14 -9.59
N LEU K 268 88.42 9.09 -10.47
CA LEU K 268 87.47 7.98 -10.43
C LEU K 268 88.04 6.63 -10.86
N PRO K 269 87.72 5.54 -10.13
CA PRO K 269 88.15 4.18 -10.46
C PRO K 269 87.39 3.54 -11.61
N HIS K 270 86.14 3.97 -11.78
CA HIS K 270 85.24 3.42 -12.81
C HIS K 270 85.76 3.65 -14.21
N PHE K 271 86.67 4.60 -14.40
CA PHE K 271 87.27 4.91 -15.69
C PHE K 271 88.62 4.20 -15.89
N GLY K 272 88.99 3.28 -14.99
CA GLY K 272 90.24 2.56 -15.07
C GLY K 272 90.14 1.28 -15.89
N ASP K 273 91.27 0.60 -16.01
CA ASP K 273 91.34 -0.66 -16.77
C ASP K 273 92.55 -1.47 -16.31
N SER K 274 92.58 -2.72 -16.74
CA SER K 274 93.67 -3.65 -16.43
C SER K 274 94.99 -3.20 -17.07
N MET K 285 91.71 7.02 -19.94
CA MET K 285 90.85 6.26 -20.83
C MET K 285 89.86 7.21 -21.54
N VAL K 286 90.31 8.43 -21.83
CA VAL K 286 89.53 9.42 -22.55
C VAL K 286 90.10 9.55 -23.96
N TYR K 287 89.22 9.56 -24.96
CA TYR K 287 89.61 9.60 -26.35
C TYR K 287 89.12 10.83 -27.10
N THR K 288 89.96 11.26 -28.04
CA THR K 288 89.74 12.44 -28.86
C THR K 288 88.85 12.19 -30.06
N SER K 289 88.78 10.96 -30.57
CA SER K 289 87.95 10.70 -31.75
C SER K 289 87.57 9.23 -31.84
N VAL K 290 86.56 8.98 -32.69
CA VAL K 290 86.08 7.64 -32.96
C VAL K 290 87.19 6.78 -33.58
N ARG K 291 88.03 7.39 -34.41
CA ARG K 291 89.13 6.64 -35.00
C ARG K 291 90.08 6.15 -33.90
N GLU K 292 90.33 6.98 -32.90
CA GLU K 292 91.18 6.59 -31.77
C GLU K 292 90.50 5.53 -30.91
N PHE K 293 89.24 5.78 -30.58
CA PHE K 293 88.42 4.84 -29.80
C PHE K 293 88.27 3.50 -30.53
N ALA K 294 88.10 3.54 -31.85
CA ALA K 294 87.96 2.34 -32.66
C ALA K 294 89.19 1.43 -32.59
N ALA K 295 90.38 2.02 -32.57
CA ALA K 295 91.63 1.27 -32.49
C ALA K 295 91.83 0.59 -31.13
N GLU K 296 91.63 1.32 -30.04
CA GLU K 296 91.81 0.80 -28.69
C GLU K 296 90.61 0.02 -28.16
N GLN K 297 89.46 0.66 -28.04
CA GLN K 297 88.25 0.08 -27.44
C GLN K 297 87.32 -0.70 -28.37
N ALA K 298 86.97 -0.19 -29.54
CA ALA K 298 85.99 -0.90 -30.39
C ALA K 298 86.43 -2.31 -30.77
N GLU K 299 87.73 -2.57 -30.84
CA GLU K 299 88.20 -3.93 -31.14
C GLU K 299 87.65 -4.95 -30.15
N LEU K 300 87.43 -4.53 -28.90
CA LEU K 300 86.89 -5.37 -27.82
C LEU K 300 85.37 -5.50 -27.82
N PHE K 301 84.67 -4.36 -27.84
CA PHE K 301 83.20 -4.27 -27.76
C PHE K 301 82.43 -4.52 -29.07
N ALA K 302 82.95 -4.13 -30.23
CA ALA K 302 82.20 -4.33 -31.47
C ALA K 302 82.06 -5.79 -31.85
N GLY K 303 82.80 -6.68 -31.19
CA GLY K 303 82.78 -8.10 -31.50
C GLY K 303 81.39 -8.75 -31.57
N ARG K 304 80.48 -8.40 -30.66
CA ARG K 304 79.20 -9.13 -30.71
C ARG K 304 78.01 -8.35 -30.17
N GLY K 305 76.82 -8.83 -30.58
CA GLY K 305 75.52 -8.36 -30.12
C GLY K 305 74.92 -7.10 -30.74
N SER K 306 73.72 -6.80 -30.23
CA SER K 306 72.91 -5.64 -30.56
C SER K 306 72.00 -5.41 -29.36
N PHE K 307 71.45 -4.20 -29.25
CA PHE K 307 70.58 -3.88 -28.12
C PHE K 307 69.32 -4.74 -28.04
N THR K 308 68.90 -5.00 -26.79
CA THR K 308 67.70 -5.77 -26.44
C THR K 308 67.13 -5.30 -25.10
N PRO K 309 65.97 -4.65 -25.09
CA PRO K 309 65.38 -4.20 -23.83
C PRO K 309 65.17 -5.38 -22.87
N ARG K 310 65.68 -5.22 -21.65
CA ARG K 310 65.60 -6.19 -20.56
C ARG K 310 64.52 -5.88 -19.53
N HIS K 311 64.53 -6.66 -18.46
CA HIS K 311 63.56 -6.57 -17.37
C HIS K 311 64.21 -7.12 -16.11
N ALA K 312 63.57 -6.83 -14.97
CA ALA K 312 64.06 -7.21 -13.65
C ALA K 312 64.49 -8.68 -13.55
N SER K 313 63.61 -9.62 -13.91
CA SER K 313 63.98 -11.03 -13.83
C SER K 313 65.15 -11.38 -14.74
N SER K 314 65.21 -10.78 -15.92
CA SER K 314 66.31 -11.02 -16.86
C SER K 314 67.65 -10.48 -16.36
N SER K 315 67.63 -9.52 -15.45
CA SER K 315 68.85 -8.93 -14.91
C SER K 315 69.84 -9.96 -14.35
N ALA K 316 69.35 -11.08 -13.83
CA ALA K 316 70.27 -12.10 -13.33
C ALA K 316 71.13 -12.74 -14.42
N GLN K 317 70.70 -12.70 -15.68
CA GLN K 317 71.46 -13.35 -16.74
C GLN K 317 72.44 -12.45 -17.51
N THR K 318 72.17 -11.16 -17.65
CA THR K 318 73.10 -10.29 -18.39
C THR K 318 74.45 -10.16 -17.67
N PRO K 319 75.55 -10.07 -18.42
CA PRO K 319 76.87 -9.95 -17.80
C PRO K 319 77.00 -8.75 -16.89
N THR K 320 77.78 -8.94 -15.83
CA THR K 320 77.97 -7.89 -14.82
C THR K 320 78.57 -6.56 -15.26
N PRO K 321 79.64 -6.47 -16.10
CA PRO K 321 80.15 -5.13 -16.38
C PRO K 321 79.37 -4.36 -17.42
N HIS K 322 78.46 -3.50 -16.99
CA HIS K 322 77.74 -2.67 -17.95
C HIS K 322 78.63 -1.50 -18.36
N THR K 323 78.64 -1.17 -19.65
CA THR K 323 79.49 -0.11 -20.17
C THR K 323 78.66 1.11 -20.56
N VAL K 324 79.10 2.29 -20.12
CA VAL K 324 78.48 3.57 -20.46
C VAL K 324 79.48 4.42 -21.24
N ILE K 325 79.06 4.91 -22.40
CA ILE K 325 79.85 5.71 -23.31
C ILE K 325 79.19 7.07 -23.51
N ILE K 326 79.99 8.13 -23.43
CA ILE K 326 79.56 9.52 -23.58
C ILE K 326 80.09 10.06 -24.91
N ALA K 327 79.18 10.57 -25.75
CA ALA K 327 79.51 11.11 -27.07
C ALA K 327 79.50 12.64 -27.11
N ASP K 328 80.68 13.21 -27.38
CA ASP K 328 80.98 14.64 -27.45
C ASP K 328 81.89 14.97 -28.65
N VAL K 329 81.87 14.17 -29.71
CA VAL K 329 82.75 14.42 -30.85
C VAL K 329 82.01 14.62 -32.19
N ASP K 330 80.79 14.14 -32.38
CA ASP K 330 80.07 14.33 -33.66
C ASP K 330 80.78 13.73 -34.88
N ASP K 331 81.56 12.68 -34.70
CA ASP K 331 82.24 12.02 -35.82
C ASP K 331 81.25 11.20 -36.66
N PRO K 332 81.26 11.33 -37.99
CA PRO K 332 80.37 10.53 -38.85
C PRO K 332 80.68 9.03 -38.87
N GLN K 333 81.86 8.63 -38.39
CA GLN K 333 82.31 7.23 -38.35
C GLN K 333 81.45 6.34 -37.44
N TRP K 334 80.66 6.92 -36.55
CA TRP K 334 79.77 6.19 -35.64
C TRP K 334 78.69 5.36 -36.37
N GLU K 335 78.38 5.66 -37.63
CA GLU K 335 77.32 4.97 -38.37
C GLU K 335 77.39 3.44 -38.30
N TYR K 336 78.60 2.88 -38.24
CA TYR K 336 78.76 1.42 -38.16
C TYR K 336 77.98 0.82 -36.98
N VAL K 337 78.12 1.39 -35.78
CA VAL K 337 77.40 0.89 -34.61
C VAL K 337 75.94 1.37 -34.57
N ILE K 338 75.64 2.57 -35.05
CA ILE K 338 74.26 3.08 -35.02
C ILE K 338 73.38 2.32 -36.01
N SER K 339 73.86 2.13 -37.25
CA SER K 339 73.08 1.37 -38.22
C SER K 339 72.94 -0.10 -37.84
N ALA K 340 73.83 -0.65 -37.01
CA ALA K 340 73.72 -2.03 -36.54
C ALA K 340 72.84 -2.12 -35.29
N GLU K 341 72.26 -1.00 -34.88
CA GLU K 341 71.41 -0.87 -33.71
C GLU K 341 72.10 -1.20 -32.39
N GLY K 342 73.29 -0.62 -32.21
CA GLY K 342 74.08 -0.77 -31.01
C GLY K 342 74.51 -2.19 -30.67
N VAL K 343 74.71 -2.39 -29.36
CA VAL K 343 75.10 -3.66 -28.76
C VAL K 343 74.45 -3.74 -27.38
N ASP K 344 74.19 -4.96 -26.91
CA ASP K 344 73.64 -5.14 -25.57
C ASP K 344 74.72 -4.90 -24.53
N GLY K 345 74.33 -4.38 -23.36
CA GLY K 345 75.29 -4.11 -22.32
C GLY K 345 76.08 -2.81 -22.46
N VAL K 346 75.66 -1.93 -23.36
CA VAL K 346 76.29 -0.64 -23.62
C VAL K 346 75.22 0.43 -23.62
N THR K 347 75.61 1.67 -23.34
CA THR K 347 74.67 2.77 -23.39
C THR K 347 75.41 4.05 -23.72
N PHE K 348 74.87 4.78 -24.69
CA PHE K 348 75.44 6.03 -25.19
C PHE K 348 74.61 7.25 -24.81
N PHE K 349 75.31 8.34 -24.50
CA PHE K 349 74.74 9.65 -24.21
C PHE K 349 75.33 10.62 -25.22
N ASP K 350 74.49 11.21 -26.08
CA ASP K 350 74.96 12.17 -27.07
C ASP K 350 74.86 13.59 -26.56
N LEU K 351 76.01 14.24 -26.37
CA LEU K 351 76.05 15.62 -25.91
C LEU K 351 76.08 16.63 -27.06
N THR K 352 76.23 16.18 -28.30
CA THR K 352 76.32 17.05 -29.47
C THR K 352 74.97 17.32 -30.13
N GLY K 353 74.07 16.34 -30.13
CA GLY K 353 72.78 16.49 -30.78
C GLY K 353 72.82 16.20 -32.26
N SER K 354 73.71 15.30 -32.68
CA SER K 354 73.90 14.95 -34.07
C SER K 354 72.65 14.29 -34.66
N SER K 355 72.45 14.53 -35.96
CA SER K 355 71.26 14.08 -36.68
C SER K 355 71.05 12.57 -36.61
N MET K 356 72.12 11.77 -36.57
CA MET K 356 71.94 10.32 -36.51
C MET K 356 71.33 9.89 -35.18
N TRP K 357 71.63 10.61 -34.10
CA TRP K 357 71.05 10.28 -32.80
C TRP K 357 69.72 10.97 -32.62
N THR K 358 69.60 12.16 -33.20
CA THR K 358 68.47 13.08 -33.08
C THR K 358 67.26 12.71 -33.94
N ASP K 359 67.31 11.63 -34.71
CA ASP K 359 66.20 11.25 -35.56
C ASP K 359 65.20 10.28 -34.89
N ILE K 360 65.23 10.15 -33.55
CA ILE K 360 64.33 9.24 -32.84
C ILE K 360 63.71 9.91 -31.62
N PRO K 361 62.41 10.27 -31.66
CA PRO K 361 61.78 10.91 -30.50
C PRO K 361 61.77 10.06 -29.25
N GLU K 362 61.65 8.75 -29.38
CA GLU K 362 61.67 7.80 -28.28
C GLU K 362 62.99 7.78 -27.51
N ARG K 363 64.02 8.46 -28.00
CA ARG K 363 65.34 8.52 -27.37
C ARG K 363 65.87 9.94 -27.16
N LYS K 364 65.03 10.97 -27.31
CA LYS K 364 65.46 12.37 -27.23
C LYS K 364 64.86 13.16 -26.07
N LEU K 365 65.74 13.86 -25.34
CA LEU K 365 65.43 14.73 -24.20
C LEU K 365 65.70 16.19 -24.57
N GLN K 366 64.65 17.02 -24.54
CA GLN K 366 64.68 18.43 -24.90
C GLN K 366 64.62 19.37 -23.68
N PHE K 367 65.54 20.35 -23.64
CA PHE K 367 65.62 21.33 -22.56
C PHE K 367 65.07 22.71 -22.95
N ASP K 368 64.17 23.25 -22.12
CA ASP K 368 63.67 24.61 -22.25
C ASP K 368 64.59 25.59 -21.52
N LYS K 369 64.43 26.88 -21.82
CA LYS K 369 65.24 27.90 -21.19
C LYS K 369 65.18 27.84 -19.66
N THR K 370 64.05 27.39 -19.12
CA THR K 370 63.84 27.28 -17.67
C THR K 370 64.43 26.02 -17.04
N GLY K 371 65.08 25.15 -17.82
CA GLY K 371 65.62 23.91 -17.28
C GLY K 371 64.62 22.78 -17.19
N VAL K 372 63.40 22.97 -17.68
CA VAL K 372 62.37 21.93 -17.72
C VAL K 372 62.66 21.01 -18.90
N ILE K 373 62.61 19.70 -18.67
CA ILE K 373 62.85 18.70 -19.71
C ILE K 373 61.54 18.11 -20.21
N GLU K 374 61.46 17.93 -21.54
CA GLU K 374 60.34 17.29 -22.24
C GLU K 374 60.76 16.02 -22.98
N ALA K 375 59.88 15.02 -22.94
CA ALA K 375 60.10 13.73 -23.59
C ALA K 375 58.75 13.00 -23.68
N LEU K 376 58.76 11.83 -24.33
CA LEU K 376 57.56 11.00 -24.42
C LEU K 376 57.22 10.34 -23.08
N PRO K 377 55.93 10.17 -22.78
CA PRO K 377 55.54 9.50 -21.53
C PRO K 377 55.81 8.00 -21.53
N ARG K 378 56.29 7.49 -20.40
CA ARG K 378 56.64 6.09 -20.21
C ARG K 378 55.94 5.49 -18.99
N ASP K 379 55.54 4.21 -19.11
CA ASP K 379 54.86 3.48 -18.04
C ASP K 379 55.75 3.16 -16.85
N ARG K 380 55.23 3.46 -15.66
CA ARG K 380 55.97 3.19 -14.42
C ARG K 380 56.27 1.70 -14.24
N ASP K 381 55.42 0.79 -14.72
CA ASP K 381 55.67 -0.62 -14.41
C ASP K 381 56.51 -1.34 -15.46
N THR K 382 56.46 -0.94 -16.73
CA THR K 382 57.23 -1.61 -17.76
C THR K 382 58.20 -0.67 -18.44
N TRP K 383 58.17 0.60 -18.10
CA TRP K 383 59.02 1.62 -18.70
C TRP K 383 58.74 1.78 -20.20
N MET K 384 57.73 1.10 -20.72
CA MET K 384 57.40 1.16 -22.14
C MET K 384 56.70 2.46 -22.50
N VAL K 385 56.98 2.96 -23.70
CA VAL K 385 56.35 4.18 -24.18
C VAL K 385 54.87 3.94 -24.41
N ILE K 386 54.04 4.83 -23.89
CA ILE K 386 52.58 4.73 -24.01
C ILE K 386 51.95 5.75 -24.97
N ASP K 387 52.69 6.73 -25.47
CA ASP K 387 52.12 7.67 -26.43
C ASP K 387 53.22 8.27 -27.32
N ASP K 388 52.79 8.77 -28.48
CA ASP K 388 53.65 9.35 -29.52
C ASP K 388 53.85 10.86 -29.40
N LYS K 389 53.24 11.53 -28.44
CA LYS K 389 53.40 12.97 -28.32
C LYS K 389 54.24 13.30 -27.08
N ALA K 390 55.20 14.20 -27.27
CA ALA K 390 56.11 14.67 -26.23
C ALA K 390 55.39 15.56 -25.22
N TRP K 391 55.85 15.48 -23.98
CA TRP K 391 55.23 16.23 -22.90
C TRP K 391 56.26 16.47 -21.80
N PHE K 392 55.85 17.26 -20.81
CA PHE K 392 56.67 17.56 -19.64
C PHE K 392 57.19 16.29 -18.98
N PHE K 393 58.49 16.32 -18.59
CA PHE K 393 59.10 15.15 -17.98
C PHE K 393 59.75 15.38 -16.61
N ALA K 394 60.69 16.32 -16.47
CA ALA K 394 61.34 16.53 -15.17
C ALA K 394 62.09 17.85 -15.12
N LEU K 395 62.29 18.34 -13.88
CA LEU K 395 63.12 19.52 -13.65
C LEU K 395 64.56 19.07 -13.37
N THR K 396 65.49 19.63 -14.14
CA THR K 396 66.90 19.28 -14.07
C THR K 396 67.62 19.62 -12.76
N ASP K 397 68.43 18.67 -12.29
CA ASP K 397 69.35 18.83 -11.16
C ASP K 397 70.78 18.82 -11.68
N GLN K 398 71.64 19.75 -11.20
CA GLN K 398 73.00 19.83 -11.72
C GLN K 398 74.04 20.19 -10.66
N VAL K 399 75.30 19.74 -10.89
CA VAL K 399 76.45 19.97 -10.01
C VAL K 399 77.63 20.58 -10.78
N SER K 400 78.43 21.38 -10.07
CA SER K 400 79.61 22.01 -10.65
C SER K 400 80.78 21.02 -10.77
N ILE K 401 81.79 21.44 -11.54
CA ILE K 401 83.02 20.65 -11.73
C ILE K 401 83.76 20.47 -10.41
N ALA K 402 83.78 21.53 -9.60
CA ALA K 402 84.40 21.52 -8.28
C ALA K 402 83.74 20.48 -7.39
N GLU K 403 82.42 20.49 -7.37
CA GLU K 403 81.65 19.51 -6.61
C GLU K 403 81.94 18.12 -7.14
N ALA K 404 82.06 17.98 -8.45
CA ALA K 404 82.34 16.69 -9.09
C ALA K 404 83.70 16.17 -8.64
N GLU K 405 84.72 17.02 -8.70
CA GLU K 405 86.06 16.60 -8.28
C GLU K 405 86.10 16.35 -6.78
N GLU K 406 85.35 17.14 -6.01
CA GLU K 406 85.28 16.93 -4.56
C GLU K 406 84.67 15.57 -4.23
N PHE K 407 83.58 15.20 -4.89
CA PHE K 407 82.96 13.89 -4.67
C PHE K 407 83.89 12.76 -5.12
N ALA K 408 84.50 12.90 -6.28
CA ALA K 408 85.40 11.89 -6.83
C ALA K 408 86.60 11.63 -5.91
N GLN K 409 87.17 12.69 -5.35
CA GLN K 409 88.27 12.50 -4.41
C GLN K 409 87.81 11.69 -3.21
N LYS K 410 86.64 12.00 -2.66
CA LYS K 410 86.09 11.24 -1.55
C LYS K 410 85.89 9.77 -1.94
N LEU K 411 85.40 9.53 -3.16
CA LEU K 411 85.22 8.15 -3.64
C LEU K 411 86.56 7.49 -3.89
N ALA K 412 87.54 8.25 -4.35
CA ALA K 412 88.86 7.74 -4.67
C ALA K 412 89.54 7.10 -3.46
N GLN K 413 89.09 7.40 -2.25
CA GLN K 413 89.62 6.83 -1.01
C GLN K 413 89.34 5.34 -0.82
N TRP K 414 88.43 4.73 -1.56
CA TRP K 414 88.03 3.35 -1.29
C TRP K 414 88.37 2.37 -2.40
N ARG K 415 88.55 1.11 -2.00
CA ARG K 415 88.83 0.00 -2.88
C ARG K 415 88.14 -1.27 -2.40
N LEU K 416 88.02 -2.24 -3.31
CA LEU K 416 87.51 -3.55 -2.92
C LEU K 416 88.30 -4.06 -1.72
N MET L 1 57.64 5.84 -78.45
CA MET L 1 58.39 5.73 -77.20
C MET L 1 57.54 6.22 -76.02
N LYS L 2 57.55 5.41 -74.96
CA LYS L 2 56.78 5.68 -73.74
C LYS L 2 57.66 5.69 -72.49
N ARG L 3 57.21 6.42 -71.48
CA ARG L 3 57.85 6.41 -70.17
C ARG L 3 57.49 5.16 -69.39
N GLY L 4 58.48 4.58 -68.72
CA GLY L 4 58.26 3.39 -67.92
C GLY L 4 57.47 3.67 -66.66
N PHE L 5 56.77 2.66 -66.16
CA PHE L 5 55.97 2.84 -64.95
C PHE L 5 55.84 1.57 -64.11
N ALA L 6 56.36 1.65 -62.88
CA ALA L 6 56.27 0.58 -61.88
C ALA L 6 55.43 1.09 -60.70
N ARG L 7 54.36 0.36 -60.36
CA ARG L 7 53.44 0.74 -59.28
C ARG L 7 53.96 0.40 -57.88
N PRO L 8 53.98 1.37 -56.94
CA PRO L 8 54.46 1.16 -55.57
C PRO L 8 53.45 0.49 -54.65
N THR L 9 53.85 0.33 -53.38
CA THR L 9 52.99 -0.25 -52.35
C THR L 9 51.73 0.59 -52.12
N PRO L 10 50.53 -0.01 -52.20
CA PRO L 10 49.30 0.77 -52.02
C PRO L 10 49.17 1.52 -50.70
N GLU L 11 48.63 2.73 -50.79
CA GLU L 11 48.32 3.59 -49.65
C GLU L 11 47.07 3.08 -48.90
N LYS L 12 46.99 3.37 -47.61
CA LYS L 12 45.82 2.97 -46.83
C LYS L 12 44.58 3.78 -47.21
N PRO L 13 43.46 3.15 -47.57
CA PRO L 13 42.24 3.89 -47.86
C PRO L 13 41.61 4.39 -46.57
N PRO L 14 40.79 5.44 -46.61
CA PRO L 14 40.13 5.93 -45.38
C PRO L 14 39.11 4.93 -44.86
N VAL L 15 39.29 4.51 -43.61
CA VAL L 15 38.49 3.45 -42.98
C VAL L 15 37.01 3.77 -42.81
N ILE L 16 36.16 2.79 -43.22
CA ILE L 16 34.70 2.76 -43.06
C ILE L 16 34.31 2.20 -41.69
N LYS L 17 33.31 2.78 -41.04
CA LYS L 17 32.82 2.29 -39.74
C LYS L 17 31.33 1.90 -39.70
N PRO L 18 30.97 0.62 -39.58
CA PRO L 18 29.55 0.24 -39.48
C PRO L 18 28.96 0.54 -38.11
N GLU L 19 27.62 0.57 -38.02
CA GLU L 19 26.94 0.86 -36.74
C GLU L 19 25.57 0.20 -36.59
N ASN L 20 25.40 -0.55 -35.51
CA ASN L 20 24.13 -1.18 -35.15
C ASN L 20 23.52 -0.34 -34.03
N ILE L 21 22.33 0.22 -34.25
CA ILE L 21 21.68 1.09 -33.27
C ILE L 21 20.23 0.66 -33.02
N VAL L 22 19.85 0.54 -31.74
CA VAL L 22 18.49 0.16 -31.37
C VAL L 22 17.72 1.42 -31.01
N LEU L 23 16.57 1.61 -31.66
CA LEU L 23 15.77 2.82 -31.51
C LEU L 23 15.00 2.93 -30.20
N SER L 24 14.75 4.19 -29.81
CA SER L 24 14.02 4.56 -28.59
C SER L 24 12.53 4.21 -28.69
N THR L 25 11.98 3.51 -27.70
CA THR L 25 10.56 3.17 -27.79
C THR L 25 9.69 4.42 -27.66
N PRO L 26 8.67 4.57 -28.50
CA PRO L 26 7.79 5.73 -28.42
C PRO L 26 7.15 5.88 -27.04
N LEU L 27 6.66 7.09 -26.78
CA LEU L 27 5.97 7.40 -25.53
C LEU L 27 4.54 6.86 -25.58
N SER L 28 4.00 6.46 -24.42
CA SER L 28 2.67 5.87 -24.32
C SER L 28 1.61 6.92 -23.98
N ILE L 29 0.49 6.89 -24.70
CA ILE L 29 -0.60 7.85 -24.45
C ILE L 29 -1.15 7.73 -23.04
N PRO L 30 -1.67 8.81 -22.45
CA PRO L 30 -2.18 8.70 -21.10
C PRO L 30 -3.37 7.77 -20.99
N PRO L 31 -3.52 7.10 -19.84
CA PRO L 31 -4.69 6.24 -19.55
C PRO L 31 -5.96 7.09 -19.47
N PRO L 32 -7.11 6.61 -19.95
CA PRO L 32 -8.34 7.40 -19.86
C PRO L 32 -8.73 7.82 -18.44
N GLU L 33 -9.33 9.02 -18.35
CA GLU L 33 -9.75 9.74 -17.15
C GLU L 33 -11.01 9.15 -16.47
N GLY L 34 -11.47 9.85 -15.41
CA GLY L 34 -12.65 9.51 -14.60
C GLY L 34 -13.35 10.67 -13.91
N LYS L 35 -14.69 10.71 -13.98
CA LYS L 35 -15.51 11.80 -13.41
C LYS L 35 -15.57 11.82 -11.88
N PRO L 36 -15.37 13.00 -11.23
CA PRO L 36 -15.42 13.24 -9.77
C PRO L 36 -16.83 13.61 -9.28
N TRP L 37 -17.69 12.61 -9.11
CA TRP L 37 -19.08 12.85 -8.69
C TRP L 37 -19.24 13.71 -7.43
N TRP L 38 -18.44 13.46 -6.40
CA TRP L 38 -18.54 14.22 -5.14
C TRP L 38 -18.20 15.70 -5.29
N LEU L 39 -17.51 16.09 -6.34
CA LEU L 39 -17.17 17.50 -6.56
C LEU L 39 -18.36 18.32 -7.07
N ILE L 40 -19.04 17.85 -8.10
CA ILE L 40 -20.20 18.57 -8.66
C ILE L 40 -21.35 18.61 -7.67
N VAL L 41 -21.47 17.60 -6.82
CA VAL L 41 -22.52 17.56 -5.79
C VAL L 41 -22.43 18.78 -4.87
N VAL L 42 -21.21 19.15 -4.48
CA VAL L 42 -20.98 20.33 -3.65
C VAL L 42 -21.27 21.61 -4.44
N GLY L 43 -20.71 21.72 -5.65
CA GLY L 43 -20.85 22.90 -6.48
C GLY L 43 -22.28 23.36 -6.73
N VAL L 44 -23.20 22.42 -6.99
CA VAL L 44 -24.59 22.80 -7.25
C VAL L 44 -25.21 23.42 -6.00
N VAL L 45 -24.79 22.99 -4.82
CA VAL L 45 -25.31 23.58 -3.59
C VAL L 45 -24.80 25.02 -3.51
N VAL L 46 -23.50 25.19 -3.69
CA VAL L 46 -22.88 26.52 -3.62
C VAL L 46 -23.56 27.49 -4.58
N VAL L 47 -23.75 27.11 -5.83
CA VAL L 47 -24.41 28.01 -6.78
C VAL L 47 -25.87 28.21 -6.41
N GLY L 48 -26.52 27.18 -5.86
CA GLY L 48 -27.90 27.33 -5.44
C GLY L 48 -28.01 28.27 -4.25
N LEU L 49 -27.11 28.13 -3.28
CA LEU L 49 -27.08 28.97 -2.09
C LEU L 49 -26.81 30.42 -2.47
N LEU L 50 -25.94 30.62 -3.45
CA LEU L 50 -25.65 31.95 -3.99
C LEU L 50 -26.91 32.58 -4.60
N GLY L 51 -27.63 31.83 -5.42
CA GLY L 51 -28.88 32.34 -5.98
C GLY L 51 -29.88 32.72 -4.90
N GLY L 52 -29.89 31.97 -3.81
CA GLY L 52 -30.75 32.29 -2.66
C GLY L 52 -30.42 33.62 -2.00
N MET L 53 -29.14 33.93 -1.83
CA MET L 53 -28.76 35.23 -1.27
C MET L 53 -29.24 36.35 -2.18
N VAL L 54 -29.03 36.22 -3.49
CA VAL L 54 -29.50 37.25 -4.42
C VAL L 54 -31.02 37.35 -4.33
N ALA L 55 -31.70 36.21 -4.32
CA ALA L 55 -33.15 36.21 -4.21
C ALA L 55 -33.57 36.82 -2.87
N MET L 56 -32.86 36.49 -1.81
CA MET L 56 -33.17 37.03 -0.49
C MET L 56 -33.02 38.55 -0.47
N VAL L 57 -31.97 39.07 -1.08
CA VAL L 57 -31.75 40.52 -1.13
C VAL L 57 -32.80 41.20 -2.03
N PHE L 58 -33.17 40.58 -3.15
CA PHE L 58 -34.19 41.16 -4.04
C PHE L 58 -35.57 41.17 -3.37
N ALA L 59 -35.90 40.11 -2.63
CA ALA L 59 -37.18 40.08 -1.93
C ALA L 59 -37.18 41.10 -0.80
N SER L 60 -36.04 41.32 -0.15
CA SER L 60 -35.95 42.31 0.91
C SER L 60 -36.15 43.73 0.37
N GLY L 61 -35.97 43.94 -0.93
CA GLY L 61 -36.20 45.23 -1.54
C GLY L 61 -35.01 46.15 -1.61
N SER L 62 -33.80 45.64 -1.41
CA SER L 62 -32.61 46.46 -1.48
C SER L 62 -32.36 46.89 -2.92
N HIS L 63 -32.64 46.01 -3.88
CA HIS L 63 -32.47 46.22 -5.32
C HIS L 63 -31.07 46.70 -5.71
N VAL L 64 -30.08 46.40 -4.87
CA VAL L 64 -28.70 46.86 -5.07
C VAL L 64 -28.01 46.12 -6.22
N PHE L 65 -28.37 44.87 -6.45
CA PHE L 65 -27.81 44.07 -7.53
C PHE L 65 -28.42 44.36 -8.90
N GLY L 66 -29.34 45.31 -9.01
CA GLY L 66 -29.93 45.62 -10.30
C GLY L 66 -28.92 46.28 -11.23
N GLY L 67 -29.09 46.03 -12.53
CA GLY L 67 -28.19 46.57 -13.54
C GLY L 67 -26.73 46.13 -13.44
N ILE L 68 -25.81 47.08 -13.59
CA ILE L 68 -24.36 46.82 -13.55
C ILE L 68 -23.91 46.16 -12.26
N GLY L 69 -24.62 46.38 -11.16
CA GLY L 69 -24.28 45.76 -9.88
C GLY L 69 -24.21 44.24 -9.95
N SER L 70 -24.92 43.64 -10.90
CA SER L 70 -25.01 42.20 -11.13
C SER L 70 -23.67 41.55 -11.49
N ILE L 71 -22.66 42.33 -11.83
CA ILE L 71 -21.34 41.79 -12.18
C ILE L 71 -20.71 40.98 -11.03
N PHE L 72 -21.01 41.31 -9.77
CA PHE L 72 -20.42 40.56 -8.65
C PHE L 72 -20.93 39.13 -8.57
N PRO L 73 -22.23 38.89 -8.46
CA PRO L 73 -22.72 37.50 -8.45
C PRO L 73 -22.30 36.77 -9.71
N LEU L 74 -22.33 37.44 -10.85
CA LEU L 74 -21.98 36.84 -12.13
C LEU L 74 -20.55 36.32 -12.14
N PHE L 75 -19.56 37.16 -11.83
CA PHE L 75 -18.19 36.66 -11.87
C PHE L 75 -17.96 35.57 -10.84
N MET L 76 -18.61 35.65 -9.68
CA MET L 76 -18.45 34.60 -8.69
C MET L 76 -18.99 33.28 -9.21
N MET L 77 -20.19 33.30 -9.79
CA MET L 77 -20.80 32.10 -10.34
C MET L 77 -19.89 31.46 -11.39
N VAL L 78 -19.28 32.26 -12.26
CA VAL L 78 -18.37 31.75 -13.29
C VAL L 78 -17.13 31.17 -12.63
N GLY L 79 -16.58 31.83 -11.63
CA GLY L 79 -15.39 31.33 -10.95
C GLY L 79 -15.61 29.96 -10.34
N ILE L 80 -16.78 29.73 -9.76
CA ILE L 80 -17.08 28.43 -9.17
C ILE L 80 -17.12 27.37 -10.28
N MET L 81 -17.71 27.73 -11.41
CA MET L 81 -17.83 26.85 -12.58
C MET L 81 -16.47 26.37 -13.08
N MET L 82 -15.46 27.24 -13.11
CA MET L 82 -14.12 26.83 -13.55
C MET L 82 -13.52 25.77 -12.65
N MET L 83 -13.66 25.93 -11.34
CA MET L 83 -13.11 24.94 -10.41
C MET L 83 -13.85 23.61 -10.46
N MET L 84 -15.18 23.61 -10.58
CA MET L 84 -15.90 22.33 -10.60
C MET L 84 -15.81 21.53 -11.90
N PHE L 85 -15.91 22.15 -13.08
CA PHE L 85 -15.85 21.34 -14.31
C PHE L 85 -14.43 21.05 -14.80
N ARG L 86 -13.50 22.00 -14.72
CA ARG L 86 -12.13 21.69 -15.17
C ARG L 86 -11.23 21.23 -14.03
N GLY L 87 -10.45 22.12 -13.44
CA GLY L 87 -9.49 21.74 -12.41
C GLY L 87 -8.41 20.79 -12.88
N MET L 88 -8.02 19.81 -12.04
CA MET L 88 -6.99 18.86 -12.44
C MET L 88 -7.27 17.42 -11.99
N GLY L 89 -6.60 16.49 -12.68
CA GLY L 89 -6.73 15.06 -12.43
C GLY L 89 -6.15 14.62 -11.09
N GLY L 90 -6.62 13.45 -10.63
CA GLY L 90 -6.20 12.90 -9.37
C GLY L 90 -4.95 12.04 -9.43
N GLY L 91 -4.73 11.28 -8.35
CA GLY L 91 -3.55 10.43 -8.28
C GLY L 91 -3.40 9.45 -9.44
N GLN L 92 -4.50 8.87 -9.91
CA GLN L 92 -4.41 7.97 -11.06
C GLN L 92 -4.24 8.70 -12.36
N GLN L 93 -3.99 10.00 -12.32
CA GLN L 93 -3.76 10.78 -13.51
C GLN L 93 -2.44 11.49 -13.23
N GLN L 94 -1.40 10.68 -13.14
CA GLN L 94 -0.06 11.18 -12.89
C GLN L 94 0.46 12.02 -14.05
N MET L 95 -0.02 11.76 -15.26
CA MET L 95 0.38 12.54 -16.42
C MET L 95 -0.21 13.95 -16.38
N SER L 96 0.61 14.92 -16.76
CA SER L 96 0.17 16.30 -16.83
C SER L 96 1.14 17.08 -17.70
N ARG L 97 0.64 18.22 -18.19
CA ARG L 97 1.40 19.11 -19.05
C ARG L 97 2.81 19.37 -18.57
N PRO L 98 3.07 19.64 -17.30
CA PRO L 98 4.44 19.90 -16.88
C PRO L 98 5.36 18.69 -16.98
N LYS L 99 4.84 17.47 -16.84
CA LYS L 99 5.65 16.24 -16.91
C LYS L 99 5.65 15.60 -18.28
N LEU L 100 4.54 15.67 -19.01
CA LEU L 100 4.48 15.16 -20.37
C LEU L 100 5.38 15.97 -21.30
N ASP L 101 5.43 17.28 -21.10
CA ASP L 101 6.31 18.11 -21.91
C ASP L 101 7.76 17.74 -21.63
N ALA L 102 8.07 17.47 -20.36
CA ALA L 102 9.42 17.08 -19.96
C ALA L 102 9.82 15.74 -20.60
N MET L 103 8.89 14.79 -20.62
CA MET L 103 9.16 13.49 -21.21
C MET L 103 9.33 13.63 -22.71
N ARG L 104 8.48 14.42 -23.33
CA ARG L 104 8.56 14.66 -24.76
C ARG L 104 9.91 15.26 -25.09
N ALA L 105 10.31 16.26 -24.30
CA ALA L 105 11.59 16.92 -24.49
C ALA L 105 12.75 15.93 -24.40
N GLN L 106 12.77 15.07 -23.39
CA GLN L 106 13.87 14.10 -23.26
C GLN L 106 13.95 13.16 -24.45
N PHE L 107 12.83 12.73 -24.98
CA PHE L 107 12.82 11.84 -26.13
C PHE L 107 13.45 12.51 -27.35
N MET L 108 13.10 13.76 -27.62
CA MET L 108 13.64 14.50 -28.75
C MET L 108 15.16 14.67 -28.67
N LEU L 109 15.66 15.01 -27.48
CA LEU L 109 17.10 15.22 -27.28
C LEU L 109 17.88 13.95 -27.52
N MET L 110 17.40 12.82 -27.01
CA MET L 110 18.11 11.57 -27.24
C MET L 110 18.09 11.21 -28.71
N LEU L 111 16.98 11.50 -29.38
CA LEU L 111 16.90 11.18 -30.80
C LEU L 111 17.94 11.92 -31.63
N ASP L 112 18.21 13.18 -31.32
CA ASP L 112 19.22 13.92 -32.10
C ASP L 112 20.64 13.43 -31.92
N MET L 113 20.99 12.85 -30.76
CA MET L 113 22.32 12.30 -30.59
C MET L 113 22.53 11.07 -31.47
N LEU L 114 21.46 10.32 -31.72
CA LEU L 114 21.55 9.18 -32.64
C LEU L 114 21.75 9.71 -34.05
N ARG L 115 21.13 10.86 -34.33
CA ARG L 115 21.27 11.50 -35.62
C ARG L 115 22.74 11.81 -35.88
N GLU L 116 23.39 12.40 -34.89
CA GLU L 116 24.81 12.73 -34.99
C GLU L 116 25.64 11.48 -35.25
N THR L 117 25.33 10.39 -34.56
CA THR L 117 26.05 9.13 -34.76
C THR L 117 25.92 8.66 -36.20
N ALA L 118 24.73 8.82 -36.77
CA ALA L 118 24.52 8.43 -38.16
C ALA L 118 25.35 9.30 -39.09
N GLN L 119 25.28 10.61 -38.88
CA GLN L 119 26.01 11.56 -39.71
C GLN L 119 27.52 11.32 -39.62
N GLU L 120 28.01 10.95 -38.45
CA GLU L 120 29.43 10.65 -38.31
C GLU L 120 29.79 9.44 -39.17
N SER L 121 28.96 8.41 -39.15
CA SER L 121 29.20 7.21 -39.93
C SER L 121 29.08 7.49 -41.43
N ALA L 122 28.16 8.38 -41.80
CA ALA L 122 27.93 8.73 -43.19
C ALA L 122 29.16 9.39 -43.81
N ASP L 123 29.82 10.24 -43.04
CA ASP L 123 31.02 10.92 -43.52
C ASP L 123 32.10 9.93 -43.91
N SER L 124 32.24 8.87 -43.14
CA SER L 124 33.25 7.86 -43.43
C SER L 124 33.03 7.19 -44.78
N MET L 125 31.79 6.93 -45.17
CA MET L 125 31.54 6.29 -46.46
C MET L 125 31.82 7.23 -47.62
N ASP L 126 31.54 8.52 -47.46
CA ASP L 126 31.80 9.48 -48.52
C ASP L 126 33.29 9.50 -48.85
N ALA L 127 34.12 9.70 -47.84
CA ALA L 127 35.57 9.75 -48.02
C ALA L 127 36.11 8.47 -48.64
N ASN L 128 35.66 7.31 -48.18
CA ASN L 128 36.13 6.04 -48.73
C ASN L 128 35.70 5.84 -50.19
N TYR L 129 34.43 6.07 -50.52
CA TYR L 129 33.97 5.82 -51.89
C TYR L 129 34.61 6.75 -52.91
N ARG L 130 34.77 8.01 -52.58
CA ARG L 130 35.40 8.94 -53.51
C ARG L 130 36.84 8.52 -53.78
N TRP L 131 37.53 8.04 -52.74
CA TRP L 131 38.93 7.63 -52.85
C TRP L 131 39.15 6.48 -53.84
N PHE L 132 38.14 5.65 -54.09
CA PHE L 132 38.27 4.57 -55.08
C PHE L 132 37.61 4.88 -56.42
N HIS L 133 36.65 5.80 -56.49
CA HIS L 133 35.92 6.10 -57.72
C HIS L 133 35.67 7.59 -57.89
N PRO L 134 36.70 8.34 -58.27
CA PRO L 134 36.58 9.79 -58.48
C PRO L 134 35.83 10.16 -59.76
N ALA L 135 35.45 11.45 -59.82
CA ALA L 135 34.79 12.01 -60.99
C ALA L 135 35.72 12.05 -62.21
N PRO L 136 35.17 11.85 -63.41
CA PRO L 136 36.00 11.77 -64.63
C PRO L 136 36.87 12.98 -64.94
N ASN L 137 36.39 14.19 -64.69
CA ASN L 137 37.21 15.38 -64.95
C ASN L 137 38.46 15.47 -64.07
N THR L 138 38.47 14.82 -62.90
CA THR L 138 39.63 14.80 -62.02
C THR L 138 40.67 13.74 -62.32
N LEU L 139 40.33 12.71 -63.10
CA LEU L 139 41.26 11.64 -63.41
C LEU L 139 42.45 12.11 -64.26
N ALA L 140 42.24 13.08 -65.14
CA ALA L 140 43.32 13.56 -65.99
C ALA L 140 44.50 14.10 -65.16
N ALA L 141 44.21 14.89 -64.14
CA ALA L 141 45.30 15.38 -63.28
C ALA L 141 45.96 14.24 -62.51
N ALA L 142 45.21 13.19 -62.17
CA ALA L 142 45.68 12.03 -61.40
C ALA L 142 46.55 11.05 -62.17
N VAL L 143 46.71 11.20 -63.49
CA VAL L 143 47.51 10.26 -64.30
C VAL L 143 48.88 9.95 -63.71
N GLY L 144 49.58 10.97 -63.19
CA GLY L 144 50.90 10.76 -62.61
C GLY L 144 50.92 10.15 -61.22
N SER L 145 49.82 10.26 -60.50
CA SER L 145 49.73 9.78 -59.13
C SER L 145 49.87 8.25 -59.03
N PRO L 146 50.24 7.77 -57.83
CA PRO L 146 50.35 6.32 -57.57
C PRO L 146 49.04 5.56 -57.60
N ARG L 147 47.92 6.24 -57.74
CA ARG L 147 46.59 5.63 -57.83
C ARG L 147 46.32 4.95 -59.18
N MET L 148 47.03 5.31 -60.24
CA MET L 148 46.83 4.74 -61.57
C MET L 148 47.22 3.27 -61.67
N TRP L 149 46.38 2.49 -62.38
CA TRP L 149 46.56 1.05 -62.61
C TRP L 149 46.80 0.29 -61.31
N GLU L 150 46.20 0.81 -60.25
CA GLU L 150 46.34 0.28 -58.92
C GLU L 150 45.54 -1.00 -58.66
N ARG L 151 44.41 -1.19 -59.36
CA ARG L 151 43.55 -2.33 -59.10
C ARG L 151 44.21 -3.68 -59.39
N LYS L 152 43.93 -4.67 -58.54
CA LYS L 152 44.43 -6.05 -58.60
C LYS L 152 43.28 -7.07 -58.61
N PRO L 153 43.48 -8.19 -59.31
CA PRO L 153 42.49 -9.28 -59.36
C PRO L 153 42.58 -10.32 -58.24
N ASP L 154 43.60 -10.26 -57.38
CA ASP L 154 43.89 -11.24 -56.34
C ASP L 154 42.95 -11.38 -55.13
N GLY L 155 41.67 -11.67 -55.40
CA GLY L 155 40.68 -11.97 -54.37
C GLY L 155 40.28 -10.93 -53.33
N LYS L 156 41.25 -10.30 -52.66
CA LYS L 156 40.93 -9.30 -51.64
C LYS L 156 40.40 -8.00 -52.24
N ASP L 157 40.76 -7.66 -53.47
CA ASP L 157 40.27 -6.42 -54.07
C ASP L 157 38.84 -6.56 -54.59
N LEU L 158 37.91 -6.11 -53.73
CA LEU L 158 36.48 -6.15 -54.01
C LEU L 158 36.06 -5.14 -55.08
N ASN L 159 36.92 -4.18 -55.39
CA ASN L 159 36.63 -3.12 -56.36
C ASN L 159 36.99 -3.51 -57.80
N PHE L 160 37.63 -4.65 -58.01
CA PHE L 160 37.97 -5.08 -59.35
C PHE L 160 36.71 -5.27 -60.19
N GLY L 161 36.76 -4.83 -61.45
CA GLY L 161 35.62 -4.93 -62.35
C GLY L 161 34.43 -4.03 -62.06
N VAL L 162 34.52 -3.08 -61.13
CA VAL L 162 33.44 -2.17 -60.77
C VAL L 162 33.70 -0.80 -61.37
N VAL L 163 32.69 -0.20 -62.02
CA VAL L 163 32.85 1.09 -62.69
C VAL L 163 31.77 2.09 -62.27
N ARG L 164 32.22 3.30 -62.00
CA ARG L 164 31.40 4.45 -61.62
C ARG L 164 30.61 4.97 -62.82
N VAL L 165 29.29 5.11 -62.65
CA VAL L 165 28.42 5.59 -63.72
C VAL L 165 27.79 6.94 -63.41
N GLY L 166 27.82 7.41 -62.18
CA GLY L 166 27.17 8.67 -61.84
C GLY L 166 26.97 8.78 -60.35
N VAL L 167 25.97 9.59 -59.96
CA VAL L 167 25.63 9.83 -58.56
C VAL L 167 24.16 9.56 -58.28
N GLY L 168 23.88 9.15 -57.05
CA GLY L 168 22.50 8.84 -56.68
C GLY L 168 22.35 8.46 -55.22
N MET L 169 21.23 7.77 -54.92
CA MET L 169 20.87 7.32 -53.58
C MET L 169 21.46 5.96 -53.20
N THR L 170 21.76 5.79 -51.92
CA THR L 170 22.28 4.51 -51.42
C THR L 170 21.95 4.31 -49.95
N ARG L 171 21.92 3.02 -49.54
CA ARG L 171 21.64 2.63 -48.15
C ARG L 171 22.91 2.72 -47.29
N PRO L 172 22.88 3.43 -46.17
CA PRO L 172 24.05 3.53 -45.31
C PRO L 172 24.40 2.21 -44.64
N GLU L 173 25.60 2.18 -44.09
CA GLU L 173 26.16 1.02 -43.40
C GLU L 173 25.54 0.80 -42.01
N VAL L 174 24.66 1.70 -41.57
CA VAL L 174 23.94 1.60 -40.29
C VAL L 174 22.83 0.55 -40.33
N THR L 175 22.61 -0.11 -39.18
CA THR L 175 21.57 -1.13 -39.03
C THR L 175 20.75 -0.80 -37.78
N TRP L 176 19.51 -0.36 -38.05
CA TRP L 176 18.51 0.06 -37.08
C TRP L 176 17.73 -1.10 -36.43
N GLY L 177 17.64 -1.08 -35.10
CA GLY L 177 16.93 -2.10 -34.33
C GLY L 177 15.52 -1.67 -33.91
N GLU L 178 14.55 -2.56 -34.15
CA GLU L 178 13.15 -2.27 -33.83
C GLU L 178 12.89 -2.00 -32.36
N PRO L 179 12.02 -1.03 -32.05
CA PRO L 179 11.68 -0.68 -30.66
C PRO L 179 10.88 -1.77 -29.93
N GLN L 180 11.33 -2.10 -28.73
CA GLN L 180 10.67 -3.09 -27.89
C GLN L 180 9.37 -2.56 -27.29
N ASN L 181 8.43 -3.47 -27.02
CA ASN L 181 7.11 -3.17 -26.44
C ASN L 181 6.33 -2.09 -27.21
N MET L 182 6.35 -2.16 -28.53
CA MET L 182 5.63 -1.15 -29.31
C MET L 182 4.15 -1.08 -28.96
N PRO L 183 3.63 0.09 -28.57
CA PRO L 183 2.21 0.25 -28.22
C PRO L 183 1.29 -0.03 -29.39
N THR L 184 0.07 -0.44 -29.07
CA THR L 184 -0.94 -0.61 -30.12
C THR L 184 -1.26 0.76 -30.73
N ASP L 185 -1.79 0.71 -31.96
CA ASP L 185 -2.10 1.89 -32.73
C ASP L 185 -2.88 2.96 -31.97
N ILE L 186 -3.85 2.56 -31.16
CA ILE L 186 -4.63 3.55 -30.41
C ILE L 186 -3.87 4.12 -29.23
N GLU L 187 -2.76 3.50 -28.85
CA GLU L 187 -1.98 3.88 -27.70
C GLU L 187 -0.77 4.75 -28.03
N LEU L 188 -0.43 4.93 -29.29
CA LEU L 188 0.72 5.76 -29.67
C LEU L 188 0.51 7.25 -29.48
N GLU L 189 1.50 7.89 -28.86
CA GLU L 189 1.49 9.34 -28.67
C GLU L 189 1.76 10.06 -30.00
N PRO L 190 0.98 11.09 -30.32
CA PRO L 190 1.12 11.75 -31.63
C PRO L 190 2.46 12.41 -31.96
N VAL L 191 3.06 13.14 -31.02
CA VAL L 191 4.29 13.88 -31.29
C VAL L 191 5.44 12.95 -31.61
N THR L 192 5.69 12.01 -30.72
CA THR L 192 6.77 11.06 -30.88
C THR L 192 6.47 10.08 -32.02
N GLY L 193 5.21 9.89 -32.33
CA GLY L 193 4.83 9.01 -33.41
C GLY L 193 5.39 9.49 -34.73
N LYS L 194 5.00 10.69 -35.18
CA LYS L 194 5.54 11.20 -36.44
C LYS L 194 7.06 11.35 -36.37
N ALA L 195 7.60 11.71 -35.21
CA ALA L 195 9.05 11.87 -35.11
C ALA L 195 9.76 10.56 -35.42
N LEU L 196 9.41 9.49 -34.73
CA LEU L 196 10.09 8.22 -34.95
C LEU L 196 9.79 7.66 -36.33
N GLN L 197 8.65 8.05 -36.89
CA GLN L 197 8.25 7.60 -38.20
C GLN L 197 9.06 8.30 -39.28
N GLU L 198 9.08 9.63 -39.25
CA GLU L 198 9.83 10.43 -40.20
C GLU L 198 11.33 10.21 -40.06
N PHE L 199 11.81 10.03 -38.83
CA PHE L 199 13.22 9.76 -38.58
C PHE L 199 13.69 8.53 -39.35
N GLY L 200 12.92 7.45 -39.27
CA GLY L 200 13.27 6.23 -39.97
C GLY L 200 13.25 6.39 -41.48
N ARG L 201 12.27 7.13 -42.00
CA ARG L 201 12.15 7.31 -43.44
C ARG L 201 13.36 8.03 -44.03
N TYR L 202 13.73 9.18 -43.50
CA TYR L 202 14.85 9.94 -44.06
C TYR L 202 16.21 9.40 -43.63
N GLN L 203 16.39 9.04 -42.39
CA GLN L 203 17.72 8.56 -41.96
C GLN L 203 18.04 7.20 -42.46
N SER L 204 17.24 6.65 -43.37
CA SER L 204 17.51 5.35 -43.96
C SER L 204 18.22 5.44 -45.29
N VAL L 205 18.58 6.64 -45.77
CA VAL L 205 19.26 6.77 -47.04
C VAL L 205 20.20 7.98 -47.04
N VAL L 206 21.27 7.91 -47.82
CA VAL L 206 22.23 9.00 -47.97
C VAL L 206 22.32 9.35 -49.45
N TYR L 207 22.20 10.65 -49.73
CA TYR L 207 22.16 11.26 -51.05
C TYR L 207 23.49 11.65 -51.69
N ASN L 208 23.50 11.65 -53.02
CA ASN L 208 24.63 12.04 -53.86
C ASN L 208 25.87 11.16 -53.75
N LEU L 209 25.71 9.96 -53.54
CA LEU L 209 26.86 9.07 -53.49
C LEU L 209 27.13 8.50 -54.89
N PRO L 210 28.37 8.12 -55.20
CA PRO L 210 28.69 7.57 -56.52
C PRO L 210 28.11 6.16 -56.71
N LYS L 211 27.31 6.03 -57.77
CA LYS L 211 26.66 4.79 -58.17
C LYS L 211 27.59 4.01 -59.11
N MET L 212 27.49 2.67 -59.11
CA MET L 212 28.39 1.84 -59.91
C MET L 212 27.71 0.65 -60.56
N VAL L 213 28.39 0.11 -61.59
CA VAL L 213 27.98 -1.08 -62.33
C VAL L 213 29.14 -2.08 -62.34
N SER L 214 28.83 -3.37 -62.23
CA SER L 214 29.84 -4.42 -62.23
C SER L 214 29.78 -5.29 -63.49
N LEU L 215 30.93 -5.43 -64.16
CA LEU L 215 31.07 -6.25 -65.36
C LEU L 215 30.97 -7.75 -65.10
N LEU L 216 31.32 -8.19 -63.89
CA LEU L 216 31.30 -9.59 -63.45
C LEU L 216 29.89 -10.12 -63.15
N VAL L 217 28.87 -9.30 -63.32
CA VAL L 217 27.51 -9.69 -62.96
C VAL L 217 26.60 -9.93 -64.16
N GLU L 218 26.83 -9.34 -65.34
CA GLU L 218 25.89 -9.58 -66.43
C GLU L 218 26.53 -9.75 -67.81
N PRO L 219 25.92 -10.58 -68.66
CA PRO L 219 26.41 -10.72 -70.03
C PRO L 219 26.38 -9.41 -70.80
N TRP L 220 25.33 -8.60 -70.59
CA TRP L 220 25.21 -7.35 -71.32
C TRP L 220 24.35 -6.36 -70.54
N TYR L 221 24.45 -5.09 -70.95
CA TYR L 221 23.70 -3.96 -70.38
C TYR L 221 23.19 -3.13 -71.55
N ALA L 222 21.92 -3.28 -71.88
CA ALA L 222 21.33 -2.54 -72.98
C ALA L 222 21.12 -1.07 -72.60
N LEU L 223 21.75 -0.18 -73.36
CA LEU L 223 21.68 1.26 -73.15
C LEU L 223 20.67 1.82 -74.12
N VAL L 224 19.57 2.36 -73.59
CA VAL L 224 18.48 2.88 -74.41
C VAL L 224 18.24 4.36 -74.20
N GLY L 225 18.45 5.15 -75.26
CA GLY L 225 18.28 6.58 -75.22
C GLY L 225 18.88 7.23 -76.45
N GLU L 226 18.99 8.56 -76.43
CA GLU L 226 19.57 9.26 -77.58
C GLU L 226 21.07 8.98 -77.72
N ARG L 227 21.53 9.09 -78.96
CA ARG L 227 22.91 8.76 -79.30
C ARG L 227 23.94 9.48 -78.42
N GLU L 228 23.77 10.79 -78.23
CA GLU L 228 24.69 11.58 -77.42
C GLU L 228 24.76 11.12 -75.96
N GLN L 229 23.62 10.76 -75.38
CA GLN L 229 23.57 10.28 -74.00
C GLN L 229 24.28 8.94 -73.84
N VAL L 230 23.96 8.02 -74.74
CA VAL L 230 24.52 6.67 -74.74
C VAL L 230 26.04 6.70 -74.93
N LEU L 231 26.51 7.45 -75.92
CA LEU L 231 27.95 7.57 -76.20
C LEU L 231 28.67 8.37 -75.13
N GLY L 232 28.02 9.40 -74.59
CA GLY L 232 28.61 10.18 -73.51
C GLY L 232 28.98 9.34 -72.31
N LEU L 233 28.03 8.54 -71.84
CA LEU L 233 28.28 7.62 -70.72
C LEU L 233 29.33 6.57 -71.07
N MET L 234 29.26 6.02 -72.28
CA MET L 234 30.19 4.97 -72.69
C MET L 234 31.64 5.47 -72.67
N ARG L 235 31.88 6.69 -73.17
CA ARG L 235 33.22 7.28 -73.15
C ARG L 235 33.72 7.41 -71.72
N ALA L 236 32.84 7.77 -70.80
CA ALA L 236 33.19 7.88 -69.39
C ALA L 236 33.58 6.52 -68.84
N ILE L 237 32.81 5.50 -69.18
CA ILE L 237 33.08 4.13 -68.76
C ILE L 237 34.44 3.68 -69.27
N ILE L 238 34.77 3.97 -70.52
CA ILE L 238 36.06 3.57 -71.10
C ILE L 238 37.22 4.23 -70.35
N CYS L 239 37.17 5.54 -70.13
CA CYS L 239 38.28 6.21 -69.44
C CYS L 239 38.39 5.78 -67.99
N GLN L 240 37.26 5.52 -67.32
CA GLN L 240 37.33 5.05 -65.94
C GLN L 240 38.01 3.69 -65.89
N LEU L 241 37.65 2.81 -66.82
CA LEU L 241 38.28 1.49 -66.93
C LEU L 241 39.77 1.59 -67.23
N ALA L 242 40.12 2.38 -68.24
CA ALA L 242 41.51 2.52 -68.70
C ALA L 242 42.45 3.09 -67.64
N PHE L 243 42.00 4.05 -66.84
CA PHE L 243 42.86 4.62 -65.80
C PHE L 243 43.07 3.68 -64.62
N SER L 244 42.03 3.01 -64.15
CA SER L 244 42.20 2.20 -62.95
C SER L 244 42.74 0.80 -63.23
N HIS L 245 42.55 0.28 -64.44
CA HIS L 245 42.99 -1.07 -64.76
C HIS L 245 43.97 -1.05 -65.94
N GLY L 246 45.03 -1.85 -65.83
CA GLY L 246 46.04 -1.98 -66.85
C GLY L 246 45.66 -2.85 -68.03
N PRO L 247 46.40 -2.69 -69.14
CA PRO L 247 46.12 -3.47 -70.35
C PRO L 247 46.29 -4.98 -70.17
N ASP L 248 47.05 -5.38 -69.14
CA ASP L 248 47.24 -6.79 -68.81
C ASP L 248 46.00 -7.38 -68.17
N HIS L 249 45.06 -6.55 -67.74
CA HIS L 249 43.81 -7.01 -67.16
C HIS L 249 42.57 -6.70 -67.99
N VAL L 250 42.61 -5.69 -68.88
CA VAL L 250 41.43 -5.35 -69.69
C VAL L 250 41.80 -5.09 -71.15
N GLN L 251 40.96 -5.64 -72.04
CA GLN L 251 41.04 -5.49 -73.48
C GLN L 251 39.66 -5.08 -73.99
N MET L 252 39.64 -4.18 -74.98
CA MET L 252 38.40 -3.60 -75.52
C MET L 252 38.30 -3.66 -77.05
N ILE L 253 37.08 -3.90 -77.54
CA ILE L 253 36.76 -4.01 -78.97
C ILE L 253 35.52 -3.18 -79.27
N VAL L 254 35.54 -2.49 -80.42
CA VAL L 254 34.42 -1.68 -80.91
C VAL L 254 33.93 -2.17 -82.26
N VAL L 255 32.61 -2.34 -82.38
CA VAL L 255 31.95 -2.69 -83.63
C VAL L 255 30.99 -1.55 -83.95
N SER L 256 31.34 -0.71 -84.92
CA SER L 256 30.51 0.45 -85.25
C SER L 256 30.61 0.82 -86.73
N SER L 257 29.52 1.39 -87.24
CA SER L 257 29.48 1.90 -88.61
C SER L 257 29.93 3.37 -88.69
N ASP L 258 29.68 4.14 -87.64
CA ASP L 258 30.03 5.56 -87.53
C ASP L 258 31.44 5.73 -86.95
N LEU L 259 32.43 5.27 -87.72
CA LEU L 259 33.84 5.31 -87.31
C LEU L 259 34.31 6.71 -86.93
N ASP L 260 33.66 7.74 -87.45
CA ASP L 260 33.99 9.13 -87.14
C ASP L 260 33.74 9.47 -85.68
N GLN L 261 32.90 8.68 -85.00
CA GLN L 261 32.60 8.85 -83.58
C GLN L 261 33.62 8.13 -82.69
N TRP L 262 34.28 7.11 -83.21
CA TRP L 262 35.27 6.29 -82.54
C TRP L 262 36.71 6.69 -82.88
N ASP L 263 36.88 7.90 -83.39
CA ASP L 263 38.18 8.43 -83.80
C ASP L 263 39.17 8.61 -82.63
N TRP L 264 38.71 9.14 -81.50
CA TRP L 264 39.56 9.38 -80.33
C TRP L 264 40.16 8.12 -79.70
N VAL L 265 39.56 6.96 -79.92
CA VAL L 265 40.00 5.67 -79.37
C VAL L 265 41.43 5.30 -79.77
N LYS L 266 41.91 5.84 -80.89
CA LYS L 266 43.25 5.58 -81.43
C LYS L 266 44.39 5.68 -80.42
N TRP L 267 44.35 6.65 -79.52
CA TRP L 267 45.43 6.84 -78.54
C TRP L 267 45.50 5.81 -77.40
N LEU L 268 44.38 5.25 -76.92
CA LEU L 268 44.45 4.33 -75.79
C LEU L 268 45.11 2.98 -76.07
N PRO L 269 45.99 2.51 -75.16
CA PRO L 269 46.69 1.21 -75.30
C PRO L 269 45.81 -0.02 -75.08
N HIS L 270 44.72 0.12 -74.32
CA HIS L 270 43.82 -0.99 -74.02
C HIS L 270 43.11 -1.50 -75.27
N PHE L 271 43.07 -0.69 -76.32
CA PHE L 271 42.49 -1.09 -77.59
C PHE L 271 43.54 -1.68 -78.53
N GLY L 272 44.77 -1.88 -78.03
CA GLY L 272 45.87 -2.42 -78.80
C GLY L 272 45.93 -3.94 -78.79
N ASP L 273 47.04 -4.46 -79.32
CA ASP L 273 47.26 -5.91 -79.42
C ASP L 273 48.76 -6.20 -79.40
N SER L 274 49.08 -7.46 -79.16
CA SER L 274 50.48 -7.91 -79.13
C SER L 274 51.15 -7.74 -80.47
N MET L 285 41.56 -1.39 -83.73
CA MET L 285 40.94 -2.70 -83.54
C MET L 285 39.42 -2.52 -83.54
N VAL L 286 38.96 -1.61 -84.41
CA VAL L 286 37.55 -1.27 -84.61
C VAL L 286 37.04 -1.94 -85.87
N TYR L 287 35.84 -2.53 -85.79
CA TYR L 287 35.21 -3.26 -86.88
C TYR L 287 33.94 -2.56 -87.35
N THR L 288 33.68 -2.71 -88.65
CA THR L 288 32.54 -2.11 -89.32
C THR L 288 31.26 -2.94 -89.20
N SER L 289 31.37 -4.24 -89.02
CA SER L 289 30.19 -5.10 -88.93
C SER L 289 30.57 -6.41 -88.23
N VAL L 290 29.52 -7.10 -87.78
CA VAL L 290 29.68 -8.41 -87.14
C VAL L 290 30.32 -9.40 -88.09
N ARG L 291 29.98 -9.30 -89.38
CA ARG L 291 30.58 -10.19 -90.37
C ARG L 291 32.09 -10.01 -90.36
N GLU L 292 32.55 -8.77 -90.17
CA GLU L 292 33.98 -8.50 -90.10
C GLU L 292 34.58 -8.99 -88.79
N PHE L 293 33.93 -8.67 -87.67
CA PHE L 293 34.36 -9.12 -86.35
C PHE L 293 34.39 -10.66 -86.24
N ALA L 294 33.36 -11.32 -86.80
CA ALA L 294 33.22 -12.78 -86.74
C ALA L 294 34.38 -13.52 -87.42
N ALA L 295 34.88 -12.98 -88.52
CA ALA L 295 36.00 -13.59 -89.23
C ALA L 295 37.31 -13.54 -88.44
N GLU L 296 37.63 -12.38 -87.88
CA GLU L 296 38.87 -12.18 -87.14
C GLU L 296 38.81 -12.61 -85.66
N GLN L 297 37.96 -11.97 -84.87
CA GLN L 297 37.90 -12.17 -83.43
C GLN L 297 37.04 -13.35 -82.93
N ALA L 298 35.81 -13.49 -83.40
CA ALA L 298 34.91 -14.52 -82.87
C ALA L 298 35.46 -15.94 -82.99
N GLU L 299 36.34 -16.18 -83.98
CA GLU L 299 36.95 -17.51 -84.14
C GLU L 299 37.69 -17.98 -82.89
N LEU L 300 38.28 -17.06 -82.14
CA LEU L 300 39.00 -17.37 -80.91
C LEU L 300 38.09 -17.52 -79.68
N PHE L 301 37.24 -16.52 -79.42
CA PHE L 301 36.34 -16.42 -78.26
C PHE L 301 35.10 -17.34 -78.27
N ALA L 302 34.53 -17.65 -79.43
CA ALA L 302 33.34 -18.49 -79.51
C ALA L 302 33.59 -19.95 -79.11
N GLY L 303 34.84 -20.37 -79.05
CA GLY L 303 35.22 -21.76 -78.80
C GLY L 303 34.63 -22.38 -77.52
N ARG L 304 34.54 -21.64 -76.40
CA ARG L 304 34.08 -22.28 -75.18
C ARG L 304 33.38 -21.34 -74.19
N GLY L 305 32.60 -21.98 -73.30
CA GLY L 305 31.89 -21.36 -72.19
C GLY L 305 30.57 -20.63 -72.47
N SER L 306 30.03 -20.12 -71.36
CA SER L 306 28.80 -19.33 -71.27
C SER L 306 28.91 -18.45 -70.03
N PHE L 307 28.14 -17.37 -69.99
CA PHE L 307 28.24 -16.45 -68.86
C PHE L 307 27.89 -17.13 -67.54
N THR L 308 28.63 -16.73 -66.52
CA THR L 308 28.56 -17.21 -65.15
C THR L 308 28.89 -16.08 -64.17
N PRO L 309 27.91 -15.56 -63.41
CA PRO L 309 28.22 -14.49 -62.47
C PRO L 309 29.30 -14.92 -61.49
N ARG L 310 30.34 -14.08 -61.39
CA ARG L 310 31.48 -14.28 -60.53
C ARG L 310 31.38 -13.40 -59.30
N HIS L 311 32.37 -13.55 -58.41
CA HIS L 311 32.42 -12.73 -57.22
C HIS L 311 33.88 -12.53 -56.85
N ALA L 312 34.11 -11.57 -55.95
CA ALA L 312 35.46 -11.19 -55.53
C ALA L 312 36.38 -12.39 -55.28
N SER L 313 35.92 -13.35 -54.47
CA SER L 313 36.75 -14.52 -54.18
C SER L 313 37.10 -15.30 -55.46
N SER L 314 36.15 -15.40 -56.39
CA SER L 314 36.36 -16.09 -57.66
C SER L 314 37.28 -15.36 -58.64
N SER L 315 37.42 -14.04 -58.50
CA SER L 315 38.28 -13.24 -59.38
C SER L 315 39.73 -13.75 -59.45
N ALA L 316 40.23 -14.35 -58.38
CA ALA L 316 41.60 -14.87 -58.39
C ALA L 316 41.82 -15.99 -59.39
N GLN L 317 40.78 -16.72 -59.79
CA GLN L 317 40.91 -17.86 -60.70
C GLN L 317 40.68 -17.52 -62.17
N THR L 318 39.82 -16.57 -62.49
CA THR L 318 39.55 -16.26 -63.89
C THR L 318 40.80 -15.70 -64.59
N PRO L 319 40.98 -16.00 -65.89
CA PRO L 319 42.14 -15.48 -66.63
C PRO L 319 42.25 -13.97 -66.57
N THR L 320 43.51 -13.51 -66.60
CA THR L 320 43.78 -12.08 -66.45
C THR L 320 43.12 -11.14 -67.48
N PRO L 321 43.06 -11.41 -68.81
CA PRO L 321 42.48 -10.38 -69.69
C PRO L 321 40.96 -10.39 -69.81
N HIS L 322 40.27 -9.49 -69.14
CA HIS L 322 38.82 -9.40 -69.31
C HIS L 322 38.50 -8.57 -70.56
N THR L 323 37.53 -9.04 -71.35
CA THR L 323 37.18 -8.43 -72.63
C THR L 323 35.88 -7.65 -72.62
N VAL L 324 35.93 -6.40 -73.10
CA VAL L 324 34.77 -5.52 -73.24
C VAL L 324 34.54 -5.29 -74.74
N ILE L 325 33.33 -5.60 -75.21
CA ILE L 325 32.93 -5.47 -76.60
C ILE L 325 31.79 -4.45 -76.70
N ILE L 326 31.94 -3.49 -77.62
CA ILE L 326 30.98 -2.42 -77.85
C ILE L 326 30.24 -2.65 -79.16
N ALA L 327 28.92 -2.78 -79.07
CA ALA L 327 28.03 -3.02 -80.20
C ALA L 327 27.30 -1.76 -80.65
N ASP L 328 27.56 -1.32 -81.89
CA ASP L 328 27.03 -0.09 -82.49
C ASP L 328 26.63 -0.32 -83.96
N VAL L 329 26.26 -1.54 -84.34
CA VAL L 329 25.90 -1.85 -85.72
C VAL L 329 24.48 -2.41 -85.89
N ASP L 330 23.82 -2.95 -84.86
CA ASP L 330 22.47 -3.52 -85.03
C ASP L 330 22.43 -4.68 -86.02
N ASP L 331 23.53 -5.39 -86.17
CA ASP L 331 23.59 -6.55 -87.06
C ASP L 331 22.86 -7.73 -86.43
N PRO L 332 21.94 -8.38 -87.16
CA PRO L 332 21.21 -9.54 -86.60
C PRO L 332 22.08 -10.76 -86.37
N GLN L 333 23.28 -10.79 -86.95
CA GLN L 333 24.21 -11.91 -86.80
C GLN L 333 24.64 -12.11 -85.35
N TRP L 334 24.42 -11.12 -84.48
CA TRP L 334 24.76 -11.27 -83.07
C TRP L 334 23.99 -12.38 -82.36
N GLU L 335 22.86 -12.81 -82.91
CA GLU L 335 22.02 -13.83 -82.26
C GLU L 335 22.78 -15.08 -81.81
N TYR L 336 23.80 -15.50 -82.56
CA TYR L 336 24.55 -16.70 -82.21
C TYR L 336 25.10 -16.72 -80.78
N VAL L 337 25.80 -15.67 -80.35
CA VAL L 337 26.35 -15.64 -78.99
C VAL L 337 25.32 -15.23 -77.91
N ILE L 338 24.37 -14.36 -78.23
CA ILE L 338 23.39 -13.87 -77.25
C ILE L 338 22.38 -14.94 -76.86
N SER L 339 21.83 -15.68 -77.82
CA SER L 339 20.89 -16.75 -77.47
C SER L 339 21.56 -17.89 -76.70
N ALA L 340 22.87 -18.05 -76.82
CA ALA L 340 23.64 -19.04 -76.07
C ALA L 340 24.03 -18.54 -74.68
N GLU L 341 23.52 -17.36 -74.30
CA GLU L 341 23.81 -16.70 -73.03
C GLU L 341 25.28 -16.30 -72.84
N GLY L 342 25.84 -15.71 -73.89
CA GLY L 342 27.22 -15.23 -73.88
C GLY L 342 28.29 -16.26 -73.61
N VAL L 343 29.39 -15.76 -73.05
CA VAL L 343 30.56 -16.55 -72.68
C VAL L 343 31.18 -15.91 -71.45
N ASP L 344 32.00 -16.68 -70.73
CA ASP L 344 32.68 -16.15 -69.55
C ASP L 344 33.88 -15.30 -69.95
N GLY L 345 34.12 -14.22 -69.20
CA GLY L 345 35.23 -13.33 -69.49
C GLY L 345 34.98 -12.28 -70.56
N VAL L 346 33.72 -12.05 -70.93
CA VAL L 346 33.34 -11.10 -71.97
C VAL L 346 32.15 -10.30 -71.45
N THR L 347 31.98 -9.09 -71.99
CA THR L 347 30.84 -8.25 -71.59
C THR L 347 30.50 -7.30 -72.73
N PHE L 348 29.23 -7.29 -73.11
CA PHE L 348 28.73 -6.49 -74.21
C PHE L 348 27.89 -5.30 -73.78
N PHE L 349 28.09 -4.17 -74.47
CA PHE L 349 27.31 -2.95 -74.32
C PHE L 349 26.63 -2.65 -75.66
N ASP L 350 25.30 -2.78 -75.69
CA ASP L 350 24.51 -2.47 -76.89
C ASP L 350 24.16 -0.99 -76.89
N LEU L 351 24.74 -0.24 -77.84
CA LEU L 351 24.48 1.18 -77.99
C LEU L 351 23.31 1.48 -78.92
N THR L 352 22.80 0.47 -79.62
CA THR L 352 21.70 0.63 -80.55
C THR L 352 20.35 0.40 -79.90
N GLY L 353 20.27 -0.55 -78.96
CA GLY L 353 19.02 -0.87 -78.32
C GLY L 353 18.21 -1.89 -79.11
N SER L 354 18.87 -2.89 -79.66
CA SER L 354 18.22 -3.88 -80.50
C SER L 354 17.37 -4.83 -79.67
N SER L 355 16.32 -5.33 -80.31
CA SER L 355 15.33 -6.19 -79.66
C SER L 355 15.95 -7.44 -79.04
N MET L 356 17.05 -7.96 -79.61
CA MET L 356 17.66 -9.15 -79.03
C MET L 356 18.26 -8.85 -77.65
N TRP L 357 18.75 -7.64 -77.44
CA TRP L 357 19.35 -7.24 -76.17
C TRP L 357 18.31 -6.66 -75.20
N THR L 358 17.29 -6.01 -75.73
CA THR L 358 16.23 -5.30 -75.04
C THR L 358 15.12 -6.22 -74.53
N ASP L 359 15.28 -7.53 -74.66
CA ASP L 359 14.28 -8.50 -74.24
C ASP L 359 14.45 -8.99 -72.80
N ILE L 360 15.26 -8.33 -72.00
CA ILE L 360 15.49 -8.72 -70.61
C ILE L 360 15.51 -7.50 -69.69
N PRO L 361 14.48 -7.33 -68.85
CA PRO L 361 14.47 -6.19 -67.93
C PRO L 361 15.65 -6.17 -66.98
N GLU L 362 16.18 -7.33 -66.60
CA GLU L 362 17.33 -7.38 -65.72
C GLU L 362 18.58 -6.80 -66.37
N ARG L 363 18.53 -6.48 -67.66
CA ARG L 363 19.67 -5.92 -68.39
C ARG L 363 19.36 -4.63 -69.17
N LYS L 364 18.27 -3.93 -68.84
CA LYS L 364 17.86 -2.71 -69.55
C LYS L 364 17.96 -1.42 -68.73
N LEU L 365 18.71 -0.43 -69.27
CA LEU L 365 18.91 0.91 -68.68
C LEU L 365 18.25 1.96 -69.58
N GLN L 366 17.25 2.65 -69.03
CA GLN L 366 16.48 3.67 -69.73
C GLN L 366 16.87 5.10 -69.31
N PHE L 367 17.11 5.96 -70.30
CA PHE L 367 17.51 7.35 -70.10
C PHE L 367 16.38 8.32 -70.39
N ASP L 368 16.11 9.21 -69.42
CA ASP L 368 15.14 10.27 -69.57
C ASP L 368 15.77 11.44 -70.34
N LYS L 369 14.90 12.33 -70.83
CA LYS L 369 15.37 13.50 -71.57
C LYS L 369 16.37 14.34 -70.76
N THR L 370 16.25 14.30 -69.44
CA THR L 370 17.11 15.03 -68.50
C THR L 370 18.41 14.29 -68.17
N GLY L 371 18.66 13.11 -68.74
CA GLY L 371 19.88 12.37 -68.44
C GLY L 371 19.81 11.44 -67.24
N VAL L 372 18.64 11.30 -66.62
CA VAL L 372 18.42 10.38 -65.49
C VAL L 372 18.27 8.96 -66.01
N ILE L 373 18.93 8.01 -65.34
CA ILE L 373 18.88 6.58 -65.69
C ILE L 373 17.96 5.85 -64.72
N GLU L 374 17.12 4.96 -65.27
CA GLU L 374 16.21 4.07 -64.54
C GLU L 374 16.52 2.60 -64.82
N ALA L 375 16.38 1.76 -63.80
CA ALA L 375 16.67 0.34 -63.92
C ALA L 375 16.05 -0.41 -62.74
N LEU L 376 16.14 -1.73 -62.79
CA LEU L 376 15.70 -2.53 -61.66
C LEU L 376 16.71 -2.41 -60.51
N PRO L 377 16.25 -2.38 -59.27
CA PRO L 377 17.16 -2.27 -58.12
C PRO L 377 17.96 -3.55 -57.86
N ARG L 378 19.24 -3.37 -57.52
CA ARG L 378 20.18 -4.44 -57.21
C ARG L 378 20.81 -4.24 -55.84
N ASP L 379 21.08 -5.35 -55.14
CA ASP L 379 21.70 -5.28 -53.82
C ASP L 379 23.12 -4.73 -53.86
N ARG L 380 23.40 -3.85 -52.91
CA ARG L 380 24.71 -3.21 -52.83
C ARG L 380 25.83 -4.20 -52.55
N ASP L 381 25.59 -5.22 -51.74
CA ASP L 381 26.66 -6.15 -51.36
C ASP L 381 26.73 -7.41 -52.21
N THR L 382 25.61 -7.86 -52.79
CA THR L 382 25.60 -9.09 -53.58
C THR L 382 25.24 -8.84 -55.03
N TRP L 383 24.88 -7.61 -55.39
CA TRP L 383 24.53 -7.19 -56.74
C TRP L 383 23.32 -7.94 -57.31
N MET L 384 22.66 -8.76 -56.49
CA MET L 384 21.50 -9.51 -56.95
C MET L 384 20.31 -8.57 -57.15
N VAL L 385 19.50 -8.86 -58.17
CA VAL L 385 18.28 -8.07 -58.39
C VAL L 385 17.26 -8.38 -57.32
N ILE L 386 16.66 -7.35 -56.73
CA ILE L 386 15.67 -7.52 -55.68
C ILE L 386 14.24 -7.21 -56.09
N ASP L 387 14.00 -6.58 -57.24
CA ASP L 387 12.63 -6.30 -57.65
C ASP L 387 12.49 -6.26 -59.17
N ASP L 388 11.27 -6.53 -59.62
CA ASP L 388 10.90 -6.60 -61.02
C ASP L 388 10.38 -5.28 -61.59
N LYS L 389 10.27 -4.22 -60.79
CA LYS L 389 9.77 -2.93 -61.27
C LYS L 389 10.93 -1.95 -61.38
N ALA L 390 11.05 -1.30 -62.54
CA ALA L 390 12.12 -0.35 -62.81
C ALA L 390 11.95 0.95 -62.04
N TRP L 391 13.08 1.53 -61.65
CA TRP L 391 13.05 2.74 -60.85
C TRP L 391 14.33 3.53 -61.11
N PHE L 392 14.38 4.74 -60.54
CA PHE L 392 15.56 5.59 -60.62
C PHE L 392 16.84 4.88 -60.23
N PHE L 393 17.89 5.09 -61.03
CA PHE L 393 19.19 4.48 -60.78
C PHE L 393 20.33 5.47 -60.58
N ALA L 394 20.58 6.39 -61.51
CA ALA L 394 21.70 7.32 -61.34
C ALA L 394 21.60 8.50 -62.30
N LEU L 395 22.29 9.59 -61.93
CA LEU L 395 22.42 10.77 -62.77
C LEU L 395 23.70 10.64 -63.61
N THR L 396 23.54 10.69 -64.93
CA THR L 396 24.62 10.46 -65.88
C THR L 396 25.76 11.48 -65.84
N ASP L 397 26.99 10.95 -65.95
CA ASP L 397 28.22 11.71 -66.12
C ASP L 397 28.76 11.44 -67.52
N GLN L 398 29.22 12.48 -68.22
CA GLN L 398 29.69 12.28 -69.58
C GLN L 398 30.78 13.29 -69.95
N VAL L 399 31.59 12.91 -70.94
CA VAL L 399 32.68 13.74 -71.44
C VAL L 399 32.56 13.92 -72.95
N SER L 400 33.02 15.06 -73.44
CA SER L 400 33.00 15.29 -74.88
C SER L 400 34.15 14.51 -75.54
N ILE L 401 34.10 14.40 -76.87
CA ILE L 401 35.14 13.71 -77.62
C ILE L 401 36.50 14.35 -77.42
N ALA L 402 36.53 15.68 -77.37
CA ALA L 402 37.76 16.43 -77.14
C ALA L 402 38.34 16.09 -75.77
N GLU L 403 37.49 16.10 -74.75
CA GLU L 403 37.89 15.79 -73.39
C GLU L 403 38.41 14.36 -73.28
N ALA L 404 37.75 13.42 -73.94
CA ALA L 404 38.22 12.03 -73.95
C ALA L 404 39.58 11.88 -74.60
N GLU L 405 39.79 12.54 -75.75
CA GLU L 405 41.08 12.50 -76.46
C GLU L 405 42.19 13.17 -75.65
N GLU L 406 41.86 14.24 -74.94
CA GLU L 406 42.81 14.93 -74.09
C GLU L 406 43.32 13.98 -73.00
N PHE L 407 42.40 13.27 -72.35
CA PHE L 407 42.76 12.27 -71.34
C PHE L 407 43.59 11.14 -71.95
N ALA L 408 43.17 10.65 -73.11
CA ALA L 408 43.85 9.56 -73.78
C ALA L 408 45.29 9.91 -74.15
N GLN L 409 45.53 11.13 -74.61
CA GLN L 409 46.89 11.56 -74.94
C GLN L 409 47.81 11.51 -73.73
N LYS L 410 47.34 11.96 -72.58
CA LYS L 410 48.15 11.89 -71.36
C LYS L 410 48.52 10.44 -71.00
N LEU L 411 47.58 9.51 -71.12
CA LEU L 411 47.82 8.10 -70.80
C LEU L 411 48.71 7.40 -71.83
N ALA L 412 48.64 7.78 -73.10
CA ALA L 412 49.40 7.16 -74.17
C ALA L 412 50.91 7.25 -73.96
N GLN L 413 51.35 8.17 -73.12
CA GLN L 413 52.74 8.40 -72.76
C GLN L 413 53.37 7.29 -71.90
N TRP L 414 52.59 6.37 -71.32
CA TRP L 414 53.13 5.39 -70.38
C TRP L 414 53.11 3.94 -70.87
N ARG L 415 54.08 3.17 -70.37
CA ARG L 415 54.24 1.75 -70.66
C ARG L 415 54.70 0.99 -69.42
N LEU L 416 54.47 -0.33 -69.43
CA LEU L 416 54.87 -1.20 -68.32
C LEU L 416 56.33 -1.00 -67.95
N GLN M 19 62.10 2.18 -84.09
CA GLN M 19 61.76 3.21 -83.11
C GLN M 19 60.97 4.33 -83.78
N ALA M 20 59.94 4.84 -83.11
CA ALA M 20 59.13 5.92 -83.67
C ALA M 20 58.37 6.60 -82.54
N VAL M 21 57.76 7.74 -82.86
CA VAL M 21 56.96 8.49 -81.90
C VAL M 21 55.77 9.13 -82.61
N VAL M 22 54.69 9.37 -81.86
CA VAL M 22 53.47 9.99 -82.36
C VAL M 22 53.14 11.22 -81.53
N VAL M 23 52.90 12.35 -82.22
CA VAL M 23 52.62 13.63 -81.56
C VAL M 23 51.54 14.39 -82.33
N GLY M 24 50.85 15.27 -81.62
CA GLY M 24 49.82 16.14 -82.18
C GLY M 24 50.41 17.44 -82.70
N VAL M 25 50.47 17.58 -84.02
CA VAL M 25 51.00 18.79 -84.65
C VAL M 25 49.86 19.76 -84.99
N MET M 26 49.94 20.95 -84.40
CA MET M 26 48.96 22.02 -84.63
C MET M 26 49.28 22.75 -85.91
N ALA M 27 48.24 23.13 -86.66
CA ALA M 27 48.42 23.81 -87.94
C ALA M 27 47.50 25.04 -88.04
N GLY M 28 47.21 25.45 -89.28
CA GLY M 28 46.41 26.62 -89.57
C GLY M 28 45.19 26.88 -88.71
N GLU M 29 45.09 28.11 -88.23
CA GLU M 29 44.03 28.60 -87.37
C GLU M 29 43.90 27.75 -86.10
N GLY M 30 44.93 26.98 -85.78
CA GLY M 30 44.94 26.11 -84.62
C GLY M 30 44.37 24.73 -84.81
N VAL M 31 44.21 24.27 -86.05
CA VAL M 31 43.65 22.94 -86.30
C VAL M 31 44.61 21.86 -85.80
N GLN M 32 44.07 20.91 -85.06
CA GLN M 32 44.85 19.78 -84.53
C GLN M 32 45.07 18.68 -85.56
N ILE M 33 46.33 18.28 -85.74
CA ILE M 33 46.67 17.18 -86.64
C ILE M 33 47.58 16.21 -85.89
N GLY M 34 47.43 14.92 -86.16
CA GLY M 34 48.24 13.87 -85.55
C GLY M 34 49.26 13.30 -86.53
N VAL M 35 50.49 13.12 -86.05
CA VAL M 35 51.58 12.62 -86.89
C VAL M 35 52.52 11.67 -86.17
N LEU M 36 53.12 10.77 -86.95
CA LEU M 36 54.10 9.78 -86.51
C LEU M 36 55.48 10.16 -87.03
N LEU M 37 56.48 10.19 -86.14
CA LEU M 37 57.85 10.57 -86.50
C LEU M 37 58.88 9.56 -86.01
N ASP M 38 60.05 9.57 -86.68
CA ASP M 38 61.15 8.70 -86.30
C ASP M 38 61.78 9.17 -84.98
N ALA M 39 62.36 8.21 -84.24
CA ALA M 39 62.98 8.54 -82.96
C ALA M 39 64.41 9.10 -83.05
N ASN M 40 65.24 8.61 -83.98
CA ASN M 40 66.63 9.04 -84.06
C ASN M 40 66.99 10.06 -85.15
N ALA M 41 66.25 10.13 -86.24
CA ALA M 41 66.57 11.13 -87.26
C ALA M 41 66.38 12.55 -86.73
N PRO M 42 67.24 13.50 -87.10
CA PRO M 42 67.09 14.88 -86.62
C PRO M 42 65.91 15.60 -87.27
N VAL M 43 65.43 16.61 -86.57
CA VAL M 43 64.27 17.39 -86.99
C VAL M 43 64.45 18.00 -88.39
N SER M 44 65.66 18.47 -88.72
CA SER M 44 65.91 19.06 -90.04
C SER M 44 65.63 18.12 -91.21
N VAL M 45 65.87 16.81 -91.08
CA VAL M 45 65.58 15.87 -92.18
C VAL M 45 64.13 15.43 -92.26
N MET M 46 63.31 15.74 -91.26
CA MET M 46 61.89 15.36 -91.23
C MET M 46 60.92 16.54 -91.33
N THR M 47 61.36 17.75 -91.02
CA THR M 47 60.50 18.93 -91.09
C THR M 47 60.04 19.20 -92.53
N ASP M 48 60.83 18.74 -93.51
CA ASP M 48 60.49 18.90 -94.92
C ASP M 48 59.35 17.98 -95.34
N PRO M 49 59.49 16.65 -95.27
CA PRO M 49 58.38 15.75 -95.62
C PRO M 49 57.15 15.94 -94.75
N LEU M 50 57.37 16.28 -93.48
CA LEU M 50 56.26 16.52 -92.56
C LEU M 50 55.40 17.69 -93.04
N LEU M 51 56.04 18.77 -93.50
CA LEU M 51 55.31 19.94 -94.01
C LEU M 51 54.48 19.58 -95.23
N LYS M 52 54.99 18.68 -96.06
CA LYS M 52 54.27 18.22 -97.26
C LYS M 52 53.02 17.40 -96.90
N VAL M 53 53.12 16.42 -96.01
CA VAL M 53 51.95 15.63 -95.61
C VAL M 53 50.93 16.51 -94.88
N VAL M 54 51.38 17.49 -94.10
CA VAL M 54 50.48 18.41 -93.41
C VAL M 54 49.72 19.25 -94.43
N ASN M 55 50.42 19.81 -95.41
CA ASN M 55 49.75 20.60 -96.44
C ASN M 55 48.79 19.72 -97.23
N SER M 56 49.20 18.50 -97.52
CA SER M 56 48.35 17.54 -98.22
C SER M 56 47.09 17.24 -97.42
N ARG M 57 47.23 16.99 -96.11
CA ARG M 57 46.08 16.70 -95.25
C ARG M 57 45.16 17.92 -95.13
N LEU M 58 45.74 19.12 -95.03
CA LEU M 58 44.95 20.33 -94.94
C LEU M 58 44.06 20.50 -96.17
N ARG M 59 44.60 20.27 -97.36
CA ARG M 59 43.81 20.36 -98.59
C ARG M 59 42.66 19.36 -98.59
N GLU M 60 42.87 18.16 -98.03
CA GLU M 60 41.75 17.21 -97.94
C GLU M 60 40.72 17.69 -96.95
N LEU M 61 41.14 18.41 -95.91
CA LEU M 61 40.23 18.97 -94.94
C LEU M 61 39.56 20.23 -95.48
N GLY M 62 40.03 20.75 -96.60
CA GLY M 62 39.52 21.96 -97.21
C GLY M 62 40.13 23.21 -96.64
N GLU M 63 41.24 23.07 -95.91
CA GLU M 63 41.94 24.19 -95.30
C GLU M 63 43.12 24.58 -96.19
N ALA M 64 43.44 25.87 -96.19
CA ALA M 64 44.57 26.35 -96.98
C ALA M 64 45.90 25.84 -96.41
N PRO M 65 46.84 25.47 -97.27
CA PRO M 65 48.15 25.00 -96.79
C PRO M 65 48.95 26.11 -96.14
N LEU M 66 49.96 25.69 -95.37
CA LEU M 66 50.85 26.60 -94.68
C LEU M 66 51.68 27.42 -95.68
N GLU M 67 51.64 28.74 -95.54
CA GLU M 67 52.35 29.66 -96.42
C GLU M 67 52.73 30.92 -95.66
N ALA M 68 53.85 31.53 -96.07
CA ALA M 68 54.36 32.74 -95.42
C ALA M 68 55.20 33.54 -96.40
N THR M 69 55.45 34.80 -96.02
CA THR M 69 56.24 35.75 -96.81
C THR M 69 57.37 36.35 -96.01
N GLY M 70 58.50 36.60 -96.67
CA GLY M 70 59.68 37.16 -96.06
C GLY M 70 60.79 36.12 -95.86
N ARG M 71 61.97 36.65 -95.54
CA ARG M 71 63.14 35.82 -95.28
C ARG M 71 62.98 35.05 -93.97
N GLY M 72 63.20 33.75 -94.01
CA GLY M 72 63.06 32.92 -92.82
C GLY M 72 63.05 31.45 -93.18
N ARG M 73 62.48 30.65 -92.28
CA ARG M 73 62.42 29.21 -92.49
C ARG M 73 61.25 28.60 -91.71
N TRP M 74 60.94 27.35 -92.05
CA TRP M 74 59.88 26.56 -91.41
C TRP M 74 60.48 25.61 -90.40
N ALA M 75 59.92 25.58 -89.19
CA ALA M 75 60.41 24.69 -88.15
C ALA M 75 59.33 24.44 -87.11
N LEU M 76 59.59 23.46 -86.25
CA LEU M 76 58.71 23.06 -85.15
C LEU M 76 58.96 23.94 -83.93
N CYS M 77 57.88 24.28 -83.23
CA CYS M 77 57.96 25.13 -82.05
C CYS M 77 57.01 24.64 -80.96
N LEU M 78 57.32 25.02 -79.73
CA LEU M 78 56.55 24.73 -78.53
C LEU M 78 55.40 25.73 -78.36
N VAL M 79 54.54 25.45 -77.37
CA VAL M 79 53.39 26.31 -77.09
C VAL M 79 53.79 27.75 -76.81
N ASP M 80 55.01 27.99 -76.34
CA ASP M 80 55.43 29.36 -76.05
C ASP M 80 56.19 29.97 -77.20
N GLY M 81 56.31 29.26 -78.32
CA GLY M 81 57.03 29.73 -79.50
C GLY M 81 58.49 29.31 -79.61
N ALA M 82 59.05 28.66 -78.60
CA ALA M 82 60.46 28.26 -78.68
C ALA M 82 60.69 27.15 -79.69
N PRO M 83 61.61 27.33 -80.66
CA PRO M 83 61.87 26.30 -81.66
C PRO M 83 62.72 25.15 -81.14
N LEU M 84 62.47 23.96 -81.69
CA LEU M 84 63.22 22.74 -81.36
C LEU M 84 64.59 22.73 -82.04
N ARG M 85 65.49 21.89 -81.51
CA ARG M 85 66.83 21.75 -82.09
C ARG M 85 66.76 21.04 -83.44
N ALA M 86 67.35 21.66 -84.46
CA ALA M 86 67.33 21.12 -85.82
C ALA M 86 68.30 19.97 -86.05
N THR M 87 69.34 19.83 -85.23
CA THR M 87 70.36 18.81 -85.44
C THR M 87 70.34 17.64 -84.45
N GLN M 88 69.35 17.55 -83.57
CA GLN M 88 69.33 16.46 -82.61
C GLN M 88 68.07 15.61 -82.71
N SER M 89 68.24 14.34 -82.34
CA SER M 89 67.19 13.34 -82.36
C SER M 89 66.05 13.69 -81.40
N LEU M 90 64.83 13.27 -81.78
CA LEU M 90 63.68 13.43 -80.90
C LEU M 90 63.83 12.59 -79.64
N THR M 91 64.72 11.59 -79.66
CA THR M 91 65.02 10.79 -78.47
C THR M 91 65.98 11.53 -77.56
N GLU M 92 66.75 12.44 -78.15
CA GLU M 92 67.67 13.29 -77.41
C GLU M 92 66.86 14.42 -76.80
N GLN M 93 65.89 14.92 -77.55
CA GLN M 93 64.96 15.91 -77.08
C GLN M 93 63.96 15.19 -76.15
N ASP M 94 63.24 15.98 -75.35
CA ASP M 94 62.25 15.44 -74.40
C ASP M 94 60.88 15.28 -75.05
N VAL M 95 60.80 14.35 -75.99
CA VAL M 95 59.56 14.04 -76.71
C VAL M 95 59.21 12.56 -76.54
N TYR M 96 57.94 12.31 -76.25
CA TYR M 96 57.33 11.00 -76.08
C TYR M 96 55.94 11.03 -76.71
N ASP M 97 55.39 9.83 -76.90
CA ASP M 97 54.06 9.66 -77.49
C ASP M 97 52.99 10.47 -76.76
N GLY M 98 52.16 11.15 -77.56
CA GLY M 98 51.06 11.98 -77.10
C GLY M 98 51.37 13.45 -76.88
N ASP M 99 52.61 13.88 -77.07
CA ASP M 99 52.95 15.29 -76.92
C ASP M 99 52.38 16.11 -78.09
N ARG M 100 52.29 17.43 -77.91
CA ARG M 100 51.79 18.36 -78.92
C ARG M 100 52.84 19.40 -79.29
N LEU M 101 52.94 19.71 -80.59
CA LEU M 101 53.91 20.64 -81.15
C LEU M 101 53.27 21.51 -82.23
N TRP M 102 53.88 22.67 -82.48
CA TRP M 102 53.43 23.61 -83.52
C TRP M 102 54.49 23.76 -84.61
N ILE M 103 54.02 23.95 -85.85
CA ILE M 103 54.87 24.27 -87.00
C ILE M 103 54.73 25.76 -87.27
N ARG M 104 55.86 26.46 -87.36
CA ARG M 104 55.85 27.90 -87.55
C ARG M 104 56.97 28.37 -88.47
N PHE M 105 56.75 29.53 -89.07
CA PHE M 105 57.70 30.20 -89.95
C PHE M 105 58.54 31.15 -89.11
N ILE M 106 59.84 30.87 -89.05
CA ILE M 106 60.79 31.66 -88.27
C ILE M 106 61.48 32.70 -89.17
N ALA M 107 60.98 33.93 -89.11
CA ALA M 107 61.56 35.04 -89.86
C ALA M 107 62.89 35.48 -89.22
N ASP M 108 63.76 36.05 -90.04
CA ASP M 108 65.06 36.54 -89.56
C ASP M 108 64.94 37.57 -88.43
N THR M 109 63.89 38.38 -88.43
CA THR M 109 63.61 39.43 -87.46
C THR M 109 63.28 38.96 -86.03
N GLU M 110 62.98 37.68 -85.83
CA GLU M 110 62.60 37.15 -84.51
C GLU M 110 63.63 37.33 -83.40
N ARG M 111 63.17 37.85 -82.25
CA ARG M 111 63.92 38.04 -81.01
C ARG M 111 63.02 37.69 -79.83
N ARG M 112 63.57 37.04 -78.79
CA ARG M 112 62.79 36.65 -77.60
C ARG M 112 63.36 37.22 -76.31
N SER M 113 62.45 37.68 -75.42
CA SER M 113 62.83 38.31 -74.14
C SER M 113 63.63 37.40 -73.19
N GLN M 114 63.11 36.20 -72.92
CA GLN M 114 63.80 35.23 -72.03
C GLN M 114 64.05 35.78 -70.62
N VAL M 115 63.08 36.45 -69.96
CA VAL M 115 63.28 37.01 -68.62
C VAL M 115 62.09 36.69 -67.71
N ILE M 116 62.39 36.42 -66.44
CA ILE M 116 61.43 36.08 -65.37
C ILE M 116 61.52 37.02 -64.17
N GLU M 117 60.40 37.16 -63.45
CA GLU M 117 60.28 37.98 -62.25
C GLU M 117 59.51 37.21 -61.17
N HIS M 118 59.86 37.45 -59.90
CA HIS M 118 59.22 36.79 -58.76
C HIS M 118 58.52 37.75 -57.82
N ILE M 119 57.22 37.50 -57.57
CA ILE M 119 56.45 38.23 -56.56
C ILE M 119 55.36 37.28 -56.10
N SER M 120 54.97 37.38 -54.84
CA SER M 120 53.94 36.49 -54.31
C SER M 120 52.63 36.65 -55.07
N THR M 121 52.25 35.55 -55.73
CA THR M 121 51.08 35.46 -56.58
C THR M 121 49.81 35.86 -55.84
N ALA M 122 49.75 35.57 -54.55
CA ALA M 122 48.61 35.95 -53.72
C ALA M 122 48.46 37.47 -53.59
N VAL M 123 49.56 38.21 -53.60
CA VAL M 123 49.46 39.66 -53.48
C VAL M 123 49.10 40.29 -54.81
N ALA M 124 49.67 39.79 -55.90
CA ALA M 124 49.36 40.33 -57.21
C ALA M 124 47.86 40.20 -57.51
N SER M 125 47.31 39.01 -57.32
CA SER M 125 45.89 38.77 -57.55
C SER M 125 45.02 39.61 -56.64
N ASP M 126 45.36 39.69 -55.36
CA ASP M 126 44.57 40.49 -54.42
C ASP M 126 44.55 41.97 -54.80
N LEU M 127 45.70 42.50 -55.19
CA LEU M 127 45.81 43.91 -55.56
C LEU M 127 44.92 44.30 -56.75
N SER M 128 44.57 43.35 -57.61
CA SER M 128 43.70 43.64 -58.75
C SER M 128 42.31 44.12 -58.34
N LYS M 129 41.77 43.51 -57.30
CA LYS M 129 40.44 43.80 -56.76
C LYS M 129 40.44 44.85 -55.65
N ARG M 130 41.37 44.71 -54.71
CA ARG M 130 41.39 45.60 -53.56
C ARG M 130 41.34 47.08 -53.94
N PHE M 131 42.13 47.52 -54.92
CA PHE M 131 41.99 48.90 -55.40
C PHE M 131 42.15 48.96 -56.92
N ALA M 132 41.21 49.66 -57.57
CA ALA M 132 41.14 49.74 -59.02
C ALA M 132 40.29 50.94 -59.43
N ARG M 133 40.29 51.21 -60.74
CA ARG M 133 39.53 52.28 -61.39
C ARG M 133 38.02 52.10 -61.21
N ILE M 134 37.31 53.24 -61.32
CA ILE M 134 35.85 53.26 -61.26
C ILE M 134 35.26 52.42 -62.38
N ASP M 135 34.05 51.88 -62.14
CA ASP M 135 33.37 51.00 -63.08
C ASP M 135 31.97 51.48 -63.48
N PRO M 136 31.65 51.41 -64.79
CA PRO M 136 30.34 51.90 -65.28
C PRO M 136 29.13 51.24 -64.64
N ILE M 137 29.24 50.00 -64.19
CA ILE M 137 28.13 49.35 -63.53
C ILE M 137 27.78 50.13 -62.27
N VAL M 138 28.79 50.57 -61.54
CA VAL M 138 28.60 51.34 -60.32
C VAL M 138 27.92 52.67 -60.63
N ALA M 139 28.33 53.33 -61.72
CA ALA M 139 27.74 54.60 -62.11
C ALA M 139 26.23 54.52 -62.28
N VAL M 140 25.72 53.37 -62.70
CA VAL M 140 24.28 53.20 -62.85
C VAL M 140 23.60 53.35 -61.49
N GLN M 141 24.16 52.73 -60.47
CA GLN M 141 23.62 52.83 -59.11
C GLN M 141 23.65 54.28 -58.64
N VAL M 142 24.76 54.97 -58.91
CA VAL M 142 24.91 56.37 -58.52
C VAL M 142 23.83 57.21 -59.18
N GLY M 143 23.63 57.03 -60.47
CA GLY M 143 22.62 57.80 -61.17
C GLY M 143 21.24 57.55 -60.60
N ALA M 144 20.93 56.29 -60.34
CA ALA M 144 19.64 55.94 -59.77
C ALA M 144 19.44 56.64 -58.43
N SER M 145 20.48 56.65 -57.62
CA SER M 145 20.43 57.31 -56.31
C SER M 145 20.22 58.81 -56.46
N MET M 146 20.87 59.43 -57.44
CA MET M 146 20.71 60.86 -57.65
C MET M 146 19.29 61.21 -58.08
N VAL M 147 18.72 60.51 -59.06
CA VAL M 147 17.37 60.83 -59.49
C VAL M 147 16.39 60.58 -58.35
N ALA M 148 16.60 59.52 -57.60
CA ALA M 148 15.73 59.24 -56.46
C ALA M 148 15.73 60.41 -55.48
N THR M 149 16.90 60.98 -55.24
CA THR M 149 17.06 62.11 -54.34
C THR M 149 16.23 63.32 -54.77
N GLY M 150 16.26 63.61 -56.06
CA GLY M 150 15.50 64.74 -56.59
C GLY M 150 14.00 64.56 -56.42
N VAL M 151 13.48 63.40 -56.80
CA VAL M 151 12.04 63.15 -56.71
C VAL M 151 11.59 63.22 -55.25
N VAL M 152 12.37 62.68 -54.33
CA VAL M 152 11.93 62.80 -52.95
C VAL M 152 11.96 64.26 -52.53
N LEU M 153 12.98 65.01 -52.94
CA LEU M 153 13.04 66.42 -52.59
C LEU M 153 11.86 67.19 -53.18
N ALA M 154 11.45 66.83 -54.38
CA ALA M 154 10.29 67.45 -55.01
C ALA M 154 9.02 67.28 -54.18
N THR M 155 8.76 66.07 -53.70
CA THR M 155 7.58 65.83 -52.86
C THR M 155 7.63 66.64 -51.57
N GLY M 156 8.81 66.93 -51.05
CA GLY M 156 8.97 67.72 -49.84
C GLY M 156 8.47 69.15 -49.98
N VAL M 157 8.99 69.88 -50.95
CA VAL M 157 8.58 71.26 -51.15
C VAL M 157 7.10 71.31 -51.52
N LEU M 158 6.63 70.34 -52.29
CA LEU M 158 5.22 70.31 -52.67
C LEU M 158 4.38 70.10 -51.43
N GLY M 159 4.90 69.34 -50.47
CA GLY M 159 4.23 69.14 -49.20
C GLY M 159 4.22 70.41 -48.37
N TRP M 160 5.36 71.08 -48.28
CA TRP M 160 5.46 72.35 -47.56
C TRP M 160 4.45 73.36 -48.11
N TRP M 161 4.24 73.37 -49.42
CA TRP M 161 3.26 74.25 -50.04
C TRP M 161 1.84 73.91 -49.59
N ARG M 162 1.46 72.64 -49.71
CA ARG M 162 0.15 72.15 -49.30
C ARG M 162 -0.14 72.39 -47.83
N TRP M 163 0.88 72.54 -47.00
CA TRP M 163 0.67 72.82 -45.60
C TRP M 163 0.21 74.25 -45.40
N HIS M 164 0.43 75.13 -46.38
CA HIS M 164 0.07 76.54 -46.28
C HIS M 164 -0.99 77.00 -47.29
N HIS M 165 -1.22 76.26 -48.38
CA HIS M 165 -2.18 76.64 -49.42
C HIS M 165 -3.13 75.50 -49.71
N ASN M 166 -4.39 75.84 -49.99
CA ASN M 166 -5.45 74.86 -50.22
C ASN M 166 -5.66 74.44 -51.68
N THR M 167 -4.83 74.90 -52.61
CA THR M 167 -5.02 74.51 -54.01
C THR M 167 -4.68 73.04 -54.25
N TRP M 168 -5.34 72.45 -55.26
CA TRP M 168 -5.21 71.06 -55.70
C TRP M 168 -3.87 70.76 -56.37
N LEU M 169 -3.07 71.80 -56.60
CA LEU M 169 -1.77 71.74 -57.26
C LEU M 169 -0.88 70.55 -56.84
N THR M 170 -0.62 70.42 -55.54
CA THR M 170 0.25 69.37 -55.03
C THR M 170 -0.27 67.97 -55.33
N THR M 171 -1.52 67.67 -55.04
CA THR M 171 -2.02 66.32 -55.29
C THR M 171 -2.03 66.00 -56.79
N ILE M 172 -2.51 66.93 -57.60
CA ILE M 172 -2.60 66.72 -59.04
C ILE M 172 -1.21 66.66 -59.67
N TYR M 173 -0.36 67.62 -59.36
CA TYR M 173 0.98 67.72 -59.91
C TYR M 173 1.90 66.58 -59.46
N THR M 174 1.68 66.02 -58.28
CA THR M 174 2.53 64.92 -57.80
C THR M 174 2.21 63.57 -58.44
N ALA M 175 0.95 63.32 -58.78
CA ALA M 175 0.53 62.05 -59.35
C ALA M 175 1.33 61.66 -60.59
N VAL M 176 1.47 62.59 -61.53
CA VAL M 176 2.23 62.35 -62.76
C VAL M 176 3.68 62.07 -62.44
N ILE M 177 4.22 62.75 -61.44
CA ILE M 177 5.61 62.54 -61.05
C ILE M 177 5.81 61.08 -60.63
N GLY M 178 4.89 60.54 -59.84
CA GLY M 178 4.98 59.15 -59.42
C GLY M 178 4.83 58.15 -60.55
N VAL M 179 3.83 58.33 -61.39
CA VAL M 179 3.55 57.44 -62.51
C VAL M 179 4.76 57.33 -63.45
N LEU M 180 5.42 58.44 -63.73
CA LEU M 180 6.60 58.44 -64.60
C LEU M 180 7.69 57.54 -64.02
N VAL M 181 8.01 57.72 -62.76
CA VAL M 181 9.04 56.89 -62.14
C VAL M 181 8.57 55.44 -62.15
N LEU M 182 7.29 55.21 -61.88
CA LEU M 182 6.74 53.85 -61.89
C LEU M 182 6.88 53.23 -63.26
N ALA M 183 6.63 53.99 -64.31
CA ALA M 183 6.78 53.46 -65.66
C ALA M 183 8.23 53.02 -65.91
N VAL M 184 9.18 53.85 -65.53
CA VAL M 184 10.60 53.53 -65.67
C VAL M 184 10.93 52.27 -64.89
N ALA M 185 10.43 52.18 -63.68
CA ALA M 185 10.66 51.00 -62.86
C ALA M 185 10.16 49.74 -63.53
N MET M 186 9.01 49.82 -64.19
CA MET M 186 8.47 48.65 -64.89
C MET M 186 9.46 48.16 -65.95
N LEU M 187 10.00 49.07 -66.74
CA LEU M 187 10.97 48.66 -67.76
C LEU M 187 12.21 48.09 -67.11
N LEU M 188 12.69 48.73 -66.06
CA LEU M 188 13.87 48.25 -65.34
C LEU M 188 13.64 46.86 -64.79
N LEU M 189 12.47 46.62 -64.20
CA LEU M 189 12.16 45.31 -63.66
C LEU M 189 12.13 44.26 -64.76
N MET M 190 11.61 44.60 -65.93
CA MET M 190 11.59 43.64 -67.04
C MET M 190 12.98 43.37 -67.60
N ARG M 191 13.77 44.42 -67.84
CA ARG M 191 15.08 44.22 -68.44
C ARG M 191 16.11 43.66 -67.48
N ALA M 192 15.95 43.91 -66.18
CA ALA M 192 16.91 43.42 -65.20
C ALA M 192 17.01 41.90 -65.19
N LYS M 193 18.25 41.40 -65.16
CA LYS M 193 18.60 39.97 -65.08
C LYS M 193 19.65 39.67 -64.03
N THR M 194 20.65 40.52 -63.89
CA THR M 194 21.70 40.36 -62.89
C THR M 194 21.28 41.02 -61.57
N ASP M 195 22.01 40.67 -60.53
CA ASP M 195 21.79 41.23 -59.20
C ASP M 195 22.02 42.74 -59.20
N ALA M 196 23.00 43.21 -59.95
CA ALA M 196 23.24 44.65 -60.02
C ALA M 196 22.02 45.33 -60.62
N ASP M 197 21.45 44.75 -61.67
CA ASP M 197 20.25 45.32 -62.28
C ASP M 197 19.11 45.36 -61.27
N ARG M 198 18.93 44.28 -60.52
CA ARG M 198 17.90 44.24 -59.50
C ARG M 198 18.08 45.37 -58.49
N ARG M 199 19.30 45.61 -58.02
CA ARG M 199 19.50 46.71 -57.07
C ARG M 199 18.99 48.03 -57.66
N VAL M 200 19.33 48.31 -58.91
CA VAL M 200 18.90 49.55 -59.54
C VAL M 200 17.38 49.61 -59.59
N ALA M 201 16.77 48.52 -60.00
CA ALA M 201 15.31 48.44 -60.09
C ALA M 201 14.68 48.67 -58.71
N ASP M 202 15.23 48.01 -57.70
CA ASP M 202 14.69 48.15 -56.36
C ASP M 202 14.72 49.60 -55.91
N ILE M 203 15.83 50.29 -56.14
CA ILE M 203 15.94 51.69 -55.73
C ILE M 203 14.84 52.50 -56.40
N MET M 204 14.63 52.28 -57.69
CA MET M 204 13.60 53.03 -58.41
C MET M 204 12.21 52.70 -57.88
N LEU M 205 11.92 51.41 -57.68
CA LEU M 205 10.61 51.01 -57.16
C LEU M 205 10.36 51.61 -55.79
N MET M 206 11.35 51.51 -54.91
CA MET M 206 11.24 52.09 -53.58
C MET M 206 10.98 53.58 -53.68
N SER M 207 11.63 54.23 -54.64
CA SER M 207 11.45 55.65 -54.87
C SER M 207 10.06 55.97 -55.42
N ALA M 208 9.43 55.04 -56.12
CA ALA M 208 8.11 55.32 -56.69
C ALA M 208 6.98 55.35 -55.66
N ILE M 209 7.06 54.55 -54.59
CA ILE M 209 5.99 54.50 -53.59
C ILE M 209 5.81 55.81 -52.82
N MET M 210 6.87 56.56 -52.59
CA MET M 210 6.80 57.81 -51.83
C MET M 210 5.89 58.84 -52.47
N PRO M 211 6.12 59.26 -53.70
CA PRO M 211 5.24 60.26 -54.30
C PRO M 211 3.81 59.77 -54.36
N VAL M 212 3.60 58.53 -54.73
CA VAL M 212 2.27 57.96 -54.83
C VAL M 212 1.55 58.10 -53.50
N THR M 213 2.26 57.88 -52.41
CA THR M 213 1.68 57.99 -51.08
C THR M 213 1.23 59.41 -50.77
N VAL M 214 2.11 60.39 -50.89
CA VAL M 214 1.73 61.77 -50.55
C VAL M 214 0.63 62.30 -51.46
N ALA M 215 0.57 61.82 -52.71
CA ALA M 215 -0.46 62.25 -53.64
C ALA M 215 -1.87 61.96 -53.13
N ALA M 216 -2.12 60.75 -52.67
CA ALA M 216 -3.43 60.38 -52.15
C ALA M 216 -3.77 61.16 -50.89
N ALA M 217 -2.81 61.28 -49.98
CA ALA M 217 -3.04 62.00 -48.74
C ALA M 217 -3.45 63.45 -48.98
N ALA M 218 -2.92 64.09 -50.02
CA ALA M 218 -3.28 65.46 -50.32
C ALA M 218 -4.61 65.60 -51.05
N ALA M 219 -5.24 64.49 -51.41
CA ALA M 219 -6.50 64.55 -52.15
C ALA M 219 -7.68 65.23 -51.43
N PRO M 220 -7.89 65.08 -50.12
CA PRO M 220 -9.05 65.73 -49.50
C PRO M 220 -8.93 67.24 -49.45
N PRO M 221 -10.07 67.95 -49.51
CA PRO M 221 -10.10 69.41 -49.50
C PRO M 221 -9.95 70.06 -48.13
N GLY M 222 -9.60 71.36 -48.16
CA GLY M 222 -9.47 72.15 -46.96
C GLY M 222 -8.22 71.94 -46.14
N PRO M 223 -8.21 72.48 -44.92
CA PRO M 223 -7.05 72.32 -44.05
C PRO M 223 -6.73 70.85 -43.81
N VAL M 224 -5.42 70.57 -43.77
CA VAL M 224 -4.92 69.22 -43.54
C VAL M 224 -5.24 68.79 -42.11
N GLY M 225 -5.70 67.55 -41.97
CA GLY M 225 -6.08 67.03 -40.66
C GLY M 225 -6.30 65.53 -40.61
N SER M 226 -7.23 65.10 -39.78
CA SER M 226 -7.55 63.70 -39.54
C SER M 226 -7.77 62.85 -40.80
N PRO M 227 -8.66 63.22 -41.71
CA PRO M 227 -8.92 62.35 -42.87
C PRO M 227 -7.71 62.18 -43.79
N GLN M 228 -6.90 63.22 -43.96
CA GLN M 228 -5.71 63.13 -44.83
C GLN M 228 -4.76 62.06 -44.31
N ALA M 229 -4.55 62.00 -43.00
CA ALA M 229 -3.66 60.99 -42.43
C ALA M 229 -4.14 59.58 -42.74
N VAL M 230 -5.44 59.34 -42.57
CA VAL M 230 -6.02 58.02 -42.82
C VAL M 230 -5.72 57.53 -44.24
N LEU M 231 -5.96 58.38 -45.24
CA LEU M 231 -5.75 58.00 -46.64
C LEU M 231 -4.30 57.68 -46.96
N GLY M 232 -3.37 58.51 -46.54
CA GLY M 232 -1.97 58.32 -46.84
C GLY M 232 -1.40 57.02 -46.35
N PHE M 233 -1.45 56.80 -45.05
CA PHE M 233 -0.92 55.57 -44.47
C PHE M 233 -1.63 54.35 -45.04
N GLY M 234 -2.91 54.47 -45.35
CA GLY M 234 -3.67 53.38 -45.93
C GLY M 234 -3.04 52.97 -47.24
N VAL M 235 -2.91 53.88 -48.19
CA VAL M 235 -2.31 53.51 -49.46
C VAL M 235 -0.86 53.10 -49.25
N LEU M 236 -0.17 53.75 -48.32
CA LEU M 236 1.22 53.40 -48.06
C LEU M 236 1.32 51.93 -47.66
N THR M 237 0.43 51.50 -46.77
CA THR M 237 0.42 50.13 -46.29
C THR M 237 0.19 49.15 -47.45
N VAL M 238 -0.84 49.41 -48.25
CA VAL M 238 -1.17 48.55 -49.37
C VAL M 238 -0.05 48.52 -50.40
N ALA M 239 0.52 49.67 -50.70
CA ALA M 239 1.58 49.71 -51.71
C ALA M 239 2.77 48.87 -51.29
N ALA M 240 3.22 49.03 -50.05
CA ALA M 240 4.36 48.27 -49.58
C ALA M 240 4.07 46.79 -49.59
N ALA M 241 2.94 46.40 -49.01
CA ALA M 241 2.56 44.99 -49.00
C ALA M 241 2.50 44.46 -50.42
N LEU M 242 1.90 45.23 -51.32
CA LEU M 242 1.78 44.81 -52.72
C LEU M 242 3.17 44.68 -53.31
N ALA M 243 4.00 45.70 -53.13
CA ALA M 243 5.34 45.65 -53.68
C ALA M 243 6.06 44.44 -53.14
N LEU M 244 5.94 44.21 -51.84
CA LEU M 244 6.58 43.07 -51.21
C LEU M 244 6.06 41.76 -51.80
N ARG M 245 4.73 41.63 -51.91
CA ARG M 245 4.15 40.37 -52.36
C ARG M 245 4.71 39.90 -53.69
N PHE M 246 4.70 40.73 -54.70
CA PHE M 246 5.22 40.27 -55.98
C PHE M 246 6.74 40.33 -56.10
N THR M 247 7.41 41.25 -55.40
CA THR M 247 8.85 41.34 -55.59
C THR M 247 9.62 40.24 -54.88
N GLY M 248 9.26 39.91 -53.65
CA GLY M 248 10.02 38.87 -52.95
C GLY M 248 11.47 39.24 -52.64
N ARG M 249 11.74 40.49 -52.30
CA ARG M 249 13.09 40.97 -51.99
C ARG M 249 12.96 42.17 -51.05
N ARG M 250 14.05 42.48 -50.35
CA ARG M 250 14.09 43.64 -49.42
C ARG M 250 12.94 43.60 -48.40
N LEU M 251 12.65 42.40 -47.90
CA LEU M 251 11.52 42.20 -46.99
C LEU M 251 11.55 43.12 -45.77
N GLY M 252 12.71 43.33 -45.19
CA GLY M 252 12.86 44.15 -44.00
C GLY M 252 12.28 45.54 -44.04
N ILE M 253 12.84 46.37 -44.90
CA ILE M 253 12.41 47.76 -44.99
C ILE M 253 10.93 47.86 -45.31
N TYR M 254 10.43 47.02 -46.20
CA TYR M 254 9.03 47.09 -46.54
C TYR M 254 8.15 46.71 -45.37
N THR M 255 8.54 45.72 -44.59
CA THR M 255 7.73 45.29 -43.46
C THR M 255 7.59 46.41 -42.45
N THR M 256 8.67 47.13 -42.19
CA THR M 256 8.67 48.23 -41.21
C THR M 256 7.63 49.26 -41.59
N ILE M 257 7.56 49.59 -42.86
CA ILE M 257 6.61 50.55 -43.36
C ILE M 257 5.20 50.05 -43.11
N VAL M 258 4.97 48.79 -43.44
CA VAL M 258 3.66 48.18 -43.26
C VAL M 258 3.17 48.32 -41.83
N ILE M 259 4.02 48.07 -40.85
CA ILE M 259 3.57 48.11 -39.46
C ILE M 259 3.21 49.52 -39.05
N ILE M 260 4.09 50.50 -39.30
CA ILE M 260 3.78 51.85 -38.87
C ILE M 260 2.56 52.35 -39.61
N GLY M 261 2.39 51.92 -40.84
CA GLY M 261 1.20 52.29 -41.61
C GLY M 261 -0.06 51.74 -40.99
N ALA M 262 -0.08 50.44 -40.74
CA ALA M 262 -1.26 49.77 -40.20
C ALA M 262 -1.73 50.37 -38.88
N LEU M 263 -0.84 50.50 -37.90
CA LEU M 263 -1.24 51.03 -36.58
C LEU M 263 -1.65 52.49 -36.65
N THR M 264 -1.00 53.28 -37.49
CA THR M 264 -1.35 54.69 -37.57
C THR M 264 -2.75 54.87 -38.18
N MET M 265 -3.10 54.03 -39.15
CA MET M 265 -4.43 54.11 -39.77
C MET M 265 -5.49 53.93 -38.72
N LEU M 266 -5.34 52.92 -37.88
CA LEU M 266 -6.29 52.64 -36.82
C LEU M 266 -6.27 53.73 -35.77
N ALA M 267 -5.14 54.39 -35.57
CA ALA M 267 -5.10 55.48 -34.61
C ALA M 267 -5.85 56.69 -35.15
N ALA M 268 -5.49 57.17 -36.34
CA ALA M 268 -6.16 58.33 -36.95
C ALA M 268 -7.65 58.10 -37.17
N LEU M 269 -8.02 56.89 -37.58
CA LEU M 269 -9.42 56.55 -37.77
C LEU M 269 -10.25 56.76 -36.51
N ALA M 270 -9.72 56.40 -35.35
CA ALA M 270 -10.43 56.60 -34.09
C ALA M 270 -10.65 58.08 -33.79
N ARG M 271 -9.60 58.89 -33.94
CA ARG M 271 -9.72 60.35 -33.75
C ARG M 271 -10.70 60.97 -34.72
N MET M 272 -10.78 60.42 -35.93
CA MET M 272 -11.73 60.94 -36.93
C MET M 272 -13.15 60.54 -36.55
N VAL M 273 -13.37 59.27 -36.23
CA VAL M 273 -14.69 58.79 -35.88
C VAL M 273 -15.11 59.19 -34.47
N ALA M 274 -14.21 59.46 -33.54
CA ALA M 274 -14.64 59.82 -32.19
C ALA M 274 -13.70 60.84 -31.58
N ALA M 275 -14.28 61.74 -30.76
CA ALA M 275 -13.57 62.80 -30.06
C ALA M 275 -12.80 62.29 -28.83
N THR M 276 -11.88 61.34 -29.09
CA THR M 276 -11.05 60.75 -28.06
C THR M 276 -9.74 61.52 -27.89
N SER M 277 -9.34 61.74 -26.63
CA SER M 277 -8.12 62.48 -26.35
C SER M 277 -6.86 61.73 -26.79
N ALA M 278 -5.79 62.51 -27.01
CA ALA M 278 -4.49 61.97 -27.42
C ALA M 278 -3.87 61.09 -26.36
N VAL M 279 -4.04 61.45 -25.09
CA VAL M 279 -3.56 60.67 -23.95
C VAL M 279 -4.06 59.24 -24.05
N THR M 280 -5.36 59.06 -24.24
CA THR M 280 -5.96 57.74 -24.37
C THR M 280 -5.51 57.06 -25.65
N LEU M 281 -5.57 57.78 -26.76
CA LEU M 281 -5.21 57.21 -28.06
C LEU M 281 -3.76 56.71 -28.08
N LEU M 282 -2.84 57.39 -27.39
CA LEU M 282 -1.43 56.98 -27.31
C LEU M 282 -1.23 55.83 -26.35
N SER M 283 -1.89 55.90 -25.20
CA SER M 283 -1.81 54.85 -24.19
C SER M 283 -2.22 53.51 -24.76
N SER M 284 -3.24 53.50 -25.59
CA SER M 284 -3.69 52.26 -26.25
C SER M 284 -2.62 51.73 -27.20
N LEU M 285 -1.93 52.60 -27.92
CA LEU M 285 -0.88 52.12 -28.80
C LEU M 285 0.24 51.50 -27.99
N LEU M 286 0.55 52.08 -26.83
CA LEU M 286 1.59 51.53 -25.97
C LEU M 286 1.24 50.11 -25.58
N LEU M 287 0.03 49.90 -25.09
CA LEU M 287 -0.39 48.56 -24.69
C LEU M 287 -0.36 47.61 -25.87
N ILE M 288 -0.81 48.07 -27.03
CA ILE M 288 -0.82 47.23 -28.22
C ILE M 288 0.61 46.83 -28.60
N CYS M 289 1.54 47.77 -28.52
CA CYS M 289 2.93 47.45 -28.86
C CYS M 289 3.56 46.53 -27.82
N VAL M 290 3.26 46.72 -26.54
CA VAL M 290 3.81 45.88 -25.49
C VAL M 290 3.49 44.41 -25.75
N VAL M 291 2.22 44.12 -25.98
CA VAL M 291 1.85 42.74 -26.25
C VAL M 291 2.36 42.32 -27.61
N ALA M 292 2.56 43.27 -28.51
CA ALA M 292 3.06 42.92 -29.83
C ALA M 292 4.48 42.37 -29.77
N TYR M 293 5.31 42.82 -28.82
CA TYR M 293 6.66 42.27 -28.73
C TYR M 293 6.64 40.79 -28.40
N HIS M 294 5.73 40.36 -27.55
CA HIS M 294 5.64 38.95 -27.21
C HIS M 294 5.11 38.15 -28.37
N ALA M 295 4.35 38.78 -29.25
CA ALA M 295 3.81 38.11 -30.42
C ALA M 295 4.81 38.04 -31.55
N ALA M 296 5.74 38.99 -31.61
CA ALA M 296 6.70 39.04 -32.71
C ALA M 296 7.32 37.71 -33.10
N PRO M 297 7.85 36.90 -32.20
CA PRO M 297 8.46 35.63 -32.62
C PRO M 297 7.48 34.64 -33.21
N ALA M 298 6.21 34.73 -32.84
CA ALA M 298 5.17 33.84 -33.36
C ALA M 298 4.55 34.33 -34.66
N LEU M 299 4.22 35.61 -34.71
CA LEU M 299 3.62 36.18 -35.91
C LEU M 299 4.54 35.95 -37.10
N SER M 300 5.85 36.05 -36.89
CA SER M 300 6.82 35.85 -37.94
C SER M 300 6.82 34.43 -38.48
N ARG M 301 6.33 33.47 -37.73
CA ARG M 301 6.31 32.09 -38.22
C ARG M 301 5.29 31.93 -39.33
N ARG M 302 4.13 32.56 -39.15
CA ARG M 302 3.03 32.51 -40.12
C ARG M 302 3.43 33.15 -41.45
N LEU M 303 3.88 34.41 -41.40
CA LEU M 303 4.25 35.12 -42.63
C LEU M 303 5.33 34.37 -43.40
N ALA M 304 6.23 33.69 -42.73
CA ALA M 304 7.25 32.97 -43.46
C ALA M 304 6.73 31.63 -43.97
N GLY M 305 5.54 31.21 -43.58
CA GLY M 305 5.02 29.99 -44.13
C GLY M 305 5.43 28.68 -43.49
N ILE M 306 5.95 28.69 -42.26
CA ILE M 306 6.29 27.43 -41.62
C ILE M 306 5.01 26.71 -41.22
N ARG M 307 4.91 25.42 -41.55
CA ARG M 307 3.76 24.59 -41.22
C ARG M 307 4.15 23.36 -40.39
N LEU M 308 3.33 23.05 -39.38
CA LEU M 308 3.56 21.94 -38.45
C LEU M 308 2.52 20.83 -38.57
N PRO M 309 2.86 19.69 -39.20
CA PRO M 309 1.89 18.60 -39.39
C PRO M 309 1.64 17.79 -38.13
N VAL M 310 0.37 17.53 -37.84
CA VAL M 310 -0.06 16.72 -36.69
C VAL M 310 -1.28 15.90 -37.08
N PHE M 311 -1.12 14.59 -37.15
CA PHE M 311 -2.20 13.69 -37.51
C PHE M 311 -1.94 12.34 -36.84
N PRO M 312 -2.99 11.54 -36.56
CA PRO M 312 -2.79 10.26 -35.87
C PRO M 312 -2.20 9.15 -36.74
N SER M 313 -1.03 9.41 -37.32
CA SER M 313 -0.32 8.45 -38.17
C SER M 313 -1.20 7.82 -39.26
N ALA M 314 -2.00 8.66 -39.92
CA ALA M 314 -2.94 8.26 -40.98
C ALA M 314 -3.94 7.22 -40.50
N THR M 315 -4.17 7.14 -39.19
CA THR M 315 -5.05 6.12 -38.61
C THR M 315 -4.50 4.74 -38.99
N SER M 316 -3.18 4.60 -38.87
CA SER M 316 -2.53 3.35 -39.25
C SER M 316 -1.19 3.24 -38.56
N ARG M 317 -0.67 2.01 -38.52
CA ARG M 317 0.66 1.80 -37.98
C ARG M 317 1.71 2.27 -38.98
N TRP M 318 2.91 2.45 -38.45
CA TRP M 318 4.11 2.89 -39.14
C TRP M 318 4.61 1.86 -40.16
N VAL M 319 5.38 2.36 -41.13
CA VAL M 319 6.02 1.57 -42.18
C VAL M 319 7.46 2.06 -42.34
N PHE M 320 8.39 1.34 -41.73
CA PHE M 320 9.80 1.71 -41.78
C PHE M 320 10.42 1.60 -43.16
N GLU M 321 9.93 0.72 -44.03
CA GLU M 321 10.52 0.54 -45.35
C GLU M 321 9.88 1.36 -46.49
N ALA M 322 9.16 2.46 -46.21
CA ALA M 322 8.62 3.28 -47.29
C ALA M 322 9.72 3.90 -48.15
N ARG M 323 9.52 3.92 -49.46
CA ARG M 323 10.51 4.49 -50.39
C ARG M 323 10.82 5.96 -50.14
N PRO M 324 12.08 6.32 -49.93
CA PRO M 324 12.46 7.73 -49.76
C PRO M 324 12.17 8.58 -51.00
N ASP M 325 11.98 9.87 -50.75
CA ASP M 325 11.71 10.87 -51.80
C ASP M 325 12.86 11.08 -52.78
N LEU M 326 12.48 11.32 -54.03
CA LEU M 326 13.40 11.59 -55.14
C LEU M 326 14.15 12.93 -55.05
N PRO M 327 15.48 12.91 -55.18
CA PRO M 327 16.28 14.15 -55.09
C PRO M 327 16.12 15.04 -56.32
N THR M 328 16.12 16.37 -56.10
CA THR M 328 16.03 17.32 -57.22
C THR M 328 17.38 17.64 -57.88
N THR M 329 17.34 17.71 -59.22
CA THR M 329 18.47 18.07 -60.08
C THR M 329 18.49 19.57 -60.37
N VAL M 330 19.70 20.14 -60.46
CA VAL M 330 19.86 21.57 -60.75
C VAL M 330 20.95 21.76 -61.79
N VAL M 331 20.85 22.87 -62.52
CA VAL M 331 21.81 23.24 -63.56
C VAL M 331 22.11 24.73 -63.50
N VAL M 332 23.22 25.12 -64.12
CA VAL M 332 23.64 26.51 -64.21
C VAL M 332 24.05 26.78 -65.64
N SER M 333 23.89 28.02 -66.08
CA SER M 333 24.26 28.35 -67.45
C SER M 333 25.73 28.03 -67.65
N GLY M 334 26.59 28.59 -66.81
CA GLY M 334 28.01 28.32 -66.91
C GLY M 334 28.34 26.91 -66.45
N GLY M 335 27.84 26.53 -65.28
CA GLY M 335 27.99 25.19 -64.75
C GLY M 335 26.94 24.30 -65.36
N SER M 336 27.02 24.16 -66.68
CA SER M 336 26.05 23.40 -67.45
C SER M 336 25.91 21.94 -67.03
N ALA M 337 26.90 21.35 -66.39
CA ALA M 337 26.73 19.97 -65.97
C ALA M 337 25.78 19.90 -64.79
N PRO M 338 24.65 19.22 -64.92
CA PRO M 338 23.70 19.11 -63.80
C PRO M 338 24.21 18.29 -62.62
N VAL M 339 23.70 18.65 -61.44
CA VAL M 339 24.00 17.97 -60.19
C VAL M 339 22.71 18.00 -59.37
N LEU M 340 22.48 16.95 -58.58
CA LEU M 340 21.32 16.82 -57.72
C LEU M 340 21.72 17.15 -56.29
N GLU M 341 20.87 17.89 -55.59
CA GLU M 341 21.19 18.30 -54.23
C GLU M 341 20.39 17.62 -53.13
N GLY M 342 19.16 17.12 -53.38
CA GLY M 342 18.42 16.46 -52.33
C GLY M 342 16.91 16.57 -52.39
N PRO M 343 16.24 15.99 -51.40
CA PRO M 343 14.77 16.03 -51.33
C PRO M 343 14.17 17.43 -51.29
N SER M 344 13.13 17.61 -52.10
CA SER M 344 12.44 18.88 -52.22
C SER M 344 11.96 19.40 -50.88
N SER M 345 11.43 18.51 -50.05
CA SER M 345 10.94 18.87 -48.72
C SER M 345 12.01 19.50 -47.86
N VAL M 346 13.24 19.00 -47.96
CA VAL M 346 14.33 19.52 -47.15
C VAL M 346 14.89 20.83 -47.71
N ARG M 347 14.88 21.03 -49.02
CA ARG M 347 15.40 22.28 -49.61
C ARG M 347 14.59 23.52 -49.19
N ASP M 348 13.28 23.42 -49.09
CA ASP M 348 12.46 24.57 -48.72
C ASP M 348 12.83 25.16 -47.35
N VAL M 349 13.13 24.31 -46.38
CA VAL M 349 13.47 24.78 -45.03
C VAL M 349 14.63 25.76 -45.05
N LEU M 350 15.68 25.45 -45.81
CA LEU M 350 16.86 26.30 -45.89
C LEU M 350 16.55 27.67 -46.41
N LEU M 351 15.44 27.81 -47.09
CA LEU M 351 14.94 29.08 -47.61
C LEU M 351 13.89 29.69 -46.69
N GLN M 352 13.01 28.88 -46.11
CA GLN M 352 11.98 29.44 -45.24
C GLN M 352 12.63 30.16 -44.07
N ALA M 353 13.68 29.58 -43.50
CA ALA M 353 14.36 30.17 -42.34
C ALA M 353 14.96 31.53 -42.63
N GLU M 354 15.67 31.68 -43.73
CA GLU M 354 16.29 32.96 -44.04
C GLU M 354 15.24 34.04 -44.23
N ARG M 355 14.11 33.69 -44.78
CA ARG M 355 13.02 34.63 -44.98
C ARG M 355 12.42 35.03 -43.64
N ALA M 356 12.30 34.07 -42.72
CA ALA M 356 11.78 34.33 -41.39
C ALA M 356 12.62 35.37 -40.65
N ARG M 357 13.94 35.21 -40.67
CA ARG M 357 14.84 36.12 -39.96
C ARG M 357 14.59 37.57 -40.38
N SER M 358 14.40 37.79 -41.66
CA SER M 358 14.17 39.14 -42.15
C SER M 358 12.87 39.71 -41.59
N PHE M 359 11.81 38.92 -41.56
CA PHE M 359 10.55 39.42 -41.04
C PHE M 359 10.69 39.83 -39.59
N LEU M 360 11.39 39.04 -38.80
CA LEU M 360 11.54 39.36 -37.39
C LEU M 360 12.31 40.66 -37.16
N SER M 361 13.39 40.87 -37.88
CA SER M 361 14.19 42.07 -37.69
C SER M 361 13.38 43.34 -37.93
N GLY M 362 12.58 43.35 -38.98
CA GLY M 362 11.76 44.50 -39.31
C GLY M 362 10.67 44.78 -38.30
N LEU M 363 9.99 43.71 -37.87
CA LEU M 363 8.87 43.83 -36.95
C LEU M 363 9.34 44.51 -35.68
N LEU M 364 10.51 44.16 -35.19
CA LEU M 364 11.07 44.80 -34.02
C LEU M 364 11.33 46.27 -34.30
N THR M 365 11.83 46.58 -35.48
CA THR M 365 12.16 47.96 -35.82
C THR M 365 10.93 48.86 -35.82
N GLY M 366 9.85 48.41 -36.43
CA GLY M 366 8.64 49.22 -36.48
C GLY M 366 8.06 49.56 -35.12
N LEU M 367 8.01 48.57 -34.25
CA LEU M 367 7.46 48.75 -32.90
C LEU M 367 8.33 49.70 -32.10
N GLY M 368 9.65 49.61 -32.26
CA GLY M 368 10.56 50.50 -31.56
C GLY M 368 10.25 51.96 -31.84
N VAL M 369 10.06 52.29 -33.10
CA VAL M 369 9.72 53.65 -33.48
C VAL M 369 8.45 54.08 -32.79
N MET M 370 7.43 53.24 -32.80
CA MET M 370 6.16 53.58 -32.17
C MET M 370 6.32 53.84 -30.67
N VAL M 371 7.03 53.00 -29.94
CA VAL M 371 7.14 53.20 -28.49
C VAL M 371 7.93 54.47 -28.15
N VAL M 372 8.99 54.78 -28.88
CA VAL M 372 9.73 55.98 -28.52
C VAL M 372 8.88 57.22 -28.80
N VAL M 373 8.17 57.23 -29.92
CA VAL M 373 7.31 58.36 -30.25
C VAL M 373 6.19 58.50 -29.23
N CYS M 374 5.57 57.38 -28.88
CA CYS M 374 4.46 57.41 -27.94
C CYS M 374 4.93 57.79 -26.54
N MET M 375 6.00 57.16 -26.06
CA MET M 375 6.51 57.39 -24.71
C MET M 375 6.92 58.84 -24.49
N THR M 376 7.68 59.41 -25.42
CA THR M 376 8.11 60.81 -25.32
C THR M 376 6.96 61.81 -25.45
N SER M 377 5.79 61.37 -25.90
CA SER M 377 4.60 62.21 -26.02
C SER M 377 3.68 62.13 -24.81
N LEU M 378 3.56 60.96 -24.17
CA LEU M 378 2.72 60.84 -22.98
C LEU M 378 3.27 61.66 -21.82
N CYS M 379 4.57 61.59 -21.59
CA CYS M 379 5.21 62.38 -20.53
C CYS M 379 5.23 63.85 -20.91
N ASP M 380 4.89 64.71 -19.94
CA ASP M 380 4.88 66.17 -20.11
C ASP M 380 5.34 66.88 -18.85
N PRO M 381 6.22 67.88 -18.98
CA PRO M 381 6.74 68.59 -17.82
C PRO M 381 5.77 69.58 -17.18
N HIS M 382 4.66 69.93 -17.81
CA HIS M 382 3.74 70.90 -17.22
C HIS M 382 2.48 70.25 -16.68
N THR M 383 2.07 69.13 -17.27
CA THR M 383 0.86 68.42 -16.88
C THR M 383 0.91 67.98 -15.42
N GLY M 384 -0.23 68.09 -14.74
CA GLY M 384 -0.36 67.73 -13.35
C GLY M 384 0.08 66.32 -12.99
N GLN M 385 0.55 66.15 -11.75
CA GLN M 385 1.04 64.85 -11.24
C GLN M 385 2.20 64.32 -12.10
N ARG M 386 3.13 65.21 -12.39
CA ARG M 386 4.32 65.02 -13.23
C ARG M 386 5.07 63.70 -13.11
N TRP M 387 5.11 63.12 -11.91
CA TRP M 387 5.83 61.86 -11.68
C TRP M 387 5.16 60.62 -12.26
N LEU M 388 3.84 60.62 -12.41
CA LEU M 388 3.14 59.44 -12.90
C LEU M 388 3.55 58.99 -14.30
N PRO M 389 3.46 59.81 -15.33
CA PRO M 389 3.89 59.38 -16.67
C PRO M 389 5.39 59.14 -16.78
N LEU M 390 6.19 59.75 -15.93
CA LEU M 390 7.63 59.54 -16.01
C LEU M 390 8.00 58.15 -15.54
N ILE M 391 7.38 57.68 -14.46
CA ILE M 391 7.70 56.35 -13.93
C ILE M 391 7.33 55.27 -14.94
N LEU M 392 6.26 55.47 -15.70
CA LEU M 392 5.88 54.49 -16.71
C LEU M 392 6.93 54.32 -17.79
N ALA M 393 7.63 55.39 -18.14
CA ALA M 393 8.70 55.31 -19.14
C ALA M 393 9.92 54.55 -18.63
N GLY M 394 10.19 54.60 -17.34
CA GLY M 394 11.34 53.95 -16.73
C GLY M 394 11.22 52.45 -16.75
N PHE M 395 10.12 51.95 -16.19
CA PHE M 395 9.90 50.51 -16.18
C PHE M 395 9.88 49.99 -17.61
N THR M 396 9.26 50.72 -18.51
CA THR M 396 9.20 50.29 -19.89
C THR M 396 10.60 50.13 -20.45
N SER M 397 11.49 51.06 -20.12
CA SER M 397 12.87 51.01 -20.60
C SER M 397 13.62 49.82 -20.02
N GLY M 398 13.46 49.57 -18.74
CA GLY M 398 14.14 48.43 -18.12
C GLY M 398 13.73 47.13 -18.77
N PHE M 399 12.43 46.98 -19.01
CA PHE M 399 11.88 45.78 -19.64
C PHE M 399 12.50 45.58 -21.00
N LEU M 400 12.53 46.61 -21.81
CA LEU M 400 13.09 46.45 -23.14
C LEU M 400 14.57 46.10 -23.06
N LEU M 401 15.30 46.74 -22.15
CA LEU M 401 16.73 46.44 -22.05
C LEU M 401 16.97 45.00 -21.65
N LEU M 402 16.22 44.50 -20.69
CA LEU M 402 16.45 43.13 -20.27
C LEU M 402 15.98 42.12 -21.30
N ARG M 403 14.91 42.43 -22.01
CA ARG M 403 14.40 41.52 -23.03
C ARG M 403 15.44 41.24 -24.11
N GLY M 404 16.38 42.16 -24.30
CA GLY M 404 17.42 42.00 -25.29
C GLY M 404 18.26 40.74 -25.17
N ARG M 405 18.47 40.26 -23.96
CA ARG M 405 19.29 39.07 -23.81
C ARG M 405 18.60 37.82 -24.32
N SER M 406 17.34 37.94 -24.68
CA SER M 406 16.60 36.83 -25.27
C SER M 406 16.93 36.64 -26.75
N TYR M 407 17.62 37.60 -27.38
CA TYR M 407 17.97 37.56 -28.80
C TYR M 407 19.49 37.44 -28.98
N VAL M 408 19.92 36.48 -29.78
CA VAL M 408 21.34 36.24 -30.02
C VAL M 408 21.84 36.97 -31.26
N ASP M 409 20.97 37.37 -32.18
CA ASP M 409 21.44 38.05 -33.39
C ASP M 409 22.07 39.39 -33.09
N ARG M 410 23.15 39.67 -33.81
CA ARG M 410 23.90 40.90 -33.61
C ARG M 410 23.04 42.14 -33.77
N TRP M 411 22.36 42.27 -34.90
CA TRP M 411 21.61 43.50 -35.13
C TRP M 411 20.29 43.52 -34.38
N GLN M 412 19.68 42.36 -34.14
CA GLN M 412 18.41 42.33 -33.44
C GLN M 412 18.60 42.78 -32.01
N SER M 413 19.66 42.32 -31.37
CA SER M 413 19.93 42.71 -30.01
C SER M 413 20.24 44.19 -29.92
N ILE M 414 21.05 44.68 -30.84
CA ILE M 414 21.42 46.09 -30.81
C ILE M 414 20.20 46.99 -30.94
N THR M 415 19.24 46.65 -31.80
CA THR M 415 18.08 47.51 -31.94
C THR M 415 17.25 47.56 -30.67
N LEU M 416 17.16 46.47 -29.94
CA LEU M 416 16.40 46.52 -28.70
C LEU M 416 17.15 47.39 -27.72
N ALA M 417 18.45 47.15 -27.57
CA ALA M 417 19.25 47.93 -26.63
C ALA M 417 19.18 49.40 -27.00
N GLY M 418 19.34 49.68 -28.29
CA GLY M 418 19.27 51.05 -28.76
C GLY M 418 17.93 51.67 -28.42
N THR M 419 16.86 50.91 -28.63
CA THR M 419 15.53 51.40 -28.32
C THR M 419 15.38 51.76 -26.86
N ALA M 420 15.97 50.97 -25.97
CA ALA M 420 15.88 51.26 -24.55
C ALA M 420 16.67 52.52 -24.15
N VAL M 421 17.85 52.74 -24.72
CA VAL M 421 18.68 53.90 -24.35
C VAL M 421 18.12 55.20 -24.92
N ILE M 422 17.71 55.18 -26.18
CA ILE M 422 17.20 56.36 -26.86
C ILE M 422 15.94 56.92 -26.20
N ILE M 423 15.13 56.06 -25.56
CA ILE M 423 13.93 56.55 -24.88
C ILE M 423 14.30 57.47 -23.73
N ALA M 424 15.34 57.15 -22.99
CA ALA M 424 15.76 58.01 -21.89
C ALA M 424 16.26 59.35 -22.44
N ALA M 425 17.10 59.29 -23.46
CA ALA M 425 17.66 60.50 -24.07
C ALA M 425 16.55 61.38 -24.64
N ALA M 426 15.62 60.79 -25.38
CA ALA M 426 14.52 61.53 -26.00
C ALA M 426 13.62 62.22 -24.97
N VAL M 427 13.37 61.60 -23.84
CA VAL M 427 12.57 62.26 -22.81
C VAL M 427 13.34 63.40 -22.16
N CYS M 428 14.63 63.22 -21.91
CA CYS M 428 15.44 64.26 -21.27
C CYS M 428 15.45 65.57 -22.06
N VAL M 429 15.64 65.49 -23.39
CA VAL M 429 15.62 66.70 -24.22
C VAL M 429 14.29 67.42 -24.14
N ARG M 430 13.18 66.70 -24.33
CA ARG M 430 11.86 67.34 -24.21
C ARG M 430 11.69 68.03 -22.86
N TYR M 431 12.25 67.44 -21.82
CA TYR M 431 12.16 67.97 -20.46
C TYR M 431 13.11 69.13 -20.17
N ALA M 432 14.07 69.42 -21.05
CA ALA M 432 14.98 70.55 -20.85
C ALA M 432 14.53 71.82 -21.56
N LEU M 433 14.09 71.72 -22.81
CA LEU M 433 13.66 72.90 -23.55
C LEU M 433 12.46 73.56 -22.89
N GLU M 434 11.36 72.83 -22.77
CA GLU M 434 10.21 73.38 -22.05
C GLU M 434 10.52 73.40 -20.56
N LEU M 435 9.95 74.39 -19.89
CA LEU M 435 10.15 74.61 -18.45
C LEU M 435 11.65 74.68 -18.12
N SER M 436 12.35 75.49 -18.93
CA SER M 436 13.80 75.74 -18.82
C SER M 436 14.18 76.41 -17.50
N SER M 437 15.25 75.92 -16.88
CA SER M 437 15.73 76.47 -15.61
C SER M 437 17.16 75.99 -15.38
N PRO M 438 17.92 76.70 -14.53
CA PRO M 438 19.31 76.31 -14.24
C PRO M 438 19.47 74.92 -13.63
N LEU M 439 18.59 74.54 -12.71
CA LEU M 439 18.64 73.23 -12.09
C LEU M 439 18.39 72.12 -13.11
N ALA M 440 17.35 72.30 -13.94
CA ALA M 440 16.95 71.33 -14.95
C ALA M 440 18.10 70.99 -15.91
N VAL M 441 18.68 72.00 -16.56
CA VAL M 441 19.78 71.78 -17.49
C VAL M 441 20.98 71.18 -16.77
N SER M 442 21.21 71.59 -15.53
CA SER M 442 22.33 71.05 -14.77
C SER M 442 22.13 69.55 -14.57
N ILE M 443 20.90 69.17 -14.28
CA ILE M 443 20.53 67.77 -14.08
C ILE M 443 20.58 67.00 -15.41
N VAL M 444 19.95 67.56 -16.44
CA VAL M 444 19.91 66.90 -17.76
C VAL M 444 21.30 66.61 -18.30
N ALA M 445 22.21 67.58 -18.23
CA ALA M 445 23.55 67.36 -18.75
C ALA M 445 24.27 66.21 -18.06
N ALA M 446 24.06 66.02 -16.77
CA ALA M 446 24.72 64.94 -16.05
C ALA M 446 24.14 63.59 -16.45
N ILE M 447 22.82 63.47 -16.40
CA ILE M 447 22.15 62.22 -16.74
C ILE M 447 22.58 61.75 -18.12
N LEU M 448 22.58 62.67 -19.07
CA LEU M 448 22.89 62.36 -20.45
C LEU M 448 24.31 61.86 -20.69
N VAL M 449 25.26 62.06 -19.78
CA VAL M 449 26.61 61.55 -19.94
C VAL M 449 26.94 60.38 -19.02
N LEU M 450 26.44 60.35 -17.78
CA LEU M 450 26.76 59.24 -16.89
C LEU M 450 26.10 57.93 -17.29
N LEU M 451 24.85 57.95 -17.68
CA LEU M 451 24.09 56.77 -18.04
C LEU M 451 24.80 55.95 -19.12
N PRO M 452 25.16 56.51 -20.27
CA PRO M 452 25.85 55.71 -21.29
C PRO M 452 27.26 55.32 -20.87
N ALA M 453 27.91 56.11 -20.04
CA ALA M 453 29.25 55.77 -19.58
C ALA M 453 29.18 54.50 -18.75
N ALA M 454 28.21 54.44 -17.85
CA ALA M 454 28.03 53.26 -17.01
C ALA M 454 27.76 52.04 -17.88
N GLY M 455 27.04 52.24 -18.97
CA GLY M 455 26.77 51.14 -19.87
C GLY M 455 28.04 50.55 -20.46
N MET M 456 28.95 51.40 -20.90
CA MET M 456 30.21 50.90 -21.46
C MET M 456 31.00 50.13 -20.42
N ALA M 457 31.02 50.62 -19.19
CA ALA M 457 31.76 49.92 -18.14
C ALA M 457 31.22 48.52 -17.98
N ALA M 458 29.92 48.40 -17.87
CA ALA M 458 29.32 47.08 -17.71
C ALA M 458 29.63 46.21 -18.91
N ALA M 459 29.50 46.75 -20.11
CA ALA M 459 29.76 45.97 -21.30
C ALA M 459 31.20 45.47 -21.34
N ALA M 460 32.14 46.27 -20.87
CA ALA M 460 33.54 45.86 -20.91
C ALA M 460 33.89 44.84 -19.83
N HIS M 461 33.36 44.95 -18.62
CA HIS M 461 33.78 44.06 -17.55
C HIS M 461 32.98 42.77 -17.36
N VAL M 462 31.67 42.80 -17.56
CA VAL M 462 30.80 41.64 -17.33
C VAL M 462 31.20 40.35 -18.04
N PRO M 463 31.59 40.40 -19.31
CA PRO M 463 31.91 39.16 -20.03
C PRO M 463 33.07 38.32 -19.52
N HIS M 464 33.91 38.81 -18.63
CA HIS M 464 35.05 38.03 -18.15
C HIS M 464 35.04 37.83 -16.62
N THR M 465 33.87 37.87 -15.99
CA THR M 465 33.76 37.72 -14.54
C THR M 465 32.70 36.70 -14.16
N ILE M 466 32.79 36.21 -12.92
CA ILE M 466 31.89 35.21 -12.36
C ILE M 466 30.91 35.83 -11.37
N TYR M 467 29.66 35.41 -11.47
CA TYR M 467 28.55 35.77 -10.58
C TYR M 467 27.84 34.53 -10.08
N SER M 468 27.55 34.50 -8.79
CA SER M 468 26.92 33.34 -8.20
C SER M 468 25.45 33.19 -8.58
N PRO M 469 24.97 31.96 -8.61
CA PRO M 469 23.58 31.65 -8.97
C PRO M 469 22.55 32.53 -8.30
N LEU M 470 22.74 32.85 -7.02
CA LEU M 470 21.76 33.66 -6.31
C LEU M 470 21.61 35.03 -6.93
N PHE M 471 22.67 35.56 -7.51
CA PHE M 471 22.56 36.84 -8.17
C PHE M 471 21.95 36.69 -9.56
N ARG M 472 22.33 35.66 -10.29
CA ARG M 472 21.81 35.46 -11.63
C ARG M 472 20.29 35.26 -11.60
N LYS M 473 19.81 34.52 -10.61
CA LYS M 473 18.38 34.30 -10.43
C LYS M 473 17.67 35.60 -10.05
N PHE M 474 18.37 36.50 -9.38
CA PHE M 474 17.77 37.78 -9.03
C PHE M 474 17.58 38.69 -10.24
N VAL M 475 18.56 38.78 -11.15
CA VAL M 475 18.36 39.65 -12.31
C VAL M 475 17.25 39.17 -13.23
N GLU M 476 17.02 37.87 -13.32
CA GLU M 476 15.95 37.34 -14.17
C GLU M 476 14.59 37.90 -13.74
N TRP M 477 14.31 37.87 -12.44
CA TRP M 477 13.05 38.36 -11.90
C TRP M 477 12.83 39.84 -12.16
N ILE M 478 13.87 40.61 -12.43
CA ILE M 478 13.67 42.04 -12.67
C ILE M 478 12.81 42.23 -13.91
N GLU M 479 12.98 41.36 -14.90
CA GLU M 479 12.19 41.50 -16.11
C GLU M 479 10.72 41.38 -15.78
N TYR M 480 10.38 40.39 -14.98
CA TYR M 480 9.00 40.15 -14.60
C TYR M 480 8.49 41.30 -13.75
N LEU M 481 9.33 41.78 -12.84
CA LEU M 481 8.95 42.91 -12.00
C LEU M 481 8.68 44.17 -12.81
N CYS M 482 9.38 44.35 -13.92
CA CYS M 482 9.16 45.52 -14.77
C CYS M 482 7.89 45.40 -15.60
N LEU M 483 7.59 44.22 -16.12
CA LEU M 483 6.40 44.03 -16.95
C LEU M 483 5.12 44.23 -16.14
N MET M 484 5.08 43.71 -14.92
CA MET M 484 3.86 43.73 -14.10
C MET M 484 3.21 45.09 -13.93
N PRO M 485 3.91 46.16 -13.60
CA PRO M 485 3.25 47.46 -13.38
C PRO M 485 2.72 48.19 -14.62
N ILE M 486 3.05 47.77 -15.84
CA ILE M 486 2.63 48.52 -17.02
C ILE M 486 1.10 48.67 -17.09
N PHE M 487 0.38 47.57 -17.07
CA PHE M 487 -1.09 47.65 -17.19
C PHE M 487 -1.77 48.39 -16.05
N PRO M 488 -1.47 48.13 -14.77
CA PRO M 488 -2.10 48.86 -13.68
C PRO M 488 -1.86 50.37 -13.73
N LEU M 489 -0.68 50.77 -14.20
CA LEU M 489 -0.31 52.18 -14.33
C LEU M 489 -0.95 52.80 -15.55
N ALA M 490 -0.99 52.10 -16.68
CA ALA M 490 -1.55 52.70 -17.88
C ALA M 490 -3.00 53.13 -17.64
N LEU M 491 -3.79 52.32 -16.95
CA LEU M 491 -5.17 52.70 -16.67
C LEU M 491 -5.24 53.92 -15.74
N TRP M 492 -4.28 54.08 -14.81
CA TRP M 492 -4.29 55.24 -13.91
C TRP M 492 -4.01 56.51 -14.68
N LEU M 493 -3.04 56.43 -15.59
CA LEU M 493 -2.71 57.56 -16.44
C LEU M 493 -3.90 57.90 -17.30
N MET M 494 -4.68 56.89 -17.67
CA MET M 494 -5.90 57.10 -18.41
C MET M 494 -7.04 57.56 -17.52
N ASN M 495 -6.79 57.75 -16.22
CA ASN M 495 -7.82 58.21 -15.28
C ASN M 495 -9.02 57.28 -15.14
N VAL M 496 -8.90 56.04 -15.58
CA VAL M 496 -10.01 55.10 -15.58
C VAL M 496 -10.56 54.90 -14.17
N TYR M 497 -9.69 54.71 -13.18
CA TYR M 497 -10.14 54.45 -11.81
C TYR M 497 -10.98 55.59 -11.25
N ALA M 498 -10.63 56.85 -11.55
CA ALA M 498 -11.41 57.99 -11.05
C ALA M 498 -12.78 58.07 -11.70
N ALA M 499 -12.88 57.76 -12.98
CA ALA M 499 -14.17 57.76 -13.68
C ALA M 499 -15.11 56.76 -13.05
N ILE M 500 -14.60 55.57 -12.74
CA ILE M 500 -15.39 54.53 -12.10
C ILE M 500 -15.70 54.89 -10.65
N ARG M 501 -14.71 55.37 -9.89
CA ARG M 501 -14.95 55.68 -8.49
C ARG M 501 -16.03 56.74 -8.31
N TYR M 502 -16.21 57.64 -9.27
CA TYR M 502 -17.29 58.62 -9.16
C TYR M 502 -18.40 58.27 -10.12
N ARG M 503 -18.35 57.08 -10.71
CA ARG M 503 -19.31 56.60 -11.70
C ARG M 503 -19.72 57.71 -12.65
N PRO N 18 49.08 38.69 -86.38
CA PRO N 18 47.89 38.34 -85.62
C PRO N 18 47.82 36.84 -85.30
N GLN N 19 48.80 36.08 -85.77
CA GLN N 19 48.80 34.63 -85.53
C GLN N 19 49.19 34.27 -84.10
N ALA N 20 49.88 35.15 -83.38
CA ALA N 20 50.29 34.87 -82.01
C ALA N 20 50.38 36.15 -81.21
N VAL N 21 50.29 36.02 -79.89
CA VAL N 21 50.38 37.15 -78.97
C VAL N 21 51.30 36.75 -77.81
N VAL N 22 52.12 37.70 -77.36
CA VAL N 22 53.04 37.50 -76.24
C VAL N 22 52.38 37.96 -74.97
N VAL N 23 52.38 37.11 -73.95
CA VAL N 23 51.77 37.41 -72.66
C VAL N 23 52.58 36.81 -71.53
N GLY N 24 52.39 37.39 -70.34
CA GLY N 24 53.04 36.90 -69.13
C GLY N 24 52.16 35.89 -68.45
N VAL N 25 52.74 34.74 -68.10
CA VAL N 25 52.05 33.68 -67.38
C VAL N 25 52.61 33.56 -65.97
N MET N 26 51.71 33.60 -64.98
CA MET N 26 52.07 33.41 -63.59
C MET N 26 51.99 31.94 -63.23
N ALA N 27 52.99 31.47 -62.48
CA ALA N 27 53.04 30.08 -62.04
C ALA N 27 53.22 29.99 -60.53
N GLY N 28 53.44 28.77 -60.03
CA GLY N 28 53.59 28.53 -58.60
C GLY N 28 54.52 29.43 -57.81
N GLU N 29 54.04 29.83 -56.63
CA GLU N 29 54.72 30.67 -55.65
C GLU N 29 55.12 32.07 -56.15
N GLY N 30 54.79 32.41 -57.39
CA GLY N 30 55.10 33.75 -57.89
C GLY N 30 56.02 33.99 -59.08
N VAL N 31 56.49 32.97 -59.79
CA VAL N 31 57.35 33.20 -60.95
C VAL N 31 56.51 33.63 -62.15
N GLN N 32 56.84 34.79 -62.72
CA GLN N 32 56.19 35.31 -63.93
C GLN N 32 57.09 35.07 -65.13
N ILE N 33 56.55 34.49 -66.20
CA ILE N 33 57.33 34.16 -67.38
C ILE N 33 56.63 34.68 -68.64
N GLY N 34 57.39 35.36 -69.50
CA GLY N 34 56.87 35.87 -70.77
C GLY N 34 56.82 34.76 -71.82
N VAL N 35 55.65 34.58 -72.42
CA VAL N 35 55.45 33.54 -73.42
C VAL N 35 54.70 34.05 -74.64
N LEU N 36 55.00 33.45 -75.79
CA LEU N 36 54.36 33.76 -77.07
C LEU N 36 53.36 32.65 -77.36
N LEU N 37 52.07 32.95 -77.14
CA LEU N 37 50.97 32.01 -77.32
C LEU N 37 50.23 32.11 -78.65
N ASP N 38 49.68 30.97 -79.07
CA ASP N 38 48.89 30.87 -80.31
C ASP N 38 47.59 31.66 -80.09
N ALA N 39 47.31 32.61 -80.98
CA ALA N 39 46.15 33.48 -80.83
C ALA N 39 44.78 32.86 -81.15
N ASN N 40 44.70 31.72 -81.84
CA ASN N 40 43.39 31.19 -82.22
C ASN N 40 43.02 29.81 -81.69
N ALA N 41 43.99 28.98 -81.28
CA ALA N 41 43.66 27.68 -80.73
C ALA N 41 42.87 27.79 -79.42
N PRO N 42 42.02 26.81 -79.10
CA PRO N 42 41.28 26.88 -77.85
C PRO N 42 42.20 26.69 -76.67
N VAL N 43 41.98 27.49 -75.63
CA VAL N 43 42.84 27.50 -74.45
C VAL N 43 43.05 26.14 -73.80
N SER N 44 42.06 25.26 -73.83
CA SER N 44 42.22 23.94 -73.23
C SER N 44 43.33 23.11 -73.87
N VAL N 45 43.67 23.38 -75.12
CA VAL N 45 44.73 22.66 -75.81
C VAL N 45 46.12 23.04 -75.30
N MET N 46 46.26 24.25 -74.77
CA MET N 46 47.53 24.82 -74.32
C MET N 46 47.90 24.58 -72.86
N THR N 47 46.94 24.42 -71.96
CA THR N 47 47.23 24.27 -70.52
C THR N 47 48.15 23.09 -70.19
N ASP N 48 48.01 21.97 -70.89
CA ASP N 48 48.87 20.82 -70.60
C ASP N 48 50.34 21.08 -70.90
N PRO N 49 50.73 21.38 -72.13
CA PRO N 49 52.15 21.66 -72.41
C PRO N 49 52.68 22.88 -71.66
N LEU N 50 51.83 23.85 -71.40
CA LEU N 50 52.26 25.05 -70.67
C LEU N 50 52.75 24.70 -69.27
N LEU N 51 52.10 23.76 -68.61
CA LEU N 51 52.53 23.30 -67.29
C LEU N 51 53.92 22.64 -67.37
N LYS N 52 54.16 21.83 -68.39
CA LYS N 52 55.46 21.18 -68.58
C LYS N 52 56.58 22.22 -68.73
N VAL N 53 56.34 23.22 -69.57
CA VAL N 53 57.33 24.28 -69.84
C VAL N 53 57.70 25.01 -68.55
N VAL N 54 56.71 25.46 -67.77
CA VAL N 54 57.02 26.16 -66.52
C VAL N 54 57.78 25.23 -65.57
N ASN N 55 57.46 23.94 -65.58
CA ASN N 55 58.20 22.98 -64.75
C ASN N 55 59.66 22.85 -65.21
N SER N 56 59.88 22.78 -66.51
CA SER N 56 61.25 22.71 -67.04
C SER N 56 62.07 23.92 -66.62
N ARG N 57 61.52 25.12 -66.73
CA ARG N 57 62.24 26.32 -66.32
C ARG N 57 62.50 26.32 -64.82
N LEU N 58 61.51 25.92 -64.02
CA LEU N 58 61.70 25.86 -62.57
C LEU N 58 62.81 24.87 -62.24
N ARG N 59 62.84 23.75 -62.96
CA ARG N 59 63.90 22.77 -62.75
C ARG N 59 65.25 23.39 -63.07
N GLU N 60 65.35 24.15 -64.15
CA GLU N 60 66.62 24.79 -64.46
C GLU N 60 66.94 25.84 -63.41
N LEU N 61 65.94 26.57 -62.92
CA LEU N 61 66.16 27.55 -61.86
C LEU N 61 66.54 26.88 -60.55
N GLY N 62 66.28 25.58 -60.41
CA GLY N 62 66.61 24.85 -59.21
C GLY N 62 65.51 24.83 -58.17
N GLU N 63 64.32 25.26 -58.53
CA GLU N 63 63.17 25.32 -57.65
C GLU N 63 62.39 24.02 -57.70
N ALA N 64 61.43 23.88 -56.80
CA ALA N 64 60.59 22.69 -56.80
C ALA N 64 59.44 22.86 -57.80
N PRO N 65 59.21 21.88 -58.67
CA PRO N 65 58.13 21.99 -59.66
C PRO N 65 56.74 21.89 -59.04
N LEU N 66 55.75 22.26 -59.86
CA LEU N 66 54.35 22.16 -59.49
C LEU N 66 53.88 20.71 -59.53
N GLU N 67 53.07 20.31 -58.54
CA GLU N 67 52.53 18.96 -58.48
C GLU N 67 51.13 19.02 -57.88
N ALA N 68 50.28 18.09 -58.27
CA ALA N 68 48.90 18.07 -57.81
C ALA N 68 48.76 17.53 -56.39
N THR N 69 47.63 17.90 -55.76
CA THR N 69 47.34 17.54 -54.38
C THR N 69 45.90 17.05 -54.22
N GLY N 70 45.75 15.75 -53.95
CA GLY N 70 44.44 15.11 -53.76
C GLY N 70 43.55 15.08 -54.97
N ARG N 71 42.35 15.62 -54.85
CA ARG N 71 41.39 15.69 -55.95
C ARG N 71 41.22 17.13 -56.41
N GLY N 72 41.34 17.34 -57.72
CA GLY N 72 41.22 18.67 -58.30
C GLY N 72 41.54 18.64 -59.79
N ARG N 73 41.78 19.82 -60.35
CA ARG N 73 42.13 19.97 -61.76
C ARG N 73 43.02 21.19 -61.98
N TRP N 74 43.71 21.21 -63.12
CA TRP N 74 44.58 22.31 -63.52
C TRP N 74 43.77 23.25 -64.40
N ALA N 75 43.89 24.56 -64.17
CA ALA N 75 43.16 25.53 -64.96
C ALA N 75 44.01 26.77 -65.26
N LEU N 76 43.61 27.48 -66.32
CA LEU N 76 44.24 28.74 -66.72
C LEU N 76 43.23 29.85 -66.41
N CYS N 77 43.66 30.83 -65.62
CA CYS N 77 42.79 31.89 -65.16
C CYS N 77 43.41 33.26 -65.38
N LEU N 78 42.54 34.27 -65.33
CA LEU N 78 42.99 35.66 -65.34
C LEU N 78 43.64 35.98 -64.01
N VAL N 79 44.28 37.16 -63.93
CA VAL N 79 44.88 37.54 -62.67
C VAL N 79 43.80 37.64 -61.60
N ASP N 80 42.54 37.83 -62.01
CA ASP N 80 41.44 37.88 -61.06
C ASP N 80 41.08 36.50 -60.53
N GLY N 81 41.64 35.43 -61.10
CA GLY N 81 41.33 34.09 -60.66
C GLY N 81 40.22 33.44 -61.44
N ALA N 82 39.39 34.21 -62.11
CA ALA N 82 38.31 33.66 -62.91
C ALA N 82 38.88 32.82 -64.06
N PRO N 83 38.46 31.57 -64.22
CA PRO N 83 38.98 30.74 -65.29
C PRO N 83 38.42 31.11 -66.66
N LEU N 84 39.26 30.92 -67.67
CA LEU N 84 38.89 31.18 -69.05
C LEU N 84 38.05 30.04 -69.60
N ARG N 85 37.11 30.35 -70.48
CA ARG N 85 36.26 29.31 -71.06
C ARG N 85 37.11 28.38 -71.93
N ALA N 86 37.20 27.12 -71.49
CA ALA N 86 38.06 26.08 -72.08
C ALA N 86 37.91 25.87 -73.59
N THR N 87 36.73 26.12 -74.14
CA THR N 87 36.46 25.93 -75.57
C THR N 87 36.69 27.14 -76.44
N GLN N 88 36.87 28.32 -75.87
CA GLN N 88 37.05 29.51 -76.69
C GLN N 88 38.50 29.74 -77.12
N SER N 89 38.64 30.42 -78.26
CA SER N 89 39.92 30.79 -78.84
C SER N 89 40.50 31.98 -78.08
N LEU N 90 41.83 32.08 -78.07
CA LEU N 90 42.49 33.17 -77.35
C LEU N 90 42.12 34.52 -77.92
N THR N 91 41.81 34.59 -79.21
CA THR N 91 41.39 35.83 -79.82
C THR N 91 39.94 36.16 -79.50
N GLU N 92 39.15 35.14 -79.13
CA GLU N 92 37.75 35.34 -78.79
C GLU N 92 37.58 36.12 -77.50
N GLN N 93 38.54 35.98 -76.61
CA GLN N 93 38.58 36.72 -75.36
C GLN N 93 39.34 38.03 -75.55
N ASP N 94 39.09 38.96 -74.62
CA ASP N 94 39.73 40.27 -74.60
C ASP N 94 41.16 40.17 -74.08
N VAL N 95 41.94 39.34 -74.75
CA VAL N 95 43.34 39.11 -74.43
C VAL N 95 44.17 39.78 -75.50
N TYR N 96 45.07 40.66 -75.06
CA TYR N 96 45.93 41.41 -75.94
C TYR N 96 47.39 41.13 -75.64
N ASP N 97 48.21 41.37 -76.67
CA ASP N 97 49.65 41.22 -76.54
C ASP N 97 50.14 42.16 -75.45
N GLY N 98 50.86 41.60 -74.48
CA GLY N 98 51.33 42.36 -73.35
C GLY N 98 50.55 42.10 -72.08
N ASP N 99 49.42 41.40 -72.18
CA ASP N 99 48.65 41.05 -71.00
C ASP N 99 49.34 39.89 -70.27
N ARG N 100 48.74 39.42 -69.17
CA ARG N 100 49.27 38.32 -68.39
C ARG N 100 48.17 37.38 -67.93
N LEU N 101 48.54 36.11 -67.69
CA LEU N 101 47.62 35.05 -67.28
C LEU N 101 48.21 34.24 -66.12
N TRP N 102 47.35 33.43 -65.49
CA TRP N 102 47.73 32.62 -64.33
C TRP N 102 47.25 31.17 -64.43
N ILE N 103 48.17 30.23 -64.24
CA ILE N 103 47.87 28.80 -64.20
C ILE N 103 47.61 28.42 -62.75
N ARG N 104 46.55 27.66 -62.51
CA ARG N 104 46.17 27.35 -61.13
C ARG N 104 45.64 25.94 -60.97
N PHE N 105 45.80 25.40 -59.76
CA PHE N 105 45.28 24.08 -59.38
C PHE N 105 44.02 24.29 -58.53
N ILE N 106 42.92 23.73 -58.99
CA ILE N 106 41.62 23.85 -58.32
C ILE N 106 41.12 22.48 -57.88
N ALA N 107 40.92 22.32 -56.57
CA ALA N 107 40.49 21.08 -55.95
C ALA N 107 39.03 20.73 -56.26
N ASP N 108 38.73 19.44 -56.06
CA ASP N 108 37.40 18.85 -56.28
C ASP N 108 36.39 19.28 -55.23
N THR N 109 35.25 19.79 -55.67
CA THR N 109 34.17 20.26 -54.81
C THR N 109 33.07 19.22 -54.53
N GLU N 110 33.12 18.06 -55.16
CA GLU N 110 32.12 17.00 -54.94
C GLU N 110 32.21 16.38 -53.55
N ARG N 111 31.08 16.35 -52.83
CA ARG N 111 31.00 15.82 -51.47
C ARG N 111 29.55 15.45 -51.16
N ARG N 112 29.34 14.63 -50.13
CA ARG N 112 27.98 14.26 -49.78
C ARG N 112 27.12 15.44 -49.32
N SER N 113 25.82 15.32 -49.56
CA SER N 113 24.84 16.29 -49.09
C SER N 113 24.44 15.93 -47.65
N GLN N 114 23.81 16.88 -46.96
CA GLN N 114 23.40 16.67 -45.58
C GLN N 114 21.94 17.05 -45.39
N VAL N 115 21.14 16.21 -44.71
CA VAL N 115 19.71 16.47 -44.52
C VAL N 115 19.24 16.28 -43.07
N ILE N 116 18.41 17.22 -42.60
CA ILE N 116 17.78 17.16 -41.27
C ILE N 116 16.28 17.33 -41.48
N GLU N 117 15.49 16.33 -41.06
CA GLU N 117 14.05 16.41 -41.28
C GLU N 117 13.23 17.16 -40.23
N HIS N 118 13.50 17.01 -38.94
CA HIS N 118 12.65 17.70 -37.97
C HIS N 118 12.84 19.21 -37.99
N ILE N 119 11.74 19.93 -38.23
CA ILE N 119 11.77 21.35 -38.59
C ILE N 119 12.52 22.25 -37.61
N SER N 120 12.32 22.08 -36.31
CA SER N 120 12.98 23.00 -35.38
C SER N 120 14.48 22.85 -35.36
N THR N 121 14.98 21.63 -35.25
CA THR N 121 16.42 21.44 -35.23
C THR N 121 17.03 21.96 -36.52
N ALA N 122 16.38 21.67 -37.63
CA ALA N 122 16.88 22.11 -38.93
C ALA N 122 16.99 23.62 -39.00
N VAL N 123 16.00 24.34 -38.49
CA VAL N 123 16.06 25.80 -38.53
C VAL N 123 17.24 26.32 -37.73
N ALA N 124 17.43 25.81 -36.52
CA ALA N 124 18.51 26.28 -35.68
C ALA N 124 19.86 26.05 -36.32
N SER N 125 20.07 24.85 -36.85
CA SER N 125 21.35 24.53 -37.48
C SER N 125 21.69 25.51 -38.59
N ASP N 126 20.84 25.55 -39.61
CA ASP N 126 21.09 26.42 -40.76
C ASP N 126 21.23 27.87 -40.36
N LEU N 127 20.30 28.38 -39.56
CA LEU N 127 20.36 29.78 -39.19
C LEU N 127 21.63 30.13 -38.43
N SER N 128 22.28 29.17 -37.80
CA SER N 128 23.52 29.45 -37.09
C SER N 128 24.75 29.49 -37.98
N LYS N 129 24.69 28.97 -39.19
CA LYS N 129 25.84 28.94 -40.07
C LYS N 129 25.90 30.11 -41.04
N ARG N 130 24.81 30.83 -41.26
CA ARG N 130 24.77 31.92 -42.23
C ARG N 130 24.73 33.32 -41.63
N PHE N 131 24.82 33.48 -40.30
CA PHE N 131 24.81 34.79 -39.68
C PHE N 131 25.78 34.79 -38.49
N ALA N 132 26.12 35.97 -37.99
CA ALA N 132 27.01 36.12 -36.84
C ALA N 132 26.29 36.59 -35.58
N ARG N 133 26.55 35.93 -34.47
CA ARG N 133 25.96 36.26 -33.17
C ARG N 133 26.75 37.38 -32.51
N ILE N 134 26.11 38.06 -31.56
CA ILE N 134 26.79 39.10 -30.79
C ILE N 134 27.89 38.49 -29.93
N ASP N 135 28.99 39.23 -29.73
CA ASP N 135 30.17 38.82 -28.96
C ASP N 135 30.73 40.02 -28.19
N PRO N 136 31.62 39.80 -27.23
CA PRO N 136 32.19 40.91 -26.44
C PRO N 136 32.95 41.97 -27.23
N ILE N 137 33.59 41.65 -28.33
CA ILE N 137 34.34 42.65 -29.09
C ILE N 137 33.41 43.75 -29.61
N VAL N 138 32.29 43.37 -30.22
CA VAL N 138 31.35 44.35 -30.77
C VAL N 138 30.65 45.14 -29.67
N ALA N 139 30.37 44.51 -28.55
CA ALA N 139 29.66 45.18 -27.47
C ALA N 139 30.39 46.45 -27.05
N VAL N 140 31.71 46.39 -26.96
CA VAL N 140 32.51 47.54 -26.55
C VAL N 140 32.41 48.65 -27.58
N GLN N 141 32.44 48.32 -28.86
CA GLN N 141 32.30 49.38 -29.85
C GLN N 141 30.96 50.08 -29.70
N VAL N 142 29.91 49.33 -29.38
CA VAL N 142 28.58 49.91 -29.20
C VAL N 142 28.54 50.84 -27.98
N GLY N 143 29.13 50.44 -26.86
CA GLY N 143 29.15 51.30 -25.70
C GLY N 143 29.88 52.62 -25.91
N ALA N 144 31.05 52.54 -26.54
CA ALA N 144 31.84 53.73 -26.83
C ALA N 144 31.07 54.69 -27.71
N SER N 145 30.43 54.16 -28.74
CA SER N 145 29.63 54.98 -29.64
C SER N 145 28.51 55.71 -28.90
N MET N 146 27.82 55.03 -28.00
CA MET N 146 26.72 55.66 -27.27
C MET N 146 27.22 56.80 -26.37
N VAL N 147 28.37 56.63 -25.72
CA VAL N 147 28.90 57.68 -24.86
C VAL N 147 29.35 58.89 -25.67
N ALA N 148 29.97 58.67 -26.82
CA ALA N 148 30.41 59.78 -27.67
C ALA N 148 29.21 60.64 -28.08
N THR N 149 28.14 60.02 -28.53
CA THR N 149 26.91 60.73 -28.90
C THR N 149 26.27 61.43 -27.71
N GLY N 150 26.34 60.82 -26.53
CA GLY N 150 25.72 61.39 -25.35
C GLY N 150 26.26 62.75 -24.96
N VAL N 151 27.57 62.89 -24.89
CA VAL N 151 28.21 64.15 -24.50
C VAL N 151 27.95 65.28 -25.50
N VAL N 152 27.90 64.99 -26.80
CA VAL N 152 27.64 66.09 -27.74
C VAL N 152 26.23 66.65 -27.52
N LEU N 153 25.31 65.81 -27.08
CA LEU N 153 23.96 66.29 -26.78
C LEU N 153 24.02 67.17 -25.55
N ALA N 154 24.85 66.79 -24.59
CA ALA N 154 25.00 67.56 -23.37
C ALA N 154 25.59 68.92 -23.69
N THR N 155 26.61 68.95 -24.53
CA THR N 155 27.18 70.22 -24.94
C THR N 155 26.15 71.04 -25.69
N GLY N 156 25.32 70.39 -26.50
CA GLY N 156 24.29 71.09 -27.26
C GLY N 156 23.34 71.88 -26.39
N VAL N 157 22.76 71.24 -25.37
CA VAL N 157 21.85 71.94 -24.48
C VAL N 157 22.58 72.97 -23.63
N LEU N 158 23.82 72.70 -23.25
CA LEU N 158 24.58 73.67 -22.46
C LEU N 158 24.84 74.93 -23.28
N GLY N 159 25.19 74.77 -24.55
CA GLY N 159 25.38 75.92 -25.43
C GLY N 159 24.08 76.68 -25.62
N TRP N 160 22.99 75.96 -25.81
CA TRP N 160 21.67 76.55 -26.00
C TRP N 160 21.27 77.39 -24.78
N TRP N 161 21.77 77.04 -23.61
CA TRP N 161 21.52 77.83 -22.41
C TRP N 161 22.34 79.13 -22.44
N ARG N 162 23.63 79.04 -22.81
CA ARG N 162 24.51 80.21 -22.89
C ARG N 162 23.99 81.27 -23.87
N TRP N 163 23.32 80.86 -24.94
CA TRP N 163 22.74 81.75 -25.94
C TRP N 163 21.61 82.61 -25.38
N HIS N 164 21.15 82.36 -24.16
CA HIS N 164 20.11 83.17 -23.56
C HIS N 164 20.46 83.61 -22.14
N HIS N 165 21.63 83.24 -21.63
CA HIS N 165 22.03 83.61 -20.28
C HIS N 165 23.52 83.89 -20.29
N ASN N 166 23.96 84.79 -19.42
CA ASN N 166 25.36 85.21 -19.36
C ASN N 166 26.16 84.64 -18.19
N THR N 167 25.70 83.57 -17.54
CA THR N 167 26.44 83.00 -16.42
C THR N 167 27.61 82.11 -16.85
N TRP N 168 28.53 81.92 -15.89
CA TRP N 168 29.73 81.09 -16.01
C TRP N 168 29.43 79.59 -16.09
N LEU N 169 28.25 79.19 -15.65
CA LEU N 169 27.83 77.79 -15.58
C LEU N 169 28.26 76.92 -16.77
N THR N 170 27.98 77.38 -17.99
CA THR N 170 28.31 76.64 -19.19
C THR N 170 29.80 76.32 -19.34
N THR N 171 30.68 77.30 -19.13
CA THR N 171 32.10 77.03 -19.29
C THR N 171 32.64 76.15 -18.16
N ILE N 172 32.24 76.44 -16.92
CA ILE N 172 32.70 75.69 -15.76
C ILE N 172 32.28 74.22 -15.90
N TYR N 173 31.02 74.00 -16.18
CA TYR N 173 30.49 72.65 -16.32
C TYR N 173 31.12 71.92 -17.48
N THR N 174 31.29 72.59 -18.62
CA THR N 174 31.84 71.94 -19.80
C THR N 174 33.33 71.60 -19.63
N ALA N 175 34.09 72.43 -18.95
CA ALA N 175 35.52 72.20 -18.80
C ALA N 175 35.84 70.86 -18.15
N VAL N 176 35.20 70.56 -17.02
CA VAL N 176 35.45 69.31 -16.28
C VAL N 176 35.13 68.07 -17.12
N ILE N 177 34.04 68.10 -17.87
CA ILE N 177 33.67 66.97 -18.72
C ILE N 177 34.78 66.66 -19.71
N GLY N 178 35.31 67.69 -20.36
CA GLY N 178 36.38 67.48 -21.32
C GLY N 178 37.56 66.74 -20.71
N VAL N 179 37.99 67.18 -19.53
CA VAL N 179 39.11 66.57 -18.83
C VAL N 179 38.87 65.10 -18.53
N LEU N 180 37.69 64.75 -17.99
CA LEU N 180 37.42 63.37 -17.62
C LEU N 180 37.45 62.45 -18.85
N VAL N 181 36.74 62.83 -19.90
CA VAL N 181 36.71 62.03 -21.12
C VAL N 181 38.12 61.89 -21.69
N LEU N 182 38.86 63.00 -21.75
CA LEU N 182 40.21 63.00 -22.30
C LEU N 182 41.12 62.12 -21.47
N ALA N 183 41.00 62.19 -20.16
CA ALA N 183 41.84 61.39 -19.27
C ALA N 183 41.68 59.91 -19.57
N VAL N 184 40.45 59.47 -19.78
CA VAL N 184 40.19 58.07 -20.10
C VAL N 184 40.84 57.71 -21.42
N ALA N 185 40.63 58.53 -22.43
CA ALA N 185 41.20 58.27 -23.75
C ALA N 185 42.72 58.12 -23.67
N MET N 186 43.37 59.00 -22.92
CA MET N 186 44.81 58.92 -22.78
C MET N 186 45.24 57.59 -22.18
N LEU N 187 44.60 57.17 -21.11
CA LEU N 187 44.96 55.92 -20.47
C LEU N 187 44.76 54.74 -21.40
N LEU N 188 43.72 54.77 -22.22
CA LEU N 188 43.49 53.67 -23.16
C LEU N 188 44.56 53.60 -24.23
N LEU N 189 44.96 54.75 -24.79
CA LEU N 189 45.95 54.75 -25.86
C LEU N 189 47.26 54.11 -25.42
N MET N 190 47.64 54.29 -24.17
CA MET N 190 48.85 53.66 -23.65
C MET N 190 48.68 52.15 -23.47
N ARG N 191 47.46 51.67 -23.30
CA ARG N 191 47.21 50.26 -23.09
C ARG N 191 46.90 49.49 -24.37
N ALA N 192 46.44 50.18 -25.41
CA ALA N 192 46.03 49.54 -26.66
C ALA N 192 47.10 48.63 -27.27
N LYS N 193 46.66 47.47 -27.75
CA LYS N 193 47.47 46.46 -28.41
C LYS N 193 47.03 46.12 -29.83
N THR N 194 45.73 46.19 -30.12
CA THR N 194 45.16 45.80 -31.41
C THR N 194 44.32 46.91 -32.00
N ASP N 195 44.05 46.76 -33.30
CA ASP N 195 43.26 47.72 -34.05
C ASP N 195 41.88 47.86 -33.45
N ALA N 196 41.38 46.79 -32.85
CA ALA N 196 40.09 46.85 -32.19
C ALA N 196 40.18 47.83 -31.05
N ASP N 197 41.23 47.72 -30.26
CA ASP N 197 41.41 48.63 -29.14
C ASP N 197 41.55 50.06 -29.64
N ARG N 198 42.32 50.23 -30.70
CA ARG N 198 42.55 51.55 -31.27
C ARG N 198 41.25 52.19 -31.74
N ARG N 199 40.38 51.42 -32.40
CA ARG N 199 39.11 51.99 -32.82
C ARG N 199 38.31 52.50 -31.62
N VAL N 200 38.32 51.73 -30.54
CA VAL N 200 37.62 52.16 -29.34
C VAL N 200 38.21 53.47 -28.83
N ALA N 201 39.53 53.52 -28.73
CA ALA N 201 40.23 54.70 -28.23
C ALA N 201 40.02 55.92 -29.13
N ASP N 202 40.11 55.74 -30.43
CA ASP N 202 39.92 56.87 -31.34
C ASP N 202 38.56 57.49 -31.12
N ILE N 203 37.54 56.67 -30.95
CA ILE N 203 36.17 57.15 -30.73
C ILE N 203 36.12 58.00 -29.46
N MET N 204 36.78 57.56 -28.42
CA MET N 204 36.79 58.31 -27.18
C MET N 204 37.42 59.68 -27.38
N LEU N 205 38.56 59.73 -28.07
CA LEU N 205 39.29 60.96 -28.33
C LEU N 205 38.54 61.89 -29.28
N MET N 206 37.98 61.33 -30.34
CA MET N 206 37.18 62.10 -31.30
C MET N 206 36.12 62.93 -30.58
N SER N 207 35.51 62.38 -29.53
CA SER N 207 34.48 63.07 -28.78
C SER N 207 35.00 64.14 -27.83
N ALA N 208 36.26 64.12 -27.45
CA ALA N 208 36.81 65.11 -26.51
C ALA N 208 36.94 66.53 -27.08
N ILE N 209 37.10 66.68 -28.40
CA ILE N 209 37.27 67.99 -29.04
C ILE N 209 36.06 68.91 -28.89
N MET N 210 34.85 68.39 -29.02
CA MET N 210 33.65 69.23 -28.97
C MET N 210 33.42 69.95 -27.64
N PRO N 211 33.50 69.31 -26.49
CA PRO N 211 33.30 70.06 -25.25
C PRO N 211 34.37 71.13 -25.02
N VAL N 212 35.63 70.83 -25.27
CA VAL N 212 36.71 71.81 -25.07
C VAL N 212 36.49 73.06 -25.91
N THR N 213 36.01 72.90 -27.14
CA THR N 213 35.74 74.01 -28.05
C THR N 213 34.74 75.04 -27.51
N VAL N 214 33.52 74.61 -27.16
CA VAL N 214 32.53 75.55 -26.65
C VAL N 214 32.86 76.05 -25.26
N ALA N 215 33.62 75.29 -24.49
CA ALA N 215 34.00 75.72 -23.15
C ALA N 215 34.80 77.02 -23.21
N ALA N 216 35.74 77.10 -24.14
CA ALA N 216 36.55 78.30 -24.32
C ALA N 216 35.69 79.45 -24.87
N ALA N 217 34.95 79.20 -25.93
CA ALA N 217 34.09 80.22 -26.54
C ALA N 217 33.05 80.79 -25.58
N ALA N 218 32.64 80.04 -24.57
CA ALA N 218 31.67 80.53 -23.59
C ALA N 218 32.26 81.45 -22.52
N ALA N 219 33.58 81.56 -22.41
CA ALA N 219 34.27 82.35 -21.38
C ALA N 219 34.12 83.86 -21.47
N PRO N 220 34.24 84.51 -22.63
CA PRO N 220 34.08 85.96 -22.67
C PRO N 220 32.68 86.39 -22.27
N PRO N 221 32.57 87.19 -21.20
CA PRO N 221 31.26 87.63 -20.69
C PRO N 221 30.48 88.52 -21.67
N GLY N 222 29.25 88.80 -21.26
CA GLY N 222 28.30 89.58 -22.02
C GLY N 222 27.64 88.79 -23.12
N PRO N 223 26.77 89.44 -23.89
CA PRO N 223 26.10 88.75 -24.98
C PRO N 223 27.09 88.08 -25.93
N VAL N 224 26.72 86.87 -26.34
CA VAL N 224 27.51 86.03 -27.23
C VAL N 224 27.50 86.58 -28.67
N GLY N 225 28.62 86.38 -29.37
CA GLY N 225 28.69 86.83 -30.75
C GLY N 225 30.09 86.78 -31.34
N SER N 226 30.36 87.73 -32.23
CA SER N 226 31.64 87.85 -32.94
C SER N 226 32.88 87.65 -32.08
N PRO N 227 33.03 88.32 -30.93
CA PRO N 227 34.25 88.10 -30.14
C PRO N 227 34.34 86.70 -29.54
N GLN N 228 33.22 86.14 -29.12
CA GLN N 228 33.22 84.79 -28.57
C GLN N 228 33.56 83.78 -29.66
N ALA N 229 32.98 83.97 -30.84
CA ALA N 229 33.17 83.07 -31.98
C ALA N 229 34.65 82.88 -32.33
N VAL N 230 35.42 83.95 -32.30
CA VAL N 230 36.84 83.90 -32.62
C VAL N 230 37.61 82.87 -31.80
N LEU N 231 37.32 82.77 -30.50
CA LEU N 231 38.03 81.79 -29.67
C LEU N 231 37.71 80.35 -30.07
N GLY N 232 36.45 80.02 -30.28
CA GLY N 232 36.03 78.66 -30.60
C GLY N 232 36.73 77.97 -31.76
N PHE N 233 36.65 78.56 -32.94
CA PHE N 233 37.26 77.98 -34.12
C PHE N 233 38.77 77.87 -33.99
N GLY N 234 39.38 78.76 -33.22
CA GLY N 234 40.81 78.76 -32.97
C GLY N 234 41.18 77.53 -32.16
N VAL N 235 40.61 77.39 -30.97
CA VAL N 235 40.92 76.24 -30.12
C VAL N 235 40.55 74.96 -30.86
N LEU N 236 39.49 75.00 -31.65
CA LEU N 236 39.09 73.84 -32.43
C LEU N 236 40.20 73.44 -33.40
N THR N 237 40.73 74.40 -34.14
CA THR N 237 41.79 74.15 -35.10
C THR N 237 43.04 73.58 -34.43
N VAL N 238 43.43 74.17 -33.30
CA VAL N 238 44.64 73.74 -32.56
C VAL N 238 44.48 72.32 -32.03
N ALA N 239 43.36 72.03 -31.35
CA ALA N 239 43.16 70.70 -30.79
C ALA N 239 43.15 69.64 -31.89
N ALA N 240 42.45 69.88 -32.97
CA ALA N 240 42.43 68.93 -34.08
C ALA N 240 43.83 68.72 -34.63
N ALA N 241 44.56 69.79 -34.86
CA ALA N 241 45.92 69.67 -35.37
C ALA N 241 46.78 68.89 -34.39
N LEU N 242 46.65 69.20 -33.10
CA LEU N 242 47.43 68.52 -32.07
C LEU N 242 47.09 67.04 -32.02
N ALA N 243 45.81 66.69 -32.10
CA ALA N 243 45.41 65.30 -32.06
C ALA N 243 46.03 64.54 -33.22
N LEU N 244 45.98 65.14 -34.40
CA LEU N 244 46.58 64.54 -35.59
C LEU N 244 48.06 64.31 -35.36
N ARG N 245 48.79 65.34 -34.97
CA ARG N 245 50.21 65.18 -34.73
C ARG N 245 50.50 64.02 -33.77
N PHE N 246 49.78 63.95 -32.65
CA PHE N 246 50.04 62.88 -31.70
C PHE N 246 49.47 61.53 -32.11
N THR N 247 48.40 61.48 -32.92
CA THR N 247 47.81 60.18 -33.24
C THR N 247 48.32 59.55 -34.54
N GLY N 248 48.47 60.30 -35.62
CA GLY N 248 48.93 59.72 -36.88
C GLY N 248 48.00 58.73 -37.53
N ARG N 249 46.72 58.76 -37.18
CA ARG N 249 45.68 57.89 -37.70
C ARG N 249 44.40 58.72 -37.82
N ARG N 250 43.44 58.29 -38.65
CA ARG N 250 42.21 59.09 -38.85
C ARG N 250 42.51 60.48 -39.44
N LEU N 251 43.43 60.50 -40.40
CA LEU N 251 43.88 61.71 -41.09
C LEU N 251 42.75 62.53 -41.71
N GLY N 252 41.88 61.89 -42.47
CA GLY N 252 40.79 62.53 -43.18
C GLY N 252 39.89 63.40 -42.34
N ILE N 253 39.29 62.84 -41.30
CA ILE N 253 38.34 63.56 -40.46
C ILE N 253 39.01 64.75 -39.77
N TYR N 254 40.16 64.54 -39.16
CA TYR N 254 40.84 65.64 -38.45
C TYR N 254 41.27 66.74 -39.43
N THR N 255 41.84 66.38 -40.57
CA THR N 255 42.26 67.37 -41.56
C THR N 255 41.09 68.25 -42.02
N THR N 256 39.93 67.64 -42.25
CA THR N 256 38.75 68.37 -42.69
C THR N 256 38.34 69.42 -41.66
N ILE N 257 38.39 69.09 -40.38
CA ILE N 257 38.06 70.07 -39.33
C ILE N 257 39.09 71.19 -39.30
N VAL N 258 40.36 70.86 -39.48
CA VAL N 258 41.43 71.87 -39.49
C VAL N 258 41.19 72.89 -40.60
N ILE N 259 40.82 72.43 -41.79
CA ILE N 259 40.58 73.34 -42.91
C ILE N 259 39.42 74.28 -42.60
N ILE N 260 38.24 73.73 -42.31
CA ILE N 260 37.08 74.55 -42.02
C ILE N 260 37.34 75.40 -40.78
N GLY N 261 38.07 74.85 -39.81
CA GLY N 261 38.37 75.61 -38.61
C GLY N 261 39.24 76.82 -38.90
N ALA N 262 40.37 76.60 -39.57
CA ALA N 262 41.30 77.67 -39.91
C ALA N 262 40.66 78.77 -40.76
N LEU N 263 40.00 78.39 -41.85
CA LEU N 263 39.33 79.34 -42.73
C LEU N 263 38.24 80.13 -42.01
N THR N 264 37.46 79.48 -41.16
CA THR N 264 36.39 80.17 -40.42
C THR N 264 36.95 81.17 -39.41
N MET N 265 38.07 80.86 -38.77
CA MET N 265 38.69 81.77 -37.81
C MET N 265 39.04 83.10 -38.44
N LEU N 266 39.61 83.08 -39.65
CA LEU N 266 39.97 84.30 -40.37
C LEU N 266 38.73 85.15 -40.64
N ALA N 267 37.65 84.53 -41.10
CA ALA N 267 36.39 85.25 -41.36
C ALA N 267 35.80 85.83 -40.07
N ALA N 268 35.85 85.08 -38.98
CA ALA N 268 35.34 85.56 -37.69
C ALA N 268 36.14 86.76 -37.19
N LEU N 269 37.47 86.72 -37.32
CA LEU N 269 38.32 87.83 -36.92
C LEU N 269 38.00 89.10 -37.71
N ALA N 270 37.88 88.99 -39.02
CA ALA N 270 37.51 90.13 -39.86
C ALA N 270 36.16 90.72 -39.45
N ARG N 271 35.15 89.88 -39.29
CA ARG N 271 33.80 90.33 -38.89
C ARG N 271 33.83 91.02 -37.52
N MET N 272 34.64 90.51 -36.59
CA MET N 272 34.75 91.13 -35.29
C MET N 272 35.44 92.49 -35.38
N VAL N 273 36.51 92.56 -36.17
CA VAL N 273 37.24 93.83 -36.32
C VAL N 273 36.40 94.82 -37.11
N ALA N 274 36.12 94.51 -38.37
CA ALA N 274 35.32 95.39 -39.19
C ALA N 274 34.99 94.70 -40.50
N ALA N 275 33.72 94.75 -40.88
CA ALA N 275 33.27 94.17 -42.14
C ALA N 275 32.05 94.94 -42.62
N THR N 276 32.13 95.41 -43.86
CA THR N 276 31.03 96.18 -44.45
C THR N 276 29.83 95.28 -44.75
N SER N 277 30.08 94.04 -45.15
CA SER N 277 28.98 93.12 -45.42
C SER N 277 29.49 91.69 -45.38
N ALA N 278 28.53 90.77 -45.21
CA ALA N 278 28.85 89.36 -45.24
C ALA N 278 29.29 88.95 -46.65
N VAL N 279 28.66 89.55 -47.66
CA VAL N 279 28.97 89.27 -49.06
C VAL N 279 30.47 89.43 -49.33
N THR N 280 31.06 90.45 -48.72
CA THR N 280 32.49 90.73 -48.87
C THR N 280 33.34 89.55 -48.38
N LEU N 281 33.07 89.08 -47.17
CA LEU N 281 33.80 87.98 -46.56
C LEU N 281 33.55 86.67 -47.31
N LEU N 282 32.29 86.40 -47.63
CA LEU N 282 31.91 85.19 -48.37
C LEU N 282 32.60 85.13 -49.72
N SER N 283 32.68 86.27 -50.42
CA SER N 283 33.36 86.34 -51.71
C SER N 283 34.86 86.09 -51.52
N SER N 284 35.44 86.65 -50.47
CA SER N 284 36.85 86.44 -50.16
C SER N 284 37.13 84.97 -49.94
N LEU N 285 36.26 84.31 -49.17
CA LEU N 285 36.38 82.88 -48.94
C LEU N 285 36.28 82.12 -50.26
N LEU N 286 35.35 82.52 -51.12
CA LEU N 286 35.21 81.85 -52.41
C LEU N 286 36.53 81.91 -53.18
N LEU N 287 37.16 83.06 -53.19
CA LEU N 287 38.44 83.20 -53.89
C LEU N 287 39.51 82.30 -53.27
N ILE N 288 39.55 82.24 -51.95
CA ILE N 288 40.53 81.42 -51.22
C ILE N 288 40.35 79.94 -51.57
N CYS N 289 39.11 79.48 -51.58
CA CYS N 289 38.82 78.09 -51.91
C CYS N 289 39.19 77.78 -53.36
N VAL N 290 38.91 78.71 -54.26
CA VAL N 290 39.24 78.55 -55.67
C VAL N 290 40.72 78.24 -55.88
N VAL N 291 41.61 78.99 -55.24
CA VAL N 291 43.05 78.72 -55.36
C VAL N 291 43.43 77.41 -54.68
N ALA N 292 42.80 77.08 -53.56
CA ALA N 292 43.13 75.85 -52.85
C ALA N 292 42.81 74.62 -53.71
N TYR N 293 41.70 74.65 -54.44
CA TYR N 293 41.34 73.53 -55.32
C TYR N 293 42.43 73.26 -56.36
N HIS N 294 43.02 74.31 -56.93
CA HIS N 294 44.08 74.13 -57.92
C HIS N 294 45.31 73.51 -57.28
N ALA N 295 45.67 73.92 -56.07
CA ALA N 295 46.84 73.45 -55.35
C ALA N 295 46.65 72.12 -54.63
N ALA N 296 45.44 71.66 -54.42
CA ALA N 296 45.13 70.45 -53.68
C ALA N 296 46.07 69.25 -53.89
N PRO N 297 46.30 68.75 -55.11
CA PRO N 297 47.18 67.58 -55.26
C PRO N 297 48.60 67.83 -54.82
N ALA N 298 49.11 69.03 -55.04
CA ALA N 298 50.45 69.38 -54.61
C ALA N 298 50.55 69.47 -53.10
N LEU N 299 49.59 70.12 -52.45
CA LEU N 299 49.62 70.21 -51.00
C LEU N 299 49.70 68.84 -50.38
N SER N 300 48.81 67.95 -50.79
CA SER N 300 48.82 66.59 -50.27
C SER N 300 50.16 65.91 -50.52
N ARG N 301 50.67 66.00 -51.75
CA ARG N 301 51.93 65.36 -52.12
C ARG N 301 53.11 65.85 -51.28
N ARG N 302 53.18 67.15 -51.00
CA ARG N 302 54.26 67.67 -50.16
C ARG N 302 53.99 67.43 -48.68
N LEU N 303 52.73 67.45 -48.26
CA LEU N 303 52.45 67.20 -46.85
C LEU N 303 52.84 65.79 -46.49
N ALA N 304 52.62 64.84 -47.39
CA ALA N 304 52.98 63.45 -47.14
C ALA N 304 54.49 63.31 -47.12
N SER N 344 62.80 45.83 -47.12
CA SER N 344 62.38 46.51 -45.89
C SER N 344 62.14 47.97 -46.16
N SER N 345 62.88 48.47 -47.15
CA SER N 345 62.82 49.88 -47.50
C SER N 345 61.50 50.24 -48.15
N VAL N 346 60.91 49.28 -48.85
CA VAL N 346 59.66 49.45 -49.58
C VAL N 346 58.53 49.97 -48.71
N ARG N 347 58.51 49.59 -47.43
CA ARG N 347 57.47 50.04 -46.51
C ARG N 347 57.27 51.56 -46.53
N ASP N 348 58.35 52.32 -46.65
CA ASP N 348 58.28 53.77 -46.71
C ASP N 348 57.40 54.28 -47.85
N VAL N 349 57.41 53.59 -48.99
CA VAL N 349 56.61 53.98 -50.14
C VAL N 349 55.14 53.63 -49.91
N LEU N 350 54.87 52.43 -49.43
CA LEU N 350 53.50 51.96 -49.20
C LEU N 350 52.79 52.90 -48.23
N LEU N 351 53.43 53.21 -47.11
CA LEU N 351 52.85 54.10 -46.12
C LEU N 351 52.51 55.45 -46.74
N GLN N 352 53.42 56.00 -47.55
CA GLN N 352 53.20 57.29 -48.18
C GLN N 352 52.02 57.30 -49.16
N ALA N 353 51.85 56.23 -49.95
CA ALA N 353 50.80 56.21 -50.96
C ALA N 353 49.41 56.41 -50.37
N GLU N 354 49.05 55.65 -49.34
CA GLU N 354 47.74 55.85 -48.75
C GLU N 354 47.68 57.15 -47.97
N ARG N 355 48.79 57.59 -47.41
CA ARG N 355 48.80 58.86 -46.69
C ARG N 355 48.37 59.98 -47.63
N ALA N 356 48.99 60.06 -48.80
CA ALA N 356 48.63 61.10 -49.75
C ALA N 356 47.15 61.00 -50.16
N ARG N 357 46.70 59.79 -50.49
CA ARG N 357 45.31 59.55 -50.88
C ARG N 357 44.36 59.99 -49.77
N SER N 358 44.74 59.77 -48.52
CA SER N 358 43.94 60.18 -47.37
C SER N 358 43.84 61.70 -47.30
N PHE N 359 44.98 62.38 -47.25
CA PHE N 359 45.00 63.83 -47.16
C PHE N 359 44.24 64.47 -48.31
N LEU N 360 44.37 63.95 -49.51
CA LEU N 360 43.69 64.52 -50.65
C LEU N 360 42.18 64.43 -50.50
N SER N 361 41.68 63.29 -50.05
CA SER N 361 40.24 63.10 -49.91
C SER N 361 39.63 64.09 -48.92
N GLY N 362 40.28 64.27 -47.77
CA GLY N 362 39.78 65.21 -46.77
C GLY N 362 39.89 66.64 -47.25
N LEU N 363 41.02 66.98 -47.84
CA LEU N 363 41.24 68.33 -48.36
C LEU N 363 40.13 68.70 -49.34
N LEU N 364 39.89 67.86 -50.34
CA LEU N 364 38.84 68.12 -51.33
C LEU N 364 37.49 68.23 -50.66
N THR N 365 37.23 67.41 -49.65
CA THR N 365 35.96 67.42 -48.94
C THR N 365 35.75 68.72 -48.16
N GLY N 366 36.75 69.13 -47.39
CA GLY N 366 36.61 70.37 -46.65
C GLY N 366 36.35 71.57 -47.55
N LEU N 367 37.07 71.67 -48.66
CA LEU N 367 36.86 72.75 -49.61
C LEU N 367 35.45 72.69 -50.19
N GLY N 368 34.97 71.49 -50.47
CA GLY N 368 33.60 71.34 -50.94
C GLY N 368 32.59 71.94 -49.98
N VAL N 369 32.76 71.65 -48.69
CA VAL N 369 31.88 72.16 -47.64
C VAL N 369 31.89 73.68 -47.61
N MET N 370 33.06 74.29 -47.65
CA MET N 370 33.15 75.75 -47.63
C MET N 370 32.44 76.40 -48.82
N VAL N 371 32.71 75.96 -50.05
CA VAL N 371 32.08 76.59 -51.21
C VAL N 371 30.57 76.40 -51.21
N VAL N 372 30.07 75.26 -50.78
CA VAL N 372 28.62 75.10 -50.74
C VAL N 372 28.03 76.04 -49.69
N VAL N 373 28.66 76.15 -48.52
CA VAL N 373 28.16 77.05 -47.49
C VAL N 373 28.26 78.50 -47.96
N CYS N 374 29.36 78.86 -48.61
CA CYS N 374 29.56 80.23 -49.09
C CYS N 374 28.58 80.59 -50.21
N MET N 375 28.51 79.75 -51.24
CA MET N 375 27.61 80.01 -52.37
C MET N 375 26.15 80.11 -51.94
N THR N 376 25.68 79.20 -51.09
CA THR N 376 24.31 79.26 -50.60
C THR N 376 24.06 80.51 -49.77
N SER N 377 25.11 81.06 -49.18
CA SER N 377 25.00 82.30 -48.42
C SER N 377 25.11 83.51 -49.33
N LEU N 378 25.86 83.38 -50.43
CA LEU N 378 26.06 84.46 -51.38
C LEU N 378 24.79 84.75 -52.19
N CYS N 379 24.16 83.72 -52.75
CA CYS N 379 22.93 83.94 -53.51
C CYS N 379 21.78 84.35 -52.60
N ASP N 380 20.86 85.12 -53.17
CA ASP N 380 19.69 85.61 -52.44
C ASP N 380 18.56 85.88 -53.42
N PRO N 381 17.31 85.70 -52.99
CA PRO N 381 16.16 85.93 -53.89
C PRO N 381 15.59 87.35 -53.88
N HIS N 382 16.08 88.25 -53.02
CA HIS N 382 15.55 89.61 -52.97
C HIS N 382 16.63 90.66 -53.13
N THR N 383 17.86 90.34 -52.73
CA THR N 383 18.93 91.33 -52.73
C THR N 383 19.55 91.57 -54.10
N GLY N 384 19.68 92.84 -54.46
CA GLY N 384 20.31 93.34 -55.67
C GLY N 384 20.03 92.65 -57.01
N GLN N 385 21.08 92.51 -57.81
CA GLN N 385 21.01 91.84 -59.10
C GLN N 385 20.92 90.34 -58.88
N ARG N 386 19.72 89.89 -58.52
CA ARG N 386 19.40 88.50 -58.20
C ARG N 386 20.01 87.51 -59.20
N TRP N 387 20.05 87.89 -60.47
CA TRP N 387 20.61 87.06 -61.54
C TRP N 387 22.13 86.92 -61.47
N LEU N 388 22.82 87.92 -60.92
CA LEU N 388 24.29 87.89 -60.86
C LEU N 388 24.84 86.70 -60.07
N PRO N 389 24.44 86.47 -58.82
CA PRO N 389 24.94 85.30 -58.09
C PRO N 389 24.50 83.96 -58.69
N LEU N 390 23.34 83.92 -59.34
CA LEU N 390 22.85 82.70 -59.98
C LEU N 390 23.75 82.25 -61.14
N ILE N 391 24.14 83.18 -62.02
CA ILE N 391 25.04 82.85 -63.12
C ILE N 391 26.44 82.53 -62.59
N LEU N 392 26.88 83.22 -61.55
CA LEU N 392 28.16 82.95 -60.91
C LEU N 392 28.18 81.53 -60.34
N ALA N 393 27.07 81.11 -59.73
CA ALA N 393 26.92 79.75 -59.22
C ALA N 393 27.00 78.74 -60.37
N GLY N 394 26.40 79.08 -61.50
CA GLY N 394 26.46 78.24 -62.70
C GLY N 394 27.90 78.03 -63.17
N PHE N 395 28.66 79.11 -63.32
CA PHE N 395 30.07 79.01 -63.72
C PHE N 395 30.85 78.20 -62.69
N THR N 396 30.58 78.41 -61.40
CA THR N 396 31.24 77.66 -60.34
C THR N 396 30.91 76.18 -60.48
N SER N 397 29.66 75.86 -60.74
CA SER N 397 29.22 74.49 -60.95
C SER N 397 29.94 73.87 -62.15
N GLY N 398 30.06 74.63 -63.23
CA GLY N 398 30.76 74.14 -64.41
C GLY N 398 32.22 73.79 -64.12
N PHE N 399 32.91 74.67 -63.41
CA PHE N 399 34.31 74.40 -63.04
C PHE N 399 34.42 73.12 -62.21
N LEU N 400 33.61 72.98 -61.17
CA LEU N 400 33.65 71.79 -60.33
C LEU N 400 33.29 70.53 -61.11
N LEU N 401 32.28 70.61 -61.97
CA LEU N 401 31.84 69.49 -62.79
C LEU N 401 32.93 69.04 -63.77
N LEU N 402 33.61 69.99 -64.40
CA LEU N 402 34.70 69.68 -65.34
C LEU N 402 35.94 69.15 -64.63
N ARG N 403 36.39 69.82 -63.58
CA ARG N 403 37.60 69.39 -62.87
C ARG N 403 37.44 68.10 -62.06
N GLY N 404 36.23 67.80 -61.58
CA GLY N 404 36.01 66.58 -60.80
C GLY N 404 36.38 65.28 -61.49
N ARG N 405 36.23 65.20 -62.81
CA ARG N 405 36.54 64.00 -63.57
C ARG N 405 38.04 63.75 -63.78
N SER N 406 38.90 64.71 -63.47
CA SER N 406 40.34 64.53 -63.61
C SER N 406 40.91 63.60 -62.54
N TYR N 407 40.26 63.49 -61.38
CA TYR N 407 40.72 62.64 -60.29
C TYR N 407 40.43 61.17 -60.55
N VAL N 408 41.49 60.35 -60.43
CA VAL N 408 41.48 58.91 -60.64
C VAL N 408 41.27 58.16 -59.34
N ASP N 409 40.06 58.27 -58.79
CA ASP N 409 39.62 57.64 -57.54
C ASP N 409 38.11 57.79 -57.47
N ARG N 410 37.44 56.73 -57.03
CA ARG N 410 35.97 56.74 -56.94
C ARG N 410 35.43 57.77 -55.96
N TRP N 411 35.81 57.69 -54.68
CA TRP N 411 35.23 58.61 -53.70
C TRP N 411 35.58 60.07 -53.99
N GLN N 412 36.80 60.31 -54.43
CA GLN N 412 37.21 61.68 -54.70
C GLN N 412 36.45 62.26 -55.88
N SER N 413 36.33 61.51 -56.96
CA SER N 413 35.61 61.98 -58.13
C SER N 413 34.13 62.11 -57.84
N ILE N 414 33.58 61.13 -57.13
CA ILE N 414 32.16 61.09 -56.77
C ILE N 414 31.78 62.26 -55.86
N THR N 415 32.57 62.51 -54.83
CA THR N 415 32.27 63.60 -53.89
C THR N 415 32.29 64.96 -54.59
N LEU N 416 33.24 65.18 -55.48
CA LEU N 416 33.28 66.44 -56.21
C LEU N 416 32.06 66.58 -57.10
N ALA N 417 31.70 65.50 -57.80
CA ALA N 417 30.53 65.50 -58.67
C ALA N 417 29.26 65.78 -57.87
N GLY N 418 29.09 65.08 -56.76
CA GLY N 418 27.93 65.30 -55.91
C GLY N 418 27.90 66.71 -55.36
N THR N 419 29.07 67.26 -55.07
CA THR N 419 29.18 68.63 -54.56
C THR N 419 28.53 69.63 -55.51
N ALA N 420 28.68 69.45 -56.81
CA ALA N 420 28.05 70.37 -57.76
C ALA N 420 26.53 70.27 -57.72
N VAL N 421 26.00 69.05 -57.66
CA VAL N 421 24.55 68.82 -57.64
C VAL N 421 23.89 69.48 -56.43
N ILE N 422 24.45 69.31 -55.24
CA ILE N 422 23.87 69.90 -54.03
C ILE N 422 23.88 71.41 -54.11
N ILE N 423 24.92 72.01 -54.67
CA ILE N 423 24.95 73.46 -54.78
C ILE N 423 23.75 73.93 -55.61
N ALA N 424 23.55 73.31 -56.76
CA ALA N 424 22.42 73.67 -57.62
C ALA N 424 21.11 73.45 -56.88
N ALA N 425 20.92 72.27 -56.30
CA ALA N 425 19.69 71.95 -55.60
C ALA N 425 19.42 72.92 -54.46
N ALA N 426 20.45 73.27 -53.69
CA ALA N 426 20.28 74.20 -52.58
C ALA N 426 19.74 75.54 -53.05
N VAL N 427 20.24 76.06 -54.17
CA VAL N 427 19.78 77.33 -54.72
C VAL N 427 18.31 77.24 -55.12
N CYS N 428 17.93 76.17 -55.79
CA CYS N 428 16.55 75.98 -56.22
C CYS N 428 15.60 75.99 -55.03
N VAL N 429 15.93 75.25 -53.98
CA VAL N 429 15.10 75.20 -52.77
C VAL N 429 15.03 76.57 -52.08
N ARG N 430 16.16 77.27 -51.99
CA ARG N 430 16.16 78.61 -51.38
C ARG N 430 15.16 79.53 -52.07
N TYR N 431 15.17 79.54 -53.40
CA TYR N 431 14.26 80.36 -54.21
C TYR N 431 12.82 79.89 -54.17
N ALA N 432 12.54 78.75 -53.52
CA ALA N 432 11.20 78.20 -53.34
C ALA N 432 10.68 78.46 -51.94
N LEU N 433 11.50 78.25 -50.92
CA LEU N 433 11.07 78.49 -49.54
C LEU N 433 10.83 79.97 -49.33
N GLU N 434 11.77 80.81 -49.78
CA GLU N 434 11.62 82.25 -49.75
C GLU N 434 11.14 82.71 -51.14
N LEU N 435 10.40 83.82 -51.16
CA LEU N 435 9.79 84.33 -52.41
C LEU N 435 8.84 83.26 -52.98
N SER N 436 8.07 82.67 -52.06
CA SER N 436 7.12 81.59 -52.30
C SER N 436 5.94 82.00 -53.17
N SER N 437 5.52 81.11 -54.05
CA SER N 437 4.39 81.32 -54.94
C SER N 437 4.08 80.01 -55.64
N PRO N 438 2.83 79.83 -56.11
CA PRO N 438 2.47 78.57 -56.79
C PRO N 438 3.30 78.29 -58.02
N LEU N 439 3.54 79.31 -58.84
CA LEU N 439 4.37 79.14 -60.03
C LEU N 439 5.80 78.83 -59.62
N ALA N 440 6.32 79.59 -58.66
CA ALA N 440 7.68 79.41 -58.17
C ALA N 440 7.93 77.98 -57.71
N VAL N 441 7.08 77.45 -56.84
CA VAL N 441 7.26 76.08 -56.37
C VAL N 441 7.10 75.08 -57.52
N SER N 442 6.13 75.30 -58.39
CA SER N 442 5.90 74.39 -59.51
C SER N 442 7.10 74.37 -60.45
N ILE N 443 7.64 75.55 -60.75
CA ILE N 443 8.81 75.70 -61.61
C ILE N 443 10.04 75.05 -60.97
N VAL N 444 10.30 75.35 -59.71
CA VAL N 444 11.43 74.79 -58.99
C VAL N 444 11.36 73.26 -58.95
N ALA N 445 10.20 72.71 -58.65
CA ALA N 445 10.07 71.25 -58.61
C ALA N 445 10.43 70.60 -59.94
N ALA N 446 9.95 71.15 -61.04
CA ALA N 446 10.24 70.60 -62.37
C ALA N 446 11.74 70.61 -62.64
N ILE N 447 12.39 71.73 -62.36
CA ILE N 447 13.83 71.88 -62.55
C ILE N 447 14.57 70.91 -61.64
N LEU N 448 14.15 70.85 -60.39
CA LEU N 448 14.78 70.02 -59.39
C LEU N 448 14.72 68.55 -59.76
N VAL N 449 13.63 68.10 -60.38
CA VAL N 449 13.54 66.69 -60.79
C VAL N 449 14.22 66.42 -62.13
N LEU N 450 14.07 67.28 -63.12
CA LEU N 450 14.72 67.05 -64.42
C LEU N 450 16.23 67.18 -64.37
N LEU N 451 16.74 68.07 -63.56
CA LEU N 451 18.18 68.32 -63.44
C LEU N 451 18.95 67.03 -63.19
N PRO N 452 18.70 66.31 -62.10
CA PRO N 452 19.42 65.04 -61.89
C PRO N 452 19.02 63.97 -62.90
N ALA N 453 17.79 63.97 -63.37
CA ALA N 453 17.34 62.99 -64.35
C ALA N 453 18.17 63.10 -65.62
N ALA N 454 18.40 64.32 -66.08
CA ALA N 454 19.23 64.55 -67.26
C ALA N 454 20.66 64.08 -67.01
N GLY N 455 21.16 64.32 -65.80
CA GLY N 455 22.49 63.86 -65.44
C GLY N 455 22.59 62.35 -65.55
N MET N 456 21.57 61.64 -65.07
CA MET N 456 21.54 60.19 -65.17
C MET N 456 21.42 59.70 -66.61
N ALA N 457 20.54 60.33 -67.39
CA ALA N 457 20.33 59.92 -68.78
C ALA N 457 21.61 59.95 -69.61
N ALA N 458 22.48 60.95 -69.42
CA ALA N 458 23.72 61.02 -70.18
C ALA N 458 24.60 59.79 -69.97
N ALA N 459 24.60 59.22 -68.78
CA ALA N 459 25.37 58.02 -68.50
C ALA N 459 24.57 56.75 -68.80
N ALA N 460 23.27 56.76 -68.55
CA ALA N 460 22.46 55.56 -68.81
C ALA N 460 22.31 55.27 -70.29
N HIS N 461 22.18 56.31 -71.13
CA HIS N 461 22.01 56.09 -72.56
C HIS N 461 23.32 55.62 -73.21
N GLN O 19 104.21 0.60 -4.20
CA GLN O 19 103.15 1.29 -3.48
C GLN O 19 103.31 2.81 -3.65
N ALA O 20 102.21 3.52 -3.80
CA ALA O 20 102.24 4.97 -4.00
C ALA O 20 100.89 5.55 -3.60
N VAL O 21 100.83 6.89 -3.54
CA VAL O 21 99.60 7.60 -3.21
C VAL O 21 99.53 8.90 -4.00
N VAL O 22 98.30 9.37 -4.25
CA VAL O 22 98.01 10.60 -4.97
C VAL O 22 97.17 11.51 -4.09
N VAL O 23 97.58 12.78 -3.96
CA VAL O 23 96.92 13.74 -3.09
C VAL O 23 96.85 15.11 -3.75
N GLY O 24 95.87 15.91 -3.29
CA GLY O 24 95.66 17.27 -3.71
C GLY O 24 96.47 18.22 -2.83
N VAL O 25 97.53 18.79 -3.38
CA VAL O 25 98.40 19.71 -2.66
C VAL O 25 98.00 21.15 -2.95
N MET O 26 97.66 21.87 -1.89
CA MET O 26 97.27 23.27 -1.96
C MET O 26 98.52 24.15 -1.98
N ALA O 27 98.50 25.17 -2.82
CA ALA O 27 99.65 26.07 -2.95
C ALA O 27 99.20 27.53 -2.94
N GLY O 28 100.02 28.40 -3.51
CA GLY O 28 99.76 29.83 -3.55
C GLY O 28 98.34 30.29 -3.83
N GLU O 29 97.86 31.17 -2.96
CA GLU O 29 96.52 31.72 -2.98
C GLU O 29 95.45 30.62 -2.95
N GLY O 30 95.86 29.41 -2.56
CA GLY O 30 94.97 28.28 -2.48
C GLY O 30 94.77 27.49 -3.77
N VAL O 31 95.67 27.64 -4.75
CA VAL O 31 95.52 26.90 -6.00
C VAL O 31 95.68 25.41 -5.74
N GLN O 32 94.72 24.61 -6.22
CA GLN O 32 94.72 23.16 -6.03
C GLN O 32 95.59 22.45 -7.07
N ILE O 33 96.53 21.61 -6.59
CA ILE O 33 97.43 20.85 -7.46
C ILE O 33 97.43 19.39 -7.03
N GLY O 34 97.52 18.50 -8.01
CA GLY O 34 97.58 17.05 -7.78
C GLY O 34 98.99 16.52 -7.97
N VAL O 35 99.43 15.69 -7.01
CA VAL O 35 100.77 15.10 -7.03
C VAL O 35 100.76 13.65 -6.54
N LEU O 36 101.71 12.86 -7.05
CA LEU O 36 101.90 11.46 -6.70
C LEU O 36 103.14 11.33 -5.82
N LEU O 37 102.98 10.67 -4.67
CA LEU O 37 104.03 10.50 -3.68
C LEU O 37 104.22 9.02 -3.31
N ASP O 38 105.43 8.70 -2.83
CA ASP O 38 105.70 7.34 -2.39
C ASP O 38 104.96 7.04 -1.10
N ALA O 39 104.64 5.76 -0.89
CA ALA O 39 103.91 5.35 0.30
C ALA O 39 104.78 5.20 1.55
N ASN O 40 106.00 4.68 1.42
CA ASN O 40 106.86 4.42 2.57
C ASN O 40 107.95 5.45 2.86
N ALA O 41 108.43 6.19 1.87
CA ALA O 41 109.45 7.19 2.15
C ALA O 41 108.96 8.28 3.11
N PRO O 42 109.81 8.73 4.03
CA PRO O 42 109.41 9.78 4.97
C PRO O 42 109.29 11.14 4.30
N VAL O 43 108.48 12.00 4.89
CA VAL O 43 108.20 13.33 4.36
C VAL O 43 109.47 14.15 4.12
N SER O 44 110.45 14.04 5.01
CA SER O 44 111.69 14.81 4.87
C SER O 44 112.43 14.55 3.55
N VAL O 45 112.42 13.32 3.04
CA VAL O 45 113.10 13.03 1.77
C VAL O 45 112.34 13.40 0.51
N MET O 46 111.05 13.75 0.62
CA MET O 46 110.22 14.13 -0.51
C MET O 46 109.82 15.60 -0.55
N THR O 47 109.86 16.31 0.58
CA THR O 47 109.45 17.71 0.63
C THR O 47 110.35 18.61 -0.21
N ASP O 48 111.61 18.22 -0.43
CA ASP O 48 112.52 19.01 -1.25
C ASP O 48 112.19 18.92 -2.74
N PRO O 49 112.19 17.75 -3.36
CA PRO O 49 111.83 17.67 -4.79
C PRO O 49 110.40 18.11 -5.06
N LEU O 50 109.50 17.85 -4.13
CA LEU O 50 108.10 18.26 -4.29
C LEU O 50 108.01 19.79 -4.39
N LEU O 51 108.78 20.51 -3.58
CA LEU O 51 108.78 21.97 -3.64
C LEU O 51 109.29 22.47 -4.99
N LYS O 52 110.28 21.78 -5.56
CA LYS O 52 110.82 22.15 -6.87
C LYS O 52 109.77 21.98 -7.98
N VAL O 53 109.12 20.82 -8.06
CA VAL O 53 108.10 20.59 -9.09
C VAL O 53 106.90 21.50 -8.89
N VAL O 54 106.52 21.78 -7.64
CA VAL O 54 105.40 22.69 -7.38
C VAL O 54 105.74 24.10 -7.86
N ASN O 55 106.94 24.58 -7.55
CA ASN O 55 107.36 25.90 -7.98
C ASN O 55 107.46 25.94 -9.51
N SER O 56 107.97 24.88 -10.11
CA SER O 56 108.04 24.76 -11.56
C SER O 56 106.64 24.83 -12.17
N ARG O 57 105.69 24.09 -11.62
CA ARG O 57 104.32 24.07 -12.13
C ARG O 57 103.66 25.44 -11.95
N LEU O 58 103.90 26.09 -10.82
CA LEU O 58 103.33 27.41 -10.58
C LEU O 58 103.81 28.38 -11.65
N ARG O 59 105.09 28.35 -11.99
CA ARG O 59 105.61 29.21 -13.05
C ARG O 59 104.94 28.93 -14.39
N GLU O 60 104.63 27.66 -14.68
CA GLU O 60 103.93 27.39 -15.94
C GLU O 60 102.52 27.97 -15.91
N LEU O 61 101.91 28.02 -14.74
CA LEU O 61 100.59 28.64 -14.60
C LEU O 61 100.71 30.16 -14.57
N GLY O 62 101.92 30.68 -14.41
CA GLY O 62 102.18 32.10 -14.30
C GLY O 62 102.02 32.63 -12.90
N GLU O 63 102.00 31.74 -11.91
CA GLU O 63 101.87 32.10 -10.51
C GLU O 63 103.26 32.19 -9.87
N ALA O 64 103.39 33.05 -8.87
CA ALA O 64 104.66 33.19 -8.18
C ALA O 64 104.99 31.92 -7.38
N PRO O 65 106.24 31.47 -7.40
CA PRO O 65 106.63 30.28 -6.62
C PRO O 65 106.56 30.53 -5.13
N LEU O 66 106.48 29.44 -4.37
CA LEU O 66 106.45 29.51 -2.91
C LEU O 66 107.81 30.00 -2.42
N GLU O 67 107.81 31.08 -1.63
CA GLU O 67 109.02 31.68 -1.11
C GLU O 67 108.71 32.36 0.22
N ALA O 68 109.71 32.42 1.10
CA ALA O 68 109.54 33.03 2.41
C ALA O 68 110.88 33.53 2.92
N THR O 69 110.82 34.42 3.90
CA THR O 69 111.98 35.04 4.54
C THR O 69 111.95 34.86 6.04
N GLY O 70 113.13 34.74 6.63
CA GLY O 70 113.29 34.55 8.05
C GLY O 70 113.74 33.14 8.41
N ARG O 71 114.09 32.99 9.68
CA ARG O 71 114.53 31.70 10.19
C ARG O 71 113.37 30.72 10.25
N GLY O 72 113.57 29.54 9.67
CA GLY O 72 112.53 28.53 9.63
C GLY O 72 112.84 27.46 8.61
N ARG O 73 111.78 26.78 8.17
CA ARG O 73 111.91 25.69 7.20
C ARG O 73 110.59 25.46 6.47
N TRP O 74 110.67 24.70 5.39
CA TRP O 74 109.53 24.32 4.56
C TRP O 74 109.09 22.90 4.90
N ALA O 75 107.78 22.71 5.09
CA ALA O 75 107.22 21.40 5.41
C ALA O 75 105.75 21.36 5.04
N LEU O 76 105.20 20.15 5.05
CA LEU O 76 103.79 19.88 4.77
C LEU O 76 102.97 20.05 6.04
N CYS O 77 101.77 20.60 5.88
CA CYS O 77 100.86 20.84 6.98
C CYS O 77 99.43 20.48 6.61
N LEU O 78 98.64 20.22 7.65
CA LEU O 78 97.22 19.92 7.57
C LEU O 78 96.43 21.23 7.48
N VAL O 79 95.12 21.09 7.25
CA VAL O 79 94.25 22.25 7.10
C VAL O 79 94.28 23.15 8.32
N ASP O 80 94.62 22.62 9.50
CA ASP O 80 94.65 23.43 10.70
C ASP O 80 96.04 24.01 10.98
N GLY O 81 97.00 23.76 10.10
CA GLY O 81 98.36 24.24 10.26
C GLY O 81 99.31 23.30 10.96
N ALA O 82 98.81 22.18 11.48
CA ALA O 82 99.69 21.23 12.17
C ALA O 82 100.63 20.55 11.18
N PRO O 83 101.95 20.59 11.41
CA PRO O 83 102.88 19.94 10.48
C PRO O 83 102.91 18.42 10.64
N LEU O 84 103.18 17.76 9.51
CA LEU O 84 103.32 16.30 9.49
C LEU O 84 104.69 15.86 10.03
N ARG O 85 104.77 14.59 10.43
CA ARG O 85 106.04 14.04 10.94
C ARG O 85 107.06 13.90 9.82
N ALA O 86 108.27 14.41 10.06
CA ALA O 86 109.34 14.38 9.06
C ALA O 86 110.00 13.02 8.86
N THR O 87 109.93 12.12 9.85
CA THR O 87 110.59 10.82 9.77
C THR O 87 109.67 9.62 9.60
N GLN O 88 108.37 9.82 9.36
CA GLN O 88 107.47 8.68 9.22
C GLN O 88 106.76 8.67 7.88
N SER O 89 106.47 7.45 7.45
CA SER O 89 105.82 7.15 6.18
C SER O 89 104.41 7.72 6.10
N LEU O 90 104.01 8.06 4.87
CA LEU O 90 102.65 8.47 4.61
C LEU O 90 101.70 7.33 4.86
N THR O 91 102.21 6.10 4.85
CA THR O 91 101.43 4.91 5.16
C THR O 91 101.29 4.73 6.67
N GLU O 92 102.22 5.31 7.43
CA GLU O 92 102.16 5.28 8.87
C GLU O 92 101.16 6.32 9.32
N GLN O 93 101.19 7.47 8.68
CA GLN O 93 100.21 8.51 8.90
C GLN O 93 98.92 8.07 8.19
N ASP O 94 97.80 8.70 8.54
CA ASP O 94 96.50 8.37 7.96
C ASP O 94 96.23 9.12 6.65
N VAL O 95 97.03 8.78 5.63
CA VAL O 95 96.93 9.36 4.30
C VAL O 95 96.55 8.28 3.30
N TYR O 96 95.57 8.60 2.43
CA TYR O 96 95.05 7.72 1.39
C TYR O 96 94.74 8.57 0.15
N ASP O 97 94.50 7.88 -0.96
CA ASP O 97 94.21 8.55 -2.23
C ASP O 97 93.05 9.55 -2.09
N GLY O 98 93.29 10.75 -2.64
CA GLY O 98 92.33 11.84 -2.65
C GLY O 98 92.40 12.80 -1.47
N ASP O 99 93.29 12.57 -0.51
CA ASP O 99 93.45 13.49 0.61
C ASP O 99 94.06 14.81 0.15
N ARG O 100 93.89 15.86 0.96
CA ARG O 100 94.40 17.20 0.69
C ARG O 100 95.42 17.64 1.74
N LEU O 101 96.51 18.28 1.29
CA LEU O 101 97.59 18.74 2.16
C LEU O 101 98.08 20.11 1.72
N TRP O 102 98.73 20.82 2.66
CA TRP O 102 99.28 22.15 2.42
C TRP O 102 100.80 22.17 2.62
N ILE O 103 101.47 23.01 1.83
CA ILE O 103 102.91 23.25 1.96
C ILE O 103 103.06 24.60 2.67
N ARG O 104 103.84 24.62 3.75
CA ARG O 104 103.96 25.83 4.56
C ARG O 104 105.38 26.05 5.09
N PHE O 105 105.68 27.32 5.37
CA PHE O 105 106.95 27.74 5.96
C PHE O 105 106.78 27.83 7.47
N ILE O 106 107.55 27.02 8.19
CA ILE O 106 107.50 26.98 9.66
C ILE O 106 108.55 27.92 10.22
N ALA O 107 108.15 29.16 10.51
CA ALA O 107 109.06 30.13 11.10
C ALA O 107 109.27 29.80 12.58
N ASP O 108 110.44 30.20 13.10
CA ASP O 108 110.77 29.94 14.51
C ASP O 108 109.77 30.58 15.48
N THR O 109 109.17 31.71 15.09
CA THR O 109 108.17 32.45 15.88
C THR O 109 106.84 31.72 16.07
N GLU O 110 106.60 30.63 15.35
CA GLU O 110 105.33 29.88 15.42
C GLU O 110 104.94 29.42 16.83
N ARG O 111 103.67 29.69 17.19
CA ARG O 111 103.06 29.26 18.45
C ARG O 111 101.66 28.72 18.17
N ARG O 112 101.31 27.56 18.75
CA ARG O 112 99.99 26.94 18.58
C ARG O 112 99.34 26.62 19.93
N SER O 113 98.02 26.90 20.02
CA SER O 113 97.26 26.72 21.26
C SER O 113 97.23 25.28 21.80
N GLN O 114 96.84 24.32 20.96
CA GLN O 114 96.79 22.91 21.35
C GLN O 114 95.91 22.61 22.59
N VAL O 115 94.96 23.49 22.95
CA VAL O 115 94.10 23.31 24.12
C VAL O 115 92.61 23.35 23.74
N ILE O 116 91.79 22.57 24.48
CA ILE O 116 90.34 22.43 24.28
C ILE O 116 89.53 22.70 25.54
N GLU O 117 88.27 23.16 25.35
CA GLU O 117 87.33 23.48 26.43
C GLU O 117 85.88 23.09 26.07
N HIS O 118 85.04 22.83 27.09
CA HIS O 118 83.62 22.44 26.93
C HIS O 118 82.57 23.45 27.41
N ILE O 119 81.64 23.81 26.52
CA ILE O 119 80.46 24.65 26.83
C ILE O 119 79.40 24.32 25.78
N SER O 120 78.14 24.17 26.21
CA SER O 120 77.08 23.76 25.29
C SER O 120 76.87 24.71 24.12
N THR O 121 77.05 24.17 22.92
CA THR O 121 76.94 24.91 21.66
C THR O 121 75.56 25.52 21.48
N ALA O 122 74.53 24.81 21.95
CA ALA O 122 73.16 25.28 21.86
C ALA O 122 72.92 26.57 22.64
N VAL O 123 73.68 26.77 23.69
CA VAL O 123 73.53 27.98 24.48
C VAL O 123 74.39 29.09 23.92
N ALA O 124 75.60 28.76 23.49
CA ALA O 124 76.48 29.75 22.92
C ALA O 124 75.84 30.42 21.72
N SER O 125 75.22 29.62 20.86
CA SER O 125 74.53 30.15 19.68
C SER O 125 73.34 31.04 20.04
N ASP O 126 72.56 30.66 21.05
CA ASP O 126 71.42 31.49 21.47
C ASP O 126 71.86 32.79 22.11
N LEU O 127 72.82 32.73 23.01
CA LEU O 127 73.34 33.90 23.72
C LEU O 127 73.91 34.97 22.80
N SER O 128 74.30 34.61 21.59
CA SER O 128 74.84 35.58 20.63
C SER O 128 73.80 36.62 20.23
N LYS O 129 72.51 36.28 20.29
CA LYS O 129 71.43 37.17 19.93
C LYS O 129 70.53 37.51 21.11
N ARG O 130 70.46 36.65 22.12
CA ARG O 130 69.57 36.89 23.25
C ARG O 130 69.82 38.26 23.88
N PHE O 131 71.07 38.68 23.94
CA PHE O 131 71.35 40.03 24.42
C PHE O 131 72.78 40.41 24.03
N ALA O 132 72.88 41.56 23.38
CA ALA O 132 74.11 42.16 22.87
C ALA O 132 73.83 43.63 22.52
N ARG O 133 74.85 44.27 21.99
CA ARG O 133 74.81 45.67 21.57
C ARG O 133 73.81 45.96 20.44
N ILE O 134 73.50 47.25 20.30
CA ILE O 134 72.56 47.79 19.31
C ILE O 134 73.09 47.65 17.89
N ASP O 135 72.15 47.63 16.94
CA ASP O 135 72.38 47.52 15.51
C ASP O 135 71.83 48.70 14.73
N PRO O 136 72.48 49.07 13.61
CA PRO O 136 72.04 50.21 12.80
C PRO O 136 70.62 50.10 12.22
N ILE O 137 70.20 48.89 11.86
CA ILE O 137 68.86 48.67 11.32
C ILE O 137 67.81 49.05 12.34
N VAL O 138 68.02 48.67 13.59
CA VAL O 138 67.11 49.00 14.69
C VAL O 138 67.09 50.50 14.90
N ALA O 139 68.25 51.14 14.85
CA ALA O 139 68.32 52.60 14.99
C ALA O 139 67.49 53.26 13.90
N VAL O 140 67.53 52.73 12.69
CA VAL O 140 66.73 53.27 11.60
C VAL O 140 65.25 53.14 11.90
N GLN O 141 64.82 51.96 12.34
CA GLN O 141 63.42 51.77 12.67
C GLN O 141 62.99 52.71 13.80
N VAL O 142 63.80 52.85 14.84
CA VAL O 142 63.47 53.75 15.94
C VAL O 142 63.43 55.18 15.40
N GLY O 143 64.38 55.53 14.56
CA GLY O 143 64.44 56.86 13.97
C GLY O 143 63.17 57.17 13.21
N ALA O 144 62.75 56.22 12.38
CA ALA O 144 61.51 56.36 11.63
C ALA O 144 60.35 56.59 12.59
N SER O 145 60.29 55.82 13.67
CA SER O 145 59.23 55.96 14.67
C SER O 145 59.27 57.32 15.35
N MET O 146 60.45 57.83 15.62
CA MET O 146 60.58 59.14 16.25
C MET O 146 60.07 60.25 15.32
N VAL O 147 60.53 60.27 14.07
CA VAL O 147 60.08 61.30 13.13
C VAL O 147 58.59 61.15 12.89
N ALA O 148 58.11 59.93 12.84
CA ALA O 148 56.68 59.70 12.68
C ALA O 148 55.94 60.31 13.86
N THR O 149 56.47 60.13 15.06
CA THR O 149 55.87 60.68 16.27
C THR O 149 55.83 62.19 16.20
N GLY O 150 56.87 62.78 15.63
CA GLY O 150 56.93 64.22 15.48
C GLY O 150 55.80 64.81 14.65
N VAL O 151 55.58 64.29 13.46
CA VAL O 151 54.53 64.85 12.61
C VAL O 151 53.17 64.71 13.24
N VAL O 152 52.89 63.60 13.89
CA VAL O 152 51.57 63.50 14.51
C VAL O 152 51.44 64.53 15.62
N LEU O 153 52.48 64.73 16.40
CA LEU O 153 52.41 65.74 17.45
C LEU O 153 52.22 67.11 16.83
N ALA O 154 52.90 67.35 15.72
CA ALA O 154 52.76 68.64 15.04
C ALA O 154 51.32 68.86 14.62
N THR O 155 50.70 67.84 14.05
CA THR O 155 49.31 67.98 13.66
C THR O 155 48.41 68.21 14.88
N GLY O 156 48.80 67.69 16.04
CA GLY O 156 47.99 67.89 17.24
C GLY O 156 47.85 69.35 17.61
N VAL O 157 48.97 70.04 17.71
CA VAL O 157 48.95 71.46 18.02
C VAL O 157 48.35 72.25 16.86
N LEU O 158 48.65 71.86 15.63
CA LEU O 158 48.10 72.59 14.49
C LEU O 158 46.59 72.47 14.46
N GLY O 159 46.06 71.31 14.83
CA GLY O 159 44.62 71.17 14.83
C GLY O 159 43.99 71.94 15.96
N TRP O 160 44.57 71.84 17.15
CA TRP O 160 44.04 72.57 18.30
C TRP O 160 43.77 74.03 17.97
N TRP O 161 44.62 74.63 17.12
CA TRP O 161 44.41 76.01 16.71
C TRP O 161 43.14 76.18 15.90
N ARG O 162 42.91 75.30 14.94
CA ARG O 162 41.71 75.41 14.11
C ARG O 162 40.44 75.32 14.95
N TRP O 163 40.49 74.63 16.09
CA TRP O 163 39.31 74.55 16.93
C TRP O 163 39.03 75.88 17.61
N HIS O 164 40.00 76.79 17.63
CA HIS O 164 39.86 78.10 18.23
C HIS O 164 39.90 79.28 17.27
N HIS O 165 40.40 79.11 16.03
CA HIS O 165 40.47 80.24 15.11
C HIS O 165 40.02 79.85 13.71
N ASN O 166 39.46 80.84 13.00
CA ASN O 166 38.92 80.67 11.65
C ASN O 166 39.92 80.98 10.54
N THR O 167 41.20 81.03 10.83
CA THR O 167 42.21 81.34 9.84
C THR O 167 42.58 80.10 9.02
N TRP O 168 43.09 80.37 7.81
CA TRP O 168 43.53 79.38 6.82
C TRP O 168 44.86 78.69 7.15
N LEU O 169 45.54 79.15 8.20
CA LEU O 169 46.87 78.65 8.57
C LEU O 169 47.01 77.13 8.62
N THR O 170 46.16 76.47 9.41
CA THR O 170 46.26 75.02 9.60
C THR O 170 46.21 74.22 8.29
N THR O 171 45.30 74.54 7.39
CA THR O 171 45.22 73.77 6.15
C THR O 171 46.42 74.02 5.23
N ILE O 172 46.74 75.28 5.00
CA ILE O 172 47.85 75.69 4.12
C ILE O 172 49.19 75.15 4.62
N TYR O 173 49.44 75.32 5.91
CA TYR O 173 50.70 74.91 6.53
C TYR O 173 50.84 73.38 6.65
N THR O 174 49.76 72.65 6.88
CA THR O 174 49.86 71.19 7.03
C THR O 174 49.94 70.45 5.68
N ALA O 175 49.23 70.93 4.68
CA ALA O 175 49.17 70.29 3.36
C ALA O 175 50.57 70.03 2.78
N VAL O 176 51.45 71.01 2.88
CA VAL O 176 52.82 70.89 2.39
C VAL O 176 53.60 69.87 3.20
N ILE O 177 53.39 69.81 4.51
CA ILE O 177 54.09 68.83 5.33
C ILE O 177 53.73 67.44 4.83
N GLY O 178 52.44 67.25 4.59
CA GLY O 178 51.93 65.98 4.08
C GLY O 178 52.63 65.54 2.81
N VAL O 179 52.67 66.42 1.83
CA VAL O 179 53.30 66.13 0.54
C VAL O 179 54.77 65.74 0.74
N LEU O 180 55.47 66.41 1.65
CA LEU O 180 56.88 66.07 1.86
C LEU O 180 57.01 64.68 2.45
N VAL O 181 56.30 64.40 3.53
CA VAL O 181 56.40 63.10 4.17
C VAL O 181 56.00 62.00 3.17
N LEU O 182 54.98 62.28 2.38
CA LEU O 182 54.52 61.33 1.38
C LEU O 182 55.60 61.06 0.35
N ALA O 183 56.22 62.10 -0.17
CA ALA O 183 57.27 61.93 -1.17
C ALA O 183 58.42 61.13 -0.58
N VAL O 184 58.80 61.45 0.66
CA VAL O 184 59.86 60.71 1.33
C VAL O 184 59.48 59.24 1.41
N ALA O 185 58.24 58.99 1.82
CA ALA O 185 57.74 57.62 1.91
C ALA O 185 57.71 56.96 0.54
N MET O 186 57.27 57.72 -0.47
CA MET O 186 57.19 57.19 -1.83
C MET O 186 58.54 56.68 -2.32
N LEU O 187 59.61 57.39 -2.03
CA LEU O 187 60.95 56.96 -2.44
C LEU O 187 61.39 55.70 -1.69
N LEU O 188 61.16 55.66 -0.39
CA LEU O 188 61.54 54.49 0.41
C LEU O 188 60.88 53.22 -0.09
N LEU O 189 59.63 53.30 -0.52
CA LEU O 189 58.96 52.11 -1.06
C LEU O 189 59.74 51.53 -2.22
N MET O 190 60.38 52.37 -3.02
CA MET O 190 61.16 51.88 -4.15
C MET O 190 62.50 51.30 -3.74
N ARG O 191 63.20 51.91 -2.79
CA ARG O 191 64.54 51.43 -2.46
C ARG O 191 64.52 50.18 -1.58
N ALA O 192 63.48 49.98 -0.79
CA ALA O 192 63.39 48.82 0.08
C ALA O 192 63.40 47.50 -0.72
N LYS O 193 64.06 46.50 -0.13
CA LYS O 193 64.21 45.13 -0.64
C LYS O 193 63.81 44.09 0.42
N THR O 194 64.35 44.23 1.62
CA THR O 194 64.08 43.31 2.70
C THR O 194 62.85 43.73 3.52
N ASP O 195 62.41 42.80 4.36
CA ASP O 195 61.30 43.03 5.27
C ASP O 195 61.62 44.15 6.24
N ALA O 196 62.85 44.21 6.70
CA ALA O 196 63.26 45.25 7.62
C ALA O 196 63.09 46.59 6.93
N ASP O 197 63.35 46.63 5.63
CA ASP O 197 63.18 47.83 4.84
C ASP O 197 61.70 48.14 4.65
N ARG O 198 60.89 47.13 4.32
CA ARG O 198 59.46 47.39 4.15
C ARG O 198 58.82 47.94 5.43
N ARG O 199 59.26 47.48 6.60
CA ARG O 199 58.71 48.04 7.84
C ARG O 199 58.85 49.57 7.86
N VAL O 200 60.04 50.07 7.54
CA VAL O 200 60.28 51.51 7.55
C VAL O 200 59.35 52.20 6.58
N ALA O 201 59.28 51.71 5.36
CA ALA O 201 58.44 52.32 4.34
C ALA O 201 56.98 52.33 4.78
N ASP O 202 56.52 51.25 5.37
CA ASP O 202 55.13 51.21 5.82
C ASP O 202 54.87 52.24 6.91
N ILE O 203 55.71 52.30 7.94
CA ILE O 203 55.48 53.26 9.02
C ILE O 203 55.42 54.66 8.45
N MET O 204 56.34 54.98 7.55
CA MET O 204 56.38 56.30 6.96
C MET O 204 55.10 56.57 6.18
N LEU O 205 54.67 55.62 5.37
CA LEU O 205 53.45 55.80 4.60
C LEU O 205 52.25 55.99 5.53
N MET O 206 52.09 55.12 6.52
CA MET O 206 50.96 55.22 7.45
C MET O 206 50.91 56.57 8.14
N SER O 207 52.06 57.10 8.51
CA SER O 207 52.13 58.39 9.18
C SER O 207 51.71 59.54 8.27
N ALA O 208 51.90 59.40 6.96
CA ALA O 208 51.55 60.48 6.06
C ALA O 208 50.05 60.74 5.91
N ILE O 209 49.19 59.76 6.17
CA ILE O 209 47.75 59.95 6.00
C ILE O 209 47.15 60.96 6.98
N MET O 210 47.62 61.03 8.22
CA MET O 210 47.04 61.95 9.19
C MET O 210 47.16 63.42 8.82
N PRO O 211 48.32 63.95 8.50
CA PRO O 211 48.39 65.37 8.14
C PRO O 211 47.51 65.66 6.95
N VAL O 212 47.54 64.80 5.94
CA VAL O 212 46.73 64.98 4.76
C VAL O 212 45.26 65.03 5.14
N THR O 213 44.85 64.17 6.08
CA THR O 213 43.47 64.14 6.54
C THR O 213 43.06 65.43 7.25
N VAL O 214 43.79 65.83 8.29
CA VAL O 214 43.41 67.03 9.02
C VAL O 214 43.50 68.26 8.14
N ALA O 215 44.42 68.25 7.18
CA ALA O 215 44.55 69.38 6.28
C ALA O 215 43.27 69.57 5.49
N ALA O 216 42.66 68.47 5.06
CA ALA O 216 41.40 68.53 4.34
C ALA O 216 40.24 68.86 5.28
N ALA O 217 40.22 68.28 6.46
CA ALA O 217 39.13 68.50 7.41
C ALA O 217 39.02 69.97 7.85
N ALA O 218 40.15 70.67 7.99
CA ALA O 218 40.18 72.07 8.39
C ALA O 218 39.87 73.07 7.27
N ALA O 219 39.86 72.66 6.02
CA ALA O 219 39.67 73.59 4.91
C ALA O 219 38.39 74.42 4.93
N PRO O 220 37.21 73.92 5.26
CA PRO O 220 36.00 74.77 5.23
C PRO O 220 36.03 75.91 6.22
N PRO O 221 35.58 77.10 5.79
CA PRO O 221 35.55 78.29 6.63
C PRO O 221 34.43 78.30 7.67
N GLY O 222 34.50 79.29 8.55
CA GLY O 222 33.54 79.46 9.62
C GLY O 222 33.75 78.56 10.81
N PRO O 223 32.83 78.62 11.77
CA PRO O 223 32.94 77.78 12.95
C PRO O 223 32.95 76.30 12.59
N VAL O 224 33.72 75.54 13.36
CA VAL O 224 33.81 74.10 13.16
C VAL O 224 32.50 73.41 13.53
N GLY O 225 32.10 72.44 12.72
CA GLY O 225 30.86 71.73 12.98
C GLY O 225 30.59 70.54 12.08
N SER O 226 29.33 70.37 11.72
CA SER O 226 28.92 69.25 10.88
C SER O 226 29.64 69.17 9.54
N PRO O 227 29.70 70.23 8.73
CA PRO O 227 30.34 70.15 7.41
C PRO O 227 31.81 69.76 7.39
N GLN O 228 32.58 70.07 8.43
CA GLN O 228 33.99 69.70 8.45
C GLN O 228 34.20 68.19 8.53
N ALA O 229 33.37 67.50 9.29
CA ALA O 229 33.47 66.05 9.42
C ALA O 229 33.20 65.33 8.09
N VAL O 230 32.30 65.88 7.27
CA VAL O 230 31.93 65.26 6.00
C VAL O 230 33.11 65.03 5.08
N LEU O 231 33.86 66.06 4.73
CA LEU O 231 34.99 65.80 3.83
C LEU O 231 36.21 65.24 4.55
N GLY O 232 36.37 65.50 5.83
CA GLY O 232 37.50 65.00 6.60
C GLY O 232 37.56 63.48 6.65
N PHE O 233 36.50 62.86 7.15
CA PHE O 233 36.43 61.41 7.21
C PHE O 233 36.35 60.83 5.81
N GLY O 234 35.78 61.58 4.87
CA GLY O 234 35.69 61.11 3.49
C GLY O 234 37.06 60.86 2.91
N VAL O 235 37.95 61.85 2.97
CA VAL O 235 39.28 61.68 2.41
C VAL O 235 40.00 60.59 3.17
N LEU O 236 39.76 60.51 4.47
CA LEU O 236 40.42 59.48 5.27
C LEU O 236 40.01 58.11 4.74
N THR O 237 38.73 57.95 4.39
CA THR O 237 38.24 56.69 3.89
C THR O 237 38.93 56.33 2.58
N VAL O 238 38.96 57.27 1.66
CA VAL O 238 39.57 57.04 0.37
C VAL O 238 41.05 56.77 0.51
N ALA O 239 41.72 57.57 1.31
CA ALA O 239 43.16 57.40 1.47
C ALA O 239 43.50 56.01 1.95
N ALA O 240 42.84 55.55 2.99
CA ALA O 240 43.15 54.23 3.54
C ALA O 240 42.87 53.14 2.52
N ALA O 241 41.71 53.20 1.88
CA ALA O 241 41.33 52.21 0.89
C ALA O 241 42.31 52.19 -0.28
N LEU O 242 42.76 53.36 -0.70
CA LEU O 242 43.68 53.46 -1.82
C LEU O 242 45.04 52.85 -1.49
N ALA O 243 45.58 53.18 -0.32
CA ALA O 243 46.87 52.66 0.10
C ALA O 243 46.84 51.15 0.21
N LEU O 244 45.74 50.61 0.69
CA LEU O 244 45.62 49.17 0.89
C LEU O 244 45.88 48.38 -0.38
N ARG O 245 45.15 48.69 -1.45
CA ARG O 245 45.29 47.90 -2.68
C ARG O 245 46.71 47.87 -3.19
N PHE O 246 47.34 49.03 -3.30
CA PHE O 246 48.67 49.08 -3.85
C PHE O 246 49.76 48.69 -2.87
N THR O 247 49.49 48.71 -1.56
CA THR O 247 50.55 48.29 -0.66
C THR O 247 50.48 46.81 -0.34
N GLY O 248 49.28 46.24 -0.29
CA GLY O 248 49.14 44.82 -0.04
C GLY O 248 49.76 44.34 1.26
N ARG O 249 49.70 45.15 2.30
CA ARG O 249 50.31 44.82 3.59
C ARG O 249 49.55 45.60 4.65
N ARG O 250 49.65 45.15 5.90
CA ARG O 250 48.98 45.82 7.02
C ARG O 250 47.45 45.92 6.78
N LEU O 251 46.90 44.87 6.17
CA LEU O 251 45.47 44.82 5.81
C LEU O 251 44.54 45.17 6.96
N GLY O 252 44.85 44.71 8.16
CA GLY O 252 44.03 44.90 9.33
C GLY O 252 43.74 46.32 9.77
N ILE O 253 44.80 47.00 10.17
CA ILE O 253 44.68 48.36 10.69
C ILE O 253 44.00 49.25 9.67
N TYR O 254 44.38 49.13 8.41
CA TYR O 254 43.79 49.96 7.39
C TYR O 254 42.31 49.68 7.27
N THR O 255 41.92 48.43 7.46
CA THR O 255 40.52 48.08 7.34
C THR O 255 39.73 48.75 8.44
N THR O 256 40.32 48.84 9.62
CA THR O 256 39.66 49.47 10.75
C THR O 256 39.31 50.92 10.43
N ILE O 257 40.26 51.62 9.82
CA ILE O 257 40.07 53.02 9.48
C ILE O 257 38.94 53.20 8.48
N VAL O 258 38.80 52.31 7.51
CA VAL O 258 37.76 52.45 6.49
C VAL O 258 36.36 52.34 7.09
N ILE O 259 36.18 51.43 8.02
CA ILE O 259 34.86 51.22 8.61
C ILE O 259 34.45 52.41 9.49
N ILE O 260 35.30 52.81 10.42
CA ILE O 260 34.92 53.93 11.28
C ILE O 260 34.71 55.17 10.43
N GLY O 261 35.46 55.32 9.37
CA GLY O 261 35.34 56.43 8.44
C GLY O 261 34.02 56.45 7.69
N ALA O 262 33.73 55.35 7.02
CA ALA O 262 32.52 55.25 6.22
C ALA O 262 31.27 55.46 7.05
N LEU O 263 31.15 54.75 8.16
CA LEU O 263 29.96 54.88 9.00
C LEU O 263 29.82 56.29 9.56
N THR O 264 30.94 56.92 9.88
CA THR O 264 30.90 58.30 10.37
C THR O 264 30.53 59.27 9.25
N MET O 265 31.05 59.05 8.04
CA MET O 265 30.79 59.92 6.90
C MET O 265 29.29 60.01 6.59
N LEU O 266 28.61 58.89 6.50
CA LEU O 266 27.17 58.92 6.21
C LEU O 266 26.38 59.62 7.31
N ALA O 267 26.71 59.38 8.57
CA ALA O 267 25.98 60.01 9.66
C ALA O 267 26.17 61.52 9.62
N ALA O 268 27.42 61.96 9.48
CA ALA O 268 27.71 63.38 9.41
C ALA O 268 27.02 63.99 8.21
N LEU O 269 27.02 63.26 7.11
CA LEU O 269 26.37 63.74 5.90
C LEU O 269 24.89 63.91 6.15
N ALA O 270 24.26 62.93 6.78
CA ALA O 270 22.84 63.04 7.09
C ALA O 270 22.56 64.19 8.07
N ARG O 271 23.40 64.37 9.08
CA ARG O 271 23.23 65.47 10.03
C ARG O 271 23.30 66.83 9.34
N MET O 272 24.20 66.99 8.37
CA MET O 272 24.37 68.26 7.66
C MET O 272 23.18 68.56 6.77
N VAL O 273 22.81 67.62 5.91
CA VAL O 273 21.77 67.86 4.92
C VAL O 273 20.39 67.87 5.56
N ALA O 274 20.13 67.02 6.56
CA ALA O 274 18.79 66.99 7.13
C ALA O 274 18.73 67.42 8.59
N ALA O 275 19.86 67.77 9.21
CA ALA O 275 19.85 68.17 10.62
C ALA O 275 19.19 67.13 11.52
N THR O 276 19.29 65.87 11.14
CA THR O 276 18.66 64.80 11.92
C THR O 276 19.19 64.79 13.35
N SER O 277 18.29 64.46 14.28
CA SER O 277 18.58 64.41 15.70
C SER O 277 19.58 63.31 16.06
N ALA O 278 20.29 63.57 17.17
CA ALA O 278 21.30 62.66 17.71
C ALA O 278 20.72 61.31 18.16
N VAL O 279 19.55 61.31 18.80
CA VAL O 279 18.95 60.07 19.26
C VAL O 279 18.66 59.16 18.07
N THR O 280 18.31 59.76 16.94
CA THR O 280 18.00 59.01 15.73
C THR O 280 19.27 58.41 15.11
N LEU O 281 20.32 59.21 15.00
CA LEU O 281 21.58 58.76 14.39
C LEU O 281 22.28 57.71 15.25
N LEU O 282 22.34 57.91 16.56
CA LEU O 282 23.01 56.94 17.44
C LEU O 282 22.31 55.58 17.44
N SER O 283 20.99 55.58 17.49
CA SER O 283 20.24 54.33 17.45
C SER O 283 20.40 53.62 16.11
N SER O 284 20.42 54.37 15.02
CA SER O 284 20.58 53.78 13.70
C SER O 284 21.94 53.13 13.54
N LEU O 285 23.01 53.76 13.99
CA LEU O 285 24.33 53.15 13.90
C LEU O 285 24.37 51.85 14.70
N LEU O 286 23.70 51.79 15.84
CA LEU O 286 23.65 50.55 16.60
C LEU O 286 23.00 49.43 15.77
N LEU O 287 21.90 49.72 15.11
CA LEU O 287 21.21 48.71 14.31
C LEU O 287 22.03 48.24 13.12
N ILE O 288 22.78 49.14 12.48
CA ILE O 288 23.61 48.75 11.35
C ILE O 288 24.71 47.80 11.78
N CYS O 289 25.32 48.06 12.93
CA CYS O 289 26.38 47.19 13.42
C CYS O 289 25.86 45.80 13.80
N VAL O 290 24.63 45.70 14.30
CA VAL O 290 24.09 44.39 14.67
C VAL O 290 23.99 43.50 13.45
N VAL O 291 23.54 44.02 12.32
CA VAL O 291 23.47 43.19 11.14
C VAL O 291 24.88 42.95 10.61
N ALA O 292 25.74 43.94 10.76
CA ALA O 292 27.12 43.78 10.30
C ALA O 292 27.78 42.59 10.97
N TYR O 293 27.53 42.40 12.26
CA TYR O 293 28.13 41.27 12.95
C TYR O 293 27.69 39.95 12.36
N HIS O 294 26.54 39.90 11.72
CA HIS O 294 26.10 38.66 11.11
C HIS O 294 26.68 38.48 9.72
N ALA O 295 26.99 39.56 9.03
CA ALA O 295 27.55 39.51 7.71
C ALA O 295 29.07 39.43 7.71
N ALA O 296 29.69 39.75 8.82
CA ALA O 296 31.15 39.81 8.90
C ALA O 296 31.90 38.66 8.24
N PRO O 297 31.62 37.41 8.52
CA PRO O 297 32.38 36.34 7.88
C PRO O 297 32.18 36.27 6.38
N ALA O 298 31.07 36.77 5.87
CA ALA O 298 30.77 36.74 4.44
C ALA O 298 31.48 37.84 3.66
N LEU O 299 31.50 39.05 4.17
CA LEU O 299 32.23 40.12 3.50
C LEU O 299 33.69 39.72 3.38
N SER O 300 34.25 39.24 4.46
CA SER O 300 35.65 38.82 4.49
C SER O 300 35.95 37.78 3.42
N ARG O 301 35.10 36.78 3.25
CA ARG O 301 35.36 35.77 2.22
C ARG O 301 35.46 36.36 0.82
N ARG O 302 34.53 37.23 0.44
CA ARG O 302 34.54 37.80 -0.91
C ARG O 302 35.62 38.87 -1.10
N LEU O 303 35.92 39.68 -0.09
CA LEU O 303 36.97 40.69 -0.23
C LEU O 303 38.32 40.06 -0.49
N ALA O 304 38.58 38.92 0.09
CA ALA O 304 39.84 38.24 -0.08
C ALA O 304 39.89 37.47 -1.38
N GLY O 305 38.80 37.51 -2.15
CA GLY O 305 38.79 36.82 -3.41
C GLY O 305 38.59 35.33 -3.38
N ILE O 306 38.18 34.76 -2.25
CA ILE O 306 37.93 33.33 -2.23
C ILE O 306 36.86 33.09 -3.29
N ARG O 307 37.17 32.26 -4.29
CA ARG O 307 36.22 31.99 -5.38
C ARG O 307 35.62 30.60 -5.26
N LEU O 308 34.29 30.54 -5.14
CA LEU O 308 33.60 29.27 -5.08
C LEU O 308 33.59 28.58 -6.46
N PRO O 309 33.66 27.25 -6.50
CA PRO O 309 33.70 26.53 -7.77
C PRO O 309 32.49 26.78 -8.68
N VAL O 310 32.76 26.89 -9.98
CA VAL O 310 31.75 27.12 -11.03
C VAL O 310 31.05 25.82 -11.43
N PHE O 311 29.72 25.90 -11.67
CA PHE O 311 28.85 24.77 -12.02
C PHE O 311 28.84 24.51 -13.53
N PRO O 312 28.80 23.25 -13.98
CA PRO O 312 28.87 22.94 -15.42
C PRO O 312 27.64 23.30 -16.26
N SER O 313 26.56 23.83 -15.70
CA SER O 313 25.36 24.21 -16.46
C SER O 313 24.71 23.04 -17.21
N ALA O 314 24.96 21.79 -16.82
CA ALA O 314 24.25 20.62 -17.36
C ALA O 314 24.32 20.55 -18.90
N THR O 315 25.52 20.66 -19.46
CA THR O 315 25.69 20.50 -20.90
C THR O 315 26.87 19.61 -21.30
N SER O 316 27.44 18.83 -20.39
CA SER O 316 28.52 17.92 -20.77
C SER O 316 28.69 16.84 -19.71
N ARG O 317 29.11 15.66 -20.15
CA ARG O 317 29.37 14.57 -19.23
C ARG O 317 30.72 14.76 -18.54
N TRP O 318 30.88 14.08 -17.42
CA TRP O 318 32.12 14.09 -16.67
C TRP O 318 33.16 13.20 -17.34
N VAL O 319 34.39 13.68 -17.41
CA VAL O 319 35.53 12.92 -17.91
C VAL O 319 36.29 12.49 -16.67
N PHE O 320 36.31 11.18 -16.43
CA PHE O 320 36.89 10.68 -15.19
C PHE O 320 38.39 10.93 -15.13
N GLU O 321 39.14 10.85 -16.27
CA GLU O 321 40.60 11.08 -16.20
C GLU O 321 41.21 11.90 -17.35
N ALA O 322 41.01 13.22 -17.32
CA ALA O 322 41.69 14.10 -18.28
C ALA O 322 43.18 14.22 -17.90
N ARG O 323 44.00 14.72 -18.82
CA ARG O 323 45.43 14.91 -18.55
C ARG O 323 45.67 15.79 -17.32
N PRO O 324 46.42 15.33 -16.32
CA PRO O 324 46.66 16.10 -15.10
C PRO O 324 47.25 17.51 -15.29
N ASP O 325 46.98 18.38 -14.31
CA ASP O 325 47.43 19.78 -14.32
C ASP O 325 48.93 19.95 -14.03
N LEU O 326 49.54 20.84 -14.82
CA LEU O 326 50.99 21.13 -14.80
C LEU O 326 51.53 21.78 -13.52
N PRO O 327 52.66 21.29 -12.97
CA PRO O 327 53.25 21.86 -11.76
C PRO O 327 53.97 23.19 -11.98
N THR O 328 54.08 24.01 -10.90
CA THR O 328 54.75 25.31 -10.96
C THR O 328 56.06 25.34 -10.17
N THR O 329 57.04 26.07 -10.71
CA THR O 329 58.39 26.28 -10.18
C THR O 329 58.53 27.56 -9.35
N VAL O 330 59.53 27.57 -8.46
CA VAL O 330 59.86 28.70 -7.59
C VAL O 330 61.38 28.90 -7.56
N VAL O 331 61.79 30.13 -7.21
CA VAL O 331 63.20 30.52 -7.22
C VAL O 331 63.61 31.34 -5.99
N VAL O 332 64.91 31.31 -5.70
CA VAL O 332 65.56 32.04 -4.62
C VAL O 332 66.87 32.58 -5.17
N SER O 333 67.22 33.82 -4.80
CA SER O 333 68.41 34.48 -5.34
C SER O 333 69.73 33.84 -4.90
N GLY O 334 70.00 33.77 -3.60
CA GLY O 334 71.26 33.18 -3.15
C GLY O 334 71.37 31.71 -3.49
N GLY O 335 70.36 30.94 -3.11
CA GLY O 335 70.28 29.52 -3.46
C GLY O 335 69.66 29.42 -4.83
N SER O 336 70.39 29.93 -5.82
CA SER O 336 69.92 30.01 -7.20
C SER O 336 69.32 28.71 -7.77
N ALA O 337 69.46 27.56 -7.12
CA ALA O 337 68.84 26.37 -7.72
C ALA O 337 67.32 26.36 -7.58
N PRO O 338 66.57 26.38 -8.68
CA PRO O 338 65.12 26.36 -8.61
C PRO O 338 64.54 25.06 -8.08
N VAL O 339 63.29 25.12 -7.61
CA VAL O 339 62.57 23.96 -7.09
C VAL O 339 61.11 24.08 -7.54
N LEU O 340 60.37 22.98 -7.47
CA LEU O 340 58.95 22.95 -7.83
C LEU O 340 58.10 22.49 -6.64
N GLU O 341 56.85 22.98 -6.54
CA GLU O 341 56.02 22.54 -5.40
C GLU O 341 54.53 22.28 -5.67
N GLY O 342 53.93 22.68 -6.80
CA GLY O 342 52.52 22.38 -7.02
C GLY O 342 51.75 23.24 -8.01
N PRO O 343 50.49 22.90 -8.26
CA PRO O 343 49.66 23.69 -9.19
C PRO O 343 49.24 25.06 -8.65
N SER O 344 49.11 26.01 -9.58
CA SER O 344 48.74 27.39 -9.29
C SER O 344 47.39 27.55 -8.57
N SER O 345 46.38 26.79 -8.99
CA SER O 345 45.06 26.85 -8.39
C SER O 345 45.08 26.49 -6.90
N VAL O 346 46.01 25.65 -6.48
CA VAL O 346 46.12 25.22 -5.09
C VAL O 346 47.00 26.14 -4.26
N ARG O 347 48.14 26.58 -4.78
CA ARG O 347 49.06 27.42 -4.01
C ARG O 347 48.43 28.74 -3.55
N ASP O 348 47.57 29.33 -4.37
CA ASP O 348 46.95 30.61 -4.03
C ASP O 348 46.13 30.57 -2.74
N VAL O 349 45.42 29.48 -2.51
CA VAL O 349 44.59 29.35 -1.32
C VAL O 349 45.39 29.59 -0.03
N LEU O 350 46.64 29.14 0.01
CA LEU O 350 47.44 29.32 1.24
C LEU O 350 47.70 30.78 1.55
N LEU O 351 47.69 31.65 0.54
CA LEU O 351 47.81 33.07 0.78
C LEU O 351 46.45 33.71 0.99
N GLN O 352 45.44 33.15 0.33
CA GLN O 352 44.09 33.68 0.42
C GLN O 352 43.52 33.57 1.84
N ALA O 353 43.75 32.44 2.50
CA ALA O 353 43.20 32.24 3.84
C ALA O 353 43.76 33.22 4.88
N GLU O 354 45.07 33.47 4.89
CA GLU O 354 45.61 34.37 5.91
C GLU O 354 45.12 35.79 5.68
N ARG O 355 44.84 36.15 4.45
CA ARG O 355 44.30 37.47 4.16
C ARG O 355 42.87 37.50 4.68
N ALA O 356 42.14 36.43 4.43
CA ALA O 356 40.78 36.33 4.93
C ALA O 356 40.76 36.44 6.44
N ARG O 357 41.71 35.81 7.11
CA ARG O 357 41.76 35.91 8.57
C ARG O 357 41.99 37.34 9.01
N SER O 358 42.80 38.08 8.25
CA SER O 358 43.13 39.46 8.59
C SER O 358 41.94 40.40 8.40
N PHE O 359 41.23 40.30 7.30
CA PHE O 359 40.06 41.17 7.11
C PHE O 359 39.06 40.97 8.22
N LEU O 360 38.78 39.73 8.57
CA LEU O 360 37.84 39.48 9.64
C LEU O 360 38.29 40.10 10.95
N SER O 361 39.58 40.00 11.28
CA SER O 361 40.04 40.54 12.56
C SER O 361 39.84 42.04 12.63
N GLY O 362 40.12 42.73 11.54
CA GLY O 362 39.91 44.16 11.50
C GLY O 362 38.45 44.52 11.52
N LEU O 363 37.67 43.83 10.70
CA LEU O 363 36.26 44.09 10.56
C LEU O 363 35.54 44.03 11.89
N LEU O 364 35.87 43.07 12.73
CA LEU O 364 35.28 42.99 14.06
C LEU O 364 35.73 44.15 14.94
N THR O 365 36.99 44.52 14.86
CA THR O 365 37.52 45.57 15.72
C THR O 365 36.86 46.91 15.47
N GLY O 366 36.68 47.28 14.22
CA GLY O 366 36.05 48.55 13.91
C GLY O 366 34.65 48.64 14.48
N LEU O 367 33.88 47.58 14.31
CA LEU O 367 32.52 47.51 14.80
C LEU O 367 32.51 47.58 16.32
N GLY O 368 33.53 47.01 16.94
CA GLY O 368 33.65 47.05 18.40
C GLY O 368 33.73 48.49 18.91
N VAL O 369 34.57 49.29 18.29
CA VAL O 369 34.72 50.70 18.65
C VAL O 369 33.41 51.47 18.47
N MET O 370 32.70 51.23 17.38
CA MET O 370 31.46 51.96 17.11
C MET O 370 30.39 51.74 18.17
N VAL O 371 30.18 50.51 18.62
CA VAL O 371 29.10 50.22 19.57
C VAL O 371 29.36 50.83 20.94
N VAL O 372 30.58 50.83 21.42
CA VAL O 372 30.84 51.41 22.74
C VAL O 372 30.56 52.90 22.73
N VAL O 373 30.91 53.59 21.66
CA VAL O 373 30.65 55.03 21.55
C VAL O 373 29.16 55.31 21.55
N CYS O 374 28.39 54.48 20.84
CA CYS O 374 26.95 54.68 20.75
C CYS O 374 26.25 54.35 22.06
N MET O 375 26.56 53.20 22.64
CA MET O 375 25.87 52.78 23.87
C MET O 375 26.12 53.74 25.02
N THR O 376 27.37 54.15 25.23
CA THR O 376 27.68 55.10 26.30
C THR O 376 27.02 56.45 26.12
N SER O 377 26.58 56.79 24.91
CA SER O 377 25.91 58.06 24.65
C SER O 377 24.42 58.02 24.89
N LEU O 378 23.77 56.90 24.62
CA LEU O 378 22.32 56.80 24.81
C LEU O 378 21.97 56.64 26.29
N CYS O 379 22.72 55.85 27.04
CA CYS O 379 22.47 55.70 28.48
C CYS O 379 22.77 57.03 29.19
N ASP O 380 21.72 57.65 29.74
CA ASP O 380 21.76 58.96 30.40
C ASP O 380 21.01 58.96 31.72
N PRO O 381 21.61 59.52 32.78
CA PRO O 381 21.00 59.49 34.12
C PRO O 381 19.88 60.51 34.38
N HIS O 382 19.64 61.49 33.51
CA HIS O 382 18.61 62.49 33.77
C HIS O 382 17.40 62.31 32.89
N THR O 383 17.56 61.65 31.74
CA THR O 383 16.48 61.44 30.78
C THR O 383 15.31 60.69 31.42
N GLY O 384 14.10 61.16 31.14
CA GLY O 384 12.91 60.52 31.67
C GLY O 384 12.80 59.06 31.23
N GLN O 385 12.28 58.22 32.13
CA GLN O 385 12.17 56.77 31.89
C GLN O 385 13.55 56.10 31.70
N ARG O 386 14.42 56.44 32.63
CA ARG O 386 15.84 56.10 32.80
C ARG O 386 16.19 54.65 32.47
N TRP O 387 15.27 53.72 32.75
CA TRP O 387 15.47 52.29 32.50
C TRP O 387 15.39 51.85 31.03
N LEU O 388 14.73 52.59 30.16
CA LEU O 388 14.55 52.16 28.78
C LEU O 388 15.88 51.96 28.05
N PRO O 389 16.78 52.94 27.98
CA PRO O 389 18.06 52.72 27.28
C PRO O 389 18.99 51.76 28.00
N LEU O 390 18.87 51.67 29.32
CA LEU O 390 19.75 50.83 30.13
C LEU O 390 19.53 49.35 29.85
N ILE O 391 18.29 48.93 29.66
CA ILE O 391 18.03 47.51 29.38
C ILE O 391 18.51 47.14 27.97
N LEU O 392 18.37 48.04 26.99
CA LEU O 392 18.84 47.74 25.64
C LEU O 392 20.34 47.49 25.63
N ALA O 393 21.06 48.24 26.44
CA ALA O 393 22.51 48.08 26.56
C ALA O 393 22.82 46.74 27.20
N GLY O 394 21.91 46.26 28.03
CA GLY O 394 22.10 44.98 28.71
C GLY O 394 21.98 43.82 27.74
N PHE O 395 20.91 43.77 26.97
CA PHE O 395 20.77 42.68 25.99
C PHE O 395 21.90 42.72 24.98
N THR O 396 22.32 43.90 24.53
CA THR O 396 23.39 44.00 23.56
C THR O 396 24.70 43.43 24.11
N SER O 397 25.02 43.75 25.36
CA SER O 397 26.25 43.22 25.94
C SER O 397 26.19 41.70 26.07
N GLY O 398 25.02 41.18 26.42
CA GLY O 398 24.85 39.75 26.57
C GLY O 398 25.05 39.02 25.25
N PHE O 399 24.43 39.55 24.20
CA PHE O 399 24.52 38.97 22.87
C PHE O 399 25.96 38.95 22.42
N LEU O 400 26.66 40.06 22.57
CA LEU O 400 28.04 40.11 22.15
C LEU O 400 28.87 39.11 22.95
N LEU O 401 28.67 39.06 24.26
CA LEU O 401 29.46 38.17 25.09
C LEU O 401 29.25 36.72 24.72
N LEU O 402 28.04 36.34 24.37
CA LEU O 402 27.80 34.96 23.99
C LEU O 402 28.33 34.67 22.60
N ARG O 403 28.31 35.65 21.72
CA ARG O 403 28.76 35.43 20.36
C ARG O 403 30.22 35.02 20.31
N GLY O 404 30.99 35.36 21.33
CA GLY O 404 32.38 34.98 21.35
C GLY O 404 32.65 33.48 21.31
N ARG O 405 31.66 32.66 21.60
CA ARG O 405 31.92 31.23 21.63
C ARG O 405 32.34 30.72 20.28
N SER O 406 31.75 31.25 19.22
CA SER O 406 32.02 30.73 17.88
C SER O 406 33.43 31.03 17.41
N TYR O 407 34.05 32.10 17.86
CA TYR O 407 35.38 32.40 17.36
C TYR O 407 36.44 31.65 18.14
N VAL O 408 37.15 30.76 17.44
CA VAL O 408 38.18 29.92 18.02
C VAL O 408 39.55 30.61 18.10
N ASP O 409 39.87 31.52 17.19
CA ASP O 409 41.18 32.16 17.23
C ASP O 409 41.40 33.04 18.47
N ARG O 410 42.64 33.07 18.93
CA ARG O 410 43.01 33.98 20.01
C ARG O 410 42.81 35.41 19.55
N TRP O 411 42.66 36.32 20.52
CA TRP O 411 42.41 37.73 20.19
C TRP O 411 41.05 37.99 19.56
N GLN O 412 40.68 37.25 18.51
CA GLN O 412 39.38 37.47 17.88
C GLN O 412 38.30 37.24 18.91
N SER O 413 38.48 36.20 19.71
CA SER O 413 37.55 35.89 20.76
C SER O 413 37.63 36.96 21.85
N ILE O 414 38.85 37.32 22.22
CA ILE O 414 39.08 38.31 23.27
C ILE O 414 38.48 39.66 22.90
N THR O 415 38.60 40.08 21.65
CA THR O 415 38.07 41.40 21.30
C THR O 415 36.57 41.49 21.45
N LEU O 416 35.85 40.40 21.22
CA LEU O 416 34.42 40.43 21.41
C LEU O 416 34.10 40.55 22.90
N ALA O 417 34.74 39.71 23.71
CA ALA O 417 34.51 39.72 25.15
C ALA O 417 34.94 41.05 25.74
N GLY O 418 36.06 41.56 25.30
CA GLY O 418 36.51 42.86 25.77
C GLY O 418 35.48 43.92 25.44
N THR O 419 34.89 43.82 24.27
CA THR O 419 33.88 44.79 23.86
C THR O 419 32.68 44.72 24.78
N ALA O 420 32.26 43.53 25.15
CA ALA O 420 31.12 43.39 26.05
C ALA O 420 31.43 43.96 27.43
N VAL O 421 32.62 43.71 27.96
CA VAL O 421 32.98 44.20 29.28
C VAL O 421 33.13 45.72 29.31
N ILE O 422 33.79 46.29 28.32
CA ILE O 422 33.98 47.75 28.35
C ILE O 422 32.66 48.50 28.26
N ILE O 423 31.67 47.99 27.54
CA ILE O 423 30.38 48.67 27.47
C ILE O 423 29.77 48.81 28.85
N ALA O 424 29.76 47.74 29.62
CA ALA O 424 29.19 47.76 30.98
C ALA O 424 29.93 48.76 31.86
N ALA O 425 31.26 48.68 31.87
CA ALA O 425 32.09 49.56 32.69
C ALA O 425 31.87 51.04 32.35
N ALA O 426 31.87 51.38 31.06
CA ALA O 426 31.71 52.78 30.66
C ALA O 426 30.35 53.36 31.03
N VAL O 427 29.28 52.61 30.87
CA VAL O 427 27.96 53.13 31.25
C VAL O 427 27.89 53.30 32.76
N CYS O 428 28.45 52.36 33.50
CA CYS O 428 28.47 52.43 34.96
C CYS O 428 29.25 53.66 35.44
N VAL O 429 30.41 53.92 34.86
CA VAL O 429 31.21 55.08 35.22
C VAL O 429 30.48 56.39 34.94
N ARG O 430 29.79 56.51 33.82
CA ARG O 430 29.08 57.78 33.55
C ARG O 430 28.08 58.12 34.66
N TYR O 431 27.47 57.13 35.29
CA TYR O 431 26.51 57.35 36.36
C TYR O 431 27.10 57.90 37.66
N ALA O 432 28.42 57.92 37.83
CA ALA O 432 29.07 58.47 39.03
C ALA O 432 29.44 59.95 38.90
N LEU O 433 30.10 60.32 37.81
CA LEU O 433 30.50 61.71 37.59
C LEU O 433 29.26 62.59 37.48
N GLU O 434 28.34 62.22 36.61
CA GLU O 434 27.08 62.94 36.54
C GLU O 434 26.15 62.33 37.61
N LEU O 435 25.16 63.11 38.04
CA LEU O 435 24.20 62.68 39.05
C LEU O 435 24.91 62.17 40.31
N SER O 436 25.88 62.95 40.75
CA SER O 436 26.68 62.64 41.93
C SER O 436 25.84 62.57 43.21
N SER O 437 26.13 61.58 44.05
CA SER O 437 25.48 61.38 45.34
C SER O 437 26.18 60.22 46.02
N PRO O 438 26.15 60.13 47.35
CA PRO O 438 26.86 59.02 48.02
C PRO O 438 26.40 57.63 47.59
N LEU O 439 25.10 57.43 47.35
CA LEU O 439 24.61 56.13 46.89
C LEU O 439 25.22 55.76 45.55
N ALA O 440 25.11 56.66 44.57
CA ALA O 440 25.63 56.40 43.24
C ALA O 440 27.10 56.02 43.28
N VAL O 441 27.93 56.85 43.89
CA VAL O 441 29.36 56.55 43.94
C VAL O 441 29.58 55.24 44.70
N SER O 442 28.75 54.97 45.69
CA SER O 442 28.86 53.72 46.46
C SER O 442 28.49 52.50 45.61
N ILE O 443 27.36 52.59 44.88
CA ILE O 443 26.87 51.50 44.02
C ILE O 443 27.82 51.22 42.87
N VAL O 444 28.27 52.26 42.18
CA VAL O 444 29.18 52.09 41.05
C VAL O 444 30.44 51.34 41.48
N ALA O 445 31.04 51.75 42.58
CA ALA O 445 32.26 51.09 43.06
C ALA O 445 32.03 49.60 43.33
N ALA O 446 30.83 49.23 43.75
CA ALA O 446 30.51 47.83 44.00
C ALA O 446 30.41 47.05 42.69
N ILE O 447 29.54 47.48 41.79
CA ILE O 447 29.33 46.80 40.51
C ILE O 447 30.64 46.67 39.74
N LEU O 448 31.37 47.77 39.61
CA LEU O 448 32.62 47.80 38.86
C LEU O 448 33.68 46.82 39.37
N VAL O 449 33.62 46.40 40.63
CA VAL O 449 34.55 45.40 41.16
C VAL O 449 33.93 44.02 41.26
N LEU O 450 32.63 43.91 41.58
CA LEU O 450 31.99 42.60 41.69
C LEU O 450 31.83 41.89 40.34
N LEU O 451 31.39 42.59 39.31
CA LEU O 451 31.14 42.05 37.98
C LEU O 451 32.33 41.31 37.36
N PRO O 452 33.50 41.93 37.20
CA PRO O 452 34.63 41.21 36.62
C PRO O 452 35.13 40.11 37.53
N ALA O 453 34.96 40.26 38.83
CA ALA O 453 35.42 39.23 39.74
C ALA O 453 34.67 37.92 39.50
N ALA O 454 33.36 38.00 39.31
CA ALA O 454 32.56 36.80 39.04
C ALA O 454 33.00 36.11 37.74
N GLY O 455 33.30 36.90 36.73
CA GLY O 455 33.74 36.34 35.46
C GLY O 455 35.05 35.60 35.58
N MET O 456 36.00 36.17 36.31
CA MET O 456 37.29 35.53 36.50
C MET O 456 37.11 34.18 37.15
N ALA O 457 36.23 34.10 38.14
CA ALA O 457 36.00 32.82 38.81
C ALA O 457 35.46 31.80 37.83
N ALA O 458 34.43 32.16 37.09
CA ALA O 458 33.84 31.26 36.12
C ALA O 458 34.86 30.81 35.08
N ALA O 459 35.69 31.74 34.61
CA ALA O 459 36.69 31.41 33.60
C ALA O 459 37.70 30.40 34.10
N ALA O 460 38.07 30.45 35.36
CA ALA O 460 39.04 29.49 35.88
C ALA O 460 38.46 28.12 36.20
N HIS O 461 37.22 28.04 36.66
CA HIS O 461 36.57 26.81 37.13
C HIS O 461 35.89 25.94 36.05
N VAL O 462 35.22 26.57 35.08
CA VAL O 462 34.46 25.82 34.06
C VAL O 462 35.23 24.78 33.26
N PRO O 463 36.40 25.07 32.72
CA PRO O 463 37.10 24.11 31.84
C PRO O 463 37.38 22.69 32.36
N HIS O 464 37.44 22.44 33.67
CA HIS O 464 37.72 21.08 34.16
C HIS O 464 36.50 20.29 34.64
N THR O 465 35.28 20.81 34.52
CA THR O 465 34.07 20.15 35.01
C THR O 465 33.27 19.48 33.88
N ILE O 466 32.26 18.70 34.27
CA ILE O 466 31.34 18.00 33.38
C ILE O 466 29.93 18.51 33.63
N TYR O 467 29.21 18.82 32.55
CA TYR O 467 27.83 19.33 32.60
C TYR O 467 26.81 18.50 31.84
N SER O 468 25.58 18.55 32.36
CA SER O 468 24.43 17.86 31.77
C SER O 468 23.98 18.47 30.44
N PRO O 469 23.59 17.63 29.49
CA PRO O 469 23.11 18.12 28.21
C PRO O 469 21.97 19.11 28.33
N LEU O 470 21.07 18.93 29.29
CA LEU O 470 19.95 19.85 29.43
C LEU O 470 20.40 21.25 29.80
N PHE O 471 21.54 21.39 30.46
CA PHE O 471 22.07 22.72 30.76
C PHE O 471 22.85 23.30 29.58
N ARG O 472 23.63 22.46 28.91
CA ARG O 472 24.37 22.89 27.74
C ARG O 472 23.43 23.41 26.67
N LYS O 473 22.27 22.77 26.53
CA LYS O 473 21.26 23.22 25.58
C LYS O 473 20.63 24.52 26.04
N PHE O 474 20.54 24.74 27.34
CA PHE O 474 19.93 25.97 27.83
C PHE O 474 20.78 27.21 27.58
N VAL O 475 22.11 27.15 27.76
CA VAL O 475 22.91 28.36 27.52
C VAL O 475 22.91 28.80 26.07
N GLU O 476 22.74 27.87 25.14
CA GLU O 476 22.68 28.22 23.72
C GLU O 476 21.51 29.17 23.45
N TRP O 477 20.34 28.81 23.93
CA TRP O 477 19.12 29.58 23.71
C TRP O 477 19.19 30.99 24.29
N ILE O 478 20.13 31.28 25.19
CA ILE O 478 20.18 32.62 25.77
C ILE O 478 20.53 33.66 24.72
N GLU O 479 21.37 33.30 23.74
CA GLU O 479 21.72 34.26 22.70
C GLU O 479 20.50 34.68 21.90
N TYR O 480 19.68 33.71 21.52
CA TYR O 480 18.50 33.96 20.71
C TYR O 480 17.50 34.85 21.45
N LEU O 481 17.32 34.61 22.73
CA LEU O 481 16.42 35.38 23.56
C LEU O 481 16.92 36.80 23.73
N CYS O 482 18.22 37.00 23.61
CA CYS O 482 18.78 38.35 23.71
C CYS O 482 18.66 39.15 22.42
N LEU O 483 18.68 38.50 21.25
CA LEU O 483 18.58 39.23 19.98
C LEU O 483 17.17 39.74 19.69
N MET O 484 16.16 38.89 19.88
CA MET O 484 14.77 39.23 19.56
C MET O 484 14.31 40.60 20.02
N PRO O 485 14.66 41.09 21.21
CA PRO O 485 14.16 42.39 21.67
C PRO O 485 14.88 43.62 21.14
N ILE O 486 16.00 43.49 20.43
CA ILE O 486 16.76 44.65 19.99
C ILE O 486 15.93 45.60 19.10
N PHE O 487 15.45 45.13 17.96
CA PHE O 487 14.70 46.02 17.06
C PHE O 487 13.45 46.62 17.68
N PRO O 488 12.59 45.86 18.35
CA PRO O 488 11.37 46.43 18.94
C PRO O 488 11.63 47.53 19.95
N LEU O 489 12.68 47.41 20.75
CA LEU O 489 13.04 48.44 21.72
C LEU O 489 13.69 49.65 21.06
N ALA O 490 14.54 49.45 20.07
CA ALA O 490 15.22 50.56 19.42
C ALA O 490 14.23 51.51 18.73
N LEU O 491 13.25 50.98 18.02
CA LEU O 491 12.26 51.82 17.34
C LEU O 491 11.44 52.62 18.35
N TRP O 492 11.29 52.07 19.55
CA TRP O 492 10.59 52.75 20.63
C TRP O 492 11.44 53.90 21.16
N LEU O 493 12.73 53.67 21.32
CA LEU O 493 13.62 54.73 21.78
C LEU O 493 13.69 55.83 20.72
N MET O 494 13.67 55.46 19.44
CA MET O 494 13.62 56.42 18.35
C MET O 494 12.28 57.14 18.26
N ASN O 495 11.24 56.70 18.98
CA ASN O 495 9.92 57.32 18.94
C ASN O 495 9.20 57.17 17.60
N VAL O 496 9.41 56.05 16.93
CA VAL O 496 8.82 55.79 15.61
C VAL O 496 7.31 55.47 15.72
N TYR O 497 6.92 54.63 16.67
CA TYR O 497 5.53 54.19 16.82
C TYR O 497 4.57 55.35 17.01
N ALA O 498 4.92 56.30 17.86
CA ALA O 498 4.05 57.44 18.05
C ALA O 498 3.86 58.20 16.75
N ALA O 499 4.94 58.40 15.99
CA ALA O 499 4.87 59.10 14.71
C ALA O 499 3.92 58.43 13.72
N ILE O 500 3.81 57.10 13.77
CA ILE O 500 2.90 56.38 12.91
C ILE O 500 1.47 56.43 13.45
N ARG O 501 1.32 56.18 14.75
CA ARG O 501 -0.01 56.18 15.35
C ARG O 501 -0.69 57.53 15.22
N TYR O 502 0.07 58.63 15.31
CA TYR O 502 -0.52 59.95 15.13
C TYR O 502 -0.32 60.45 13.71
N ARG O 503 0.16 59.59 12.82
CA ARG O 503 0.40 59.91 11.42
C ARG O 503 1.18 61.20 11.24
N PRO P 18 99.78 37.16 6.43
CA PRO P 18 98.44 37.33 5.90
C PRO P 18 97.92 36.09 5.18
N GLN P 19 98.76 35.06 5.10
CA GLN P 19 98.41 33.82 4.42
C GLN P 19 97.45 32.94 5.21
N ALA P 20 97.32 33.13 6.53
CA ALA P 20 96.45 32.30 7.35
C ALA P 20 95.88 33.10 8.51
N VAL P 21 94.78 32.61 9.07
CA VAL P 21 94.12 33.23 10.21
C VAL P 21 93.74 32.15 11.22
N VAL P 22 93.89 32.48 12.50
CA VAL P 22 93.57 31.59 13.62
C VAL P 22 92.18 31.87 14.14
N VAL P 23 91.38 30.81 14.32
CA VAL P 23 90.02 30.92 14.81
C VAL P 23 89.70 29.72 15.69
N GLY P 24 88.73 29.92 16.60
CA GLY P 24 88.22 28.87 17.48
C GLY P 24 87.00 28.22 16.86
N VAL P 25 87.02 26.90 16.63
CA VAL P 25 85.90 26.19 16.04
C VAL P 25 85.16 25.37 17.08
N MET P 26 83.84 25.49 17.09
CA MET P 26 82.93 24.76 17.96
C MET P 26 82.50 23.48 17.27
N ALA P 27 82.53 22.37 18.00
CA ALA P 27 82.16 21.06 17.49
C ALA P 27 81.07 20.42 18.35
N GLY P 28 80.75 19.17 18.03
CA GLY P 28 79.70 18.43 18.68
C GLY P 28 79.62 18.54 20.19
N GLU P 29 78.39 18.75 20.63
CA GLU P 29 77.96 18.88 22.03
C GLU P 29 78.66 19.99 22.82
N GLY P 30 79.62 20.71 22.23
CA GLY P 30 80.26 21.82 22.94
C GLY P 30 81.76 21.91 23.12
N VAL P 31 82.56 21.07 22.48
CA VAL P 31 84.01 21.19 22.60
C VAL P 31 84.50 22.30 21.68
N GLN P 32 85.31 23.22 22.21
CA GLN P 32 85.92 24.29 21.40
C GLN P 32 87.36 23.93 21.08
N ILE P 33 87.76 24.07 19.80
CA ILE P 33 89.12 23.76 19.37
C ILE P 33 89.71 24.91 18.55
N GLY P 34 90.94 25.32 18.90
CA GLY P 34 91.65 26.38 18.19
C GLY P 34 92.36 25.85 16.94
N VAL P 35 92.10 26.50 15.79
CA VAL P 35 92.70 26.10 14.51
C VAL P 35 93.18 27.31 13.71
N LEU P 36 94.24 27.09 12.92
CA LEU P 36 94.85 28.08 12.03
C LEU P 36 94.47 27.72 10.59
N LEU P 37 93.56 28.50 9.99
CA LEU P 37 93.03 28.28 8.65
C LEU P 37 93.71 29.08 7.55
N ASP P 38 93.70 28.49 6.34
CA ASP P 38 94.21 29.10 5.12
C ASP P 38 93.32 30.29 4.78
N ALA P 39 93.91 31.48 4.69
CA ALA P 39 93.11 32.67 4.45
C ALA P 39 92.55 32.86 3.04
N ASN P 40 93.02 32.13 2.02
CA ASN P 40 92.50 32.41 0.67
C ASN P 40 91.79 31.27 -0.06
N ALA P 41 92.00 30.00 0.30
CA ALA P 41 91.25 28.92 -0.34
C ALA P 41 89.74 29.05 -0.05
N PRO P 42 88.88 28.59 -0.96
CA PRO P 42 87.45 28.67 -0.68
C PRO P 42 87.05 27.69 0.41
N VAL P 43 86.12 28.14 1.26
CA VAL P 43 85.67 27.39 2.43
C VAL P 43 85.25 25.96 2.12
N SER P 44 84.63 25.72 0.97
CA SER P 44 84.20 24.37 0.63
C SER P 44 85.33 23.36 0.52
N VAL P 45 86.54 23.82 0.21
CA VAL P 45 87.70 22.94 0.12
C VAL P 45 88.22 22.48 1.48
N MET P 46 87.95 23.25 2.54
CA MET P 46 88.44 23.02 3.90
C MET P 46 87.49 22.26 4.82
N THR P 47 86.19 22.33 4.59
CA THR P 47 85.21 21.70 5.48
C THR P 47 85.46 20.19 5.63
N ASP P 48 85.86 19.51 4.57
CA ASP P 48 86.10 18.07 4.68
C ASP P 48 87.27 17.71 5.58
N PRO P 49 88.49 18.18 5.33
CA PRO P 49 89.61 17.83 6.23
C PRO P 49 89.44 18.35 7.65
N LEU P 50 88.75 19.47 7.83
CA LEU P 50 88.47 20.02 9.14
C LEU P 50 87.67 19.06 10.02
N LEU P 51 86.68 18.40 9.44
CA LEU P 51 85.89 17.40 10.16
C LEU P 51 86.76 16.23 10.64
N LYS P 52 87.71 15.83 9.80
CA LYS P 52 88.65 14.74 10.14
C LYS P 52 89.45 15.09 11.39
N VAL P 53 89.99 16.31 11.46
CA VAL P 53 90.80 16.76 12.59
C VAL P 53 90.01 16.75 13.90
N VAL P 54 88.80 17.31 13.91
CA VAL P 54 88.01 17.32 15.14
C VAL P 54 87.69 15.90 15.61
N ASN P 55 87.44 14.99 14.68
CA ASN P 55 87.20 13.59 15.04
C ASN P 55 88.46 13.00 15.69
N SER P 56 89.62 13.29 15.13
CA SER P 56 90.86 12.81 15.71
C SER P 56 91.00 13.27 17.17
N ARG P 57 90.73 14.54 17.44
CA ARG P 57 90.86 15.05 18.81
C ARG P 57 89.81 14.46 19.73
N LEU P 58 88.57 14.29 19.25
CA LEU P 58 87.52 13.66 20.09
C LEU P 58 87.87 12.22 20.42
N ARG P 59 88.40 11.49 19.44
CA ARG P 59 88.79 10.11 19.67
C ARG P 59 89.92 10.04 20.70
N GLU P 60 90.93 10.91 20.57
CA GLU P 60 91.99 10.91 21.57
C GLU P 60 91.44 11.31 22.93
N LEU P 61 90.49 12.24 22.94
CA LEU P 61 89.84 12.62 24.19
C LEU P 61 88.99 11.50 24.74
N GLY P 62 88.62 10.54 23.89
CA GLY P 62 87.79 9.42 24.29
C GLY P 62 86.31 9.68 24.14
N GLU P 63 85.93 10.73 23.43
CA GLU P 63 84.55 11.06 23.19
C GLU P 63 84.05 10.40 21.91
N ALA P 64 82.75 10.44 21.72
CA ALA P 64 82.13 9.86 20.54
C ALA P 64 82.33 10.78 19.35
N PRO P 65 82.80 10.27 18.22
CA PRO P 65 83.02 11.11 17.04
C PRO P 65 81.71 11.56 16.41
N LEU P 66 81.83 12.59 15.58
CA LEU P 66 80.69 13.12 14.85
C LEU P 66 80.29 12.15 13.74
N GLU P 67 78.98 12.00 13.54
CA GLU P 67 78.46 11.09 12.54
C GLU P 67 77.24 11.68 11.87
N ALA P 68 77.04 11.27 10.62
CA ALA P 68 75.91 11.67 9.80
C ALA P 68 74.67 10.86 10.17
N THR P 69 73.50 11.45 9.90
CA THR P 69 72.23 10.82 10.22
C THR P 69 71.27 10.95 9.03
N GLY P 70 71.05 9.86 8.34
CA GLY P 70 70.18 9.88 7.18
C GLY P 70 70.67 10.75 6.03
N ARG P 71 69.87 11.73 5.66
CA ARG P 71 70.16 12.65 4.56
C ARG P 71 70.46 14.08 5.02
N GLY P 72 71.56 14.62 4.53
CA GLY P 72 72.00 15.96 4.90
C GLY P 72 73.39 16.24 4.37
N ARG P 73 73.99 17.32 4.88
CA ARG P 73 75.35 17.71 4.50
C ARG P 73 76.05 18.43 5.67
N TRP P 74 77.38 18.47 5.57
CA TRP P 74 78.25 19.14 6.53
C TRP P 74 78.41 20.58 6.12
N ALA P 75 78.28 21.51 7.07
CA ALA P 75 78.40 22.93 6.81
C ALA P 75 79.23 23.65 7.86
N LEU P 76 79.79 24.78 7.45
CA LEU P 76 80.57 25.69 8.29
C LEU P 76 79.77 26.98 8.34
N CYS P 77 79.40 27.40 9.56
CA CYS P 77 78.56 28.56 9.81
C CYS P 77 79.13 29.47 10.88
N LEU P 78 78.59 30.69 10.92
CA LEU P 78 78.90 31.62 12.00
C LEU P 78 78.19 31.11 13.25
N VAL P 79 78.60 31.61 14.42
CA VAL P 79 77.92 31.12 15.62
C VAL P 79 76.44 31.43 15.58
N ASP P 80 76.00 32.36 14.73
CA ASP P 80 74.58 32.63 14.60
C ASP P 80 73.85 31.55 13.81
N GLY P 81 74.59 30.61 13.21
CA GLY P 81 74.01 29.55 12.41
C GLY P 81 74.01 29.80 10.91
N ALA P 82 74.19 31.05 10.47
CA ALA P 82 74.20 31.36 9.05
C ALA P 82 75.40 30.70 8.35
N PRO P 83 75.17 29.92 7.30
CA PRO P 83 76.27 29.26 6.59
C PRO P 83 77.05 30.18 5.66
N LEU P 84 78.35 29.87 5.54
CA LEU P 84 79.24 30.63 4.67
C LEU P 84 79.13 30.19 3.22
N ARG P 85 79.27 31.14 2.29
CA ARG P 85 79.15 30.85 0.87
C ARG P 85 80.27 29.92 0.38
N ALA P 86 79.89 28.75 -0.13
CA ALA P 86 80.82 27.70 -0.53
C ALA P 86 81.91 28.12 -1.50
N THR P 87 81.65 29.08 -2.36
CA THR P 87 82.62 29.51 -3.37
C THR P 87 83.54 30.63 -2.91
N GLN P 88 83.24 31.30 -1.81
CA GLN P 88 84.08 32.42 -1.41
C GLN P 88 85.25 32.00 -0.53
N SER P 89 86.31 32.82 -0.62
CA SER P 89 87.53 32.71 0.15
C SER P 89 87.29 33.26 1.55
N LEU P 90 88.04 32.73 2.52
CA LEU P 90 87.89 33.19 3.90
C LEU P 90 88.21 34.67 4.05
N THR P 91 89.10 35.21 3.21
CA THR P 91 89.43 36.64 3.24
C THR P 91 88.36 37.50 2.57
N GLU P 92 87.57 36.91 1.68
CA GLU P 92 86.51 37.64 0.99
C GLU P 92 85.38 37.98 1.96
N GLN P 93 85.17 37.12 2.94
CA GLN P 93 84.16 37.32 3.97
C GLN P 93 84.74 38.07 5.16
N ASP P 94 83.82 38.57 5.97
CA ASP P 94 84.10 39.37 7.16
C ASP P 94 84.57 38.51 8.32
N VAL P 95 85.58 37.69 8.06
CA VAL P 95 86.18 36.82 9.05
C VAL P 95 87.60 37.31 9.32
N TYR P 96 87.90 37.55 10.59
CA TYR P 96 89.19 38.03 11.03
C TYR P 96 89.79 37.02 12.01
N ASP P 97 91.11 37.09 12.13
CA ASP P 97 91.86 36.26 13.07
C ASP P 97 91.37 36.52 14.49
N GLY P 98 91.05 35.44 15.21
CA GLY P 98 90.52 35.54 16.55
C GLY P 98 89.03 35.32 16.66
N ASP P 99 88.33 35.30 15.52
CA ASP P 99 86.90 35.04 15.51
C ASP P 99 86.65 33.56 15.83
N ARG P 100 85.39 33.18 15.89
CA ARG P 100 85.00 31.79 16.13
C ARG P 100 83.91 31.39 15.15
N LEU P 101 83.94 30.11 14.78
CA LEU P 101 83.08 29.51 13.80
C LEU P 101 82.52 28.20 14.32
N TRP P 102 81.53 27.68 13.59
CA TRP P 102 80.84 26.46 13.98
C TRP P 102 80.68 25.49 12.82
N ILE P 103 81.11 24.25 13.04
CA ILE P 103 80.93 23.17 12.08
C ILE P 103 79.64 22.48 12.48
N ARG P 104 78.76 22.25 11.52
CA ARG P 104 77.45 21.72 11.87
C ARG P 104 76.91 20.81 10.78
N PHE P 105 76.02 19.90 11.17
CA PHE P 105 75.38 18.98 10.25
C PHE P 105 73.95 19.46 10.04
N ILE P 106 73.57 19.69 8.79
CA ILE P 106 72.24 20.17 8.44
C ILE P 106 71.49 19.11 7.63
N ALA P 107 70.34 18.69 8.16
CA ALA P 107 69.50 17.66 7.56
C ALA P 107 68.77 18.13 6.30
N ASP P 108 68.43 17.15 5.46
CA ASP P 108 67.69 17.37 4.21
C ASP P 108 66.22 17.69 4.47
N THR P 109 65.71 18.72 3.78
CA THR P 109 64.32 19.14 3.87
C THR P 109 63.45 18.71 2.68
N GLU P 110 64.00 18.04 1.67
CA GLU P 110 63.22 17.59 0.51
C GLU P 110 62.16 16.56 0.90
N ARG P 111 60.93 16.76 0.41
CA ARG P 111 59.79 15.94 0.77
C ARG P 111 58.67 16.12 -0.25
N ARG P 112 57.72 15.18 -0.25
CA ARG P 112 56.54 15.33 -1.11
C ARG P 112 55.66 16.48 -0.65
N SER P 113 54.93 17.04 -1.59
CA SER P 113 54.03 18.14 -1.29
C SER P 113 52.67 17.56 -0.88
N GLN P 114 51.71 18.44 -0.60
CA GLN P 114 50.36 18.02 -0.23
C GLN P 114 49.34 19.00 -0.80
N VAL P 115 48.31 18.45 -1.46
CA VAL P 115 47.21 19.20 -2.07
C VAL P 115 45.87 18.74 -1.52
N ILE P 116 44.91 19.66 -1.53
CA ILE P 116 43.53 19.45 -1.13
C ILE P 116 42.63 20.09 -2.18
N GLU P 117 41.63 19.33 -2.65
CA GLU P 117 40.78 19.76 -3.76
C GLU P 117 39.62 20.67 -3.40
N HIS P 118 38.98 20.47 -2.26
CA HIS P 118 37.82 21.28 -1.93
C HIS P 118 38.28 22.44 -1.07
N ILE P 119 37.94 23.65 -1.49
CA ILE P 119 38.42 24.86 -0.84
C ILE P 119 38.02 24.98 0.63
N SER P 120 36.80 24.56 1.01
CA SER P 120 36.41 24.70 2.42
C SER P 120 37.31 23.88 3.32
N THR P 121 37.53 22.61 2.99
CA THR P 121 38.42 21.77 3.78
C THR P 121 39.85 22.27 3.71
N ALA P 122 40.26 22.76 2.55
CA ALA P 122 41.61 23.28 2.40
C ALA P 122 41.83 24.45 3.34
N VAL P 123 40.88 25.38 3.39
CA VAL P 123 41.01 26.55 4.26
C VAL P 123 41.13 26.11 5.72
N ALA P 124 40.28 25.20 6.15
CA ALA P 124 40.32 24.78 7.54
C ALA P 124 41.65 24.12 7.89
N SER P 125 42.10 23.16 7.09
CA SER P 125 43.33 22.46 7.42
C SER P 125 44.53 23.40 7.51
N ASP P 126 44.78 24.19 6.48
CA ASP P 126 45.93 25.08 6.48
C ASP P 126 45.87 26.11 7.60
N LEU P 127 44.73 26.76 7.77
CA LEU P 127 44.60 27.82 8.77
C LEU P 127 44.81 27.36 10.22
N SER P 128 44.43 26.14 10.55
CA SER P 128 44.59 25.64 11.93
C SER P 128 46.03 25.32 12.33
N LYS P 129 46.96 25.20 11.39
CA LYS P 129 48.37 24.94 11.72
C LYS P 129 49.14 26.23 12.00
N ARG P 130 48.90 27.26 11.20
CA ARG P 130 49.62 28.52 11.32
C ARG P 130 49.32 29.28 12.59
N PHE P 131 48.13 29.13 13.17
CA PHE P 131 47.81 29.91 14.35
C PHE P 131 47.41 29.05 15.55
N ALA P 132 47.49 29.68 16.73
CA ALA P 132 47.12 29.07 18.01
C ALA P 132 45.74 29.56 18.47
N ARG P 133 44.87 28.62 18.79
CA ARG P 133 43.52 28.90 19.27
C ARG P 133 43.49 29.12 20.78
N ILE P 134 42.39 29.73 21.24
CA ILE P 134 42.22 30.02 22.66
C ILE P 134 42.18 28.75 23.48
N ASP P 135 42.67 28.84 24.71
CA ASP P 135 42.73 27.70 25.62
C ASP P 135 42.50 28.18 27.05
N PRO P 136 42.20 27.27 27.96
CA PRO P 136 41.96 27.63 29.36
C PRO P 136 43.13 28.31 30.06
N ILE P 137 44.36 28.13 29.61
CA ILE P 137 45.49 28.73 30.30
C ILE P 137 45.45 30.24 30.12
N VAL P 138 45.26 30.70 28.89
CA VAL P 138 45.20 32.12 28.62
C VAL P 138 43.94 32.76 29.20
N ALA P 139 42.86 32.01 29.22
CA ALA P 139 41.58 32.52 29.71
C ALA P 139 41.66 33.16 31.09
N VAL P 140 42.45 32.59 31.99
CA VAL P 140 42.54 33.12 33.36
C VAL P 140 43.27 34.45 33.37
N GLN P 141 44.33 34.59 32.60
CA GLN P 141 45.09 35.84 32.58
C GLN P 141 44.19 36.98 32.15
N VAL P 142 43.29 36.72 31.22
CA VAL P 142 42.36 37.76 30.77
C VAL P 142 41.46 38.19 31.91
N GLY P 143 40.88 37.23 32.61
CA GLY P 143 40.01 37.56 33.74
C GLY P 143 40.75 38.33 34.82
N ALA P 144 41.96 37.89 35.15
CA ALA P 144 42.77 38.58 36.15
C ALA P 144 43.04 40.02 35.75
N SER P 145 43.37 40.24 34.48
CA SER P 145 43.62 41.59 34.00
C SER P 145 42.35 42.42 34.04
N MET P 146 41.21 41.83 33.71
CA MET P 146 39.93 42.53 33.76
C MET P 146 39.58 42.99 35.18
N VAL P 147 39.78 42.14 36.18
CA VAL P 147 39.47 42.57 37.56
C VAL P 147 40.45 43.66 38.00
N ALA P 148 41.71 43.61 37.56
CA ALA P 148 42.68 44.64 37.89
C ALA P 148 42.25 46.01 37.35
N THR P 149 41.77 46.05 36.12
CA THR P 149 41.28 47.29 35.53
C THR P 149 40.07 47.78 36.31
N GLY P 150 39.21 46.87 36.70
CA GLY P 150 38.01 47.22 37.44
C GLY P 150 38.31 47.91 38.75
N VAL P 151 39.25 47.38 39.54
CA VAL P 151 39.61 47.99 40.82
C VAL P 151 40.37 49.31 40.65
N VAL P 152 41.24 49.44 39.65
CA VAL P 152 41.89 50.74 39.52
C VAL P 152 40.87 51.80 39.11
N LEU P 153 39.79 51.42 38.45
CA LEU P 153 38.73 52.39 38.16
C LEU P 153 37.95 52.70 39.43
N ALA P 154 37.73 51.70 40.26
CA ALA P 154 37.03 51.89 41.53
C ALA P 154 37.75 52.88 42.43
N THR P 155 39.07 52.73 42.59
CA THR P 155 39.81 53.70 43.39
C THR P 155 39.76 55.08 42.73
N GLY P 156 39.67 55.11 41.40
CA GLY P 156 39.58 56.38 40.70
C GLY P 156 38.33 57.15 41.09
N VAL P 157 37.18 56.48 41.08
CA VAL P 157 35.94 57.15 41.46
C VAL P 157 35.93 57.43 42.96
N LEU P 158 36.42 56.50 43.77
CA LEU P 158 36.45 56.69 45.22
C LEU P 158 37.40 57.83 45.59
N GLY P 159 38.50 57.96 44.86
CA GLY P 159 39.46 59.02 45.10
C GLY P 159 38.94 60.40 44.74
N TRP P 160 38.19 60.49 43.64
CA TRP P 160 37.60 61.75 43.19
C TRP P 160 36.60 62.32 44.20
N TRP P 161 35.85 61.48 44.90
CA TRP P 161 34.86 61.95 45.88
C TRP P 161 35.51 62.73 47.03
N ARG P 162 36.70 62.32 47.46
CA ARG P 162 37.44 62.98 48.53
C ARG P 162 37.79 64.43 48.19
N TRP P 163 37.83 64.77 46.91
CA TRP P 163 38.13 66.12 46.44
C TRP P 163 36.98 67.11 46.64
N HIS P 164 35.77 66.64 46.95
CA HIS P 164 34.64 67.54 47.20
C HIS P 164 33.99 67.33 48.57
N HIS P 165 34.26 66.23 49.24
CA HIS P 165 33.66 65.91 50.53
C HIS P 165 34.72 65.39 51.50
N ASN P 166 34.60 65.81 52.76
CA ASN P 166 35.50 65.46 53.86
C ASN P 166 35.04 64.27 54.70
N THR P 167 33.93 63.63 54.35
CA THR P 167 33.40 62.46 55.06
C THR P 167 34.37 61.27 54.96
N TRP P 168 34.20 60.31 55.88
CA TRP P 168 35.06 59.12 56.02
C TRP P 168 34.90 58.08 54.91
N LEU P 169 33.88 58.20 54.06
CA LEU P 169 33.55 57.19 53.04
C LEU P 169 34.70 56.61 52.23
N THR P 170 35.53 57.46 51.65
CA THR P 170 36.66 57.04 50.82
C THR P 170 37.61 56.05 51.53
N THR P 171 38.02 56.34 52.74
CA THR P 171 38.94 55.43 53.44
C THR P 171 38.24 54.13 53.84
N ILE P 172 37.01 54.20 54.33
CA ILE P 172 36.27 53.02 54.77
C ILE P 172 36.08 52.03 53.63
N TYR P 173 35.55 52.51 52.51
CA TYR P 173 35.27 51.67 51.36
C TYR P 173 36.54 51.11 50.75
N THR P 174 37.55 51.94 50.56
CA THR P 174 38.80 51.47 49.94
C THR P 174 39.52 50.45 50.82
N ALA P 175 39.41 50.60 52.13
CA ALA P 175 40.06 49.65 53.05
C ALA P 175 39.57 48.22 52.82
N VAL P 176 38.26 48.02 52.73
CA VAL P 176 37.72 46.68 52.50
C VAL P 176 38.19 46.13 51.16
N ILE P 177 38.27 46.99 50.14
CA ILE P 177 38.77 46.56 48.83
C ILE P 177 40.21 46.05 48.95
N GLY P 178 41.06 46.79 49.64
CA GLY P 178 42.45 46.37 49.81
C GLY P 178 42.55 44.98 50.43
N VAL P 179 41.78 44.75 51.48
CA VAL P 179 41.75 43.46 52.19
C VAL P 179 41.28 42.34 51.27
N LEU P 180 40.18 42.55 50.57
CA LEU P 180 39.64 41.53 49.68
C LEU P 180 40.63 41.17 48.59
N VAL P 181 41.22 42.16 47.95
CA VAL P 181 42.15 41.88 46.84
C VAL P 181 43.41 41.23 47.39
N LEU P 182 43.94 41.74 48.49
CA LEU P 182 45.15 41.18 49.07
C LEU P 182 44.89 39.77 49.54
N ALA P 183 43.70 39.53 50.09
CA ALA P 183 43.33 38.20 50.58
C ALA P 183 43.44 37.15 49.48
N VAL P 184 42.83 37.40 48.33
CA VAL P 184 42.91 36.46 47.22
C VAL P 184 44.35 36.31 46.77
N ALA P 185 45.07 37.41 46.64
CA ALA P 185 46.45 37.36 46.18
C ALA P 185 47.32 36.46 47.06
N MET P 186 47.15 36.52 48.37
CA MET P 186 47.97 35.70 49.25
C MET P 186 47.77 34.20 49.01
N LEU P 187 46.53 33.76 48.87
CA LEU P 187 46.29 32.33 48.61
C LEU P 187 46.93 31.89 47.31
N LEU P 188 46.75 32.69 46.26
CA LEU P 188 47.34 32.35 44.97
C LEU P 188 48.84 32.27 45.09
N LEU P 189 49.44 33.20 45.82
CA LEU P 189 50.88 33.21 46.00
C LEU P 189 51.36 31.96 46.71
N MET P 190 50.62 31.50 47.72
CA MET P 190 51.05 30.28 48.41
C MET P 190 50.86 29.02 47.56
N ARG P 191 49.74 28.90 46.84
CA ARG P 191 49.47 27.69 46.07
C ARG P 191 50.18 27.62 44.71
N ALA P 192 50.70 28.74 44.22
CA ALA P 192 51.36 28.78 42.91
C ALA P 192 52.42 27.70 42.72
N LYS P 193 52.52 27.21 41.45
CA LYS P 193 53.42 26.19 40.92
C LYS P 193 54.21 26.58 39.68
N THR P 194 53.61 27.32 38.74
CA THR P 194 54.28 27.63 37.48
C THR P 194 54.25 29.12 37.16
N ASP P 195 55.06 29.45 36.16
CA ASP P 195 55.21 30.83 35.70
C ASP P 195 53.88 31.45 35.34
N ALA P 196 52.99 30.68 34.71
CA ALA P 196 51.68 31.19 34.37
C ALA P 196 50.90 31.52 35.61
N ASP P 197 50.99 30.65 36.60
CA ASP P 197 50.33 30.87 37.86
C ASP P 197 50.91 32.11 38.53
N ARG P 198 52.23 32.24 38.45
CA ARG P 198 52.91 33.39 39.03
C ARG P 198 52.50 34.68 38.35
N ARG P 199 52.31 34.65 37.03
CA ARG P 199 51.84 35.83 36.34
C ARG P 199 50.50 36.27 36.93
N VAL P 200 49.57 35.33 37.08
CA VAL P 200 48.26 35.65 37.63
C VAL P 200 48.38 36.22 39.04
N ALA P 201 49.22 35.61 39.87
CA ALA P 201 49.42 36.07 41.24
C ALA P 201 50.01 37.47 41.31
N ASP P 202 51.06 37.70 40.53
CA ASP P 202 51.72 39.02 40.50
C ASP P 202 50.74 40.12 40.10
N ILE P 203 49.96 39.89 39.05
CA ILE P 203 48.98 40.86 38.57
C ILE P 203 48.01 41.22 39.69
N MET P 204 47.57 40.23 40.44
CA MET P 204 46.65 40.44 41.53
C MET P 204 47.33 41.22 42.65
N LEU P 205 48.55 40.83 43.02
CA LEU P 205 49.26 41.54 44.09
C LEU P 205 49.54 42.98 43.71
N MET P 206 50.07 43.23 42.53
CA MET P 206 50.34 44.60 42.15
C MET P 206 49.09 45.45 42.21
N SER P 207 47.94 44.85 41.90
CA SER P 207 46.67 45.57 41.94
C SER P 207 46.22 45.95 43.35
N ALA P 208 46.78 45.33 44.38
CA ALA P 208 46.39 45.67 45.75
C ALA P 208 47.05 46.95 46.28
N ILE P 209 48.22 47.29 45.75
CA ILE P 209 48.98 48.46 46.20
C ILE P 209 48.17 49.76 46.07
N MET P 210 47.53 49.96 44.92
CA MET P 210 46.76 51.18 44.69
C MET P 210 45.62 51.41 45.67
N PRO P 211 44.71 50.48 45.90
CA PRO P 211 43.63 50.73 46.87
C PRO P 211 44.15 50.95 48.28
N VAL P 212 45.08 50.12 48.75
CA VAL P 212 45.63 50.29 50.10
C VAL P 212 46.24 51.69 50.27
N THR P 213 46.93 52.19 49.25
CA THR P 213 47.56 53.51 49.32
C THR P 213 46.55 54.63 49.49
N VAL P 214 45.58 54.74 48.59
CA VAL P 214 44.62 55.83 48.70
C VAL P 214 43.69 55.66 49.88
N ALA P 215 43.51 54.46 50.39
CA ALA P 215 42.69 54.27 51.58
C ALA P 215 43.26 55.04 52.77
N ALA P 216 44.59 55.08 52.88
CA ALA P 216 45.28 55.78 53.96
C ALA P 216 45.32 57.30 53.74
N ALA P 217 45.78 57.74 52.57
CA ALA P 217 45.92 59.16 52.26
C ALA P 217 44.60 59.93 52.42
N ALA P 218 43.46 59.28 52.24
CA ALA P 218 42.15 59.91 52.37
C ALA P 218 41.67 60.10 53.81
N ALA P 219 42.29 59.47 54.80
CA ALA P 219 41.84 59.53 56.19
C ALA P 219 41.91 60.89 56.89
N PRO P 220 42.94 61.71 56.71
CA PRO P 220 42.96 63.01 57.41
C PRO P 220 41.83 63.91 56.91
N PRO P 221 40.99 64.39 57.84
CA PRO P 221 39.85 65.25 57.50
C PRO P 221 40.27 66.59 56.93
N GLY P 222 39.26 67.35 56.50
CA GLY P 222 39.45 68.68 55.95
C GLY P 222 39.89 68.72 54.50
N PRO P 223 39.98 69.93 53.93
CA PRO P 223 40.39 70.04 52.54
C PRO P 223 41.73 69.36 52.29
N VAL P 224 41.79 68.74 51.11
CA VAL P 224 42.96 68.00 50.67
C VAL P 224 44.17 68.89 50.46
N GLY P 225 45.34 68.36 50.81
CA GLY P 225 46.57 69.13 50.63
C GLY P 225 47.81 68.47 51.20
N SER P 226 48.77 69.32 51.59
CA SER P 226 50.05 68.87 52.13
C SER P 226 49.96 67.83 53.23
N PRO P 227 49.09 67.95 54.23
CA PRO P 227 49.03 66.92 55.28
C PRO P 227 48.62 65.55 54.78
N GLN P 228 47.71 65.47 53.82
CA GLN P 228 47.28 64.18 53.28
C GLN P 228 48.39 63.52 52.46
N ALA P 229 49.14 64.31 51.69
CA ALA P 229 50.21 63.80 50.84
C ALA P 229 51.26 62.97 51.59
N VAL P 230 51.61 63.37 52.81
CA VAL P 230 52.63 62.66 53.59
C VAL P 230 52.27 61.20 53.82
N LEU P 231 51.01 60.92 54.13
CA LEU P 231 50.55 59.54 54.39
C LEU P 231 50.58 58.68 53.12
N GLY P 232 50.00 59.17 52.03
CA GLY P 232 49.93 58.44 50.79
C GLY P 232 51.26 57.93 50.25
N PHE P 233 52.16 58.82 49.88
CA PHE P 233 53.45 58.43 49.32
C PHE P 233 54.30 57.62 50.29
N GLY P 234 54.07 57.72 51.59
CA GLY P 234 54.82 56.93 52.56
C GLY P 234 54.41 55.47 52.49
N VAL P 235 53.14 55.17 52.74
CA VAL P 235 52.67 53.79 52.71
C VAL P 235 52.93 53.16 51.35
N LEU P 236 52.79 53.95 50.30
CA LEU P 236 53.05 53.46 48.95
C LEU P 236 54.48 52.98 48.84
N THR P 237 55.42 53.79 49.30
CA THR P 237 56.83 53.43 49.23
C THR P 237 57.07 52.15 50.04
N VAL P 238 56.46 52.07 51.22
CA VAL P 238 56.59 50.91 52.10
C VAL P 238 56.01 49.66 51.44
N ALA P 239 54.84 49.77 50.84
CA ALA P 239 54.20 48.62 50.20
C ALA P 239 55.08 48.06 49.09
N ALA P 240 55.56 48.93 48.21
CA ALA P 240 56.41 48.50 47.10
C ALA P 240 57.68 47.86 47.64
N ALA P 241 58.30 48.47 48.65
CA ALA P 241 59.51 47.89 49.22
C ALA P 241 59.20 46.54 49.86
N LEU P 242 58.10 46.43 50.59
CA LEU P 242 57.72 45.17 51.23
C LEU P 242 57.47 44.08 50.19
N ALA P 243 56.74 44.39 49.13
CA ALA P 243 56.46 43.41 48.08
C ALA P 243 57.75 42.95 47.42
N LEU P 244 58.64 43.88 47.12
CA LEU P 244 59.92 43.56 46.51
C LEU P 244 60.74 42.65 47.41
N ARG P 245 60.73 42.91 48.69
CA ARG P 245 61.48 42.11 49.65
C ARG P 245 61.01 40.66 49.67
N PHE P 246 59.71 40.42 49.84
CA PHE P 246 59.20 39.05 49.90
C PHE P 246 58.99 38.35 48.55
N THR P 247 58.76 39.07 47.45
CA THR P 247 58.49 38.42 46.16
C THR P 247 59.71 38.15 45.29
N GLY P 248 60.63 39.10 45.18
CA GLY P 248 61.81 38.89 44.34
C GLY P 248 61.57 38.79 42.85
N ARG P 249 60.42 39.25 42.37
CA ARG P 249 60.07 39.26 40.95
C ARG P 249 59.54 40.65 40.59
N ARG P 250 59.63 41.01 39.31
CA ARG P 250 59.19 42.32 38.82
C ARG P 250 59.97 43.47 39.47
N LEU P 251 61.27 43.26 39.65
CA LEU P 251 62.20 44.20 40.29
C LEU P 251 62.09 45.63 39.74
N GLY P 252 62.16 45.76 38.43
CA GLY P 252 62.15 47.05 37.75
C GLY P 252 60.94 47.93 38.06
N ILE P 253 59.75 47.39 37.98
CA ILE P 253 58.55 48.20 38.22
C ILE P 253 58.47 48.60 39.68
N TYR P 254 58.67 47.67 40.61
CA TYR P 254 58.61 48.03 42.02
C TYR P 254 59.67 49.09 42.36
N THR P 255 60.89 48.95 41.81
CA THR P 255 61.96 49.93 42.03
C THR P 255 61.52 51.33 41.64
N THR P 256 60.88 51.45 40.49
CA THR P 256 60.38 52.72 39.98
C THR P 256 59.34 53.34 40.92
N ILE P 257 58.44 52.54 41.46
CA ILE P 257 57.43 53.04 42.40
C ILE P 257 58.08 53.57 43.68
N VAL P 258 59.08 52.87 44.19
CA VAL P 258 59.76 53.29 45.42
C VAL P 258 60.44 54.66 45.24
N ILE P 259 61.14 54.85 44.13
CA ILE P 259 61.84 56.12 43.88
C ILE P 259 60.86 57.30 43.83
N ILE P 260 59.84 57.23 42.98
CA ILE P 260 58.90 58.35 42.89
C ILE P 260 58.17 58.56 44.21
N GLY P 261 57.89 57.49 44.93
CA GLY P 261 57.24 57.64 46.23
C GLY P 261 58.15 58.30 47.24
N ALA P 262 59.41 57.87 47.28
CA ALA P 262 60.42 58.40 48.21
C ALA P 262 60.65 59.89 48.01
N LEU P 263 61.05 60.29 46.80
CA LEU P 263 61.34 61.69 46.50
C LEU P 263 60.12 62.58 46.73
N THR P 264 58.93 62.10 46.39
CA THR P 264 57.73 62.89 46.60
C THR P 264 57.47 63.09 48.10
N MET P 265 57.75 62.07 48.91
CA MET P 265 57.55 62.16 50.35
C MET P 265 58.45 63.22 50.99
N LEU P 266 59.69 63.35 50.52
CA LEU P 266 60.61 64.38 51.05
C LEU P 266 60.05 65.78 50.84
N ALA P 267 59.61 66.08 49.61
CA ALA P 267 59.01 67.37 49.27
C ALA P 267 57.71 67.61 50.04
N ALA P 268 56.86 66.60 50.14
CA ALA P 268 55.59 66.72 50.85
C ALA P 268 55.83 67.09 52.32
N LEU P 269 56.73 66.40 52.99
CA LEU P 269 57.03 66.72 54.38
C LEU P 269 57.52 68.16 54.50
N ALA P 270 58.46 68.56 53.65
CA ALA P 270 58.95 69.93 53.68
C ALA P 270 57.81 70.93 53.44
N ARG P 271 57.01 70.68 52.41
CA ARG P 271 55.86 71.54 52.09
C ARG P 271 54.85 71.57 53.23
N MET P 272 54.65 70.43 53.90
CA MET P 272 53.71 70.35 55.02
C MET P 272 54.23 71.13 56.22
N VAL P 273 55.50 70.95 56.57
CA VAL P 273 56.06 71.66 57.73
C VAL P 273 56.25 73.14 57.40
N ALA P 274 57.12 73.46 56.45
CA ALA P 274 57.35 74.85 56.09
C ALA P 274 58.19 74.96 54.82
N ALA P 275 57.69 75.72 53.84
CA ALA P 275 58.41 75.92 52.58
C ALA P 275 58.07 77.30 52.03
N THR P 276 59.10 78.07 51.72
CA THR P 276 58.90 79.43 51.20
C THR P 276 58.27 79.41 49.82
N SER P 277 58.64 78.46 48.95
CA SER P 277 58.01 78.39 47.64
C SER P 277 58.20 77.01 47.03
N ALA P 278 57.27 76.66 46.13
CA ALA P 278 57.38 75.42 45.39
C ALA P 278 58.57 75.43 44.45
N VAL P 279 58.90 76.60 43.91
CA VAL P 279 60.04 76.75 43.02
C VAL P 279 61.32 76.28 43.71
N THR P 280 61.44 76.58 45.00
CA THR P 280 62.58 76.15 45.79
C THR P 280 62.64 74.63 45.86
N LEU P 281 61.51 74.00 46.15
CA LEU P 281 61.44 72.54 46.22
C LEU P 281 61.67 71.91 44.85
N LEU P 282 61.03 72.45 43.81
CA LEU P 282 61.17 71.96 42.44
C LEU P 282 62.61 72.06 41.94
N SER P 283 63.28 73.15 42.25
CA SER P 283 64.69 73.32 41.87
C SER P 283 65.57 72.29 42.59
N SER P 284 65.29 72.06 43.87
CA SER P 284 66.05 71.10 44.67
C SER P 284 65.95 69.69 44.11
N LEU P 285 64.74 69.23 43.82
CA LEU P 285 64.54 67.90 43.27
C LEU P 285 65.28 67.77 41.94
N LEU P 286 65.16 68.75 41.07
CA LEU P 286 65.85 68.72 39.80
C LEU P 286 67.35 68.57 40.01
N LEU P 287 67.91 69.33 40.94
CA LEU P 287 69.34 69.22 41.23
C LEU P 287 69.69 67.83 41.75
N ILE P 288 68.87 67.28 42.63
CA ILE P 288 69.13 65.94 43.17
C ILE P 288 69.12 64.91 42.05
N CYS P 289 68.12 64.99 41.19
CA CYS P 289 67.99 64.06 40.06
C CYS P 289 69.20 64.18 39.13
N VAL P 290 69.66 65.40 38.89
CA VAL P 290 70.81 65.62 38.02
C VAL P 290 72.04 64.87 38.54
N VAL P 291 72.27 64.88 39.85
CA VAL P 291 73.40 64.13 40.40
C VAL P 291 73.08 62.63 40.52
N ALA P 292 71.81 62.28 40.72
CA ALA P 292 71.42 60.88 40.89
C ALA P 292 71.75 60.02 39.67
N TYR P 293 71.70 60.58 38.46
CA TYR P 293 72.02 59.82 37.26
C TYR P 293 73.44 59.25 37.34
N HIS P 294 74.36 59.97 37.94
CA HIS P 294 75.74 59.50 38.08
C HIS P 294 75.82 58.41 39.14
N ALA P 295 74.95 58.44 40.13
CA ALA P 295 74.89 57.47 41.22
C ALA P 295 74.18 56.18 40.83
N ALA P 296 73.30 56.23 39.85
CA ALA P 296 72.51 55.08 39.40
C ALA P 296 73.28 53.79 39.19
N PRO P 297 74.41 53.75 38.48
CA PRO P 297 75.12 52.46 38.31
C PRO P 297 75.64 51.88 39.60
N ALA P 298 76.10 52.72 40.52
CA ALA P 298 76.57 52.24 41.82
C ALA P 298 75.41 51.66 42.63
N LEU P 299 74.29 52.36 42.67
CA LEU P 299 73.11 51.90 43.39
C LEU P 299 72.70 50.52 42.92
N SER P 300 72.54 50.35 41.62
CA SER P 300 72.21 49.05 41.05
C SER P 300 73.20 47.99 41.50
N ARG P 301 74.48 48.29 41.39
CA ARG P 301 75.54 47.37 41.77
C ARG P 301 75.51 46.96 43.25
N ARG P 302 75.30 47.90 44.18
CA ARG P 302 75.21 47.49 45.59
C ARG P 302 73.88 46.79 45.93
N LEU P 303 72.77 47.23 45.32
CA LEU P 303 71.45 46.65 45.57
C LEU P 303 71.42 45.15 45.25
N ALA P 304 72.15 44.74 44.22
CA ALA P 304 72.23 43.35 43.81
C ALA P 304 72.75 42.42 44.91
N GLY P 305 73.40 42.96 45.92
CA GLY P 305 73.86 42.12 47.01
C GLY P 305 72.80 41.74 48.05
N ILE P 306 71.61 42.33 48.01
CA ILE P 306 70.58 42.02 48.98
C ILE P 306 70.04 40.61 48.74
N ARG P 307 69.87 39.83 49.82
CA ARG P 307 69.34 38.47 49.73
C ARG P 307 67.81 38.38 49.75
N LEU P 308 67.26 37.87 48.66
CA LEU P 308 65.83 37.68 48.41
C LEU P 308 65.68 36.49 47.46
N PRO P 309 64.50 35.84 47.45
CA PRO P 309 64.38 34.54 46.77
C PRO P 309 64.84 34.56 45.30
N VAL P 310 64.73 33.40 44.62
CA VAL P 310 65.33 33.19 43.29
C VAL P 310 64.36 32.51 42.32
N PHE P 311 64.20 33.10 41.11
CA PHE P 311 63.39 32.67 39.96
C PHE P 311 64.05 33.11 38.65
N PRO P 312 64.61 32.19 37.86
CA PRO P 312 65.32 32.57 36.65
C PRO P 312 64.46 32.82 35.40
N SER P 313 64.99 33.65 34.50
CA SER P 313 64.41 33.94 33.18
C SER P 313 65.13 33.24 32.03
N ALA P 314 65.80 32.12 32.27
CA ALA P 314 66.56 31.43 31.22
C ALA P 314 66.35 29.93 31.26
N SER P 344 77.95 24.19 38.95
CA SER P 344 76.78 24.77 39.59
C SER P 344 77.03 26.23 39.98
N SER P 345 78.30 26.61 40.09
CA SER P 345 78.66 27.96 40.50
C SER P 345 78.21 29.02 39.50
N VAL P 346 78.11 28.67 38.23
CA VAL P 346 77.70 29.61 37.18
C VAL P 346 76.33 30.22 37.48
N ARG P 347 75.41 29.42 38.04
CA ARG P 347 74.05 29.87 38.34
C ARG P 347 74.05 31.18 39.14
N ASP P 348 74.84 31.23 40.22
CA ASP P 348 74.95 32.42 41.06
C ASP P 348 75.43 33.66 40.30
N VAL P 349 76.38 33.51 39.39
CA VAL P 349 76.91 34.66 38.65
C VAL P 349 75.84 35.25 37.73
N LEU P 350 75.19 34.40 36.93
CA LEU P 350 74.14 34.85 35.99
C LEU P 350 72.96 35.46 36.73
N LEU P 351 72.57 34.87 37.85
CA LEU P 351 71.47 35.39 38.66
C LEU P 351 71.81 36.79 39.14
N GLN P 352 73.03 36.97 39.63
CA GLN P 352 73.48 38.28 40.08
C GLN P 352 73.50 39.28 38.92
N ALA P 353 74.01 38.87 37.77
CA ALA P 353 74.10 39.75 36.61
C ALA P 353 72.74 40.26 36.15
N GLU P 354 71.77 39.38 35.98
CA GLU P 354 70.46 39.83 35.52
C GLU P 354 69.73 40.66 36.56
N ARG P 355 69.91 40.36 37.84
CA ARG P 355 69.27 41.16 38.89
C ARG P 355 69.76 42.61 38.83
N ALA P 356 71.08 42.78 38.76
CA ALA P 356 71.70 44.11 38.71
C ALA P 356 71.21 44.90 37.51
N ARG P 357 71.26 44.30 36.33
CA ARG P 357 70.78 44.94 35.12
C ARG P 357 69.34 45.41 35.31
N SER P 358 68.50 44.52 35.84
CA SER P 358 67.09 44.83 36.09
C SER P 358 66.90 46.07 36.99
N PHE P 359 67.67 46.15 38.07
CA PHE P 359 67.58 47.31 38.95
C PHE P 359 67.94 48.62 38.26
N LEU P 360 68.91 48.60 37.35
CA LEU P 360 69.33 49.83 36.68
C LEU P 360 68.22 50.41 35.80
N SER P 361 67.55 49.58 35.01
CA SER P 361 66.49 50.07 34.13
C SER P 361 65.37 50.77 34.92
N GLY P 362 64.92 50.15 36.01
CA GLY P 362 63.88 50.76 36.83
C GLY P 362 64.31 52.07 37.46
N LEU P 363 65.53 52.10 37.97
CA LEU P 363 66.11 53.30 38.59
C LEU P 363 66.19 54.44 37.58
N LEU P 364 66.68 54.14 36.39
CA LEU P 364 66.77 55.12 35.32
C LEU P 364 65.39 55.67 34.98
N THR P 365 64.40 54.80 34.90
CA THR P 365 63.03 55.17 34.59
C THR P 365 62.45 56.13 35.62
N GLY P 366 62.64 55.83 36.91
CA GLY P 366 62.12 56.69 37.97
C GLY P 366 62.66 58.10 37.93
N LEU P 367 63.97 58.23 37.66
CA LEU P 367 64.59 59.54 37.57
C LEU P 367 64.03 60.30 36.37
N GLY P 368 63.87 59.61 35.25
CA GLY P 368 63.31 60.21 34.06
C GLY P 368 61.92 60.79 34.30
N VAL P 369 61.08 60.07 35.03
CA VAL P 369 59.72 60.52 35.36
C VAL P 369 59.78 61.79 36.20
N MET P 370 60.64 61.83 37.21
CA MET P 370 60.74 62.99 38.08
C MET P 370 61.22 64.24 37.33
N VAL P 371 62.27 64.11 36.51
CA VAL P 371 62.79 65.28 35.80
C VAL P 371 61.76 65.92 34.89
N VAL P 372 61.02 65.14 34.13
CA VAL P 372 60.03 65.77 33.23
C VAL P 372 58.93 66.45 34.02
N VAL P 373 58.49 65.87 35.13
CA VAL P 373 57.43 66.52 35.91
C VAL P 373 57.94 67.84 36.47
N CYS P 374 59.14 67.84 37.03
CA CYS P 374 59.72 69.05 37.61
C CYS P 374 60.09 70.09 36.55
N MET P 375 60.83 69.67 35.52
CA MET P 375 61.28 70.56 34.44
C MET P 375 60.11 71.31 33.78
N THR P 376 59.04 70.61 33.43
CA THR P 376 57.88 71.24 32.80
C THR P 376 57.15 72.19 33.75
N SER P 377 57.29 71.98 35.04
CA SER P 377 56.69 72.86 36.04
C SER P 377 57.56 74.10 36.29
N LEU P 378 58.88 73.94 36.16
CA LEU P 378 59.81 75.02 36.41
C LEU P 378 59.83 76.07 35.29
N CYS P 379 59.88 75.68 34.03
CA CYS P 379 59.85 76.68 32.97
C CYS P 379 58.50 77.40 32.94
N ASP P 380 58.51 78.65 32.42
CA ASP P 380 57.30 79.49 32.36
C ASP P 380 57.35 80.63 31.33
N PRO P 381 56.32 80.78 30.50
CA PRO P 381 56.29 81.79 29.45
C PRO P 381 56.00 83.21 29.91
N HIS P 382 55.74 83.46 31.19
CA HIS P 382 55.44 84.80 31.68
C HIS P 382 56.35 85.28 32.80
N THR P 383 56.90 84.38 33.60
CA THR P 383 57.74 84.74 34.73
C THR P 383 59.15 85.16 34.29
N GLY P 384 59.52 86.39 34.59
CA GLY P 384 60.85 86.92 34.31
C GLY P 384 61.57 86.61 33.01
N GLN P 385 62.84 86.17 33.12
CA GLN P 385 63.66 85.82 31.96
C GLN P 385 63.24 84.48 31.36
N ARG P 386 62.09 84.55 30.68
CA ARG P 386 61.40 83.44 30.03
C ARG P 386 62.31 82.57 29.18
N TRP P 387 63.36 83.15 28.59
CA TRP P 387 64.33 82.44 27.76
C TRP P 387 65.40 81.67 28.54
N LEU P 388 65.68 82.08 29.77
CA LEU P 388 66.71 81.42 30.58
C LEU P 388 66.41 79.95 30.86
N PRO P 389 65.24 79.57 31.37
CA PRO P 389 64.94 78.15 31.60
C PRO P 389 64.86 77.31 30.33
N LEU P 390 64.46 77.92 29.21
CA LEU P 390 64.38 77.23 27.93
C LEU P 390 65.75 76.70 27.50
N ILE P 391 66.76 77.56 27.51
CA ILE P 391 68.11 77.17 27.13
C ILE P 391 68.70 76.23 28.16
N LEU P 392 68.41 76.45 29.44
CA LEU P 392 68.87 75.56 30.51
C LEU P 392 68.31 74.15 30.34
N ALA P 393 67.03 74.04 29.99
CA ALA P 393 66.38 72.76 29.72
C ALA P 393 67.02 72.06 28.52
N GLY P 394 67.36 72.83 27.49
CA GLY P 394 68.03 72.29 26.30
C GLY P 394 69.34 71.62 26.64
N PHE P 395 70.21 72.34 27.35
CA PHE P 395 71.49 71.79 27.80
C PHE P 395 71.28 70.61 28.74
N THR P 396 70.29 70.67 29.61
CA THR P 396 69.99 69.56 30.50
C THR P 396 69.59 68.33 29.69
N SER P 397 68.84 68.51 28.62
CA SER P 397 68.42 67.43 27.72
C SER P 397 69.62 66.87 26.96
N GLY P 398 70.50 67.75 26.49
CA GLY P 398 71.71 67.34 25.79
C GLY P 398 72.59 66.41 26.61
N PHE P 399 72.71 66.65 27.90
CA PHE P 399 73.47 65.78 28.79
C PHE P 399 72.98 64.33 28.73
N LEU P 400 71.68 64.11 28.88
CA LEU P 400 71.15 62.75 28.80
C LEU P 400 71.29 62.19 27.37
N LEU P 401 71.07 63.03 26.36
CA LEU P 401 71.20 62.61 24.96
C LEU P 401 72.61 62.08 24.67
N LEU P 402 73.63 62.71 25.24
CA LEU P 402 75.01 62.27 25.07
C LEU P 402 75.33 61.07 25.97
N ARG P 403 74.91 61.11 27.23
CA ARG P 403 75.18 60.04 28.20
C ARG P 403 74.66 58.67 27.79
N GLY P 404 73.66 58.60 26.92
CA GLY P 404 73.12 57.31 26.46
C GLY P 404 74.15 56.33 25.91
N ARG P 405 75.26 56.85 25.38
CA ARG P 405 76.35 56.03 24.84
C ARG P 405 77.15 55.26 25.88
N SER P 406 77.12 55.65 27.15
CA SER P 406 77.90 54.98 28.17
C SER P 406 77.41 53.57 28.51
N TYR P 407 76.20 53.19 28.11
CA TYR P 407 75.66 51.86 28.37
C TYR P 407 75.36 51.14 27.06
N VAL P 408 75.87 49.90 26.98
CA VAL P 408 75.76 49.01 25.83
C VAL P 408 74.34 48.48 25.64
N ASP P 409 73.56 48.37 26.71
CA ASP P 409 72.21 47.82 26.62
C ASP P 409 71.27 48.68 25.78
N ARG P 410 70.57 47.98 24.89
CA ARG P 410 69.61 48.54 23.95
C ARG P 410 68.48 49.32 24.63
N TRP P 411 67.78 48.69 25.55
CA TRP P 411 66.65 49.34 26.24
C TRP P 411 67.11 50.48 27.14
N GLN P 412 68.23 50.28 27.84
CA GLN P 412 68.75 51.31 28.73
C GLN P 412 69.14 52.55 27.93
N SER P 413 69.84 52.36 26.83
CA SER P 413 70.21 53.47 25.97
C SER P 413 68.98 54.13 25.35
N ILE P 414 68.00 53.34 24.93
CA ILE P 414 66.77 53.90 24.33
C ILE P 414 65.95 54.68 25.36
N THR P 415 65.79 54.17 26.57
CA THR P 415 65.00 54.92 27.54
C THR P 415 65.68 56.26 27.88
N LEU P 416 67.01 56.27 27.95
CA LEU P 416 67.75 57.51 28.19
C LEU P 416 67.51 58.49 27.04
N ALA P 417 67.68 58.01 25.81
CA ALA P 417 67.46 58.82 24.61
C ALA P 417 66.04 59.39 24.59
N GLY P 418 65.07 58.53 24.87
CA GLY P 418 63.67 58.93 24.91
C GLY P 418 63.37 59.95 25.98
N THR P 419 64.06 59.86 27.11
CA THR P 419 63.87 60.82 28.19
C THR P 419 64.21 62.25 27.76
N ALA P 420 65.22 62.42 26.91
CA ALA P 420 65.60 63.74 26.42
C ALA P 420 64.60 64.30 25.42
N VAL P 421 64.20 63.50 24.44
CA VAL P 421 63.30 63.93 23.38
C VAL P 421 61.96 64.43 23.93
N ILE P 422 61.37 63.69 24.86
CA ILE P 422 60.08 64.08 25.43
C ILE P 422 60.13 65.43 26.13
N ILE P 423 61.22 65.75 26.80
CA ILE P 423 61.31 67.04 27.48
C ILE P 423 61.24 68.19 26.47
N ALA P 424 62.00 68.09 25.38
CA ALA P 424 62.02 69.13 24.36
C ALA P 424 60.61 69.38 23.81
N ALA P 425 59.91 68.32 23.45
CA ALA P 425 58.56 68.43 22.93
C ALA P 425 57.63 69.03 23.98
N ALA P 426 57.75 68.59 25.23
CA ALA P 426 56.89 69.08 26.31
C ALA P 426 57.05 70.58 26.52
N VAL P 427 58.28 71.08 26.51
CA VAL P 427 58.51 72.52 26.69
C VAL P 427 57.82 73.32 25.58
N CYS P 428 57.93 72.87 24.34
CA CYS P 428 57.30 73.55 23.21
C CYS P 428 55.78 73.58 23.37
N VAL P 429 55.20 72.47 23.80
CA VAL P 429 53.75 72.41 24.01
C VAL P 429 53.34 73.43 25.06
N ARG P 430 54.07 73.50 26.16
CA ARG P 430 53.74 74.48 27.20
C ARG P 430 53.74 75.89 26.63
N TYR P 431 54.77 76.24 25.89
CA TYR P 431 54.89 77.56 25.28
C TYR P 431 53.97 77.73 24.06
N ALA P 432 53.22 76.68 23.70
CA ALA P 432 52.24 76.73 22.63
C ALA P 432 50.83 76.92 23.17
N LEU P 433 50.47 76.24 24.26
CA LEU P 433 49.16 76.40 24.88
C LEU P 433 49.02 77.79 25.50
N GLU P 434 49.95 78.13 26.39
CA GLU P 434 49.98 79.44 27.00
C GLU P 434 50.82 80.37 26.11
N LEU P 435 50.51 81.67 26.17
CA LEU P 435 51.17 82.65 25.29
C LEU P 435 50.92 82.26 23.82
N SER P 436 49.70 81.80 23.58
CA SER P 436 49.19 81.31 22.30
C SER P 436 49.06 82.39 21.22
N SER P 437 49.55 82.09 20.02
CA SER P 437 49.48 83.00 18.88
C SER P 437 49.92 82.24 17.63
N PRO P 438 49.57 82.74 16.44
CA PRO P 438 49.95 82.05 15.19
C PRO P 438 51.43 81.77 14.99
N LEU P 439 52.29 82.69 15.40
CA LEU P 439 53.74 82.49 15.26
C LEU P 439 54.23 81.35 16.15
N ALA P 440 53.82 81.37 17.42
CA ALA P 440 54.22 80.36 18.39
C ALA P 440 53.86 78.95 17.93
N VAL P 441 52.59 78.72 17.58
CA VAL P 441 52.18 77.39 17.11
C VAL P 441 52.89 77.03 15.81
N SER P 442 53.00 77.97 14.89
CA SER P 442 53.69 77.72 13.62
C SER P 442 55.13 77.31 13.87
N ILE P 443 55.82 78.04 14.75
CA ILE P 443 57.20 77.81 15.11
C ILE P 443 57.37 76.49 15.85
N VAL P 444 56.49 76.22 16.80
CA VAL P 444 56.56 74.97 17.55
C VAL P 444 56.41 73.78 16.61
N ALA P 445 55.50 73.87 15.66
CA ALA P 445 55.33 72.78 14.70
C ALA P 445 56.61 72.58 13.87
N ALA P 446 57.17 73.66 13.36
CA ALA P 446 58.39 73.58 12.56
C ALA P 446 59.52 72.96 13.39
N ILE P 447 59.66 73.43 14.62
CA ILE P 447 60.69 72.94 15.53
C ILE P 447 60.54 71.43 15.75
N LEU P 448 59.34 71.01 16.11
CA LEU P 448 59.09 69.62 16.45
C LEU P 448 59.24 68.69 15.25
N VAL P 449 58.87 69.13 14.06
CA VAL P 449 59.03 68.28 12.88
C VAL P 449 60.49 68.21 12.43
N LEU P 450 61.22 69.31 12.52
CA LEU P 450 62.63 69.30 12.09
C LEU P 450 63.52 68.55 13.05
N LEU P 451 63.33 68.73 14.35
CA LEU P 451 64.12 68.13 15.42
C LEU P 451 64.53 66.68 15.17
N PRO P 452 63.60 65.78 15.03
CA PRO P 452 63.97 64.39 14.78
C PRO P 452 64.39 64.13 13.34
N ALA P 453 63.83 64.90 12.40
CA ALA P 453 64.11 64.68 10.98
C ALA P 453 65.60 64.84 10.68
N ALA P 454 66.24 65.87 11.20
CA ALA P 454 67.65 66.09 10.95
C ALA P 454 68.49 64.89 11.41
N GLY P 455 68.22 64.39 12.61
CA GLY P 455 68.97 63.25 13.12
C GLY P 455 68.79 61.99 12.30
N MET P 456 67.54 61.65 11.99
CA MET P 456 67.28 60.43 11.22
C MET P 456 67.91 60.51 9.84
N ALA P 457 67.73 61.63 9.15
CA ALA P 457 68.29 61.78 7.81
C ALA P 457 69.81 61.67 7.82
N ALA P 458 70.48 62.33 8.78
CA ALA P 458 71.93 62.26 8.83
C ALA P 458 72.43 60.83 9.10
N ALA P 459 71.70 60.04 9.88
CA ALA P 459 72.10 58.67 10.18
C ALA P 459 71.75 57.67 9.08
N ALA P 460 70.55 57.76 8.50
CA ALA P 460 70.14 56.79 7.49
C ALA P 460 70.73 57.03 6.11
N HIS P 461 70.83 58.27 5.65
CA HIS P 461 71.38 58.46 4.31
C HIS P 461 72.90 58.34 4.37
N GLN Q 19 77.12 -43.37 57.70
CA GLN Q 19 75.82 -42.77 57.97
C GLN Q 19 76.00 -41.49 58.78
N ALA Q 20 75.23 -40.45 58.45
CA ALA Q 20 75.32 -39.18 59.14
C ALA Q 20 74.04 -38.38 58.93
N VAL Q 21 73.91 -37.29 59.68
CA VAL Q 21 72.77 -36.38 59.59
C VAL Q 21 73.25 -34.94 59.81
N VAL Q 22 72.52 -33.99 59.22
CA VAL Q 22 72.84 -32.56 59.34
C VAL Q 22 71.61 -31.84 59.89
N VAL Q 23 71.81 -31.05 60.94
CA VAL Q 23 70.73 -30.37 61.65
C VAL Q 23 71.16 -28.96 62.06
N GLY Q 24 70.15 -28.12 62.27
CA GLY Q 24 70.30 -26.74 62.72
C GLY Q 24 70.36 -26.72 64.23
N VAL Q 25 71.54 -26.43 64.79
CA VAL Q 25 71.73 -26.34 66.23
C VAL Q 25 71.62 -24.90 66.68
N MET Q 26 70.63 -24.64 67.53
CA MET Q 26 70.38 -23.34 68.11
C MET Q 26 71.35 -23.14 69.26
N ALA Q 27 71.88 -21.93 69.39
CA ALA Q 27 72.85 -21.64 70.45
C ALA Q 27 72.47 -20.34 71.17
N GLY Q 28 73.46 -19.73 71.83
CA GLY Q 28 73.26 -18.52 72.59
C GLY Q 28 72.37 -17.45 71.99
N GLU Q 29 71.43 -16.97 72.80
CA GLU Q 29 70.44 -15.96 72.43
C GLU Q 29 69.61 -16.40 71.22
N GLY Q 30 69.65 -17.70 70.89
CA GLY Q 30 68.94 -18.25 69.77
C GLY Q 30 69.64 -18.22 68.43
N VAL Q 31 70.95 -18.00 68.41
CA VAL Q 31 71.68 -17.94 67.14
C VAL Q 31 71.66 -19.30 66.47
N GLN Q 32 71.29 -19.34 65.18
CA GLN Q 32 71.22 -20.58 64.42
C GLN Q 32 72.59 -21.01 63.87
N ILE Q 33 72.96 -22.27 64.14
CA ILE Q 33 74.22 -22.85 63.66
C ILE Q 33 73.95 -24.21 63.04
N GLY Q 34 74.70 -24.55 62.00
CA GLY Q 34 74.57 -25.83 61.31
C GLY Q 34 75.70 -26.80 61.66
N VAL Q 35 75.32 -28.05 61.95
CA VAL Q 35 76.29 -29.09 62.32
C VAL Q 35 75.92 -30.46 61.75
N LEU Q 36 76.95 -31.27 61.56
CA LEU Q 36 76.86 -32.64 61.02
C LEU Q 36 77.14 -33.64 62.14
N LEU Q 37 76.25 -34.62 62.31
CA LEU Q 37 76.39 -35.64 63.36
C LEU Q 37 76.24 -37.04 62.79
N ASP Q 38 76.79 -38.01 63.53
CA ASP Q 38 76.70 -39.42 63.16
C ASP Q 38 75.28 -39.93 63.34
N ALA Q 39 74.92 -40.93 62.53
CA ALA Q 39 73.59 -41.50 62.60
C ALA Q 39 73.41 -42.49 63.73
N ASN Q 40 74.41 -43.33 64.00
CA ASN Q 40 74.27 -44.38 65.01
C ASN Q 40 74.92 -44.12 66.36
N ALA Q 41 75.93 -43.26 66.47
CA ALA Q 41 76.51 -43.01 67.79
C ALA Q 41 75.52 -42.29 68.71
N PRO Q 42 75.47 -42.63 69.99
CA PRO Q 42 74.54 -41.98 70.90
C PRO Q 42 74.95 -40.55 71.22
N VAL Q 43 73.95 -39.75 71.58
CA VAL Q 43 74.15 -38.33 71.86
C VAL Q 43 75.21 -38.07 72.93
N SER Q 44 75.25 -38.90 73.98
CA SER Q 44 76.24 -38.71 75.04
C SER Q 44 77.69 -38.75 74.60
N VAL Q 45 78.05 -39.58 73.61
CA VAL Q 45 79.44 -39.67 73.14
C VAL Q 45 79.84 -38.56 72.18
N MET Q 46 78.90 -37.78 71.68
CA MET Q 46 79.15 -36.68 70.76
C MET Q 46 78.81 -35.30 71.33
N THR Q 47 78.00 -35.23 72.39
CA THR Q 47 77.61 -33.96 72.98
C THR Q 47 78.81 -33.20 73.55
N ASP Q 48 79.88 -33.92 73.90
CA ASP Q 48 81.09 -33.28 74.43
C ASP Q 48 81.85 -32.52 73.35
N PRO Q 49 82.35 -33.16 72.28
CA PRO Q 49 83.03 -32.42 71.22
C PRO Q 49 82.15 -31.41 70.49
N LEU Q 50 80.86 -31.69 70.36
CA LEU Q 50 79.93 -30.77 69.71
C LEU Q 50 79.87 -29.43 70.45
N LEU Q 51 79.88 -29.46 71.78
CA LEU Q 51 79.86 -28.24 72.57
C LEU Q 51 81.11 -27.41 72.31
N LYS Q 52 82.25 -28.07 72.12
CA LYS Q 52 83.51 -27.40 71.84
C LYS Q 52 83.48 -26.66 70.50
N VAL Q 53 83.05 -27.32 69.44
CA VAL Q 53 83.00 -26.67 68.11
C VAL Q 53 81.98 -25.53 68.11
N VAL Q 54 80.85 -25.68 68.79
CA VAL Q 54 79.86 -24.61 68.86
C VAL Q 54 80.41 -23.41 69.62
N ASN Q 55 81.05 -23.64 70.77
CA ASN Q 55 81.64 -22.56 71.55
C ASN Q 55 82.76 -21.88 70.77
N SER Q 56 83.56 -22.66 70.07
CA SER Q 56 84.63 -22.13 69.23
C SER Q 56 84.07 -21.22 68.13
N ARG Q 57 83.01 -21.67 67.47
CA ARG Q 57 82.38 -20.86 66.41
C ARG Q 57 81.79 -19.59 67.01
N LEU Q 58 81.21 -19.67 68.20
CA LEU Q 58 80.66 -18.50 68.87
C LEU Q 58 81.73 -17.44 69.10
N ARG Q 59 82.91 -17.84 69.56
CA ARG Q 59 84.01 -16.90 69.76
C ARG Q 59 84.42 -16.23 68.45
N GLU Q 60 84.36 -16.94 67.33
CA GLU Q 60 84.69 -16.32 66.04
C GLU Q 60 83.63 -15.30 65.64
N LEU Q 61 82.39 -15.53 66.04
CA LEU Q 61 81.29 -14.62 65.80
C LEU Q 61 81.33 -13.43 66.75
N GLY Q 62 82.21 -13.49 67.75
CA GLY Q 62 82.36 -12.49 68.78
C GLY Q 62 81.40 -12.68 69.92
N GLU Q 63 80.76 -13.84 69.98
CA GLU Q 63 79.78 -14.17 71.00
C GLU Q 63 80.45 -15.00 72.10
N ALA Q 64 79.97 -14.81 73.32
CA ALA Q 64 80.48 -15.57 74.44
C ALA Q 64 80.08 -17.04 74.33
N PRO Q 65 80.97 -17.96 74.69
CA PRO Q 65 80.64 -19.38 74.64
C PRO Q 65 79.57 -19.74 75.65
N LEU Q 66 78.95 -20.90 75.43
CA LEU Q 66 77.90 -21.40 76.31
C LEU Q 66 78.46 -21.64 77.72
N GLU Q 67 77.79 -21.06 78.71
CA GLU Q 67 78.19 -21.15 80.11
C GLU Q 67 76.97 -21.09 81.01
N ALA Q 68 77.07 -21.74 82.17
CA ALA Q 68 75.99 -21.81 83.14
C ALA Q 68 76.57 -22.04 84.53
N THR Q 69 75.72 -21.83 85.55
CA THR Q 69 76.08 -21.97 86.95
C THR Q 69 75.13 -22.94 87.65
N GLY Q 70 75.67 -23.72 88.57
CA GLY Q 70 74.92 -24.72 89.32
C GLY Q 70 75.19 -26.13 88.81
N ARG Q 71 74.74 -27.10 89.61
CA ARG Q 71 74.91 -28.50 89.28
C ARG Q 71 74.03 -28.90 88.10
N GLY Q 72 74.62 -29.58 87.12
CA GLY Q 72 73.88 -29.99 85.94
C GLY Q 72 74.82 -30.46 84.84
N ARG Q 73 74.31 -30.47 83.61
CA ARG Q 73 75.09 -30.91 82.45
C ARG Q 73 74.56 -30.29 81.17
N TRP Q 74 75.35 -30.39 80.10
CA TRP Q 74 75.02 -29.90 78.78
C TRP Q 74 74.50 -31.02 77.87
N ALA Q 75 73.38 -30.76 77.20
CA ALA Q 75 72.77 -31.75 76.31
C ALA Q 75 71.87 -31.06 75.29
N LEU Q 76 71.42 -31.86 74.31
CA LEU Q 76 70.51 -31.44 73.24
C LEU Q 76 69.06 -31.54 73.68
N CYS Q 77 68.25 -30.56 73.27
CA CYS Q 77 66.83 -30.51 73.61
C CYS Q 77 66.01 -30.06 72.42
N LEU Q 78 64.74 -30.43 72.45
CA LEU Q 78 63.72 -30.02 71.49
C LEU Q 78 63.17 -28.64 71.83
N VAL Q 79 62.34 -28.12 70.93
CA VAL Q 79 61.76 -26.80 71.12
C VAL Q 79 60.95 -26.69 72.41
N ASP Q 80 60.44 -27.80 72.94
CA ASP Q 80 59.66 -27.74 74.17
C ASP Q 80 60.51 -27.99 75.40
N GLY Q 81 61.82 -28.12 75.24
CA GLY Q 81 62.75 -28.35 76.33
C GLY Q 81 63.04 -29.80 76.64
N ALA Q 82 62.35 -30.74 76.02
CA ALA Q 82 62.58 -32.14 76.30
C ALA Q 82 63.95 -32.57 75.80
N PRO Q 83 64.83 -33.11 76.65
CA PRO Q 83 66.14 -33.55 76.18
C PRO Q 83 66.06 -34.85 75.40
N LEU Q 84 66.99 -35.02 74.47
CA LEU Q 84 67.07 -36.25 73.69
C LEU Q 84 67.64 -37.39 74.54
N ARG Q 85 67.40 -38.62 74.09
CA ARG Q 85 67.90 -39.78 74.82
C ARG Q 85 69.42 -39.86 74.71
N ALA Q 86 70.08 -39.95 75.87
CA ALA Q 86 71.54 -39.97 75.94
C ALA Q 86 72.16 -41.29 75.48
N THR Q 87 71.40 -42.39 75.52
CA THR Q 87 71.93 -43.71 75.18
C THR Q 87 71.44 -44.26 73.86
N GLN Q 88 70.71 -43.50 73.06
CA GLN Q 88 70.22 -44.02 71.80
C GLN Q 88 70.68 -43.21 70.59
N SER Q 89 70.79 -43.92 69.48
CA SER Q 89 71.20 -43.40 68.19
C SER Q 89 70.23 -42.34 67.67
N LEU Q 90 70.78 -41.38 66.92
CA LEU Q 90 69.94 -40.39 66.25
C LEU Q 90 69.06 -41.07 65.19
N THR Q 91 69.42 -42.30 64.80
CA THR Q 91 68.63 -43.10 63.86
C THR Q 91 67.50 -43.79 64.60
N GLU Q 92 67.67 -44.01 65.90
CA GLU Q 92 66.63 -44.60 66.73
C GLU Q 92 65.63 -43.51 67.09
N GLN Q 93 66.14 -42.31 67.35
CA GLN Q 93 65.34 -41.13 67.61
C GLN Q 93 64.78 -40.62 66.28
N ASP Q 94 63.79 -39.73 66.36
CA ASP Q 94 63.13 -39.15 65.18
C ASP Q 94 63.81 -37.85 64.71
N VAL Q 95 65.03 -38.00 64.20
CA VAL Q 95 65.83 -36.90 63.68
C VAL Q 95 66.20 -37.18 62.23
N TYR Q 96 66.02 -36.17 61.37
CA TYR Q 96 66.32 -36.26 59.95
C TYR Q 96 66.88 -34.92 59.49
N ASP Q 97 67.49 -34.94 58.31
CA ASP Q 97 68.09 -33.75 57.72
C ASP Q 97 67.11 -32.59 57.67
N GLY Q 98 67.59 -31.42 58.12
CA GLY Q 98 66.82 -30.20 58.18
C GLY Q 98 66.10 -29.97 59.49
N ASP Q 99 66.19 -30.89 60.44
CA ASP Q 99 65.60 -30.66 61.75
C ASP Q 99 66.38 -29.60 62.53
N ARG Q 100 65.74 -29.04 63.54
CA ARG Q 100 66.34 -28.04 64.43
C ARG Q 100 66.36 -28.56 65.87
N LEU Q 101 67.48 -28.32 66.56
CA LEU Q 101 67.69 -28.78 67.93
C LEU Q 101 68.39 -27.69 68.74
N TRP Q 102 68.20 -27.74 70.06
CA TRP Q 102 68.79 -26.77 70.99
C TRP Q 102 69.80 -27.43 71.91
N ILE Q 103 70.87 -26.70 72.26
CA ILE Q 103 71.83 -27.13 73.26
C ILE Q 103 71.45 -26.40 74.54
N ARG Q 104 71.29 -27.15 75.62
CA ARG Q 104 70.80 -26.57 76.86
C ARG Q 104 71.50 -27.15 78.09
N PHE Q 105 71.49 -26.34 79.16
CA PHE Q 105 72.06 -26.73 80.45
C PHE Q 105 70.93 -27.32 81.29
N ILE Q 106 71.06 -28.60 81.63
CA ILE Q 106 70.08 -29.33 82.42
C ILE Q 106 70.51 -29.34 83.88
N ALA Q 107 69.91 -28.47 84.68
CA ALA Q 107 70.20 -28.45 86.11
C ALA Q 107 69.57 -29.67 86.79
N ASP Q 108 70.18 -30.08 87.90
CA ASP Q 108 69.69 -31.24 88.66
C ASP Q 108 68.24 -31.08 89.11
N THR Q 109 67.81 -29.85 89.37
CA THR Q 109 66.46 -29.48 89.81
C THR Q 109 65.36 -29.69 88.77
N GLU Q 110 65.70 -29.93 87.50
CA GLU Q 110 64.69 -30.07 86.44
C GLU Q 110 63.70 -31.22 86.63
N ARG Q 111 62.41 -30.87 86.52
CA ARG Q 111 61.26 -31.77 86.57
C ARG Q 111 60.24 -31.26 85.55
N ARG Q 112 59.56 -32.16 84.82
CA ARG Q 112 58.57 -31.74 83.83
C ARG Q 112 57.17 -32.29 84.13
N SER Q 113 56.17 -31.42 83.93
CA SER Q 113 54.76 -31.73 84.23
C SER Q 113 54.21 -32.94 83.48
N GLN Q 114 54.34 -32.96 82.16
CA GLN Q 114 53.86 -34.07 81.33
C GLN Q 114 52.35 -34.32 81.49
N VAL Q 115 51.51 -33.27 81.54
CA VAL Q 115 50.07 -33.41 81.69
C VAL Q 115 49.36 -32.48 80.71
N ILE Q 116 48.21 -32.93 80.18
CA ILE Q 116 47.39 -32.22 79.19
C ILE Q 116 45.95 -32.05 79.66
N GLU Q 117 45.28 -31.01 79.13
CA GLU Q 117 43.88 -30.71 79.45
C GLU Q 117 43.13 -30.40 78.16
N HIS Q 118 41.84 -30.78 78.12
CA HIS Q 118 40.99 -30.64 76.93
C HIS Q 118 39.81 -29.68 77.06
N ILE Q 119 39.73 -28.73 76.11
CA ILE Q 119 38.61 -27.80 76.03
C ILE Q 119 38.60 -27.22 74.62
N SER Q 120 37.43 -27.18 73.97
CA SER Q 120 37.35 -26.69 72.60
C SER Q 120 37.76 -25.21 72.49
N THR Q 121 38.73 -24.96 71.61
CA THR Q 121 39.26 -23.62 71.38
C THR Q 121 38.19 -22.62 70.95
N ALA Q 122 37.17 -23.07 70.24
CA ALA Q 122 36.06 -22.22 69.80
C ALA Q 122 35.37 -21.54 70.96
N VAL Q 123 35.09 -22.27 72.02
CA VAL Q 123 34.42 -21.69 73.18
C VAL Q 123 35.36 -20.72 73.88
N ALA Q 124 36.62 -21.10 74.02
CA ALA Q 124 37.60 -20.26 74.69
C ALA Q 124 37.74 -18.91 74.00
N SER Q 125 37.93 -18.92 72.70
CA SER Q 125 38.03 -17.68 71.93
C SER Q 125 36.71 -16.92 71.93
N ASP Q 126 35.59 -17.64 71.78
CA ASP Q 126 34.27 -17.01 71.80
C ASP Q 126 33.98 -16.29 73.11
N LEU Q 127 34.09 -16.98 74.24
CA LEU Q 127 33.83 -16.32 75.52
C LEU Q 127 34.77 -15.15 75.77
N SER Q 128 36.04 -15.27 75.36
CA SER Q 128 37.00 -14.18 75.53
C SER Q 128 36.52 -12.89 74.86
N LYS Q 129 36.00 -13.00 73.64
CA LYS Q 129 35.46 -11.86 72.90
C LYS Q 129 34.07 -11.45 73.38
N ARG Q 130 33.18 -12.42 73.59
CA ARG Q 130 31.80 -12.12 73.99
C ARG Q 130 31.72 -11.30 75.29
N PHE Q 131 32.55 -11.58 76.29
CA PHE Q 131 32.54 -10.79 77.52
C PHE Q 131 33.93 -10.61 78.11
N ALA Q 132 34.27 -9.38 78.47
CA ALA Q 132 35.57 -9.04 79.07
C ALA Q 132 35.45 -7.75 79.88
N ARG Q 133 36.48 -7.50 80.70
CA ARG Q 133 36.56 -6.30 81.54
C ARG Q 133 36.79 -5.02 80.73
N ILE Q 134 36.43 -3.89 81.36
CA ILE Q 134 36.57 -2.56 80.76
C ILE Q 134 38.01 -2.13 80.57
N ASP Q 135 38.25 -1.33 79.50
CA ASP Q 135 39.52 -0.77 79.09
C ASP Q 135 39.53 0.76 79.12
N PRO Q 136 40.67 1.40 79.40
CA PRO Q 136 40.73 2.87 79.42
C PRO Q 136 40.35 3.51 78.09
N ILE Q 137 40.59 2.81 76.98
CA ILE Q 137 40.22 3.28 75.65
C ILE Q 137 38.74 3.60 75.60
N VAL Q 138 37.94 2.72 76.18
CA VAL Q 138 36.49 2.89 76.25
C VAL Q 138 36.16 4.02 77.22
N ALA Q 139 36.86 4.09 78.34
CA ALA Q 139 36.61 5.16 79.31
C ALA Q 139 36.77 6.54 78.68
N VAL Q 140 37.63 6.69 77.68
CA VAL Q 140 37.77 7.98 77.01
C VAL Q 140 36.45 8.37 76.39
N GLN Q 141 35.81 7.42 75.73
CA GLN Q 141 34.51 7.68 75.11
C GLN Q 141 33.51 8.09 76.19
N VAL Q 142 33.54 7.40 77.33
CA VAL Q 142 32.64 7.73 78.43
C VAL Q 142 32.90 9.14 78.92
N GLY Q 143 34.17 9.49 79.13
CA GLY Q 143 34.47 10.84 79.56
C GLY Q 143 34.00 11.89 78.56
N ALA Q 144 34.21 11.64 77.28
CA ALA Q 144 33.78 12.58 76.24
C ALA Q 144 32.27 12.78 76.30
N SER Q 145 31.51 11.70 76.44
CA SER Q 145 30.07 11.81 76.53
C SER Q 145 29.65 12.62 77.74
N MET Q 146 30.32 12.40 78.86
CA MET Q 146 30.01 13.13 80.08
C MET Q 146 30.29 14.61 79.92
N VAL Q 147 31.47 14.97 79.41
CA VAL Q 147 31.76 16.39 79.24
C VAL Q 147 30.80 17.00 78.25
N ALA Q 148 30.51 16.31 77.15
CA ALA Q 148 29.56 16.85 76.19
C ALA Q 148 28.20 17.13 76.83
N THR Q 149 27.73 16.23 77.68
CA THR Q 149 26.44 16.36 78.37
C THR Q 149 26.36 17.59 79.26
N GLY Q 150 27.41 17.85 80.02
CA GLY Q 150 27.43 19.01 80.89
C GLY Q 150 27.33 20.33 80.15
N VAL Q 151 28.14 20.51 79.13
CA VAL Q 151 28.14 21.76 78.38
C VAL Q 151 26.77 21.99 77.74
N VAL Q 152 26.15 20.96 77.21
CA VAL Q 152 24.84 21.19 76.62
C VAL Q 152 23.84 21.58 77.72
N LEU Q 153 23.91 20.94 78.88
CA LEU Q 153 23.02 21.28 79.99
C LEU Q 153 23.27 22.72 80.42
N ALA Q 154 24.52 23.14 80.41
CA ALA Q 154 24.89 24.51 80.75
C ALA Q 154 24.21 25.49 79.79
N THR Q 155 24.29 25.21 78.50
CA THR Q 155 23.65 26.05 77.49
C THR Q 155 22.14 26.09 77.68
N GLY Q 156 21.55 25.04 78.23
CA GLY Q 156 20.13 24.97 78.48
C GLY Q 156 19.66 26.00 79.50
N VAL Q 157 20.25 25.99 80.69
CA VAL Q 157 19.84 26.93 81.74
C VAL Q 157 20.15 28.36 81.32
N LEU Q 158 21.28 28.56 80.63
CA LEU Q 158 21.63 29.90 80.15
C LEU Q 158 20.58 30.38 79.16
N GLY Q 159 20.04 29.45 78.38
CA GLY Q 159 18.99 29.77 77.43
C GLY Q 159 17.69 30.09 78.14
N TRP Q 160 17.32 29.26 79.11
CA TRP Q 160 16.11 29.49 79.89
C TRP Q 160 16.14 30.87 80.52
N TRP Q 161 17.31 31.31 80.96
CA TRP Q 161 17.47 32.65 81.52
C TRP Q 161 17.23 33.70 80.44
N ARG Q 162 17.92 33.57 79.31
CA ARG Q 162 17.75 34.51 78.20
C ARG Q 162 16.32 34.52 77.71
N TRP Q 163 15.58 33.43 77.91
CA TRP Q 163 14.19 33.41 77.48
C TRP Q 163 13.32 34.23 78.42
N HIS Q 164 13.75 34.45 79.65
CA HIS Q 164 12.99 35.21 80.64
C HIS Q 164 13.66 36.53 81.06
N HIS Q 165 14.93 36.75 80.74
CA HIS Q 165 15.65 37.97 81.12
C HIS Q 165 16.34 38.59 79.90
N ASN Q 166 16.28 39.92 79.82
CA ASN Q 166 16.78 40.69 78.68
C ASN Q 166 18.23 41.18 78.80
N THR Q 167 19.10 40.46 79.50
CA THR Q 167 20.49 40.89 79.67
C THR Q 167 21.43 40.23 78.64
N TRP Q 168 22.56 40.90 78.41
CA TRP Q 168 23.66 40.43 77.56
C TRP Q 168 24.43 39.23 78.12
N LEU Q 169 24.17 38.86 79.37
CA LEU Q 169 24.87 37.78 80.05
C LEU Q 169 25.10 36.49 79.25
N THR Q 170 24.03 35.89 78.74
CA THR Q 170 24.11 34.62 78.01
C THR Q 170 25.02 34.65 76.77
N THR Q 171 24.90 35.67 75.92
CA THR Q 171 25.74 35.71 74.73
C THR Q 171 27.22 35.91 75.07
N ILE Q 172 27.51 36.86 75.94
CA ILE Q 172 28.90 37.18 76.31
C ILE Q 172 29.57 36.00 77.00
N TYR Q 173 28.89 35.44 77.98
CA TYR Q 173 29.40 34.33 78.77
C TYR Q 173 29.51 33.01 77.98
N THR Q 174 28.63 32.76 77.02
CA THR Q 174 28.68 31.49 76.30
C THR Q 174 29.78 31.39 75.24
N ALA Q 175 30.17 32.52 74.64
CA ALA Q 175 31.15 32.52 73.54
C ALA Q 175 32.43 31.76 73.86
N VAL Q 176 33.04 32.07 75.00
CA VAL Q 176 34.27 31.42 75.46
C VAL Q 176 34.07 29.93 75.74
N ILE Q 177 32.90 29.56 76.25
CA ILE Q 177 32.63 28.15 76.57
C ILE Q 177 32.79 27.29 75.33
N GLY Q 178 32.23 27.71 74.21
CA GLY Q 178 32.34 26.95 72.98
C GLY Q 178 33.77 26.86 72.47
N VAL Q 179 34.47 27.99 72.48
CA VAL Q 179 35.85 28.07 72.01
C VAL Q 179 36.73 27.06 72.74
N LEU Q 180 36.54 26.91 74.03
CA LEU Q 180 37.35 25.95 74.79
C LEU Q 180 37.13 24.53 74.27
N VAL Q 181 35.88 24.10 74.15
CA VAL Q 181 35.60 22.75 73.66
C VAL Q 181 36.12 22.62 72.24
N LEU Q 182 35.91 23.65 71.43
CA LEU Q 182 36.34 23.63 70.04
C LEU Q 182 37.85 23.49 69.98
N ALA Q 183 38.55 24.18 70.87
CA ALA Q 183 40.00 24.07 70.91
C ALA Q 183 40.40 22.63 71.19
N VAL Q 184 39.76 22.01 72.19
CA VAL Q 184 40.04 20.62 72.53
C VAL Q 184 39.77 19.73 71.32
N ALA Q 185 38.64 19.94 70.67
CA ALA Q 185 38.30 19.16 69.48
C ALA Q 185 39.36 19.34 68.39
N MET Q 186 39.85 20.56 68.22
CA MET Q 186 40.86 20.84 67.20
C MET Q 186 42.12 20.02 67.44
N LEU Q 187 42.60 20.01 68.67
CA LEU Q 187 43.80 19.23 68.98
C LEU Q 187 43.55 17.75 68.74
N LEU Q 188 42.42 17.25 69.21
CA LEU Q 188 42.07 15.84 69.03
C LEU Q 188 42.03 15.48 67.55
N LEU Q 189 41.40 16.30 66.74
CA LEU Q 189 41.32 16.00 65.31
C LEU Q 189 42.71 15.95 64.68
N MET Q 190 43.63 16.80 65.12
CA MET Q 190 44.98 16.75 64.58
C MET Q 190 45.79 15.55 65.08
N ARG Q 191 45.69 15.21 66.37
CA ARG Q 191 46.49 14.11 66.92
C ARG Q 191 45.88 12.72 66.67
N ALA Q 192 44.57 12.62 66.50
CA ALA Q 192 43.90 11.34 66.33
C ALA Q 192 44.45 10.51 65.16
N LYS Q 193 44.56 9.18 65.40
CA LYS Q 193 45.01 8.15 64.45
C LYS Q 193 44.07 6.95 64.38
N THR Q 194 43.60 6.45 65.51
CA THR Q 194 42.72 5.28 65.54
C THR Q 194 41.26 5.69 65.40
N ASP Q 195 40.44 4.68 65.12
CA ASP Q 195 38.99 4.84 65.02
C ASP Q 195 38.40 5.30 66.35
N ALA Q 196 38.93 4.78 67.44
CA ALA Q 196 38.45 5.17 68.76
C ALA Q 196 38.67 6.66 68.94
N ASP Q 197 39.84 7.14 68.53
CA ASP Q 197 40.14 8.57 68.64
C ASP Q 197 39.13 9.33 67.81
N ARG Q 198 38.87 8.85 66.61
CA ARG Q 198 37.92 9.52 65.73
C ARG Q 198 36.55 9.60 66.41
N ARG Q 199 36.08 8.51 67.00
CA ARG Q 199 34.79 8.59 67.69
C ARG Q 199 34.82 9.68 68.75
N VAL Q 200 35.88 9.71 69.53
CA VAL Q 200 35.99 10.73 70.58
C VAL Q 200 36.01 12.12 69.96
N ALA Q 201 36.85 12.30 68.95
CA ALA Q 201 36.98 13.60 68.31
C ALA Q 201 35.65 14.08 67.77
N ASP Q 202 34.96 13.21 67.07
CA ASP Q 202 33.68 13.56 66.48
C ASP Q 202 32.68 13.97 67.55
N ILE Q 203 32.64 13.24 68.66
CA ILE Q 203 31.73 13.58 69.73
C ILE Q 203 32.02 14.99 70.21
N MET Q 204 33.29 15.29 70.43
CA MET Q 204 33.68 16.60 70.90
C MET Q 204 33.31 17.66 69.87
N LEU Q 205 33.61 17.39 68.60
CA LEU Q 205 33.29 18.34 67.54
C LEU Q 205 31.80 18.65 67.48
N MET Q 206 30.95 17.64 67.52
CA MET Q 206 29.50 17.84 67.51
C MET Q 206 29.05 18.70 68.68
N SER Q 207 29.62 18.46 69.85
CA SER Q 207 29.28 19.21 71.06
C SER Q 207 29.61 20.68 70.96
N ALA Q 208 30.60 21.06 70.17
CA ALA Q 208 30.98 22.46 70.07
C ALA Q 208 30.00 23.33 69.29
N ILE Q 209 29.31 22.78 68.29
CA ILE Q 209 28.41 23.56 67.45
C ILE Q 209 27.22 24.12 68.24
N MET Q 210 26.74 23.39 69.24
CA MET Q 210 25.57 23.81 70.03
C MET Q 210 25.79 25.14 70.77
N PRO Q 211 26.80 25.29 71.60
CA PRO Q 211 26.99 26.59 72.26
C PRO Q 211 27.23 27.70 71.25
N VAL Q 212 28.04 27.45 70.22
CA VAL Q 212 28.36 28.47 69.21
C VAL Q 212 27.07 28.98 68.61
N THR Q 213 26.14 28.08 68.36
CA THR Q 213 24.85 28.44 67.78
C THR Q 213 24.04 29.31 68.73
N VAL Q 214 23.83 28.86 69.98
CA VAL Q 214 23.03 29.65 70.90
C VAL Q 214 23.72 30.97 71.23
N ALA Q 215 25.04 30.97 71.21
CA ALA Q 215 25.79 32.21 71.47
C ALA Q 215 25.39 33.31 70.48
N ALA Q 216 25.36 32.97 69.20
CA ALA Q 216 24.96 33.91 68.17
C ALA Q 216 23.48 34.29 68.27
N ALA Q 217 22.62 33.31 68.48
CA ALA Q 217 21.18 33.57 68.55
C ALA Q 217 20.81 34.52 69.68
N ALA Q 218 21.54 34.50 70.79
CA ALA Q 218 21.27 35.39 71.90
C ALA Q 218 21.80 36.82 71.71
N ALA Q 219 22.52 37.10 70.63
CA ALA Q 219 23.09 38.44 70.44
C ALA Q 219 22.08 39.59 70.33
N PRO Q 220 20.95 39.48 69.63
CA PRO Q 220 20.05 40.64 69.53
C PRO Q 220 19.33 40.99 70.82
N PRO Q 221 19.15 42.30 71.04
CA PRO Q 221 18.48 42.82 72.24
C PRO Q 221 16.95 42.76 72.18
N GLY Q 222 16.35 42.95 73.35
CA GLY Q 222 14.92 42.96 73.52
C GLY Q 222 14.29 41.58 73.60
N PRO Q 223 12.96 41.53 73.58
CA PRO Q 223 12.30 40.23 73.62
C PRO Q 223 12.75 39.37 72.44
N VAL Q 224 12.87 38.07 72.69
CA VAL Q 224 13.31 37.13 71.65
C VAL Q 224 12.25 37.02 70.57
N GLY Q 225 12.70 36.94 69.32
CA GLY Q 225 11.77 36.84 68.21
C GLY Q 225 12.36 36.50 66.85
N SER Q 226 11.68 36.96 65.81
CA SER Q 226 12.00 36.71 64.40
C SER Q 226 13.48 36.86 64.06
N PRO Q 227 14.11 37.99 64.34
CA PRO Q 227 15.52 38.12 63.98
C PRO Q 227 16.45 37.15 64.69
N GLN Q 228 16.20 36.86 65.98
CA GLN Q 228 17.05 35.91 66.69
C GLN Q 228 17.03 34.55 66.00
N ALA Q 229 15.86 34.14 65.52
CA ALA Q 229 15.74 32.87 64.81
C ALA Q 229 16.59 32.86 63.55
N VAL Q 230 16.51 33.94 62.77
CA VAL Q 230 17.31 34.03 61.55
C VAL Q 230 18.79 33.85 61.86
N LEU Q 231 19.28 34.56 62.87
CA LEU Q 231 20.69 34.45 63.23
C LEU Q 231 21.07 33.04 63.67
N GLY Q 232 20.30 32.46 64.57
CA GLY Q 232 20.57 31.14 65.11
C GLY Q 232 20.64 30.05 64.07
N PHE Q 233 19.55 29.90 63.34
CA PHE Q 233 19.47 28.88 62.32
C PHE Q 233 20.49 29.10 61.21
N GLY Q 234 20.81 30.35 60.89
CA GLY Q 234 21.79 30.66 59.87
C GLY Q 234 23.19 30.10 60.14
N VAL Q 235 23.79 30.46 61.26
CA VAL Q 235 25.12 29.95 61.58
C VAL Q 235 25.07 28.44 61.78
N LEU Q 236 23.98 27.94 62.33
CA LEU Q 236 23.86 26.51 62.55
C LEU Q 236 24.01 25.78 61.24
N THR Q 237 23.32 26.26 60.21
CA THR Q 237 23.37 25.64 58.89
C THR Q 237 24.79 25.67 58.34
N VAL Q 238 25.40 26.85 58.34
CA VAL Q 238 26.74 27.01 57.82
C VAL Q 238 27.72 26.18 58.63
N ALA Q 239 27.56 26.18 59.94
CA ALA Q 239 28.45 25.42 60.80
C ALA Q 239 28.40 23.95 60.44
N ALA Q 240 27.21 23.39 60.34
CA ALA Q 240 27.08 21.98 60.02
C ALA Q 240 27.67 21.69 58.65
N ALA Q 241 27.31 22.49 57.66
CA ALA Q 241 27.82 22.29 56.33
C ALA Q 241 29.34 22.32 56.30
N LEU Q 242 29.93 23.30 56.97
CA LEU Q 242 31.38 23.42 56.99
C LEU Q 242 32.03 22.23 57.69
N ALA Q 243 31.49 21.84 58.83
CA ALA Q 243 32.06 20.71 59.55
C ALA Q 243 32.05 19.47 58.66
N LEU Q 244 30.95 19.24 57.98
CA LEU Q 244 30.82 18.10 57.10
C LEU Q 244 31.84 18.14 55.97
N ARG Q 245 31.95 19.26 55.26
CA ARG Q 245 32.83 19.31 54.10
C ARG Q 245 34.24 18.88 54.41
N PHE Q 246 34.82 19.44 55.46
CA PHE Q 246 36.19 19.08 55.79
C PHE Q 246 36.29 17.79 56.59
N THR Q 247 35.29 17.44 57.38
CA THR Q 247 35.46 16.21 58.13
C THR Q 247 35.19 14.97 57.28
N GLY Q 248 34.17 14.98 56.44
CA GLY Q 248 33.90 13.78 55.64
C GLY Q 248 33.52 12.56 56.45
N ARG Q 249 32.77 12.74 57.53
CA ARG Q 249 32.37 11.65 58.40
C ARG Q 249 31.07 12.06 59.08
N ARG Q 250 30.31 11.08 59.55
CA ARG Q 250 29.03 11.36 60.22
C ARG Q 250 28.08 12.16 59.32
N LEU Q 251 28.09 11.82 58.03
CA LEU Q 251 27.30 12.54 57.02
C LEU Q 251 25.83 12.64 57.37
N GLY Q 252 25.26 11.56 57.90
CA GLY Q 252 23.86 11.50 58.23
C GLY Q 252 23.33 12.59 59.15
N ILE Q 253 23.84 12.59 60.38
CA ILE Q 253 23.39 13.52 61.40
C ILE Q 253 23.63 14.96 60.96
N TYR Q 254 24.79 15.24 60.35
CA TYR Q 254 25.04 16.62 59.93
C TYR Q 254 24.04 17.04 58.87
N THR Q 255 23.72 16.15 57.96
CA THR Q 255 22.81 16.48 56.89
C THR Q 255 21.46 16.89 57.46
N THR Q 256 21.00 16.17 58.48
CA THR Q 256 19.73 16.45 59.12
C THR Q 256 19.68 17.88 59.65
N ILE Q 257 20.76 18.32 60.25
CA ILE Q 257 20.80 19.67 60.80
C ILE Q 257 20.64 20.70 59.69
N VAL Q 258 21.36 20.50 58.59
CA VAL Q 258 21.36 21.44 57.46
C VAL Q 258 19.97 21.72 56.93
N ILE Q 259 19.20 20.67 56.69
CA ILE Q 259 17.88 20.83 56.08
C ILE Q 259 16.91 21.56 56.99
N ILE Q 260 16.82 21.18 58.26
CA ILE Q 260 15.88 21.86 59.15
C ILE Q 260 16.32 23.30 59.35
N GLY Q 261 17.62 23.53 59.34
CA GLY Q 261 18.14 24.89 59.45
C GLY Q 261 17.81 25.73 58.24
N ALA Q 262 18.17 25.24 57.07
CA ALA Q 262 17.97 25.95 55.80
C ALA Q 262 16.51 26.33 55.59
N LEU Q 263 15.59 25.38 55.70
CA LEU Q 263 14.17 25.70 55.49
C LEU Q 263 13.65 26.65 56.56
N THR Q 264 14.13 26.56 57.79
CA THR Q 264 13.64 27.43 58.86
C THR Q 264 14.09 28.87 58.61
N MET Q 265 15.29 29.04 58.08
CA MET Q 265 15.80 30.38 57.78
C MET Q 265 14.89 31.11 56.80
N LEU Q 266 14.47 30.43 55.75
CA LEU Q 266 13.61 31.04 54.74
C LEU Q 266 12.25 31.38 55.34
N ALA Q 267 11.80 30.60 56.33
CA ALA Q 267 10.52 30.87 56.98
C ALA Q 267 10.61 32.09 57.87
N ALA Q 268 11.60 32.13 58.76
CA ALA Q 268 11.77 33.28 59.64
C ALA Q 268 11.98 34.56 58.84
N LEU Q 269 12.76 34.48 57.77
CA LEU Q 269 13.02 35.63 56.92
C LEU Q 269 11.72 36.23 56.37
N ALA Q 270 10.77 35.40 55.96
CA ALA Q 270 9.49 35.89 55.45
C ALA Q 270 8.70 36.64 56.52
N ARG Q 271 8.53 36.04 57.70
CA ARG Q 271 7.80 36.68 58.79
C ARG Q 271 8.47 37.97 59.23
N MET Q 272 9.79 38.05 59.10
CA MET Q 272 10.55 39.24 59.47
C MET Q 272 10.32 40.38 58.48
N VAL Q 273 10.46 40.11 57.18
CA VAL Q 273 10.28 41.16 56.19
C VAL Q 273 8.80 41.54 56.03
N ALA Q 274 7.86 40.64 56.27
CA ALA Q 274 6.46 41.01 56.10
C ALA Q 274 5.59 40.25 57.10
N ALA Q 275 4.49 40.89 57.50
CA ALA Q 275 3.59 40.29 58.49
C ALA Q 275 2.97 38.99 57.97
N THR Q 276 2.31 39.05 56.82
CA THR Q 276 1.65 37.89 56.23
C THR Q 276 0.91 37.08 57.30
N SER Q 277 1.03 35.76 57.32
CA SER Q 277 0.39 34.96 58.38
C SER Q 277 1.11 33.63 58.57
N ALA Q 278 0.90 33.05 59.76
CA ALA Q 278 1.51 31.76 60.13
C ALA Q 278 0.97 30.60 59.31
N VAL Q 279 -0.35 30.51 59.18
CA VAL Q 279 -1.00 29.48 58.38
C VAL Q 279 -0.38 29.42 56.99
N THR Q 280 -0.10 30.59 56.42
CA THR Q 280 0.51 30.66 55.09
C THR Q 280 1.95 30.17 55.10
N LEU Q 281 2.74 30.53 56.10
CA LEU Q 281 4.12 30.06 56.14
C LEU Q 281 4.18 28.55 56.35
N LEU Q 282 3.32 28.02 57.20
CA LEU Q 282 3.28 26.58 57.48
C LEU Q 282 2.85 25.79 56.25
N SER Q 283 1.79 26.24 55.58
CA SER Q 283 1.29 25.60 54.37
C SER Q 283 2.32 25.64 53.25
N SER Q 284 3.05 26.74 53.15
CA SER Q 284 4.08 26.89 52.13
C SER Q 284 5.20 25.89 52.39
N LEU Q 285 5.56 25.69 53.64
CA LEU Q 285 6.58 24.70 53.97
C LEU Q 285 6.09 23.31 53.58
N LEU Q 286 4.82 23.03 53.82
CA LEU Q 286 4.24 21.73 53.45
C LEU Q 286 4.41 21.43 51.97
N LEU Q 287 4.03 22.35 51.10
CA LEU Q 287 4.16 22.12 49.66
C LEU Q 287 5.61 21.93 49.22
N ILE Q 288 6.54 22.70 49.79
CA ILE Q 288 7.95 22.53 49.45
C ILE Q 288 8.43 21.15 49.85
N CYS Q 289 7.94 20.64 50.96
CA CYS Q 289 8.33 19.32 51.40
C CYS Q 289 7.76 18.24 50.49
N VAL Q 290 6.51 18.39 50.05
CA VAL Q 290 5.91 17.40 49.15
C VAL Q 290 6.77 17.24 47.90
N VAL Q 291 7.21 18.36 47.33
CA VAL Q 291 8.05 18.26 46.14
C VAL Q 291 9.43 17.77 46.50
N ALA Q 292 9.93 18.11 47.68
CA ALA Q 292 11.26 17.65 48.07
C ALA Q 292 11.30 16.14 48.16
N TYR Q 293 10.24 15.52 48.67
CA TYR Q 293 10.22 14.07 48.75
C TYR Q 293 10.32 13.41 47.38
N HIS Q 294 9.79 14.04 46.34
CA HIS Q 294 9.89 13.43 45.02
C HIS Q 294 11.28 13.58 44.45
N ALA Q 295 11.95 14.65 44.80
CA ALA Q 295 13.29 14.97 44.31
C ALA Q 295 14.39 14.29 45.10
N ALA Q 296 14.13 13.99 46.35
CA ALA Q 296 15.15 13.40 47.23
C ALA Q 296 16.08 12.39 46.58
N PRO Q 297 15.61 11.33 45.95
CA PRO Q 297 16.54 10.35 45.39
C PRO Q 297 17.45 10.90 44.33
N ALA Q 298 17.01 11.88 43.57
CA ALA Q 298 17.85 12.48 42.54
C ALA Q 298 18.83 13.50 43.10
N LEU Q 299 18.35 14.35 44.00
CA LEU Q 299 19.20 15.35 44.62
C LEU Q 299 20.38 14.70 45.32
N SER Q 300 20.14 13.57 45.96
CA SER Q 300 21.18 12.83 46.65
C SER Q 300 22.21 12.25 45.70
N ARG Q 301 21.91 12.16 44.41
CA ARG Q 301 22.89 11.60 43.49
C ARG Q 301 24.05 12.57 43.31
N ARG Q 302 23.74 13.83 43.05
CA ARG Q 302 24.78 14.82 42.82
C ARG Q 302 25.57 15.12 44.09
N LEU Q 303 24.94 15.14 45.26
CA LEU Q 303 25.71 15.39 46.46
C LEU Q 303 26.76 14.33 46.66
N ALA Q 304 26.55 13.12 46.19
CA ALA Q 304 27.58 12.11 46.32
C ALA Q 304 28.57 12.20 45.17
N GLY Q 305 28.38 13.15 44.26
CA GLY Q 305 29.29 13.31 43.15
C GLY Q 305 29.16 12.34 42.01
N ILE Q 306 28.05 11.62 41.90
CA ILE Q 306 27.90 10.71 40.77
C ILE Q 306 27.74 11.51 39.49
N ARG Q 307 28.58 11.23 38.50
CA ARG Q 307 28.52 11.86 37.18
C ARG Q 307 28.28 10.80 36.10
N LEU Q 308 27.39 11.13 35.15
CA LEU Q 308 26.98 10.28 34.03
C LEU Q 308 27.52 10.80 32.70
N PRO Q 309 28.55 10.17 32.12
CA PRO Q 309 29.15 10.68 30.89
C PRO Q 309 28.27 10.46 29.66
N VAL Q 310 28.12 11.52 28.85
CA VAL Q 310 27.36 11.45 27.61
C VAL Q 310 27.97 12.34 26.54
N PHE Q 311 28.44 11.71 25.47
CA PHE Q 311 29.01 12.41 24.32
C PHE Q 311 29.07 11.45 23.14
N PRO Q 312 28.95 11.96 21.89
CA PRO Q 312 29.00 11.08 20.73
C PRO Q 312 30.35 10.44 20.41
N SER Q 313 30.75 9.47 21.23
CA SER Q 313 31.95 8.64 21.04
C SER Q 313 33.22 9.43 20.66
N ALA Q 314 33.45 10.54 21.35
CA ALA Q 314 34.61 11.39 21.06
C ALA Q 314 34.69 11.83 19.60
N THR Q 315 33.56 11.91 18.90
CA THR Q 315 33.57 12.28 17.48
C THR Q 315 34.48 11.33 16.70
N SER Q 316 34.42 10.05 17.03
CA SER Q 316 35.29 9.08 16.39
C SER Q 316 34.68 7.69 16.48
N ARG Q 317 35.20 6.77 15.66
CA ARG Q 317 34.74 5.40 15.76
C ARG Q 317 35.36 4.75 17.00
N TRP Q 318 34.75 3.65 17.42
CA TRP Q 318 35.22 2.90 18.58
C TRP Q 318 36.57 2.24 18.33
N VAL Q 319 37.35 2.10 19.40
CA VAL Q 319 38.66 1.44 19.37
C VAL Q 319 38.59 0.26 20.34
N PHE Q 320 38.10 -0.86 19.83
CA PHE Q 320 37.95 -2.09 20.61
C PHE Q 320 39.26 -2.61 21.22
N GLU Q 321 40.37 -2.51 20.50
CA GLU Q 321 41.67 -3.01 20.94
C GLU Q 321 42.49 -2.05 21.82
N ALA Q 322 41.90 -1.03 22.42
CA ALA Q 322 42.69 -0.09 23.23
C ALA Q 322 43.38 -0.76 24.42
N ARG Q 323 44.64 -0.36 24.66
CA ARG Q 323 45.45 -0.86 25.77
C ARG Q 323 44.83 -0.49 27.12
N PRO Q 324 44.40 -1.46 27.92
CA PRO Q 324 43.72 -1.16 29.20
C PRO Q 324 44.53 -0.41 30.25
N ASP Q 325 43.78 0.22 31.16
CA ASP Q 325 44.32 0.96 32.30
C ASP Q 325 45.11 0.11 33.29
N LEU Q 326 46.17 0.71 33.80
CA LEU Q 326 47.07 0.10 34.78
C LEU Q 326 46.44 -0.04 36.17
N PRO Q 327 46.51 -1.23 36.77
CA PRO Q 327 45.91 -1.43 38.10
C PRO Q 327 46.70 -0.74 39.20
N THR Q 328 45.97 -0.10 40.12
CA THR Q 328 46.59 0.63 41.23
C THR Q 328 47.04 -0.28 42.36
N THR Q 329 48.18 0.06 42.94
CA THR Q 329 48.75 -0.64 44.09
C THR Q 329 48.21 0.00 45.36
N VAL Q 330 47.79 -0.82 46.33
CA VAL Q 330 47.22 -0.31 47.57
C VAL Q 330 47.87 -0.95 48.80
N VAL Q 331 47.72 -0.24 49.91
CA VAL Q 331 48.26 -0.64 51.21
C VAL Q 331 47.23 -0.43 52.32
N VAL Q 332 47.49 -1.09 53.45
CA VAL Q 332 46.69 -1.02 54.66
C VAL Q 332 47.64 -0.85 55.84
N SER Q 333 47.13 -0.26 56.92
CA SER Q 333 47.96 0.00 58.12
C SER Q 333 48.63 -1.27 58.61
N GLY Q 334 47.83 -2.31 58.88
CA GLY Q 334 48.39 -3.58 59.30
C GLY Q 334 49.02 -4.33 58.13
N GLY Q 335 48.30 -4.41 57.02
CA GLY Q 335 48.76 -5.03 55.79
C GLY Q 335 49.64 -4.11 54.97
N SER Q 336 50.77 -3.72 55.56
CA SER Q 336 51.69 -2.75 54.96
C SER Q 336 52.26 -3.21 53.62
N ALA Q 337 52.34 -4.50 53.38
CA ALA Q 337 52.85 -4.94 52.08
C ALA Q 337 51.84 -4.61 51.00
N PRO Q 338 52.24 -3.86 49.96
CA PRO Q 338 51.31 -3.48 48.90
C PRO Q 338 50.79 -4.63 48.02
N VAL Q 339 49.54 -4.47 47.57
CA VAL Q 339 48.86 -5.40 46.66
C VAL Q 339 48.01 -4.55 45.72
N LEU Q 340 47.90 -4.99 44.46
CA LEU Q 340 47.10 -4.27 43.47
C LEU Q 340 45.64 -4.67 43.52
N GLU Q 341 44.75 -3.66 43.48
CA GLU Q 341 43.31 -3.84 43.51
C GLU Q 341 42.64 -3.95 42.14
N GLY Q 342 42.84 -2.94 41.29
CA GLY Q 342 42.23 -2.90 39.98
C GLY Q 342 42.19 -1.49 39.41
N PRO Q 343 41.49 -1.30 38.29
CA PRO Q 343 41.41 0.03 37.67
C PRO Q 343 40.89 1.13 38.58
N SER Q 344 41.64 2.25 38.61
CA SER Q 344 41.33 3.41 39.43
C SER Q 344 39.93 3.98 39.15
N SER Q 345 39.51 3.99 37.89
CA SER Q 345 38.21 4.49 37.48
C SER Q 345 37.05 3.75 38.15
N VAL Q 346 37.22 2.46 38.40
CA VAL Q 346 36.18 1.64 38.99
C VAL Q 346 36.20 1.66 40.51
N ARG Q 347 37.34 1.90 41.13
CA ARG Q 347 37.42 1.88 42.57
C ARG Q 347 36.52 2.95 43.21
N ASP Q 348 36.40 4.12 42.58
CA ASP Q 348 35.55 5.16 43.15
C ASP Q 348 34.10 4.70 43.30
N VAL Q 349 33.59 3.96 42.33
CA VAL Q 349 32.19 3.53 42.37
C VAL Q 349 31.83 2.81 43.68
N LEU Q 350 32.70 1.93 44.17
CA LEU Q 350 32.39 1.17 45.38
C LEU Q 350 32.36 2.03 46.63
N LEU Q 351 32.95 3.21 46.60
CA LEU Q 351 32.95 4.15 47.71
C LEU Q 351 31.83 5.18 47.59
N GLN Q 352 31.64 5.73 46.41
CA GLN Q 352 30.60 6.72 46.18
C GLN Q 352 29.22 6.19 46.56
N ALA Q 353 28.94 4.94 46.20
CA ALA Q 353 27.64 4.34 46.50
C ALA Q 353 27.32 4.36 47.99
N GLU Q 354 28.22 3.87 48.84
CA GLU Q 354 27.86 3.90 50.24
C GLU Q 354 27.75 5.32 50.73
N ARG Q 355 28.42 6.24 50.07
CA ARG Q 355 28.30 7.65 50.45
C ARG Q 355 26.91 8.14 50.06
N ALA Q 356 26.44 7.71 48.90
CA ALA Q 356 25.12 8.10 48.42
C ALA Q 356 24.02 7.63 49.37
N ARG Q 357 24.10 6.38 49.81
CA ARG Q 357 23.11 5.82 50.71
C ARG Q 357 22.98 6.65 51.97
N SER Q 358 24.10 7.07 52.52
CA SER Q 358 24.09 7.84 53.74
C SER Q 358 23.37 9.17 53.57
N PHE Q 359 23.59 9.85 52.45
CA PHE Q 359 22.93 11.15 52.25
C PHE Q 359 21.43 10.98 52.13
N LEU Q 360 20.99 9.95 51.46
CA LEU Q 360 19.57 9.74 51.27
C LEU Q 360 18.82 9.52 52.59
N SER Q 361 19.39 8.73 53.50
CA SER Q 361 18.71 8.47 54.77
C SER Q 361 18.49 9.75 55.57
N GLY Q 362 19.50 10.60 55.61
CA GLY Q 362 19.41 11.86 56.32
C GLY Q 362 18.39 12.80 55.69
N LEU Q 363 18.44 12.91 54.37
CA LEU Q 363 17.55 13.79 53.64
C LEU Q 363 16.12 13.38 53.89
N LEU Q 364 15.86 12.09 53.91
CA LEU Q 364 14.52 11.63 54.21
C LEU Q 364 14.17 12.02 55.64
N THR Q 365 15.11 11.84 56.56
CA THR Q 365 14.86 12.12 57.96
C THR Q 365 14.51 13.58 58.22
N GLY Q 366 15.25 14.51 57.62
CA GLY Q 366 14.97 15.92 57.85
C GLY Q 366 13.58 16.35 57.42
N LEU Q 367 13.16 15.91 56.25
CA LEU Q 367 11.83 16.24 55.75
C LEU Q 367 10.79 15.59 56.64
N GLY Q 368 11.09 14.42 57.15
CA GLY Q 368 10.18 13.75 58.05
C GLY Q 368 9.87 14.61 59.26
N VAL Q 369 10.91 15.14 59.88
CA VAL Q 369 10.74 16.01 61.03
C VAL Q 369 9.93 17.24 60.67
N MET Q 370 10.23 17.86 59.53
CA MET Q 370 9.53 19.07 59.11
C MET Q 370 8.02 18.86 58.89
N VAL Q 371 7.62 17.80 58.20
CA VAL Q 371 6.19 17.61 57.93
C VAL Q 371 5.39 17.41 59.19
N VAL Q 372 5.93 16.71 60.17
CA VAL Q 372 5.16 16.49 61.38
C VAL Q 372 4.92 17.80 62.13
N VAL Q 373 5.93 18.65 62.23
CA VAL Q 373 5.77 19.92 62.94
C VAL Q 373 4.76 20.83 62.26
N CYS Q 374 4.86 20.96 60.94
CA CYS Q 374 3.94 21.83 60.20
C CYS Q 374 2.51 21.31 60.21
N MET Q 375 2.33 20.04 59.88
CA MET Q 375 1.00 19.44 59.78
C MET Q 375 0.28 19.48 61.12
N THR Q 376 0.97 19.09 62.19
CA THR Q 376 0.34 19.09 63.50
C THR Q 376 0.00 20.48 63.95
N SER Q 377 0.52 21.48 63.26
CA SER Q 377 0.22 22.86 63.59
C SER Q 377 -0.94 23.39 62.77
N LEU Q 378 -1.10 22.93 61.54
CA LEU Q 378 -2.17 23.41 60.67
C LEU Q 378 -3.56 23.07 61.20
N CYS Q 379 -3.78 21.84 61.66
CA CYS Q 379 -5.09 21.48 62.19
C CYS Q 379 -5.30 22.10 63.58
N ASP Q 380 -6.52 22.61 63.79
CA ASP Q 380 -6.92 23.29 65.03
C ASP Q 380 -8.39 23.03 65.36
N PRO Q 381 -8.70 22.67 66.60
CA PRO Q 381 -10.06 22.33 66.99
C PRO Q 381 -11.06 23.49 67.13
N HIS Q 382 -10.61 24.74 67.15
CA HIS Q 382 -11.54 25.86 67.29
C HIS Q 382 -11.74 26.62 65.99
N THR Q 383 -10.74 26.61 65.12
CA THR Q 383 -10.80 27.33 63.86
C THR Q 383 -11.94 26.85 62.97
N GLY Q 384 -12.57 27.79 62.28
CA GLY Q 384 -13.68 27.50 61.40
C GLY Q 384 -13.33 26.47 60.34
N GLN Q 385 -14.36 25.72 59.92
CA GLN Q 385 -14.23 24.62 58.92
C GLN Q 385 -13.19 23.58 59.34
N ARG Q 386 -13.33 23.15 60.59
CA ARG Q 386 -12.48 22.22 61.32
C ARG Q 386 -12.03 21.02 60.48
N TRP Q 387 -12.91 20.51 59.63
CA TRP Q 387 -12.63 19.36 58.77
C TRP Q 387 -11.66 19.67 57.63
N LEU Q 388 -11.52 20.92 57.20
CA LEU Q 388 -10.64 21.24 56.08
C LEU Q 388 -9.18 20.90 56.36
N PRO Q 389 -8.54 21.43 57.40
CA PRO Q 389 -7.14 21.10 57.66
C PRO Q 389 -6.94 19.66 58.09
N LEU Q 390 -7.99 19.04 58.62
CA LEU Q 390 -7.91 17.68 59.12
C LEU Q 390 -7.88 16.67 57.98
N ILE Q 391 -8.70 16.87 56.96
CA ILE Q 391 -8.73 15.97 55.80
C ILE Q 391 -7.41 16.02 55.05
N LEU Q 392 -6.77 17.18 55.03
CA LEU Q 392 -5.46 17.30 54.37
C LEU Q 392 -4.41 16.43 55.04
N ALA Q 393 -4.52 16.23 56.34
CA ALA Q 393 -3.56 15.40 57.06
C ALA Q 393 -3.70 13.93 56.69
N GLY Q 394 -4.90 13.50 56.34
CA GLY Q 394 -5.19 12.12 55.99
C GLY Q 394 -4.51 11.76 54.69
N PHE Q 395 -4.80 12.53 53.65
CA PHE Q 395 -4.18 12.27 52.37
C PHE Q 395 -2.67 12.34 52.49
N THR Q 396 -2.18 13.30 53.25
CA THR Q 396 -0.74 13.39 53.40
C THR Q 396 -0.22 12.12 54.03
N SER Q 397 -0.92 11.62 55.04
CA SER Q 397 -0.48 10.41 55.71
C SER Q 397 -0.54 9.23 54.76
N GLY Q 398 -1.62 9.11 54.02
CA GLY Q 398 -1.76 7.99 53.10
C GLY Q 398 -0.65 7.97 52.08
N PHE Q 399 -0.35 9.13 51.53
CA PHE Q 399 0.71 9.25 50.53
C PHE Q 399 2.04 8.76 51.08
N LEU Q 400 2.42 9.22 52.26
CA LEU Q 400 3.68 8.80 52.84
C LEU Q 400 3.68 7.32 53.16
N LEU Q 401 2.61 6.82 53.75
CA LEU Q 401 2.55 5.42 54.15
C LEU Q 401 2.72 4.49 52.95
N LEU Q 402 2.07 4.81 51.85
CA LEU Q 402 2.16 3.97 50.68
C LEU Q 402 3.53 4.10 50.03
N ARG Q 403 4.12 5.29 50.10
CA ARG Q 403 5.40 5.54 49.46
C ARG Q 403 6.48 4.61 49.98
N GLY Q 404 6.31 4.14 51.19
CA GLY Q 404 7.30 3.26 51.76
C GLY Q 404 7.66 2.03 50.93
N ARG Q 405 6.71 1.47 50.19
CA ARG Q 405 7.10 0.26 49.48
C ARG Q 405 8.08 0.55 48.37
N SER Q 406 8.31 1.79 48.04
CA SER Q 406 9.28 2.10 47.01
C SER Q 406 10.68 2.03 47.56
N TYR Q 407 10.83 1.90 48.86
CA TYR Q 407 12.14 1.81 49.50
C TYR Q 407 12.33 0.44 50.10
N VAL Q 408 13.46 -0.17 49.76
CA VAL Q 408 13.79 -1.51 50.21
C VAL Q 408 14.63 -1.50 51.47
N ASP Q 409 15.37 -0.43 51.74
CA ASP Q 409 16.20 -0.43 52.94
C ASP Q 409 15.38 -0.51 54.22
N ARG Q 410 15.90 -1.32 55.14
CA ARG Q 410 15.25 -1.58 56.41
C ARG Q 410 14.95 -0.32 57.20
N TRP Q 411 15.97 0.48 57.47
CA TRP Q 411 15.76 1.63 58.31
C TRP Q 411 15.05 2.74 57.54
N GLN Q 412 15.30 2.83 56.24
CA GLN Q 412 14.68 3.88 55.44
C GLN Q 412 13.19 3.63 55.36
N SER Q 413 12.81 2.39 55.15
CA SER Q 413 11.40 2.07 55.05
C SER Q 413 10.74 2.29 56.40
N ILE Q 414 11.40 1.87 57.45
CA ILE Q 414 10.85 2.06 58.79
C ILE Q 414 10.63 3.53 59.09
N THR Q 415 11.57 4.39 58.69
CA THR Q 415 11.38 5.80 58.98
C THR Q 415 10.21 6.37 58.22
N LEU Q 416 10.01 5.94 56.99
CA LEU Q 416 8.87 6.47 56.27
C LEU Q 416 7.59 6.02 56.95
N ALA Q 417 7.54 4.74 57.32
CA ALA Q 417 6.35 4.22 57.96
C ALA Q 417 6.13 4.94 59.26
N GLY Q 418 7.19 5.07 60.03
CA GLY Q 418 7.13 5.76 61.30
C GLY Q 418 6.63 7.18 61.12
N THR Q 419 7.14 7.85 60.09
CA THR Q 419 6.75 9.21 59.81
C THR Q 419 5.25 9.33 59.62
N ALA Q 420 4.66 8.41 58.89
CA ALA Q 420 3.22 8.49 58.70
C ALA Q 420 2.45 8.23 59.99
N VAL Q 421 2.90 7.31 60.82
CA VAL Q 421 2.18 6.95 62.04
C VAL Q 421 2.27 8.05 63.09
N ILE Q 422 3.46 8.60 63.31
CA ILE Q 422 3.63 9.64 64.31
C ILE Q 422 2.75 10.86 64.05
N ILE Q 423 2.47 11.18 62.79
CA ILE Q 423 1.60 12.32 62.50
C ILE Q 423 0.22 12.09 63.09
N ALA Q 424 -0.28 10.87 62.96
CA ALA Q 424 -1.61 10.57 63.47
C ALA Q 424 -1.64 10.70 64.99
N ALA Q 425 -0.66 10.11 65.67
CA ALA Q 425 -0.62 10.18 67.12
C ALA Q 425 -0.58 11.63 67.60
N ALA Q 426 0.28 12.45 66.99
CA ALA Q 426 0.41 13.85 67.38
C ALA Q 426 -0.90 14.61 67.19
N VAL Q 427 -1.63 14.35 66.10
CA VAL Q 427 -2.89 15.04 65.90
C VAL Q 427 -3.91 14.56 66.92
N CYS Q 428 -3.90 13.27 67.22
CA CYS Q 428 -4.82 12.76 68.22
C CYS Q 428 -4.59 13.42 69.58
N VAL Q 429 -3.34 13.52 70.00
CA VAL Q 429 -3.04 14.15 71.29
C VAL Q 429 -3.50 15.62 71.31
N ARG Q 430 -3.16 16.39 70.28
CA ARG Q 430 -3.56 17.80 70.25
C ARG Q 430 -5.07 17.97 70.33
N TYR Q 431 -5.82 17.10 69.68
CA TYR Q 431 -7.28 17.18 69.67
C TYR Q 431 -7.91 16.73 70.98
N ALA Q 432 -7.16 16.09 71.85
CA ALA Q 432 -7.68 15.64 73.14
C ALA Q 432 -7.50 16.68 74.22
N LEU Q 433 -6.32 17.29 74.30
CA LEU Q 433 -6.05 18.28 75.34
C LEU Q 433 -6.95 19.50 75.17
N GLU Q 434 -6.93 20.13 74.02
CA GLU Q 434 -7.83 21.25 73.78
C GLU Q 434 -9.24 20.73 73.53
N LEU Q 435 -10.22 21.54 73.89
CA LEU Q 435 -11.63 21.15 73.77
C LEU Q 435 -11.89 19.83 74.48
N SER Q 436 -11.26 19.69 75.64
CA SER Q 436 -11.36 18.50 76.47
C SER Q 436 -12.82 18.26 76.87
N SER Q 437 -13.27 17.03 76.71
CA SER Q 437 -14.64 16.62 77.02
C SER Q 437 -14.68 15.10 77.09
N PRO Q 438 -15.72 14.54 77.69
CA PRO Q 438 -15.82 13.07 77.81
C PRO Q 438 -15.85 12.31 76.48
N LEU Q 439 -16.56 12.82 75.47
CA LEU Q 439 -16.62 12.15 74.16
C LEU Q 439 -15.27 12.22 73.46
N ALA Q 440 -14.64 13.39 73.49
CA ALA Q 440 -13.35 13.59 72.84
C ALA Q 440 -12.31 12.60 73.36
N VAL Q 441 -12.14 12.52 74.67
CA VAL Q 441 -11.18 11.59 75.26
C VAL Q 441 -11.61 10.14 75.00
N SER Q 442 -12.90 9.88 74.97
CA SER Q 442 -13.39 8.54 74.70
C SER Q 442 -13.00 8.09 73.29
N ILE Q 443 -13.15 8.98 72.33
CA ILE Q 443 -12.82 8.69 70.92
C ILE Q 443 -11.32 8.56 70.69
N VAL Q 444 -10.52 9.51 71.18
CA VAL Q 444 -9.06 9.48 70.95
C VAL Q 444 -8.43 8.19 71.47
N ALA Q 445 -8.79 7.76 72.68
CA ALA Q 445 -8.20 6.56 73.23
C ALA Q 445 -8.41 5.35 72.34
N ALA Q 446 -9.55 5.28 71.66
CA ALA Q 446 -9.83 4.16 70.78
C ALA Q 446 -8.98 4.23 69.52
N ILE Q 447 -9.00 5.38 68.87
CA ILE Q 447 -8.25 5.59 67.63
C ILE Q 447 -6.78 5.24 67.81
N LEU Q 448 -6.18 5.72 68.88
CA LEU Q 448 -4.77 5.56 69.22
C LEU Q 448 -4.31 4.11 69.46
N VAL Q 449 -5.22 3.15 69.63
CA VAL Q 449 -4.89 1.75 69.84
C VAL Q 449 -5.34 0.84 68.70
N LEU Q 450 -6.50 1.10 68.11
CA LEU Q 450 -6.98 0.23 67.04
C LEU Q 450 -6.12 0.38 65.81
N LEU Q 451 -5.80 1.58 65.45
CA LEU Q 451 -5.01 1.87 64.28
C LEU Q 451 -3.70 1.08 64.29
N PRO Q 452 -2.87 1.17 65.32
CA PRO Q 452 -1.61 0.40 65.30
C PRO Q 452 -1.82 -1.10 65.38
N ALA Q 453 -2.89 -1.56 66.02
CA ALA Q 453 -3.17 -2.98 66.13
C ALA Q 453 -3.46 -3.62 64.78
N ALA Q 454 -4.29 -2.97 63.97
CA ALA Q 454 -4.61 -3.47 62.64
C ALA Q 454 -3.35 -3.58 61.81
N GLY Q 455 -2.41 -2.69 62.04
CA GLY Q 455 -1.14 -2.74 61.32
C GLY Q 455 -0.41 -4.04 61.59
N MET Q 456 -0.30 -4.42 62.86
CA MET Q 456 0.39 -5.66 63.15
C MET Q 456 -0.35 -6.80 62.49
N ALA Q 457 -1.68 -6.77 62.53
CA ALA Q 457 -2.45 -7.84 61.92
C ALA Q 457 -2.12 -7.93 60.43
N ALA Q 458 -2.14 -6.80 59.75
CA ALA Q 458 -1.82 -6.81 58.33
C ALA Q 458 -0.39 -7.27 58.14
N ALA Q 459 0.52 -6.74 58.93
CA ALA Q 459 1.93 -7.07 58.81
C ALA Q 459 2.17 -8.56 58.99
N ALA Q 460 1.43 -9.20 59.89
CA ALA Q 460 1.59 -10.63 60.12
C ALA Q 460 0.92 -11.50 59.06
N HIS Q 461 -0.19 -11.08 58.48
CA HIS Q 461 -0.96 -11.90 57.54
C HIS Q 461 -0.62 -11.71 56.05
N VAL Q 462 -0.29 -10.48 55.64
CA VAL Q 462 0.00 -10.22 54.21
C VAL Q 462 1.14 -11.04 53.62
N PRO Q 463 2.26 -11.23 54.29
CA PRO Q 463 3.38 -11.96 53.69
C PRO Q 463 3.15 -13.42 53.30
N HIS Q 464 2.10 -14.09 53.78
CA HIS Q 464 1.88 -15.50 53.41
C HIS Q 464 0.62 -15.74 52.57
N THR Q 465 -0.06 -14.69 52.10
CA THR Q 465 -1.29 -14.86 51.30
C THR Q 465 -1.05 -14.42 49.86
N ILE Q 466 -2.01 -14.75 48.99
CA ILE Q 466 -1.97 -14.44 47.56
C ILE Q 466 -3.16 -13.58 47.19
N TYR Q 467 -2.91 -12.60 46.32
CA TYR Q 467 -3.91 -11.67 45.82
C TYR Q 467 -3.93 -11.61 44.30
N SER Q 468 -5.11 -11.38 43.74
CA SER Q 468 -5.26 -11.30 42.31
C SER Q 468 -4.68 -10.01 41.74
N PRO Q 469 -4.18 -10.07 40.51
CA PRO Q 469 -3.63 -8.89 39.86
C PRO Q 469 -4.56 -7.70 39.87
N LEU Q 470 -5.86 -7.92 39.74
CA LEU Q 470 -6.81 -6.83 39.74
C LEU Q 470 -6.83 -6.07 41.05
N PHE Q 471 -6.60 -6.74 42.16
CA PHE Q 471 -6.56 -6.03 43.43
C PHE Q 471 -5.24 -5.28 43.59
N ARG Q 472 -4.13 -5.90 43.17
CA ARG Q 472 -2.83 -5.25 43.30
C ARG Q 472 -2.80 -3.95 42.51
N LYS Q 473 -3.32 -3.96 41.30
CA LYS Q 473 -3.38 -2.74 40.49
C LYS Q 473 -4.24 -1.68 41.17
N PHE Q 474 -5.26 -2.08 41.91
CA PHE Q 474 -6.11 -1.09 42.56
C PHE Q 474 -5.43 -0.38 43.72
N VAL Q 475 -4.63 -1.08 44.53
CA VAL Q 475 -3.98 -0.36 45.63
C VAL Q 475 -2.95 0.64 45.12
N GLU Q 476 -2.29 0.33 44.01
CA GLU Q 476 -1.28 1.22 43.46
C GLU Q 476 -1.87 2.60 43.18
N TRP Q 477 -3.03 2.63 42.52
CA TRP Q 477 -3.69 3.88 42.15
C TRP Q 477 -4.08 4.72 43.34
N ILE Q 478 -4.16 4.14 44.53
CA ILE Q 478 -4.52 4.92 45.71
C ILE Q 478 -3.49 6.02 45.93
N GLU Q 479 -2.22 5.73 45.65
CA GLU Q 479 -1.15 6.71 45.84
C GLU Q 479 -1.35 7.94 44.97
N TYR Q 480 -1.60 7.74 43.69
CA TYR Q 480 -1.82 8.84 42.77
C TYR Q 480 -3.08 9.62 43.12
N LEU Q 481 -4.14 8.92 43.51
CA LEU Q 481 -5.40 9.54 43.92
C LEU Q 481 -5.24 10.36 45.19
N CYS Q 482 -4.26 10.02 46.02
CA CYS Q 482 -3.97 10.79 47.22
C CYS Q 482 -3.17 12.05 46.90
N LEU Q 483 -2.31 12.03 45.89
CA LEU Q 483 -1.52 13.21 45.54
C LEU Q 483 -2.38 14.28 44.87
N MET Q 484 -3.20 13.90 43.91
CA MET Q 484 -4.01 14.85 43.13
C MET Q 484 -4.75 15.93 43.92
N PRO Q 485 -5.31 15.67 45.12
CA PRO Q 485 -6.02 16.73 45.85
C PRO Q 485 -5.18 17.67 46.73
N ILE Q 486 -3.91 17.37 47.00
CA ILE Q 486 -3.12 18.16 47.93
C ILE Q 486 -3.06 19.65 47.56
N PHE Q 487 -2.57 19.96 46.37
CA PHE Q 487 -2.45 21.36 45.99
C PHE Q 487 -3.77 22.09 45.93
N PRO Q 488 -4.83 21.56 45.32
CA PRO Q 488 -6.10 22.27 45.32
C PRO Q 488 -6.59 22.58 46.72
N LEU Q 489 -6.38 21.65 47.65
CA LEU Q 489 -6.80 21.85 49.03
C LEU Q 489 -5.90 22.83 49.82
N ALA Q 490 -4.58 22.76 49.66
CA ALA Q 490 -3.70 23.68 50.40
C ALA Q 490 -3.98 25.14 50.06
N LEU Q 491 -4.10 25.45 48.77
CA LEU Q 491 -4.39 26.82 48.37
C LEU Q 491 -5.74 27.24 48.90
N TRP Q 492 -6.64 26.26 49.00
CA TRP Q 492 -7.97 26.52 49.55
C TRP Q 492 -7.83 26.85 51.03
N LEU Q 493 -6.96 26.13 51.70
CA LEU Q 493 -6.70 26.42 53.10
C LEU Q 493 -6.06 27.80 53.23
N MET Q 494 -5.30 28.21 52.24
CA MET Q 494 -4.68 29.54 52.20
C MET Q 494 -5.62 30.65 51.72
N ASN Q 495 -6.89 30.34 51.46
CA ASN Q 495 -7.88 31.34 51.04
C ASN Q 495 -7.55 32.05 49.72
N VAL Q 496 -6.72 31.44 48.87
CA VAL Q 496 -6.33 32.03 47.58
C VAL Q 496 -7.52 32.27 46.65
N TYR Q 497 -8.40 31.27 46.48
CA TYR Q 497 -9.52 31.42 45.55
C TYR Q 497 -10.47 32.54 45.94
N ALA Q 498 -10.74 32.72 47.23
CA ALA Q 498 -11.63 33.80 47.66
C ALA Q 498 -10.98 35.15 47.45
N ALA Q 499 -9.70 35.28 47.76
CA ALA Q 499 -8.98 36.54 47.58
C ALA Q 499 -9.06 37.02 46.14
N ILE Q 500 -8.79 36.13 45.19
CA ILE Q 500 -8.84 36.47 43.78
C ILE Q 500 -10.27 36.78 43.33
N ARG Q 501 -11.24 35.95 43.72
CA ARG Q 501 -12.62 36.18 43.29
C ARG Q 501 -13.20 37.52 43.72
N TYR Q 502 -12.72 38.15 44.79
CA TYR Q 502 -13.21 39.47 45.21
C TYR Q 502 -12.17 40.57 45.02
N ARG Q 503 -11.08 40.28 44.32
CA ARG Q 503 -10.02 41.25 44.04
C ARG Q 503 -9.67 42.08 45.26
N PRO R 18 65.63 -16.73 83.03
CA PRO R 18 65.08 -15.87 81.99
C PRO R 18 65.37 -16.41 80.59
N GLN R 19 66.14 -17.49 80.50
CA GLN R 19 66.48 -18.07 79.20
C GLN R 19 65.33 -18.84 78.57
N ALA R 20 64.33 -19.24 79.36
CA ALA R 20 63.20 -19.96 78.82
C ALA R 20 61.95 -19.65 79.65
N VAL R 21 60.79 -19.87 79.05
CA VAL R 21 59.50 -19.65 79.70
C VAL R 21 58.57 -20.82 79.40
N VAL R 22 57.80 -21.22 80.40
CA VAL R 22 56.83 -22.30 80.29
C VAL R 22 55.47 -21.70 79.95
N VAL R 23 54.83 -22.24 78.91
CA VAL R 23 53.52 -21.75 78.48
C VAL R 23 52.68 -22.91 77.96
N GLY R 24 51.37 -22.70 77.99
CA GLY R 24 50.41 -23.68 77.49
C GLY R 24 50.10 -23.42 76.03
N VAL R 25 50.19 -24.47 75.21
CA VAL R 25 49.88 -24.38 73.78
C VAL R 25 48.59 -25.13 73.48
N MET R 26 47.67 -24.43 72.82
CA MET R 26 46.40 -25.02 72.38
C MET R 26 46.59 -25.61 70.98
N ALA R 27 46.13 -26.84 70.79
CA ALA R 27 46.24 -27.52 69.50
C ALA R 27 44.91 -28.05 69.00
N GLY R 28 44.95 -28.83 67.94
CA GLY R 28 43.76 -29.36 67.32
C GLY R 28 42.71 -29.98 68.23
N GLU R 29 41.47 -29.57 67.98
CA GLU R 29 40.24 -29.98 68.66
C GLU R 29 40.20 -29.66 70.16
N GLY R 30 41.18 -28.95 70.72
CA GLY R 30 41.11 -28.54 72.11
C GLY R 30 42.10 -29.08 73.14
N VAL R 31 43.13 -29.84 72.75
CA VAL R 31 44.11 -30.34 73.71
C VAL R 31 45.08 -29.22 74.10
N GLN R 32 45.19 -28.94 75.40
CA GLN R 32 46.12 -27.94 75.91
C GLN R 32 47.34 -28.66 76.47
N ILE R 33 48.53 -28.23 76.03
CA ILE R 33 49.79 -28.87 76.43
C ILE R 33 50.79 -27.84 76.97
N GLY R 34 51.37 -28.14 78.13
CA GLY R 34 52.39 -27.30 78.76
C GLY R 34 53.77 -27.53 78.15
N VAL R 35 54.41 -26.48 77.63
CA VAL R 35 55.72 -26.60 77.00
C VAL R 35 56.66 -25.49 77.46
N LEU R 36 57.96 -25.81 77.50
CA LEU R 36 59.00 -24.85 77.92
C LEU R 36 59.70 -24.36 76.66
N LEU R 37 59.37 -23.13 76.25
CA LEU R 37 59.88 -22.50 75.04
C LEU R 37 61.08 -21.58 75.26
N ASP R 38 61.92 -21.48 74.22
CA ASP R 38 63.10 -20.62 74.22
C ASP R 38 62.63 -19.17 74.23
N ALA R 39 63.08 -18.39 75.22
CA ALA R 39 62.65 -17.01 75.38
C ALA R 39 63.25 -16.00 74.39
N ASN R 40 64.33 -16.31 73.66
CA ASN R 40 64.90 -15.30 72.77
C ASN R 40 64.92 -15.62 71.28
N ALA R 41 64.82 -16.88 70.88
CA ALA R 41 64.75 -17.18 69.45
C ALA R 41 63.49 -16.56 68.84
N PRO R 42 63.51 -16.20 67.55
CA PRO R 42 62.31 -15.63 66.94
C PRO R 42 61.24 -16.71 66.77
N VAL R 43 60.00 -16.33 67.07
CA VAL R 43 58.88 -17.27 67.09
C VAL R 43 58.75 -18.08 65.81
N SER R 44 59.06 -17.50 64.67
CA SER R 44 58.97 -18.26 63.42
C SER R 44 59.88 -19.47 63.40
N VAL R 45 60.96 -19.45 64.18
CA VAL R 45 61.87 -20.59 64.23
C VAL R 45 61.31 -21.78 65.00
N MET R 46 60.38 -21.56 65.91
CA MET R 46 59.79 -22.59 66.77
C MET R 46 58.51 -23.27 66.26
N THR R 47 57.69 -22.59 65.46
CA THR R 47 56.40 -23.13 65.01
C THR R 47 56.48 -24.47 64.28
N ASP R 48 57.52 -24.69 63.47
CA ASP R 48 57.62 -25.97 62.75
C ASP R 48 57.83 -27.16 63.68
N PRO R 49 58.89 -27.22 64.49
CA PRO R 49 59.07 -28.36 65.40
C PRO R 49 57.95 -28.47 66.42
N LEU R 50 57.33 -27.35 66.78
CA LEU R 50 56.20 -27.35 67.72
C LEU R 50 55.04 -28.14 67.13
N LEU R 51 54.80 -27.98 65.83
CA LEU R 51 53.74 -28.73 65.15
C LEU R 51 54.04 -30.24 65.17
N LYS R 52 55.29 -30.63 65.00
CA LYS R 52 55.68 -32.05 65.07
C LYS R 52 55.35 -32.67 66.43
N VAL R 53 55.75 -31.99 67.51
CA VAL R 53 55.55 -32.47 68.88
C VAL R 53 54.08 -32.71 69.21
N VAL R 54 53.21 -31.75 68.94
CA VAL R 54 51.78 -31.95 69.24
C VAL R 54 51.21 -33.12 68.44
N ASN R 55 51.65 -33.31 67.20
CA ASN R 55 51.18 -34.45 66.42
C ASN R 55 51.64 -35.74 67.07
N SER R 56 52.91 -35.79 67.47
CA SER R 56 53.45 -36.97 68.13
C SER R 56 52.64 -37.32 69.37
N ARG R 57 52.31 -36.33 70.19
CA ARG R 57 51.49 -36.58 71.38
C ARG R 57 50.09 -37.02 70.98
N LEU R 58 49.50 -36.41 69.96
CA LEU R 58 48.17 -36.80 69.51
C LEU R 58 48.18 -38.25 69.02
N ARG R 59 49.21 -38.65 68.26
CA ARG R 59 49.28 -40.02 67.80
C ARG R 59 49.34 -40.99 68.98
N GLU R 60 50.19 -40.69 69.96
CA GLU R 60 50.29 -41.55 71.14
C GLU R 60 49.00 -41.54 71.93
N LEU R 61 48.38 -40.38 72.06
CA LEU R 61 47.11 -40.29 72.77
C LEU R 61 46.00 -41.00 72.01
N GLY R 62 46.19 -41.29 70.73
CA GLY R 62 45.18 -41.96 69.95
C GLY R 62 44.24 -41.00 69.28
N GLU R 63 44.59 -39.73 69.25
CA GLU R 63 43.78 -38.71 68.63
C GLU R 63 44.25 -38.51 67.19
N ALA R 64 43.46 -37.78 66.41
CA ALA R 64 43.80 -37.53 65.01
C ALA R 64 44.76 -36.36 64.88
N PRO R 65 45.82 -36.49 64.09
CA PRO R 65 46.81 -35.42 63.94
C PRO R 65 46.25 -34.23 63.17
N LEU R 66 46.97 -33.12 63.29
CA LEU R 66 46.64 -31.88 62.60
C LEU R 66 46.90 -32.00 61.09
N GLU R 67 46.03 -31.39 60.30
CA GLU R 67 46.14 -31.44 58.84
C GLU R 67 45.69 -30.14 58.20
N ALA R 68 46.28 -29.85 57.04
CA ALA R 68 45.97 -28.69 56.22
C ALA R 68 44.74 -28.92 55.34
N THR R 69 44.17 -27.81 54.87
CA THR R 69 42.99 -27.86 54.01
C THR R 69 43.15 -26.89 52.85
N GLY R 70 43.41 -27.42 51.67
CA GLY R 70 43.60 -26.59 50.49
C GLY R 70 44.80 -25.69 50.57
N ARG R 71 44.55 -24.39 50.47
CA ARG R 71 45.58 -23.36 50.54
C ARG R 71 45.52 -22.60 51.86
N GLY R 72 46.65 -22.51 52.55
CA GLY R 72 46.71 -21.81 53.82
C GLY R 72 48.08 -21.98 54.44
N ARG R 73 48.18 -21.59 55.71
CA ARG R 73 49.45 -21.72 56.43
C ARG R 73 49.23 -21.95 57.91
N TRP R 74 50.30 -22.43 58.56
CA TRP R 74 50.33 -22.63 60.01
C TRP R 74 50.92 -21.41 60.68
N ALA R 75 50.31 -20.99 61.77
CA ALA R 75 50.77 -19.83 62.53
C ALA R 75 50.56 -20.04 64.01
N LEU R 76 51.29 -19.25 64.79
CA LEU R 76 51.22 -19.25 66.24
C LEU R 76 50.52 -17.94 66.62
N CYS R 77 49.43 -18.06 67.37
CA CYS R 77 48.56 -16.94 67.71
C CYS R 77 48.19 -16.91 69.19
N LEU R 78 47.69 -15.74 69.59
CA LEU R 78 47.14 -15.54 70.91
C LEU R 78 45.79 -16.25 70.98
N VAL R 79 45.22 -16.34 72.19
CA VAL R 79 43.92 -17.01 72.32
C VAL R 79 42.82 -16.30 71.53
N ASP R 80 42.97 -14.99 71.28
CA ASP R 80 41.99 -14.27 70.47
C ASP R 80 42.20 -14.47 68.98
N GLY R 81 43.13 -15.34 68.57
CA GLY R 81 43.39 -15.56 67.18
C GLY R 81 44.40 -14.62 66.56
N ALA R 82 44.71 -13.49 67.19
CA ALA R 82 45.69 -12.57 66.62
C ALA R 82 47.08 -13.21 66.56
N PRO R 83 47.71 -13.26 65.39
CA PRO R 83 49.02 -13.88 65.25
C PRO R 83 50.16 -13.05 65.82
N LEU R 84 51.17 -13.77 66.31
CA LEU R 84 52.39 -13.14 66.85
C LEU R 84 53.31 -12.72 65.71
N ARG R 85 54.01 -11.61 65.91
CA ARG R 85 54.90 -11.11 64.87
C ARG R 85 56.02 -12.12 64.63
N ALA R 86 56.04 -12.72 63.43
CA ALA R 86 56.96 -13.80 63.10
C ALA R 86 58.46 -13.53 63.31
N THR R 87 58.91 -12.28 63.14
CA THR R 87 60.34 -11.97 63.29
C THR R 87 60.76 -11.62 64.70
N GLN R 88 59.82 -11.36 65.60
CA GLN R 88 60.21 -10.96 66.95
C GLN R 88 60.51 -12.15 67.86
N SER R 89 61.33 -11.85 68.86
CA SER R 89 61.69 -12.81 69.88
C SER R 89 60.55 -12.97 70.88
N LEU R 90 60.49 -14.14 71.50
CA LEU R 90 59.46 -14.44 72.48
C LEU R 90 59.52 -13.50 73.68
N THR R 91 60.71 -13.00 74.03
CA THR R 91 60.87 -12.04 75.11
C THR R 91 60.52 -10.64 74.64
N GLU R 92 60.61 -10.41 73.34
CA GLU R 92 60.28 -9.12 72.77
C GLU R 92 58.80 -8.85 72.88
N GLN R 93 58.01 -9.91 72.82
CA GLN R 93 56.57 -9.82 73.00
C GLN R 93 56.20 -9.92 74.48
N ASP R 94 55.03 -9.35 74.80
CA ASP R 94 54.48 -9.32 76.16
C ASP R 94 53.89 -10.67 76.56
N VAL R 95 54.75 -11.67 76.47
CA VAL R 95 54.45 -13.05 76.83
C VAL R 95 55.21 -13.38 78.10
N TYR R 96 54.50 -13.87 79.11
CA TYR R 96 55.11 -14.21 80.38
C TYR R 96 54.91 -15.70 80.65
N ASP R 97 55.81 -16.24 81.48
CA ASP R 97 55.74 -17.64 81.90
C ASP R 97 54.42 -17.96 82.58
N GLY R 98 53.75 -18.99 82.10
CA GLY R 98 52.47 -19.40 82.62
C GLY R 98 51.30 -19.01 81.76
N ASP R 99 51.54 -18.16 80.77
CA ASP R 99 50.52 -17.74 79.83
C ASP R 99 50.24 -18.88 78.86
N ARG R 100 49.39 -18.64 77.87
CA ARG R 100 49.04 -19.66 76.89
C ARG R 100 48.94 -19.08 75.49
N LEU R 101 49.19 -19.95 74.49
CA LEU R 101 49.20 -19.59 73.08
C LEU R 101 48.45 -20.63 72.26
N TRP R 102 48.19 -20.28 71.01
CA TRP R 102 47.44 -21.14 70.09
C TRP R 102 48.13 -21.27 68.74
N ILE R 103 48.34 -22.53 68.29
CA ILE R 103 48.89 -22.85 66.97
C ILE R 103 47.71 -23.07 66.02
N ARG R 104 47.72 -22.42 64.87
CA ARG R 104 46.54 -22.47 64.01
C ARG R 104 46.87 -22.48 62.52
N PHE R 105 45.95 -23.06 61.74
CA PHE R 105 46.02 -23.11 60.28
C PHE R 105 45.11 -22.04 59.70
N ILE R 106 45.66 -21.12 58.91
CA ILE R 106 44.91 -20.02 58.28
C ILE R 106 44.94 -20.11 56.75
N ALA R 107 43.74 -20.17 56.14
CA ALA R 107 43.51 -20.30 54.70
C ALA R 107 43.85 -19.04 53.87
N ASP R 108 44.08 -19.30 52.57
CA ASP R 108 44.39 -18.29 51.56
C ASP R 108 43.20 -17.44 51.09
N THR R 109 43.34 -16.11 51.16
CA THR R 109 42.32 -15.17 50.73
C THR R 109 42.49 -14.63 49.31
N GLU R 110 43.55 -15.02 48.59
CA GLU R 110 43.81 -14.52 47.23
C GLU R 110 42.78 -14.97 46.19
N ARG R 111 42.24 -14.01 45.43
CA ARG R 111 41.23 -14.28 44.41
C ARG R 111 41.24 -13.19 43.33
N ARG R 112 40.66 -13.54 42.17
CA ARG R 112 40.52 -12.58 41.08
C ARG R 112 39.68 -11.38 41.48
N SER R 113 39.97 -10.23 40.85
CA SER R 113 39.20 -9.01 41.06
C SER R 113 37.89 -9.05 40.27
N GLN R 114 36.98 -8.13 40.61
CA GLN R 114 35.67 -8.04 39.96
C GLN R 114 35.41 -6.61 39.53
N VAL R 115 35.00 -6.39 38.29
CA VAL R 115 34.76 -5.03 37.80
C VAL R 115 33.51 -4.95 36.94
N ILE R 116 32.75 -3.88 37.14
CA ILE R 116 31.56 -3.57 36.37
C ILE R 116 31.72 -2.10 35.97
N GLU R 117 31.75 -1.83 34.67
CA GLU R 117 31.97 -0.45 34.20
C GLU R 117 30.68 0.36 34.12
N HIS R 118 29.56 -0.20 33.68
CA HIS R 118 28.34 0.60 33.61
C HIS R 118 27.84 0.92 35.01
N ILE R 119 27.94 2.20 35.35
CA ILE R 119 27.64 2.73 36.68
C ILE R 119 26.28 2.32 37.24
N SER R 120 25.24 2.26 36.40
CA SER R 120 23.93 1.92 36.96
C SER R 120 23.88 0.52 37.57
N THR R 121 24.31 -0.48 36.81
CA THR R 121 24.30 -1.86 37.31
C THR R 121 25.26 -2.02 38.47
N ALA R 122 26.42 -1.41 38.37
CA ALA R 122 27.40 -1.50 39.43
C ALA R 122 26.85 -0.98 40.74
N VAL R 123 26.06 0.08 40.70
CA VAL R 123 25.51 0.59 41.95
C VAL R 123 24.54 -0.39 42.57
N ALA R 124 23.75 -1.08 41.77
CA ALA R 124 22.81 -2.04 42.34
C ALA R 124 23.50 -3.26 42.96
N SER R 125 24.50 -3.83 42.26
CA SER R 125 25.21 -5.01 42.76
C SER R 125 25.87 -4.81 44.12
N ASP R 126 26.81 -3.88 44.22
CA ASP R 126 27.52 -3.65 45.47
C ASP R 126 26.57 -3.28 46.60
N LEU R 127 25.68 -2.33 46.35
CA LEU R 127 24.75 -1.85 47.37
C LEU R 127 23.83 -2.92 47.92
N SER R 128 23.65 -4.03 47.24
CA SER R 128 22.80 -5.11 47.74
C SER R 128 23.51 -6.10 48.68
N LYS R 129 24.84 -6.18 48.69
CA LYS R 129 25.54 -7.16 49.50
C LYS R 129 25.94 -6.71 50.90
N ARG R 130 26.08 -5.42 51.13
CA ARG R 130 26.58 -4.89 52.39
C ARG R 130 25.49 -4.37 53.31
N PHE R 131 24.23 -4.39 52.90
CA PHE R 131 23.19 -3.86 53.75
C PHE R 131 22.00 -4.81 53.66
N ALA R 132 21.09 -4.69 54.62
CA ALA R 132 19.94 -5.58 54.72
C ALA R 132 18.59 -4.96 54.37
N ARG R 133 17.84 -5.70 53.57
CA ARG R 133 16.50 -5.35 53.15
C ARG R 133 15.51 -5.76 54.23
N ILE R 134 14.33 -5.16 54.19
CA ILE R 134 13.26 -5.51 55.12
C ILE R 134 12.76 -6.93 54.85
N ASP R 135 12.32 -7.63 55.89
CA ASP R 135 11.85 -9.01 55.79
C ASP R 135 10.64 -9.19 56.69
N PRO R 136 9.87 -10.25 56.49
CA PRO R 136 8.65 -10.46 57.29
C PRO R 136 8.88 -10.62 58.79
N ILE R 137 10.00 -11.22 59.19
CA ILE R 137 10.30 -11.46 60.59
C ILE R 137 10.41 -10.14 61.35
N VAL R 138 11.17 -9.22 60.79
CA VAL R 138 11.35 -7.91 61.40
C VAL R 138 10.02 -7.16 61.39
N ALA R 139 9.24 -7.36 60.33
CA ALA R 139 7.97 -6.67 60.19
C ALA R 139 7.06 -6.92 61.38
N VAL R 140 6.98 -8.17 61.85
CA VAL R 140 6.11 -8.46 62.98
C VAL R 140 6.59 -7.72 64.22
N GLN R 141 7.90 -7.70 64.43
CA GLN R 141 8.45 -6.98 65.58
C GLN R 141 8.10 -5.50 65.52
N VAL R 142 8.14 -4.91 64.32
CA VAL R 142 7.78 -3.50 64.18
C VAL R 142 6.32 -3.29 64.54
N GLY R 143 5.44 -4.15 64.04
CA GLY R 143 4.04 -4.01 64.37
C GLY R 143 3.80 -4.12 65.86
N ALA R 144 4.43 -5.11 66.49
CA ALA R 144 4.32 -5.31 67.92
C ALA R 144 4.83 -4.10 68.71
N SER R 145 5.96 -3.56 68.31
CA SER R 145 6.50 -2.38 68.99
C SER R 145 5.55 -1.19 68.90
N MET R 146 4.92 -0.97 67.76
CA MET R 146 3.99 0.16 67.59
C MET R 146 2.74 0.04 68.46
N VAL R 147 2.15 -1.14 68.61
CA VAL R 147 0.96 -1.26 69.45
C VAL R 147 1.31 -0.98 70.90
N ALA R 148 2.47 -1.42 71.34
CA ALA R 148 2.93 -1.15 72.70
C ALA R 148 2.98 0.35 72.95
N THR R 149 3.59 1.09 72.04
CA THR R 149 3.67 2.54 72.15
C THR R 149 2.30 3.18 72.09
N GLY R 150 1.39 2.62 71.32
CA GLY R 150 0.06 3.18 71.21
C GLY R 150 -0.73 3.13 72.51
N VAL R 151 -0.79 1.95 73.14
CA VAL R 151 -1.56 1.78 74.36
C VAL R 151 -1.05 2.62 75.52
N VAL R 152 0.27 2.78 75.65
CA VAL R 152 0.77 3.61 76.75
C VAL R 152 0.37 5.07 76.53
N LEU R 153 0.14 5.49 75.29
CA LEU R 153 -0.31 6.86 75.01
C LEU R 153 -1.78 7.04 75.38
N ALA R 154 -2.59 6.03 75.09
CA ALA R 154 -4.02 6.06 75.39
C ALA R 154 -4.25 6.12 76.89
N THR R 155 -3.54 5.30 77.65
CA THR R 155 -3.65 5.32 79.11
C THR R 155 -3.21 6.67 79.64
N GLY R 156 -2.28 7.33 78.96
CA GLY R 156 -1.84 8.65 79.39
C GLY R 156 -2.99 9.64 79.42
N VAL R 157 -3.75 9.75 78.34
CA VAL R 157 -4.86 10.69 78.34
C VAL R 157 -5.95 10.24 79.29
N LEU R 158 -6.21 8.93 79.37
CA LEU R 158 -7.21 8.44 80.30
C LEU R 158 -6.76 8.73 81.72
N GLY R 159 -5.46 8.59 81.97
CA GLY R 159 -4.86 8.86 83.27
C GLY R 159 -4.80 10.34 83.60
N TRP R 160 -4.90 11.21 82.60
CA TRP R 160 -4.93 12.66 82.80
C TRP R 160 -6.33 13.19 83.14
N TRP R 161 -7.36 12.66 82.52
CA TRP R 161 -8.73 13.08 82.76
C TRP R 161 -9.11 12.88 84.24
N ARG R 162 -8.57 11.82 84.83
CA ARG R 162 -8.74 11.44 86.24
C ARG R 162 -8.48 12.54 87.25
N TRP R 163 -7.48 13.39 87.02
CA TRP R 163 -7.15 14.46 87.96
C TRP R 163 -8.23 15.51 88.12
N HIS R 164 -9.21 15.58 87.23
CA HIS R 164 -10.30 16.53 87.34
C HIS R 164 -11.70 15.92 87.45
N HIS R 165 -11.88 14.67 87.01
CA HIS R 165 -13.17 13.98 87.05
C HIS R 165 -12.80 12.54 87.42
N ASN R 166 -12.67 12.27 88.72
CA ASN R 166 -12.29 10.92 89.12
C ASN R 166 -13.49 9.96 89.13
N THR R 167 -14.09 9.75 87.97
CA THR R 167 -15.25 8.87 87.81
C THR R 167 -14.83 7.49 87.24
N TRP R 168 -15.83 6.61 87.12
CA TRP R 168 -15.66 5.24 86.64
C TRP R 168 -15.10 5.11 85.22
N LEU R 169 -15.31 6.11 84.37
CA LEU R 169 -14.84 6.04 82.99
C LEU R 169 -13.39 5.57 82.86
N THR R 170 -12.47 6.22 83.57
CA THR R 170 -11.05 5.89 83.50
C THR R 170 -10.75 4.43 83.78
N THR R 171 -11.27 3.88 84.87
CA THR R 171 -10.98 2.49 85.22
C THR R 171 -11.67 1.52 84.29
N ILE R 172 -12.94 1.77 83.97
CA ILE R 172 -13.71 0.89 83.11
C ILE R 172 -13.08 0.75 81.73
N TYR R 173 -12.72 1.87 81.12
CA TYR R 173 -12.14 1.86 79.78
C TYR R 173 -10.79 1.16 79.76
N THR R 174 -9.95 1.41 80.76
CA THR R 174 -8.62 0.80 80.79
C THR R 174 -8.67 -0.69 81.08
N ALA R 175 -9.60 -1.12 81.91
CA ALA R 175 -9.70 -2.53 82.28
C ALA R 175 -9.94 -3.41 81.05
N VAL R 176 -10.92 -3.05 80.23
CA VAL R 176 -11.20 -3.84 79.04
C VAL R 176 -9.99 -3.85 78.11
N ILE R 177 -9.30 -2.72 77.98
CA ILE R 177 -8.08 -2.67 77.16
C ILE R 177 -7.05 -3.66 77.69
N GLY R 178 -6.84 -3.64 79.00
CA GLY R 178 -5.87 -4.53 79.63
C GLY R 178 -6.14 -6.00 79.34
N VAL R 179 -7.39 -6.42 79.51
CA VAL R 179 -7.82 -7.79 79.28
C VAL R 179 -7.53 -8.23 77.84
N LEU R 180 -7.86 -7.39 76.87
CA LEU R 180 -7.63 -7.76 75.48
C LEU R 180 -6.16 -7.98 75.21
N VAL R 181 -5.30 -7.08 75.68
CA VAL R 181 -3.87 -7.21 75.43
C VAL R 181 -3.33 -8.49 76.09
N LEU R 182 -3.73 -8.76 77.32
CA LEU R 182 -3.25 -9.94 78.02
C LEU R 182 -3.63 -11.22 77.31
N ALA R 183 -4.86 -11.30 76.80
CA ALA R 183 -5.34 -12.50 76.11
C ALA R 183 -4.49 -12.85 74.90
N VAL R 184 -4.13 -11.86 74.11
CA VAL R 184 -3.31 -12.06 72.91
C VAL R 184 -1.93 -12.62 73.26
N ALA R 185 -1.27 -12.02 74.25
CA ALA R 185 0.05 -12.50 74.67
C ALA R 185 0.00 -13.95 75.09
N MET R 186 -1.07 -14.35 75.77
CA MET R 186 -1.21 -15.73 76.19
C MET R 186 -1.17 -16.66 74.99
N LEU R 187 -1.95 -16.37 73.96
CA LEU R 187 -1.98 -17.24 72.79
C LEU R 187 -0.63 -17.27 72.11
N LEU R 188 0.04 -16.12 72.04
CA LEU R 188 1.34 -16.04 71.39
C LEU R 188 2.35 -16.86 72.17
N LEU R 189 2.37 -16.67 73.48
CA LEU R 189 3.30 -17.36 74.36
C LEU R 189 3.17 -18.86 74.18
N MET R 190 1.94 -19.36 74.13
CA MET R 190 1.70 -20.78 73.97
C MET R 190 1.96 -21.29 72.55
N ARG R 191 2.11 -20.43 71.54
CA ARG R 191 2.35 -20.91 70.19
C ARG R 191 3.79 -20.68 69.71
N ALA R 192 4.52 -19.76 70.32
CA ALA R 192 5.88 -19.44 69.90
C ALA R 192 6.78 -20.67 69.84
N LYS R 193 7.60 -20.75 68.78
CA LYS R 193 8.54 -21.85 68.53
C LYS R 193 10.03 -21.47 68.49
N THR R 194 10.39 -20.25 68.13
CA THR R 194 11.78 -19.80 68.04
C THR R 194 11.95 -18.50 68.83
N ASP R 195 13.22 -18.17 69.12
CA ASP R 195 13.48 -17.00 69.94
C ASP R 195 12.96 -15.72 69.31
N ALA R 196 12.89 -15.66 67.99
CA ALA R 196 12.33 -14.49 67.35
C ALA R 196 10.89 -14.30 67.76
N ASP R 197 10.14 -15.39 67.75
CA ASP R 197 8.74 -15.39 68.15
C ASP R 197 8.58 -14.99 69.61
N ARG R 198 9.47 -15.52 70.46
CA ARG R 198 9.39 -15.21 71.89
C ARG R 198 9.61 -13.72 72.11
N ARG R 199 10.51 -13.10 71.35
CA ARG R 199 10.71 -11.67 71.49
C ARG R 199 9.41 -10.94 71.17
N VAL R 200 8.67 -11.42 70.18
CA VAL R 200 7.40 -10.79 69.84
C VAL R 200 6.45 -10.86 71.02
N ALA R 201 6.29 -12.05 71.58
CA ALA R 201 5.35 -12.22 72.69
C ALA R 201 5.75 -11.40 73.91
N ASP R 202 7.04 -11.37 74.23
CA ASP R 202 7.53 -10.64 75.38
C ASP R 202 7.19 -9.15 75.31
N ILE R 203 7.36 -8.55 74.15
CA ILE R 203 7.03 -7.13 73.99
C ILE R 203 5.56 -6.93 74.29
N MET R 204 4.73 -7.85 73.84
CA MET R 204 3.30 -7.75 74.09
C MET R 204 3.00 -7.88 75.58
N LEU R 205 3.65 -8.83 76.25
CA LEU R 205 3.44 -9.05 77.68
C LEU R 205 3.90 -7.85 78.50
N MET R 206 5.08 -7.34 78.18
CA MET R 206 5.64 -6.17 78.84
C MET R 206 4.62 -5.02 78.88
N SER R 207 3.87 -4.83 77.80
CA SER R 207 2.86 -3.76 77.71
C SER R 207 1.57 -4.00 78.48
N ALA R 208 1.26 -5.22 78.86
CA ALA R 208 0.00 -5.49 79.54
C ALA R 208 -0.06 -4.98 80.97
N ILE R 209 1.08 -4.88 81.65
CA ILE R 209 1.12 -4.46 83.06
C ILE R 209 0.68 -3.00 83.25
N MET R 210 1.03 -2.13 82.33
CA MET R 210 0.74 -0.69 82.47
C MET R 210 -0.74 -0.35 82.57
N PRO R 211 -1.61 -0.78 81.68
CA PRO R 211 -3.03 -0.43 81.81
C PRO R 211 -3.69 -0.97 83.06
N VAL R 212 -3.42 -2.22 83.43
CA VAL R 212 -4.03 -2.80 84.63
C VAL R 212 -3.66 -1.99 85.85
N THR R 213 -2.40 -1.53 85.91
CA THR R 213 -1.92 -0.73 87.03
C THR R 213 -2.73 0.55 87.20
N VAL R 214 -2.81 1.39 86.16
CA VAL R 214 -3.56 2.64 86.30
C VAL R 214 -5.04 2.34 86.42
N ALA R 215 -5.48 1.20 85.89
CA ALA R 215 -6.88 0.80 86.00
C ALA R 215 -7.27 0.55 87.46
N ALA R 216 -6.40 -0.11 88.22
CA ALA R 216 -6.65 -0.38 89.64
C ALA R 216 -6.63 0.91 90.47
N ALA R 217 -5.59 1.71 90.31
CA ALA R 217 -5.43 2.96 91.04
C ALA R 217 -6.58 3.94 90.81
N ALA R 218 -7.23 3.88 89.66
CA ALA R 218 -8.36 4.76 89.33
C ALA R 218 -9.69 4.34 89.93
N ALA R 219 -9.77 3.21 90.63
CA ALA R 219 -11.02 2.73 91.22
C ALA R 219 -11.55 3.52 92.42
N PRO R 220 -10.74 3.90 93.41
CA PRO R 220 -11.28 4.64 94.59
C PRO R 220 -11.74 6.05 94.25
N PRO R 221 -13.06 6.35 94.52
CA PRO R 221 -13.65 7.66 94.19
C PRO R 221 -13.15 8.86 95.00
N GLY R 222 -13.66 10.05 94.63
CA GLY R 222 -13.28 11.30 95.24
C GLY R 222 -11.99 11.84 94.67
N PRO R 223 -11.65 13.09 94.98
CA PRO R 223 -10.39 13.66 94.49
C PRO R 223 -9.19 12.76 94.78
N VAL R 224 -8.42 12.51 93.72
CA VAL R 224 -7.27 11.62 93.72
C VAL R 224 -6.16 12.04 94.69
N GLY R 225 -5.50 11.05 95.30
CA GLY R 225 -4.41 11.30 96.22
C GLY R 225 -3.80 10.09 96.92
N SER R 226 -3.33 10.28 98.15
CA SER R 226 -2.69 9.23 98.95
C SER R 226 -3.35 7.85 98.90
N PRO R 227 -4.65 7.71 99.16
CA PRO R 227 -5.26 6.37 99.13
C PRO R 227 -5.27 5.71 97.77
N GLN R 228 -5.45 6.48 96.70
CA GLN R 228 -5.45 5.93 95.36
C GLN R 228 -4.07 5.44 94.96
N ALA R 229 -3.03 6.16 95.31
CA ALA R 229 -1.66 5.77 94.97
C ALA R 229 -1.31 4.35 95.43
N VAL R 230 -1.73 3.99 96.64
CA VAL R 230 -1.39 2.69 97.25
C VAL R 230 -1.77 1.48 96.39
N LEU R 231 -2.95 1.46 95.79
CA LEU R 231 -3.37 0.31 95.00
C LEU R 231 -2.48 0.06 93.78
N GLY R 232 -2.17 1.10 93.03
CA GLY R 232 -1.36 1.00 91.83
C GLY R 232 -0.01 0.32 92.00
N PHE R 233 0.82 0.87 92.88
CA PHE R 233 2.15 0.34 93.11
C PHE R 233 2.11 -1.09 93.64
N GLY R 234 1.10 -1.44 94.39
CA GLY R 234 0.95 -2.78 94.87
C GLY R 234 0.74 -3.74 93.70
N VAL R 235 -0.34 -3.54 92.94
CA VAL R 235 -0.62 -4.43 91.82
C VAL R 235 0.55 -4.46 90.84
N LEU R 236 1.20 -3.32 90.64
CA LEU R 236 2.34 -3.27 89.74
C LEU R 236 3.43 -4.22 90.21
N THR R 237 3.77 -4.14 91.49
CA THR R 237 4.80 -5.00 92.06
C THR R 237 4.42 -6.46 91.93
N VAL R 238 3.17 -6.77 92.25
CA VAL R 238 2.68 -8.14 92.20
C VAL R 238 2.68 -8.66 90.77
N ALA R 239 2.13 -7.90 89.84
CA ALA R 239 2.07 -8.37 88.45
C ALA R 239 3.45 -8.64 87.88
N ALA R 240 4.39 -7.73 88.08
CA ALA R 240 5.75 -7.91 87.55
C ALA R 240 6.40 -9.17 88.11
N ALA R 241 6.33 -9.36 89.42
CA ALA R 241 6.93 -10.54 90.05
C ALA R 241 6.28 -11.81 89.54
N LEU R 242 4.95 -11.83 89.49
CA LEU R 242 4.26 -13.03 89.04
C LEU R 242 4.60 -13.33 87.59
N ALA R 243 4.64 -12.31 86.75
CA ALA R 243 4.97 -12.53 85.36
C ALA R 243 6.37 -13.12 85.23
N LEU R 244 7.32 -12.58 85.98
CA LEU R 244 8.69 -13.06 85.96
C LEU R 244 8.79 -14.53 86.37
N ARG R 245 8.26 -14.86 87.54
CA ARG R 245 8.36 -16.23 88.07
C ARG R 245 7.88 -17.26 87.05
N PHE R 246 6.76 -17.00 86.41
CA PHE R 246 6.22 -17.95 85.45
C PHE R 246 6.85 -17.82 84.07
N THR R 247 7.42 -16.67 83.72
CA THR R 247 8.02 -16.56 82.39
C THR R 247 9.49 -16.95 82.40
N GLY R 248 10.25 -16.56 83.43
CA GLY R 248 11.67 -16.92 83.49
C GLY R 248 12.59 -16.23 82.50
N ARG R 249 12.18 -15.10 81.92
CA ARG R 249 12.97 -14.35 80.95
C ARG R 249 12.77 -12.86 81.20
N ARG R 250 13.68 -12.04 80.68
CA ARG R 250 13.62 -10.58 80.88
C ARG R 250 13.67 -10.23 82.36
N LEU R 251 14.56 -10.93 83.08
CA LEU R 251 14.73 -10.77 84.52
C LEU R 251 14.97 -9.33 84.96
N GLY R 252 15.85 -8.62 84.28
CA GLY R 252 16.23 -7.25 84.62
C GLY R 252 15.14 -6.21 84.74
N ILE R 253 14.37 -6.05 83.67
CA ILE R 253 13.29 -5.06 83.65
C ILE R 253 12.23 -5.38 84.72
N TYR R 254 11.82 -6.64 84.81
CA TYR R 254 10.83 -7.02 85.81
C TYR R 254 11.36 -6.83 87.23
N THR R 255 12.59 -7.24 87.51
CA THR R 255 13.18 -7.09 88.85
C THR R 255 13.18 -5.64 89.29
N THR R 256 13.60 -4.76 88.40
CA THR R 256 13.66 -3.33 88.68
C THR R 256 12.29 -2.75 89.04
N ILE R 257 11.24 -3.16 88.33
CA ILE R 257 9.89 -2.67 88.60
C ILE R 257 9.44 -3.10 89.99
N VAL R 258 9.76 -4.33 90.38
CA VAL R 258 9.39 -4.85 91.69
C VAL R 258 9.98 -3.99 92.81
N ILE R 259 11.25 -3.64 92.71
CA ILE R 259 11.93 -2.88 93.76
C ILE R 259 11.29 -1.50 93.95
N ILE R 260 11.18 -0.73 92.87
CA ILE R 260 10.58 0.60 92.99
C ILE R 260 9.12 0.50 93.43
N GLY R 261 8.41 -0.54 92.99
CA GLY R 261 7.01 -0.69 93.38
C GLY R 261 6.85 -0.90 94.88
N ALA R 262 7.57 -1.86 95.44
CA ALA R 262 7.49 -2.16 96.87
C ALA R 262 7.85 -0.96 97.74
N LEU R 263 8.99 -0.33 97.48
CA LEU R 263 9.42 0.83 98.27
C LEU R 263 8.43 1.98 98.15
N THR R 264 7.92 2.22 96.95
CA THR R 264 6.94 3.30 96.77
C THR R 264 5.65 2.96 97.49
N MET R 265 5.24 1.70 97.44
CA MET R 265 4.02 1.24 98.12
C MET R 265 4.11 1.49 99.64
N LEU R 266 5.25 1.16 100.24
CA LEU R 266 5.46 1.39 101.68
C LEU R 266 5.34 2.87 102.03
N ALA R 267 6.01 3.74 101.27
CA ALA R 267 5.97 5.17 101.52
C ALA R 267 4.55 5.73 101.35
N ALA R 268 3.84 5.30 100.32
CA ALA R 268 2.47 5.79 100.08
C ALA R 268 1.52 5.39 101.21
N LEU R 269 1.60 4.16 101.68
CA LEU R 269 0.76 3.69 102.78
C LEU R 269 1.00 4.49 104.05
N ALA R 270 2.26 4.69 104.41
CA ALA R 270 2.61 5.45 105.61
C ALA R 270 2.03 6.87 105.58
N ARG R 271 2.25 7.60 104.49
CA ARG R 271 1.74 8.96 104.38
C ARG R 271 0.22 9.01 104.47
N MET R 272 -0.47 8.01 103.90
CA MET R 272 -1.93 8.01 103.96
C MET R 272 -2.41 7.83 105.39
N VAL R 273 -1.84 6.88 106.11
CA VAL R 273 -2.24 6.64 107.49
C VAL R 273 -1.69 7.75 108.38
N ALA R 274 -0.37 7.88 108.46
CA ALA R 274 0.23 8.92 109.31
C ALA R 274 1.72 9.05 109.04
N ALA R 275 2.16 10.29 108.78
CA ALA R 275 3.55 10.62 108.54
C ALA R 275 3.77 12.07 108.92
N THR R 276 4.77 12.32 109.76
CA THR R 276 5.04 13.69 110.20
C THR R 276 5.57 14.57 109.07
N SER R 277 6.39 14.02 108.18
CA SER R 277 6.88 14.83 107.07
C SER R 277 7.40 13.95 105.94
N ALA R 278 7.48 14.56 104.76
CA ALA R 278 8.05 13.89 103.60
C ALA R 278 9.55 13.61 103.78
N VAL R 279 10.26 14.54 104.41
CA VAL R 279 11.70 14.40 104.65
C VAL R 279 11.97 13.13 105.44
N THR R 280 11.10 12.81 106.38
CA THR R 280 11.25 11.60 107.20
C THR R 280 11.20 10.38 106.31
N LEU R 281 10.20 10.31 105.45
CA LEU R 281 10.05 9.18 104.54
C LEU R 281 11.21 9.16 103.54
N LEU R 282 11.54 10.32 102.98
CA LEU R 282 12.64 10.46 102.03
C LEU R 282 13.98 10.03 102.63
N SER R 283 14.25 10.43 103.88
CA SER R 283 15.48 10.05 104.56
C SER R 283 15.52 8.56 104.83
N SER R 284 14.40 7.99 105.25
CA SER R 284 14.29 6.56 105.52
C SER R 284 14.59 5.77 104.26
N LEU R 285 14.01 6.19 103.15
CA LEU R 285 14.24 5.54 101.86
C LEU R 285 15.73 5.59 101.52
N LEU R 286 16.36 6.75 101.71
CA LEU R 286 17.81 6.87 101.47
C LEU R 286 18.56 5.87 102.34
N LEU R 287 18.22 5.80 103.61
CA LEU R 287 18.89 4.87 104.53
C LEU R 287 18.66 3.44 104.10
N ILE R 288 17.45 3.10 103.72
CA ILE R 288 17.12 1.75 103.27
C ILE R 288 17.95 1.40 102.04
N CYS R 289 18.02 2.32 101.09
CA CYS R 289 18.80 2.12 99.86
C CYS R 289 20.30 2.02 100.13
N VAL R 290 20.81 2.84 101.05
CA VAL R 290 22.24 2.80 101.38
C VAL R 290 22.64 1.41 101.83
N VAL R 291 21.91 0.82 102.76
CA VAL R 291 22.22 -0.53 103.21
C VAL R 291 22.00 -1.54 102.09
N ALA R 292 20.96 -1.34 101.29
CA ALA R 292 20.68 -2.25 100.18
C ALA R 292 21.84 -2.25 99.19
N TYR R 293 22.44 -1.09 98.93
CA TYR R 293 23.60 -1.07 98.04
C TYR R 293 24.70 -1.98 98.58
N HIS R 294 24.85 -2.05 99.89
CA HIS R 294 25.85 -2.93 100.50
C HIS R 294 25.42 -4.39 100.41
N ALA R 295 24.14 -4.68 100.60
CA ALA R 295 23.60 -6.04 100.54
C ALA R 295 23.35 -6.56 99.12
N ALA R 296 23.32 -5.70 98.13
CA ALA R 296 22.99 -6.05 96.75
C ALA R 296 23.56 -7.35 96.20
N PRO R 297 24.87 -7.59 96.22
CA PRO R 297 25.36 -8.86 95.68
C PRO R 297 24.85 -10.07 96.41
N ALA R 298 24.64 -9.97 97.72
CA ALA R 298 24.10 -11.09 98.48
C ALA R 298 22.65 -11.36 98.10
N LEU R 299 21.84 -10.31 97.97
CA LEU R 299 20.45 -10.51 97.57
C LEU R 299 20.39 -11.22 96.23
N SER R 300 21.15 -10.74 95.26
CA SER R 300 21.21 -11.38 93.96
C SER R 300 21.58 -12.85 94.10
N ARG R 301 22.64 -13.10 94.86
CA ARG R 301 23.13 -14.45 95.05
C ARG R 301 22.05 -15.36 95.67
N ARG R 302 21.28 -14.85 96.65
CA ARG R 302 20.21 -15.66 97.23
C ARG R 302 18.98 -15.72 96.35
N LEU R 303 18.69 -14.67 95.57
CA LEU R 303 17.53 -14.75 94.69
C LEU R 303 17.76 -15.71 93.53
N ALA R 304 19.00 -15.85 93.07
CA ALA R 304 19.28 -16.74 91.95
C ALA R 304 18.95 -18.18 92.32
N SER R 344 26.05 -33.18 81.07
CA SER R 344 24.75 -32.59 81.39
C SER R 344 24.85 -31.75 82.64
N SER R 345 25.82 -32.07 83.49
CA SER R 345 25.98 -31.41 84.77
C SER R 345 26.44 -29.97 84.62
N VAL R 346 27.20 -29.68 83.57
CA VAL R 346 27.76 -28.35 83.31
C VAL R 346 26.69 -27.26 83.22
N ARG R 347 25.50 -27.58 82.68
CA ARG R 347 24.44 -26.57 82.53
C ARG R 347 24.15 -25.78 83.80
N ASP R 348 24.21 -26.42 84.96
CA ASP R 348 23.92 -25.76 86.22
C ASP R 348 24.76 -24.49 86.43
N VAL R 349 26.01 -24.49 85.97
CA VAL R 349 26.90 -23.34 86.16
C VAL R 349 26.51 -22.18 85.26
N LEU R 350 26.34 -22.46 83.98
CA LEU R 350 26.00 -21.43 83.00
C LEU R 350 24.70 -20.73 83.36
N LEU R 351 23.67 -21.51 83.68
CA LEU R 351 22.36 -20.95 84.01
C LEU R 351 22.41 -20.06 85.25
N GLN R 352 23.05 -20.52 86.32
CA GLN R 352 23.12 -19.69 87.52
C GLN R 352 23.89 -18.40 87.29
N ALA R 353 25.02 -18.46 86.61
CA ALA R 353 25.86 -17.27 86.43
C ALA R 353 25.09 -16.11 85.80
N GLU R 354 24.41 -16.36 84.69
CA GLU R 354 23.65 -15.29 84.05
C GLU R 354 22.42 -14.90 84.85
N ARG R 355 21.79 -15.82 85.56
CA ARG R 355 20.63 -15.44 86.36
C ARG R 355 21.04 -14.40 87.39
N ALA R 356 22.08 -14.69 88.17
CA ALA R 356 22.57 -13.76 89.17
C ALA R 356 22.95 -12.43 88.56
N ARG R 357 23.74 -12.46 87.49
CA ARG R 357 24.18 -11.24 86.83
C ARG R 357 22.99 -10.38 86.44
N SER R 358 21.96 -11.00 85.87
CA SER R 358 20.74 -10.29 85.47
C SER R 358 20.07 -9.61 86.67
N PHE R 359 19.83 -10.36 87.73
CA PHE R 359 19.19 -9.80 88.92
C PHE R 359 20.01 -8.67 89.51
N LEU R 360 21.34 -8.78 89.48
CA LEU R 360 22.20 -7.77 90.05
C LEU R 360 22.12 -6.46 89.29
N SER R 361 22.20 -6.52 87.96
CA SER R 361 22.12 -5.32 87.15
C SER R 361 20.81 -4.57 87.39
N GLY R 362 19.70 -5.29 87.48
CA GLY R 362 18.42 -4.65 87.74
C GLY R 362 18.33 -4.08 89.14
N LEU R 363 18.79 -4.84 90.13
CA LEU R 363 18.77 -4.38 91.51
C LEU R 363 19.57 -3.07 91.65
N LEU R 364 20.81 -3.06 91.17
CA LEU R 364 21.65 -1.87 91.25
C LEU R 364 20.99 -0.70 90.53
N THR R 365 20.29 -0.98 89.44
CA THR R 365 19.59 0.04 88.68
C THR R 365 18.42 0.61 89.49
N GLY R 366 17.57 -0.25 90.02
CA GLY R 366 16.43 0.21 90.81
C GLY R 366 16.84 1.06 92.00
N LEU R 367 17.89 0.64 92.69
CA LEU R 367 18.42 1.41 93.82
C LEU R 367 18.91 2.77 93.35
N GLY R 368 19.55 2.81 92.18
CA GLY R 368 20.02 4.06 91.62
C GLY R 368 18.86 5.03 91.44
N VAL R 369 17.75 4.53 90.89
CA VAL R 369 16.56 5.33 90.67
C VAL R 369 16.03 5.90 91.99
N MET R 370 15.93 5.06 93.01
CA MET R 370 15.45 5.54 94.31
C MET R 370 16.36 6.60 94.95
N VAL R 371 17.67 6.40 94.97
CA VAL R 371 18.53 7.42 95.59
C VAL R 371 18.52 8.74 94.83
N VAL R 372 18.51 8.72 93.50
CA VAL R 372 18.46 9.99 92.78
C VAL R 372 17.13 10.69 93.01
N VAL R 373 16.03 9.95 93.01
CA VAL R 373 14.72 10.55 93.25
C VAL R 373 14.66 11.16 94.64
N CYS R 374 15.18 10.44 95.62
CA CYS R 374 15.18 10.93 97.00
C CYS R 374 16.10 12.15 97.17
N MET R 375 17.35 12.03 96.74
CA MET R 375 18.29 13.14 96.91
C MET R 375 17.84 14.41 96.18
N THR R 376 17.38 14.29 94.94
CA THR R 376 16.90 15.47 94.22
C THR R 376 15.73 16.12 94.94
N SER R 377 14.94 15.34 95.66
CA SER R 377 13.84 15.89 96.44
C SER R 377 14.31 16.51 97.74
N LEU R 378 15.31 15.90 98.39
CA LEU R 378 15.84 16.40 99.66
C LEU R 378 16.65 17.69 99.56
N CYS R 379 17.44 17.88 98.50
CA CYS R 379 18.28 19.09 98.45
C CYS R 379 17.59 20.42 98.19
N ASP R 380 16.66 20.81 99.06
CA ASP R 380 15.95 22.10 98.94
C ASP R 380 16.90 23.28 99.16
N PRO R 381 17.01 24.22 98.23
CA PRO R 381 17.95 25.33 98.40
C PRO R 381 17.48 26.46 99.30
N HIS R 382 16.36 26.29 100.01
CA HIS R 382 15.82 27.30 100.91
C HIS R 382 15.75 26.83 102.36
N THR R 383 15.44 25.55 102.55
CA THR R 383 15.24 24.99 103.88
C THR R 383 16.55 24.86 104.66
N GLY R 384 16.52 25.36 105.90
CA GLY R 384 17.62 25.28 106.83
C GLY R 384 19.04 25.50 106.34
N GLN R 385 19.94 24.62 106.74
CA GLN R 385 21.35 24.66 106.32
C GLN R 385 21.48 24.19 104.87
N ARG R 386 21.24 25.15 103.98
CA ARG R 386 21.25 24.97 102.53
C ARG R 386 22.47 24.19 102.02
N TRP R 387 23.61 24.28 102.72
CA TRP R 387 24.83 23.56 102.37
C TRP R 387 24.85 22.10 102.84
N LEU R 388 24.10 21.79 103.88
CA LEU R 388 24.08 20.45 104.47
C LEU R 388 23.69 19.37 103.46
N PRO R 389 22.59 19.48 102.72
CA PRO R 389 22.26 18.44 101.74
C PRO R 389 23.24 18.37 100.59
N LEU R 390 23.89 19.47 100.22
CA LEU R 390 24.88 19.46 99.16
C LEU R 390 26.10 18.62 99.57
N ILE R 391 26.61 18.82 100.78
CA ILE R 391 27.72 18.03 101.29
C ILE R 391 27.28 16.58 101.51
N LEU R 392 26.03 16.38 101.94
CA LEU R 392 25.47 15.04 102.10
C LEU R 392 25.45 14.33 100.75
N ALA R 393 25.06 15.05 99.70
CA ALA R 393 25.09 14.56 98.32
C ALA R 393 26.54 14.26 97.91
N GLY R 394 27.47 15.13 98.32
CA GLY R 394 28.90 14.95 98.07
C GLY R 394 29.44 13.65 98.65
N PHE R 395 29.16 13.40 99.92
CA PHE R 395 29.58 12.14 100.56
C PHE R 395 28.98 10.94 99.84
N THR R 396 27.71 11.03 99.46
CA THR R 396 27.02 9.96 98.73
C THR R 396 27.67 9.72 97.37
N SER R 397 28.00 10.78 96.64
CA SER R 397 28.65 10.69 95.32
C SER R 397 30.03 10.04 95.42
N GLY R 398 30.82 10.41 96.41
CA GLY R 398 32.14 9.82 96.60
C GLY R 398 32.08 8.31 96.78
N PHE R 399 31.18 7.84 97.65
CA PHE R 399 31.02 6.40 97.86
C PHE R 399 30.69 5.66 96.58
N LEU R 400 29.72 6.14 95.81
CA LEU R 400 29.36 5.48 94.55
C LEU R 400 30.54 5.49 93.58
N LEU R 401 31.24 6.61 93.49
CA LEU R 401 32.39 6.78 92.60
C LEU R 401 33.58 5.90 93.01
N LEU R 402 33.79 5.68 94.32
CA LEU R 402 34.87 4.84 94.83
C LEU R 402 34.56 3.34 94.79
N ARG R 403 33.32 2.93 95.08
CA ARG R 403 32.92 1.52 95.09
C ARG R 403 32.46 0.99 93.73
N GLY R 404 31.88 1.83 92.88
CA GLY R 404 31.41 1.39 91.57
C GLY R 404 32.46 0.73 90.68
N ARG R 405 33.70 1.23 90.74
CA ARG R 405 34.84 0.70 89.97
C ARG R 405 35.33 -0.65 90.45
N SER R 406 34.88 -1.12 91.62
CA SER R 406 35.28 -2.42 92.14
C SER R 406 34.49 -3.56 91.50
N TYR R 407 33.35 -3.26 90.88
CA TYR R 407 32.53 -4.26 90.20
C TYR R 407 33.16 -4.76 88.90
N VAL R 408 32.98 -6.05 88.62
CA VAL R 408 33.55 -6.72 87.45
C VAL R 408 32.84 -6.33 86.15
N ASP R 409 31.50 -6.34 86.15
CA ASP R 409 30.74 -6.03 84.92
C ASP R 409 30.78 -4.55 84.51
N ARG R 410 30.90 -4.33 83.19
CA ARG R 410 30.93 -2.99 82.62
C ARG R 410 29.63 -2.22 82.83
N TRP R 411 28.48 -2.81 82.50
CA TRP R 411 27.23 -2.06 82.72
C TRP R 411 26.98 -1.81 84.19
N GLN R 412 27.30 -2.78 85.02
CA GLN R 412 27.07 -2.58 86.45
C GLN R 412 27.98 -1.48 86.96
N SER R 413 29.26 -1.53 86.61
CA SER R 413 30.20 -0.50 87.05
C SER R 413 29.88 0.84 86.42
N ILE R 414 29.56 0.86 85.13
CA ILE R 414 29.24 2.10 84.42
C ILE R 414 27.97 2.75 84.94
N THR R 415 26.90 1.97 85.12
CA THR R 415 25.64 2.54 85.61
C THR R 415 25.82 3.14 86.99
N LEU R 416 26.58 2.48 87.85
CA LEU R 416 26.85 3.00 89.19
C LEU R 416 27.63 4.31 89.09
N ALA R 417 28.67 4.32 88.27
CA ALA R 417 29.49 5.52 88.10
C ALA R 417 28.63 6.67 87.58
N GLY R 418 27.81 6.38 86.58
CA GLY R 418 26.92 7.38 86.01
C GLY R 418 25.90 7.89 87.01
N THR R 419 25.44 7.02 87.90
CA THR R 419 24.46 7.41 88.92
C THR R 419 24.99 8.55 89.77
N ALA R 420 26.27 8.57 90.06
CA ALA R 420 26.87 9.65 90.85
C ALA R 420 26.86 10.98 90.10
N VAL R 421 27.26 10.97 88.84
CA VAL R 421 27.31 12.19 88.03
C VAL R 421 25.92 12.81 87.88
N ILE R 422 24.91 11.99 87.60
CA ILE R 422 23.55 12.52 87.45
C ILE R 422 23.06 13.16 88.74
N ILE R 423 23.42 12.60 89.88
CA ILE R 423 23.02 13.20 91.16
C ILE R 423 23.61 14.60 91.26
N ALA R 424 24.90 14.73 91.03
CA ALA R 424 25.57 16.03 91.10
C ALA R 424 24.94 17.02 90.12
N ALA R 425 24.75 16.61 88.87
CA ALA R 425 24.16 17.46 87.84
C ALA R 425 22.73 17.87 88.17
N ALA R 426 21.89 16.93 88.57
CA ALA R 426 20.51 17.26 88.92
C ALA R 426 20.44 18.23 90.11
N VAL R 427 21.24 18.00 91.13
CA VAL R 427 21.27 18.89 92.30
C VAL R 427 21.72 20.28 91.87
N CYS R 428 22.78 20.35 91.09
CA CYS R 428 23.29 21.62 90.59
C CYS R 428 22.22 22.39 89.83
N VAL R 429 21.47 21.70 88.96
CA VAL R 429 20.38 22.33 88.22
C VAL R 429 19.24 22.77 89.15
N ARG R 430 18.94 22.00 90.19
CA ARG R 430 17.90 22.42 91.12
C ARG R 430 18.26 23.76 91.74
N TYR R 431 19.49 23.90 92.21
CA TYR R 431 19.99 25.14 92.80
C TYR R 431 20.04 26.26 91.78
N ALA R 432 19.83 25.94 90.52
CA ALA R 432 19.78 26.88 89.42
C ALA R 432 18.36 27.34 89.16
N LEU R 433 17.41 26.40 89.05
CA LEU R 433 16.03 26.75 88.78
C LEU R 433 15.37 27.40 90.00
N GLU R 434 15.47 26.79 91.16
CA GLU R 434 14.94 27.37 92.39
C GLU R 434 15.96 28.37 92.94
N LEU R 435 15.47 29.48 93.49
CA LEU R 435 16.35 30.56 93.96
C LEU R 435 17.20 31.11 92.81
N SER R 436 16.54 31.25 91.66
CA SER R 436 17.14 31.72 90.41
C SER R 436 17.62 33.16 90.50
N SER R 437 18.77 33.43 89.86
CA SER R 437 19.36 34.76 89.85
C SER R 437 20.51 34.78 88.83
N PRO R 438 20.88 35.97 88.33
CA PRO R 438 21.96 36.07 87.34
C PRO R 438 23.27 35.51 87.85
N LEU R 439 23.60 35.79 89.10
CA LEU R 439 24.83 35.27 89.69
C LEU R 439 24.77 33.75 89.81
N ALA R 440 23.64 33.24 90.30
CA ALA R 440 23.47 31.80 90.48
C ALA R 440 23.66 31.02 89.19
N VAL R 441 22.96 31.43 88.12
CA VAL R 441 23.06 30.71 86.84
C VAL R 441 24.48 30.79 86.29
N SER R 442 25.13 31.94 86.43
CA SER R 442 26.51 32.08 85.96
C SER R 442 27.40 31.12 86.72
N ILE R 443 27.23 31.09 88.03
CA ILE R 443 27.99 30.21 88.91
C ILE R 443 27.66 28.76 88.60
N VAL R 444 26.37 28.46 88.45
CA VAL R 444 25.90 27.11 88.12
C VAL R 444 26.56 26.56 86.86
N ALA R 445 26.53 27.32 85.78
CA ALA R 445 27.13 26.89 84.51
C ALA R 445 28.62 26.54 84.65
N ALA R 446 29.39 27.38 85.33
CA ALA R 446 30.83 27.13 85.50
C ALA R 446 31.09 25.80 86.20
N ILE R 447 30.37 25.56 87.30
CA ILE R 447 30.55 24.32 88.06
C ILE R 447 30.14 23.14 87.20
N LEU R 448 28.97 23.24 86.60
CA LEU R 448 28.41 22.18 85.78
C LEU R 448 29.35 21.81 84.63
N VAL R 449 30.06 22.77 84.06
CA VAL R 449 31.00 22.49 82.98
C VAL R 449 32.38 22.05 83.49
N LEU R 450 32.93 22.66 84.54
CA LEU R 450 34.26 22.25 85.00
C LEU R 450 34.25 20.87 85.65
N LEU R 451 33.20 20.53 86.35
CA LEU R 451 33.07 19.26 87.04
C LEU R 451 33.38 18.07 86.14
N PRO R 452 32.62 17.85 85.07
CA PRO R 452 32.91 16.71 84.19
C PRO R 452 34.20 16.87 83.37
N ALA R 453 34.57 18.08 83.00
CA ALA R 453 35.80 18.28 82.22
C ALA R 453 37.01 17.79 83.00
N ALA R 454 37.07 18.13 84.28
CA ALA R 454 38.17 17.69 85.13
C ALA R 454 38.17 16.16 85.30
N GLY R 455 37.00 15.57 85.48
CA GLY R 455 36.94 14.11 85.60
C GLY R 455 37.49 13.41 84.37
N MET R 456 37.13 13.89 83.18
CA MET R 456 37.65 13.30 81.95
C MET R 456 39.15 13.51 81.86
N ALA R 457 39.61 14.72 82.12
CA ALA R 457 41.03 15.02 82.06
C ALA R 457 41.79 14.10 83.01
N ALA R 458 41.27 13.89 84.21
CA ALA R 458 41.96 13.02 85.16
C ALA R 458 42.13 11.62 84.60
N ALA R 459 41.18 11.15 83.80
CA ALA R 459 41.33 9.82 83.20
C ALA R 459 42.15 9.84 81.92
N ALA R 460 42.01 10.89 81.10
CA ALA R 460 42.74 10.95 79.84
C ALA R 460 44.22 11.30 80.00
N HIS R 461 44.57 12.21 80.90
CA HIS R 461 45.96 12.64 81.06
C HIS R 461 46.77 11.53 81.72
N GLN S 19 -1.61 -95.12 42.35
CA GLN S 19 -2.57 -94.04 42.17
C GLN S 19 -3.03 -93.54 43.54
N ALA S 20 -3.20 -92.23 43.67
CA ALA S 20 -3.61 -91.65 44.95
C ALA S 20 -4.22 -90.27 44.70
N VAL S 21 -4.81 -89.72 45.76
CA VAL S 21 -5.42 -88.38 45.73
C VAL S 21 -5.21 -87.69 47.07
N VAL S 22 -5.20 -86.36 47.04
CA VAL S 22 -5.02 -85.52 48.22
C VAL S 22 -6.21 -84.59 48.36
N VAL S 23 -6.80 -84.54 49.56
CA VAL S 23 -7.99 -83.74 49.83
C VAL S 23 -7.91 -83.06 51.19
N GLY S 24 -8.63 -81.95 51.32
CA GLY S 24 -8.73 -81.20 52.56
C GLY S 24 -9.87 -81.75 53.40
N VAL S 25 -9.53 -82.41 54.51
CA VAL S 25 -10.50 -82.99 55.43
C VAL S 25 -10.71 -82.04 56.62
N MET S 26 -11.95 -81.58 56.77
CA MET S 26 -12.35 -80.69 57.85
C MET S 26 -12.65 -81.50 59.11
N ALA S 27 -12.29 -80.96 60.27
CA ALA S 27 -12.52 -81.65 61.53
C ALA S 27 -13.12 -80.68 62.55
N GLY S 28 -12.96 -81.00 63.83
CA GLY S 28 -13.50 -80.21 64.92
C GLY S 28 -13.42 -78.70 64.83
N GLU S 29 -14.57 -78.05 65.06
CA GLU S 29 -14.72 -76.60 64.99
C GLU S 29 -14.32 -76.03 63.62
N GLY S 30 -14.21 -76.89 62.61
CA GLY S 30 -13.84 -76.48 61.27
C GLY S 30 -12.36 -76.40 60.98
N VAL S 31 -11.51 -77.04 61.78
CA VAL S 31 -10.07 -77.00 61.55
C VAL S 31 -9.75 -77.74 60.25
N GLN S 32 -8.96 -77.10 59.39
CA GLN S 32 -8.56 -77.69 58.11
C GLN S 32 -7.40 -78.66 58.27
N ILE S 33 -7.54 -79.87 57.71
CA ILE S 33 -6.48 -80.87 57.71
C ILE S 33 -6.33 -81.42 56.30
N GLY S 34 -5.09 -81.69 55.90
CA GLY S 34 -4.78 -82.26 54.59
C GLY S 34 -4.42 -83.74 54.71
N VAL S 35 -5.00 -84.55 53.83
CA VAL S 35 -4.77 -85.99 53.84
C VAL S 35 -4.64 -86.57 52.44
N LEU S 36 -3.87 -87.65 52.34
CA LEU S 36 -3.63 -88.40 51.12
C LEU S 36 -4.38 -89.73 51.17
N LEU S 37 -5.19 -90.01 50.15
CA LEU S 37 -6.03 -91.21 50.08
C LEU S 37 -5.80 -91.99 48.79
N ASP S 38 -6.10 -93.28 48.86
CA ASP S 38 -5.98 -94.14 47.69
C ASP S 38 -7.05 -93.79 46.66
N ALA S 39 -6.74 -94.03 45.39
CA ALA S 39 -7.67 -93.73 44.31
C ALA S 39 -8.75 -94.80 44.10
N ASN S 40 -8.41 -96.08 44.24
CA ASN S 40 -9.37 -97.16 43.98
C ASN S 40 -10.07 -97.76 45.19
N ALA S 41 -9.47 -97.75 46.38
CA ALA S 41 -10.15 -98.30 47.53
C ALA S 41 -11.43 -97.55 47.89
N PRO S 42 -12.48 -98.26 48.30
CA PRO S 42 -13.74 -97.60 48.68
C PRO S 42 -13.65 -96.85 50.01
N VAL S 43 -14.51 -95.84 50.14
CA VAL S 43 -14.56 -94.97 51.32
C VAL S 43 -14.75 -95.77 52.63
N SER S 44 -15.58 -96.81 52.60
CA SER S 44 -15.82 -97.61 53.81
C SER S 44 -14.58 -98.23 54.42
N VAL S 45 -13.63 -98.68 53.59
CA VAL S 45 -12.39 -99.27 54.12
C VAL S 45 -11.36 -98.25 54.59
N MET S 46 -11.56 -96.96 54.28
CA MET S 46 -10.63 -95.89 54.65
C MET S 46 -11.17 -94.92 55.71
N THR S 47 -12.48 -94.78 55.86
CA THR S 47 -13.04 -93.84 56.83
C THR S 47 -12.71 -94.21 58.27
N ASP S 48 -12.48 -95.50 58.55
CA ASP S 48 -12.12 -95.93 59.91
C ASP S 48 -10.68 -95.54 60.25
N PRO S 49 -9.67 -95.96 59.51
CA PRO S 49 -8.28 -95.52 59.80
C PRO S 49 -8.09 -94.02 59.65
N LEU S 50 -8.82 -93.37 58.74
CA LEU S 50 -8.71 -91.93 58.58
C LEU S 50 -9.15 -91.18 59.84
N LEU S 51 -10.20 -91.64 60.50
CA LEU S 51 -10.67 -91.01 61.73
C LEU S 51 -9.62 -91.13 62.84
N LYS S 52 -8.92 -92.25 62.90
CA LYS S 52 -7.85 -92.48 63.88
C LYS S 52 -6.67 -91.53 63.67
N VAL S 53 -6.16 -91.42 62.45
CA VAL S 53 -5.05 -90.51 62.17
C VAL S 53 -5.48 -89.06 62.38
N VAL S 54 -6.73 -88.73 62.04
CA VAL S 54 -7.23 -87.38 62.27
C VAL S 54 -7.27 -87.09 63.77
N ASN S 55 -7.76 -88.05 64.56
CA ASN S 55 -7.80 -87.89 66.01
C ASN S 55 -6.38 -87.78 66.56
N SER S 56 -5.47 -88.60 66.04
CA SER S 56 -4.06 -88.54 66.44
C SER S 56 -3.45 -87.18 66.12
N ARG S 57 -3.70 -86.66 64.92
CA ARG S 57 -3.18 -85.35 64.52
C ARG S 57 -3.81 -84.24 65.37
N LEU S 58 -5.09 -84.34 65.69
CA LEU S 58 -5.74 -83.34 66.55
C LEU S 58 -5.04 -83.24 67.91
N ARG S 59 -4.70 -84.38 68.51
CA ARG S 59 -3.99 -84.35 69.79
C ARG S 59 -2.63 -83.66 69.63
N GLU S 60 -1.95 -83.85 68.50
CA GLU S 60 -0.69 -83.15 68.31
C GLU S 60 -0.94 -81.66 68.18
N LEU S 61 -2.10 -81.28 67.64
CA LEU S 61 -2.46 -79.88 67.57
C LEU S 61 -2.99 -79.40 68.91
N GLY S 62 -3.25 -80.32 69.83
CA GLY S 62 -3.79 -80.03 71.14
C GLY S 62 -5.30 -79.92 71.15
N GLU S 63 -5.95 -80.36 70.08
CA GLU S 63 -7.38 -80.29 69.95
C GLU S 63 -8.00 -81.63 70.31
N ALA S 64 -9.21 -81.57 70.84
CA ALA S 64 -9.93 -82.77 71.23
C ALA S 64 -10.33 -83.60 70.01
N PRO S 65 -10.25 -84.92 70.11
CA PRO S 65 -10.67 -85.80 69.01
C PRO S 65 -12.17 -85.75 68.73
N LEU S 66 -12.52 -86.20 67.54
CA LEU S 66 -13.92 -86.27 67.10
C LEU S 66 -14.70 -87.27 67.95
N GLU S 67 -15.84 -86.83 68.48
CA GLU S 67 -16.69 -87.66 69.33
C GLU S 67 -18.15 -87.26 69.18
N ALA S 68 -19.03 -88.24 69.35
CA ALA S 68 -20.48 -88.04 69.22
C ALA S 68 -21.21 -89.13 70.00
N THR S 69 -22.50 -88.86 70.28
CA THR S 69 -23.38 -89.77 71.02
C THR S 69 -24.67 -90.03 70.25
N GLY S 70 -25.20 -91.23 70.44
CA GLY S 70 -26.43 -91.67 69.79
C GLY S 70 -26.17 -92.72 68.72
N ARG S 71 -27.28 -93.29 68.24
CA ARG S 71 -27.21 -94.31 67.20
C ARG S 71 -26.86 -93.67 65.86
N GLY S 72 -25.86 -94.24 65.19
CA GLY S 72 -25.42 -93.70 63.91
C GLY S 72 -24.05 -94.26 63.52
N ARG S 73 -23.36 -93.50 62.67
CA ARG S 73 -22.04 -93.89 62.18
C ARG S 73 -21.27 -92.65 61.71
N TRP S 74 -19.97 -92.85 61.51
CA TRP S 74 -19.06 -91.82 61.03
C TRP S 74 -18.79 -92.00 59.54
N ALA S 75 -18.86 -90.91 58.78
CA ALA S 75 -18.63 -90.97 57.34
C ALA S 75 -18.27 -89.59 56.81
N LEU S 76 -17.81 -89.57 55.57
CA LEU S 76 -17.42 -88.36 54.86
C LEU S 76 -18.64 -87.70 54.21
N CYS S 77 -18.69 -86.37 54.26
CA CYS S 77 -19.80 -85.61 53.69
C CYS S 77 -19.30 -84.37 52.95
N LEU S 78 -20.15 -83.89 52.04
CA LEU S 78 -19.96 -82.69 51.24
C LEU S 78 -20.34 -81.44 52.05
N VAL S 79 -20.07 -80.27 51.47
CA VAL S 79 -20.36 -79.03 52.14
C VAL S 79 -21.85 -78.86 52.45
N ASP S 80 -22.74 -79.54 51.73
CA ASP S 80 -24.16 -79.41 52.02
C ASP S 80 -24.64 -80.48 52.99
N GLY S 81 -23.74 -81.35 53.45
CA GLY S 81 -24.05 -82.44 54.35
C GLY S 81 -24.32 -83.79 53.71
N ALA S 82 -24.39 -83.87 52.38
CA ALA S 82 -24.66 -85.16 51.72
C ALA S 82 -23.49 -86.12 51.84
N PRO S 83 -23.70 -87.35 52.31
CA PRO S 83 -22.60 -88.32 52.43
C PRO S 83 -22.21 -88.95 51.10
N LEU S 84 -20.93 -89.34 51.02
CA LEU S 84 -20.33 -90.02 49.87
C LEU S 84 -20.71 -91.50 49.80
N ARG S 85 -20.53 -92.09 48.62
CA ARG S 85 -20.80 -93.52 48.43
C ARG S 85 -19.78 -94.39 49.16
N ALA S 86 -20.27 -95.34 49.97
CA ALA S 86 -19.41 -96.20 50.77
C ALA S 86 -18.72 -97.32 50.01
N THR S 87 -19.24 -97.76 48.87
CA THR S 87 -18.70 -98.90 48.13
C THR S 87 -18.01 -98.56 46.81
N GLN S 88 -17.78 -97.29 46.49
CA GLN S 88 -17.15 -96.96 45.22
C GLN S 88 -15.84 -96.21 45.39
N SER S 89 -14.96 -96.42 44.42
CA SER S 89 -13.65 -95.80 44.37
C SER S 89 -13.76 -94.29 44.29
N LEU S 90 -12.78 -93.60 44.88
CA LEU S 90 -12.73 -92.15 44.76
C LEU S 90 -12.49 -91.72 43.33
N THR S 91 -11.98 -92.64 42.49
CA THR S 91 -11.78 -92.38 41.08
C THR S 91 -13.09 -92.47 40.32
N GLU S 92 -14.05 -93.20 40.87
CA GLU S 92 -15.36 -93.32 40.26
C GLU S 92 -16.19 -92.09 40.57
N GLN S 93 -16.09 -91.61 41.80
CA GLN S 93 -16.75 -90.39 42.23
C GLN S 93 -15.97 -89.19 41.68
N ASP S 94 -16.59 -88.01 41.71
CA ASP S 94 -15.98 -86.77 41.23
C ASP S 94 -15.13 -86.11 42.32
N VAL S 95 -14.04 -86.80 42.66
CA VAL S 95 -13.05 -86.34 43.64
C VAL S 95 -11.68 -86.26 42.96
N TYR S 96 -10.98 -85.15 43.18
CA TYR S 96 -9.68 -84.89 42.58
C TYR S 96 -8.84 -84.11 43.59
N ASP S 97 -7.54 -83.99 43.27
CA ASP S 97 -6.61 -83.26 44.14
C ASP S 97 -7.11 -81.86 44.46
N GLY S 98 -7.04 -81.53 45.74
CA GLY S 98 -7.46 -80.23 46.26
C GLY S 98 -8.91 -80.13 46.68
N ASP S 99 -9.72 -81.19 46.54
CA ASP S 99 -11.10 -81.11 47.00
C ASP S 99 -11.16 -81.07 48.52
N ARG S 100 -12.28 -80.60 49.05
CA ARG S 100 -12.52 -80.49 50.49
C ARG S 100 -13.72 -81.34 50.90
N LEU S 101 -13.57 -82.05 52.01
CA LEU S 101 -14.59 -82.95 52.54
C LEU S 101 -14.65 -82.82 54.05
N TRP S 102 -15.80 -83.21 54.61
CA TRP S 102 -16.04 -83.17 56.04
C TRP S 102 -16.28 -84.57 56.58
N ILE S 103 -15.83 -84.80 57.81
CA ILE S 103 -16.12 -86.04 58.54
C ILE S 103 -17.26 -85.71 59.49
N ARG S 104 -18.33 -86.50 59.42
CA ARG S 104 -19.52 -86.22 60.21
C ARG S 104 -20.16 -87.49 60.74
N PHE S 105 -20.92 -87.33 61.82
CA PHE S 105 -21.66 -88.41 62.46
C PHE S 105 -23.07 -88.42 61.89
N ILE S 106 -23.43 -89.51 61.22
CA ILE S 106 -24.74 -89.68 60.59
C ILE S 106 -25.67 -90.41 61.55
N ALA S 107 -26.48 -89.66 62.29
CA ALA S 107 -27.44 -90.30 63.18
C ALA S 107 -28.54 -90.96 62.35
N ASP S 108 -29.13 -92.01 62.91
CA ASP S 108 -30.18 -92.76 62.21
C ASP S 108 -31.37 -91.89 61.80
N THR S 109 -31.70 -90.87 62.59
CA THR S 109 -32.81 -89.93 62.36
C THR S 109 -32.63 -88.97 61.18
N GLU S 110 -31.45 -88.88 60.57
CA GLU S 110 -31.22 -87.93 59.47
C GLU S 110 -32.16 -88.06 58.27
N ARG S 111 -32.76 -86.92 57.88
CA ARG S 111 -33.64 -86.77 56.71
C ARG S 111 -33.31 -85.43 56.03
N ARG S 112 -33.30 -85.40 54.69
CA ARG S 112 -32.97 -84.17 53.95
C ARG S 112 -34.06 -83.73 52.96
N SER S 113 -34.21 -82.40 52.83
CA SER S 113 -35.24 -81.75 52.01
C SER S 113 -35.24 -82.14 50.53
N GLN S 114 -34.09 -82.04 49.86
CA GLN S 114 -33.95 -82.41 48.44
C GLN S 114 -34.93 -81.68 47.48
N VAL S 115 -35.49 -80.51 47.83
CA VAL S 115 -36.45 -79.80 46.98
C VAL S 115 -35.95 -78.39 46.63
N ILE S 116 -36.26 -77.95 45.39
CA ILE S 116 -35.87 -76.65 44.82
C ILE S 116 -37.07 -75.88 44.28
N GLU S 117 -36.95 -74.53 44.29
CA GLU S 117 -38.00 -73.61 43.83
C GLU S 117 -37.40 -72.40 43.08
N HIS S 118 -38.19 -71.83 42.15
CA HIS S 118 -37.77 -70.69 41.33
C HIS S 118 -38.54 -69.39 41.56
N ILE S 119 -37.81 -68.31 41.82
CA ILE S 119 -38.38 -66.96 41.89
C ILE S 119 -37.23 -66.00 41.55
N SER S 120 -37.50 -64.98 40.73
CA SER S 120 -36.46 -64.06 40.29
C SER S 120 -35.75 -63.36 41.45
N THR S 121 -34.43 -63.56 41.50
CA THR S 121 -33.59 -63.00 42.57
C THR S 121 -33.68 -61.49 42.64
N ALA S 122 -33.87 -60.84 41.50
CA ALA S 122 -34.00 -59.39 41.44
C ALA S 122 -35.21 -58.87 42.19
N VAL S 123 -36.27 -59.66 42.26
CA VAL S 123 -37.49 -59.25 42.96
C VAL S 123 -37.44 -59.62 44.43
N ALA S 124 -36.92 -60.79 44.76
CA ALA S 124 -36.81 -61.19 46.15
C ALA S 124 -35.94 -60.20 46.91
N SER S 125 -34.79 -59.86 46.34
CA SER S 125 -33.88 -58.91 46.95
C SER S 125 -34.51 -57.52 47.10
N ASP S 126 -35.23 -57.05 46.07
CA ASP S 126 -35.86 -55.73 46.17
C ASP S 126 -36.95 -55.70 47.24
N LEU S 127 -37.82 -56.70 47.24
CA LEU S 127 -38.94 -56.75 48.19
C LEU S 127 -38.46 -56.78 49.63
N SER S 128 -37.24 -57.21 49.88
CA SER S 128 -36.70 -57.23 51.23
C SER S 128 -36.63 -55.82 51.82
N LYS S 129 -36.54 -54.81 50.97
CA LYS S 129 -36.46 -53.42 51.41
C LYS S 129 -37.60 -52.56 50.91
N ARG S 130 -38.26 -52.93 49.82
CA ARG S 130 -39.33 -52.11 49.27
C ARG S 130 -40.40 -51.78 50.33
N PHE S 131 -40.65 -52.69 51.29
CA PHE S 131 -41.55 -52.36 52.41
C PHE S 131 -41.41 -53.41 53.52
N ALA S 132 -41.25 -52.93 54.76
CA ALA S 132 -41.06 -53.79 55.93
C ALA S 132 -41.32 -52.99 57.22
N ARG S 133 -41.14 -53.67 58.36
CA ARG S 133 -41.30 -53.14 59.71
C ARG S 133 -40.27 -52.05 60.07
N ILE S 134 -40.57 -51.38 61.19
CA ILE S 134 -39.72 -50.31 61.76
C ILE S 134 -38.36 -50.83 62.21
N ASP S 135 -37.39 -49.89 62.23
CA ASP S 135 -35.99 -50.04 62.62
C ASP S 135 -35.57 -49.06 63.73
N PRO S 136 -34.64 -49.46 64.59
CA PRO S 136 -34.20 -48.59 65.72
C PRO S 136 -33.58 -47.26 65.28
N ILE S 137 -32.80 -47.26 64.20
CA ILE S 137 -32.17 -46.03 63.71
C ILE S 137 -33.23 -45.02 63.28
N VAL S 138 -34.27 -45.48 62.60
CA VAL S 138 -35.37 -44.63 62.15
C VAL S 138 -36.16 -44.09 63.33
N ALA S 139 -36.46 -44.92 64.31
CA ALA S 139 -37.18 -44.50 65.50
C ALA S 139 -36.41 -43.41 66.25
N VAL S 140 -35.09 -43.56 66.35
CA VAL S 140 -34.25 -42.58 67.04
C VAL S 140 -34.36 -41.21 66.37
N GLN S 141 -34.29 -41.17 65.05
CA GLN S 141 -34.44 -39.91 64.33
C GLN S 141 -35.80 -39.27 64.60
N VAL S 142 -36.86 -40.06 64.65
CA VAL S 142 -38.19 -39.52 64.92
C VAL S 142 -38.22 -38.88 66.30
N GLY S 143 -37.61 -39.51 67.29
CA GLY S 143 -37.56 -38.94 68.63
C GLY S 143 -36.86 -37.59 68.64
N ALA S 144 -35.72 -37.51 67.97
CA ALA S 144 -34.97 -36.27 67.87
C ALA S 144 -35.82 -35.16 67.26
N SER S 145 -36.56 -35.48 66.21
CA SER S 145 -37.43 -34.50 65.57
C SER S 145 -38.56 -34.00 66.48
N MET S 146 -39.17 -34.87 67.27
CA MET S 146 -40.23 -34.43 68.17
C MET S 146 -39.70 -33.50 69.25
N VAL S 147 -38.60 -33.84 69.89
CA VAL S 147 -38.06 -32.98 70.92
C VAL S 147 -37.66 -31.64 70.31
N ALA S 148 -37.12 -31.66 69.10
CA ALA S 148 -36.75 -30.41 68.44
C ALA S 148 -38.00 -29.56 68.22
N THR S 149 -39.09 -30.19 67.81
CA THR S 149 -40.34 -29.48 67.56
C THR S 149 -40.86 -28.88 68.86
N GLY S 150 -40.73 -29.61 69.94
CA GLY S 150 -41.19 -29.13 71.23
C GLY S 150 -40.50 -27.86 71.68
N VAL S 151 -39.17 -27.83 71.63
CA VAL S 151 -38.44 -26.63 72.08
C VAL S 151 -38.77 -25.43 71.21
N VAL S 152 -38.92 -25.60 69.91
CA VAL S 152 -39.27 -24.44 69.10
C VAL S 152 -40.65 -23.94 69.48
N LEU S 153 -41.58 -24.85 69.71
CA LEU S 153 -42.93 -24.48 70.13
C LEU S 153 -42.85 -23.74 71.45
N ALA S 154 -42.00 -24.20 72.34
CA ALA S 154 -41.82 -23.57 73.64
C ALA S 154 -41.33 -22.15 73.46
N THR S 155 -40.34 -21.95 72.60
CA THR S 155 -39.85 -20.61 72.33
C THR S 155 -40.93 -19.75 71.70
N GLY S 156 -41.84 -20.37 70.95
CA GLY S 156 -42.91 -19.63 70.33
C GLY S 156 -43.83 -18.97 71.35
N VAL S 157 -44.27 -19.74 72.33
CA VAL S 157 -45.15 -19.21 73.37
C VAL S 157 -44.38 -18.24 74.27
N LEU S 158 -43.13 -18.54 74.57
CA LEU S 158 -42.35 -17.64 75.41
C LEU S 158 -42.15 -16.31 74.71
N GLY S 159 -42.06 -16.34 73.38
CA GLY S 159 -41.94 -15.13 72.58
C GLY S 159 -43.25 -14.36 72.49
N TRP S 160 -44.36 -15.08 72.31
CA TRP S 160 -45.67 -14.45 72.23
C TRP S 160 -45.98 -13.65 73.50
N TRP S 161 -45.53 -14.15 74.65
CA TRP S 161 -45.72 -13.42 75.90
C TRP S 161 -44.95 -12.10 75.90
N ARG S 162 -43.70 -12.11 75.42
CA ARG S 162 -42.89 -10.89 75.36
C ARG S 162 -43.50 -9.83 74.46
N TRP S 163 -44.35 -10.23 73.52
CA TRP S 163 -45.02 -9.27 72.65
C TRP S 163 -46.10 -8.53 73.44
N HIS S 164 -46.72 -9.20 74.39
CA HIS S 164 -47.76 -8.63 75.22
C HIS S 164 -47.24 -7.97 76.51
N HIS S 165 -46.11 -8.42 77.08
CA HIS S 165 -45.62 -7.86 78.33
C HIS S 165 -44.12 -7.56 78.25
N ASN S 166 -43.68 -6.61 79.08
CA ASN S 166 -42.30 -6.12 79.15
C ASN S 166 -41.47 -6.86 80.18
N THR S 167 -42.00 -7.91 80.78
CA THR S 167 -41.26 -8.61 81.83
C THR S 167 -40.02 -9.32 81.29
N TRP S 168 -39.05 -9.50 82.18
CA TRP S 168 -37.77 -10.15 81.93
C TRP S 168 -37.86 -11.68 81.89
N LEU S 169 -39.02 -12.24 82.22
CA LEU S 169 -39.24 -13.69 82.24
C LEU S 169 -38.75 -14.40 80.98
N THR S 170 -39.17 -13.92 79.80
CA THR S 170 -38.82 -14.57 78.53
C THR S 170 -37.33 -14.70 78.32
N THR S 171 -36.56 -13.63 78.51
CA THR S 171 -35.12 -13.73 78.29
C THR S 171 -34.46 -14.59 79.35
N ILE S 172 -34.82 -14.38 80.61
CA ILE S 172 -34.24 -15.13 81.73
C ILE S 172 -34.50 -16.63 81.60
N TYR S 173 -35.75 -17.02 81.36
CA TYR S 173 -36.12 -18.44 81.25
C TYR S 173 -35.59 -19.12 79.99
N THR S 174 -35.54 -18.43 78.87
CA THR S 174 -35.13 -19.06 77.62
C THR S 174 -33.63 -19.22 77.49
N ALA S 175 -32.85 -18.28 78.04
CA ALA S 175 -31.40 -18.34 77.96
C ALA S 175 -30.86 -19.67 78.51
N VAL S 176 -31.37 -20.11 79.64
CA VAL S 176 -30.96 -21.39 80.23
C VAL S 176 -31.36 -22.57 79.33
N ILE S 177 -32.54 -22.53 78.73
CA ILE S 177 -32.94 -23.61 77.83
C ILE S 177 -31.92 -23.73 76.71
N GLY S 178 -31.55 -22.59 76.15
CA GLY S 178 -30.57 -22.56 75.07
C GLY S 178 -29.28 -23.26 75.43
N VAL S 179 -28.68 -22.86 76.54
CA VAL S 179 -27.42 -23.45 76.97
C VAL S 179 -27.59 -24.96 77.19
N LEU S 180 -28.71 -25.39 77.76
CA LEU S 180 -28.89 -26.83 78.00
C LEU S 180 -28.98 -27.59 76.68
N VAL S 181 -29.85 -27.16 75.78
CA VAL S 181 -30.01 -27.85 74.51
C VAL S 181 -28.68 -27.81 73.76
N LEU S 182 -28.00 -26.68 73.85
CA LEU S 182 -26.69 -26.52 73.22
C LEU S 182 -25.70 -27.52 73.77
N ALA S 183 -25.67 -27.68 75.08
CA ALA S 183 -24.75 -28.64 75.67
C ALA S 183 -25.08 -30.06 75.21
N VAL S 184 -26.37 -30.41 75.16
CA VAL S 184 -26.76 -31.74 74.70
C VAL S 184 -26.27 -31.98 73.29
N ALA S 185 -26.47 -31.02 72.41
CA ALA S 185 -26.02 -31.14 71.04
C ALA S 185 -24.51 -31.27 70.96
N MET S 186 -23.79 -30.51 71.77
CA MET S 186 -22.34 -30.53 71.75
C MET S 186 -21.79 -31.93 72.04
N LEU S 187 -22.42 -32.66 72.94
CA LEU S 187 -21.95 -34.01 73.25
C LEU S 187 -22.16 -34.97 72.07
N LEU S 188 -23.33 -34.94 71.45
CA LEU S 188 -23.61 -35.80 70.29
C LEU S 188 -22.61 -35.55 69.16
N LEU S 189 -22.24 -34.29 68.94
CA LEU S 189 -21.28 -33.95 67.90
C LEU S 189 -19.94 -34.63 68.13
N MET S 190 -19.58 -34.86 69.39
CA MET S 190 -18.34 -35.57 69.68
C MET S 190 -18.50 -37.08 69.49
N ARG S 191 -19.65 -37.63 69.84
CA ARG S 191 -19.91 -39.07 69.79
C ARG S 191 -20.27 -39.63 68.41
N ALA S 192 -20.95 -38.86 67.55
CA ALA S 192 -21.42 -39.34 66.25
C ALA S 192 -20.33 -39.84 65.30
N LYS S 193 -20.72 -40.80 64.45
CA LYS S 193 -19.84 -41.40 63.43
C LYS S 193 -20.42 -41.48 62.02
N THR S 194 -21.59 -42.09 61.81
CA THR S 194 -22.10 -42.17 60.45
C THR S 194 -22.92 -40.94 60.07
N ASP S 195 -23.28 -40.88 58.78
CA ASP S 195 -24.12 -39.80 58.26
C ASP S 195 -25.53 -39.91 58.80
N ALA S 196 -26.09 -41.12 58.81
CA ALA S 196 -27.41 -41.31 59.38
C ALA S 196 -27.38 -40.92 60.85
N ASP S 197 -26.21 -41.07 61.46
CA ASP S 197 -25.97 -40.71 62.83
C ASP S 197 -25.76 -39.21 62.97
N ARG S 198 -24.84 -38.68 62.17
CA ARG S 198 -24.54 -37.26 62.18
C ARG S 198 -25.78 -36.41 61.91
N ARG S 199 -26.72 -36.91 61.12
CA ARG S 199 -27.97 -36.19 60.87
C ARG S 199 -28.68 -35.83 62.17
N VAL S 200 -28.68 -36.73 63.15
CA VAL S 200 -29.31 -36.46 64.43
C VAL S 200 -28.64 -35.31 65.15
N ALA S 201 -27.31 -35.32 65.19
CA ALA S 201 -26.54 -34.26 65.85
C ALA S 201 -26.78 -32.90 65.20
N ASP S 202 -26.86 -32.86 63.88
CA ASP S 202 -27.12 -31.61 63.19
C ASP S 202 -28.46 -31.02 63.60
N ILE S 203 -29.52 -31.82 63.58
CA ILE S 203 -30.85 -31.32 63.94
C ILE S 203 -30.84 -30.69 65.32
N MET S 204 -30.18 -31.32 66.27
CA MET S 204 -30.15 -30.77 67.63
C MET S 204 -29.43 -29.42 67.65
N LEU S 205 -28.28 -29.34 67.00
CA LEU S 205 -27.56 -28.07 66.96
C LEU S 205 -28.41 -27.03 66.26
N MET S 206 -28.95 -27.39 65.10
CA MET S 206 -29.82 -26.51 64.33
C MET S 206 -31.00 -26.04 65.16
N SER S 207 -31.56 -26.92 65.99
CA SER S 207 -32.68 -26.56 66.86
C SER S 207 -32.28 -25.61 68.00
N ALA S 208 -31.05 -25.68 68.47
CA ALA S 208 -30.59 -24.85 69.59
C ALA S 208 -30.43 -23.36 69.28
N ILE S 209 -30.24 -22.98 68.03
CA ILE S 209 -30.04 -21.58 67.68
C ILE S 209 -31.26 -20.72 67.97
N MET S 210 -32.46 -21.24 67.74
CA MET S 210 -33.68 -20.44 67.94
C MET S 210 -33.86 -19.95 69.37
N PRO S 211 -33.78 -20.78 70.40
CA PRO S 211 -33.94 -20.25 71.77
C PRO S 211 -32.90 -19.18 72.08
N VAL S 212 -31.65 -19.40 71.72
CA VAL S 212 -30.57 -18.44 71.99
C VAL S 212 -30.91 -17.10 71.34
N THR S 213 -31.43 -17.14 70.13
CA THR S 213 -31.77 -15.94 69.38
C THR S 213 -32.88 -15.12 70.04
N VAL S 214 -34.02 -15.74 70.32
CA VAL S 214 -35.11 -15.00 70.93
C VAL S 214 -34.72 -14.49 72.32
N ALA S 215 -33.87 -15.22 73.03
CA ALA S 215 -33.42 -14.80 74.35
C ALA S 215 -32.67 -13.47 74.27
N ALA S 216 -31.83 -13.33 73.27
CA ALA S 216 -31.11 -12.07 73.05
C ALA S 216 -32.06 -10.97 72.59
N ALA S 217 -33.00 -11.31 71.73
CA ALA S 217 -33.93 -10.34 71.16
C ALA S 217 -34.84 -9.70 72.22
N ALA S 218 -35.26 -10.47 73.21
CA ALA S 218 -36.14 -10.00 74.27
C ALA S 218 -35.45 -9.15 75.36
N ALA S 219 -34.12 -9.11 75.37
CA ALA S 219 -33.41 -8.37 76.42
C ALA S 219 -33.75 -6.88 76.55
N PRO S 220 -33.86 -6.08 75.51
CA PRO S 220 -34.14 -4.65 75.70
C PRO S 220 -35.52 -4.40 76.31
N PRO S 221 -35.61 -3.41 77.21
CA PRO S 221 -36.86 -3.06 77.90
C PRO S 221 -37.86 -2.27 77.07
N GLY S 222 -39.07 -2.17 77.63
CA GLY S 222 -40.16 -1.43 77.05
C GLY S 222 -40.93 -2.12 75.94
N PRO S 223 -41.85 -1.39 75.30
CA PRO S 223 -42.59 -1.97 74.18
C PRO S 223 -41.62 -2.36 73.05
N VAL S 224 -42.00 -3.44 72.38
CA VAL S 224 -41.20 -4.04 71.31
C VAL S 224 -41.17 -3.18 70.05
N GLY S 225 -39.99 -3.15 69.41
CA GLY S 225 -39.77 -2.39 68.20
C GLY S 225 -38.42 -2.56 67.51
N SER S 226 -37.90 -1.46 66.96
CA SER S 226 -36.62 -1.46 66.24
C SER S 226 -35.42 -1.97 67.03
N PRO S 227 -35.18 -1.54 68.26
CA PRO S 227 -33.98 -2.01 68.98
C PRO S 227 -33.91 -3.51 69.19
N GLN S 228 -35.04 -4.21 69.30
CA GLN S 228 -35.00 -5.65 69.48
C GLN S 228 -34.47 -6.38 68.24
N ALA S 229 -34.89 -5.95 67.06
CA ALA S 229 -34.48 -6.60 65.81
C ALA S 229 -32.97 -6.58 65.61
N VAL S 230 -32.32 -5.49 66.00
CA VAL S 230 -30.87 -5.36 65.83
C VAL S 230 -30.12 -6.44 66.58
N LEU S 231 -30.50 -6.71 67.83
CA LEU S 231 -29.84 -7.78 68.59
C LEU S 231 -30.26 -9.15 68.11
N GLY S 232 -31.55 -9.37 67.89
CA GLY S 232 -32.04 -10.67 67.46
C GLY S 232 -31.35 -11.22 66.22
N PHE S 233 -31.49 -10.49 65.13
CA PHE S 233 -30.87 -10.88 63.86
C PHE S 233 -29.35 -10.78 63.93
N GLY S 234 -28.84 -9.91 64.80
CA GLY S 234 -27.42 -9.74 64.97
C GLY S 234 -26.82 -11.04 65.47
N VAL S 235 -27.28 -11.54 66.61
CA VAL S 235 -26.74 -12.78 67.16
C VAL S 235 -27.07 -13.96 66.25
N LEU S 236 -28.24 -13.93 65.61
CA LEU S 236 -28.63 -15.02 64.71
C LEU S 236 -27.62 -15.14 63.61
N THR S 237 -27.15 -14.01 63.12
CA THR S 237 -26.16 -13.96 62.06
C THR S 237 -24.87 -14.61 62.55
N VAL S 238 -24.43 -14.23 63.74
CA VAL S 238 -23.19 -14.76 64.30
C VAL S 238 -23.30 -16.26 64.51
N ALA S 239 -24.39 -16.71 65.11
CA ALA S 239 -24.55 -18.13 65.39
C ALA S 239 -24.43 -18.99 64.13
N ALA S 240 -25.12 -18.62 63.06
CA ALA S 240 -25.06 -19.39 61.84
C ALA S 240 -23.66 -19.37 61.23
N ALA S 241 -23.07 -18.19 61.15
CA ALA S 241 -21.73 -18.06 60.59
C ALA S 241 -20.71 -18.86 61.39
N LEU S 242 -20.87 -18.92 62.70
CA LEU S 242 -19.96 -19.67 63.55
C LEU S 242 -20.14 -21.17 63.37
N ALA S 243 -21.38 -21.63 63.40
CA ALA S 243 -21.67 -23.06 63.27
C ALA S 243 -21.12 -23.64 61.97
N LEU S 244 -21.26 -22.90 60.89
CA LEU S 244 -20.84 -23.39 59.58
C LEU S 244 -19.37 -23.77 59.53
N ARG S 245 -18.48 -22.90 59.99
CA ARG S 245 -17.04 -23.19 59.89
C ARG S 245 -16.67 -24.44 60.63
N PHE S 246 -17.16 -24.60 61.84
CA PHE S 246 -16.80 -25.78 62.60
C PHE S 246 -17.61 -27.02 62.23
N THR S 247 -18.75 -26.88 61.55
CA THR S 247 -19.53 -28.06 61.22
C THR S 247 -19.25 -28.60 59.81
N GLY S 248 -19.01 -27.73 58.84
CA GLY S 248 -18.71 -28.23 57.51
C GLY S 248 -19.77 -29.11 56.91
N ARG S 249 -21.04 -28.77 57.14
CA ARG S 249 -22.16 -29.58 56.66
C ARG S 249 -23.38 -28.67 56.53
N ARG S 250 -24.38 -29.10 55.75
CA ARG S 250 -25.60 -28.30 55.61
C ARG S 250 -25.30 -26.88 55.14
N LEU S 251 -24.35 -26.76 54.20
CA LEU S 251 -23.90 -25.45 53.71
C LEU S 251 -25.02 -24.54 53.23
N GLY S 252 -26.01 -25.10 52.55
CA GLY S 252 -27.12 -24.36 51.97
C GLY S 252 -28.05 -23.60 52.90
N ILE S 253 -28.62 -24.31 53.85
CA ILE S 253 -29.57 -23.74 54.80
C ILE S 253 -28.89 -22.67 55.65
N TYR S 254 -27.73 -22.98 56.22
CA TYR S 254 -27.07 -22.01 57.08
C TYR S 254 -26.71 -20.75 56.31
N THR S 255 -26.29 -20.90 55.05
CA THR S 255 -25.93 -19.73 54.25
C THR S 255 -27.13 -18.85 54.06
N THR S 256 -28.30 -19.45 53.95
CA THR S 256 -29.53 -18.71 53.76
C THR S 256 -29.79 -17.79 54.94
N ILE S 257 -29.58 -18.29 56.14
CA ILE S 257 -29.80 -17.54 57.37
C ILE S 257 -28.90 -16.30 57.44
N VAL S 258 -27.65 -16.43 57.01
CA VAL S 258 -26.71 -15.31 57.08
C VAL S 258 -27.14 -14.14 56.20
N ILE S 259 -27.69 -14.42 55.02
CA ILE S 259 -28.09 -13.35 54.11
C ILE S 259 -29.30 -12.60 54.65
N ILE S 260 -30.37 -13.31 55.02
CA ILE S 260 -31.55 -12.62 55.55
C ILE S 260 -31.18 -11.88 56.82
N GLY S 261 -30.27 -12.42 57.59
CA GLY S 261 -29.79 -11.82 58.83
C GLY S 261 -29.01 -10.53 58.62
N ALA S 262 -27.96 -10.61 57.80
CA ALA S 262 -27.08 -9.46 57.55
C ALA S 262 -27.83 -8.28 56.96
N LEU S 263 -28.66 -8.50 55.94
CA LEU S 263 -29.41 -7.40 55.33
C LEU S 263 -30.40 -6.78 56.32
N THR S 264 -31.08 -7.59 57.11
CA THR S 264 -32.06 -7.09 58.08
C THR S 264 -31.38 -6.29 59.17
N MET S 265 -30.19 -6.71 59.59
CA MET S 265 -29.46 -6.03 60.65
C MET S 265 -29.18 -4.57 60.29
N LEU S 266 -28.63 -4.32 59.12
CA LEU S 266 -28.32 -2.95 58.74
C LEU S 266 -29.59 -2.11 58.58
N ALA S 267 -30.65 -2.68 58.03
CA ALA S 267 -31.91 -1.97 57.85
C ALA S 267 -32.52 -1.59 59.19
N ALA S 268 -32.60 -2.53 60.11
CA ALA S 268 -33.17 -2.28 61.44
C ALA S 268 -32.37 -1.21 62.18
N LEU S 269 -31.06 -1.28 62.05
CA LEU S 269 -30.17 -0.31 62.69
C LEU S 269 -30.48 1.10 62.19
N ALA S 270 -30.69 1.25 60.88
CA ALA S 270 -31.03 2.56 60.31
C ALA S 270 -32.38 3.07 60.79
N ARG S 271 -33.39 2.21 60.87
CA ARG S 271 -34.72 2.63 61.34
C ARG S 271 -34.69 3.09 62.78
N MET S 272 -33.87 2.47 63.62
CA MET S 272 -33.73 2.81 65.03
C MET S 272 -32.87 4.05 65.25
N VAL S 273 -31.71 4.12 64.61
CA VAL S 273 -30.78 5.25 64.78
C VAL S 273 -31.16 6.47 63.94
N ALA S 274 -31.50 6.30 62.66
CA ALA S 274 -31.80 7.47 61.85
C ALA S 274 -33.30 7.77 61.69
N ALA S 275 -34.18 6.95 62.25
CA ALA S 275 -35.63 7.18 62.15
C ALA S 275 -36.08 7.41 60.71
N THR S 276 -35.39 6.81 59.76
CA THR S 276 -35.70 6.97 58.36
C THR S 276 -37.05 6.32 58.01
N SER S 277 -37.63 6.80 56.91
CA SER S 277 -38.93 6.32 56.44
C SER S 277 -38.87 4.91 55.85
N ALA S 278 -40.02 4.24 55.93
CA ALA S 278 -40.20 2.87 55.43
C ALA S 278 -39.96 2.76 53.94
N VAL S 279 -40.50 3.70 53.16
CA VAL S 279 -40.35 3.69 51.70
C VAL S 279 -38.88 3.79 51.32
N THR S 280 -38.10 4.53 52.11
CA THR S 280 -36.68 4.69 51.83
C THR S 280 -35.92 3.38 52.10
N LEU S 281 -36.26 2.69 53.19
CA LEU S 281 -35.59 1.43 53.52
C LEU S 281 -35.98 0.32 52.57
N LEU S 282 -37.27 0.16 52.30
CA LEU S 282 -37.73 -0.90 51.41
C LEU S 282 -37.16 -0.75 50.01
N SER S 283 -37.10 0.47 49.50
CA SER S 283 -36.55 0.69 48.18
C SER S 283 -35.06 0.38 48.14
N SER S 284 -34.32 0.73 49.19
CA SER S 284 -32.90 0.45 49.23
C SER S 284 -32.61 -1.05 49.24
N LEU S 285 -33.38 -1.83 50.00
CA LEU S 285 -33.18 -3.27 50.01
C LEU S 285 -33.43 -3.86 48.63
N LEU S 286 -34.41 -3.35 47.92
CA LEU S 286 -34.70 -3.85 46.58
C LEU S 286 -33.51 -3.64 45.64
N LEU S 287 -32.91 -2.46 45.67
CA LEU S 287 -31.75 -2.15 44.83
C LEU S 287 -30.55 -3.00 45.21
N ILE S 288 -30.35 -3.23 46.50
CA ILE S 288 -29.25 -4.05 46.98
C ILE S 288 -29.36 -5.47 46.45
N CYS S 289 -30.57 -6.01 46.44
CA CYS S 289 -30.81 -7.36 45.93
C CYS S 289 -30.60 -7.45 44.42
N VAL S 290 -30.93 -6.41 43.67
CA VAL S 290 -30.73 -6.44 42.22
C VAL S 290 -29.25 -6.59 41.87
N VAL S 291 -28.38 -5.87 42.55
CA VAL S 291 -26.95 -6.02 42.28
C VAL S 291 -26.40 -7.33 42.81
N ALA S 292 -26.89 -7.78 43.95
CA ALA S 292 -26.41 -9.03 44.52
C ALA S 292 -26.61 -10.20 43.57
N TYR S 293 -27.73 -10.25 42.88
CA TYR S 293 -27.99 -11.34 41.95
C TYR S 293 -26.93 -11.43 40.87
N HIS S 294 -26.29 -10.34 40.53
CA HIS S 294 -25.28 -10.38 39.49
C HIS S 294 -23.95 -10.86 40.04
N ALA S 295 -23.69 -10.58 41.30
CA ALA S 295 -22.45 -10.98 41.94
C ALA S 295 -22.46 -12.43 42.38
N ALA S 296 -23.60 -13.01 42.56
CA ALA S 296 -23.74 -14.37 43.05
C ALA S 296 -22.73 -15.39 42.52
N PRO S 297 -22.59 -15.58 41.22
CA PRO S 297 -21.68 -16.63 40.74
C PRO S 297 -20.23 -16.41 41.09
N ALA S 298 -19.76 -15.18 41.03
CA ALA S 298 -18.36 -14.91 41.38
C ALA S 298 -18.16 -14.95 42.88
N LEU S 299 -19.10 -14.36 43.61
CA LEU S 299 -19.01 -14.31 45.06
C LEU S 299 -18.96 -15.72 45.61
N SER S 300 -19.77 -16.59 45.07
CA SER S 300 -19.78 -17.98 45.49
C SER S 300 -18.46 -18.66 45.16
N ARG S 301 -17.82 -18.29 44.06
CA ARG S 301 -16.57 -18.94 43.70
C ARG S 301 -15.47 -18.73 44.73
N ARG S 302 -15.36 -17.53 45.30
CA ARG S 302 -14.30 -17.31 46.28
C ARG S 302 -14.62 -17.99 47.60
N LEU S 303 -15.88 -17.98 48.02
CA LEU S 303 -16.22 -18.62 49.29
C LEU S 303 -15.88 -20.09 49.24
N ALA S 304 -16.03 -20.71 48.10
CA ALA S 304 -15.70 -22.12 47.97
C ALA S 304 -14.20 -22.34 47.94
N GLY S 305 -13.42 -21.28 47.85
CA GLY S 305 -11.99 -21.46 47.84
C GLY S 305 -11.39 -21.79 46.50
N ILE S 306 -12.14 -21.64 45.41
CA ILE S 306 -11.57 -21.89 44.09
C ILE S 306 -10.50 -20.82 43.92
N ARG S 307 -9.28 -21.25 43.61
CA ARG S 307 -8.19 -20.31 43.43
C ARG S 307 -7.71 -20.33 41.98
N LEU S 308 -7.83 -19.20 41.32
CA LEU S 308 -7.38 -19.08 39.97
C LEU S 308 -5.85 -19.07 39.92
N PRO S 309 -5.27 -19.53 38.81
CA PRO S 309 -3.81 -19.63 38.74
C PRO S 309 -3.10 -18.29 38.90
N VAL S 310 -1.95 -18.33 39.55
CA VAL S 310 -1.06 -17.20 39.77
C VAL S 310 -0.12 -17.03 38.58
N PHE S 311 0.11 -15.78 38.16
CA PHE S 311 0.98 -15.55 36.99
C PHE S 311 2.46 -15.47 37.35
N PRO S 312 3.33 -15.99 36.44
CA PRO S 312 4.77 -16.08 36.68
C PRO S 312 5.51 -14.74 36.74
N SER S 313 4.77 -13.65 36.74
CA SER S 313 5.30 -12.28 36.84
C SER S 313 6.49 -12.01 35.92
N ALA S 314 6.60 -12.76 34.81
CA ALA S 314 7.70 -12.60 33.86
C ALA S 314 9.08 -12.68 34.49
N THR S 315 9.30 -13.64 35.39
CA THR S 315 10.66 -13.78 35.93
C THR S 315 11.15 -15.22 36.01
N SER S 316 10.68 -16.12 35.14
CA SER S 316 11.18 -17.49 35.12
C SER S 316 10.77 -18.14 33.81
N ARG S 317 11.59 -19.05 33.32
CA ARG S 317 11.29 -19.71 32.07
C ARG S 317 10.32 -20.85 32.34
N TRP S 318 9.60 -21.25 31.31
CA TRP S 318 8.73 -22.41 31.45
C TRP S 318 9.61 -23.65 31.45
N VAL S 319 9.40 -24.53 32.43
CA VAL S 319 10.14 -25.78 32.51
C VAL S 319 9.19 -26.83 31.98
N PHE S 320 9.46 -27.30 30.77
CA PHE S 320 8.59 -28.26 30.12
C PHE S 320 8.72 -29.67 30.69
N GLU S 321 9.86 -30.00 31.28
CA GLU S 321 10.09 -31.34 31.79
C GLU S 321 10.47 -31.42 33.27
N ALA S 322 9.66 -30.85 34.16
CA ALA S 322 9.93 -31.02 35.58
C ALA S 322 9.47 -32.41 36.00
N ARG S 323 9.99 -32.91 37.12
CA ARG S 323 9.55 -34.24 37.57
C ARG S 323 8.08 -34.23 37.95
N PRO S 324 7.29 -35.16 37.40
CA PRO S 324 5.84 -35.19 37.66
C PRO S 324 5.45 -35.27 39.12
N ASP S 325 4.25 -34.77 39.37
CA ASP S 325 3.66 -34.70 40.71
C ASP S 325 3.30 -36.07 41.27
N LEU S 326 3.64 -36.25 42.53
CA LEU S 326 3.40 -37.49 43.26
C LEU S 326 1.93 -37.76 43.51
N PRO S 327 1.44 -38.97 43.25
CA PRO S 327 0.06 -39.32 43.50
C PRO S 327 -0.24 -39.47 45.00
N THR S 328 -1.53 -39.37 45.32
CA THR S 328 -2.03 -39.48 46.69
C THR S 328 -2.75 -40.80 46.95
N THR S 329 -2.50 -41.37 48.12
CA THR S 329 -3.03 -42.65 48.61
C THR S 329 -4.25 -42.50 49.51
N VAL S 330 -5.17 -43.47 49.41
CA VAL S 330 -6.37 -43.48 50.21
C VAL S 330 -6.63 -44.87 50.79
N VAL S 331 -7.40 -44.91 51.88
CA VAL S 331 -7.72 -46.12 52.62
C VAL S 331 -9.18 -46.16 53.09
N VAL S 332 -9.64 -47.37 53.39
CA VAL S 332 -10.96 -47.66 53.95
C VAL S 332 -10.75 -48.66 55.06
N SER S 333 -11.51 -48.52 56.15
CA SER S 333 -11.35 -49.40 57.31
C SER S 333 -11.67 -50.85 56.98
N GLY S 334 -12.88 -51.10 56.49
CA GLY S 334 -13.27 -52.46 56.14
C GLY S 334 -12.47 -52.99 54.96
N GLY S 335 -12.46 -52.22 53.87
CA GLY S 335 -11.69 -52.54 52.67
C GLY S 335 -10.27 -52.05 52.87
N SER S 336 -9.63 -52.71 53.84
CA SER S 336 -8.28 -52.39 54.33
C SER S 336 -7.20 -52.28 53.23
N ALA S 337 -7.41 -52.81 52.04
CA ALA S 337 -6.38 -52.67 51.00
C ALA S 337 -6.36 -51.25 50.42
N PRO S 338 -5.25 -50.53 50.55
CA PRO S 338 -5.17 -49.15 50.05
C PRO S 338 -5.25 -49.02 48.53
N VAL S 339 -5.60 -47.80 48.11
CA VAL S 339 -5.73 -47.42 46.70
C VAL S 339 -5.17 -46.00 46.56
N LEU S 340 -4.82 -45.61 45.33
CA LEU S 340 -4.33 -44.27 45.03
C LEU S 340 -5.22 -43.60 43.99
N GLU S 341 -5.37 -42.28 44.09
CA GLU S 341 -6.27 -41.60 43.18
C GLU S 341 -5.83 -40.17 42.83
N GLY S 342 -4.66 -40.05 42.20
CA GLY S 342 -4.16 -38.79 41.68
C GLY S 342 -3.53 -37.78 42.63
N PRO S 343 -3.01 -36.70 42.05
CA PRO S 343 -2.39 -35.65 42.85
C PRO S 343 -3.39 -34.81 43.65
N SER S 344 -2.87 -34.26 44.76
CA SER S 344 -3.66 -33.43 45.67
C SER S 344 -4.31 -32.24 44.98
N SER S 345 -3.56 -31.54 44.13
CA SER S 345 -4.06 -30.37 43.41
C SER S 345 -5.29 -30.65 42.55
N VAL S 346 -5.40 -31.84 41.99
CA VAL S 346 -6.55 -32.18 41.17
C VAL S 346 -7.69 -32.81 42.00
N ARG S 347 -7.33 -33.68 42.93
CA ARG S 347 -8.31 -34.40 43.74
C ARG S 347 -9.25 -33.49 44.54
N ASP S 348 -8.75 -32.35 45.00
CA ASP S 348 -9.55 -31.43 45.81
C ASP S 348 -10.65 -30.72 45.02
N VAL S 349 -10.43 -30.48 43.73
CA VAL S 349 -11.40 -29.75 42.91
C VAL S 349 -12.78 -30.40 42.99
N LEU S 350 -12.82 -31.72 43.07
CA LEU S 350 -14.08 -32.43 43.08
C LEU S 350 -14.94 -32.07 44.29
N LEU S 351 -14.34 -31.59 45.36
CA LEU S 351 -15.10 -31.17 46.53
C LEU S 351 -15.44 -29.69 46.45
N GLN S 352 -14.51 -28.90 45.92
CA GLN S 352 -14.71 -27.47 45.79
C GLN S 352 -15.94 -27.17 44.95
N ALA S 353 -16.12 -27.92 43.88
CA ALA S 353 -17.27 -27.74 43.01
C ALA S 353 -18.59 -27.99 43.72
N GLU S 354 -18.70 -29.06 44.49
CA GLU S 354 -20.00 -29.29 45.12
C GLU S 354 -20.24 -28.26 46.21
N ARG S 355 -19.17 -27.75 46.82
CA ARG S 355 -19.32 -26.70 47.81
C ARG S 355 -19.81 -25.44 47.13
N ALA S 356 -19.24 -25.12 45.97
CA ALA S 356 -19.67 -23.96 45.21
C ALA S 356 -21.14 -24.08 44.85
N ARG S 357 -21.56 -25.25 44.38
CA ARG S 357 -22.96 -25.45 44.02
C ARG S 357 -23.87 -25.21 45.21
N SER S 358 -23.44 -25.62 46.40
CA SER S 358 -24.25 -25.46 47.59
C SER S 358 -24.42 -24.01 47.98
N PHE S 359 -23.33 -23.25 48.04
CA PHE S 359 -23.42 -21.85 48.41
C PHE S 359 -24.32 -21.11 47.44
N LEU S 360 -24.11 -21.34 46.16
CA LEU S 360 -24.92 -20.70 45.14
C LEU S 360 -26.39 -21.00 45.31
N SER S 361 -26.75 -22.23 45.61
CA SER S 361 -28.17 -22.56 45.75
C SER S 361 -28.80 -21.78 46.89
N GLY S 362 -28.08 -21.66 48.00
CA GLY S 362 -28.59 -20.95 49.14
C GLY S 362 -28.69 -19.46 48.87
N LEU S 363 -27.64 -18.92 48.28
CA LEU S 363 -27.53 -17.51 47.98
C LEU S 363 -28.72 -17.02 47.17
N LEU S 364 -29.15 -17.78 46.17
CA LEU S 364 -30.34 -17.40 45.43
C LEU S 364 -31.58 -17.48 46.30
N THR S 365 -31.66 -18.48 47.16
CA THR S 365 -32.87 -18.65 47.96
C THR S 365 -33.07 -17.50 48.92
N GLY S 366 -32.01 -17.05 49.58
CA GLY S 366 -32.13 -15.95 50.51
C GLY S 366 -32.60 -14.69 49.84
N LEU S 367 -32.01 -14.38 48.70
CA LEU S 367 -32.37 -13.19 47.96
C LEU S 367 -33.80 -13.31 47.50
N GLY S 368 -34.22 -14.51 47.14
CA GLY S 368 -35.59 -14.73 46.73
C GLY S 368 -36.56 -14.31 47.81
N VAL S 369 -36.26 -14.66 49.05
CA VAL S 369 -37.11 -14.26 50.16
C VAL S 369 -37.17 -12.75 50.29
N MET S 370 -36.03 -12.07 50.18
CA MET S 370 -36.01 -10.62 50.34
C MET S 370 -36.84 -9.86 49.31
N VAL S 371 -36.78 -10.22 48.04
CA VAL S 371 -37.50 -9.46 47.02
C VAL S 371 -39.01 -9.58 47.17
N VAL S 372 -39.51 -10.74 47.54
CA VAL S 372 -40.96 -10.88 47.71
C VAL S 372 -41.47 -10.09 48.91
N VAL S 373 -40.70 -10.03 49.99
CA VAL S 373 -41.13 -9.30 51.18
C VAL S 373 -41.19 -7.81 50.94
N CYS S 374 -40.21 -7.27 50.22
CA CYS S 374 -40.13 -5.83 49.94
C CYS S 374 -41.20 -5.38 48.95
N MET S 375 -41.32 -6.10 47.83
CA MET S 375 -42.26 -5.72 46.79
C MET S 375 -43.70 -5.75 47.28
N THR S 376 -44.10 -6.79 47.99
CA THR S 376 -45.46 -6.85 48.49
C THR S 376 -45.78 -5.77 49.51
N SER S 377 -44.77 -5.12 50.09
CA SER S 377 -45.00 -4.04 51.04
C SER S 377 -45.11 -2.68 50.37
N LEU S 378 -44.43 -2.51 49.23
CA LEU S 378 -44.46 -1.25 48.49
C LEU S 378 -45.76 -1.08 47.73
N CYS S 379 -46.24 -2.14 47.09
CA CYS S 379 -47.52 -2.07 46.41
C CYS S 379 -48.61 -1.90 47.46
N ASP S 380 -49.30 -0.77 47.40
CA ASP S 380 -50.35 -0.37 48.30
C ASP S 380 -51.44 0.29 47.47
N PRO S 381 -52.71 -0.06 47.68
CA PRO S 381 -53.80 0.49 46.86
C PRO S 381 -54.22 1.92 47.18
N HIS S 382 -53.75 2.51 48.28
CA HIS S 382 -54.13 3.86 48.67
C HIS S 382 -52.99 4.86 48.54
N THR S 383 -51.75 4.39 48.48
CA THR S 383 -50.62 5.29 48.31
C THR S 383 -50.69 6.00 46.97
N GLY S 384 -50.32 7.28 46.99
CA GLY S 384 -50.38 8.12 45.81
C GLY S 384 -49.63 7.56 44.61
N GLN S 385 -50.20 7.81 43.43
CA GLN S 385 -49.66 7.35 42.13
C GLN S 385 -49.49 5.84 42.11
N ARG S 386 -50.59 5.19 42.48
CA ARG S 386 -50.85 3.76 42.66
C ARG S 386 -50.18 2.89 41.60
N TRP S 387 -50.11 3.40 40.37
CA TRP S 387 -49.51 2.70 39.24
C TRP S 387 -47.97 2.67 39.26
N LEU S 388 -47.32 3.62 39.91
CA LEU S 388 -45.86 3.66 39.93
C LEU S 388 -45.25 2.44 40.59
N PRO S 389 -45.59 2.09 41.84
CA PRO S 389 -45.02 0.87 42.45
C PRO S 389 -45.47 -0.40 41.77
N LEU S 390 -46.65 -0.38 41.15
CA LEU S 390 -47.20 -1.56 40.49
C LEU S 390 -46.41 -1.91 39.22
N ILE S 391 -46.02 -0.90 38.44
CA ILE S 391 -45.23 -1.14 37.22
C ILE S 391 -43.84 -1.62 37.59
N LEU S 392 -43.27 -1.09 38.67
CA LEU S 392 -41.95 -1.52 39.12
C LEU S 392 -41.98 -2.99 39.48
N ALA S 393 -43.08 -3.44 40.05
CA ALA S 393 -43.21 -4.86 40.39
C ALA S 393 -43.21 -5.69 39.12
N GLY S 394 -43.69 -5.13 38.02
CA GLY S 394 -43.77 -5.81 36.73
C GLY S 394 -42.40 -6.00 36.12
N PHE S 395 -41.62 -4.93 35.94
CA PHE S 395 -40.29 -5.09 35.38
C PHE S 395 -39.46 -6.04 36.23
N THR S 396 -39.60 -5.94 37.54
CA THR S 396 -38.86 -6.83 38.42
C THR S 396 -39.24 -8.27 38.16
N SER S 397 -40.53 -8.53 38.05
CA SER S 397 -40.96 -9.89 37.79
C SER S 397 -40.47 -10.35 36.43
N GLY S 398 -40.53 -9.46 35.44
CA GLY S 398 -40.10 -9.83 34.11
C GLY S 398 -38.63 -10.18 34.07
N PHE S 399 -37.80 -9.35 34.68
CA PHE S 399 -36.37 -9.59 34.70
C PHE S 399 -36.07 -10.92 35.37
N LEU S 400 -36.63 -11.15 36.54
CA LEU S 400 -36.37 -12.41 37.23
C LEU S 400 -36.84 -13.58 36.40
N LEU S 401 -38.03 -13.47 35.81
CA LEU S 401 -38.56 -14.58 35.03
C LEU S 401 -37.68 -14.93 33.84
N LEU S 402 -37.11 -13.94 33.17
CA LEU S 402 -36.25 -14.25 32.04
C LEU S 402 -34.88 -14.73 32.47
N ARG S 403 -34.38 -14.23 33.59
CA ARG S 403 -33.06 -14.61 34.06
C ARG S 403 -32.96 -16.11 34.30
N GLY S 404 -34.07 -16.73 34.66
CA GLY S 404 -34.09 -18.15 34.97
C GLY S 404 -33.46 -19.06 33.94
N ARG S 405 -33.47 -18.68 32.67
CA ARG S 405 -32.93 -19.56 31.66
C ARG S 405 -31.42 -19.75 31.74
N SER S 406 -30.69 -18.86 32.39
CA SER S 406 -29.24 -19.01 32.46
C SER S 406 -28.82 -20.14 33.37
N TYR S 407 -29.67 -20.54 34.30
CA TYR S 407 -29.35 -21.58 35.26
C TYR S 407 -29.89 -22.91 34.78
N VAL S 408 -29.00 -23.89 34.68
CA VAL S 408 -29.34 -25.22 34.22
C VAL S 408 -29.79 -26.14 35.35
N ASP S 409 -29.34 -25.92 36.58
CA ASP S 409 -29.77 -26.80 37.66
C ASP S 409 -31.28 -26.77 37.90
N ARG S 410 -31.80 -27.96 38.18
CA ARG S 410 -33.22 -28.17 38.39
C ARG S 410 -33.82 -27.25 39.44
N TRP S 411 -33.37 -27.38 40.68
CA TRP S 411 -33.90 -26.56 41.77
C TRP S 411 -33.48 -25.10 41.66
N GLN S 412 -32.27 -24.86 41.19
CA GLN S 412 -31.82 -23.49 41.08
C GLN S 412 -32.68 -22.72 40.10
N SER S 413 -33.03 -23.36 39.00
CA SER S 413 -33.86 -22.69 38.02
C SER S 413 -35.29 -22.55 38.51
N ILE S 414 -35.81 -23.60 39.13
CA ILE S 414 -37.17 -23.57 39.63
C ILE S 414 -37.37 -22.44 40.63
N THR S 415 -36.39 -22.25 41.52
CA THR S 415 -36.53 -21.21 42.52
C THR S 415 -36.62 -19.83 41.89
N LEU S 416 -35.90 -19.62 40.79
CA LEU S 416 -35.98 -18.32 40.17
C LEU S 416 -37.37 -18.12 39.56
N ALA S 417 -37.86 -19.12 38.84
CA ALA S 417 -39.18 -18.99 38.24
C ALA S 417 -40.22 -18.85 39.32
N GLY S 418 -40.08 -19.64 40.36
CA GLY S 418 -41.00 -19.58 41.47
C GLY S 418 -41.00 -18.20 42.08
N THR S 419 -39.83 -17.60 42.18
CA THR S 419 -39.70 -16.28 42.77
C THR S 419 -40.46 -15.24 41.99
N ALA S 420 -40.42 -15.30 40.68
CA ALA S 420 -41.16 -14.34 39.87
C ALA S 420 -42.67 -14.51 40.00
N VAL S 421 -43.15 -15.75 39.99
CA VAL S 421 -44.57 -16.04 40.04
C VAL S 421 -45.18 -15.67 41.39
N ILE S 422 -44.52 -16.04 42.48
CA ILE S 422 -45.10 -15.80 43.80
C ILE S 422 -45.30 -14.31 44.09
N ILE S 423 -44.44 -13.44 43.56
CA ILE S 423 -44.59 -12.00 43.76
C ILE S 423 -45.91 -11.52 43.20
N ALA S 424 -46.21 -11.90 41.96
CA ALA S 424 -47.45 -11.51 41.30
C ALA S 424 -48.65 -11.99 42.11
N ALA S 425 -48.66 -13.26 42.47
CA ALA S 425 -49.76 -13.83 43.24
C ALA S 425 -49.96 -13.06 44.54
N ALA S 426 -48.88 -12.76 45.23
CA ALA S 426 -48.97 -12.05 46.51
C ALA S 426 -49.52 -10.62 46.35
N VAL S 427 -49.14 -9.91 45.29
CA VAL S 427 -49.62 -8.53 45.09
C VAL S 427 -51.11 -8.51 44.77
N CYS S 428 -51.60 -9.51 44.05
CA CYS S 428 -53.02 -9.54 43.73
C CYS S 428 -53.86 -9.68 44.99
N VAL S 429 -53.48 -10.59 45.89
CA VAL S 429 -54.20 -10.78 47.14
C VAL S 429 -54.25 -9.50 47.98
N ARG S 430 -53.15 -8.77 48.08
CA ARG S 430 -53.14 -7.51 48.84
C ARG S 430 -54.19 -6.51 48.34
N TYR S 431 -54.40 -6.43 47.02
CA TYR S 431 -55.40 -5.54 46.43
C TYR S 431 -56.84 -6.04 46.58
N ALA S 432 -57.03 -7.27 47.01
CA ALA S 432 -58.35 -7.85 47.22
C ALA S 432 -58.83 -7.63 48.65
N LEU S 433 -58.00 -7.88 49.64
CA LEU S 433 -58.46 -7.72 51.02
C LEU S 433 -58.79 -6.25 51.28
N GLU S 434 -57.89 -5.35 50.94
CA GLU S 434 -58.18 -3.92 51.05
C GLU S 434 -58.85 -3.44 49.76
N LEU S 435 -59.42 -2.23 49.83
CA LEU S 435 -60.11 -1.62 48.69
C LEU S 435 -61.16 -2.58 48.14
N SER S 436 -61.86 -3.23 49.06
CA SER S 436 -62.86 -4.25 48.78
C SER S 436 -64.02 -3.71 47.95
N SER S 437 -64.37 -4.47 46.90
CA SER S 437 -65.45 -4.16 45.97
C SER S 437 -65.57 -5.31 44.97
N PRO S 438 -66.72 -5.47 44.31
CA PRO S 438 -66.88 -6.59 43.35
C PRO S 438 -65.89 -6.62 42.18
N LEU S 439 -65.46 -5.47 41.66
CA LEU S 439 -64.49 -5.46 40.57
C LEU S 439 -63.15 -6.05 41.00
N ALA S 440 -62.59 -5.55 42.09
CA ALA S 440 -61.29 -6.02 42.57
C ALA S 440 -61.22 -7.54 42.74
N VAL S 441 -62.15 -8.12 43.51
CA VAL S 441 -62.14 -9.57 43.73
C VAL S 441 -62.39 -10.34 42.43
N SER S 442 -63.20 -9.79 41.54
CA SER S 442 -63.49 -10.42 40.25
C SER S 442 -62.24 -10.46 39.36
N ILE S 443 -61.54 -9.34 39.26
CA ILE S 443 -60.34 -9.22 38.43
C ILE S 443 -59.21 -10.07 38.99
N VAL S 444 -58.98 -10.00 40.29
CA VAL S 444 -57.92 -10.78 40.93
C VAL S 444 -58.10 -12.26 40.67
N ALA S 445 -59.31 -12.78 40.85
CA ALA S 445 -59.54 -14.20 40.62
C ALA S 445 -59.25 -14.59 39.18
N ALA S 446 -59.50 -13.70 38.22
CA ALA S 446 -59.24 -14.00 36.82
C ALA S 446 -57.73 -14.12 36.56
N ILE S 447 -56.99 -13.08 36.92
CA ILE S 447 -55.55 -13.03 36.73
C ILE S 447 -54.90 -14.20 37.44
N LEU S 448 -55.27 -14.38 38.69
CA LEU S 448 -54.71 -15.42 39.54
C LEU S 448 -54.87 -16.83 38.98
N VAL S 449 -55.87 -17.06 38.13
CA VAL S 449 -56.05 -18.38 37.53
C VAL S 449 -55.58 -18.45 36.09
N LEU S 450 -55.78 -17.40 35.31
CA LEU S 450 -55.34 -17.40 33.91
C LEU S 450 -53.82 -17.40 33.78
N LEU S 451 -53.15 -16.64 34.63
CA LEU S 451 -51.69 -16.50 34.59
C LEU S 451 -50.93 -17.82 34.66
N PRO S 452 -51.08 -18.63 35.69
CA PRO S 452 -50.34 -19.90 35.73
C PRO S 452 -50.80 -20.88 34.67
N ALA S 453 -52.05 -20.80 34.26
CA ALA S 453 -52.57 -21.69 33.23
C ALA S 453 -51.85 -21.43 31.91
N ALA S 454 -51.69 -20.16 31.55
CA ALA S 454 -50.99 -19.79 30.32
C ALA S 454 -49.56 -20.28 30.34
N GLY S 455 -48.91 -20.15 31.49
CA GLY S 455 -47.56 -20.63 31.62
C GLY S 455 -47.49 -22.13 31.43
N MET S 456 -48.45 -22.86 32.00
CA MET S 456 -48.42 -24.30 31.83
C MET S 456 -48.52 -24.64 30.36
N ALA S 457 -49.40 -23.95 29.64
CA ALA S 457 -49.49 -24.21 28.22
C ALA S 457 -48.17 -23.95 27.54
N ALA S 458 -47.56 -22.81 27.83
CA ALA S 458 -46.28 -22.48 27.21
C ALA S 458 -45.24 -23.52 27.59
N ALA S 459 -45.22 -23.92 28.85
CA ALA S 459 -44.25 -24.90 29.31
C ALA S 459 -44.42 -26.24 28.63
N ALA S 460 -45.65 -26.66 28.41
CA ALA S 460 -45.87 -27.94 27.77
C ALA S 460 -45.70 -27.88 26.26
N HIS S 461 -46.00 -26.76 25.64
CA HIS S 461 -46.00 -26.64 24.18
C HIS S 461 -44.67 -26.22 23.59
N VAL S 462 -43.94 -25.34 24.25
CA VAL S 462 -42.69 -24.82 23.69
C VAL S 462 -41.63 -25.87 23.36
N PRO S 463 -41.35 -26.85 24.21
CA PRO S 463 -40.25 -27.78 23.92
C PRO S 463 -40.32 -28.56 22.61
N HIS S 464 -41.47 -28.72 21.97
CA HIS S 464 -41.51 -29.48 20.72
C HIS S 464 -41.68 -28.65 19.45
N THR S 465 -41.42 -27.33 19.48
CA THR S 465 -41.58 -26.48 18.32
C THR S 465 -40.29 -25.79 17.89
N ILE S 466 -40.30 -25.27 16.66
CA ILE S 466 -39.17 -24.57 16.05
C ILE S 466 -39.54 -23.10 15.87
N TYR S 467 -38.62 -22.21 16.23
CA TYR S 467 -38.85 -20.78 16.18
C TYR S 467 -37.85 -20.03 15.30
N SER S 468 -38.35 -18.96 14.70
CA SER S 468 -37.55 -18.10 13.85
C SER S 468 -36.43 -17.41 14.63
N PRO S 469 -35.23 -17.33 14.08
CA PRO S 469 -34.14 -16.65 14.76
C PRO S 469 -34.45 -15.22 15.18
N LEU S 470 -35.23 -14.50 14.39
CA LEU S 470 -35.60 -13.14 14.73
C LEU S 470 -36.45 -13.09 15.98
N PHE S 471 -37.22 -14.13 16.25
CA PHE S 471 -38.00 -14.16 17.46
C PHE S 471 -37.11 -14.53 18.66
N ARG S 472 -36.20 -15.49 18.46
CA ARG S 472 -35.26 -15.88 19.52
C ARG S 472 -34.42 -14.71 19.97
N LYS S 473 -33.94 -13.92 19.02
CA LYS S 473 -33.16 -12.72 19.31
C LYS S 473 -34.02 -11.65 19.97
N PHE S 474 -35.33 -11.66 19.70
CA PHE S 474 -36.21 -10.66 20.29
C PHE S 474 -36.49 -10.91 21.77
N VAL S 475 -36.70 -12.16 22.19
CA VAL S 475 -36.97 -12.42 23.61
C VAL S 475 -35.76 -12.08 24.49
N GLU S 476 -34.55 -12.27 23.98
CA GLU S 476 -33.34 -11.94 24.73
C GLU S 476 -33.30 -10.48 25.14
N TRP S 477 -33.60 -9.57 24.22
CA TRP S 477 -33.57 -8.14 24.50
C TRP S 477 -34.64 -7.70 25.49
N ILE S 478 -35.65 -8.53 25.78
CA ILE S 478 -36.66 -8.11 26.74
C ILE S 478 -36.04 -8.00 28.13
N GLU S 479 -35.08 -8.86 28.44
CA GLU S 479 -34.44 -8.80 29.75
C GLU S 479 -33.74 -7.48 29.95
N TYR S 480 -33.02 -7.03 28.93
CA TYR S 480 -32.26 -5.77 29.02
C TYR S 480 -33.20 -4.58 29.16
N LEU S 481 -34.31 -4.57 28.43
CA LEU S 481 -35.28 -3.49 28.55
C LEU S 481 -35.96 -3.49 29.90
N CYS S 482 -35.98 -4.62 30.58
CA CYS S 482 -36.53 -4.71 31.92
C CYS S 482 -35.56 -4.24 33.00
N LEU S 483 -34.25 -4.40 32.82
CA LEU S 483 -33.30 -3.95 33.84
C LEU S 483 -33.11 -2.44 33.83
N MET S 484 -32.89 -1.87 32.65
CA MET S 484 -32.58 -0.45 32.50
C MET S 484 -33.48 0.50 33.30
N PRO S 485 -34.79 0.29 33.41
CA PRO S 485 -35.63 1.24 34.14
C PRO S 485 -35.64 1.09 35.67
N ILE S 486 -35.10 0.00 36.20
CA ILE S 486 -35.18 -0.26 37.64
C ILE S 486 -34.57 0.86 38.47
N PHE S 487 -33.32 1.21 38.23
CA PHE S 487 -32.70 2.27 39.05
C PHE S 487 -33.42 3.60 38.95
N PRO S 488 -33.72 4.14 37.78
CA PRO S 488 -34.40 5.43 37.69
C PRO S 488 -35.74 5.41 38.36
N LEU S 489 -36.47 4.31 38.24
CA LEU S 489 -37.79 4.20 38.83
C LEU S 489 -37.72 4.09 40.34
N ALA S 490 -36.76 3.33 40.87
CA ALA S 490 -36.65 3.22 42.32
C ALA S 490 -36.34 4.57 42.96
N LEU S 491 -35.40 5.33 42.39
CA LEU S 491 -35.05 6.64 42.92
C LEU S 491 -36.21 7.61 42.85
N TRP S 492 -37.09 7.43 41.88
CA TRP S 492 -38.29 8.26 41.78
C TRP S 492 -39.23 7.86 42.90
N LEU S 493 -39.36 6.56 43.12
CA LEU S 493 -40.22 6.05 44.18
C LEU S 493 -39.71 6.53 45.52
N MET S 494 -38.39 6.62 45.69
CA MET S 494 -37.78 7.14 46.91
C MET S 494 -37.90 8.66 47.07
N ASN S 495 -38.30 9.39 46.03
CA ASN S 495 -38.45 10.85 46.04
C ASN S 495 -37.12 11.63 46.15
N VAL S 496 -36.07 11.10 45.53
CA VAL S 496 -34.74 11.74 45.52
C VAL S 496 -34.73 12.99 44.65
N TYR S 497 -35.36 12.89 43.48
CA TYR S 497 -35.40 13.97 42.49
C TYR S 497 -36.05 15.25 43.01
N ALA S 498 -37.19 15.12 43.71
CA ALA S 498 -37.83 16.30 44.28
C ALA S 498 -36.92 16.98 45.30
N ALA S 499 -36.28 16.20 46.16
CA ALA S 499 -35.38 16.75 47.16
C ALA S 499 -34.23 17.53 46.55
N ILE S 500 -33.70 17.08 45.41
CA ILE S 500 -32.63 17.83 44.74
C ILE S 500 -33.18 19.05 44.03
N ARG S 501 -34.36 18.96 43.43
CA ARG S 501 -34.88 20.11 42.72
C ARG S 501 -35.30 21.24 43.67
N TYR S 502 -35.54 20.94 44.95
CA TYR S 502 -35.91 21.98 45.92
C TYR S 502 -34.91 22.10 47.07
N ARG S 503 -33.65 22.37 46.75
CA ARG S 503 -32.61 22.53 47.76
C ARG S 503 -33.10 23.41 48.92
N PRO T 18 -25.88 -77.60 67.35
CA PRO T 18 -25.27 -76.30 67.07
C PRO T 18 -24.08 -76.42 66.12
N GLN T 19 -23.72 -77.65 65.75
CA GLN T 19 -22.59 -77.85 64.86
C GLN T 19 -22.90 -77.48 63.41
N ALA T 20 -24.17 -77.42 63.02
CA ALA T 20 -24.53 -77.06 61.65
C ALA T 20 -25.87 -76.32 61.66
N VAL T 21 -26.11 -75.55 60.61
CA VAL T 21 -27.35 -74.78 60.44
C VAL T 21 -27.85 -74.95 59.01
N VAL T 22 -29.17 -75.08 58.86
CA VAL T 22 -29.83 -75.23 57.57
C VAL T 22 -30.28 -73.86 57.09
N VAL T 23 -29.96 -73.52 55.85
CA VAL T 23 -30.32 -72.26 55.23
C VAL T 23 -30.63 -72.46 53.75
N GLY T 24 -31.44 -71.55 53.20
CA GLY T 24 -31.77 -71.56 51.79
C GLY T 24 -30.83 -70.65 51.00
N VAL T 25 -30.15 -71.20 50.00
CA VAL T 25 -29.22 -70.45 49.16
C VAL T 25 -29.83 -70.19 47.79
N MET T 26 -29.80 -68.93 47.38
CA MET T 26 -30.27 -68.46 46.08
C MET T 26 -29.11 -68.48 45.09
N ALA T 27 -29.37 -68.98 43.89
CA ALA T 27 -28.35 -69.05 42.85
C ALA T 27 -28.82 -68.32 41.59
N GLY T 28 -28.06 -68.48 40.51
CA GLY T 28 -28.36 -67.78 39.27
C GLY T 28 -29.79 -67.73 38.80
N GLU T 29 -30.18 -66.50 38.45
CA GLU T 29 -31.48 -66.08 37.92
C GLU T 29 -32.70 -66.40 38.81
N GLY T 30 -32.53 -67.08 39.95
CA GLY T 30 -33.65 -67.34 40.84
C GLY T 30 -34.00 -68.72 41.42
N VAL T 31 -33.16 -69.74 41.28
CA VAL T 31 -33.43 -71.04 41.90
C VAL T 31 -33.03 -70.99 43.37
N GLN T 32 -33.91 -71.48 44.25
CA GLN T 32 -33.62 -71.59 45.69
C GLN T 32 -33.32 -73.04 46.07
N ILE T 33 -32.23 -73.26 46.82
CA ILE T 33 -31.81 -74.60 47.24
C ILE T 33 -31.52 -74.65 48.74
N GLY T 34 -32.14 -75.62 49.43
CA GLY T 34 -31.93 -75.83 50.86
C GLY T 34 -30.66 -76.63 51.14
N VAL T 35 -29.77 -76.08 51.98
CA VAL T 35 -28.51 -76.73 52.32
C VAL T 35 -28.20 -76.62 53.81
N LEU T 36 -27.47 -77.62 54.32
CA LEU T 36 -27.04 -77.71 55.72
C LEU T 36 -25.57 -77.35 55.78
N LEU T 37 -25.26 -76.15 56.28
CA LEU T 37 -23.90 -75.65 56.37
C LEU T 37 -23.23 -75.85 57.72
N ASP T 38 -21.90 -75.98 57.68
CA ASP T 38 -21.07 -76.11 58.86
C ASP T 38 -21.10 -74.77 59.60
N ALA T 39 -21.51 -74.80 60.87
CA ALA T 39 -21.65 -73.56 61.64
C ALA T 39 -20.35 -72.91 62.11
N ASN T 40 -19.19 -73.59 62.10
CA ASN T 40 -17.98 -72.94 62.62
C ASN T 40 -16.83 -72.76 61.65
N ALA T 41 -16.78 -73.47 60.52
CA ALA T 41 -15.73 -73.22 59.54
C ALA T 41 -15.87 -71.80 58.99
N PRO T 42 -14.76 -71.15 58.60
CA PRO T 42 -14.89 -69.81 58.04
C PRO T 42 -15.54 -69.85 56.67
N VAL T 43 -16.40 -68.87 56.43
CA VAL T 43 -17.20 -68.80 55.20
C VAL T 43 -16.36 -68.92 53.94
N SER T 44 -15.16 -68.36 53.93
CA SER T 44 -14.32 -68.45 52.74
C SER T 44 -13.97 -69.87 52.33
N VAL T 45 -13.98 -70.81 53.29
CA VAL T 45 -13.67 -72.21 52.99
C VAL T 45 -14.79 -72.97 52.30
N MET T 46 -16.03 -72.52 52.43
CA MET T 46 -17.22 -73.18 51.88
C MET T 46 -17.71 -72.68 50.52
N THR T 47 -17.43 -71.43 50.17
CA THR T 47 -17.92 -70.86 48.91
C THR T 47 -17.53 -71.65 47.66
N ASP T 48 -16.31 -72.19 47.59
CA ASP T 48 -15.89 -72.93 46.40
C ASP T 48 -16.67 -74.22 46.19
N PRO T 49 -16.66 -75.17 47.13
CA PRO T 49 -17.44 -76.40 46.96
C PRO T 49 -18.93 -76.15 46.85
N LEU T 50 -19.42 -75.12 47.52
CA LEU T 50 -20.84 -74.75 47.45
C LEU T 50 -21.22 -74.39 46.02
N LEU T 51 -20.37 -73.66 45.32
CA LEU T 51 -20.61 -73.29 43.91
C LEU T 51 -20.70 -74.54 43.03
N LYS T 52 -19.87 -75.53 43.27
CA LYS T 52 -19.90 -76.78 42.52
C LYS T 52 -21.26 -77.48 42.67
N VAL T 53 -21.74 -77.59 43.91
CA VAL T 53 -23.00 -78.27 44.21
C VAL T 53 -24.19 -77.63 43.50
N VAL T 54 -24.34 -76.31 43.60
CA VAL T 54 -25.46 -75.64 42.93
C VAL T 54 -25.39 -75.83 41.42
N ASN T 55 -24.19 -75.80 40.84
CA ASN T 55 -24.06 -76.01 39.40
C ASN T 55 -24.49 -77.42 39.02
N SER T 56 -24.07 -78.42 39.78
CA SER T 56 -24.47 -79.80 39.52
C SER T 56 -25.99 -79.93 39.48
N ARG T 57 -26.68 -79.33 40.44
CA ARG T 57 -28.14 -79.42 40.47
C ARG T 57 -28.72 -78.70 39.25
N LEU T 58 -28.14 -77.57 38.87
CA LEU T 58 -28.60 -76.84 37.69
C LEU T 58 -28.34 -77.67 36.44
N ARG T 59 -27.20 -78.34 36.38
CA ARG T 59 -26.91 -79.19 35.22
C ARG T 59 -27.92 -80.33 35.14
N GLU T 60 -28.24 -80.95 36.28
CA GLU T 60 -29.24 -82.02 36.25
C GLU T 60 -30.61 -81.46 35.87
N LEU T 61 -30.98 -80.28 36.34
CA LEU T 61 -32.25 -79.69 35.94
C LEU T 61 -32.28 -79.30 34.47
N GLY T 62 -31.12 -79.13 33.84
CA GLY T 62 -31.06 -78.74 32.44
C GLY T 62 -30.98 -77.23 32.22
N GLU T 63 -30.72 -76.48 33.28
CA GLU T 63 -30.60 -75.04 33.25
C GLU T 63 -29.15 -74.66 32.92
N ALA T 64 -28.94 -73.37 32.72
CA ALA T 64 -27.59 -72.87 32.42
C ALA T 64 -26.77 -72.75 33.71
N PRO T 65 -25.61 -73.41 33.80
CA PRO T 65 -24.77 -73.29 35.00
C PRO T 65 -24.10 -71.93 35.09
N LEU T 66 -23.65 -71.61 36.30
CA LEU T 66 -22.95 -70.35 36.57
C LEU T 66 -21.54 -70.39 36.01
N GLU T 67 -21.11 -69.25 35.44
CA GLU T 67 -19.79 -69.10 34.83
C GLU T 67 -19.24 -67.70 35.08
N ALA T 68 -17.91 -67.58 35.11
CA ALA T 68 -17.25 -66.30 35.31
C ALA T 68 -17.16 -65.50 34.00
N THR T 69 -17.03 -64.18 34.15
CA THR T 69 -16.96 -63.27 33.01
C THR T 69 -15.87 -62.22 33.22
N GLY T 70 -14.79 -62.32 32.48
CA GLY T 70 -13.72 -61.34 32.60
C GLY T 70 -13.03 -61.32 33.96
N ARG T 71 -13.11 -60.16 34.62
CA ARG T 71 -12.53 -59.94 35.94
C ARG T 71 -13.56 -59.77 37.05
N GLY T 72 -13.41 -60.56 38.10
CA GLY T 72 -14.31 -60.54 39.23
C GLY T 72 -14.02 -61.70 40.17
N ARG T 73 -14.93 -61.91 41.12
CA ARG T 73 -14.79 -62.98 42.11
C ARG T 73 -16.15 -63.49 42.57
N TRP T 74 -16.14 -64.68 43.16
CA TRP T 74 -17.32 -65.32 43.72
C TRP T 74 -17.50 -64.97 45.19
N ALA T 75 -18.71 -64.58 45.57
CA ALA T 75 -19.02 -64.19 46.94
C ALA T 75 -20.38 -64.74 47.40
N LEU T 76 -20.52 -64.78 48.72
CA LEU T 76 -21.73 -65.19 49.44
C LEU T 76 -22.28 -63.97 50.16
N CYS T 77 -23.53 -63.61 49.84
CA CYS T 77 -24.15 -62.40 50.36
C CYS T 77 -25.52 -62.66 50.96
N LEU T 78 -25.98 -61.69 51.74
CA LEU T 78 -27.33 -61.68 52.28
C LEU T 78 -28.30 -61.40 51.15
N VAL T 79 -29.58 -61.68 51.37
CA VAL T 79 -30.51 -61.37 50.28
C VAL T 79 -30.48 -59.88 49.97
N ASP T 80 -30.04 -59.06 50.92
CA ASP T 80 -29.93 -57.64 50.67
C ASP T 80 -28.73 -57.32 49.79
N GLY T 81 -27.87 -58.30 49.52
CA GLY T 81 -26.69 -58.08 48.71
C GLY T 81 -25.41 -57.82 49.49
N ALA T 82 -25.50 -57.43 50.76
CA ALA T 82 -24.30 -57.16 51.55
C ALA T 82 -23.48 -58.44 51.77
N PRO T 83 -22.19 -58.42 51.45
CA PRO T 83 -21.34 -59.59 51.63
C PRO T 83 -20.91 -59.85 53.08
N LEU T 84 -20.73 -61.15 53.37
CA LEU T 84 -20.27 -61.64 54.65
C LEU T 84 -18.73 -61.61 54.77
N ARG T 85 -18.21 -61.36 55.98
CA ARG T 85 -16.76 -61.33 56.18
C ARG T 85 -16.13 -62.71 55.99
N ALA T 86 -15.21 -62.79 55.03
CA ALA T 86 -14.58 -64.05 54.63
C ALA T 86 -13.87 -64.81 55.76
N THR T 87 -13.32 -64.12 56.76
CA THR T 87 -12.59 -64.78 57.85
C THR T 87 -13.43 -65.15 59.06
N GLN T 88 -14.63 -64.64 59.19
CA GLN T 88 -15.41 -64.97 60.38
C GLN T 88 -16.19 -66.27 60.18
N SER T 89 -16.46 -66.95 61.29
CA SER T 89 -17.23 -68.17 61.25
C SER T 89 -18.71 -67.87 61.07
N LEU T 90 -19.43 -68.82 60.47
CA LEU T 90 -20.86 -68.60 60.25
C LEU T 90 -21.62 -68.37 61.54
N THR T 91 -21.14 -68.95 62.65
CA THR T 91 -21.75 -68.74 63.96
C THR T 91 -21.31 -67.41 64.55
N GLU T 92 -20.16 -66.93 64.10
CA GLU T 92 -19.62 -65.68 64.58
C GLU T 92 -20.49 -64.54 64.08
N GLN T 93 -21.12 -64.74 62.94
CA GLN T 93 -22.10 -63.83 62.39
C GLN T 93 -23.47 -64.21 62.91
N ASP T 94 -24.38 -63.25 62.89
CA ASP T 94 -25.76 -63.39 63.37
C ASP T 94 -26.67 -64.11 62.37
N VAL T 95 -26.24 -65.30 61.99
CA VAL T 95 -26.97 -66.16 61.05
C VAL T 95 -27.53 -67.32 61.85
N TYR T 96 -28.84 -67.55 61.70
CA TYR T 96 -29.57 -68.56 62.43
C TYR T 96 -30.15 -69.61 61.48
N ASP T 97 -30.39 -70.79 62.02
CA ASP T 97 -30.97 -71.90 61.26
C ASP T 97 -32.34 -71.52 60.71
N GLY T 98 -32.51 -71.71 59.39
CA GLY T 98 -33.73 -71.36 58.70
C GLY T 98 -33.65 -70.11 57.87
N ASP T 99 -32.58 -69.33 58.03
CA ASP T 99 -32.37 -68.13 57.24
C ASP T 99 -32.02 -68.48 55.80
N ARG T 100 -31.81 -67.47 54.96
CA ARG T 100 -31.46 -67.64 53.56
C ARG T 100 -30.35 -66.71 53.12
N LEU T 101 -29.57 -67.16 52.12
CA LEU T 101 -28.40 -66.47 51.61
C LEU T 101 -28.36 -66.51 50.09
N TRP T 102 -27.44 -65.71 49.51
CA TRP T 102 -27.25 -65.58 48.07
C TRP T 102 -25.79 -65.67 47.65
N ILE T 103 -25.48 -66.60 46.72
CA ILE T 103 -24.15 -66.76 46.13
C ILE T 103 -24.09 -65.95 44.84
N ARG T 104 -23.03 -65.18 44.67
CA ARG T 104 -23.00 -64.23 43.56
C ARG T 104 -21.60 -64.01 43.01
N PHE T 105 -21.57 -63.54 41.76
CA PHE T 105 -20.35 -63.15 41.08
C PHE T 105 -20.30 -61.61 41.11
N ILE T 106 -19.23 -61.07 41.68
CA ILE T 106 -19.04 -59.61 41.78
C ILE T 106 -17.83 -59.19 40.94
N ALA T 107 -18.08 -58.29 39.99
CA ALA T 107 -17.08 -57.78 39.05
C ALA T 107 -16.07 -56.82 39.67
N ASP T 108 -14.91 -56.75 39.00
CA ASP T 108 -13.79 -55.88 39.34
C ASP T 108 -14.10 -54.41 39.05
N THR T 109 -13.77 -53.53 40.00
CA THR T 109 -13.95 -52.08 39.89
C THR T 109 -12.68 -51.27 39.58
N GLU T 110 -11.51 -51.90 39.55
CA GLU T 110 -10.25 -51.21 39.26
C GLU T 110 -10.20 -50.61 37.85
N ARG T 111 -9.73 -49.36 37.73
CA ARG T 111 -9.62 -48.68 36.45
C ARG T 111 -8.73 -47.45 36.59
N ARG T 112 -8.30 -46.91 35.44
CA ARG T 112 -7.45 -45.73 35.42
C ARG T 112 -8.17 -44.54 36.06
N SER T 113 -7.38 -43.58 36.57
CA SER T 113 -7.93 -42.38 37.20
C SER T 113 -7.80 -41.19 36.25
N GLN T 114 -8.93 -40.63 35.83
CA GLN T 114 -8.93 -39.50 34.92
C GLN T 114 -8.50 -38.20 35.63
N VAL T 115 -7.90 -37.27 34.88
CA VAL T 115 -7.46 -35.98 35.42
C VAL T 115 -7.61 -34.84 34.41
N ILE T 116 -7.86 -33.63 34.93
CA ILE T 116 -7.97 -32.43 34.10
C ILE T 116 -7.36 -31.28 34.89
N GLU T 117 -6.20 -30.80 34.43
CA GLU T 117 -5.42 -29.75 35.10
C GLU T 117 -6.03 -28.36 34.99
N HIS T 118 -6.67 -27.99 33.88
CA HIS T 118 -7.23 -26.65 33.80
C HIS T 118 -8.56 -26.63 34.54
N ILE T 119 -8.58 -25.83 35.61
CA ILE T 119 -9.70 -25.76 36.55
C ILE T 119 -11.05 -25.44 35.91
N SER T 120 -11.13 -24.39 35.08
CA SER T 120 -12.42 -24.04 34.51
C SER T 120 -13.09 -25.24 33.79
N THR T 121 -12.36 -25.93 32.94
CA THR T 121 -12.94 -27.07 32.23
C THR T 121 -13.26 -28.22 33.17
N ALA T 122 -12.43 -28.41 34.17
CA ALA T 122 -12.65 -29.49 35.14
C ALA T 122 -13.97 -29.32 35.86
N VAL T 123 -14.28 -28.11 36.31
CA VAL T 123 -15.53 -27.89 37.02
C VAL T 123 -16.74 -28.29 36.18
N ALA T 124 -16.74 -27.97 34.90
CA ALA T 124 -17.89 -28.33 34.07
C ALA T 124 -17.99 -29.84 33.83
N SER T 125 -16.89 -30.47 33.43
CA SER T 125 -16.90 -31.91 33.17
C SER T 125 -17.25 -32.71 34.41
N ASP T 126 -16.90 -32.22 35.59
CA ASP T 126 -17.24 -32.91 36.83
C ASP T 126 -18.68 -32.67 37.24
N LEU T 127 -19.06 -31.41 37.37
CA LEU T 127 -20.38 -31.04 37.88
C LEU T 127 -21.53 -31.58 37.05
N SER T 128 -21.31 -31.81 35.77
CA SER T 128 -22.37 -32.32 34.91
C SER T 128 -22.66 -33.81 35.08
N LYS T 129 -21.82 -34.55 35.79
CA LYS T 129 -22.09 -35.96 36.04
C LYS T 129 -22.98 -36.20 37.26
N ARG T 130 -22.65 -35.60 38.40
CA ARG T 130 -23.32 -35.88 39.67
C ARG T 130 -24.70 -35.25 39.86
N PHE T 131 -25.09 -34.24 39.10
CA PHE T 131 -26.39 -33.62 39.28
C PHE T 131 -27.24 -33.64 38.01
N ALA T 132 -28.56 -33.59 38.22
CA ALA T 132 -29.58 -33.62 37.19
C ALA T 132 -30.07 -32.23 36.80
N ARG T 133 -30.10 -31.96 35.49
CA ARG T 133 -30.59 -30.72 34.93
C ARG T 133 -32.08 -30.83 34.58
N ILE T 134 -32.74 -29.69 34.45
CA ILE T 134 -34.16 -29.65 34.12
C ILE T 134 -34.44 -30.18 32.72
N ASP T 135 -35.64 -30.75 32.55
CA ASP T 135 -36.08 -31.34 31.29
C ASP T 135 -37.58 -31.14 31.08
N PRO T 136 -38.07 -31.31 29.85
CA PRO T 136 -39.49 -31.11 29.53
C PRO T 136 -40.48 -31.96 30.31
N ILE T 137 -40.08 -33.13 30.78
CA ILE T 137 -40.98 -33.99 31.54
C ILE T 137 -41.32 -33.37 32.87
N VAL T 138 -40.32 -32.91 33.59
CA VAL T 138 -40.55 -32.29 34.89
C VAL T 138 -41.25 -30.95 34.71
N ALA T 139 -40.89 -30.22 33.67
CA ALA T 139 -41.44 -28.89 33.42
C ALA T 139 -42.96 -28.88 33.44
N VAL T 140 -43.60 -29.88 32.83
CA VAL T 140 -45.06 -29.90 32.81
C VAL T 140 -45.62 -30.09 34.21
N GLN T 141 -44.97 -30.91 35.01
CA GLN T 141 -45.45 -31.08 36.39
C GLN T 141 -45.34 -29.78 37.16
N VAL T 142 -44.32 -28.97 36.89
CA VAL T 142 -44.19 -27.70 37.57
C VAL T 142 -45.35 -26.78 37.18
N GLY T 143 -45.59 -26.62 35.88
CA GLY T 143 -46.68 -25.77 35.44
C GLY T 143 -47.99 -26.28 35.97
N ALA T 144 -48.18 -27.59 35.90
CA ALA T 144 -49.40 -28.21 36.41
C ALA T 144 -49.54 -27.92 37.89
N SER T 145 -48.45 -27.99 38.63
CA SER T 145 -48.49 -27.71 40.06
C SER T 145 -48.85 -26.26 40.33
N MET T 146 -48.32 -25.33 39.53
CA MET T 146 -48.65 -23.91 39.74
C MET T 146 -50.13 -23.60 39.46
N VAL T 147 -50.73 -24.18 38.43
CA VAL T 147 -52.14 -23.91 38.17
C VAL T 147 -53.02 -24.51 39.27
N ALA T 148 -52.63 -25.65 39.82
CA ALA T 148 -53.38 -26.24 40.92
C ALA T 148 -53.40 -25.28 42.10
N THR T 149 -52.24 -24.71 42.42
CA THR T 149 -52.11 -23.75 43.52
C THR T 149 -52.90 -22.47 43.25
N GLY T 150 -52.87 -21.98 42.03
CA GLY T 150 -53.61 -20.77 41.68
C GLY T 150 -55.11 -20.87 41.92
N VAL T 151 -55.73 -21.97 41.53
CA VAL T 151 -57.18 -22.13 41.69
C VAL T 151 -57.58 -22.30 43.16
N VAL T 152 -56.79 -23.00 43.96
CA VAL T 152 -57.16 -23.09 45.37
C VAL T 152 -57.04 -21.74 46.04
N LEU T 153 -56.21 -20.86 45.49
CA LEU T 153 -56.09 -19.49 45.99
C LEU T 153 -57.29 -18.68 45.51
N ALA T 154 -57.71 -18.92 44.28
CA ALA T 154 -58.87 -18.23 43.72
C ALA T 154 -60.13 -18.49 44.54
N THR T 155 -60.37 -19.75 44.91
CA THR T 155 -61.56 -20.08 45.70
C THR T 155 -61.53 -19.41 47.06
N GLY T 156 -60.34 -19.22 47.63
CA GLY T 156 -60.24 -18.59 48.94
C GLY T 156 -60.76 -17.17 48.96
N VAL T 157 -60.30 -16.33 48.03
CA VAL T 157 -60.76 -14.94 47.96
C VAL T 157 -62.23 -14.87 47.55
N LEU T 158 -62.67 -15.75 46.66
CA LEU T 158 -64.08 -15.78 46.27
C LEU T 158 -64.95 -16.17 47.46
N GLY T 159 -64.44 -17.07 48.30
CA GLY T 159 -65.14 -17.51 49.50
C GLY T 159 -65.22 -16.42 50.56
N TRP T 160 -64.15 -15.67 50.74
CA TRP T 160 -64.15 -14.59 51.73
C TRP T 160 -65.20 -13.53 51.41
N TRP T 161 -65.46 -13.28 50.14
CA TRP T 161 -66.47 -12.29 49.76
C TRP T 161 -67.87 -12.73 50.17
N ARG T 162 -68.17 -14.02 50.05
CA ARG T 162 -69.46 -14.59 50.43
C ARG T 162 -69.77 -14.42 51.92
N TRP T 163 -68.76 -14.25 52.77
CA TRP T 163 -68.94 -14.06 54.20
C TRP T 163 -69.47 -12.69 54.56
N HIS T 164 -69.44 -11.73 53.65
CA HIS T 164 -69.97 -10.41 53.92
C HIS T 164 -71.09 -10.03 52.97
N HIS T 165 -71.26 -10.72 51.86
CA HIS T 165 -72.29 -10.39 50.90
C HIS T 165 -73.09 -11.63 50.51
N ASN T 166 -74.40 -11.47 50.44
CA ASN T 166 -75.32 -12.56 50.08
C ASN T 166 -75.67 -12.60 48.59
N THR T 167 -74.85 -12.03 47.70
CA THR T 167 -75.10 -12.06 46.25
C THR T 167 -74.61 -13.37 45.63
N TRP T 168 -75.14 -13.65 44.44
CA TRP T 168 -74.90 -14.86 43.66
C TRP T 168 -73.50 -14.95 43.02
N LEU T 169 -72.74 -13.86 43.02
CA LEU T 169 -71.43 -13.80 42.37
C LEU T 169 -70.52 -15.00 42.69
N THR T 170 -70.34 -15.33 43.97
CA THR T 170 -69.45 -16.41 44.37
C THR T 170 -69.78 -17.74 43.68
N THR T 171 -71.04 -18.14 43.67
CA THR T 171 -71.39 -19.40 43.00
C THR T 171 -71.28 -19.26 41.49
N ILE T 172 -71.70 -18.13 40.95
CA ILE T 172 -71.65 -17.87 39.52
C ILE T 172 -70.22 -17.99 38.99
N TYR T 173 -69.28 -17.29 39.63
CA TYR T 173 -67.88 -17.30 39.22
C TYR T 173 -67.21 -18.65 39.44
N THR T 174 -67.37 -19.24 40.62
CA THR T 174 -66.68 -20.50 40.91
C THR T 174 -67.14 -21.63 40.01
N ALA T 175 -68.43 -21.67 39.66
CA ALA T 175 -68.97 -22.73 38.82
C ALA T 175 -68.27 -22.80 37.45
N VAL T 176 -68.08 -21.67 36.78
CA VAL T 176 -67.43 -21.69 35.47
C VAL T 176 -65.99 -22.20 35.58
N ILE T 177 -65.28 -21.83 36.64
CA ILE T 177 -63.91 -22.32 36.82
C ILE T 177 -63.92 -23.83 36.99
N GLY T 178 -64.81 -24.33 37.83
CA GLY T 178 -64.89 -25.76 38.08
C GLY T 178 -65.10 -26.53 36.79
N VAL T 179 -66.01 -26.06 35.95
CA VAL T 179 -66.28 -26.71 34.67
C VAL T 179 -65.04 -26.70 33.78
N LEU T 180 -64.40 -25.54 33.64
CA LEU T 180 -63.24 -25.44 32.77
C LEU T 180 -62.12 -26.37 33.24
N VAL T 181 -61.84 -26.38 34.53
CA VAL T 181 -60.78 -27.23 35.07
C VAL T 181 -61.11 -28.70 34.86
N LEU T 182 -62.35 -29.08 35.10
CA LEU T 182 -62.77 -30.46 34.91
C LEU T 182 -62.67 -30.82 33.43
N ALA T 183 -63.02 -29.89 32.57
CA ALA T 183 -62.96 -30.10 31.12
C ALA T 183 -61.57 -30.48 30.64
N VAL T 184 -60.55 -29.70 31.01
CA VAL T 184 -59.17 -29.98 30.60
C VAL T 184 -58.71 -31.35 31.07
N ALA T 185 -59.03 -31.70 32.31
CA ALA T 185 -58.62 -33.00 32.87
C ALA T 185 -59.15 -34.17 32.05
N MET T 186 -60.38 -34.10 31.56
CA MET T 186 -60.93 -35.20 30.78
C MET T 186 -60.08 -35.51 29.55
N LEU T 187 -59.66 -34.49 28.83
CA LEU T 187 -58.83 -34.69 27.63
C LEU T 187 -57.50 -35.34 27.98
N LEU T 188 -56.83 -34.86 29.02
CA LEU T 188 -55.54 -35.43 29.43
C LEU T 188 -55.71 -36.87 29.87
N LEU T 189 -56.77 -37.18 30.59
CA LEU T 189 -56.98 -38.54 31.03
C LEU T 189 -57.09 -39.48 29.84
N MET T 190 -57.83 -39.08 28.80
CA MET T 190 -57.94 -39.92 27.62
C MET T 190 -56.66 -39.98 26.81
N ARG T 191 -55.93 -38.87 26.68
CA ARG T 191 -54.72 -38.87 25.87
C ARG T 191 -53.51 -39.48 26.58
N ALA T 192 -53.54 -39.56 27.91
CA ALA T 192 -52.43 -40.09 28.68
C ALA T 192 -51.99 -41.47 28.18
N LYS T 193 -50.70 -41.72 28.27
CA LYS T 193 -50.06 -42.96 27.83
C LYS T 193 -49.22 -43.63 28.90
N THR T 194 -48.50 -42.87 29.72
CA THR T 194 -47.58 -43.40 30.72
C THR T 194 -47.80 -42.76 32.09
N ASP T 195 -47.18 -43.40 33.11
CA ASP T 195 -47.29 -42.96 34.49
C ASP T 195 -46.96 -41.48 34.66
N ALA T 196 -45.97 -40.99 33.93
CA ALA T 196 -45.66 -39.59 34.05
C ALA T 196 -46.85 -38.79 33.56
N ASP T 197 -47.44 -39.25 32.47
CA ASP T 197 -48.58 -38.59 31.89
C ASP T 197 -49.75 -38.64 32.85
N ARG T 198 -49.92 -39.78 33.50
CA ARG T 198 -51.00 -39.94 34.47
C ARG T 198 -50.84 -39.01 35.66
N ARG T 199 -49.61 -38.82 36.12
CA ARG T 199 -49.40 -37.88 37.23
C ARG T 199 -50.00 -36.52 36.88
N VAL T 200 -49.70 -36.01 35.69
CA VAL T 200 -50.20 -34.70 35.27
C VAL T 200 -51.71 -34.69 35.30
N ALA T 201 -52.33 -35.73 34.79
CA ALA T 201 -53.78 -35.80 34.76
C ALA T 201 -54.37 -35.82 36.17
N ASP T 202 -53.80 -36.64 37.04
CA ASP T 202 -54.30 -36.74 38.40
C ASP T 202 -54.25 -35.40 39.12
N ILE T 203 -53.13 -34.70 39.03
CA ILE T 203 -53.01 -33.40 39.68
C ILE T 203 -54.08 -32.46 39.17
N MET T 204 -54.30 -32.46 37.86
CA MET T 204 -55.32 -31.60 37.30
C MET T 204 -56.70 -32.01 37.79
N LEU T 205 -57.02 -33.30 37.74
CA LEU T 205 -58.34 -33.76 38.14
C LEU T 205 -58.65 -33.47 39.60
N MET T 206 -57.75 -33.83 40.51
CA MET T 206 -57.98 -33.59 41.93
C MET T 206 -58.20 -32.12 42.26
N SER T 207 -57.59 -31.21 41.52
CA SER T 207 -57.75 -29.76 41.74
C SER T 207 -59.14 -29.22 41.44
N ALA T 208 -59.99 -29.96 40.73
CA ALA T 208 -61.35 -29.49 40.40
C ALA T 208 -62.36 -29.63 41.53
N ILE T 209 -62.14 -30.57 42.44
CA ILE T 209 -63.08 -30.84 43.54
C ILE T 209 -63.34 -29.59 44.39
N MET T 210 -62.30 -28.87 44.75
CA MET T 210 -62.43 -27.69 45.60
C MET T 210 -63.33 -26.60 45.03
N PRO T 211 -63.14 -26.13 43.80
CA PRO T 211 -64.05 -25.10 43.28
C PRO T 211 -65.48 -25.61 43.14
N VAL T 212 -65.67 -26.82 42.64
CA VAL T 212 -67.02 -27.37 42.49
C VAL T 212 -67.72 -27.42 43.85
N THR T 213 -67.00 -27.82 44.89
CA THR T 213 -67.55 -27.93 46.24
C THR T 213 -68.05 -26.60 46.78
N VAL T 214 -67.20 -25.58 46.82
CA VAL T 214 -67.64 -24.30 47.37
C VAL T 214 -68.65 -23.63 46.44
N ALA T 215 -68.60 -23.94 45.15
CA ALA T 215 -69.56 -23.36 44.22
C ALA T 215 -70.98 -23.75 44.61
N ALA T 216 -71.16 -24.99 45.07
CA ALA T 216 -72.46 -25.48 45.51
C ALA T 216 -72.82 -24.91 46.89
N ALA T 217 -71.93 -25.05 47.86
CA ALA T 217 -72.17 -24.58 49.22
C ALA T 217 -72.46 -23.08 49.29
N ALA T 218 -71.94 -22.30 48.36
CA ALA T 218 -72.17 -20.86 48.34
C ALA T 218 -73.54 -20.45 47.80
N ALA T 219 -74.25 -21.36 47.14
CA ALA T 219 -75.54 -21.02 46.53
C ALA T 219 -76.66 -20.62 47.49
N PRO T 220 -76.85 -21.24 48.65
CA PRO T 220 -77.96 -20.83 49.52
C PRO T 220 -77.82 -19.41 50.07
N PRO T 221 -78.83 -18.57 49.79
CA PRO T 221 -78.82 -17.16 50.21
C PRO T 221 -78.88 -16.99 51.72
N GLY T 222 -78.72 -15.73 52.13
CA GLY T 222 -78.70 -15.34 53.53
C GLY T 222 -77.37 -15.59 54.18
N PRO T 223 -77.22 -15.15 55.44
CA PRO T 223 -75.96 -15.37 56.14
C PRO T 223 -75.55 -16.84 56.13
N VAL T 224 -74.25 -17.05 55.93
CA VAL T 224 -73.65 -18.38 55.83
C VAL T 224 -73.69 -19.14 57.16
N GLY T 225 -73.90 -20.45 57.08
CA GLY T 225 -73.95 -21.26 58.30
C GLY T 225 -74.32 -22.71 58.05
N SER T 226 -74.98 -23.30 59.06
CA SER T 226 -75.42 -24.69 59.00
C SER T 226 -76.11 -25.12 57.72
N PRO T 227 -77.02 -24.34 57.12
CA PRO T 227 -77.65 -24.79 55.87
C PRO T 227 -76.68 -24.92 54.72
N GLN T 228 -75.72 -24.00 54.61
CA GLN T 228 -74.72 -24.08 53.55
C GLN T 228 -73.74 -25.23 53.79
N ALA T 229 -73.37 -25.47 55.04
CA ALA T 229 -72.46 -26.56 55.39
C ALA T 229 -72.96 -27.91 54.88
N VAL T 230 -74.26 -28.16 54.98
CA VAL T 230 -74.86 -29.42 54.55
C VAL T 230 -74.59 -29.68 53.08
N LEU T 231 -74.70 -28.66 52.24
CA LEU T 231 -74.45 -28.84 50.81
C LEU T 231 -72.97 -29.14 50.54
N GLY T 232 -72.07 -28.32 51.06
CA GLY T 232 -70.65 -28.48 50.84
C GLY T 232 -70.08 -29.86 51.11
N PHE T 233 -70.15 -30.32 52.35
CA PHE T 233 -69.61 -31.62 52.74
C PHE T 233 -70.32 -32.77 52.04
N GLY T 234 -71.57 -32.57 51.61
CA GLY T 234 -72.30 -33.60 50.90
C GLY T 234 -71.72 -33.78 49.50
N VAL T 235 -71.73 -32.73 48.69
CA VAL T 235 -71.21 -32.81 47.34
C VAL T 235 -69.74 -33.21 47.37
N LEU T 236 -69.01 -32.76 48.39
CA LEU T 236 -67.61 -33.13 48.54
C LEU T 236 -67.45 -34.64 48.66
N THR T 237 -68.28 -35.27 49.49
CA THR T 237 -68.23 -36.71 49.68
C THR T 237 -68.51 -37.43 48.35
N VAL T 238 -69.53 -36.97 47.64
CA VAL T 238 -69.93 -37.55 46.35
C VAL T 238 -68.81 -37.40 45.34
N ALA T 239 -68.24 -36.21 45.26
CA ALA T 239 -67.18 -35.93 44.30
C ALA T 239 -66.00 -36.87 44.53
N ALA T 240 -65.55 -36.96 45.78
CA ALA T 240 -64.42 -37.84 46.07
C ALA T 240 -64.78 -39.29 45.74
N ALA T 241 -65.97 -39.72 46.11
CA ALA T 241 -66.40 -41.08 45.80
C ALA T 241 -66.46 -41.31 44.29
N LEU T 242 -66.97 -40.33 43.54
CA LEU T 242 -67.04 -40.46 42.09
C LEU T 242 -65.66 -40.62 41.46
N ALA T 243 -64.71 -39.76 41.85
CA ALA T 243 -63.35 -39.85 41.30
C ALA T 243 -62.69 -41.18 41.64
N LEU T 244 -62.85 -41.63 42.88
CA LEU T 244 -62.28 -42.90 43.31
C LEU T 244 -62.86 -44.06 42.52
N ARG T 245 -64.16 -44.04 42.30
CA ARG T 245 -64.84 -45.10 41.54
C ARG T 245 -64.34 -45.17 40.10
N PHE T 246 -64.37 -44.04 39.38
CA PHE T 246 -63.97 -44.06 37.98
C PHE T 246 -62.45 -44.10 37.75
N THR T 247 -61.64 -43.57 38.67
CA THR T 247 -60.18 -43.58 38.46
C THR T 247 -59.47 -44.80 39.04
N GLY T 248 -59.81 -45.22 40.26
CA GLY T 248 -59.14 -46.36 40.85
C GLY T 248 -57.68 -46.14 41.20
N ARG T 249 -57.25 -44.88 41.34
CA ARG T 249 -55.87 -44.52 41.62
C ARG T 249 -55.85 -43.41 42.67
N ARG T 250 -54.72 -43.29 43.39
CA ARG T 250 -54.60 -42.30 44.48
C ARG T 250 -55.55 -42.57 45.64
N LEU T 251 -55.70 -43.85 45.97
CA LEU T 251 -56.62 -44.36 47.00
C LEU T 251 -56.51 -43.66 48.35
N GLY T 252 -55.30 -43.53 48.88
CA GLY T 252 -55.09 -42.96 50.21
C GLY T 252 -55.72 -41.61 50.48
N ILE T 253 -55.50 -40.65 49.60
CA ILE T 253 -56.04 -39.31 49.80
C ILE T 253 -57.56 -39.25 49.61
N TYR T 254 -58.08 -39.86 48.55
CA TYR T 254 -59.52 -39.83 48.32
C TYR T 254 -60.27 -40.48 49.48
N THR T 255 -59.75 -41.58 50.02
CA THR T 255 -60.38 -42.26 51.15
C THR T 255 -60.57 -41.29 52.32
N THR T 256 -59.56 -40.50 52.61
CA THR T 256 -59.56 -39.52 53.69
C THR T 256 -60.63 -38.44 53.48
N ILE T 257 -60.74 -37.90 52.27
CA ILE T 257 -61.72 -36.86 51.99
C ILE T 257 -63.13 -37.39 52.19
N VAL T 258 -63.40 -38.62 51.78
CA VAL T 258 -64.72 -39.22 51.94
C VAL T 258 -65.07 -39.37 53.42
N ILE T 259 -64.13 -39.89 54.22
CA ILE T 259 -64.37 -40.08 55.66
C ILE T 259 -64.69 -38.75 56.35
N ILE T 260 -63.82 -37.76 56.23
CA ILE T 260 -64.04 -36.47 56.89
C ILE T 260 -65.28 -35.77 56.33
N GLY T 261 -65.59 -35.97 55.05
CA GLY T 261 -66.78 -35.35 54.48
C GLY T 261 -68.06 -35.97 55.03
N ALA T 262 -68.09 -37.30 55.10
CA ALA T 262 -69.24 -38.06 55.60
C ALA T 262 -69.57 -37.69 57.04
N LEU T 263 -68.61 -37.84 57.95
CA LEU T 263 -68.84 -37.51 59.36
C LEU T 263 -69.23 -36.04 59.54
N THR T 264 -68.63 -35.13 58.78
CA THR T 264 -68.97 -33.71 58.92
C THR T 264 -70.40 -33.42 58.45
N MET T 265 -70.86 -34.08 57.39
CA MET T 265 -72.21 -33.88 56.90
C MET T 265 -73.25 -34.29 57.94
N LEU T 266 -72.99 -35.38 58.67
CA LEU T 266 -73.90 -35.82 59.74
C LEU T 266 -74.04 -34.72 60.79
N ALA T 267 -72.90 -34.18 61.23
CA ALA T 267 -72.91 -33.10 62.22
C ALA T 267 -73.62 -31.87 61.66
N ALA T 268 -73.34 -31.52 60.41
CA ALA T 268 -73.99 -30.38 59.77
C ALA T 268 -75.49 -30.55 59.70
N LEU T 269 -75.96 -31.72 59.26
CA LEU T 269 -77.40 -31.97 59.17
C LEU T 269 -78.08 -31.88 60.54
N ALA T 270 -77.50 -32.51 61.55
CA ALA T 270 -78.07 -32.44 62.90
C ALA T 270 -78.12 -31.00 63.40
N ARG T 271 -77.00 -30.30 63.31
CA ARG T 271 -76.92 -28.91 63.75
C ARG T 271 -77.89 -28.04 62.97
N MET T 272 -78.07 -28.36 61.68
CA MET T 272 -79.00 -27.62 60.83
C MET T 272 -80.44 -27.87 61.25
N VAL T 273 -80.82 -29.12 61.50
CA VAL T 273 -82.19 -29.43 61.89
C VAL T 273 -82.46 -29.00 63.34
N ALA T 274 -81.77 -29.60 64.30
CA ALA T 274 -82.00 -29.23 65.70
C ALA T 274 -80.92 -29.84 66.59
N ALA T 275 -80.28 -29.02 67.41
CA ALA T 275 -79.25 -29.51 68.32
C ALA T 275 -79.21 -28.67 69.59
N THR T 276 -79.29 -29.35 70.73
CA THR T 276 -79.28 -28.67 72.02
C THR T 276 -77.92 -28.03 72.30
N SER T 277 -76.83 -28.70 71.96
CA SER T 277 -75.52 -28.12 72.17
C SER T 277 -74.48 -28.80 71.29
N ALA T 278 -73.41 -28.06 71.01
CA ALA T 278 -72.28 -28.58 70.24
C ALA T 278 -71.54 -29.68 70.98
N VAL T 279 -71.46 -29.56 72.30
CA VAL T 279 -70.79 -30.56 73.14
C VAL T 279 -71.39 -31.94 72.88
N THR T 280 -72.71 -32.00 72.74
CA THR T 280 -73.42 -33.26 72.49
C THR T 280 -72.97 -33.86 71.16
N LEU T 281 -72.93 -33.05 70.12
CA LEU T 281 -72.52 -33.51 68.79
C LEU T 281 -71.05 -33.92 68.78
N LEU T 282 -70.20 -33.07 69.35
CA LEU T 282 -68.76 -33.34 69.42
C LEU T 282 -68.49 -34.62 70.21
N SER T 283 -69.21 -34.84 71.31
CA SER T 283 -69.05 -36.04 72.12
C SER T 283 -69.45 -37.29 71.33
N SER T 284 -70.53 -37.19 70.55
CA SER T 284 -70.99 -38.30 69.73
C SER T 284 -69.94 -38.67 68.69
N LEU T 285 -69.41 -37.66 68.00
CA LEU T 285 -68.37 -37.88 67.00
C LEU T 285 -67.13 -38.52 67.61
N LEU T 286 -66.71 -38.05 68.78
CA LEU T 286 -65.54 -38.60 69.46
C LEU T 286 -65.73 -40.09 69.72
N LEU T 287 -66.89 -40.49 70.21
CA LEU T 287 -67.17 -41.89 70.46
C LEU T 287 -67.16 -42.70 69.17
N ILE T 288 -67.72 -42.15 68.10
CA ILE T 288 -67.74 -42.83 66.81
C ILE T 288 -66.31 -43.07 66.33
N CYS T 289 -65.46 -42.06 66.46
CA CYS T 289 -64.04 -42.15 66.06
C CYS T 289 -63.29 -43.14 66.94
N VAL T 290 -63.55 -43.10 68.25
CA VAL T 290 -62.90 -44.00 69.21
C VAL T 290 -63.15 -45.47 68.83
N VAL T 291 -64.38 -45.82 68.50
CA VAL T 291 -64.68 -47.20 68.13
C VAL T 291 -64.18 -47.52 66.72
N ALA T 292 -64.13 -46.54 65.83
CA ALA T 292 -63.70 -46.79 64.45
C ALA T 292 -62.27 -47.31 64.37
N TYR T 293 -61.39 -46.89 65.29
CA TYR T 293 -60.01 -47.36 65.27
C TYR T 293 -59.93 -48.88 65.36
N HIS T 294 -60.78 -49.49 66.17
CA HIS T 294 -60.76 -50.95 66.27
C HIS T 294 -61.29 -51.63 65.00
N ALA T 295 -62.25 -51.01 64.33
CA ALA T 295 -62.85 -51.57 63.12
C ALA T 295 -62.02 -51.33 61.86
N ALA T 296 -61.18 -50.30 61.84
CA ALA T 296 -60.36 -49.95 60.69
C ALA T 296 -59.67 -51.13 59.99
N PRO T 297 -58.93 -51.99 60.68
CA PRO T 297 -58.26 -53.09 59.96
C PRO T 297 -59.23 -54.03 59.29
N ALA T 298 -60.37 -54.30 59.90
CA ALA T 298 -61.35 -55.18 59.26
C ALA T 298 -61.92 -54.48 58.04
N LEU T 299 -62.32 -53.22 58.19
CA LEU T 299 -62.85 -52.47 57.06
C LEU T 299 -61.88 -52.48 55.90
N SER T 300 -60.63 -52.10 56.16
CA SER T 300 -59.60 -52.06 55.13
C SER T 300 -59.38 -53.39 54.43
N ARG T 301 -59.28 -54.49 55.18
CA ARG T 301 -59.08 -55.77 54.51
C ARG T 301 -60.24 -56.15 53.61
N ARG T 302 -61.48 -55.94 54.06
CA ARG T 302 -62.63 -56.27 53.23
C ARG T 302 -62.89 -55.27 52.10
N LEU T 303 -62.45 -54.02 52.23
CA LEU T 303 -62.70 -53.08 51.15
C LEU T 303 -61.97 -53.46 49.88
N ALA T 304 -60.86 -54.16 49.98
CA ALA T 304 -60.12 -54.54 48.78
C ALA T 304 -60.94 -55.51 47.95
N SER T 344 -49.25 -66.56 36.92
CA SER T 344 -49.75 -65.30 36.39
C SER T 344 -50.75 -64.68 37.37
N SER T 345 -51.31 -65.55 38.20
CA SER T 345 -52.27 -65.15 39.23
C SER T 345 -51.66 -64.24 40.29
N VAL T 346 -50.35 -64.31 40.47
CA VAL T 346 -49.62 -63.53 41.46
C VAL T 346 -49.88 -62.03 41.31
N ARG T 347 -50.04 -61.55 40.08
CA ARG T 347 -50.28 -60.14 39.82
C ARG T 347 -51.50 -59.65 40.61
N ASP T 348 -52.60 -60.39 40.55
CA ASP T 348 -53.82 -60.03 41.26
C ASP T 348 -53.58 -59.96 42.77
N VAL T 349 -52.84 -60.92 43.33
CA VAL T 349 -52.57 -60.95 44.77
C VAL T 349 -51.73 -59.75 45.20
N LEU T 350 -50.65 -59.45 44.48
CA LEU T 350 -49.80 -58.31 44.83
C LEU T 350 -50.55 -56.99 44.70
N LEU T 351 -51.37 -56.86 43.65
CA LEU T 351 -52.19 -55.66 43.47
C LEU T 351 -53.17 -55.53 44.64
N GLN T 352 -53.81 -56.64 44.99
CA GLN T 352 -54.74 -56.67 46.11
C GLN T 352 -54.06 -56.26 47.41
N ALA T 353 -52.86 -56.79 47.65
CA ALA T 353 -52.13 -56.48 48.87
C ALA T 353 -51.82 -55.00 49.03
N GLU T 354 -51.27 -54.35 48.01
CA GLU T 354 -50.95 -52.92 48.17
C GLU T 354 -52.21 -52.07 48.27
N ARG T 355 -53.28 -52.44 47.60
CA ARG T 355 -54.52 -51.67 47.67
C ARG T 355 -55.04 -51.67 49.10
N ALA T 356 -55.00 -52.82 49.76
CA ALA T 356 -55.45 -52.95 51.15
C ALA T 356 -54.59 -52.10 52.10
N ARG T 357 -53.29 -52.25 52.01
CA ARG T 357 -52.35 -51.49 52.83
C ARG T 357 -52.58 -50.00 52.63
N SER T 358 -52.90 -49.61 51.42
CA SER T 358 -53.20 -48.22 51.10
C SER T 358 -54.46 -47.76 51.82
N PHE T 359 -55.52 -48.55 51.77
CA PHE T 359 -56.78 -48.17 52.41
C PHE T 359 -56.63 -47.97 53.92
N LEU T 360 -55.93 -48.87 54.62
CA LEU T 360 -55.78 -48.71 56.07
C LEU T 360 -55.08 -47.39 56.41
N SER T 361 -54.01 -47.07 55.70
CA SER T 361 -53.23 -45.85 55.98
C SER T 361 -54.10 -44.61 55.85
N GLY T 362 -54.88 -44.55 54.77
CA GLY T 362 -55.78 -43.43 54.56
C GLY T 362 -56.89 -43.43 55.60
N LEU T 363 -57.41 -44.61 55.92
CA LEU T 363 -58.47 -44.74 56.90
C LEU T 363 -58.02 -44.21 58.26
N LEU T 364 -56.83 -44.61 58.69
CA LEU T 364 -56.28 -44.12 59.97
C LEU T 364 -56.14 -42.60 59.95
N THR T 365 -55.67 -42.06 58.84
CA THR T 365 -55.47 -40.62 58.70
C THR T 365 -56.79 -39.84 58.83
N GLY T 366 -57.86 -40.32 58.21
CA GLY T 366 -59.14 -39.64 58.32
C GLY T 366 -59.63 -39.54 59.76
N LEU T 367 -59.48 -40.61 60.52
CA LEU T 367 -59.89 -40.65 61.93
C LEU T 367 -59.02 -39.73 62.78
N GLY T 368 -57.72 -39.71 62.55
CA GLY T 368 -56.81 -38.86 63.29
C GLY T 368 -57.17 -37.38 63.21
N VAL T 369 -57.55 -36.91 62.04
CA VAL T 369 -57.95 -35.51 61.81
C VAL T 369 -59.19 -35.12 62.62
N MET T 370 -60.21 -35.98 62.66
CA MET T 370 -61.44 -35.66 63.37
C MET T 370 -61.26 -35.56 64.89
N VAL T 371 -60.55 -36.49 65.51
CA VAL T 371 -60.39 -36.49 66.98
C VAL T 371 -59.69 -35.25 67.50
N VAL T 372 -58.60 -34.82 66.87
CA VAL T 372 -57.90 -33.63 67.37
C VAL T 372 -58.78 -32.39 67.29
N VAL T 373 -59.59 -32.27 66.24
CA VAL T 373 -60.48 -31.12 66.13
C VAL T 373 -61.55 -31.14 67.22
N CYS T 374 -62.14 -32.30 67.48
CA CYS T 374 -63.17 -32.45 68.51
C CYS T 374 -62.59 -32.33 69.91
N MET T 375 -61.54 -33.10 70.21
CA MET T 375 -60.89 -33.11 71.53
C MET T 375 -60.47 -31.72 71.99
N THR T 376 -59.75 -30.96 71.16
CA THR T 376 -59.31 -29.62 71.54
C THR T 376 -60.48 -28.67 71.75
N SER T 377 -61.60 -28.91 71.07
CA SER T 377 -62.80 -28.10 71.24
C SER T 377 -63.52 -28.45 72.54
N LEU T 378 -63.52 -29.72 72.93
CA LEU T 378 -64.19 -30.14 74.15
C LEU T 378 -63.47 -29.72 75.44
N CYS T 379 -62.13 -29.79 75.49
CA CYS T 379 -61.46 -29.42 76.75
C CYS T 379 -61.33 -27.91 77.01
N ASP T 380 -62.47 -27.22 77.09
CA ASP T 380 -62.51 -25.79 77.35
C ASP T 380 -61.92 -25.43 78.72
N PRO T 381 -61.03 -24.44 78.81
CA PRO T 381 -60.39 -24.08 80.08
C PRO T 381 -61.26 -23.31 81.06
N HIS T 382 -62.51 -22.98 80.74
CA HIS T 382 -63.40 -22.23 81.61
C HIS T 382 -64.70 -22.94 81.94
N THR T 383 -65.19 -23.79 81.05
CA THR T 383 -66.46 -24.46 81.20
C THR T 383 -66.42 -25.56 82.26
N GLY T 384 -67.28 -25.42 83.27
CA GLY T 384 -67.44 -26.39 84.34
C GLY T 384 -66.24 -27.06 84.97
N GLN T 385 -66.33 -28.38 85.12
CA GLN T 385 -65.25 -29.18 85.70
C GLN T 385 -64.10 -29.34 84.72
N ARG T 386 -63.37 -28.23 84.59
CA ARG T 386 -62.22 -28.06 83.68
C ARG T 386 -61.23 -29.22 83.71
N TRP T 387 -61.06 -29.86 84.87
CA TRP T 387 -60.14 -30.99 85.02
C TRP T 387 -60.66 -32.29 84.40
N LEU T 388 -61.97 -32.46 84.31
CA LEU T 388 -62.56 -33.70 83.77
C LEU T 388 -62.17 -33.96 82.32
N PRO T 389 -62.40 -33.04 81.38
CA PRO T 389 -61.98 -33.28 79.99
C PRO T 389 -60.47 -33.35 79.79
N LEU T 390 -59.69 -32.66 80.62
CA LEU T 390 -58.23 -32.70 80.53
C LEU T 390 -57.69 -34.12 80.78
N ILE T 391 -58.15 -34.76 81.85
CA ILE T 391 -57.72 -36.14 82.17
C ILE T 391 -58.32 -37.13 81.18
N LEU T 392 -59.54 -36.90 80.72
CA LEU T 392 -60.18 -37.75 79.71
C LEU T 392 -59.36 -37.72 78.43
N ALA T 393 -58.85 -36.55 78.06
CA ALA T 393 -57.99 -36.39 76.90
C ALA T 393 -56.71 -37.20 77.11
N GLY T 394 -56.21 -37.20 78.35
CA GLY T 394 -55.05 -38.00 78.72
C GLY T 394 -55.30 -39.48 78.51
N PHE T 395 -56.40 -40.01 79.04
CA PHE T 395 -56.76 -41.41 78.87
C PHE T 395 -56.94 -41.76 77.38
N THR T 396 -57.58 -40.89 76.62
CA THR T 396 -57.76 -41.10 75.18
C THR T 396 -56.40 -41.11 74.46
N SER T 397 -55.51 -40.20 74.84
CA SER T 397 -54.17 -40.13 74.25
C SER T 397 -53.32 -41.35 74.62
N GLY T 398 -53.41 -41.81 75.87
CA GLY T 398 -52.69 -43.01 76.29
C GLY T 398 -53.06 -44.23 75.48
N PHE T 399 -54.34 -44.41 75.19
CA PHE T 399 -54.83 -45.51 74.37
C PHE T 399 -54.17 -45.50 72.98
N LEU T 400 -54.20 -44.36 72.30
CA LEU T 400 -53.59 -44.24 70.97
C LEU T 400 -52.07 -44.45 71.06
N LEU T 401 -51.43 -43.88 72.08
CA LEU T 401 -49.98 -44.02 72.24
C LEU T 401 -49.57 -45.49 72.39
N LEU T 402 -50.36 -46.27 73.11
CA LEU T 402 -50.08 -47.69 73.28
C LEU T 402 -50.45 -48.51 72.05
N ARG T 403 -51.62 -48.23 71.46
CA ARG T 403 -52.13 -48.95 70.29
C ARG T 403 -51.22 -48.87 69.04
N GLY T 404 -50.36 -47.86 68.93
CA GLY T 404 -49.48 -47.75 67.77
C GLY T 404 -48.62 -48.97 67.45
N ARG T 405 -48.26 -49.75 68.46
CA ARG T 405 -47.44 -50.96 68.28
C ARG T 405 -48.18 -52.10 67.58
N SER T 406 -49.50 -52.07 67.55
CA SER T 406 -50.30 -53.14 66.93
C SER T 406 -50.19 -53.16 65.41
N TYR T 407 -49.60 -52.15 64.79
CA TYR T 407 -49.45 -52.09 63.34
C TYR T 407 -47.97 -52.10 62.95
N VAL T 408 -47.65 -52.96 61.98
CA VAL T 408 -46.30 -53.19 61.47
C VAL T 408 -45.78 -52.05 60.59
N ASP T 409 -46.66 -51.38 59.86
CA ASP T 409 -46.20 -50.33 58.94
C ASP T 409 -45.58 -49.12 59.62
N ARG T 410 -44.47 -48.69 59.02
CA ARG T 410 -43.68 -47.54 59.50
C ARG T 410 -44.51 -46.27 59.57
N TRP T 411 -45.13 -45.89 58.46
CA TRP T 411 -45.92 -44.65 58.41
C TRP T 411 -47.19 -44.76 59.25
N GLN T 412 -47.83 -45.92 59.27
CA GLN T 412 -49.03 -46.14 60.07
C GLN T 412 -48.73 -45.97 61.56
N SER T 413 -47.66 -46.58 62.03
CA SER T 413 -47.26 -46.47 63.43
C SER T 413 -46.87 -45.04 63.79
N ILE T 414 -46.17 -44.35 62.90
CA ILE T 414 -45.77 -42.97 63.14
C ILE T 414 -46.97 -42.05 63.24
N THR T 415 -47.95 -42.17 62.35
CA THR T 415 -49.12 -41.28 62.41
C THR T 415 -49.89 -41.46 63.71
N LEU T 416 -50.05 -42.70 64.15
CA LEU T 416 -50.77 -42.96 65.40
C LEU T 416 -50.01 -42.34 66.58
N ALA T 417 -48.73 -42.63 66.69
CA ALA T 417 -47.93 -42.06 67.78
C ALA T 417 -48.02 -40.54 67.75
N GLY T 418 -47.89 -39.97 66.57
CA GLY T 418 -47.97 -38.53 66.42
C GLY T 418 -49.34 -37.97 66.75
N THR T 419 -50.40 -38.72 66.47
CA THR T 419 -51.76 -38.27 66.77
C THR T 419 -51.92 -37.98 68.26
N ALA T 420 -51.32 -38.81 69.09
CA ALA T 420 -51.37 -38.59 70.54
C ALA T 420 -50.56 -37.35 70.93
N VAL T 421 -49.35 -37.24 70.42
CA VAL T 421 -48.45 -36.13 70.73
C VAL T 421 -49.08 -34.81 70.31
N ILE T 422 -49.63 -34.74 69.10
CA ILE T 422 -50.25 -33.51 68.62
C ILE T 422 -51.44 -33.10 69.49
N ILE T 423 -52.24 -34.05 69.95
CA ILE T 423 -53.37 -33.71 70.82
C ILE T 423 -52.88 -33.08 72.12
N ALA T 424 -51.92 -33.72 72.78
CA ALA T 424 -51.39 -33.20 74.03
C ALA T 424 -50.82 -31.79 73.85
N ALA T 425 -50.01 -31.60 72.82
CA ALA T 425 -49.40 -30.30 72.54
C ALA T 425 -50.45 -29.25 72.20
N ALA T 426 -51.40 -29.60 71.34
CA ALA T 426 -52.43 -28.65 70.97
C ALA T 426 -53.24 -28.25 72.21
N VAL T 427 -53.63 -29.23 73.01
CA VAL T 427 -54.38 -28.96 74.23
C VAL T 427 -53.55 -28.08 75.17
N CYS T 428 -52.28 -28.43 75.35
CA CYS T 428 -51.40 -27.66 76.22
C CYS T 428 -51.26 -26.21 75.76
N VAL T 429 -51.07 -25.98 74.47
CA VAL T 429 -50.94 -24.61 73.94
C VAL T 429 -52.19 -23.77 74.19
N ARG T 430 -53.38 -24.35 74.04
CA ARG T 430 -54.61 -23.58 74.28
C ARG T 430 -54.66 -22.99 75.68
N TYR T 431 -54.18 -23.70 76.69
CA TYR T 431 -54.15 -23.20 78.06
C TYR T 431 -53.16 -22.06 78.26
N ALA T 432 -52.28 -21.82 77.30
CA ALA T 432 -51.38 -20.68 77.36
C ALA T 432 -52.09 -19.45 76.79
N LEU T 433 -52.85 -19.65 75.72
CA LEU T 433 -53.58 -18.56 75.07
C LEU T 433 -54.72 -18.06 75.97
N GLU T 434 -55.65 -18.93 76.33
CA GLU T 434 -56.77 -18.58 77.19
C GLU T 434 -56.40 -18.78 78.66
N LEU T 435 -57.01 -17.95 79.52
CA LEU T 435 -56.71 -17.96 80.95
C LEU T 435 -55.21 -17.70 81.15
N SER T 436 -54.71 -16.77 80.34
CA SER T 436 -53.31 -16.38 80.24
C SER T 436 -52.78 -15.67 81.48
N SER T 437 -51.56 -16.04 81.86
CA SER T 437 -50.83 -15.48 82.99
C SER T 437 -49.41 -16.03 82.96
N PRO T 438 -48.46 -15.37 83.64
CA PRO T 438 -47.08 -15.84 83.63
C PRO T 438 -46.94 -17.29 84.07
N LEU T 439 -47.73 -17.72 85.05
CA LEU T 439 -47.66 -19.10 85.52
C LEU T 439 -48.07 -20.06 84.40
N ALA T 440 -49.16 -19.75 83.71
CA ALA T 440 -49.67 -20.60 82.64
C ALA T 440 -48.65 -20.82 81.53
N VAL T 441 -48.11 -19.75 80.95
CA VAL T 441 -47.13 -19.89 79.88
C VAL T 441 -45.86 -20.58 80.38
N SER T 442 -45.40 -20.23 81.58
CA SER T 442 -44.20 -20.86 82.14
C SER T 442 -44.38 -22.38 82.26
N ILE T 443 -45.53 -22.79 82.78
CA ILE T 443 -45.85 -24.21 82.97
C ILE T 443 -46.00 -24.90 81.62
N VAL T 444 -46.71 -24.27 80.68
CA VAL T 444 -46.90 -24.85 79.35
C VAL T 444 -45.55 -25.09 78.70
N ALA T 445 -44.64 -24.13 78.82
CA ALA T 445 -43.30 -24.28 78.25
C ALA T 445 -42.56 -25.47 78.87
N ALA T 446 -42.52 -25.55 80.20
CA ALA T 446 -41.81 -26.65 80.87
C ALA T 446 -42.37 -28.01 80.49
N ILE T 447 -43.68 -28.14 80.49
CA ILE T 447 -44.33 -29.39 80.12
C ILE T 447 -43.97 -29.80 78.70
N LEU T 448 -44.16 -28.89 77.75
CA LEU T 448 -43.92 -29.19 76.35
C LEU T 448 -42.46 -29.52 76.04
N VAL T 449 -41.51 -28.91 76.74
CA VAL T 449 -40.10 -29.22 76.48
C VAL T 449 -39.68 -30.55 77.11
N LEU T 450 -40.21 -30.87 78.29
CA LEU T 450 -39.87 -32.14 78.94
C LEU T 450 -40.58 -33.33 78.30
N LEU T 451 -41.84 -33.16 77.95
CA LEU T 451 -42.71 -34.18 77.35
C LEU T 451 -41.99 -35.07 76.34
N PRO T 452 -41.49 -34.51 75.24
CA PRO T 452 -40.82 -35.34 74.23
C PRO T 452 -39.47 -35.84 74.71
N ALA T 453 -38.80 -35.11 75.59
CA ALA T 453 -37.50 -35.53 76.10
C ALA T 453 -37.64 -36.86 76.83
N ALA T 454 -38.67 -36.99 77.65
CA ALA T 454 -38.96 -38.24 78.35
C ALA T 454 -39.27 -39.38 77.36
N GLY T 455 -40.08 -39.10 76.34
CA GLY T 455 -40.40 -40.14 75.36
C GLY T 455 -39.17 -40.63 74.57
N MET T 456 -38.33 -39.71 74.12
CA MET T 456 -37.11 -40.10 73.39
C MET T 456 -36.19 -40.96 74.26
N ALA T 457 -35.99 -40.56 75.51
CA ALA T 457 -35.16 -41.35 76.41
C ALA T 457 -35.76 -42.73 76.63
N ALA T 458 -37.07 -42.81 76.87
CA ALA T 458 -37.73 -44.09 77.09
C ALA T 458 -37.64 -45.00 75.87
N ALA T 459 -37.62 -44.44 74.66
CA ALA T 459 -37.51 -45.23 73.43
C ALA T 459 -36.05 -45.60 73.11
N ALA T 460 -35.11 -44.69 73.32
CA ALA T 460 -33.72 -45.01 73.01
C ALA T 460 -33.11 -45.95 74.04
N HIS T 461 -33.48 -45.81 75.32
CA HIS T 461 -32.93 -46.69 76.33
C HIS T 461 -33.57 -48.07 76.22
N GLN U 19 -42.79 -92.15 -25.03
CA GLN U 19 -43.32 -90.81 -25.18
C GLN U 19 -44.63 -90.68 -24.41
N ALA U 20 -44.82 -89.53 -23.77
CA ALA U 20 -46.01 -89.27 -22.98
C ALA U 20 -46.13 -87.77 -22.76
N VAL U 21 -47.25 -87.36 -22.18
CA VAL U 21 -47.48 -85.96 -21.85
C VAL U 21 -48.25 -85.86 -20.54
N VAL U 22 -48.06 -84.76 -19.83
CA VAL U 22 -48.70 -84.48 -18.55
C VAL U 22 -49.43 -83.15 -18.65
N VAL U 23 -50.70 -83.14 -18.24
CA VAL U 23 -51.55 -81.95 -18.35
C VAL U 23 -52.42 -81.81 -17.09
N GLY U 24 -52.82 -80.57 -16.85
CA GLY U 24 -53.71 -80.21 -15.76
C GLY U 24 -55.13 -80.36 -16.25
N VAL U 25 -55.84 -81.36 -15.77
CA VAL U 25 -57.22 -81.60 -16.16
C VAL U 25 -58.17 -80.96 -15.14
N MET U 26 -58.96 -80.02 -15.62
CA MET U 26 -59.96 -79.32 -14.83
C MET U 26 -61.20 -80.18 -14.72
N ALA U 27 -61.83 -80.18 -13.55
CA ALA U 27 -63.04 -80.97 -13.33
C ALA U 27 -64.12 -80.15 -12.63
N GLY U 28 -65.06 -80.83 -11.98
CA GLY U 28 -66.17 -80.19 -11.31
C GLY U 28 -65.88 -78.94 -10.50
N GLU U 29 -66.69 -77.92 -10.72
CA GLU U 29 -66.58 -76.61 -10.08
C GLU U 29 -65.21 -75.97 -10.30
N GLY U 30 -64.45 -76.46 -11.27
CA GLY U 30 -63.14 -75.94 -11.61
C GLY U 30 -61.95 -76.50 -10.85
N VAL U 31 -62.10 -77.64 -10.16
CA VAL U 31 -61.00 -78.22 -9.39
C VAL U 31 -59.90 -78.71 -10.32
N GLN U 32 -58.65 -78.32 -10.04
CA GLN U 32 -57.50 -78.73 -10.83
C GLN U 32 -56.97 -80.11 -10.45
N ILE U 33 -56.81 -80.99 -11.45
CA ILE U 33 -56.23 -82.33 -11.25
C ILE U 33 -55.13 -82.55 -12.30
N GLY U 34 -54.08 -83.26 -11.89
CA GLY U 34 -52.95 -83.56 -12.77
C GLY U 34 -52.95 -85.01 -13.23
N VAL U 35 -52.73 -85.21 -14.54
CA VAL U 35 -52.76 -86.54 -15.15
C VAL U 35 -51.72 -86.71 -16.25
N LEU U 36 -51.29 -87.96 -16.45
CA LEU U 36 -50.32 -88.37 -17.45
C LEU U 36 -51.02 -89.16 -18.57
N LEU U 37 -50.77 -88.76 -19.83
CA LEU U 37 -51.39 -89.39 -21.00
C LEU U 37 -50.34 -89.75 -22.05
N ASP U 38 -50.71 -90.69 -22.93
CA ASP U 38 -49.84 -91.09 -24.04
C ASP U 38 -49.73 -89.97 -25.06
N ALA U 39 -48.60 -89.98 -25.81
CA ALA U 39 -48.37 -88.98 -26.84
C ALA U 39 -49.06 -89.27 -28.17
N ASN U 40 -49.10 -90.52 -28.62
CA ASN U 40 -49.66 -90.87 -29.94
C ASN U 40 -51.06 -91.49 -29.97
N ALA U 41 -51.55 -92.09 -28.90
CA ALA U 41 -52.91 -92.64 -28.94
C ALA U 41 -53.95 -91.53 -29.10
N PRO U 42 -55.03 -91.79 -29.86
CA PRO U 42 -56.07 -90.76 -30.03
C PRO U 42 -56.92 -90.56 -28.78
N VAL U 43 -57.48 -89.36 -28.68
CA VAL U 43 -58.29 -88.96 -27.53
C VAL U 43 -59.47 -89.89 -27.28
N SER U 44 -60.12 -90.38 -28.34
CA SER U 44 -61.26 -91.28 -28.17
C SER U 44 -60.93 -92.56 -27.40
N VAL U 45 -59.73 -93.11 -27.54
CA VAL U 45 -59.37 -94.33 -26.81
C VAL U 45 -58.93 -94.07 -25.37
N MET U 46 -58.69 -92.81 -25.00
CA MET U 46 -58.24 -92.45 -23.66
C MET U 46 -59.27 -91.68 -22.83
N THR U 47 -60.26 -91.06 -23.46
CA THR U 47 -61.27 -90.27 -22.74
C THR U 47 -62.11 -91.13 -21.80
N ASP U 48 -62.22 -92.42 -22.10
CA ASP U 48 -62.98 -93.35 -21.25
C ASP U 48 -62.26 -93.62 -19.94
N PRO U 49 -61.04 -94.17 -19.93
CA PRO U 49 -60.33 -94.41 -18.66
C PRO U 49 -60.04 -93.14 -17.89
N LEU U 50 -59.79 -92.04 -18.58
CA LEU U 50 -59.54 -90.77 -17.90
C LEU U 50 -60.74 -90.35 -17.08
N LEU U 51 -61.95 -90.53 -17.61
CA LEU U 51 -63.17 -90.19 -16.88
C LEU U 51 -63.31 -91.01 -15.60
N LYS U 52 -62.93 -92.27 -15.66
CA LYS U 52 -63.01 -93.17 -14.49
C LYS U 52 -62.06 -92.74 -13.37
N VAL U 53 -60.79 -92.48 -13.68
CA VAL U 53 -59.84 -92.07 -12.65
C VAL U 53 -60.21 -90.71 -12.05
N VAL U 54 -60.73 -89.79 -12.87
CA VAL U 54 -61.14 -88.48 -12.34
C VAL U 54 -62.33 -88.61 -11.39
N ASN U 55 -63.33 -89.40 -11.75
CA ASN U 55 -64.50 -89.60 -10.87
C ASN U 55 -64.09 -90.30 -9.57
N SER U 56 -63.22 -91.29 -9.66
CA SER U 56 -62.71 -91.99 -8.48
C SER U 56 -61.98 -91.05 -7.53
N ARG U 57 -61.10 -90.21 -8.07
CA ARG U 57 -60.31 -89.27 -7.26
C ARG U 57 -61.22 -88.21 -6.62
N LEU U 58 -62.22 -87.73 -7.35
CA LEU U 58 -63.15 -86.72 -6.84
C LEU U 58 -63.88 -87.20 -5.58
N ARG U 59 -64.36 -88.45 -5.60
CA ARG U 59 -65.06 -89.02 -4.46
C ARG U 59 -64.18 -89.05 -3.21
N GLU U 60 -62.89 -89.33 -3.37
CA GLU U 60 -61.99 -89.31 -2.22
C GLU U 60 -61.83 -87.90 -1.71
N LEU U 61 -61.89 -86.93 -2.62
CA LEU U 61 -61.82 -85.52 -2.26
C LEU U 61 -63.15 -85.04 -1.69
N GLY U 62 -64.19 -85.87 -1.76
CA GLY U 62 -65.52 -85.52 -1.28
C GLY U 62 -66.34 -84.73 -2.26
N GLU U 63 -65.93 -84.68 -3.51
CA GLU U 63 -66.62 -83.95 -4.56
C GLU U 63 -67.47 -84.92 -5.37
N ALA U 64 -68.60 -84.43 -5.87
CA ALA U 64 -69.47 -85.26 -6.67
C ALA U 64 -68.83 -85.58 -8.02
N PRO U 65 -68.95 -86.82 -8.50
CA PRO U 65 -68.38 -87.20 -9.79
C PRO U 65 -69.06 -86.50 -10.96
N LEU U 66 -68.36 -86.50 -12.10
CA LEU U 66 -68.89 -85.92 -13.32
C LEU U 66 -70.14 -86.67 -13.76
N GLU U 67 -71.22 -85.94 -13.97
CA GLU U 67 -72.50 -86.50 -14.38
C GLU U 67 -73.28 -85.47 -15.18
N ALA U 68 -74.11 -85.95 -16.11
CA ALA U 68 -74.91 -85.06 -16.94
C ALA U 68 -76.14 -85.80 -17.43
N THR U 69 -77.11 -85.03 -17.93
CA THR U 69 -78.37 -85.55 -18.44
C THR U 69 -78.61 -85.10 -19.88
N GLY U 70 -79.22 -85.98 -20.66
CA GLY U 70 -79.50 -85.74 -22.07
C GLY U 70 -78.55 -86.49 -22.98
N ARG U 71 -78.93 -86.54 -24.25
CA ARG U 71 -78.12 -87.21 -25.26
C ARG U 71 -76.83 -86.45 -25.52
N GLY U 72 -75.71 -87.15 -25.53
CA GLY U 72 -74.44 -86.50 -25.76
C GLY U 72 -73.27 -87.43 -25.43
N ARG U 73 -72.11 -86.83 -25.18
CA ARG U 73 -70.91 -87.60 -24.89
C ARG U 73 -69.92 -86.77 -24.06
N TRP U 74 -68.96 -87.48 -23.48
CA TRP U 74 -67.90 -86.89 -22.68
C TRP U 74 -66.64 -86.73 -23.51
N ALA U 75 -66.01 -85.55 -23.45
CA ALA U 75 -64.80 -85.30 -24.21
C ALA U 75 -64.01 -84.16 -23.56
N LEU U 76 -62.77 -84.02 -24.01
CA LEU U 76 -61.85 -82.98 -23.56
C LEU U 76 -62.08 -81.70 -24.36
N CYS U 77 -62.01 -80.56 -23.68
CA CYS U 77 -62.24 -79.27 -24.32
C CYS U 77 -61.25 -78.23 -23.79
N LEU U 78 -61.05 -77.18 -24.60
CA LEU U 78 -60.23 -76.03 -24.29
C LEU U 78 -60.98 -75.02 -23.43
N VAL U 79 -60.25 -74.00 -22.98
CA VAL U 79 -60.82 -72.95 -22.13
C VAL U 79 -62.02 -72.25 -22.78
N ASP U 80 -62.10 -72.24 -24.10
CA ASP U 80 -63.21 -71.59 -24.77
C ASP U 80 -64.34 -72.57 -25.09
N GLY U 81 -64.21 -73.82 -24.68
CA GLY U 81 -65.20 -74.85 -24.92
C GLY U 81 -65.01 -75.67 -26.17
N ALA U 82 -64.03 -75.34 -27.01
CA ALA U 82 -63.80 -76.10 -28.23
C ALA U 82 -63.28 -77.51 -27.94
N PRO U 83 -63.94 -78.56 -28.41
CA PRO U 83 -63.47 -79.93 -28.15
C PRO U 83 -62.26 -80.30 -29.00
N LEU U 84 -61.42 -81.16 -28.42
CA LEU U 84 -60.26 -81.67 -29.14
C LEU U 84 -60.69 -82.72 -30.15
N ARG U 85 -59.81 -82.99 -31.12
CA ARG U 85 -60.12 -83.98 -32.15
C ARG U 85 -60.13 -85.38 -31.54
N ALA U 86 -61.21 -86.12 -31.78
CA ALA U 86 -61.36 -87.45 -31.19
C ALA U 86 -60.51 -88.52 -31.86
N THR U 87 -60.11 -88.31 -33.11
CA THR U 87 -59.36 -89.31 -33.88
C THR U 87 -57.89 -88.98 -34.07
N GLN U 88 -57.35 -87.94 -33.44
CA GLN U 88 -55.95 -87.61 -33.63
C GLN U 88 -55.16 -87.57 -32.32
N SER U 89 -53.88 -87.87 -32.48
CA SER U 89 -52.90 -87.91 -31.40
C SER U 89 -52.70 -86.55 -30.74
N LEU U 90 -52.37 -86.60 -29.45
CA LEU U 90 -52.00 -85.39 -28.72
C LEU U 90 -50.71 -84.82 -29.29
N THR U 91 -49.96 -85.64 -30.04
CA THR U 91 -48.76 -85.22 -30.75
C THR U 91 -49.11 -84.56 -32.06
N GLU U 92 -50.28 -84.89 -32.61
CA GLU U 92 -50.75 -84.26 -33.84
C GLU U 92 -51.31 -82.90 -33.47
N GLN U 93 -52.01 -82.85 -32.33
CA GLN U 93 -52.50 -81.62 -31.75
C GLN U 93 -51.32 -80.90 -31.08
N ASP U 94 -51.49 -79.61 -30.81
CA ASP U 94 -50.46 -78.78 -30.18
C ASP U 94 -50.57 -78.79 -28.65
N VAL U 95 -50.25 -79.94 -28.08
CA VAL U 95 -50.28 -80.18 -26.64
C VAL U 95 -48.89 -80.55 -26.15
N TYR U 96 -48.49 -79.96 -25.02
CA TYR U 96 -47.19 -80.18 -24.42
C TYR U 96 -47.34 -80.25 -22.91
N ASP U 97 -46.28 -80.72 -22.25
CA ASP U 97 -46.27 -80.84 -20.79
C ASP U 97 -46.60 -79.53 -20.11
N GLY U 98 -47.50 -79.60 -19.12
CA GLY U 98 -47.96 -78.46 -18.36
C GLY U 98 -49.19 -77.74 -18.89
N ASP U 99 -49.75 -78.18 -20.01
CA ASP U 99 -50.97 -77.58 -20.54
C ASP U 99 -52.16 -77.91 -19.65
N ARG U 100 -53.22 -77.12 -19.77
CA ARG U 100 -54.46 -77.31 -19.00
C ARG U 100 -55.63 -77.57 -19.95
N LEU U 101 -56.49 -78.52 -19.56
CA LEU U 101 -57.63 -78.93 -20.36
C LEU U 101 -58.86 -79.19 -19.48
N TRP U 102 -60.03 -79.12 -20.10
CA TRP U 102 -61.30 -79.34 -19.42
C TRP U 102 -62.01 -80.57 -19.97
N ILE U 103 -62.69 -81.29 -19.07
CA ILE U 103 -63.55 -82.42 -19.45
C ILE U 103 -64.98 -81.90 -19.40
N ARG U 104 -65.73 -82.10 -20.47
CA ARG U 104 -67.07 -81.58 -20.56
C ARG U 104 -68.01 -82.54 -21.27
N PHE U 105 -69.30 -82.39 -21.00
CA PHE U 105 -70.35 -83.19 -21.64
C PHE U 105 -70.85 -82.43 -22.86
N ILE U 106 -70.68 -83.03 -24.03
CA ILE U 106 -71.11 -82.44 -25.30
C ILE U 106 -72.49 -83.01 -25.66
N ALA U 107 -73.53 -82.24 -25.37
CA ALA U 107 -74.88 -82.64 -25.74
C ALA U 107 -75.05 -82.51 -27.26
N ASP U 108 -75.94 -83.33 -27.81
CA ASP U 108 -76.21 -83.28 -29.25
C ASP U 108 -76.67 -81.89 -29.70
N THR U 109 -77.36 -81.17 -28.84
CA THR U 109 -77.87 -79.82 -29.08
C THR U 109 -76.79 -78.74 -29.22
N GLU U 110 -75.54 -79.04 -28.86
CA GLU U 110 -74.47 -78.04 -28.93
C GLU U 110 -74.19 -77.46 -30.31
N ARG U 111 -74.12 -76.12 -30.37
CA ARG U 111 -73.78 -75.33 -31.56
C ARG U 111 -72.88 -74.17 -31.13
N ARG U 112 -71.85 -73.85 -31.92
CA ARG U 112 -70.93 -72.76 -31.60
C ARG U 112 -70.83 -71.70 -32.71
N SER U 113 -70.78 -70.42 -32.28
CA SER U 113 -70.77 -69.27 -33.18
C SER U 113 -69.61 -69.25 -34.19
N GLN U 114 -68.37 -69.42 -33.72
CA GLN U 114 -67.18 -69.46 -34.60
C GLN U 114 -67.01 -68.20 -35.49
N VAL U 115 -67.55 -67.04 -35.08
CA VAL U 115 -67.48 -65.80 -35.87
C VAL U 115 -66.62 -64.74 -35.15
N ILE U 116 -65.83 -63.98 -35.93
CA ILE U 116 -64.96 -62.91 -35.45
C ILE U 116 -65.25 -61.59 -36.16
N GLU U 117 -64.96 -60.47 -35.47
CA GLU U 117 -65.17 -59.11 -35.96
C GLU U 117 -64.02 -58.19 -35.56
N HIS U 118 -63.76 -57.16 -36.37
CA HIS U 118 -62.69 -56.18 -36.10
C HIS U 118 -63.18 -54.75 -35.83
N ILE U 119 -62.80 -54.20 -34.68
CA ILE U 119 -63.09 -52.82 -34.26
C ILE U 119 -62.07 -52.52 -33.15
N SER U 120 -61.35 -51.40 -33.25
CA SER U 120 -60.30 -51.09 -32.26
C SER U 120 -60.80 -50.94 -30.82
N THR U 121 -60.16 -51.68 -29.93
CA THR U 121 -60.48 -51.67 -28.51
C THR U 121 -60.37 -50.28 -27.91
N ALA U 122 -59.45 -49.49 -28.42
CA ALA U 122 -59.27 -48.11 -27.99
C ALA U 122 -60.55 -47.30 -28.16
N VAL U 123 -61.20 -47.44 -29.30
CA VAL U 123 -62.43 -46.70 -29.53
C VAL U 123 -63.55 -47.23 -28.63
N ALA U 124 -63.65 -48.55 -28.50
CA ALA U 124 -64.70 -49.14 -27.68
C ALA U 124 -64.60 -48.70 -26.22
N SER U 125 -63.41 -48.82 -25.64
CA SER U 125 -63.19 -48.39 -24.26
C SER U 125 -63.34 -46.88 -24.11
N ASP U 126 -62.80 -46.12 -25.06
CA ASP U 126 -62.92 -44.67 -25.01
C ASP U 126 -64.38 -44.23 -25.05
N LEU U 127 -65.14 -44.67 -26.05
CA LEU U 127 -66.56 -44.29 -26.13
C LEU U 127 -67.32 -44.78 -24.91
N SER U 128 -66.97 -45.93 -24.39
CA SER U 128 -67.63 -46.44 -23.19
C SER U 128 -67.52 -45.42 -22.05
N LYS U 129 -66.33 -44.86 -21.86
CA LYS U 129 -66.12 -43.84 -20.83
C LYS U 129 -66.66 -42.46 -21.20
N ARG U 130 -66.47 -42.00 -22.44
CA ARG U 130 -66.91 -40.67 -22.82
C ARG U 130 -68.41 -40.42 -22.58
N PHE U 131 -69.27 -41.39 -22.90
CA PHE U 131 -70.70 -41.21 -22.65
C PHE U 131 -71.41 -42.52 -22.28
N ALA U 132 -72.21 -42.45 -21.23
CA ALA U 132 -72.97 -43.58 -20.70
C ALA U 132 -74.16 -43.06 -19.90
N ARG U 133 -75.07 -43.96 -19.53
CA ARG U 133 -76.24 -43.62 -18.74
C ARG U 133 -75.86 -43.15 -17.33
N ILE U 134 -76.83 -42.48 -16.69
CA ILE U 134 -76.65 -41.95 -15.33
C ILE U 134 -76.51 -43.06 -14.29
N ASP U 135 -75.75 -42.76 -13.24
CA ASP U 135 -75.42 -43.59 -12.10
C ASP U 135 -75.92 -43.05 -10.75
N PRO U 136 -76.28 -43.95 -9.82
CA PRO U 136 -76.80 -43.53 -8.50
C PRO U 136 -75.80 -42.69 -7.70
N ILE U 137 -74.51 -42.92 -7.91
CA ILE U 137 -73.46 -42.18 -7.21
C ILE U 137 -73.63 -40.70 -7.45
N VAL U 138 -73.92 -40.32 -8.69
CA VAL U 138 -74.13 -38.93 -9.06
C VAL U 138 -75.41 -38.40 -8.42
N ALA U 139 -76.48 -39.20 -8.42
CA ALA U 139 -77.75 -38.78 -7.86
C ALA U 139 -77.63 -38.39 -6.39
N VAL U 140 -76.73 -39.02 -5.64
CA VAL U 140 -76.57 -38.63 -4.23
C VAL U 140 -76.15 -37.17 -4.16
N GLN U 141 -75.21 -36.80 -5.01
CA GLN U 141 -74.73 -35.41 -5.06
C GLN U 141 -75.86 -34.48 -5.47
N VAL U 142 -76.66 -34.88 -6.46
CA VAL U 142 -77.78 -34.07 -6.94
C VAL U 142 -78.77 -33.81 -5.81
N GLY U 143 -79.14 -34.85 -5.08
CA GLY U 143 -80.06 -34.65 -3.96
C GLY U 143 -79.47 -33.73 -2.91
N ALA U 144 -78.21 -33.92 -2.59
CA ALA U 144 -77.51 -33.08 -1.61
C ALA U 144 -77.50 -31.62 -2.06
N SER U 145 -77.21 -31.39 -3.33
CA SER U 145 -77.19 -30.05 -3.89
C SER U 145 -78.57 -29.39 -3.86
N MET U 146 -79.61 -30.16 -4.12
CA MET U 146 -80.97 -29.64 -4.07
C MET U 146 -81.39 -29.22 -2.66
N VAL U 147 -81.17 -30.05 -1.64
CA VAL U 147 -81.57 -29.69 -0.28
C VAL U 147 -80.82 -28.45 0.21
N ALA U 148 -79.54 -28.34 -0.13
CA ALA U 148 -78.79 -27.15 0.28
C ALA U 148 -79.43 -25.90 -0.29
N THR U 149 -79.90 -25.97 -1.53
CA THR U 149 -80.55 -24.87 -2.21
C THR U 149 -81.82 -24.45 -1.45
N GLY U 150 -82.57 -25.42 -0.96
CA GLY U 150 -83.79 -25.16 -0.22
C GLY U 150 -83.56 -24.44 1.11
N VAL U 151 -82.62 -24.93 1.92
CA VAL U 151 -82.34 -24.31 3.21
C VAL U 151 -81.83 -22.88 3.06
N VAL U 152 -80.98 -22.61 2.08
CA VAL U 152 -80.48 -21.25 1.90
C VAL U 152 -81.63 -20.30 1.53
N LEU U 153 -82.53 -20.74 0.66
CA LEU U 153 -83.68 -19.92 0.28
C LEU U 153 -84.54 -19.64 1.50
N ALA U 154 -84.69 -20.64 2.36
CA ALA U 154 -85.47 -20.47 3.59
C ALA U 154 -84.90 -19.34 4.43
N THR U 155 -83.60 -19.33 4.62
CA THR U 155 -82.95 -18.26 5.38
C THR U 155 -83.16 -16.89 4.72
N GLY U 156 -83.28 -16.86 3.40
CA GLY U 156 -83.51 -15.63 2.64
C GLY U 156 -84.81 -14.90 2.97
N VAL U 157 -85.95 -15.58 2.86
CA VAL U 157 -87.24 -14.96 3.18
C VAL U 157 -87.28 -14.59 4.66
N LEU U 158 -86.68 -15.43 5.49
CA LEU U 158 -86.64 -15.15 6.92
C LEU U 158 -85.79 -13.91 7.17
N GLY U 159 -84.75 -13.72 6.37
CA GLY U 159 -83.93 -12.53 6.46
C GLY U 159 -84.71 -11.30 6.00
N TRP U 160 -85.39 -11.41 4.87
CA TRP U 160 -86.21 -10.33 4.32
C TRP U 160 -87.29 -9.87 5.32
N TRP U 161 -87.93 -10.79 6.02
CA TRP U 161 -88.89 -10.44 7.07
C TRP U 161 -88.25 -9.63 8.19
N ARG U 162 -87.12 -10.09 8.72
CA ARG U 162 -86.40 -9.40 9.79
C ARG U 162 -85.94 -8.00 9.41
N TRP U 163 -85.76 -7.74 8.12
CA TRP U 163 -85.35 -6.41 7.65
C TRP U 163 -86.53 -5.44 7.60
N HIS U 164 -87.76 -5.95 7.59
CA HIS U 164 -88.95 -5.13 7.53
C HIS U 164 -89.80 -5.22 8.79
N HIS U 165 -89.60 -6.25 9.61
CA HIS U 165 -90.33 -6.45 10.86
C HIS U 165 -89.30 -6.71 11.96
N ASN U 166 -89.53 -6.09 13.11
CA ASN U 166 -88.61 -6.19 14.25
C ASN U 166 -88.90 -7.37 15.16
N THR U 167 -89.81 -8.26 14.77
CA THR U 167 -90.12 -9.38 15.65
C THR U 167 -88.99 -10.40 15.70
N TRP U 168 -88.94 -11.12 16.84
CA TRP U 168 -87.98 -12.16 17.20
C TRP U 168 -88.12 -13.46 16.41
N LEU U 169 -89.19 -13.59 15.61
CA LEU U 169 -89.52 -14.78 14.85
C LEU U 169 -88.34 -15.42 14.09
N THR U 170 -87.65 -14.66 13.24
CA THR U 170 -86.55 -15.17 12.42
C THR U 170 -85.42 -15.80 13.24
N THR U 171 -84.91 -15.12 14.25
CA THR U 171 -83.81 -15.68 15.05
C THR U 171 -84.24 -16.95 15.79
N ILE U 172 -85.43 -16.97 16.37
CA ILE U 172 -85.92 -18.13 17.11
C ILE U 172 -86.19 -19.31 16.17
N TYR U 173 -86.91 -19.06 15.09
CA TYR U 173 -87.30 -20.07 14.11
C TYR U 173 -86.13 -20.63 13.28
N THR U 174 -85.08 -19.86 13.04
CA THR U 174 -83.96 -20.33 12.23
C THR U 174 -83.02 -21.29 12.96
N ALA U 175 -82.86 -21.14 14.26
CA ALA U 175 -81.94 -21.96 15.05
C ALA U 175 -82.14 -23.46 14.86
N VAL U 176 -83.39 -23.92 14.95
CA VAL U 176 -83.70 -25.34 14.79
C VAL U 176 -83.36 -25.81 13.39
N ILE U 177 -83.55 -24.96 12.38
CA ILE U 177 -83.25 -25.34 11.00
C ILE U 177 -81.78 -25.72 10.88
N GLY U 178 -80.90 -24.91 11.44
CA GLY U 178 -79.46 -25.18 11.38
C GLY U 178 -79.06 -26.45 12.11
N VAL U 179 -79.56 -26.62 13.33
CA VAL U 179 -79.22 -27.80 14.13
C VAL U 179 -79.58 -29.08 13.38
N LEU U 180 -80.73 -29.11 12.72
CA LEU U 180 -81.13 -30.29 11.97
C LEU U 180 -80.15 -30.59 10.85
N VAL U 181 -79.82 -29.60 10.02
CA VAL U 181 -78.88 -29.82 8.94
C VAL U 181 -77.51 -30.20 9.51
N LEU U 182 -77.11 -29.55 10.59
CA LEU U 182 -75.83 -29.84 11.23
C LEU U 182 -75.78 -31.29 11.70
N ALA U 183 -76.86 -31.78 12.28
CA ALA U 183 -76.90 -33.17 12.75
C ALA U 183 -76.72 -34.12 11.58
N VAL U 184 -77.45 -33.89 10.48
CA VAL U 184 -77.33 -34.76 9.32
C VAL U 184 -75.89 -34.72 8.85
N ALA U 185 -75.33 -33.53 8.80
CA ALA U 185 -73.96 -33.37 8.38
C ALA U 185 -73.05 -34.14 9.32
N MET U 186 -73.32 -34.05 10.63
CA MET U 186 -72.51 -34.80 11.58
C MET U 186 -72.62 -36.30 11.29
N LEU U 187 -73.83 -36.79 11.07
CA LEU U 187 -74.01 -38.21 10.77
C LEU U 187 -73.29 -38.61 9.50
N LEU U 188 -73.40 -37.80 8.46
CA LEU U 188 -72.69 -38.09 7.22
C LEU U 188 -71.18 -38.13 7.42
N LEU U 189 -70.62 -37.19 8.18
CA LEU U 189 -69.18 -37.20 8.39
C LEU U 189 -68.73 -38.45 9.13
N MET U 190 -69.51 -38.94 10.08
CA MET U 190 -69.09 -40.15 10.76
C MET U 190 -69.15 -41.35 9.83
N ARG U 191 -70.22 -41.44 9.03
CA ARG U 191 -70.51 -42.55 8.13
C ARG U 191 -69.75 -42.51 6.81
N ALA U 192 -69.38 -41.32 6.33
CA ALA U 192 -68.65 -41.16 5.08
C ALA U 192 -67.28 -41.85 5.08
N LYS U 193 -66.95 -42.49 3.93
CA LYS U 193 -65.66 -43.19 3.71
C LYS U 193 -65.03 -42.91 2.34
N THR U 194 -65.83 -42.85 1.28
CA THR U 194 -65.34 -42.60 -0.09
C THR U 194 -65.26 -41.10 -0.39
N ASP U 195 -64.54 -40.81 -1.47
CA ASP U 195 -64.40 -39.44 -1.97
C ASP U 195 -65.76 -38.89 -2.40
N ALA U 196 -66.60 -39.74 -2.98
CA ALA U 196 -67.94 -39.30 -3.37
C ALA U 196 -68.70 -38.89 -2.12
N ASP U 197 -68.58 -39.66 -1.06
CA ASP U 197 -69.22 -39.33 0.20
C ASP U 197 -68.70 -37.99 0.68
N ARG U 198 -67.40 -37.78 0.58
CA ARG U 198 -66.82 -36.53 1.02
C ARG U 198 -67.46 -35.37 0.28
N ARG U 199 -67.65 -35.48 -1.03
CA ARG U 199 -68.31 -34.38 -1.74
C ARG U 199 -69.66 -34.06 -1.11
N VAL U 200 -70.46 -35.10 -0.83
CA VAL U 200 -71.78 -34.91 -0.23
C VAL U 200 -71.65 -34.31 1.16
N ALA U 201 -70.74 -34.87 1.96
CA ALA U 201 -70.53 -34.40 3.33
C ALA U 201 -70.09 -32.95 3.35
N ASP U 202 -69.17 -32.59 2.50
CA ASP U 202 -68.70 -31.22 2.45
C ASP U 202 -69.85 -30.27 2.12
N ILE U 203 -70.66 -30.62 1.14
CA ILE U 203 -71.80 -29.79 0.73
C ILE U 203 -72.77 -29.55 1.89
N MET U 204 -73.14 -30.60 2.61
CA MET U 204 -74.07 -30.46 3.72
C MET U 204 -73.48 -29.61 4.85
N LEU U 205 -72.23 -29.88 5.21
CA LEU U 205 -71.58 -29.14 6.28
C LEU U 205 -71.55 -27.66 5.93
N MET U 206 -71.13 -27.34 4.73
CA MET U 206 -71.12 -25.95 4.29
C MET U 206 -72.52 -25.36 4.39
N SER U 207 -73.52 -26.13 3.99
CA SER U 207 -74.89 -25.64 4.03
C SER U 207 -75.36 -25.34 5.45
N ALA U 208 -74.83 -26.03 6.45
CA ALA U 208 -75.25 -25.77 7.82
C ALA U 208 -74.75 -24.43 8.38
N ILE U 209 -73.57 -23.97 7.95
CA ILE U 209 -72.98 -22.74 8.48
C ILE U 209 -73.81 -21.50 8.16
N MET U 210 -74.49 -21.48 7.03
CA MET U 210 -75.31 -20.33 6.64
C MET U 210 -76.44 -20.02 7.63
N PRO U 211 -77.33 -20.95 7.95
CA PRO U 211 -78.40 -20.66 8.92
C PRO U 211 -77.91 -20.29 10.31
N VAL U 212 -76.91 -20.99 10.82
CA VAL U 212 -76.35 -20.70 12.14
C VAL U 212 -75.87 -19.26 12.20
N THR U 213 -75.25 -18.79 11.13
CA THR U 213 -74.74 -17.42 11.06
C THR U 213 -75.88 -16.40 11.15
N VAL U 214 -76.89 -16.52 10.30
CA VAL U 214 -77.97 -15.53 10.31
C VAL U 214 -78.79 -15.63 11.59
N ALA U 215 -78.91 -16.83 12.15
CA ALA U 215 -79.64 -16.99 13.40
C ALA U 215 -79.04 -16.11 14.49
N ALA U 216 -77.74 -16.19 14.67
CA ALA U 216 -77.04 -15.36 15.66
C ALA U 216 -77.14 -13.88 15.32
N ALA U 217 -76.95 -13.53 14.05
CA ALA U 217 -77.01 -12.14 13.60
C ALA U 217 -78.38 -11.50 13.86
N ALA U 218 -79.46 -12.27 13.73
CA ALA U 218 -80.80 -11.74 13.98
C ALA U 218 -81.15 -11.67 15.45
N ALA U 219 -80.28 -12.15 16.34
CA ALA U 219 -80.56 -12.16 17.77
C ALA U 219 -80.76 -10.79 18.40
N PRO U 220 -80.00 -9.74 18.07
CA PRO U 220 -80.19 -8.46 18.73
C PRO U 220 -81.50 -7.80 18.35
N PRO U 221 -82.11 -7.05 19.27
CA PRO U 221 -83.38 -6.36 19.04
C PRO U 221 -83.24 -5.01 18.34
N GLY U 222 -84.39 -4.54 17.86
CA GLY U 222 -84.48 -3.24 17.23
C GLY U 222 -84.01 -3.19 15.80
N PRO U 223 -83.84 -1.97 15.29
CA PRO U 223 -83.40 -1.83 13.90
C PRO U 223 -82.06 -2.51 13.70
N VAL U 224 -81.95 -3.16 12.55
CA VAL U 224 -80.75 -3.88 12.17
C VAL U 224 -79.62 -2.90 11.87
N GLY U 225 -78.43 -3.25 12.36
CA GLY U 225 -77.26 -2.42 12.16
C GLY U 225 -75.94 -3.07 12.54
N SER U 226 -75.00 -2.22 12.95
CA SER U 226 -73.67 -2.64 13.35
C SER U 226 -73.65 -3.83 14.30
N PRO U 227 -74.43 -3.88 15.37
CA PRO U 227 -74.36 -5.01 16.29
C PRO U 227 -74.65 -6.37 15.64
N GLN U 228 -75.66 -6.42 14.80
CA GLN U 228 -76.03 -7.67 14.13
C GLN U 228 -74.90 -8.19 13.25
N ALA U 229 -74.26 -7.30 12.49
CA ALA U 229 -73.14 -7.67 11.63
C ALA U 229 -71.97 -8.24 12.43
N VAL U 230 -71.57 -7.57 13.51
CA VAL U 230 -70.45 -8.04 14.32
C VAL U 230 -70.69 -9.47 14.79
N LEU U 231 -71.88 -9.75 15.30
CA LEU U 231 -72.18 -11.11 15.77
C LEU U 231 -72.16 -12.09 14.60
N GLY U 232 -72.81 -11.76 13.50
CA GLY U 232 -72.90 -12.63 12.35
C GLY U 232 -71.56 -12.99 11.73
N PHE U 233 -70.82 -11.99 11.28
CA PHE U 233 -69.53 -12.22 10.65
C PHE U 233 -68.54 -12.89 11.60
N GLY U 234 -68.61 -12.61 12.89
CA GLY U 234 -67.76 -13.25 13.87
C GLY U 234 -67.95 -14.76 13.90
N VAL U 235 -69.16 -15.25 14.16
CA VAL U 235 -69.38 -16.69 14.22
C VAL U 235 -69.10 -17.32 12.86
N LEU U 236 -69.38 -16.60 11.76
CA LEU U 236 -69.09 -17.14 10.44
C LEU U 236 -67.60 -17.44 10.34
N THR U 237 -66.79 -16.51 10.79
CA THR U 237 -65.35 -16.67 10.76
C THR U 237 -64.99 -17.87 11.62
N VAL U 238 -65.54 -17.91 12.83
CA VAL U 238 -65.25 -18.99 13.75
C VAL U 238 -65.68 -20.31 13.16
N ALA U 239 -66.88 -20.36 12.58
CA ALA U 239 -67.37 -21.61 12.01
C ALA U 239 -66.45 -22.08 10.89
N ALA U 240 -66.10 -21.21 9.97
CA ALA U 240 -65.24 -21.57 8.84
C ALA U 240 -63.87 -22.05 9.31
N ALA U 241 -63.22 -21.30 10.19
CA ALA U 241 -61.91 -21.67 10.68
C ALA U 241 -61.94 -23.04 11.35
N LEU U 242 -62.93 -23.27 12.20
CA LEU U 242 -63.02 -24.54 12.89
C LEU U 242 -63.23 -25.66 11.90
N ALA U 243 -64.14 -25.48 10.95
CA ALA U 243 -64.38 -26.52 9.97
C ALA U 243 -63.09 -26.85 9.23
N LEU U 244 -62.37 -25.82 8.82
CA LEU U 244 -61.12 -26.01 8.10
C LEU U 244 -60.11 -26.80 8.91
N ARG U 245 -59.87 -26.37 10.14
CA ARG U 245 -58.85 -27.02 10.99
C ARG U 245 -59.07 -28.51 11.09
N PHE U 246 -60.28 -28.93 11.38
CA PHE U 246 -60.53 -30.36 11.52
C PHE U 246 -60.84 -31.05 10.19
N THR U 247 -61.37 -30.36 9.19
CA THR U 247 -61.73 -31.07 7.97
C THR U 247 -60.54 -31.31 7.05
N GLY U 248 -59.64 -30.35 6.90
CA GLY U 248 -58.51 -30.57 6.00
C GLY U 248 -58.92 -30.75 4.55
N ARG U 249 -59.97 -30.06 4.10
CA ARG U 249 -60.47 -30.15 2.74
C ARG U 249 -61.16 -28.84 2.38
N ARG U 250 -61.29 -28.58 1.07
CA ARG U 250 -61.93 -27.35 0.57
C ARG U 250 -61.25 -26.10 1.13
N LEU U 251 -59.92 -26.16 1.23
CA LEU U 251 -59.11 -25.08 1.81
C LEU U 251 -59.43 -23.73 1.18
N GLY U 252 -59.61 -23.69 -0.12
CA GLY U 252 -59.89 -22.47 -0.84
C GLY U 252 -61.09 -21.66 -0.40
N ILE U 253 -62.27 -22.22 -0.60
CA ILE U 253 -63.50 -21.52 -0.30
C ILE U 253 -63.59 -21.11 1.17
N TYR U 254 -63.19 -21.98 2.09
CA TYR U 254 -63.23 -21.62 3.50
C TYR U 254 -62.28 -20.47 3.80
N THR U 255 -61.08 -20.50 3.25
CA THR U 255 -60.12 -19.44 3.51
C THR U 255 -60.70 -18.11 3.07
N THR U 256 -61.38 -18.11 1.94
CA THR U 256 -62.01 -16.90 1.43
C THR U 256 -63.00 -16.37 2.44
N ILE U 257 -63.80 -17.26 3.03
CA ILE U 257 -64.78 -16.85 4.03
C ILE U 257 -64.08 -16.26 5.24
N VAL U 258 -63.02 -16.92 5.70
CA VAL U 258 -62.28 -16.46 6.87
C VAL U 258 -61.83 -15.02 6.71
N ILE U 259 -61.28 -14.68 5.56
CA ILE U 259 -60.77 -13.33 5.36
C ILE U 259 -61.91 -12.32 5.33
N ILE U 260 -62.93 -12.55 4.51
CA ILE U 260 -64.01 -11.57 4.43
C ILE U 260 -64.70 -11.47 5.76
N GLY U 261 -64.78 -12.59 6.49
CA GLY U 261 -65.39 -12.55 7.81
C GLY U 261 -64.58 -11.72 8.78
N ALA U 262 -63.30 -12.03 8.89
CA ALA U 262 -62.41 -11.33 9.82
C ALA U 262 -62.34 -9.84 9.55
N LEU U 263 -62.08 -9.43 8.31
CA LEU U 263 -61.97 -8.01 7.99
C LEU U 263 -63.27 -7.24 8.18
N THR U 264 -64.41 -7.84 7.86
CA THR U 264 -65.68 -7.14 8.05
C THR U 264 -66.02 -7.01 9.53
N MET U 265 -65.65 -8.02 10.31
CA MET U 265 -65.88 -8.00 11.75
C MET U 265 -65.17 -6.82 12.41
N LEU U 266 -63.92 -6.60 12.06
CA LEU U 266 -63.18 -5.50 12.65
C LEU U 266 -63.75 -4.17 12.20
N ALA U 267 -64.26 -4.11 10.98
CA ALA U 267 -64.84 -2.88 10.43
C ALA U 267 -66.12 -2.48 11.18
N ALA U 268 -67.04 -3.43 11.34
CA ALA U 268 -68.31 -3.15 12.02
C ALA U 268 -68.08 -2.81 13.48
N LEU U 269 -67.12 -3.47 14.11
CA LEU U 269 -66.82 -3.19 15.52
C LEU U 269 -66.42 -1.73 15.69
N ALA U 270 -65.60 -1.21 14.77
CA ALA U 270 -65.19 0.18 14.89
C ALA U 270 -66.40 1.09 14.82
N ARG U 271 -67.30 0.84 13.87
CA ARG U 271 -68.52 1.65 13.81
C ARG U 271 -69.34 1.47 15.07
N MET U 272 -69.30 0.30 15.70
CA MET U 272 -70.06 0.08 16.92
C MET U 272 -69.46 0.90 18.06
N VAL U 273 -68.14 0.75 18.27
CA VAL U 273 -67.47 1.42 19.38
C VAL U 273 -67.30 2.92 19.14
N ALA U 274 -67.22 3.36 17.88
CA ALA U 274 -67.07 4.79 17.64
C ALA U 274 -67.78 5.18 16.35
N ALA U 275 -68.29 6.41 16.33
CA ALA U 275 -69.03 6.89 15.17
C ALA U 275 -68.16 6.90 13.91
N THR U 276 -67.00 7.54 14.00
CA THR U 276 -66.06 7.62 12.89
C THR U 276 -66.75 8.00 11.58
N SER U 277 -66.36 7.37 10.47
CA SER U 277 -67.00 7.61 9.19
C SER U 277 -66.78 6.43 8.25
N ALA U 278 -67.69 6.30 7.27
CA ALA U 278 -67.61 5.20 6.31
C ALA U 278 -66.37 5.31 5.45
N VAL U 279 -66.13 6.51 4.92
CA VAL U 279 -64.95 6.78 4.10
C VAL U 279 -63.70 6.36 4.85
N THR U 280 -63.66 6.61 6.15
CA THR U 280 -62.50 6.24 6.96
C THR U 280 -62.40 4.72 7.17
N LEU U 281 -63.51 4.05 7.44
CA LEU U 281 -63.50 2.60 7.64
C LEU U 281 -63.07 1.86 6.36
N LEU U 282 -63.51 2.36 5.22
CA LEU U 282 -63.19 1.81 3.91
C LEU U 282 -61.74 2.04 3.52
N SER U 283 -61.26 3.27 3.67
CA SER U 283 -59.89 3.61 3.34
C SER U 283 -58.91 2.77 4.15
N SER U 284 -59.22 2.51 5.41
CA SER U 284 -58.36 1.70 6.25
C SER U 284 -58.27 0.28 5.69
N LEU U 285 -59.39 -0.25 5.23
CA LEU U 285 -59.38 -1.59 4.64
C LEU U 285 -58.53 -1.61 3.38
N LEU U 286 -58.61 -0.56 2.57
CA LEU U 286 -57.81 -0.50 1.34
C LEU U 286 -56.32 -0.59 1.65
N LEU U 287 -55.85 0.20 2.61
CA LEU U 287 -54.43 0.17 2.97
C LEU U 287 -54.02 -1.18 3.56
N ILE U 288 -54.86 -1.76 4.41
CA ILE U 288 -54.57 -3.07 5.00
C ILE U 288 -54.44 -4.11 3.90
N CYS U 289 -55.27 -4.00 2.89
CA CYS U 289 -55.21 -4.93 1.79
C CYS U 289 -53.93 -4.73 0.98
N VAL U 290 -53.56 -3.47 0.74
CA VAL U 290 -52.35 -3.21 -0.04
C VAL U 290 -51.15 -3.85 0.62
N VAL U 291 -51.02 -3.75 1.93
CA VAL U 291 -49.88 -4.40 2.58
C VAL U 291 -50.10 -5.90 2.59
N ALA U 292 -51.35 -6.33 2.71
CA ALA U 292 -51.66 -7.75 2.75
C ALA U 292 -51.25 -8.44 1.46
N TYR U 293 -51.40 -7.77 0.33
CA TYR U 293 -50.99 -8.40 -0.92
C TYR U 293 -49.51 -8.74 -0.94
N HIS U 294 -48.68 -7.98 -0.25
CA HIS U 294 -47.25 -8.26 -0.22
C HIS U 294 -46.91 -9.40 0.74
N ALA U 295 -47.73 -9.60 1.75
CA ALA U 295 -47.55 -10.63 2.75
C ALA U 295 -48.12 -11.96 2.32
N ALA U 296 -49.04 -11.95 1.37
CA ALA U 296 -49.69 -13.17 0.92
C ALA U 296 -48.72 -14.32 0.74
N PRO U 297 -47.59 -14.16 0.07
CA PRO U 297 -46.69 -15.29 -0.09
C PRO U 297 -46.08 -15.77 1.21
N ALA U 298 -45.98 -14.92 2.22
CA ALA U 298 -45.41 -15.35 3.50
C ALA U 298 -46.43 -16.07 4.39
N LEU U 299 -47.63 -15.51 4.53
CA LEU U 299 -48.67 -16.18 5.32
C LEU U 299 -48.88 -17.57 4.81
N SER U 300 -48.96 -17.70 3.50
CA SER U 300 -49.14 -18.97 2.83
C SER U 300 -47.99 -19.94 3.10
N ARG U 301 -46.83 -19.44 3.50
CA ARG U 301 -45.76 -20.36 3.83
C ARG U 301 -46.00 -20.96 5.21
N ARG U 302 -46.27 -20.13 6.20
CA ARG U 302 -46.46 -20.58 7.57
C ARG U 302 -47.74 -21.39 7.75
N LEU U 303 -48.84 -20.97 7.14
CA LEU U 303 -50.08 -21.71 7.29
C LEU U 303 -49.94 -23.13 6.77
N ALA U 304 -49.12 -23.35 5.78
CA ALA U 304 -48.93 -24.69 5.23
C ALA U 304 -47.90 -25.47 6.02
N GLY U 305 -47.38 -24.91 7.10
CA GLY U 305 -46.44 -25.62 7.96
C GLY U 305 -45.03 -25.77 7.47
N ILE U 306 -44.63 -25.03 6.46
CA ILE U 306 -43.26 -25.07 6.00
C ILE U 306 -42.36 -24.51 7.09
N ARG U 307 -41.33 -25.25 7.48
CA ARG U 307 -40.37 -24.82 8.49
C ARG U 307 -39.00 -24.65 7.83
N LEU U 308 -38.24 -23.68 8.35
CA LEU U 308 -36.92 -23.32 7.81
C LEU U 308 -35.83 -23.50 8.85
N PRO U 309 -35.27 -24.69 9.00
CA PRO U 309 -34.30 -24.95 10.07
C PRO U 309 -32.99 -24.17 9.91
N VAL U 310 -32.53 -23.60 11.04
CA VAL U 310 -31.25 -22.88 11.15
C VAL U 310 -30.70 -23.07 12.56
N PHE U 311 -29.55 -23.69 12.67
CA PHE U 311 -28.94 -23.96 13.96
C PHE U 311 -27.43 -24.03 13.73
N PRO U 312 -26.61 -23.76 14.78
CA PRO U 312 -25.17 -23.77 14.53
C PRO U 312 -24.58 -25.17 14.38
N SER U 313 -25.13 -25.93 13.42
CA SER U 313 -24.67 -27.29 13.12
C SER U 313 -24.53 -28.14 14.39
N ALA U 314 -25.53 -28.07 15.26
CA ALA U 314 -25.51 -28.79 16.55
C ALA U 314 -24.27 -28.45 17.36
N THR U 315 -23.64 -27.31 17.11
CA THR U 315 -22.38 -26.94 17.76
C THR U 315 -21.34 -28.04 17.54
N SER U 316 -21.31 -28.58 16.31
CA SER U 316 -20.38 -29.66 16.00
C SER U 316 -20.10 -29.70 14.51
N ARG U 317 -19.07 -30.44 14.18
CA ARG U 317 -18.60 -30.64 12.83
C ARG U 317 -19.52 -31.55 12.04
N TRP U 318 -19.38 -31.50 10.72
CA TRP U 318 -20.17 -32.30 9.81
C TRP U 318 -19.84 -33.79 9.90
N VAL U 319 -20.86 -34.64 9.98
CA VAL U 319 -20.66 -36.09 10.02
C VAL U 319 -21.11 -36.62 8.65
N PHE U 320 -20.20 -36.61 7.68
CA PHE U 320 -20.52 -37.04 6.32
C PHE U 320 -20.92 -38.50 6.21
N GLU U 321 -20.31 -39.40 6.99
CA GLU U 321 -20.60 -40.83 6.93
C GLU U 321 -21.78 -41.32 7.80
N ALA U 322 -22.67 -40.44 8.25
CA ALA U 322 -23.79 -40.91 9.07
C ALA U 322 -24.72 -41.88 8.33
N ARG U 323 -25.28 -42.83 9.09
CA ARG U 323 -26.23 -43.82 8.59
C ARG U 323 -27.47 -43.13 8.00
N PRO U 324 -27.77 -43.28 6.71
CA PRO U 324 -28.95 -42.60 6.16
C PRO U 324 -30.28 -43.06 6.78
N ASP U 325 -31.27 -42.18 6.66
CA ASP U 325 -32.61 -42.40 7.20
C ASP U 325 -33.34 -43.60 6.58
N LEU U 326 -34.05 -44.33 7.43
CA LEU U 326 -34.84 -45.50 7.05
C LEU U 326 -36.09 -45.19 6.23
N PRO U 327 -36.29 -45.84 5.07
CA PRO U 327 -37.47 -45.59 4.22
C PRO U 327 -38.80 -46.08 4.82
N THR U 328 -39.87 -45.34 4.54
CA THR U 328 -41.24 -45.64 4.98
C THR U 328 -41.99 -46.61 4.06
N THR U 329 -42.90 -47.40 4.66
CA THR U 329 -43.73 -48.40 4.00
C THR U 329 -45.19 -47.99 3.84
N VAL U 330 -45.75 -48.23 2.64
CA VAL U 330 -47.13 -47.86 2.32
C VAL U 330 -47.87 -49.00 1.62
N VAL U 331 -49.21 -48.91 1.65
CA VAL U 331 -50.13 -49.89 1.05
C VAL U 331 -51.26 -49.17 0.32
N VAL U 332 -52.00 -49.94 -0.50
CA VAL U 332 -53.14 -49.46 -1.24
C VAL U 332 -54.31 -50.38 -0.93
N SER U 333 -55.53 -49.83 -0.96
CA SER U 333 -56.72 -50.62 -0.65
C SER U 333 -56.82 -51.86 -1.55
N GLY U 334 -56.80 -51.66 -2.87
CA GLY U 334 -56.81 -52.79 -3.79
C GLY U 334 -55.47 -53.50 -3.83
N GLY U 335 -54.40 -52.72 -4.00
CA GLY U 335 -53.01 -53.16 -4.01
C GLY U 335 -52.47 -53.33 -2.61
N SER U 336 -53.03 -54.29 -1.88
CA SER U 336 -52.67 -54.55 -0.49
C SER U 336 -51.19 -54.88 -0.31
N ALA U 337 -50.48 -55.30 -1.35
CA ALA U 337 -49.07 -55.60 -1.17
C ALA U 337 -48.26 -54.33 -0.88
N PRO U 338 -47.61 -54.24 0.28
CA PRO U 338 -46.86 -53.04 0.64
C PRO U 338 -45.59 -52.80 -0.17
N VAL U 339 -45.26 -51.52 -0.33
CA VAL U 339 -44.05 -51.07 -1.02
C VAL U 339 -43.54 -49.82 -0.27
N LEU U 340 -42.21 -49.66 -0.22
CA LEU U 340 -41.61 -48.49 0.41
C LEU U 340 -41.43 -47.37 -0.61
N GLU U 341 -41.62 -46.12 -0.18
CA GLU U 341 -41.46 -44.99 -1.11
C GLU U 341 -40.38 -43.97 -0.74
N GLY U 342 -39.86 -43.96 0.49
CA GLY U 342 -38.80 -43.03 0.85
C GLY U 342 -38.89 -42.36 2.22
N PRO U 343 -37.91 -41.51 2.53
CA PRO U 343 -37.85 -40.85 3.84
C PRO U 343 -39.05 -40.00 4.20
N SER U 344 -39.45 -40.15 5.48
CA SER U 344 -40.59 -39.43 6.06
C SER U 344 -40.42 -37.91 6.00
N SER U 345 -39.20 -37.44 6.26
CA SER U 345 -38.86 -36.03 6.23
C SER U 345 -39.06 -35.38 4.87
N VAL U 346 -38.81 -36.10 3.80
CA VAL U 346 -38.92 -35.58 2.44
C VAL U 346 -40.32 -35.72 1.86
N ARG U 347 -40.94 -36.89 1.98
CA ARG U 347 -42.25 -37.12 1.38
C ARG U 347 -43.31 -36.14 1.91
N ASP U 348 -43.25 -35.73 3.17
CA ASP U 348 -44.29 -34.85 3.67
C ASP U 348 -44.29 -33.50 2.96
N VAL U 349 -43.14 -33.03 2.50
CA VAL U 349 -43.03 -31.75 1.83
C VAL U 349 -43.95 -31.65 0.61
N LEU U 350 -44.20 -32.77 -0.07
CA LEU U 350 -45.06 -32.80 -1.24
C LEU U 350 -46.49 -32.40 -0.90
N LEU U 351 -47.00 -32.82 0.25
CA LEU U 351 -48.36 -32.49 0.64
C LEU U 351 -48.46 -31.02 1.02
N GLN U 352 -47.45 -30.54 1.70
CA GLN U 352 -47.41 -29.16 2.14
C GLN U 352 -47.47 -28.20 0.95
N ALA U 353 -46.75 -28.53 -0.12
CA ALA U 353 -46.71 -27.66 -1.29
C ALA U 353 -48.07 -27.43 -1.91
N GLU U 354 -48.83 -28.48 -2.15
CA GLU U 354 -50.13 -28.22 -2.77
C GLU U 354 -51.04 -27.47 -1.81
N ARG U 355 -50.85 -27.66 -0.50
CA ARG U 355 -51.66 -26.91 0.46
C ARG U 355 -51.27 -25.44 0.38
N ALA U 356 -49.98 -25.17 0.26
CA ALA U 356 -49.51 -23.81 0.12
C ALA U 356 -50.14 -23.18 -1.11
N ARG U 357 -50.08 -23.88 -2.24
CA ARG U 357 -50.70 -23.37 -3.45
C ARG U 357 -52.17 -23.08 -3.20
N SER U 358 -52.82 -23.97 -2.47
CA SER U 358 -54.23 -23.81 -2.19
C SER U 358 -54.53 -22.59 -1.33
N PHE U 359 -53.76 -22.34 -0.27
CA PHE U 359 -54.04 -21.18 0.56
C PHE U 359 -53.85 -19.89 -0.22
N LEU U 360 -52.75 -19.80 -0.96
CA LEU U 360 -52.48 -18.59 -1.73
C LEU U 360 -53.61 -18.28 -2.70
N SER U 361 -54.12 -19.30 -3.38
CA SER U 361 -55.18 -19.06 -4.36
C SER U 361 -56.38 -18.45 -3.67
N GLY U 362 -56.73 -18.97 -2.51
CA GLY U 362 -57.85 -18.44 -1.76
C GLY U 362 -57.54 -17.07 -1.20
N LEU U 363 -56.35 -16.92 -0.65
CA LEU U 363 -55.96 -15.67 -0.01
C LEU U 363 -56.05 -14.51 -1.00
N LEU U 364 -55.60 -14.73 -2.22
CA LEU U 364 -55.70 -13.70 -3.24
C LEU U 364 -57.16 -13.39 -3.54
N THR U 365 -57.99 -14.42 -3.61
CA THR U 365 -59.39 -14.24 -3.95
C THR U 365 -60.09 -13.43 -2.86
N GLY U 366 -59.84 -13.74 -1.61
CA GLY U 366 -60.47 -12.97 -0.56
C GLY U 366 -60.10 -11.51 -0.66
N LEU U 367 -58.82 -11.23 -0.86
CA LEU U 367 -58.35 -9.86 -0.97
C LEU U 367 -58.94 -9.14 -2.19
N GLY U 368 -59.04 -9.85 -3.31
CA GLY U 368 -59.61 -9.26 -4.51
C GLY U 368 -61.02 -8.74 -4.30
N VAL U 369 -61.84 -9.49 -3.60
CA VAL U 369 -63.21 -9.10 -3.29
C VAL U 369 -63.24 -7.82 -2.49
N MET U 370 -62.44 -7.72 -1.44
CA MET U 370 -62.47 -6.54 -0.59
C MET U 370 -62.12 -5.26 -1.33
N VAL U 371 -61.08 -5.26 -2.16
CA VAL U 371 -60.69 -4.02 -2.84
C VAL U 371 -61.77 -3.54 -3.81
N VAL U 372 -62.46 -4.43 -4.51
CA VAL U 372 -63.48 -3.94 -5.42
C VAL U 372 -64.62 -3.31 -4.64
N VAL U 373 -65.03 -3.90 -3.53
CA VAL U 373 -66.10 -3.30 -2.74
C VAL U 373 -65.66 -1.95 -2.21
N CYS U 374 -64.43 -1.88 -1.71
CA CYS U 374 -63.91 -0.66 -1.11
C CYS U 374 -63.70 0.43 -2.15
N MET U 375 -63.01 0.13 -3.23
CA MET U 375 -62.72 1.17 -4.22
C MET U 375 -64.00 1.73 -4.83
N THR U 376 -64.96 0.88 -5.16
CA THR U 376 -66.22 1.34 -5.77
C THR U 376 -67.10 2.16 -4.83
N SER U 377 -66.88 2.14 -3.54
CA SER U 377 -67.70 2.91 -2.60
C SER U 377 -67.10 4.28 -2.31
N LEU U 378 -65.77 4.36 -2.28
CA LEU U 378 -65.04 5.60 -2.04
C LEU U 378 -65.31 6.64 -3.11
N CYS U 379 -65.37 6.24 -4.39
CA CYS U 379 -65.64 7.22 -5.43
C CYS U 379 -67.11 7.66 -5.42
N ASP U 380 -67.30 8.95 -5.73
CA ASP U 380 -68.60 9.60 -5.74
C ASP U 380 -68.72 10.73 -6.75
N PRO U 381 -69.80 10.77 -7.55
CA PRO U 381 -69.95 11.82 -8.56
C PRO U 381 -70.37 13.18 -8.05
N HIS U 382 -70.79 13.35 -6.79
CA HIS U 382 -71.24 14.64 -6.29
C HIS U 382 -70.25 15.32 -5.37
N THR U 383 -69.44 14.55 -4.67
CA THR U 383 -68.51 15.10 -3.71
C THR U 383 -67.45 15.98 -4.36
N GLY U 384 -67.11 17.06 -3.66
CA GLY U 384 -66.11 18.00 -4.12
C GLY U 384 -64.77 17.34 -4.41
N GLN U 385 -64.03 17.92 -5.38
CA GLN U 385 -62.75 17.35 -5.83
C GLN U 385 -62.87 15.90 -6.27
N ARG U 386 -63.88 15.69 -7.09
CA ARG U 386 -64.32 14.43 -7.70
C ARG U 386 -63.20 13.55 -8.21
N TRP U 387 -62.17 14.15 -8.80
CA TRP U 387 -61.05 13.42 -9.41
C TRP U 387 -60.08 12.80 -8.40
N LEU U 388 -60.02 13.32 -7.19
CA LEU U 388 -59.10 12.77 -6.19
C LEU U 388 -59.37 11.30 -5.91
N PRO U 389 -60.58 10.91 -5.48
CA PRO U 389 -60.85 9.48 -5.25
C PRO U 389 -60.86 8.65 -6.52
N LEU U 390 -61.06 9.28 -7.68
CA LEU U 390 -61.09 8.56 -8.94
C LEU U 390 -59.69 8.17 -9.40
N ILE U 391 -58.73 9.08 -9.31
CA ILE U 391 -57.37 8.74 -9.73
C ILE U 391 -56.80 7.65 -8.82
N LEU U 392 -57.20 7.63 -7.55
CA LEU U 392 -56.72 6.59 -6.65
C LEU U 392 -57.13 5.21 -7.13
N ALA U 393 -58.28 5.10 -7.77
CA ALA U 393 -58.74 3.83 -8.32
C ALA U 393 -57.88 3.42 -9.51
N GLY U 394 -57.32 4.38 -10.22
CA GLY U 394 -56.49 4.15 -11.39
C GLY U 394 -55.17 3.56 -10.95
N PHE U 395 -54.46 4.24 -10.06
CA PHE U 395 -53.19 3.69 -9.61
C PHE U 395 -53.39 2.32 -8.99
N THR U 396 -54.46 2.14 -8.24
CA THR U 396 -54.72 0.85 -7.62
C THR U 396 -54.90 -0.22 -8.68
N SER U 397 -55.64 0.08 -9.74
CA SER U 397 -55.85 -0.89 -10.79
C SER U 397 -54.55 -1.19 -11.52
N GLY U 398 -53.78 -0.15 -11.81
CA GLY U 398 -52.53 -0.34 -12.53
C GLY U 398 -51.60 -1.24 -11.75
N PHE U 399 -51.48 -0.99 -10.46
CA PHE U 399 -50.63 -1.79 -9.59
C PHE U 399 -51.04 -3.25 -9.64
N LEU U 400 -52.32 -3.53 -9.47
CA LEU U 400 -52.75 -4.90 -9.50
C LEU U 400 -52.55 -5.52 -10.87
N LEU U 401 -52.85 -4.78 -11.94
CA LEU U 401 -52.71 -5.32 -13.28
C LEU U 401 -51.27 -5.70 -13.59
N LEU U 402 -50.32 -4.87 -13.23
CA LEU U 402 -48.93 -5.19 -13.51
C LEU U 402 -48.43 -6.27 -12.56
N ARG U 403 -48.92 -6.25 -11.32
CA ARG U 403 -48.50 -7.24 -10.36
C ARG U 403 -48.81 -8.65 -10.85
N GLY U 404 -49.82 -8.79 -11.69
CA GLY U 404 -50.18 -10.09 -12.20
C GLY U 404 -49.06 -10.86 -12.88
N ARG U 405 -48.13 -10.17 -13.52
CA ARG U 405 -47.09 -10.91 -14.20
C ARG U 405 -46.13 -11.57 -13.25
N SER U 406 -46.29 -11.35 -11.97
CA SER U 406 -45.45 -11.99 -10.97
C SER U 406 -45.91 -13.40 -10.63
N TYR U 407 -47.09 -13.82 -11.05
CA TYR U 407 -47.62 -15.14 -10.76
C TYR U 407 -47.71 -16.00 -12.02
N VAL U 408 -47.16 -17.22 -11.95
CA VAL U 408 -47.13 -18.11 -13.10
C VAL U 408 -48.35 -19.03 -13.19
N ASP U 409 -49.08 -19.24 -12.09
CA ASP U 409 -50.25 -20.12 -12.14
C ASP U 409 -51.34 -19.56 -13.03
N ARG U 410 -52.01 -20.46 -13.75
CA ARG U 410 -53.05 -20.03 -14.66
C ARG U 410 -54.16 -19.24 -13.98
N TRP U 411 -54.78 -19.83 -12.95
CA TRP U 411 -55.89 -19.15 -12.28
C TRP U 411 -55.47 -18.02 -11.36
N GLN U 412 -54.28 -18.08 -10.78
CA GLN U 412 -53.85 -17.02 -9.88
C GLN U 412 -53.57 -15.75 -10.68
N SER U 413 -52.89 -15.87 -11.80
CA SER U 413 -52.59 -14.70 -12.61
C SER U 413 -53.86 -14.12 -13.19
N ILE U 414 -54.75 -14.96 -13.68
CA ILE U 414 -56.01 -14.48 -14.25
C ILE U 414 -56.83 -13.77 -13.19
N THR U 415 -56.87 -14.31 -11.98
CA THR U 415 -57.69 -13.69 -10.95
C THR U 415 -57.17 -12.31 -10.62
N LEU U 416 -55.88 -12.12 -10.66
CA LEU U 416 -55.39 -10.78 -10.39
C LEU U 416 -55.85 -9.85 -11.50
N ALA U 417 -55.71 -10.26 -12.75
CA ALA U 417 -56.13 -9.42 -13.88
C ALA U 417 -57.62 -9.17 -13.83
N GLY U 418 -58.40 -10.22 -13.58
CA GLY U 418 -59.84 -10.07 -13.49
C GLY U 418 -60.21 -9.07 -12.42
N THR U 419 -59.52 -9.15 -11.29
CA THR U 419 -59.73 -8.21 -10.20
C THR U 419 -59.43 -6.80 -10.69
N ALA U 420 -58.36 -6.62 -11.44
CA ALA U 420 -58.02 -5.30 -11.94
C ALA U 420 -59.07 -4.78 -12.90
N VAL U 421 -59.65 -5.63 -13.73
CA VAL U 421 -60.64 -5.18 -14.70
C VAL U 421 -61.98 -4.89 -14.05
N ILE U 422 -62.44 -5.79 -13.18
CA ILE U 422 -63.74 -5.58 -12.56
C ILE U 422 -63.79 -4.28 -11.77
N ILE U 423 -62.67 -3.85 -11.21
CA ILE U 423 -62.66 -2.59 -10.48
C ILE U 423 -63.04 -1.44 -11.40
N ALA U 424 -62.58 -1.47 -12.63
CA ALA U 424 -62.91 -0.41 -13.58
C ALA U 424 -64.38 -0.49 -13.98
N ALA U 425 -64.84 -1.68 -14.35
CA ALA U 425 -66.21 -1.87 -14.81
C ALA U 425 -67.23 -1.42 -13.78
N ALA U 426 -67.05 -1.81 -12.53
CA ALA U 426 -67.97 -1.44 -11.45
C ALA U 426 -68.07 0.07 -11.22
N VAL U 427 -66.97 0.80 -11.39
CA VAL U 427 -67.00 2.25 -11.22
C VAL U 427 -67.78 2.92 -12.36
N CYS U 428 -67.66 2.40 -13.57
CA CYS U 428 -68.38 2.97 -14.72
C CYS U 428 -69.89 2.98 -14.50
N VAL U 429 -70.45 1.87 -14.03
CA VAL U 429 -71.91 1.75 -13.81
C VAL U 429 -72.41 2.79 -12.82
N ARG U 430 -71.78 2.89 -11.66
CA ARG U 430 -72.18 3.87 -10.65
C ARG U 430 -72.22 5.30 -11.19
N TYR U 431 -71.27 5.66 -12.04
CA TYR U 431 -71.17 7.01 -12.61
C TYR U 431 -72.27 7.35 -13.61
N ALA U 432 -73.02 6.37 -14.08
CA ALA U 432 -74.11 6.59 -15.03
C ALA U 432 -75.49 6.60 -14.37
N LEU U 433 -75.74 5.77 -13.37
CA LEU U 433 -77.04 5.73 -12.71
C LEU U 433 -77.35 7.06 -12.01
N GLU U 434 -76.48 7.50 -11.11
CA GLU U 434 -76.64 8.83 -10.53
C GLU U 434 -76.10 9.88 -11.51
N LEU U 435 -76.61 11.11 -11.37
CA LEU U 435 -76.19 12.21 -12.25
C LEU U 435 -76.38 11.82 -13.72
N SER U 436 -77.51 11.18 -13.98
CA SER U 436 -77.88 10.70 -15.30
C SER U 436 -78.00 11.85 -16.29
N SER U 437 -77.33 11.73 -17.43
CA SER U 437 -77.32 12.77 -18.45
C SER U 437 -76.84 12.18 -19.75
N PRO U 438 -77.16 12.81 -20.88
CA PRO U 438 -76.76 12.29 -22.20
C PRO U 438 -75.25 12.16 -22.42
N LEU U 439 -74.45 13.15 -22.03
CA LEU U 439 -73.00 13.11 -22.23
C LEU U 439 -72.34 12.04 -21.36
N ALA U 440 -72.74 11.93 -20.11
CA ALA U 440 -72.17 10.93 -19.20
C ALA U 440 -72.38 9.50 -19.72
N VAL U 441 -73.61 9.13 -20.05
CA VAL U 441 -73.88 7.79 -20.56
C VAL U 441 -73.20 7.53 -21.90
N SER U 442 -73.05 8.53 -22.73
CA SER U 442 -72.37 8.35 -24.02
C SER U 442 -70.91 7.95 -23.83
N ILE U 443 -70.20 8.68 -22.98
CA ILE U 443 -68.77 8.44 -22.71
C ILE U 443 -68.57 7.11 -21.99
N VAL U 444 -69.36 6.84 -20.96
CA VAL U 444 -69.25 5.59 -20.21
C VAL U 444 -69.40 4.38 -21.12
N ALA U 445 -70.41 4.39 -21.97
CA ALA U 445 -70.62 3.23 -22.83
C ALA U 445 -69.41 2.96 -23.72
N ALA U 446 -68.69 3.99 -24.13
CA ALA U 446 -67.52 3.78 -24.97
C ALA U 446 -66.39 3.15 -24.17
N ILE U 447 -66.05 3.75 -23.04
CA ILE U 447 -64.99 3.24 -22.19
C ILE U 447 -65.24 1.77 -21.88
N LEU U 448 -66.47 1.47 -21.51
CA LEU U 448 -66.92 0.16 -21.12
C LEU U 448 -66.78 -0.89 -22.21
N VAL U 449 -66.54 -0.50 -23.46
CA VAL U 449 -66.33 -1.46 -24.54
C VAL U 449 -64.94 -1.35 -25.15
N LEU U 450 -64.40 -0.14 -25.22
CA LEU U 450 -63.06 0.06 -25.79
C LEU U 450 -61.96 -0.48 -24.90
N LEU U 451 -62.03 -0.23 -23.61
CA LEU U 451 -61.03 -0.66 -22.63
C LEU U 451 -60.73 -2.15 -22.75
N PRO U 452 -61.74 -3.01 -22.67
CA PRO U 452 -61.47 -4.44 -22.80
C PRO U 452 -61.04 -4.78 -24.21
N ALA U 453 -61.44 -3.99 -25.19
CA ALA U 453 -61.06 -4.25 -26.56
C ALA U 453 -59.57 -4.06 -26.75
N ALA U 454 -59.01 -3.01 -26.15
CA ALA U 454 -57.58 -2.77 -26.23
C ALA U 454 -56.77 -3.92 -25.62
N GLY U 455 -57.31 -4.52 -24.55
CA GLY U 455 -56.62 -5.63 -23.90
C GLY U 455 -56.45 -6.83 -24.80
N MET U 456 -57.50 -7.22 -25.50
CA MET U 456 -57.36 -8.38 -26.37
C MET U 456 -56.29 -8.11 -27.40
N ALA U 457 -56.25 -6.89 -27.90
CA ALA U 457 -55.24 -6.56 -28.89
C ALA U 457 -53.86 -6.74 -28.30
N ALA U 458 -53.63 -6.19 -27.12
CA ALA U 458 -52.33 -6.34 -26.48
C ALA U 458 -52.04 -7.81 -26.20
N ALA U 459 -53.04 -8.54 -25.72
CA ALA U 459 -52.84 -9.94 -25.40
C ALA U 459 -52.40 -10.76 -26.60
N ALA U 460 -52.90 -10.44 -27.78
CA ALA U 460 -52.53 -11.21 -28.96
C ALA U 460 -51.18 -10.84 -29.56
N HIS U 461 -50.78 -9.57 -29.51
CA HIS U 461 -49.57 -9.13 -30.20
C HIS U 461 -48.27 -9.22 -29.37
N VAL U 462 -48.34 -8.97 -28.07
CA VAL U 462 -47.12 -8.99 -27.25
C VAL U 462 -46.40 -10.33 -27.29
N PRO U 463 -47.07 -11.48 -27.23
CA PRO U 463 -46.38 -12.76 -27.20
C PRO U 463 -45.55 -13.12 -28.42
N HIS U 464 -45.69 -12.45 -29.55
CA HIS U 464 -44.89 -12.84 -30.72
C HIS U 464 -43.91 -11.76 -31.17
N THR U 465 -43.73 -10.70 -30.40
CA THR U 465 -42.80 -9.64 -30.78
C THR U 465 -41.57 -9.61 -29.88
N ILE U 466 -40.54 -8.87 -30.31
CA ILE U 466 -39.28 -8.72 -29.58
C ILE U 466 -39.12 -7.28 -29.17
N TYR U 467 -38.62 -7.06 -27.96
CA TYR U 467 -38.39 -5.74 -27.40
C TYR U 467 -37.01 -5.57 -26.82
N SER U 468 -36.41 -4.41 -27.11
CA SER U 468 -35.09 -4.09 -26.61
C SER U 468 -35.13 -3.80 -25.10
N PRO U 469 -34.07 -4.12 -24.41
CA PRO U 469 -33.97 -3.93 -22.97
C PRO U 469 -34.50 -2.61 -22.42
N LEU U 470 -34.29 -1.51 -23.14
CA LEU U 470 -34.69 -0.19 -22.64
C LEU U 470 -36.20 -0.07 -22.44
N PHE U 471 -37.00 -0.71 -23.27
CA PHE U 471 -38.44 -0.67 -23.09
C PHE U 471 -38.87 -1.59 -21.96
N ARG U 472 -38.25 -2.76 -21.85
CA ARG U 472 -38.56 -3.72 -20.80
C ARG U 472 -38.29 -3.11 -19.44
N LYS U 473 -37.19 -2.41 -19.31
CA LYS U 473 -36.88 -1.73 -18.07
C LYS U 473 -37.93 -0.65 -17.79
N PHE U 474 -38.45 -0.01 -18.82
CA PHE U 474 -39.47 1.00 -18.61
C PHE U 474 -40.80 0.45 -18.10
N VAL U 475 -41.30 -0.65 -18.65
CA VAL U 475 -42.59 -1.13 -18.16
C VAL U 475 -42.51 -1.58 -16.72
N GLU U 476 -41.35 -2.07 -16.30
CA GLU U 476 -41.18 -2.52 -14.93
C GLU U 476 -41.33 -1.38 -13.94
N TRP U 477 -40.65 -0.26 -14.18
CA TRP U 477 -40.72 0.87 -13.27
C TRP U 477 -42.11 1.46 -13.15
N ILE U 478 -43.00 1.19 -14.09
CA ILE U 478 -44.34 1.74 -13.96
C ILE U 478 -44.97 1.21 -12.67
N GLU U 479 -44.69 -0.04 -12.32
CA GLU U 479 -45.27 -0.62 -11.12
C GLU U 479 -44.82 0.11 -9.86
N TYR U 480 -43.52 0.35 -9.72
CA TYR U 480 -43.04 1.00 -8.50
C TYR U 480 -43.54 2.43 -8.41
N LEU U 481 -43.61 3.12 -9.54
CA LEU U 481 -44.14 4.48 -9.58
C LEU U 481 -45.61 4.52 -9.24
N CYS U 482 -46.34 3.45 -9.54
CA CYS U 482 -47.75 3.40 -9.20
C CYS U 482 -47.96 3.13 -7.72
N LEU U 483 -47.13 2.29 -7.12
CA LEU U 483 -47.29 1.97 -5.70
C LEU U 483 -47.05 3.18 -4.81
N MET U 484 -46.01 3.95 -5.09
CA MET U 484 -45.59 5.05 -4.21
C MET U 484 -46.68 6.04 -3.83
N PRO U 485 -47.53 6.54 -4.73
CA PRO U 485 -48.55 7.52 -4.36
C PRO U 485 -49.71 7.03 -3.52
N ILE U 486 -49.92 5.73 -3.37
CA ILE U 486 -51.10 5.21 -2.68
C ILE U 486 -51.26 5.78 -1.28
N PHE U 487 -50.27 5.63 -0.42
CA PHE U 487 -50.42 6.14 0.95
C PHE U 487 -50.57 7.65 1.01
N PRO U 488 -49.76 8.45 0.35
CA PRO U 488 -49.93 9.90 0.41
C PRO U 488 -51.31 10.34 -0.06
N LEU U 489 -51.87 9.68 -1.06
CA LEU U 489 -53.19 10.05 -1.55
C LEU U 489 -54.30 9.59 -0.61
N ALA U 490 -54.18 8.40 -0.05
CA ALA U 490 -55.20 7.90 0.87
C ALA U 490 -55.38 8.82 2.07
N LEU U 491 -54.30 9.35 2.63
CA LEU U 491 -54.41 10.26 3.78
C LEU U 491 -55.09 11.58 3.41
N TRP U 492 -54.92 12.06 2.17
CA TRP U 492 -55.58 13.29 1.74
C TRP U 492 -57.08 13.08 1.70
N LEU U 493 -57.51 11.96 1.15
CA LEU U 493 -58.91 11.63 1.08
C LEU U 493 -59.50 11.48 2.48
N MET U 494 -58.70 11.01 3.43
CA MET U 494 -59.12 10.89 4.82
C MET U 494 -59.09 12.21 5.60
N ASN U 495 -58.76 13.33 4.97
CA ASN U 495 -58.72 14.65 5.63
C ASN U 495 -57.70 14.80 6.77
N VAL U 496 -56.70 13.92 6.87
CA VAL U 496 -55.72 13.99 7.96
C VAL U 496 -54.93 15.30 7.94
N TYR U 497 -54.43 15.72 6.78
CA TYR U 497 -53.61 16.94 6.70
C TYR U 497 -54.36 18.19 7.16
N ALA U 498 -55.64 18.30 6.82
CA ALA U 498 -56.43 19.47 7.22
C ALA U 498 -56.71 19.46 8.71
N ALA U 499 -57.03 18.30 9.27
CA ALA U 499 -57.33 18.19 10.70
C ALA U 499 -56.18 18.68 11.56
N ILE U 500 -54.95 18.25 11.26
CA ILE U 500 -53.80 18.68 12.02
C ILE U 500 -53.48 20.15 11.74
N ARG U 501 -53.53 20.55 10.47
CA ARG U 501 -53.25 21.93 10.10
C ARG U 501 -54.24 22.89 10.72
N TYR U 502 -55.39 22.41 11.15
CA TYR U 502 -56.41 23.19 11.85
C TYR U 502 -56.58 22.65 13.27
N ARG U 503 -55.47 22.19 13.85
CA ARG U 503 -55.45 21.66 15.20
C ARG U 503 -56.21 22.55 16.17
N PRO V 18 -75.69 -73.61 -15.89
CA PRO V 18 -75.02 -72.62 -15.06
C PRO V 18 -73.53 -72.92 -14.90
N GLN V 19 -73.09 -74.04 -15.47
CA GLN V 19 -71.69 -74.43 -15.35
C GLN V 19 -70.77 -73.61 -16.25
N ALA V 20 -71.30 -72.97 -17.29
CA ALA V 20 -70.49 -72.17 -18.20
C ALA V 20 -71.31 -71.03 -18.76
N VAL V 21 -70.63 -69.99 -19.24
CA VAL V 21 -71.26 -68.80 -19.80
C VAL V 21 -70.53 -68.38 -21.07
N VAL V 22 -71.29 -67.90 -22.05
CA VAL V 22 -70.74 -67.40 -23.30
C VAL V 22 -70.54 -65.90 -23.20
N VAL V 23 -69.31 -65.45 -23.53
CA VAL V 23 -68.95 -64.03 -23.50
C VAL V 23 -67.97 -63.72 -24.63
N GLY V 24 -67.91 -62.44 -25.00
CA GLY V 24 -67.01 -61.97 -26.04
C GLY V 24 -65.69 -61.47 -25.48
N VAL V 25 -64.58 -61.88 -26.09
CA VAL V 25 -63.25 -61.45 -25.69
C VAL V 25 -62.58 -60.57 -26.76
N MET V 26 -62.09 -59.41 -26.34
CA MET V 26 -61.38 -58.46 -27.19
C MET V 26 -59.88 -58.71 -27.12
N ALA V 27 -59.23 -58.75 -28.28
CA ALA V 27 -57.79 -58.99 -28.33
C ALA V 27 -57.01 -57.94 -29.11
N GLY V 28 -55.72 -58.19 -29.33
CA GLY V 28 -54.84 -57.28 -30.02
C GLY V 28 -55.35 -56.68 -31.32
N GLU V 29 -55.17 -55.38 -31.43
CA GLU V 29 -55.57 -54.54 -32.55
C GLU V 29 -57.08 -54.52 -32.83
N GLY V 30 -57.88 -55.17 -31.99
CA GLY V 30 -59.33 -55.12 -32.11
C GLY V 30 -60.14 -56.34 -32.49
N VAL V 31 -59.56 -57.53 -32.59
CA VAL V 31 -60.37 -58.70 -32.95
C VAL V 31 -61.21 -59.16 -31.76
N GLN V 32 -62.52 -59.30 -31.99
CA GLN V 32 -63.44 -59.85 -30.99
C GLN V 32 -63.74 -61.32 -31.31
N ILE V 33 -63.63 -62.20 -30.31
CA ILE V 33 -63.89 -63.62 -30.49
C ILE V 33 -64.85 -64.14 -29.41
N GLY V 34 -65.90 -64.83 -29.85
CA GLY V 34 -66.88 -65.40 -28.92
C GLY V 34 -66.38 -66.69 -28.29
N VAL V 35 -66.40 -66.75 -26.96
CA VAL V 35 -65.91 -67.90 -26.22
C VAL V 35 -66.85 -68.32 -25.09
N LEU V 36 -66.85 -69.62 -24.80
CA LEU V 36 -67.62 -70.23 -23.72
C LEU V 36 -66.66 -70.56 -22.58
N LEU V 37 -66.69 -69.77 -21.52
CA LEU V 37 -65.82 -69.93 -20.36
C LEU V 37 -66.43 -70.71 -19.20
N ASP V 38 -65.55 -71.33 -18.41
CA ASP V 38 -65.93 -72.06 -17.20
C ASP V 38 -66.42 -71.04 -16.17
N ALA V 39 -67.64 -71.24 -15.66
CA ALA V 39 -68.23 -70.28 -14.73
C ALA V 39 -67.68 -70.28 -13.30
N ASN V 40 -66.94 -71.30 -12.85
CA ASN V 40 -66.47 -71.31 -11.46
C ASN V 40 -64.96 -71.35 -11.24
N ALA V 41 -64.17 -71.75 -12.22
CA ALA V 41 -62.72 -71.72 -12.07
C ALA V 41 -62.23 -70.28 -11.86
N PRO V 42 -61.16 -70.07 -11.09
CA PRO V 42 -60.67 -68.71 -10.91
C PRO V 42 -60.05 -68.17 -12.19
N VAL V 43 -60.39 -66.91 -12.46
CA VAL V 43 -60.04 -66.24 -13.71
C VAL V 43 -58.56 -66.33 -14.06
N SER V 44 -57.67 -66.31 -13.07
CA SER V 44 -56.25 -66.41 -13.36
C SER V 44 -55.88 -67.72 -14.04
N VAL V 45 -56.67 -68.77 -13.85
CA VAL V 45 -56.41 -70.07 -14.46
C VAL V 45 -56.67 -70.10 -15.97
N MET V 46 -57.52 -69.22 -16.47
CA MET V 46 -57.94 -69.18 -17.87
C MET V 46 -57.08 -68.31 -18.79
N THR V 47 -56.47 -67.26 -18.25
CA THR V 47 -55.75 -66.28 -19.06
C THR V 47 -54.63 -66.87 -19.93
N ASP V 48 -53.89 -67.86 -19.44
CA ASP V 48 -52.80 -68.42 -20.24
C ASP V 48 -53.30 -69.16 -21.48
N PRO V 49 -54.12 -70.18 -21.37
CA PRO V 49 -54.61 -70.88 -22.57
C PRO V 49 -55.43 -70.01 -23.50
N LEU V 50 -56.14 -69.04 -22.94
CA LEU V 50 -56.94 -68.12 -23.74
C LEU V 50 -56.08 -67.30 -24.71
N LEU V 51 -54.93 -66.83 -24.23
CA LEU V 51 -54.00 -66.08 -25.09
C LEU V 51 -53.48 -66.93 -26.24
N LYS V 52 -53.17 -68.20 -25.98
CA LYS V 52 -52.71 -69.09 -27.03
C LYS V 52 -53.76 -69.20 -28.14
N VAL V 53 -55.02 -69.43 -27.77
CA VAL V 53 -56.10 -69.59 -28.73
C VAL V 53 -56.24 -68.36 -29.63
N VAL V 54 -56.30 -67.17 -29.05
CA VAL V 54 -56.44 -65.96 -29.87
C VAL V 54 -55.22 -65.79 -30.78
N ASN V 55 -54.04 -66.12 -30.28
CA ASN V 55 -52.83 -66.03 -31.11
C ASN V 55 -52.87 -67.06 -32.23
N SER V 56 -53.26 -68.29 -31.93
CA SER V 56 -53.38 -69.33 -32.96
C SER V 56 -54.36 -68.93 -34.05
N ARG V 57 -55.53 -68.42 -33.66
CA ARG V 57 -56.52 -68.00 -34.66
C ARG V 57 -55.99 -66.84 -35.49
N LEU V 58 -55.31 -65.88 -34.86
CA LEU V 58 -54.72 -64.76 -35.60
C LEU V 58 -53.67 -65.26 -36.58
N ARG V 59 -52.86 -66.22 -36.15
CA ARG V 59 -51.84 -66.82 -37.00
C ARG V 59 -52.49 -67.52 -38.19
N GLU V 60 -53.55 -68.30 -37.93
CA GLU V 60 -54.24 -68.94 -39.05
C GLU V 60 -54.90 -67.90 -39.94
N LEU V 61 -55.45 -66.85 -39.34
CA LEU V 61 -56.06 -65.78 -40.11
C LEU V 61 -55.00 -65.03 -40.92
N GLY V 62 -53.73 -65.14 -40.53
CA GLY V 62 -52.64 -64.45 -41.20
C GLY V 62 -52.29 -63.11 -40.62
N GLU V 63 -52.82 -62.80 -39.43
CA GLU V 63 -52.59 -61.55 -38.73
C GLU V 63 -51.41 -61.69 -37.76
N ALA V 64 -51.00 -60.56 -37.22
CA ALA V 64 -49.90 -60.52 -36.27
C ALA V 64 -50.38 -60.83 -34.85
N PRO V 65 -49.72 -61.72 -34.14
CA PRO V 65 -50.10 -62.07 -32.76
C PRO V 65 -49.78 -60.97 -31.76
N LEU V 66 -50.30 -61.17 -30.56
CA LEU V 66 -50.03 -60.29 -29.43
C LEU V 66 -48.62 -60.51 -28.92
N GLU V 67 -47.98 -59.42 -28.47
CA GLU V 67 -46.62 -59.50 -27.97
C GLU V 67 -46.42 -58.59 -26.77
N ALA V 68 -45.56 -59.04 -25.87
CA ALA V 68 -45.16 -58.33 -24.68
C ALA V 68 -44.06 -57.33 -25.02
N THR V 69 -43.90 -56.33 -24.16
CA THR V 69 -42.89 -55.29 -24.36
C THR V 69 -42.14 -55.06 -23.04
N GLY V 70 -40.89 -55.51 -22.98
CA GLY V 70 -40.10 -55.32 -21.80
C GLY V 70 -40.60 -56.03 -20.56
N ARG V 71 -40.94 -55.26 -19.52
CA ARG V 71 -41.43 -55.79 -18.26
C ARG V 71 -42.92 -55.51 -18.09
N GLY V 72 -43.69 -56.56 -17.79
CA GLY V 72 -45.12 -56.43 -17.61
C GLY V 72 -45.79 -57.79 -17.48
N ARG V 73 -47.11 -57.79 -17.62
CA ARG V 73 -47.92 -59.00 -17.54
C ARG V 73 -49.17 -58.92 -18.41
N TRP V 74 -49.78 -60.08 -18.63
CA TRP V 74 -51.02 -60.26 -19.38
C TRP V 74 -52.22 -60.38 -18.44
N ALA V 75 -53.30 -59.68 -18.75
CA ALA V 75 -54.48 -59.70 -17.90
C ALA V 75 -55.78 -59.67 -18.70
N LEU V 76 -56.86 -60.07 -18.02
CA LEU V 76 -58.22 -60.08 -18.53
C LEU V 76 -59.01 -58.99 -17.83
N CYS V 77 -59.62 -58.10 -18.60
CA CYS V 77 -60.29 -56.93 -18.06
C CYS V 77 -61.68 -56.74 -18.65
N LEU V 78 -62.46 -55.87 -17.98
CA LEU V 78 -63.75 -55.45 -18.47
C LEU V 78 -63.52 -54.53 -19.66
N VAL V 79 -64.60 -54.17 -20.36
CA VAL V 79 -64.40 -53.26 -21.49
C VAL V 79 -63.83 -51.92 -21.06
N ASP V 80 -64.00 -51.54 -19.80
CA ASP V 80 -63.44 -50.31 -19.27
C ASP V 80 -61.96 -50.41 -18.92
N GLY V 81 -61.31 -51.55 -19.19
CA GLY V 81 -59.91 -51.71 -18.89
C GLY V 81 -59.60 -52.17 -17.47
N ALA V 82 -60.55 -52.04 -16.55
CA ALA V 82 -60.33 -52.49 -15.18
C ALA V 82 -60.14 -54.00 -15.12
N PRO V 83 -59.03 -54.49 -14.56
CA PRO V 83 -58.81 -55.93 -14.49
C PRO V 83 -59.67 -56.63 -13.45
N LEU V 84 -60.01 -57.88 -13.76
CA LEU V 84 -60.80 -58.72 -12.85
C LEU V 84 -59.90 -59.30 -11.75
N ARG V 85 -60.46 -59.45 -10.55
CA ARG V 85 -59.66 -60.00 -9.45
C ARG V 85 -59.24 -61.45 -9.75
N ALA V 86 -57.93 -61.63 -9.88
CA ALA V 86 -57.31 -62.90 -10.30
C ALA V 86 -57.71 -64.15 -9.51
N THR V 87 -58.01 -64.02 -8.22
CA THR V 87 -58.36 -65.19 -7.41
C THR V 87 -59.85 -65.51 -7.37
N GLN V 88 -60.70 -64.61 -7.82
CA GLN V 88 -62.13 -64.84 -7.75
C GLN V 88 -62.64 -65.64 -8.93
N SER V 89 -63.73 -66.37 -8.68
CA SER V 89 -64.43 -67.16 -9.67
C SER V 89 -65.28 -66.24 -10.56
N LEU V 90 -65.50 -66.66 -11.79
CA LEU V 90 -66.29 -65.85 -12.72
C LEU V 90 -67.69 -65.62 -12.19
N THR V 91 -68.23 -66.59 -11.44
CA THR V 91 -69.56 -66.45 -10.83
C THR V 91 -69.54 -65.57 -9.59
N GLU V 92 -68.38 -65.42 -8.94
CA GLU V 92 -68.31 -64.56 -7.77
C GLU V 92 -68.46 -63.11 -8.17
N GLN V 93 -67.98 -62.78 -9.36
CA GLN V 93 -68.14 -61.46 -9.93
C GLN V 93 -69.45 -61.40 -10.70
N ASP V 94 -69.95 -60.19 -10.87
CA ASP V 94 -71.21 -59.91 -11.55
C ASP V 94 -71.07 -59.99 -13.07
N VAL V 95 -70.62 -61.15 -13.54
CA VAL V 95 -70.42 -61.42 -14.96
C VAL V 95 -71.52 -62.37 -15.41
N TYR V 96 -72.22 -61.99 -16.48
CA TYR V 96 -73.33 -62.76 -16.99
C TYR V 96 -73.11 -63.15 -18.45
N ASP V 97 -73.83 -64.20 -18.85
CA ASP V 97 -73.80 -64.72 -20.20
C ASP V 97 -74.24 -63.64 -21.19
N GLY V 98 -73.42 -63.42 -22.21
CA GLY V 98 -73.66 -62.41 -23.21
C GLY V 98 -72.78 -61.19 -23.05
N ASP V 99 -72.07 -61.08 -21.93
CA ASP V 99 -71.15 -59.98 -21.70
C ASP V 99 -69.90 -60.20 -22.55
N ARG V 100 -68.96 -59.27 -22.45
CA ARG V 100 -67.70 -59.36 -23.16
C ARG V 100 -66.58 -58.88 -22.26
N LEU V 101 -65.37 -59.37 -22.52
CA LEU V 101 -64.19 -59.07 -21.73
C LEU V 101 -63.03 -58.73 -22.65
N TRP V 102 -61.96 -58.22 -22.05
CA TRP V 102 -60.78 -57.76 -22.76
C TRP V 102 -59.47 -58.25 -22.15
N ILE V 103 -58.62 -58.83 -23.01
CA ILE V 103 -57.29 -59.29 -22.63
C ILE V 103 -56.29 -58.19 -22.91
N ARG V 104 -55.45 -57.89 -21.93
CA ARG V 104 -54.54 -56.75 -22.03
C ARG V 104 -53.20 -57.02 -21.38
N PHE V 105 -52.19 -56.29 -21.87
CA PHE V 105 -50.85 -56.31 -21.33
C PHE V 105 -50.65 -55.07 -20.48
N ILE V 106 -50.24 -55.25 -19.23
CA ILE V 106 -49.99 -54.13 -18.31
C ILE V 106 -48.52 -54.11 -17.92
N ALA V 107 -47.85 -53.00 -18.23
CA ALA V 107 -46.42 -52.82 -17.99
C ALA V 107 -46.07 -52.64 -16.52
N ASP V 108 -44.81 -52.95 -16.23
CA ASP V 108 -44.18 -52.82 -14.93
C ASP V 108 -43.88 -51.35 -14.61
N THR V 109 -44.39 -50.87 -13.46
CA THR V 109 -44.19 -49.50 -12.97
C THR V 109 -43.07 -49.35 -11.95
N GLU V 110 -42.41 -50.44 -11.55
CA GLU V 110 -41.36 -50.37 -10.55
C GLU V 110 -40.16 -49.53 -10.98
N ARG V 111 -39.83 -48.52 -10.18
CA ARG V 111 -38.68 -47.66 -10.46
C ARG V 111 -38.19 -47.04 -9.16
N ARG V 112 -36.94 -46.56 -9.20
CA ARG V 112 -36.30 -45.93 -8.06
C ARG V 112 -37.06 -44.72 -7.57
N SER V 113 -36.91 -44.44 -6.26
CA SER V 113 -37.51 -43.26 -5.67
C SER V 113 -36.55 -42.09 -5.87
N GLN V 114 -37.08 -40.87 -5.82
CA GLN V 114 -36.28 -39.67 -6.06
C GLN V 114 -36.46 -38.67 -4.92
N VAL V 115 -35.37 -38.14 -4.38
CA VAL V 115 -35.42 -37.25 -3.23
C VAL V 115 -34.55 -36.00 -3.42
N ILE V 116 -35.11 -34.86 -3.05
CA ILE V 116 -34.46 -33.54 -3.07
C ILE V 116 -34.59 -32.98 -1.65
N GLU V 117 -33.47 -32.74 -0.99
CA GLU V 117 -33.55 -32.30 0.40
C GLU V 117 -33.69 -30.80 0.65
N HIS V 118 -32.95 -29.94 -0.04
CA HIS V 118 -33.08 -28.52 0.26
C HIS V 118 -34.45 -28.01 -0.15
N ILE V 119 -35.19 -27.51 0.83
CA ILE V 119 -36.63 -27.36 0.69
C ILE V 119 -37.05 -26.44 -0.45
N SER V 120 -36.31 -25.36 -0.70
CA SER V 120 -36.75 -24.46 -1.76
C SER V 120 -36.71 -25.13 -3.13
N THR V 121 -35.61 -25.79 -3.46
CA THR V 121 -35.55 -26.46 -4.75
C THR V 121 -36.60 -27.54 -4.83
N ALA V 122 -36.77 -28.27 -3.74
CA ALA V 122 -37.75 -29.34 -3.70
C ALA V 122 -39.16 -28.82 -3.98
N VAL V 123 -39.53 -27.68 -3.39
CA VAL V 123 -40.86 -27.15 -3.62
C VAL V 123 -41.07 -26.78 -5.07
N ALA V 124 -40.09 -26.13 -5.68
CA ALA V 124 -40.22 -25.77 -7.08
C ALA V 124 -40.35 -26.98 -8.00
N SER V 125 -39.48 -27.97 -7.84
CA SER V 125 -39.52 -29.15 -8.71
C SER V 125 -40.88 -29.83 -8.74
N ASP V 126 -41.39 -30.23 -7.57
CA ASP V 126 -42.68 -30.91 -7.51
C ASP V 126 -43.83 -30.02 -7.97
N LEU V 127 -43.89 -28.81 -7.49
CA LEU V 127 -44.98 -27.92 -7.84
C LEU V 127 -45.06 -27.65 -9.34
N SER V 128 -43.94 -27.73 -10.05
CA SER V 128 -43.93 -27.49 -11.49
C SER V 128 -44.55 -28.60 -12.34
N LYS V 129 -44.75 -29.80 -11.82
CA LYS V 129 -45.31 -30.90 -12.60
C LYS V 129 -46.81 -31.08 -12.43
N ARG V 130 -47.34 -30.72 -11.29
CA ARG V 130 -48.73 -30.98 -11.00
C ARG V 130 -49.69 -29.94 -11.54
N PHE V 131 -49.21 -28.78 -12.00
CA PHE V 131 -50.13 -27.78 -12.50
C PHE V 131 -49.61 -27.17 -13.79
N ALA V 132 -50.51 -26.44 -14.46
CA ALA V 132 -50.24 -25.81 -15.74
C ALA V 132 -50.03 -24.30 -15.62
N ARG V 133 -48.95 -23.82 -16.23
CA ARG V 133 -48.59 -22.42 -16.25
C ARG V 133 -49.43 -21.70 -17.30
N ILE V 134 -49.62 -20.40 -17.12
CA ILE V 134 -50.36 -19.59 -18.08
C ILE V 134 -49.63 -19.54 -19.43
N ASP V 135 -50.41 -19.48 -20.53
CA ASP V 135 -49.84 -19.47 -21.89
C ASP V 135 -50.60 -18.57 -22.87
N PRO V 136 -50.01 -18.27 -24.02
CA PRO V 136 -50.65 -17.32 -24.96
C PRO V 136 -51.99 -17.80 -25.49
N ILE V 137 -52.16 -19.10 -25.64
CA ILE V 137 -53.41 -19.64 -26.15
C ILE V 137 -54.55 -19.25 -25.22
N VAL V 138 -54.35 -19.46 -23.93
CA VAL V 138 -55.39 -19.12 -22.96
C VAL V 138 -55.57 -17.62 -22.92
N ALA V 139 -54.48 -16.87 -22.98
CA ALA V 139 -54.54 -15.42 -22.91
C ALA V 139 -55.51 -14.83 -23.94
N VAL V 140 -55.48 -15.35 -25.16
CA VAL V 140 -56.39 -14.83 -26.19
C VAL V 140 -57.83 -15.10 -25.81
N GLN V 141 -58.12 -16.29 -25.29
CA GLN V 141 -59.49 -16.59 -24.89
C GLN V 141 -59.94 -15.65 -23.79
N VAL V 142 -59.05 -15.31 -22.87
CA VAL V 142 -59.43 -14.38 -21.81
C VAL V 142 -59.80 -13.05 -22.41
N GLY V 143 -59.04 -12.59 -23.39
CA GLY V 143 -59.36 -11.34 -24.03
C GLY V 143 -60.72 -11.36 -24.68
N ALA V 144 -61.02 -12.42 -25.43
CA ALA V 144 -62.31 -12.54 -26.10
C ALA V 144 -63.46 -12.53 -25.10
N SER V 145 -63.31 -13.27 -24.01
CA SER V 145 -64.35 -13.33 -22.99
C SER V 145 -64.64 -11.96 -22.37
N MET V 146 -63.60 -11.20 -22.05
CA MET V 146 -63.80 -9.88 -21.44
C MET V 146 -64.47 -8.89 -22.38
N VAL V 147 -64.10 -8.88 -23.65
CA VAL V 147 -64.73 -7.94 -24.57
C VAL V 147 -66.21 -8.27 -24.72
N ALA V 148 -66.54 -9.55 -24.77
CA ALA V 148 -67.94 -9.95 -24.85
C ALA V 148 -68.71 -9.44 -23.63
N THR V 149 -68.16 -9.66 -22.44
CA THR V 149 -68.79 -9.18 -21.21
C THR V 149 -68.95 -7.67 -21.21
N GLY V 150 -68.01 -6.96 -21.81
CA GLY V 150 -68.10 -5.52 -21.85
C GLY V 150 -69.26 -5.01 -22.68
N VAL V 151 -69.39 -5.50 -23.90
CA VAL V 151 -70.46 -5.04 -24.79
C VAL V 151 -71.84 -5.43 -24.23
N VAL V 152 -71.97 -6.60 -23.63
CA VAL V 152 -73.27 -6.92 -23.05
C VAL V 152 -73.58 -5.95 -21.91
N LEU V 153 -72.56 -5.42 -21.26
CA LEU V 153 -72.76 -4.42 -20.22
C LEU V 153 -73.13 -3.08 -20.83
N ALA V 154 -72.53 -2.75 -21.96
CA ALA V 154 -72.82 -1.50 -22.67
C ALA V 154 -74.28 -1.46 -23.11
N THR V 155 -74.75 -2.54 -23.70
CA THR V 155 -76.15 -2.62 -24.13
C THR V 155 -77.08 -2.53 -22.94
N GLY V 156 -76.70 -3.13 -21.83
CA GLY V 156 -77.51 -3.07 -20.63
C GLY V 156 -77.81 -1.65 -20.18
N VAL V 157 -76.76 -0.82 -20.07
CA VAL V 157 -76.96 0.56 -19.65
C VAL V 157 -77.64 1.40 -20.73
N LEU V 158 -77.30 1.18 -22.01
CA LEU V 158 -77.91 1.95 -23.09
C LEU V 158 -79.40 1.67 -23.16
N GLY V 159 -79.79 0.42 -22.91
CA GLY V 159 -81.17 -0.04 -22.87
C GLY V 159 -81.94 0.48 -21.68
N TRP V 160 -81.25 0.88 -20.61
CA TRP V 160 -81.93 1.44 -19.45
C TRP V 160 -82.26 2.91 -19.68
N TRP V 161 -81.39 3.63 -20.39
CA TRP V 161 -81.57 5.06 -20.65
C TRP V 161 -82.87 5.36 -21.40
N ARG V 162 -83.22 4.54 -22.39
CA ARG V 162 -84.45 4.73 -23.17
C ARG V 162 -85.73 4.81 -22.33
N TRP V 163 -85.79 4.19 -21.15
CA TRP V 163 -87.01 4.33 -20.36
C TRP V 163 -87.27 5.76 -19.96
N HIS V 164 -86.21 6.55 -19.77
CA HIS V 164 -86.37 7.95 -19.42
C HIS V 164 -86.28 8.88 -20.62
N HIS V 165 -85.58 8.48 -21.70
CA HIS V 165 -85.49 9.35 -22.87
C HIS V 165 -85.43 8.38 -24.05
N ASN V 166 -86.60 8.04 -24.58
CA ASN V 166 -86.65 7.11 -25.71
C ASN V 166 -86.33 7.83 -27.01
N THR V 167 -85.15 8.45 -27.08
CA THR V 167 -84.72 9.17 -28.28
C THR V 167 -83.90 8.25 -29.20
N TRP V 168 -83.49 8.80 -30.33
CA TRP V 168 -82.73 8.07 -31.35
C TRP V 168 -81.35 7.63 -30.87
N LEU V 169 -80.81 8.29 -29.86
CA LEU V 169 -79.45 8.01 -29.38
C LEU V 169 -79.20 6.53 -29.12
N THR V 170 -80.07 5.89 -28.33
CA THR V 170 -79.91 4.48 -27.99
C THR V 170 -79.77 3.56 -29.20
N THR V 171 -80.64 3.70 -30.20
CA THR V 171 -80.55 2.85 -31.38
C THR V 171 -79.33 3.18 -32.23
N ILE V 172 -79.11 4.47 -32.47
CA ILE V 172 -77.98 4.91 -33.29
C ILE V 172 -76.65 4.44 -32.68
N TYR V 173 -76.51 4.63 -31.38
CA TYR V 173 -75.30 4.24 -30.67
C TYR V 173 -75.05 2.73 -30.71
N THR V 174 -76.08 1.94 -30.49
CA THR V 174 -75.92 0.49 -30.45
C THR V 174 -75.62 -0.13 -31.82
N ALA V 175 -76.21 0.42 -32.88
CA ALA V 175 -76.04 -0.12 -34.23
C ALA V 175 -74.58 -0.22 -34.69
N VAL V 176 -73.80 0.84 -34.54
CA VAL V 176 -72.40 0.84 -34.96
C VAL V 176 -71.58 -0.22 -34.21
N ILE V 177 -71.84 -0.41 -32.92
CA ILE V 177 -71.13 -1.45 -32.17
C ILE V 177 -71.35 -2.81 -32.79
N GLY V 178 -72.59 -3.12 -33.13
CA GLY V 178 -72.91 -4.40 -33.75
C GLY V 178 -72.10 -4.65 -35.01
N VAL V 179 -72.05 -3.64 -35.88
CA VAL V 179 -71.31 -3.73 -37.14
C VAL V 179 -69.82 -4.02 -36.91
N LEU V 180 -69.18 -3.27 -36.04
CA LEU V 180 -67.75 -3.45 -35.79
C LEU V 180 -67.42 -4.86 -35.30
N VAL V 181 -68.14 -5.32 -34.29
CA VAL V 181 -67.90 -6.65 -33.75
C VAL V 181 -68.12 -7.71 -34.82
N LEU V 182 -69.21 -7.57 -35.57
CA LEU V 182 -69.52 -8.55 -36.60
C LEU V 182 -68.43 -8.58 -37.67
N ALA V 183 -67.94 -7.42 -38.06
CA ALA V 183 -66.88 -7.35 -39.07
C ALA V 183 -65.62 -8.05 -38.62
N VAL V 184 -65.24 -7.89 -37.36
CA VAL V 184 -64.06 -8.56 -36.83
C VAL V 184 -64.23 -10.07 -36.86
N ALA V 185 -65.36 -10.57 -36.39
CA ALA V 185 -65.63 -12.01 -36.38
C ALA V 185 -65.52 -12.64 -37.75
N MET V 186 -65.95 -11.93 -38.79
CA MET V 186 -65.88 -12.46 -40.14
C MET V 186 -64.43 -12.77 -40.51
N LEU V 187 -63.53 -11.82 -40.28
CA LEU V 187 -62.13 -12.04 -40.60
C LEU V 187 -61.59 -13.19 -39.77
N LEU V 188 -62.00 -13.26 -38.51
CA LEU V 188 -61.54 -14.34 -37.64
C LEU V 188 -62.03 -15.67 -38.17
N LEU V 189 -63.30 -15.73 -38.56
CA LEU V 189 -63.86 -16.97 -39.07
C LEU V 189 -63.12 -17.43 -40.32
N MET V 190 -62.82 -16.49 -41.22
CA MET V 190 -62.06 -16.79 -42.43
C MET V 190 -60.61 -17.13 -42.14
N ARG V 191 -60.01 -16.55 -41.11
CA ARG V 191 -58.61 -16.79 -40.80
C ARG V 191 -58.36 -17.99 -39.89
N ALA V 192 -59.35 -18.44 -39.15
CA ALA V 192 -59.21 -19.55 -38.19
C ALA V 192 -58.57 -20.81 -38.77
N LYS V 193 -57.71 -21.44 -37.94
CA LYS V 193 -56.95 -22.66 -38.26
C LYS V 193 -57.23 -23.84 -37.32
N THR V 194 -57.59 -23.60 -36.05
CA THR V 194 -57.87 -24.66 -35.08
C THR V 194 -59.13 -24.31 -34.30
N ASP V 195 -59.65 -25.31 -33.59
CA ASP V 195 -60.85 -25.14 -32.77
C ASP V 195 -60.66 -24.07 -31.70
N ALA V 196 -59.44 -23.86 -31.23
CA ALA V 196 -59.21 -22.80 -30.26
C ALA V 196 -59.56 -21.48 -30.92
N ASP V 197 -59.08 -21.30 -32.14
CA ASP V 197 -59.37 -20.09 -32.90
C ASP V 197 -60.87 -19.98 -33.11
N ARG V 198 -61.52 -21.10 -33.44
CA ARG V 198 -62.96 -21.10 -33.66
C ARG V 198 -63.70 -20.72 -32.38
N ARG V 199 -63.24 -21.20 -31.23
CA ARG V 199 -63.90 -20.77 -30.00
C ARG V 199 -63.80 -19.25 -29.90
N VAL V 200 -62.63 -18.70 -30.21
CA VAL V 200 -62.47 -17.26 -30.16
C VAL V 200 -63.47 -16.61 -31.09
N ALA V 201 -63.56 -17.08 -32.32
CA ALA V 201 -64.49 -16.50 -33.28
C ALA V 201 -65.94 -16.67 -32.82
N ASP V 202 -66.30 -17.85 -32.34
CA ASP V 202 -67.68 -18.08 -31.91
C ASP V 202 -68.05 -17.15 -30.77
N ILE V 203 -67.15 -16.96 -29.80
CA ILE V 203 -67.45 -16.06 -28.69
C ILE V 203 -67.67 -14.66 -29.24
N MET V 204 -66.85 -14.26 -30.20
CA MET V 204 -67.00 -12.96 -30.80
C MET V 204 -68.37 -12.86 -31.49
N LEU V 205 -68.73 -13.90 -32.24
CA LEU V 205 -70.00 -13.93 -32.97
C LEU V 205 -71.22 -13.96 -32.04
N MET V 206 -71.19 -14.83 -31.04
CA MET V 206 -72.28 -14.89 -30.07
C MET V 206 -72.57 -13.51 -29.50
N SER V 207 -71.52 -12.76 -29.20
CA SER V 207 -71.66 -11.43 -28.62
C SER V 207 -72.20 -10.37 -29.59
N ALA V 208 -72.09 -10.58 -30.89
CA ALA V 208 -72.59 -9.59 -31.84
C ALA V 208 -74.13 -9.48 -31.90
N ILE V 209 -74.85 -10.56 -31.60
CA ILE V 209 -76.31 -10.60 -31.69
C ILE V 209 -77.02 -9.71 -30.67
N MET V 210 -76.54 -9.65 -29.44
CA MET V 210 -77.20 -8.87 -28.39
C MET V 210 -77.32 -7.38 -28.69
N PRO V 211 -76.30 -6.70 -29.18
CA PRO V 211 -76.47 -5.27 -29.50
C PRO V 211 -77.46 -5.04 -30.65
N VAL V 212 -77.40 -5.84 -31.71
CA VAL V 212 -78.31 -5.68 -32.85
C VAL V 212 -79.77 -5.81 -32.40
N THR V 213 -80.07 -6.71 -31.47
CA THR V 213 -81.42 -6.92 -30.96
C THR V 213 -82.01 -5.66 -30.34
N VAL V 214 -81.34 -5.09 -29.35
CA VAL V 214 -81.86 -3.87 -28.73
C VAL V 214 -81.76 -2.69 -29.68
N ALA V 215 -80.82 -2.73 -30.62
CA ALA V 215 -80.71 -1.65 -31.59
C ALA V 215 -82.01 -1.55 -32.39
N ALA V 216 -82.53 -2.68 -32.85
CA ALA V 216 -83.79 -2.71 -33.60
C ALA V 216 -84.99 -2.38 -32.70
N ALA V 217 -85.09 -3.02 -31.54
CA ALA V 217 -86.20 -2.79 -30.61
C ALA V 217 -86.29 -1.35 -30.12
N ALA V 218 -85.18 -0.63 -30.10
CA ALA V 218 -85.13 0.77 -29.69
C ALA V 218 -85.52 1.77 -30.77
N ALA V 219 -85.86 1.32 -31.97
CA ALA V 219 -86.24 2.22 -33.07
C ALA V 219 -87.63 2.85 -32.97
N PRO V 220 -88.68 2.15 -32.59
CA PRO V 220 -90.01 2.78 -32.49
C PRO V 220 -90.08 3.82 -31.39
N PRO V 221 -90.37 5.10 -31.75
CA PRO V 221 -90.43 6.19 -30.77
C PRO V 221 -91.60 6.12 -29.80
N GLY V 222 -91.61 7.05 -28.84
CA GLY V 222 -92.64 7.12 -27.84
C GLY V 222 -92.42 6.15 -26.68
N PRO V 223 -93.27 6.24 -25.66
CA PRO V 223 -93.14 5.34 -24.52
C PRO V 223 -93.12 3.88 -24.95
N VAL V 224 -92.18 3.16 -24.35
CA VAL V 224 -91.93 1.75 -24.59
C VAL V 224 -93.10 0.88 -24.13
N GLY V 225 -93.32 -0.21 -24.86
CA GLY V 225 -94.38 -1.15 -24.50
C GLY V 225 -94.55 -2.23 -25.57
N SER V 226 -95.79 -2.73 -25.67
CA SER V 226 -96.12 -3.77 -26.64
C SER V 226 -95.53 -3.60 -28.04
N PRO V 227 -95.56 -2.43 -28.66
CA PRO V 227 -95.01 -2.31 -30.02
C PRO V 227 -93.50 -2.49 -30.14
N GLN V 228 -92.70 -1.97 -29.20
CA GLN V 228 -91.24 -2.13 -29.29
C GLN V 228 -90.81 -3.60 -29.14
N ALA V 229 -91.41 -4.32 -28.19
CA ALA V 229 -91.07 -5.71 -27.90
C ALA V 229 -91.14 -6.64 -29.11
N VAL V 230 -92.17 -6.47 -29.95
CA VAL V 230 -92.37 -7.32 -31.12
C VAL V 230 -91.15 -7.34 -32.03
N LEU V 231 -90.57 -6.18 -32.32
CA LEU V 231 -89.41 -6.12 -33.20
C LEU V 231 -88.22 -6.90 -32.63
N GLY V 232 -87.91 -6.69 -31.36
CA GLY V 232 -86.78 -7.33 -30.72
C GLY V 232 -86.70 -8.84 -30.81
N PHE V 233 -87.71 -9.53 -30.30
CA PHE V 233 -87.70 -11.00 -30.35
C PHE V 233 -87.70 -11.49 -31.79
N GLY V 234 -88.31 -10.75 -32.69
CA GLY V 234 -88.33 -11.11 -34.10
C GLY V 234 -86.91 -11.08 -34.63
N VAL V 235 -86.27 -9.91 -34.57
CA VAL V 235 -84.92 -9.78 -35.09
C VAL V 235 -83.98 -10.75 -34.36
N LEU V 236 -84.20 -10.96 -33.07
CA LEU V 236 -83.38 -11.88 -32.29
C LEU V 236 -83.49 -13.30 -32.84
N THR V 237 -84.71 -13.74 -33.10
CA THR V 237 -84.95 -15.06 -33.66
C THR V 237 -84.28 -15.19 -35.02
N VAL V 238 -84.43 -14.17 -35.87
CA VAL V 238 -83.84 -14.19 -37.22
C VAL V 238 -82.32 -14.26 -37.16
N ALA V 239 -81.69 -13.40 -36.37
CA ALA V 239 -80.23 -13.39 -36.29
C ALA V 239 -79.70 -14.73 -35.81
N ALA V 240 -80.28 -15.27 -34.75
CA ALA V 240 -79.83 -16.55 -34.22
C ALA V 240 -79.95 -17.65 -35.27
N ALA V 241 -81.08 -17.68 -35.95
CA ALA V 241 -81.26 -18.68 -36.99
C ALA V 241 -80.26 -18.46 -38.11
N LEU V 242 -80.10 -17.20 -38.53
CA LEU V 242 -79.19 -16.87 -39.64
C LEU V 242 -77.75 -17.25 -39.31
N ALA V 243 -77.32 -17.04 -38.07
CA ALA V 243 -75.96 -17.43 -37.69
C ALA V 243 -75.80 -18.94 -37.85
N LEU V 244 -76.76 -19.69 -37.34
CA LEU V 244 -76.73 -21.14 -37.41
C LEU V 244 -76.67 -21.61 -38.86
N ARG V 245 -77.53 -21.05 -39.70
CA ARG V 245 -77.60 -21.42 -41.11
C ARG V 245 -76.23 -21.42 -41.78
N PHE V 246 -75.43 -20.39 -41.56
CA PHE V 246 -74.10 -20.28 -42.15
C PHE V 246 -72.95 -20.87 -41.32
N THR V 247 -73.07 -20.95 -39.98
CA THR V 247 -71.96 -21.42 -39.15
C THR V 247 -71.93 -22.92 -38.85
N GLY V 248 -73.06 -23.56 -38.56
CA GLY V 248 -73.05 -24.98 -38.23
C GLY V 248 -72.33 -25.42 -36.95
N ARG V 249 -72.20 -24.54 -35.95
CA ARG V 249 -71.56 -24.81 -34.67
C ARG V 249 -72.36 -24.16 -33.53
N ARG V 250 -72.15 -24.64 -32.30
CA ARG V 250 -72.86 -24.11 -31.13
C ARG V 250 -74.38 -24.22 -31.23
N LEU V 251 -74.82 -25.39 -31.71
CA LEU V 251 -76.23 -25.67 -31.99
C LEU V 251 -77.19 -25.36 -30.83
N GLY V 252 -76.86 -25.83 -29.63
CA GLY V 252 -77.73 -25.65 -28.46
C GLY V 252 -78.10 -24.22 -28.10
N ILE V 253 -77.10 -23.35 -27.95
CA ILE V 253 -77.34 -21.96 -27.55
C ILE V 253 -78.17 -21.23 -28.61
N TYR V 254 -77.80 -21.36 -29.87
CA TYR V 254 -78.56 -20.70 -30.92
C TYR V 254 -79.99 -21.23 -30.97
N THR V 255 -80.16 -22.55 -30.92
CA THR V 255 -81.50 -23.14 -30.98
C THR V 255 -82.40 -22.65 -29.85
N THR V 256 -81.87 -22.58 -28.63
CA THR V 256 -82.65 -22.14 -27.47
C THR V 256 -83.17 -20.71 -27.62
N ILE V 257 -82.35 -19.81 -28.14
CA ILE V 257 -82.78 -18.43 -28.36
C ILE V 257 -83.90 -18.38 -29.39
N VAL V 258 -83.76 -19.14 -30.46
CA VAL V 258 -84.77 -19.19 -31.51
C VAL V 258 -86.12 -19.60 -30.95
N ILE V 259 -86.15 -20.61 -30.09
CA ILE V 259 -87.41 -21.08 -29.52
C ILE V 259 -88.04 -19.99 -28.65
N ILE V 260 -87.32 -19.52 -27.64
CA ILE V 260 -87.88 -18.51 -26.73
C ILE V 260 -88.22 -17.23 -27.49
N GLY V 261 -87.41 -16.89 -28.49
CA GLY V 261 -87.66 -15.71 -29.31
C GLY V 261 -88.92 -15.83 -30.15
N ALA V 262 -89.04 -16.92 -30.90
CA ALA V 262 -90.20 -17.18 -31.74
C ALA V 262 -91.50 -17.20 -30.93
N LEU V 263 -91.53 -17.97 -29.85
CA LEU V 263 -92.72 -18.05 -29.02
C LEU V 263 -93.09 -16.70 -28.45
N THR V 264 -92.09 -15.93 -28.01
CA THR V 264 -92.37 -14.60 -27.46
C THR V 264 -92.87 -13.63 -28.54
N MET V 265 -92.36 -13.72 -29.77
CA MET V 265 -92.82 -12.85 -30.83
C MET V 265 -94.33 -13.01 -31.05
N LEU V 266 -94.81 -14.24 -31.08
CA LEU V 266 -96.24 -14.53 -31.27
C LEU V 266 -97.05 -13.94 -30.13
N ALA V 267 -96.61 -14.18 -28.90
CA ALA V 267 -97.31 -13.66 -27.73
C ALA V 267 -97.30 -12.13 -27.75
N ALA V 268 -96.16 -11.54 -28.08
CA ALA V 268 -96.07 -10.08 -28.14
C ALA V 268 -96.98 -9.52 -29.23
N LEU V 269 -97.00 -10.15 -30.40
CA LEU V 269 -97.87 -9.70 -31.48
C LEU V 269 -99.34 -9.74 -31.07
N ALA V 270 -99.78 -10.84 -30.46
CA ALA V 270 -101.15 -10.98 -29.98
C ALA V 270 -101.52 -9.89 -28.99
N ARG V 271 -100.70 -9.68 -27.96
CA ARG V 271 -100.97 -8.63 -26.99
C ARG V 271 -101.02 -7.25 -27.64
N MET V 272 -100.13 -6.98 -28.60
CA MET V 272 -100.16 -5.68 -29.26
C MET V 272 -101.43 -5.52 -30.08
N VAL V 273 -101.82 -6.56 -30.82
CA VAL V 273 -103.03 -6.47 -31.64
C VAL V 273 -104.27 -6.51 -30.76
N ALA V 274 -104.49 -7.62 -30.05
CA ALA V 274 -105.66 -7.73 -29.20
C ALA V 274 -105.57 -8.98 -28.33
N ALA V 275 -105.75 -8.81 -27.02
CA ALA V 275 -105.70 -9.92 -26.08
C ALA V 275 -106.55 -9.56 -24.87
N THR V 276 -107.53 -10.42 -24.57
CA THR V 276 -108.41 -10.16 -23.44
C THR V 276 -107.68 -10.26 -22.12
N SER V 277 -106.69 -11.15 -22.00
CA SER V 277 -105.96 -11.24 -20.75
C SER V 277 -104.63 -11.95 -20.99
N ALA V 278 -103.71 -11.73 -20.04
CA ALA V 278 -102.42 -12.40 -20.05
C ALA V 278 -102.58 -13.90 -19.83
N VAL V 279 -103.52 -14.29 -18.97
CA VAL V 279 -103.81 -15.69 -18.67
C VAL V 279 -104.10 -16.47 -19.94
N THR V 280 -104.82 -15.85 -20.86
CA THR V 280 -105.14 -16.48 -22.14
C THR V 280 -103.87 -16.78 -22.94
N LEU V 281 -103.01 -15.78 -23.08
CA LEU V 281 -101.75 -15.95 -23.81
C LEU V 281 -100.85 -16.94 -23.07
N LEU V 282 -100.74 -16.76 -21.76
CA LEU V 282 -99.92 -17.63 -20.91
C LEU V 282 -100.39 -19.08 -21.01
N SER V 283 -101.71 -19.29 -20.96
CA SER V 283 -102.27 -20.62 -21.08
C SER V 283 -101.97 -21.18 -22.47
N SER V 284 -102.06 -20.32 -23.48
CA SER V 284 -101.77 -20.70 -24.85
C SER V 284 -100.32 -21.17 -24.99
N LEU V 285 -99.39 -20.40 -24.43
CA LEU V 285 -97.98 -20.78 -24.46
C LEU V 285 -97.77 -22.12 -23.77
N LEU V 286 -98.38 -22.30 -22.61
CA LEU V 286 -98.28 -23.56 -21.87
C LEU V 286 -98.74 -24.74 -22.72
N LEU V 287 -99.89 -24.60 -23.37
CA LEU V 287 -100.41 -25.66 -24.24
C LEU V 287 -99.48 -25.89 -25.43
N ILE V 288 -98.97 -24.82 -26.01
CA ILE V 288 -98.02 -24.93 -27.13
C ILE V 288 -96.79 -25.70 -26.67
N CYS V 289 -96.29 -25.38 -25.48
CA CYS V 289 -95.15 -26.07 -24.91
C CYS V 289 -95.47 -27.54 -24.60
N VAL V 290 -96.66 -27.80 -24.04
CA VAL V 290 -97.09 -29.17 -23.75
C VAL V 290 -97.05 -30.02 -25.02
N VAL V 291 -97.62 -29.52 -26.11
CA VAL V 291 -97.60 -30.26 -27.36
C VAL V 291 -96.16 -30.32 -27.87
N ALA V 292 -95.41 -29.24 -27.70
CA ALA V 292 -94.03 -29.24 -28.14
C ALA V 292 -93.23 -30.29 -27.37
N TYR V 293 -93.52 -30.46 -26.08
CA TYR V 293 -92.83 -31.50 -25.32
C TYR V 293 -93.08 -32.88 -25.92
N HIS V 294 -94.27 -33.13 -26.43
CA HIS V 294 -94.58 -34.41 -27.06
C HIS V 294 -93.89 -34.56 -28.41
N ALA V 295 -93.85 -33.51 -29.20
CA ALA V 295 -93.25 -33.49 -30.53
C ALA V 295 -91.72 -33.35 -30.54
N ALA V 296 -91.11 -32.97 -29.45
CA ALA V 296 -89.68 -32.75 -29.32
C ALA V 296 -88.79 -33.74 -30.06
N PRO V 297 -88.88 -35.05 -29.84
CA PRO V 297 -88.01 -35.99 -30.55
C PRO V 297 -88.19 -35.99 -32.05
N ALA V 298 -89.40 -35.75 -32.53
CA ALA V 298 -89.63 -35.70 -33.97
C ALA V 298 -88.97 -34.48 -34.58
N LEU V 299 -89.09 -33.32 -33.95
CA LEU V 299 -88.44 -32.13 -34.50
C LEU V 299 -86.95 -32.40 -34.61
N SER V 300 -86.37 -32.92 -33.54
CA SER V 300 -84.95 -33.26 -33.51
C SER V 300 -84.61 -34.21 -34.64
N ARG V 301 -85.43 -35.23 -34.83
CA ARG V 301 -85.14 -36.17 -35.90
C ARG V 301 -85.17 -35.45 -37.24
N ARG V 302 -86.20 -34.61 -37.47
CA ARG V 302 -86.26 -33.93 -38.74
C ARG V 302 -85.22 -32.82 -38.85
N LEU V 303 -84.88 -32.16 -37.76
CA LEU V 303 -83.93 -31.06 -37.90
C LEU V 303 -82.56 -31.56 -38.32
N ALA V 304 -82.19 -32.77 -37.93
CA ALA V 304 -80.88 -33.26 -38.30
C ALA V 304 -80.86 -33.52 -39.81
N SER V 344 -65.94 -46.11 -44.19
CA SER V 344 -65.76 -44.67 -44.21
C SER V 344 -67.11 -43.98 -44.34
N SER V 345 -68.04 -44.67 -44.99
CA SER V 345 -69.38 -44.11 -45.20
C SER V 345 -70.16 -44.04 -43.88
N VAL V 346 -69.85 -44.93 -42.95
CA VAL V 346 -70.46 -45.05 -41.63
C VAL V 346 -70.48 -43.73 -40.87
N ARG V 347 -69.44 -42.92 -41.04
CA ARG V 347 -69.33 -41.62 -40.39
C ARG V 347 -70.61 -40.81 -40.48
N ASP V 348 -71.30 -40.87 -41.61
CA ASP V 348 -72.52 -40.09 -41.80
C ASP V 348 -73.55 -40.34 -40.68
N VAL V 349 -73.64 -41.58 -40.19
CA VAL V 349 -74.57 -41.94 -39.12
C VAL V 349 -74.15 -41.35 -37.76
N LEU V 350 -72.87 -41.38 -37.46
CA LEU V 350 -72.34 -40.86 -36.20
C LEU V 350 -72.57 -39.35 -36.06
N LEU V 351 -72.31 -38.59 -37.14
CA LEU V 351 -72.52 -37.14 -37.14
C LEU V 351 -73.97 -36.77 -36.83
N GLN V 352 -74.92 -37.42 -37.50
CA GLN V 352 -76.34 -37.16 -37.29
C GLN V 352 -76.75 -37.38 -35.84
N ALA V 353 -76.29 -38.48 -35.23
CA ALA V 353 -76.69 -38.81 -33.88
C ALA V 353 -76.39 -37.68 -32.89
N GLU V 354 -75.17 -37.17 -32.87
CA GLU V 354 -74.88 -36.11 -31.91
C GLU V 354 -75.59 -34.82 -32.25
N ARG V 355 -75.80 -34.52 -33.53
CA ARG V 355 -76.48 -33.30 -33.92
C ARG V 355 -77.93 -33.32 -33.41
N ALA V 356 -78.63 -34.42 -33.63
CA ALA V 356 -79.99 -34.60 -33.15
C ALA V 356 -80.04 -34.44 -31.63
N ARG V 357 -79.15 -35.14 -30.94
CA ARG V 357 -79.07 -35.07 -29.49
C ARG V 357 -78.87 -33.64 -29.05
N SER V 358 -78.06 -32.90 -29.79
CA SER V 358 -77.80 -31.49 -29.52
C SER V 358 -79.08 -30.66 -29.66
N PHE V 359 -79.77 -30.76 -30.79
CA PHE V 359 -81.00 -30.00 -31.01
C PHE V 359 -82.04 -30.30 -29.93
N LEU V 360 -82.20 -31.57 -29.54
CA LEU V 360 -83.17 -31.94 -28.52
C LEU V 360 -82.87 -31.31 -27.17
N SER V 361 -81.60 -31.32 -26.75
CA SER V 361 -81.23 -30.74 -25.47
C SER V 361 -81.58 -29.26 -25.41
N GLY V 362 -81.33 -28.53 -26.49
CA GLY V 362 -81.68 -27.11 -26.51
C GLY V 362 -83.19 -26.95 -26.52
N LEU V 363 -83.86 -27.79 -27.28
CA LEU V 363 -85.31 -27.74 -27.39
C LEU V 363 -85.92 -27.94 -26.00
N LEU V 364 -85.55 -29.01 -25.33
CA LEU V 364 -86.07 -29.30 -24.00
C LEU V 364 -85.77 -28.14 -23.04
N THR V 365 -84.60 -27.53 -23.16
CA THR V 365 -84.21 -26.42 -22.29
C THR V 365 -85.10 -25.19 -22.51
N GLY V 366 -85.29 -24.79 -23.78
CA GLY V 366 -86.11 -23.62 -24.07
C GLY V 366 -87.55 -23.75 -23.59
N LEU V 367 -88.17 -24.90 -23.80
CA LEU V 367 -89.54 -25.14 -23.34
C LEU V 367 -89.60 -25.01 -21.83
N GLY V 368 -88.59 -25.54 -21.14
CA GLY V 368 -88.51 -25.44 -19.69
C GLY V 368 -88.54 -23.99 -19.22
N VAL V 369 -87.76 -23.14 -19.87
CA VAL V 369 -87.72 -21.71 -19.55
C VAL V 369 -89.10 -21.06 -19.74
N MET V 370 -89.76 -21.33 -20.85
CA MET V 370 -91.08 -20.75 -21.10
C MET V 370 -92.13 -21.18 -20.08
N VAL V 371 -92.24 -22.48 -19.77
CA VAL V 371 -93.27 -22.93 -18.82
C VAL V 371 -93.03 -22.38 -17.42
N VAL V 372 -91.79 -22.29 -16.96
CA VAL V 372 -91.58 -21.72 -15.63
C VAL V 372 -91.97 -20.26 -15.64
N VAL V 373 -91.61 -19.53 -16.68
CA VAL V 373 -91.99 -18.12 -16.78
C VAL V 373 -93.51 -18.01 -16.84
N CYS V 374 -94.12 -18.88 -17.64
CA CYS V 374 -95.57 -18.86 -17.79
C CYS V 374 -96.27 -19.26 -16.48
N MET V 375 -95.88 -20.40 -15.90
CA MET V 375 -96.51 -20.88 -14.67
C MET V 375 -96.38 -19.88 -13.53
N THR V 376 -95.19 -19.33 -13.35
CA THR V 376 -94.98 -18.32 -12.30
C THR V 376 -95.80 -17.08 -12.57
N SER V 377 -96.17 -16.86 -13.81
CA SER V 377 -97.02 -15.76 -14.20
C SER V 377 -98.51 -16.11 -14.08
N LEU V 378 -98.87 -17.38 -14.27
CA LEU V 378 -100.25 -17.83 -14.20
C LEU V 378 -100.83 -17.84 -12.78
N CYS V 379 -100.10 -18.40 -11.81
CA CYS V 379 -100.58 -18.42 -10.42
C CYS V 379 -100.58 -17.02 -9.81
N ASP V 380 -101.53 -16.80 -8.84
CA ASP V 380 -101.70 -15.50 -8.18
C ASP V 380 -102.48 -15.56 -6.86
N PRO V 381 -101.97 -14.89 -5.81
CA PRO V 381 -102.62 -14.90 -4.51
C PRO V 381 -103.79 -13.93 -4.36
N HIS V 382 -104.15 -13.15 -5.37
CA HIS V 382 -105.26 -12.21 -5.28
C HIS V 382 -106.38 -12.46 -6.29
N THR V 383 -106.04 -12.95 -7.47
CA THR V 383 -107.01 -13.14 -8.55
C THR V 383 -107.91 -14.36 -8.31
N GLY V 384 -109.22 -14.10 -8.28
CA GLY V 384 -110.24 -15.13 -8.14
C GLY V 384 -110.02 -16.31 -7.21
N GLN V 385 -110.28 -17.52 -7.72
CA GLN V 385 -110.08 -18.76 -6.97
C GLN V 385 -108.58 -19.08 -6.88
N ARG V 386 -107.94 -18.37 -5.96
CA ARG V 386 -106.51 -18.38 -5.64
C ARG V 386 -105.88 -19.78 -5.60
N TRP V 387 -106.65 -20.79 -5.19
CA TRP V 387 -106.23 -22.19 -5.13
C TRP V 387 -106.24 -22.94 -6.47
N LEU V 388 -107.03 -22.50 -7.45
CA LEU V 388 -107.14 -23.20 -8.74
C LEU V 388 -105.82 -23.31 -9.50
N PRO V 389 -105.07 -22.22 -9.75
CA PRO V 389 -103.79 -22.35 -10.46
C PRO V 389 -102.71 -23.08 -9.65
N LEU V 390 -102.80 -23.03 -8.32
CA LEU V 390 -101.85 -23.73 -7.44
C LEU V 390 -101.92 -25.25 -7.64
N ILE V 391 -103.13 -25.81 -7.70
CA ILE V 391 -103.30 -27.25 -7.96
C ILE V 391 -102.96 -27.55 -9.42
N LEU V 392 -103.26 -26.64 -10.34
CA LEU V 392 -102.92 -26.82 -11.75
C LEU V 392 -101.42 -26.95 -11.90
N ALA V 393 -100.68 -26.17 -11.12
CA ALA V 393 -99.22 -26.24 -11.08
C ALA V 393 -98.76 -27.63 -10.61
N GLY V 394 -99.49 -28.21 -9.67
CA GLY V 394 -99.21 -29.56 -9.18
C GLY V 394 -99.32 -30.61 -10.28
N PHE V 395 -100.42 -30.59 -11.03
CA PHE V 395 -100.59 -31.55 -12.14
C PHE V 395 -99.49 -31.36 -13.19
N THR V 396 -99.16 -30.12 -13.52
CA THR V 396 -98.11 -29.80 -14.51
C THR V 396 -96.74 -30.28 -14.05
N SER V 397 -96.39 -30.04 -12.80
CA SER V 397 -95.11 -30.47 -12.23
C SER V 397 -95.01 -32.00 -12.22
N GLY V 398 -96.08 -32.69 -11.86
CA GLY V 398 -96.10 -34.14 -11.87
C GLY V 398 -95.82 -34.73 -13.25
N PHE V 399 -96.44 -34.19 -14.29
CA PHE V 399 -96.20 -34.68 -15.65
C PHE V 399 -94.73 -34.57 -16.03
N LEU V 400 -94.11 -33.41 -15.82
CA LEU V 400 -92.70 -33.26 -16.16
C LEU V 400 -91.86 -34.20 -15.32
N LEU V 401 -92.19 -34.33 -14.04
CA LEU V 401 -91.47 -35.22 -13.13
C LEU V 401 -91.59 -36.67 -13.57
N LEU V 402 -92.79 -37.09 -14.00
CA LEU V 402 -93.02 -38.46 -14.45
C LEU V 402 -92.41 -38.71 -15.84
N ARG V 403 -92.65 -37.81 -16.80
CA ARG V 403 -92.11 -37.96 -18.15
C ARG V 403 -90.58 -37.85 -18.21
N GLY V 404 -89.97 -37.13 -17.27
CA GLY V 404 -88.51 -36.99 -17.27
C GLY V 404 -87.74 -38.30 -17.16
N ARG V 405 -88.33 -39.32 -16.55
CA ARG V 405 -87.70 -40.63 -16.41
C ARG V 405 -87.57 -41.40 -17.74
N SER V 406 -88.31 -41.01 -18.76
CA SER V 406 -88.25 -41.66 -20.06
C SER V 406 -87.02 -41.29 -20.89
N TYR V 407 -86.20 -40.36 -20.42
CA TYR V 407 -85.00 -39.93 -21.14
C TYR V 407 -83.73 -40.49 -20.50
N VAL V 408 -82.87 -41.07 -21.35
CA VAL V 408 -81.61 -41.70 -20.97
C VAL V 408 -80.48 -40.68 -20.80
N ASP V 409 -80.44 -39.63 -21.61
CA ASP V 409 -79.35 -38.65 -21.53
C ASP V 409 -79.35 -37.92 -20.20
N ARG V 410 -78.17 -37.90 -19.56
CA ARG V 410 -78.01 -37.27 -18.26
C ARG V 410 -78.46 -35.82 -18.24
N TRP V 411 -77.97 -34.99 -19.17
CA TRP V 411 -78.35 -33.58 -19.15
C TRP V 411 -79.83 -33.38 -19.52
N GLN V 412 -80.38 -34.22 -20.40
CA GLN V 412 -81.78 -34.10 -20.78
C GLN V 412 -82.69 -34.48 -19.64
N SER V 413 -82.39 -35.59 -18.98
CA SER V 413 -83.19 -36.07 -17.86
C SER V 413 -83.07 -35.15 -16.67
N ILE V 414 -81.86 -34.72 -16.35
CA ILE V 414 -81.65 -33.83 -15.22
C ILE V 414 -82.29 -32.47 -15.49
N THR V 415 -82.15 -31.92 -16.68
CA THR V 415 -82.72 -30.61 -16.95
C THR V 415 -84.24 -30.66 -16.82
N LEU V 416 -84.85 -31.74 -17.27
CA LEU V 416 -86.29 -31.88 -17.14
C LEU V 416 -86.68 -31.96 -15.66
N ALA V 417 -85.97 -32.79 -14.90
CA ALA V 417 -86.22 -32.95 -13.46
C ALA V 417 -86.06 -31.62 -12.72
N GLY V 418 -84.97 -30.91 -12.98
CA GLY V 418 -84.71 -29.63 -12.33
C GLY V 418 -85.78 -28.60 -12.66
N THR V 419 -86.27 -28.61 -13.89
CA THR V 419 -87.31 -27.68 -14.31
C THR V 419 -88.55 -27.84 -13.45
N ALA V 420 -88.88 -29.07 -13.09
CA ALA V 420 -90.04 -29.30 -12.23
C ALA V 420 -89.78 -28.78 -10.81
N VAL V 421 -88.61 -29.04 -10.26
CA VAL V 421 -88.29 -28.61 -8.90
C VAL V 421 -88.30 -27.09 -8.77
N ILE V 422 -87.70 -26.38 -9.73
CA ILE V 422 -87.69 -24.91 -9.66
C ILE V 422 -89.10 -24.32 -9.74
N ILE V 423 -89.99 -24.91 -10.54
CA ILE V 423 -91.36 -24.39 -10.64
C ILE V 423 -92.06 -24.43 -9.28
N ALA V 424 -91.98 -25.56 -8.60
CA ALA V 424 -92.61 -25.71 -7.29
C ALA V 424 -92.08 -24.66 -6.31
N ALA V 425 -90.76 -24.57 -6.21
CA ALA V 425 -90.12 -23.61 -5.32
C ALA V 425 -90.54 -22.17 -5.65
N ALA V 426 -90.56 -21.81 -6.92
CA ALA V 426 -90.92 -20.46 -7.35
C ALA V 426 -92.33 -20.05 -6.93
N VAL V 427 -93.31 -20.95 -7.04
CA VAL V 427 -94.67 -20.64 -6.63
C VAL V 427 -94.76 -20.39 -5.12
N CYS V 428 -94.07 -21.22 -4.34
CA CYS V 428 -94.06 -21.04 -2.89
C CYS V 428 -93.53 -19.65 -2.53
N VAL V 429 -92.43 -19.24 -3.15
CA VAL V 429 -91.87 -17.91 -2.89
C VAL V 429 -92.87 -16.85 -3.34
N ARG V 430 -93.53 -17.07 -4.47
CA ARG V 430 -94.52 -16.11 -4.97
C ARG V 430 -95.62 -15.86 -3.94
N TYR V 431 -96.19 -16.93 -3.40
CA TYR V 431 -97.25 -16.81 -2.39
C TYR V 431 -96.72 -16.36 -1.04
N ALA V 432 -95.41 -16.15 -0.93
CA ALA V 432 -94.77 -15.67 0.29
C ALA V 432 -94.45 -14.18 0.22
N LEU V 433 -93.86 -13.72 -0.89
CA LEU V 433 -93.52 -12.31 -1.02
C LEU V 433 -94.78 -11.46 -1.12
N GLU V 434 -95.71 -11.87 -1.96
CA GLU V 434 -97.00 -11.18 -2.06
C GLU V 434 -97.96 -11.81 -1.04
N LEU V 435 -98.87 -10.98 -0.52
CA LEU V 435 -99.78 -11.41 0.55
C LEU V 435 -98.97 -11.91 1.75
N SER V 436 -97.92 -11.17 2.07
CA SER V 436 -96.97 -11.48 3.13
C SER V 436 -97.59 -11.46 4.52
N SER V 437 -97.14 -12.38 5.37
CA SER V 437 -97.59 -12.52 6.75
C SER V 437 -96.65 -13.46 7.48
N PRO V 438 -96.56 -13.35 8.81
CA PRO V 438 -95.66 -14.22 9.58
C PRO V 438 -95.94 -15.71 9.42
N LEU V 439 -97.21 -16.10 9.47
CA LEU V 439 -97.56 -17.51 9.31
C LEU V 439 -97.24 -17.98 7.90
N ALA V 440 -97.58 -17.18 6.90
CA ALA V 440 -97.31 -17.52 5.50
C ALA V 440 -95.84 -17.79 5.29
N VAL V 441 -94.97 -16.88 5.72
CA VAL V 441 -93.53 -17.11 5.56
C VAL V 441 -93.10 -18.32 6.38
N SER V 442 -93.64 -18.47 7.58
CA SER V 442 -93.31 -19.59 8.44
C SER V 442 -93.64 -20.91 7.76
N ILE V 443 -94.85 -20.98 7.21
CA ILE V 443 -95.34 -22.17 6.50
C ILE V 443 -94.50 -22.45 5.25
N VAL V 444 -94.26 -21.42 4.43
CA VAL V 444 -93.49 -21.59 3.20
C VAL V 444 -92.07 -22.10 3.48
N ALA V 445 -91.41 -21.55 4.48
CA ALA V 445 -90.06 -21.98 4.81
C ALA V 445 -90.00 -23.49 5.11
N ALA V 446 -90.91 -23.98 5.94
CA ALA V 446 -90.94 -25.40 6.28
C ALA V 446 -91.16 -26.26 5.03
N ILE V 447 -92.09 -25.87 4.18
CA ILE V 447 -92.40 -26.59 2.96
C ILE V 447 -91.20 -26.60 2.03
N LEU V 448 -90.63 -25.43 1.81
CA LEU V 448 -89.50 -25.26 0.89
C LEU V 448 -88.30 -26.09 1.29
N VAL V 449 -88.07 -26.30 2.58
CA VAL V 449 -86.95 -27.13 3.03
C VAL V 449 -87.30 -28.62 2.98
N LEU V 450 -88.52 -28.99 3.38
CA LEU V 450 -88.91 -30.40 3.38
C LEU V 450 -89.04 -30.97 1.97
N LEU V 451 -89.49 -30.18 1.04
CA LEU V 451 -89.70 -30.59 -0.35
C LEU V 451 -88.47 -31.30 -0.92
N PRO V 452 -87.31 -30.64 -1.00
CA PRO V 452 -86.12 -31.31 -1.55
C PRO V 452 -85.56 -32.39 -0.63
N ALA V 453 -85.66 -32.24 0.68
CA ALA V 453 -85.14 -33.24 1.61
C ALA V 453 -85.80 -34.59 1.35
N ALA V 454 -87.10 -34.58 1.09
CA ALA V 454 -87.83 -35.80 0.76
C ALA V 454 -87.34 -36.39 -0.55
N GLY V 455 -87.09 -35.55 -1.56
CA GLY V 455 -86.57 -36.06 -2.83
C GLY V 455 -85.23 -36.74 -2.67
N MET V 456 -84.32 -36.14 -1.92
CA MET V 456 -83.01 -36.74 -1.67
C MET V 456 -83.16 -38.05 -0.91
N ALA V 457 -83.98 -38.06 0.13
CA ALA V 457 -84.20 -39.26 0.92
C ALA V 457 -84.77 -40.39 0.07
N ALA V 458 -85.70 -40.08 -0.84
CA ALA V 458 -86.27 -41.11 -1.69
C ALA V 458 -85.21 -41.80 -2.54
N ALA V 459 -84.19 -41.08 -2.98
CA ALA V 459 -83.13 -41.70 -3.76
C ALA V 459 -82.05 -42.36 -2.88
N ALA V 460 -81.69 -41.73 -1.76
CA ALA V 460 -80.65 -42.31 -0.92
C ALA V 460 -81.13 -43.54 -0.17
N HIS V 461 -82.38 -43.53 0.31
CA HIS V 461 -82.91 -44.67 1.06
C HIS V 461 -83.26 -45.82 0.12
N GLN W 19 -6.23 -44.01 -93.78
CA GLN W 19 -6.49 -42.64 -93.34
C GLN W 19 -7.94 -42.27 -93.61
N ALA W 20 -8.55 -41.53 -92.69
CA ALA W 20 -9.95 -41.13 -92.83
C ALA W 20 -10.22 -39.94 -91.90
N VAL W 21 -11.39 -39.33 -92.07
CA VAL W 21 -11.83 -38.23 -91.22
C VAL W 21 -13.34 -38.31 -91.02
N VAL W 22 -13.80 -37.78 -89.90
CA VAL W 22 -15.22 -37.78 -89.53
C VAL W 22 -15.65 -36.34 -89.28
N VAL W 23 -16.75 -35.93 -89.91
CA VAL W 23 -17.25 -34.56 -89.83
C VAL W 23 -18.78 -34.54 -89.72
N GLY W 24 -19.27 -33.45 -89.14
CA GLY W 24 -20.70 -33.19 -88.99
C GLY W 24 -21.21 -32.49 -90.23
N VAL W 25 -22.00 -33.21 -91.03
CA VAL W 25 -22.56 -32.69 -92.25
C VAL W 25 -23.99 -32.23 -91.99
N MET W 26 -24.22 -30.94 -92.24
CA MET W 26 -25.53 -30.30 -92.09
C MET W 26 -26.36 -30.54 -93.33
N ALA W 27 -27.66 -30.79 -93.14
CA ALA W 27 -28.55 -31.06 -94.28
C ALA W 27 -29.86 -30.29 -94.09
N GLY W 28 -30.92 -30.77 -94.74
CA GLY W 28 -32.23 -30.16 -94.72
C GLY W 28 -32.72 -29.61 -93.39
N GLU W 29 -33.20 -28.37 -93.44
CA GLU W 29 -33.67 -27.61 -92.29
C GLU W 29 -32.60 -27.51 -91.21
N GLY W 30 -31.35 -27.78 -91.58
CA GLY W 30 -30.26 -27.74 -90.65
C GLY W 30 -30.03 -29.02 -89.87
N VAL W 31 -30.58 -30.15 -90.32
CA VAL W 31 -30.42 -31.39 -89.57
C VAL W 31 -28.96 -31.81 -89.57
N GLN W 32 -28.43 -32.08 -88.38
CA GLN W 32 -27.05 -32.51 -88.18
C GLN W 32 -26.87 -34.00 -88.41
N ILE W 33 -25.90 -34.36 -89.25
CA ILE W 33 -25.59 -35.77 -89.53
C ILE W 33 -24.07 -35.97 -89.42
N GLY W 34 -23.66 -37.12 -88.92
CA GLY W 34 -22.25 -37.47 -88.81
C GLY W 34 -21.86 -38.47 -89.89
N VAL W 35 -20.74 -38.19 -90.55
CA VAL W 35 -20.24 -39.03 -91.65
C VAL W 35 -18.73 -39.19 -91.62
N LEU W 36 -18.28 -40.34 -92.15
CA LEU W 36 -16.88 -40.71 -92.26
C LEU W 36 -16.46 -40.56 -93.72
N LEU W 37 -15.37 -39.83 -93.96
CA LEU W 37 -14.84 -39.55 -95.29
C LEU W 37 -13.36 -39.91 -95.40
N ASP W 38 -12.93 -40.17 -96.62
CA ASP W 38 -11.51 -40.47 -96.86
C ASP W 38 -10.68 -39.21 -96.70
N ALA W 39 -9.42 -39.41 -96.31
CA ALA W 39 -8.50 -38.30 -96.10
C ALA W 39 -7.85 -37.79 -97.40
N ASN W 40 -7.54 -38.69 -98.34
CA ASN W 40 -6.83 -38.31 -99.56
C ASN W 40 -7.69 -38.12 -100.80
N ALA W 41 -8.83 -38.77 -100.92
CA ALA W 41 -9.66 -38.57 -102.10
C ALA W 41 -10.18 -37.13 -102.21
N PRO W 42 -10.26 -36.58 -103.42
CA PRO W 42 -10.78 -35.22 -103.59
C PRO W 42 -12.29 -35.18 -103.35
N VAL W 43 -12.75 -33.99 -102.96
CA VAL W 43 -14.15 -33.74 -102.66
C VAL W 43 -15.09 -34.13 -103.80
N SER W 44 -14.69 -33.86 -105.05
CA SER W 44 -15.53 -34.20 -106.20
C SER W 44 -15.88 -35.68 -106.31
N VAL W 45 -14.96 -36.58 -105.99
CA VAL W 45 -15.26 -38.02 -106.07
C VAL W 45 -16.09 -38.51 -104.89
N MET W 46 -16.26 -37.69 -103.85
CA MET W 46 -17.03 -38.06 -102.65
C MET W 46 -18.34 -37.30 -102.47
N THR W 47 -18.48 -36.10 -103.03
CA THR W 47 -19.73 -35.34 -102.88
C THR W 47 -20.92 -36.05 -103.53
N ASP W 48 -20.66 -36.85 -104.57
CA ASP W 48 -21.72 -37.61 -105.24
C ASP W 48 -22.20 -38.78 -104.38
N PRO W 49 -21.35 -39.72 -103.99
CA PRO W 49 -21.79 -40.83 -103.11
C PRO W 49 -22.28 -40.35 -101.76
N LEU W 50 -21.73 -39.26 -101.25
CA LEU W 50 -22.16 -38.67 -99.99
C LEU W 50 -23.63 -38.22 -100.05
N LEU W 51 -24.05 -37.63 -101.17
CA LEU W 51 -25.45 -37.21 -101.36
C LEU W 51 -26.42 -38.40 -101.29
N LYS W 52 -26.02 -39.53 -101.84
CA LYS W 52 -26.83 -40.76 -101.82
C LYS W 52 -27.01 -41.30 -100.40
N VAL W 53 -25.92 -41.46 -99.65
CA VAL W 53 -26.02 -41.97 -98.27
C VAL W 53 -26.77 -40.96 -97.39
N VAL W 54 -26.56 -39.66 -97.62
CA VAL W 54 -27.29 -38.64 -96.87
C VAL W 54 -28.77 -38.71 -97.21
N ASN W 55 -29.07 -38.82 -98.50
CA ASN W 55 -30.46 -38.96 -98.92
C ASN W 55 -31.02 -40.26 -98.35
N SER W 56 -30.20 -41.32 -98.39
CA SER W 56 -30.57 -42.61 -97.82
C SER W 56 -30.88 -42.50 -96.33
N ARG W 57 -30.01 -41.81 -95.57
CA ARG W 57 -30.22 -41.63 -94.13
C ARG W 57 -31.43 -40.75 -93.85
N LEU W 58 -31.64 -39.71 -94.65
CA LEU W 58 -32.81 -38.83 -94.49
C LEU W 58 -34.10 -39.63 -94.62
N ARG W 59 -34.16 -40.52 -95.61
CA ARG W 59 -35.32 -41.39 -95.78
C ARG W 59 -35.53 -42.29 -94.56
N GLU W 60 -34.45 -42.76 -93.96
CA GLU W 60 -34.61 -43.55 -92.74
C GLU W 60 -35.11 -42.69 -91.59
N LEU W 61 -34.74 -41.41 -91.58
CA LEU W 61 -35.23 -40.49 -90.56
C LEU W 61 -36.66 -40.06 -90.87
N GLY W 62 -37.15 -40.36 -92.06
CA GLY W 62 -38.46 -39.95 -92.51
C GLY W 62 -38.48 -38.56 -93.08
N GLU W 63 -37.32 -37.99 -93.35
CA GLU W 63 -37.19 -36.66 -93.91
C GLU W 63 -37.00 -36.75 -95.43
N ALA W 64 -37.47 -35.73 -96.12
CA ALA W 64 -37.33 -35.65 -97.56
C ALA W 64 -35.86 -35.45 -97.96
N PRO W 65 -35.42 -36.09 -99.03
CA PRO W 65 -34.04 -35.93 -99.51
C PRO W 65 -33.75 -34.53 -100.01
N LEU W 66 -32.46 -34.22 -100.10
CA LEU W 66 -32.00 -32.93 -100.61
C LEU W 66 -32.43 -32.74 -102.06
N GLU W 67 -33.07 -31.61 -102.33
CA GLU W 67 -33.57 -31.29 -103.66
C GLU W 67 -33.56 -29.78 -103.88
N ALA W 68 -33.39 -29.39 -105.14
CA ALA W 68 -33.33 -27.99 -105.53
C ALA W 68 -33.71 -27.89 -107.02
N THR W 69 -34.00 -26.66 -107.44
CA THR W 69 -34.38 -26.36 -108.82
C THR W 69 -33.52 -25.26 -109.43
N GLY W 70 -33.28 -25.38 -110.73
CA GLY W 70 -32.46 -24.47 -111.50
C GLY W 70 -31.11 -25.05 -111.87
N ARG W 71 -30.44 -24.32 -112.77
CA ARG W 71 -29.11 -24.71 -113.24
C ARG W 71 -28.08 -24.54 -112.14
N GLY W 72 -27.27 -25.58 -111.93
CA GLY W 72 -26.26 -25.51 -110.88
C GLY W 72 -25.69 -26.88 -110.57
N ARG W 73 -25.16 -27.01 -109.34
CA ARG W 73 -24.54 -28.25 -108.89
C ARG W 73 -24.56 -28.34 -107.37
N TRP W 74 -24.28 -29.55 -106.87
CA TRP W 74 -24.22 -29.87 -105.45
C TRP W 74 -22.78 -29.93 -104.97
N ALA W 75 -22.50 -29.31 -103.83
CA ALA W 75 -21.15 -29.31 -103.27
C ALA W 75 -21.18 -29.04 -101.78
N LEU W 76 -20.03 -29.27 -101.14
CA LEU W 76 -19.82 -29.03 -99.72
C LEU W 76 -19.47 -27.57 -99.49
N CYS W 77 -20.00 -26.99 -98.41
CA CYS W 77 -19.73 -25.60 -98.11
C CYS W 77 -19.53 -25.40 -96.61
N LEU W 78 -18.86 -24.28 -96.30
CA LEU W 78 -18.58 -23.79 -94.96
C LEU W 78 -19.77 -23.02 -94.39
N VAL W 79 -19.66 -22.69 -93.10
CA VAL W 79 -20.73 -21.96 -92.41
C VAL W 79 -21.05 -20.62 -93.07
N ASP W 80 -20.11 -20.02 -93.78
CA ASP W 80 -20.40 -18.75 -94.43
C ASP W 80 -20.86 -18.95 -95.86
N GLY W 81 -20.99 -20.20 -96.30
CA GLY W 81 -21.42 -20.54 -97.65
C GLY W 81 -20.32 -20.76 -98.67
N ALA W 82 -19.06 -20.54 -98.33
CA ALA W 82 -17.97 -20.73 -99.27
C ALA W 82 -17.77 -22.21 -99.61
N PRO W 83 -17.81 -22.60 -100.87
CA PRO W 83 -17.58 -24.00 -101.24
C PRO W 83 -16.12 -24.41 -101.17
N LEU W 84 -15.90 -25.69 -100.86
CA LEU W 84 -14.57 -26.29 -100.79
C LEU W 84 -14.03 -26.60 -102.20
N ARG W 85 -12.72 -26.80 -102.29
CA ARG W 85 -12.09 -27.17 -103.56
C ARG W 85 -12.47 -28.59 -103.98
N ALA W 86 -12.93 -28.72 -105.22
CA ALA W 86 -13.36 -29.99 -105.78
C ALA W 86 -12.23 -30.95 -106.16
N THR W 87 -11.01 -30.46 -106.42
CA THR W 87 -9.91 -31.29 -106.88
C THR W 87 -8.81 -31.57 -105.86
N GLN W 88 -8.95 -31.17 -104.60
CA GLN W 88 -7.89 -31.41 -103.63
C GLN W 88 -8.38 -32.22 -102.44
N SER W 89 -7.44 -32.96 -101.86
CA SER W 89 -7.68 -33.83 -100.71
C SER W 89 -8.10 -33.03 -99.49
N LEU W 90 -8.94 -33.66 -98.65
CA LEU W 90 -9.32 -33.06 -97.39
C LEU W 90 -8.10 -32.94 -96.48
N THR W 91 -7.06 -33.73 -96.74
CA THR W 91 -5.81 -33.62 -96.00
C THR W 91 -4.99 -32.46 -96.49
N GLU W 92 -5.24 -32.02 -97.72
CA GLU W 92 -4.56 -30.85 -98.26
C GLU W 92 -5.19 -29.60 -97.68
N GLN W 93 -6.53 -29.62 -97.58
CA GLN W 93 -7.29 -28.56 -96.93
C GLN W 93 -7.16 -28.73 -95.41
N ASP W 94 -7.54 -27.70 -94.66
CA ASP W 94 -7.48 -27.73 -93.19
C ASP W 94 -8.74 -28.34 -92.57
N VAL W 95 -8.91 -29.65 -92.80
CA VAL W 95 -10.05 -30.41 -92.26
C VAL W 95 -9.55 -31.48 -91.30
N TYR W 96 -10.23 -31.61 -90.16
CA TYR W 96 -9.88 -32.56 -89.11
C TYR W 96 -11.17 -33.09 -88.46
N ASP W 97 -11.01 -34.15 -87.69
CA ASP W 97 -12.10 -34.78 -86.98
C ASP W 97 -12.89 -33.80 -86.13
N GLY W 98 -14.21 -33.89 -86.24
CA GLY W 98 -15.14 -33.04 -85.52
C GLY W 98 -15.54 -31.77 -86.22
N ASP W 99 -15.00 -31.50 -87.40
CA ASP W 99 -15.41 -30.32 -88.15
C ASP W 99 -16.85 -30.49 -88.63
N ARG W 100 -17.50 -29.36 -88.91
CA ARG W 100 -18.87 -29.33 -89.42
C ARG W 100 -18.88 -28.67 -90.81
N LEU W 101 -19.64 -29.27 -91.73
CA LEU W 101 -19.74 -28.82 -93.11
C LEU W 101 -21.18 -28.91 -93.61
N TRP W 102 -21.47 -28.15 -94.66
CA TRP W 102 -22.79 -28.12 -95.25
C TRP W 102 -22.76 -28.60 -96.70
N ILE W 103 -23.84 -29.26 -97.12
CA ILE W 103 -24.04 -29.64 -98.50
C ILE W 103 -25.04 -28.63 -99.06
N ARG W 104 -24.67 -27.95 -100.14
CA ARG W 104 -25.52 -26.90 -100.69
C ARG W 104 -25.52 -26.95 -102.21
N PHE W 105 -26.59 -26.40 -102.79
CA PHE W 105 -26.78 -26.33 -104.24
C PHE W 105 -26.22 -25.00 -104.72
N ILE W 106 -25.21 -25.07 -105.58
CA ILE W 106 -24.56 -23.90 -106.15
C ILE W 106 -25.20 -23.56 -107.49
N ALA W 107 -26.16 -22.64 -107.46
CA ALA W 107 -26.80 -22.18 -108.69
C ALA W 107 -25.83 -21.30 -109.47
N ASP W 108 -26.01 -21.29 -110.80
CA ASP W 108 -25.14 -20.50 -111.67
C ASP W 108 -25.16 -19.01 -111.32
N THR W 109 -26.29 -18.52 -110.81
CA THR W 109 -26.48 -17.12 -110.41
C THR W 109 -25.68 -16.68 -109.16
N GLU W 110 -25.11 -17.60 -108.38
CA GLU W 110 -24.39 -17.23 -107.16
C GLU W 110 -23.21 -16.26 -107.36
N ARG W 111 -23.20 -15.21 -106.53
CA ARG W 111 -22.15 -14.20 -106.46
C ARG W 111 -21.89 -13.87 -104.99
N ARG W 112 -20.63 -13.74 -104.57
CA ARG W 112 -20.30 -13.40 -103.18
C ARG W 112 -19.41 -12.16 -103.08
N SER W 113 -19.68 -11.33 -102.05
CA SER W 113 -18.96 -10.06 -101.87
C SER W 113 -17.44 -10.21 -101.73
N GLN W 114 -16.99 -11.09 -100.82
CA GLN W 114 -15.56 -11.35 -100.60
C GLN W 114 -14.75 -10.10 -100.24
N VAL W 115 -15.29 -9.16 -99.45
CA VAL W 115 -14.59 -7.93 -99.09
C VAL W 115 -14.78 -7.61 -97.60
N ILE W 116 -13.73 -7.02 -96.99
CA ILE W 116 -13.71 -6.64 -95.57
C ILE W 116 -13.36 -5.17 -95.36
N GLU W 117 -13.83 -4.62 -94.22
CA GLU W 117 -13.62 -3.23 -93.83
C GLU W 117 -13.34 -3.15 -92.33
N HIS W 118 -12.58 -2.12 -91.90
CA HIS W 118 -12.22 -1.91 -90.49
C HIS W 118 -12.82 -0.66 -89.86
N ILE W 119 -13.50 -0.84 -88.73
CA ILE W 119 -14.02 0.26 -87.92
C ILE W 119 -14.09 -0.26 -86.49
N SER W 120 -13.66 0.55 -85.52
CA SER W 120 -13.62 0.11 -84.13
C SER W 120 -14.97 -0.31 -83.57
N THR W 121 -15.06 -1.60 -83.22
CA THR W 121 -16.26 -2.21 -82.68
C THR W 121 -16.76 -1.50 -81.42
N ALA W 122 -15.84 -0.99 -80.62
CA ALA W 122 -16.17 -0.25 -79.40
C ALA W 122 -16.94 1.03 -79.67
N VAL W 123 -16.71 1.65 -80.82
CA VAL W 123 -17.42 2.87 -81.19
C VAL W 123 -18.73 2.54 -81.88
N ALA W 124 -18.74 1.53 -82.74
CA ALA W 124 -19.96 1.16 -83.44
C ALA W 124 -21.05 0.81 -82.45
N SER W 125 -20.71 0.00 -81.45
CA SER W 125 -21.67 -0.37 -80.43
C SER W 125 -22.17 0.85 -79.66
N ASP W 126 -21.27 1.78 -79.34
CA ASP W 126 -21.64 2.98 -78.61
C ASP W 126 -22.56 3.89 -79.43
N LEU W 127 -22.24 4.13 -80.69
CA LEU W 127 -23.06 4.99 -81.54
C LEU W 127 -24.47 4.48 -81.74
N SER W 128 -24.73 3.19 -81.50
CA SER W 128 -26.07 2.64 -81.63
C SER W 128 -27.05 3.20 -80.60
N LYS W 129 -26.57 3.63 -79.44
CA LYS W 129 -27.42 4.16 -78.38
C LYS W 129 -27.14 5.63 -78.05
N ARG W 130 -25.95 6.15 -78.40
CA ARG W 130 -25.57 7.52 -78.11
C ARG W 130 -26.63 8.53 -78.55
N PHE W 131 -27.39 8.23 -79.59
CA PHE W 131 -28.48 9.12 -80.03
C PHE W 131 -29.38 8.34 -80.96
N ALA W 132 -30.69 8.41 -80.73
CA ALA W 132 -31.61 7.69 -81.58
C ALA W 132 -33.05 8.17 -81.40
N ARG W 133 -33.89 7.56 -82.24
CA ARG W 133 -35.34 7.65 -82.34
C ARG W 133 -36.08 7.14 -81.10
N ILE W 134 -37.31 7.64 -80.97
CA ILE W 134 -38.27 7.35 -79.89
C ILE W 134 -38.76 5.91 -79.90
N ASP W 135 -39.20 5.46 -78.70
CA ASP W 135 -39.81 4.16 -78.43
C ASP W 135 -41.20 4.32 -77.82
N PRO W 136 -42.11 3.40 -78.12
CA PRO W 136 -43.50 3.47 -77.61
C PRO W 136 -43.61 3.53 -76.10
N ILE W 137 -42.73 2.82 -75.41
CA ILE W 137 -42.72 2.81 -73.95
C ILE W 137 -42.45 4.23 -73.43
N VAL W 138 -41.53 4.94 -74.06
CA VAL W 138 -41.23 6.32 -73.67
C VAL W 138 -42.43 7.22 -73.94
N ALA W 139 -43.07 7.07 -75.09
CA ALA W 139 -44.26 7.86 -75.44
C ALA W 139 -45.37 7.67 -74.41
N VAL W 140 -45.56 6.43 -73.97
CA VAL W 140 -46.55 6.10 -72.95
C VAL W 140 -46.22 6.84 -71.67
N GLN W 141 -44.96 6.83 -71.28
CA GLN W 141 -44.53 7.55 -70.09
C GLN W 141 -44.85 9.04 -70.22
N VAL W 142 -44.62 9.63 -71.38
CA VAL W 142 -44.95 11.05 -71.58
C VAL W 142 -46.46 11.24 -71.46
N GLY W 143 -47.24 10.32 -72.03
CA GLY W 143 -48.68 10.40 -71.96
C GLY W 143 -49.18 10.39 -70.53
N ALA W 144 -48.63 9.49 -69.72
CA ALA W 144 -48.99 9.38 -68.31
C ALA W 144 -48.72 10.71 -67.61
N SER W 145 -47.58 11.32 -67.89
CA SER W 145 -47.23 12.61 -67.30
C SER W 145 -48.23 13.69 -67.71
N MET W 146 -48.65 13.69 -68.96
CA MET W 146 -49.60 14.70 -69.44
C MET W 146 -50.96 14.57 -68.75
N VAL W 147 -51.53 13.37 -68.69
CA VAL W 147 -52.82 13.21 -68.02
C VAL W 147 -52.68 13.53 -66.54
N ALA W 148 -51.54 13.18 -65.96
CA ALA W 148 -51.29 13.54 -64.56
C ALA W 148 -51.29 15.05 -64.40
N THR W 149 -50.71 15.76 -65.38
CA THR W 149 -50.66 17.23 -65.40
C THR W 149 -52.06 17.82 -65.58
N GLY W 150 -52.88 17.21 -66.41
CA GLY W 150 -54.23 17.69 -66.65
C GLY W 150 -55.13 17.64 -65.42
N VAL W 151 -55.18 16.50 -64.75
CA VAL W 151 -56.05 16.36 -63.58
C VAL W 151 -55.65 17.33 -62.48
N VAL W 152 -54.37 17.53 -62.25
CA VAL W 152 -53.96 18.46 -61.21
C VAL W 152 -54.45 19.88 -61.55
N LEU W 153 -54.35 20.26 -62.82
CA LEU W 153 -54.79 21.59 -63.23
C LEU W 153 -56.29 21.75 -62.99
N ALA W 154 -57.05 20.69 -63.25
CA ALA W 154 -58.48 20.71 -63.02
C ALA W 154 -58.79 20.95 -61.55
N THR W 155 -58.08 20.27 -60.67
CA THR W 155 -58.28 20.46 -59.24
C THR W 155 -57.93 21.89 -58.87
N GLY W 156 -57.01 22.50 -59.61
CA GLY W 156 -56.64 23.89 -59.37
C GLY W 156 -57.80 24.84 -59.56
N VAL W 157 -58.46 24.75 -60.71
CA VAL W 157 -59.60 25.62 -60.98
C VAL W 157 -60.76 25.29 -60.05
N LEU W 158 -60.97 24.02 -59.77
CA LEU W 158 -62.05 23.62 -58.87
C LEU W 158 -61.81 24.16 -57.48
N GLY W 159 -60.55 24.23 -57.06
CA GLY W 159 -60.20 24.77 -55.76
C GLY W 159 -60.36 26.27 -55.70
N TRP W 160 -59.90 26.96 -56.74
CA TRP W 160 -60.02 28.42 -56.83
C TRP W 160 -61.48 28.87 -56.71
N TRP W 161 -62.40 28.08 -57.27
CA TRP W 161 -63.83 28.39 -57.17
C TRP W 161 -64.32 28.28 -55.72
N ARG W 162 -63.98 27.18 -55.05
CA ARG W 162 -64.38 26.98 -53.66
C ARG W 162 -63.87 28.10 -52.77
N TRP W 163 -62.78 28.75 -53.16
CA TRP W 163 -62.22 29.83 -52.38
C TRP W 163 -63.09 31.09 -52.47
N HIS W 164 -63.99 31.16 -53.45
CA HIS W 164 -64.86 32.31 -53.67
C HIS W 164 -66.35 32.01 -53.59
N HIS W 165 -66.76 30.74 -53.68
CA HIS W 165 -68.16 30.36 -53.62
C HIS W 165 -68.30 29.20 -52.65
N ASN W 166 -69.39 29.23 -51.87
CA ASN W 166 -69.67 28.23 -50.85
C ASN W 166 -70.45 27.03 -51.36
N THR W 167 -70.68 26.95 -52.67
CA THR W 167 -71.45 25.85 -53.22
C THR W 167 -70.69 24.53 -53.08
N TRP W 168 -71.44 23.45 -52.97
CA TRP W 168 -70.95 22.08 -52.82
C TRP W 168 -70.32 21.52 -54.11
N LEU W 169 -70.40 22.26 -55.21
CA LEU W 169 -69.90 21.85 -56.52
C LEU W 169 -68.50 21.24 -56.51
N THR W 170 -67.53 21.95 -55.93
CA THR W 170 -66.14 21.47 -55.92
C THR W 170 -65.98 20.07 -55.36
N THR W 171 -66.55 19.78 -54.19
CA THR W 171 -66.39 18.43 -53.64
C THR W 171 -67.17 17.42 -54.48
N ILE W 172 -68.42 17.76 -54.80
CA ILE W 172 -69.29 16.86 -55.57
C ILE W 172 -68.66 16.54 -56.92
N TYR W 173 -68.22 17.58 -57.62
CA TYR W 173 -67.63 17.44 -58.95
C TYR W 173 -66.24 16.78 -58.91
N THR W 174 -65.44 17.00 -57.87
CA THR W 174 -64.10 16.42 -57.80
C THR W 174 -64.11 14.95 -57.34
N ALA W 175 -64.99 14.58 -56.43
CA ALA W 175 -65.03 13.22 -55.87
C ALA W 175 -65.09 12.12 -56.95
N VAL W 176 -65.96 12.27 -57.94
CA VAL W 176 -66.09 11.29 -59.02
C VAL W 176 -64.81 11.21 -59.84
N ILE W 177 -64.14 12.33 -60.05
CA ILE W 177 -62.87 12.33 -60.78
C ILE W 177 -61.86 11.46 -60.04
N GLY W 178 -61.79 11.61 -58.73
CA GLY W 178 -60.87 10.81 -57.92
C GLY W 178 -61.05 9.31 -58.09
N VAL W 179 -62.28 8.82 -57.94
CA VAL W 179 -62.58 7.39 -58.06
C VAL W 179 -62.18 6.84 -59.43
N LEU W 180 -62.44 7.58 -60.50
CA LEU W 180 -62.08 7.08 -61.83
C LEU W 180 -60.58 7.00 -62.01
N VAL W 181 -59.86 8.06 -61.72
CA VAL W 181 -58.41 8.03 -61.88
C VAL W 181 -57.84 6.95 -60.97
N LEU W 182 -58.39 6.83 -59.76
CA LEU W 182 -57.95 5.81 -58.81
C LEU W 182 -58.17 4.42 -59.37
N ALA W 183 -59.34 4.19 -59.95
CA ALA W 183 -59.63 2.89 -60.54
C ALA W 183 -58.65 2.56 -61.66
N VAL W 184 -58.36 3.52 -62.52
CA VAL W 184 -57.41 3.29 -63.60
C VAL W 184 -56.07 2.87 -63.05
N ALA W 185 -55.60 3.60 -62.05
CA ALA W 185 -54.32 3.25 -61.44
C ALA W 185 -54.39 1.88 -60.79
N MET W 186 -55.52 1.57 -60.15
CA MET W 186 -55.69 0.29 -59.49
C MET W 186 -55.49 -0.86 -60.48
N LEU W 187 -55.98 -0.70 -61.71
CA LEU W 187 -55.82 -1.74 -62.73
C LEU W 187 -54.38 -1.83 -63.21
N LEU W 188 -53.77 -0.68 -63.49
CA LEU W 188 -52.38 -0.67 -63.95
C LEU W 188 -51.47 -1.32 -62.91
N LEU W 189 -51.71 -1.07 -61.63
CA LEU W 189 -50.87 -1.69 -60.61
C LEU W 189 -50.90 -3.20 -60.73
N MET W 190 -52.05 -3.78 -61.07
CA MET W 190 -52.12 -5.22 -61.19
C MET W 190 -51.47 -5.75 -62.46
N ARG W 191 -51.63 -5.05 -63.58
CA ARG W 191 -51.09 -5.55 -64.84
C ARG W 191 -49.59 -5.35 -64.96
N ALA W 192 -49.04 -4.32 -64.32
CA ALA W 192 -47.61 -4.05 -64.44
C ALA W 192 -46.75 -5.21 -63.97
N LYS W 193 -45.63 -5.40 -64.68
CA LYS W 193 -44.62 -6.43 -64.40
C LYS W 193 -43.19 -5.88 -64.41
N THR W 194 -42.82 -5.15 -65.47
CA THR W 194 -41.47 -4.60 -65.61
C THR W 194 -41.33 -3.24 -64.93
N ASP W 195 -40.08 -2.81 -64.82
CA ASP W 195 -39.74 -1.52 -64.23
C ASP W 195 -40.37 -0.38 -65.02
N ALA W 196 -40.38 -0.51 -66.34
CA ALA W 196 -40.98 0.52 -67.17
C ALA W 196 -42.46 0.64 -66.84
N ASP W 197 -43.10 -0.50 -66.62
CA ASP W 197 -44.51 -0.50 -66.28
C ASP W 197 -44.71 0.10 -64.90
N ARG W 198 -43.86 -0.31 -63.95
CA ARG W 198 -43.99 0.19 -62.60
C ARG W 198 -43.88 1.70 -62.56
N ARG W 199 -42.99 2.28 -63.35
CA ARG W 199 -42.91 3.74 -63.40
C ARG W 199 -44.29 4.32 -63.73
N VAL W 200 -44.94 3.79 -64.75
CA VAL W 200 -46.25 4.28 -65.16
C VAL W 200 -47.26 4.11 -64.04
N ALA W 201 -47.32 2.94 -63.45
CA ALA W 201 -48.28 2.67 -62.38
C ALA W 201 -48.06 3.60 -61.21
N ASP W 202 -46.81 3.81 -60.85
CA ASP W 202 -46.50 4.69 -59.73
C ASP W 202 -46.99 6.11 -59.99
N ILE W 203 -46.69 6.66 -61.16
CA ILE W 203 -47.11 8.02 -61.48
C ILE W 203 -48.61 8.19 -61.35
N MET W 204 -49.39 7.23 -61.86
CA MET W 204 -50.84 7.35 -61.80
C MET W 204 -51.34 7.31 -60.36
N LEU W 205 -50.87 6.35 -59.58
CA LEU W 205 -51.26 6.25 -58.18
C LEU W 205 -50.90 7.54 -57.46
N MET W 206 -49.66 7.97 -57.64
CA MET W 206 -49.17 9.19 -57.01
C MET W 206 -50.06 10.38 -57.40
N SER W 207 -50.47 10.41 -58.66
CA SER W 207 -51.35 11.49 -59.15
C SER W 207 -52.76 11.38 -58.59
N ALA W 208 -53.26 10.18 -58.35
CA ALA W 208 -54.64 10.03 -57.88
C ALA W 208 -54.89 10.64 -56.52
N ILE W 209 -53.89 10.74 -55.66
CA ILE W 209 -54.07 11.27 -54.32
C ILE W 209 -54.49 12.75 -54.27
N MET W 210 -54.04 13.57 -55.21
CA MET W 210 -54.38 15.00 -55.18
C MET W 210 -55.87 15.31 -55.29
N PRO W 211 -56.59 14.81 -56.28
CA PRO W 211 -58.04 15.10 -56.35
C PRO W 211 -58.76 14.59 -55.11
N VAL W 212 -58.41 13.40 -54.66
CA VAL W 212 -59.06 12.81 -53.47
C VAL W 212 -58.84 13.73 -52.27
N THR W 213 -57.65 14.30 -52.18
CA THR W 213 -57.29 15.21 -51.09
C THR W 213 -58.11 16.51 -51.12
N VAL W 214 -58.11 17.23 -52.23
CA VAL W 214 -58.87 18.48 -52.27
C VAL W 214 -60.37 18.23 -52.14
N ALA W 215 -60.83 17.06 -52.57
CA ALA W 215 -62.25 16.73 -52.44
C ALA W 215 -62.68 16.73 -50.98
N ALA W 216 -61.84 16.21 -50.10
CA ALA W 216 -62.13 16.20 -48.67
C ALA W 216 -62.03 17.61 -48.05
N ALA W 217 -61.03 18.38 -48.45
CA ALA W 217 -60.81 19.72 -47.90
C ALA W 217 -61.94 20.70 -48.19
N ALA W 218 -62.57 20.63 -49.37
CA ALA W 218 -63.67 21.52 -49.74
C ALA W 218 -65.02 21.18 -49.10
N ALA W 219 -65.16 20.01 -48.51
CA ALA W 219 -66.43 19.57 -47.94
C ALA W 219 -67.09 20.48 -46.88
N PRO W 220 -66.38 21.03 -45.88
CA PRO W 220 -67.05 21.84 -44.85
C PRO W 220 -67.71 23.11 -45.39
N PRO W 221 -68.86 23.45 -44.81
CA PRO W 221 -69.64 24.63 -45.22
C PRO W 221 -69.08 25.95 -44.70
N GLY W 222 -69.64 27.02 -45.28
CA GLY W 222 -69.29 28.37 -44.94
C GLY W 222 -68.03 28.89 -45.59
N PRO W 223 -67.60 30.08 -45.19
CA PRO W 223 -66.37 30.65 -45.73
C PRO W 223 -65.16 29.77 -45.45
N VAL W 224 -64.18 29.91 -46.32
CA VAL W 224 -62.92 29.18 -46.24
C VAL W 224 -62.09 29.62 -45.04
N GLY W 225 -61.49 28.64 -44.35
CA GLY W 225 -60.68 28.94 -43.20
C GLY W 225 -59.99 27.76 -42.53
N SER W 226 -59.90 27.88 -41.21
CA SER W 226 -59.26 26.85 -40.37
C SER W 226 -59.86 25.46 -40.52
N PRO W 227 -61.16 25.25 -40.41
CA PRO W 227 -61.72 23.89 -40.49
C PRO W 227 -61.46 23.12 -41.79
N GLN W 228 -61.25 23.80 -42.92
CA GLN W 228 -60.95 23.12 -44.19
C GLN W 228 -59.58 22.42 -44.19
N ALA W 229 -58.59 23.02 -43.55
CA ALA W 229 -57.22 22.46 -43.48
C ALA W 229 -57.14 21.14 -42.72
N VAL W 230 -57.96 20.98 -41.68
CA VAL W 230 -57.90 19.78 -40.83
C VAL W 230 -58.18 18.50 -41.62
N LEU W 231 -59.25 18.45 -42.39
CA LEU W 231 -59.50 17.24 -43.18
C LEU W 231 -58.48 17.10 -44.30
N GLY W 232 -58.15 18.18 -44.98
CA GLY W 232 -57.25 18.18 -46.11
C GLY W 232 -55.92 17.50 -45.80
N PHE W 233 -55.18 18.02 -44.84
CA PHE W 233 -53.89 17.44 -44.49
C PHE W 233 -54.04 16.07 -43.86
N GLY W 234 -55.15 15.79 -43.19
CA GLY W 234 -55.39 14.51 -42.55
C GLY W 234 -55.44 13.34 -43.52
N VAL W 235 -56.33 13.40 -44.51
CA VAL W 235 -56.45 12.33 -45.48
C VAL W 235 -55.18 12.20 -46.30
N LEU W 236 -54.53 13.33 -46.60
CA LEU W 236 -53.31 13.29 -47.38
C LEU W 236 -52.24 12.48 -46.65
N THR W 237 -52.18 12.63 -45.34
CA THR W 237 -51.21 11.89 -44.55
C THR W 237 -51.48 10.40 -44.67
N VAL W 238 -52.73 10.01 -44.45
CA VAL W 238 -53.14 8.61 -44.50
C VAL W 238 -52.96 8.03 -45.89
N ALA W 239 -53.34 8.78 -46.91
CA ALA W 239 -53.25 8.27 -48.27
C ALA W 239 -51.84 7.85 -48.60
N ALA W 240 -50.88 8.74 -48.37
CA ALA W 240 -49.47 8.43 -48.66
C ALA W 240 -48.99 7.29 -47.78
N ALA W 241 -49.38 7.31 -46.51
CA ALA W 241 -48.99 6.27 -45.57
C ALA W 241 -49.52 4.93 -46.03
N LEU W 242 -50.75 4.91 -46.50
CA LEU W 242 -51.38 3.68 -46.98
C LEU W 242 -50.67 3.15 -48.22
N ALA W 243 -50.37 4.02 -49.16
CA ALA W 243 -49.68 3.64 -50.39
C ALA W 243 -48.30 3.05 -50.12
N LEU W 244 -47.57 3.61 -49.16
CA LEU W 244 -46.22 3.15 -48.88
C LEU W 244 -46.14 1.68 -48.50
N ARG W 245 -46.92 1.25 -47.52
CA ARG W 245 -46.80 -0.15 -47.08
C ARG W 245 -47.11 -1.12 -48.21
N PHE W 246 -48.23 -0.94 -48.88
CA PHE W 246 -48.57 -1.87 -49.95
C PHE W 246 -47.76 -1.63 -51.22
N THR W 247 -47.27 -0.43 -51.47
CA THR W 247 -46.52 -0.28 -52.71
C THR W 247 -45.05 -0.62 -52.54
N GLY W 248 -44.47 -0.32 -51.39
CA GLY W 248 -43.06 -0.67 -51.16
C GLY W 248 -42.07 -0.11 -52.14
N ARG W 249 -42.29 1.11 -52.64
CA ARG W 249 -41.40 1.70 -53.65
C ARG W 249 -41.43 3.22 -53.49
N ARG W 250 -40.37 3.89 -53.97
CA ARG W 250 -40.30 5.35 -53.89
C ARG W 250 -40.39 5.84 -52.43
N LEU W 251 -39.74 5.11 -51.53
CA LEU W 251 -39.82 5.39 -50.10
C LEU W 251 -39.60 6.86 -49.76
N GLY W 252 -38.66 7.50 -50.43
CA GLY W 252 -38.28 8.88 -50.16
C GLY W 252 -39.37 9.93 -50.27
N ILE W 253 -39.83 10.09 -51.51
CA ILE W 253 -40.82 11.10 -51.83
C ILE W 253 -42.07 10.88 -51.00
N TYR W 254 -42.50 9.64 -50.86
CA TYR W 254 -43.70 9.39 -50.08
C TYR W 254 -43.49 9.77 -48.62
N THR W 255 -42.27 9.61 -48.11
CA THR W 255 -42.03 9.92 -46.71
C THR W 255 -42.22 11.41 -46.43
N THR W 256 -41.80 12.25 -47.37
CA THR W 256 -41.91 13.70 -47.24
C THR W 256 -43.34 14.13 -47.00
N ILE W 257 -44.25 13.55 -47.75
CA ILE W 257 -45.67 13.88 -47.65
C ILE W 257 -46.18 13.57 -46.26
N VAL W 258 -45.74 12.46 -45.68
CA VAL W 258 -46.21 12.07 -44.35
C VAL W 258 -45.80 13.07 -43.29
N ILE W 259 -44.57 13.55 -43.34
CA ILE W 259 -44.13 14.49 -42.31
C ILE W 259 -44.83 15.83 -42.43
N ILE W 260 -44.77 16.46 -43.61
CA ILE W 260 -45.39 17.78 -43.77
C ILE W 260 -46.89 17.69 -43.53
N GLY W 261 -47.48 16.56 -43.86
CA GLY W 261 -48.89 16.34 -43.63
C GLY W 261 -49.16 16.27 -42.14
N ALA W 262 -48.47 15.36 -41.45
CA ALA W 262 -48.67 15.17 -40.02
C ALA W 262 -48.43 16.44 -39.21
N LEU W 263 -47.32 17.14 -39.43
CA LEU W 263 -47.05 18.34 -38.64
C LEU W 263 -48.08 19.45 -38.88
N THR W 264 -48.51 19.64 -40.12
CA THR W 264 -49.48 20.70 -40.41
C THR W 264 -50.83 20.39 -39.80
N MET W 265 -51.21 19.12 -39.77
CA MET W 265 -52.47 18.70 -39.17
C MET W 265 -52.59 19.13 -37.72
N LEU W 266 -51.55 18.93 -36.93
CA LEU W 266 -51.59 19.27 -35.50
C LEU W 266 -51.77 20.76 -35.27
N ALA W 267 -51.12 21.60 -36.07
CA ALA W 267 -51.24 23.06 -35.95
C ALA W 267 -52.64 23.53 -36.31
N ALA W 268 -53.18 23.04 -37.42
CA ALA W 268 -54.52 23.40 -37.87
C ALA W 268 -55.57 22.99 -36.85
N LEU W 269 -55.42 21.81 -36.26
CA LEU W 269 -56.36 21.35 -35.26
C LEU W 269 -56.39 22.27 -34.02
N ALA W 270 -55.23 22.66 -33.51
CA ALA W 270 -55.17 23.57 -32.36
C ALA W 270 -55.78 24.94 -32.68
N ARG W 271 -55.50 25.48 -33.86
CA ARG W 271 -56.02 26.79 -34.28
C ARG W 271 -57.55 26.81 -34.31
N MET W 272 -58.16 25.69 -34.70
CA MET W 272 -59.62 25.59 -34.75
C MET W 272 -60.27 25.58 -33.38
N VAL W 273 -59.82 24.72 -32.47
CA VAL W 273 -60.45 24.60 -31.15
C VAL W 273 -59.98 25.57 -30.07
N ALA W 274 -58.78 26.14 -30.15
CA ALA W 274 -58.32 27.02 -29.09
C ALA W 274 -57.99 28.43 -29.56
N ALA W 275 -58.03 28.70 -30.86
CA ALA W 275 -57.78 30.03 -31.43
C ALA W 275 -56.45 30.67 -30.98
N THR W 276 -55.43 29.85 -30.76
CA THR W 276 -54.13 30.33 -30.33
C THR W 276 -53.47 31.23 -31.37
N SER W 277 -52.56 32.08 -30.89
CA SER W 277 -51.83 33.02 -31.72
C SER W 277 -50.85 32.33 -32.67
N ALA W 278 -50.68 32.96 -33.83
CA ALA W 278 -49.79 32.46 -34.88
C ALA W 278 -48.35 32.35 -34.40
N VAL W 279 -47.91 33.29 -33.58
CA VAL W 279 -46.56 33.32 -33.04
C VAL W 279 -46.31 32.07 -32.18
N THR W 280 -47.34 31.60 -31.49
CA THR W 280 -47.24 30.42 -30.63
C THR W 280 -47.09 29.13 -31.44
N LEU W 281 -47.89 28.96 -32.48
CA LEU W 281 -47.86 27.77 -33.31
C LEU W 281 -46.55 27.67 -34.11
N LEU W 282 -46.13 28.77 -34.72
CA LEU W 282 -44.91 28.81 -35.54
C LEU W 282 -43.65 28.50 -34.72
N SER W 283 -43.52 29.09 -33.54
CA SER W 283 -42.36 28.84 -32.68
C SER W 283 -42.35 27.40 -32.18
N SER W 284 -43.52 26.86 -31.87
CA SER W 284 -43.62 25.49 -31.41
C SER W 284 -43.19 24.52 -32.51
N LEU W 285 -43.57 24.79 -33.74
CA LEU W 285 -43.15 23.94 -34.83
C LEU W 285 -41.63 23.96 -34.94
N LEU W 286 -41.02 25.13 -34.73
CA LEU W 286 -39.57 25.26 -34.78
C LEU W 286 -38.89 24.40 -33.72
N LEU W 287 -39.39 24.43 -32.48
CA LEU W 287 -38.81 23.63 -31.41
C LEU W 287 -38.96 22.15 -31.72
N ILE W 288 -40.08 21.77 -32.29
CA ILE W 288 -40.32 20.39 -32.67
C ILE W 288 -39.34 19.95 -33.74
N CYS W 289 -39.04 20.82 -34.70
CA CYS W 289 -38.12 20.46 -35.76
C CYS W 289 -36.68 20.35 -35.26
N VAL W 290 -36.30 21.19 -34.31
CA VAL W 290 -34.93 21.15 -33.78
C VAL W 290 -34.64 19.79 -33.16
N VAL W 291 -35.60 19.24 -32.42
CA VAL W 291 -35.41 17.92 -31.84
C VAL W 291 -35.54 16.84 -32.90
N ALA W 292 -36.44 17.03 -33.85
CA ALA W 292 -36.62 16.02 -34.88
C ALA W 292 -35.32 15.75 -35.62
N TYR W 293 -34.53 16.79 -35.86
CA TYR W 293 -33.25 16.61 -36.55
C TYR W 293 -32.26 15.74 -35.79
N HIS W 294 -32.34 15.67 -34.48
CA HIS W 294 -31.40 14.84 -33.72
C HIS W 294 -31.86 13.39 -33.69
N ALA W 295 -33.16 13.18 -33.78
CA ALA W 295 -33.76 11.85 -33.76
C ALA W 295 -33.77 11.20 -35.13
N ALA W 296 -33.62 11.99 -36.18
CA ALA W 296 -33.67 11.47 -37.54
C ALA W 296 -32.92 10.16 -37.77
N PRO W 297 -31.67 10.02 -37.38
CA PRO W 297 -30.97 8.76 -37.66
C PRO W 297 -31.55 7.57 -36.94
N ALA W 298 -32.21 7.77 -35.82
CA ALA W 298 -32.82 6.66 -35.08
C ALA W 298 -34.16 6.21 -35.65
N LEU W 299 -35.04 7.12 -35.98
CA LEU W 299 -36.32 6.74 -36.56
C LEU W 299 -36.08 5.94 -37.82
N SER W 300 -35.17 6.43 -38.65
CA SER W 300 -34.78 5.78 -39.91
C SER W 300 -34.23 4.37 -39.70
N ARG W 301 -33.51 4.12 -38.62
CA ARG W 301 -33.01 2.77 -38.40
C ARG W 301 -34.16 1.78 -38.19
N ARG W 302 -35.15 2.14 -37.37
CA ARG W 302 -36.26 1.21 -37.09
C ARG W 302 -37.25 1.08 -38.25
N LEU W 303 -37.53 2.16 -38.99
CA LEU W 303 -38.46 2.05 -40.11
C LEU W 303 -37.95 1.08 -41.17
N ALA W 304 -36.64 1.01 -41.34
CA ALA W 304 -36.01 0.14 -42.33
C ALA W 304 -35.96 -1.31 -41.90
N GLY W 305 -36.37 -1.63 -40.68
CA GLY W 305 -36.31 -3.02 -40.29
C GLY W 305 -34.98 -3.50 -39.78
N ILE W 306 -34.07 -2.59 -39.46
CA ILE W 306 -32.83 -3.01 -38.85
C ILE W 306 -33.19 -3.55 -37.47
N ARG W 307 -32.69 -4.72 -37.13
CA ARG W 307 -32.93 -5.32 -35.81
C ARG W 307 -31.61 -5.64 -35.12
N LEU W 308 -31.42 -5.09 -33.93
CA LEU W 308 -30.21 -5.36 -33.17
C LEU W 308 -30.22 -6.78 -32.62
N PRO W 309 -29.04 -7.40 -32.50
CA PRO W 309 -28.97 -8.80 -32.04
C PRO W 309 -29.55 -8.96 -30.64
N VAL W 310 -30.19 -10.10 -30.42
CA VAL W 310 -30.82 -10.44 -29.13
C VAL W 310 -29.79 -11.00 -28.15
N PHE W 311 -29.91 -10.61 -26.87
CA PHE W 311 -29.03 -11.06 -25.80
C PHE W 311 -29.45 -12.43 -25.26
N PRO W 312 -28.51 -13.31 -24.94
CA PRO W 312 -28.87 -14.64 -24.45
C PRO W 312 -29.44 -14.69 -23.05
N SER W 313 -29.53 -13.58 -22.32
CA SER W 313 -30.14 -13.53 -21.00
C SER W 313 -29.70 -14.68 -20.07
N ALA W 314 -28.43 -15.10 -20.18
CA ALA W 314 -27.81 -16.00 -19.19
C ALA W 314 -28.66 -17.22 -18.84
N THR W 315 -29.29 -17.83 -19.84
CA THR W 315 -29.97 -19.10 -19.65
C THR W 315 -29.40 -20.20 -20.53
N SER W 316 -28.15 -20.07 -21.01
CA SER W 316 -27.55 -21.10 -21.84
C SER W 316 -26.04 -20.90 -21.91
N ARG W 317 -25.33 -21.99 -22.22
CA ARG W 317 -23.87 -21.97 -22.40
C ARG W 317 -23.50 -21.73 -23.86
N TRP W 318 -22.33 -21.13 -24.07
CA TRP W 318 -21.83 -20.84 -25.42
C TRP W 318 -21.38 -22.12 -26.13
N VAL W 319 -21.85 -22.31 -27.36
CA VAL W 319 -21.47 -23.44 -28.21
C VAL W 319 -20.63 -22.87 -29.35
N PHE W 320 -19.37 -23.33 -29.40
CA PHE W 320 -18.42 -22.81 -30.37
C PHE W 320 -18.68 -23.31 -31.79
N GLU W 321 -19.16 -24.55 -31.98
CA GLU W 321 -19.39 -25.05 -33.35
C GLU W 321 -20.69 -25.84 -33.55
N ALA W 322 -21.85 -25.17 -33.50
CA ALA W 322 -23.07 -25.87 -33.90
C ALA W 322 -23.05 -26.04 -35.41
N ARG W 323 -23.84 -26.98 -35.94
CA ARG W 323 -23.84 -27.13 -37.40
C ARG W 323 -24.20 -25.82 -38.10
N PRO W 324 -23.35 -25.29 -39.00
CA PRO W 324 -23.58 -24.01 -39.65
C PRO W 324 -24.93 -23.80 -40.35
N ASP W 325 -25.32 -22.54 -40.56
CA ASP W 325 -26.59 -22.24 -41.21
C ASP W 325 -26.54 -22.59 -42.70
N LEU W 326 -27.61 -23.21 -43.17
CA LEU W 326 -27.74 -23.67 -44.56
C LEU W 326 -27.77 -22.52 -45.57
N PRO W 327 -27.00 -22.59 -46.67
CA PRO W 327 -27.02 -21.52 -47.67
C PRO W 327 -28.33 -21.49 -48.44
N THR W 328 -28.69 -20.31 -48.96
CA THR W 328 -29.92 -20.13 -49.73
C THR W 328 -29.69 -20.00 -51.23
N THR W 329 -30.60 -20.60 -51.99
CA THR W 329 -30.65 -20.61 -53.44
C THR W 329 -31.57 -19.52 -54.01
N VAL W 330 -31.24 -19.06 -55.22
CA VAL W 330 -32.00 -18.04 -55.94
C VAL W 330 -32.16 -18.46 -57.40
N VAL W 331 -33.20 -17.91 -58.05
CA VAL W 331 -33.53 -18.22 -59.45
C VAL W 331 -33.97 -16.99 -60.23
N VAL W 332 -33.79 -17.08 -61.56
CA VAL W 332 -34.17 -16.07 -62.54
C VAL W 332 -34.69 -16.82 -63.77
N SER W 333 -35.70 -16.25 -64.45
CA SER W 333 -36.28 -16.90 -65.63
C SER W 333 -35.30 -16.94 -66.81
N GLY W 334 -34.81 -15.77 -67.23
CA GLY W 334 -33.86 -15.74 -68.35
C GLY W 334 -32.56 -16.42 -67.99
N GLY W 335 -31.94 -16.00 -66.90
CA GLY W 335 -30.75 -16.65 -66.38
C GLY W 335 -31.21 -17.83 -65.56
N SER W 336 -31.81 -18.78 -66.27
CA SER W 336 -32.46 -19.95 -65.69
C SER W 336 -31.60 -20.75 -64.71
N ALA W 337 -30.29 -20.69 -64.79
CA ALA W 337 -29.53 -21.49 -63.84
C ALA W 337 -29.64 -20.97 -62.42
N PRO W 338 -30.06 -21.80 -61.46
CA PRO W 338 -30.14 -21.38 -60.06
C PRO W 338 -28.75 -21.12 -59.48
N VAL W 339 -28.70 -20.27 -58.45
CA VAL W 339 -27.43 -19.97 -57.81
C VAL W 339 -27.68 -19.85 -56.31
N LEU W 340 -26.61 -19.99 -55.52
CA LEU W 340 -26.67 -19.82 -54.08
C LEU W 340 -25.71 -18.71 -53.67
N GLU W 341 -26.04 -17.98 -52.59
CA GLU W 341 -25.18 -16.88 -52.18
C GLU W 341 -25.01 -16.64 -50.67
N GLY W 342 -25.70 -17.34 -49.78
CA GLY W 342 -25.49 -17.10 -48.36
C GLY W 342 -26.72 -17.25 -47.47
N PRO W 343 -26.50 -17.13 -46.16
CA PRO W 343 -27.60 -17.25 -45.19
C PRO W 343 -28.60 -16.12 -45.23
N SER W 344 -29.86 -16.46 -44.93
CA SER W 344 -30.94 -15.49 -44.91
C SER W 344 -30.67 -14.33 -43.94
N SER W 345 -30.13 -14.64 -42.78
CA SER W 345 -29.82 -13.63 -41.76
C SER W 345 -28.84 -12.56 -42.24
N VAL W 346 -27.94 -12.89 -43.16
CA VAL W 346 -26.96 -11.95 -43.68
C VAL W 346 -27.41 -11.30 -44.98
N ARG W 347 -28.02 -12.09 -45.86
CA ARG W 347 -28.46 -11.65 -47.17
C ARG W 347 -29.43 -10.47 -47.11
N ASP W 348 -30.25 -10.39 -46.07
CA ASP W 348 -31.22 -9.30 -46.01
C ASP W 348 -30.57 -7.95 -45.76
N VAL W 349 -29.43 -7.90 -45.08
CA VAL W 349 -28.82 -6.62 -44.77
C VAL W 349 -28.56 -5.80 -46.03
N LEU W 350 -28.19 -6.44 -47.13
CA LEU W 350 -27.92 -5.70 -48.36
C LEU W 350 -29.13 -4.94 -48.87
N LEU W 351 -30.34 -5.33 -48.49
CA LEU W 351 -31.56 -4.62 -48.88
C LEU W 351 -32.02 -3.61 -47.83
N GLN W 352 -31.82 -3.94 -46.55
CA GLN W 352 -32.22 -3.05 -45.47
C GLN W 352 -31.46 -1.73 -45.52
N ALA W 353 -30.17 -1.78 -45.83
CA ALA W 353 -29.33 -0.58 -45.82
C ALA W 353 -29.81 0.48 -46.82
N GLU W 354 -30.10 0.08 -48.05
CA GLU W 354 -30.54 1.05 -49.04
C GLU W 354 -31.90 1.65 -48.69
N ARG W 355 -32.74 0.89 -48.00
CA ARG W 355 -34.04 1.37 -47.56
C ARG W 355 -33.85 2.42 -46.46
N ALA W 356 -32.95 2.13 -45.52
CA ALA W 356 -32.65 3.07 -44.45
C ALA W 356 -32.15 4.38 -45.04
N ARG W 357 -31.26 4.30 -46.01
CA ARG W 357 -30.72 5.50 -46.64
C ARG W 357 -31.83 6.32 -47.25
N SER W 358 -32.79 5.64 -47.86
CA SER W 358 -33.88 6.34 -48.52
C SER W 358 -34.76 7.06 -47.50
N PHE W 359 -35.09 6.42 -46.39
CA PHE W 359 -35.94 7.07 -45.38
C PHE W 359 -35.29 8.33 -44.84
N LEU W 360 -34.00 8.25 -44.54
CA LEU W 360 -33.30 9.42 -43.99
C LEU W 360 -33.33 10.61 -44.94
N SER W 361 -33.13 10.37 -46.22
CA SER W 361 -33.12 11.48 -47.18
C SER W 361 -34.45 12.21 -47.18
N GLY W 362 -35.54 11.45 -47.16
CA GLY W 362 -36.85 12.05 -47.14
C GLY W 362 -37.12 12.77 -45.84
N LEU W 363 -36.79 12.11 -44.74
CA LEU W 363 -37.02 12.63 -43.40
C LEU W 363 -36.36 14.00 -43.24
N LEU W 364 -35.14 14.15 -43.72
CA LEU W 364 -34.46 15.43 -43.64
C LEU W 364 -35.13 16.46 -44.54
N THR W 365 -35.56 16.04 -45.73
CA THR W 365 -36.15 16.97 -46.68
C THR W 365 -37.43 17.60 -46.16
N GLY W 366 -38.30 16.82 -45.54
CA GLY W 366 -39.55 17.38 -45.05
C GLY W 366 -39.34 18.47 -44.01
N LEU W 367 -38.43 18.23 -43.09
CA LEU W 367 -38.13 19.21 -42.04
C LEU W 367 -37.55 20.48 -42.64
N GLY W 368 -36.75 20.34 -43.70
CA GLY W 368 -36.18 21.51 -44.34
C GLY W 368 -37.26 22.47 -44.79
N VAL W 369 -38.31 21.95 -45.40
CA VAL W 369 -39.43 22.77 -45.85
C VAL W 369 -40.11 23.42 -44.65
N MET W 370 -40.34 22.66 -43.59
CA MET W 370 -41.04 23.18 -42.42
C MET W 370 -40.29 24.34 -41.76
N VAL W 371 -38.96 24.25 -41.61
CA VAL W 371 -38.23 25.32 -40.95
C VAL W 371 -38.19 26.61 -41.77
N VAL W 372 -38.00 26.52 -43.08
CA VAL W 372 -37.94 27.74 -43.88
C VAL W 372 -39.27 28.47 -43.92
N VAL W 373 -40.38 27.74 -43.95
CA VAL W 373 -41.70 28.39 -44.00
C VAL W 373 -42.01 29.10 -42.69
N CYS W 374 -41.60 28.53 -41.57
CA CYS W 374 -41.87 29.12 -40.27
C CYS W 374 -40.96 30.32 -39.98
N MET W 375 -39.68 30.19 -40.23
CA MET W 375 -38.74 31.27 -39.91
C MET W 375 -39.05 32.55 -40.67
N THR W 376 -39.32 32.45 -41.98
CA THR W 376 -39.62 33.65 -42.76
C THR W 376 -40.95 34.32 -42.39
N SER W 377 -41.83 33.65 -41.65
CA SER W 377 -43.11 34.24 -41.26
C SER W 377 -43.04 34.92 -39.91
N LEU W 378 -42.15 34.47 -39.02
CA LEU W 378 -42.04 35.04 -37.69
C LEU W 378 -41.33 36.40 -37.66
N CYS W 379 -40.34 36.63 -38.51
CA CYS W 379 -39.56 37.87 -38.43
C CYS W 379 -40.07 38.94 -39.40
N ASP W 380 -41.12 39.67 -38.96
CA ASP W 380 -41.62 40.78 -39.76
C ASP W 380 -40.93 42.07 -39.31
N PRO W 381 -40.77 43.04 -40.21
CA PRO W 381 -40.08 44.29 -39.86
C PRO W 381 -40.86 45.27 -39.01
N HIS W 382 -42.19 45.15 -38.88
CA HIS W 382 -42.92 46.14 -38.10
C HIS W 382 -43.04 45.79 -36.62
N THR W 383 -43.09 44.51 -36.28
CA THR W 383 -43.25 44.13 -34.90
C THR W 383 -42.17 44.74 -34.03
N GLY W 384 -42.57 45.21 -32.86
CA GLY W 384 -41.63 45.82 -31.94
C GLY W 384 -40.51 44.88 -31.54
N GLN W 385 -39.31 45.46 -31.34
CA GLN W 385 -38.13 44.66 -31.01
C GLN W 385 -37.78 43.68 -32.12
N ARG W 386 -37.85 44.21 -33.34
CA ARG W 386 -37.63 43.49 -34.59
C ARG W 386 -36.34 42.65 -34.57
N TRP W 387 -35.37 43.01 -33.74
CA TRP W 387 -34.13 42.25 -33.62
C TRP W 387 -34.32 40.89 -32.96
N LEU W 388 -35.29 40.75 -32.06
CA LEU W 388 -35.48 39.48 -31.36
C LEU W 388 -35.77 38.30 -32.27
N PRO W 389 -36.75 38.35 -33.17
CA PRO W 389 -37.00 37.20 -34.03
C PRO W 389 -35.94 36.93 -35.09
N LEU W 390 -35.27 37.94 -35.63
CA LEU W 390 -34.29 37.67 -36.68
C LEU W 390 -32.95 37.17 -36.17
N ILE W 391 -32.63 37.35 -34.89
CA ILE W 391 -31.39 36.78 -34.35
C ILE W 391 -31.56 35.27 -34.18
N LEU W 392 -32.77 34.86 -33.80
CA LEU W 392 -33.12 33.45 -33.64
C LEU W 392 -33.00 32.72 -34.96
N ALA W 393 -33.36 33.38 -36.05
CA ALA W 393 -33.23 32.81 -37.38
C ALA W 393 -31.76 32.59 -37.71
N GLY W 394 -30.90 33.45 -37.21
CA GLY W 394 -29.47 33.44 -37.42
C GLY W 394 -28.86 32.22 -36.75
N PHE W 395 -29.08 32.06 -35.45
CA PHE W 395 -28.53 30.90 -34.77
C PHE W 395 -29.02 29.62 -35.43
N THR W 396 -30.29 29.60 -35.81
CA THR W 396 -30.84 28.40 -36.41
C THR W 396 -30.11 28.09 -37.70
N SER W 397 -29.84 29.10 -38.51
CA SER W 397 -29.11 28.88 -39.75
C SER W 397 -27.69 28.38 -39.48
N GLY W 398 -27.05 28.94 -38.47
CA GLY W 398 -25.68 28.54 -38.16
C GLY W 398 -25.59 27.09 -37.76
N PHE W 399 -26.50 26.65 -36.89
CA PHE W 399 -26.54 25.28 -36.41
C PHE W 399 -26.74 24.32 -37.56
N LEU W 400 -27.73 24.59 -38.40
CA LEU W 400 -27.98 23.70 -39.53
C LEU W 400 -26.76 23.68 -40.44
N LEU W 401 -26.19 24.84 -40.70
CA LEU W 401 -25.06 24.91 -41.63
C LEU W 401 -23.89 24.09 -41.12
N LEU W 402 -23.60 24.13 -39.83
CA LEU W 402 -22.50 23.33 -39.31
C LEU W 402 -22.82 21.84 -39.28
N ARG W 403 -24.08 21.47 -39.07
CA ARG W 403 -24.46 20.07 -38.98
C ARG W 403 -24.12 19.31 -40.24
N GLY W 404 -23.99 20.03 -41.34
CA GLY W 404 -23.65 19.41 -42.61
C GLY W 404 -22.37 18.60 -42.54
N ARG W 405 -21.48 18.93 -41.62
CA ARG W 405 -20.25 18.19 -41.50
C ARG W 405 -20.50 16.72 -41.22
N SER W 406 -21.54 16.40 -40.46
CA SER W 406 -21.81 15.02 -40.07
C SER W 406 -22.34 14.12 -41.19
N TYR W 407 -22.63 14.62 -42.38
CA TYR W 407 -23.18 13.77 -43.44
C TYR W 407 -22.20 13.62 -44.60
N VAL W 408 -21.87 12.36 -44.91
CA VAL W 408 -20.94 12.05 -45.99
C VAL W 408 -21.65 11.93 -47.33
N ASP W 409 -22.91 11.55 -47.36
CA ASP W 409 -23.63 11.42 -48.63
C ASP W 409 -23.77 12.77 -49.32
N ARG W 410 -23.59 12.74 -50.63
CA ARG W 410 -23.65 13.94 -51.46
C ARG W 410 -24.95 14.72 -51.29
N TRP W 411 -26.07 14.12 -51.71
CA TRP W 411 -27.34 14.84 -51.68
C TRP W 411 -27.85 15.10 -50.27
N GLN W 412 -27.57 14.23 -49.32
CA GLN W 412 -28.01 14.50 -47.96
C GLN W 412 -27.33 15.73 -47.38
N SER W 413 -26.04 15.87 -47.63
CA SER W 413 -25.33 17.03 -47.11
C SER W 413 -25.71 18.30 -47.82
N ILE W 414 -25.90 18.24 -49.13
CA ILE W 414 -26.27 19.42 -49.89
C ILE W 414 -27.60 19.97 -49.40
N THR W 415 -28.57 19.11 -49.12
CA THR W 415 -29.87 19.59 -48.69
C THR W 415 -29.79 20.33 -47.38
N LEU W 416 -28.88 19.94 -46.50
CA LEU W 416 -28.76 20.66 -45.23
C LEU W 416 -28.22 22.06 -45.51
N ALA W 417 -27.13 22.15 -46.25
CA ALA W 417 -26.52 23.44 -46.55
C ALA W 417 -27.50 24.33 -47.30
N GLY W 418 -28.23 23.73 -48.22
CA GLY W 418 -29.23 24.47 -48.99
C GLY W 418 -30.32 25.06 -48.11
N THR W 419 -30.74 24.32 -47.10
CA THR W 419 -31.78 24.78 -46.18
C THR W 419 -31.34 26.02 -45.41
N ALA W 420 -30.09 26.06 -45.00
CA ALA W 420 -29.58 27.21 -44.27
C ALA W 420 -29.52 28.46 -45.15
N VAL W 421 -29.02 28.32 -46.38
CA VAL W 421 -28.84 29.47 -47.27
C VAL W 421 -30.17 30.07 -47.71
N ILE W 422 -31.15 29.25 -48.06
CA ILE W 422 -32.42 29.82 -48.49
C ILE W 422 -33.09 30.64 -47.40
N ILE W 423 -32.91 30.28 -46.12
CA ILE W 423 -33.56 31.04 -45.05
C ILE W 423 -33.07 32.48 -45.06
N ALA W 424 -31.77 32.68 -45.17
CA ALA W 424 -31.22 34.03 -45.21
C ALA W 424 -31.79 34.83 -46.39
N ALA W 425 -31.77 34.24 -47.58
CA ALA W 425 -32.25 34.90 -48.80
C ALA W 425 -33.71 35.30 -48.71
N ALA W 426 -34.58 34.41 -48.25
CA ALA W 426 -35.99 34.73 -48.13
C ALA W 426 -36.23 35.84 -47.12
N VAL W 427 -35.53 35.80 -45.98
CA VAL W 427 -35.68 36.81 -44.94
C VAL W 427 -35.17 38.16 -45.42
N CYS W 428 -34.13 38.19 -46.23
CA CYS W 428 -33.67 39.46 -46.79
C CYS W 428 -34.74 40.04 -47.73
N VAL W 429 -35.29 39.22 -48.62
CA VAL W 429 -36.34 39.69 -49.53
C VAL W 429 -37.55 40.21 -48.75
N ARG W 430 -37.92 39.55 -47.67
CA ARG W 430 -39.05 40.00 -46.85
C ARG W 430 -38.89 41.44 -46.37
N TYR W 431 -37.67 41.86 -46.09
CA TYR W 431 -37.38 43.23 -45.63
C TYR W 431 -37.41 44.28 -46.73
N ALA W 432 -37.50 43.89 -48.00
CA ALA W 432 -37.56 44.83 -49.11
C ALA W 432 -38.98 45.06 -49.60
N LEU W 433 -39.75 44.00 -49.77
CA LEU W 433 -41.13 44.04 -50.23
C LEU W 433 -42.05 44.60 -49.16
N GLU W 434 -41.46 44.99 -48.03
CA GLU W 434 -42.14 45.65 -46.93
C GLU W 434 -41.14 46.66 -46.36
N LEU W 435 -41.64 47.68 -45.65
CA LEU W 435 -40.76 48.72 -45.09
C LEU W 435 -39.86 49.32 -46.17
N SER W 436 -40.44 49.46 -47.37
CA SER W 436 -39.75 49.93 -48.57
C SER W 436 -39.13 51.31 -48.41
N SER W 437 -37.84 51.38 -48.73
CA SER W 437 -37.02 52.59 -48.63
C SER W 437 -35.65 52.31 -49.26
N PRO W 438 -34.93 53.35 -49.68
CA PRO W 438 -33.60 53.16 -50.32
C PRO W 438 -32.59 52.40 -49.49
N LEU W 439 -32.55 52.59 -48.18
CA LEU W 439 -31.60 51.86 -47.32
C LEU W 439 -31.85 50.36 -47.42
N ALA W 440 -33.07 49.93 -47.13
CA ALA W 440 -33.42 48.52 -47.13
C ALA W 440 -33.07 47.83 -48.45
N VAL W 441 -33.51 48.39 -49.58
CA VAL W 441 -33.23 47.78 -50.89
C VAL W 441 -31.73 47.74 -51.19
N SER W 442 -30.99 48.74 -50.74
CA SER W 442 -29.55 48.73 -51.00
C SER W 442 -28.87 47.66 -50.16
N ILE W 443 -29.14 47.64 -48.86
CA ILE W 443 -28.58 46.67 -47.92
C ILE W 443 -28.92 45.23 -48.35
N VAL W 444 -30.18 45.00 -48.70
CA VAL W 444 -30.63 43.67 -49.13
C VAL W 444 -29.88 43.24 -50.38
N ALA W 445 -29.77 44.11 -51.36
CA ALA W 445 -29.08 43.74 -52.58
C ALA W 445 -27.62 43.33 -52.31
N ALA W 446 -26.96 43.94 -51.35
CA ALA W 446 -25.57 43.60 -51.04
C ALA W 446 -25.42 42.24 -50.37
N ILE W 447 -26.14 42.01 -49.27
CA ILE W 447 -26.06 40.73 -48.55
C ILE W 447 -26.42 39.57 -49.46
N LEU W 448 -27.50 39.70 -50.20
CA LEU W 448 -27.98 38.65 -51.08
C LEU W 448 -26.97 38.24 -52.16
N VAL W 449 -26.02 39.10 -52.50
CA VAL W 449 -25.01 38.77 -53.49
C VAL W 449 -23.63 38.50 -52.87
N LEU W 450 -23.27 39.21 -51.81
CA LEU W 450 -21.96 39.01 -51.19
C LEU W 450 -21.88 37.69 -50.42
N LEU W 451 -22.92 37.36 -49.68
CA LEU W 451 -22.94 36.15 -48.84
C LEU W 451 -22.62 34.88 -49.62
N PRO W 452 -23.30 34.55 -50.69
CA PRO W 452 -22.98 33.32 -51.42
C PRO W 452 -21.62 33.39 -52.09
N ALA W 453 -21.17 34.57 -52.47
CA ALA W 453 -19.88 34.69 -53.11
C ALA W 453 -18.79 34.23 -52.17
N ALA W 454 -18.90 34.64 -50.91
CA ALA W 454 -17.93 34.23 -49.89
C ALA W 454 -17.89 32.72 -49.76
N GLY W 455 -19.04 32.07 -49.90
CA GLY W 455 -19.07 30.63 -49.82
C GLY W 455 -18.33 29.98 -50.96
N MET W 456 -18.51 30.47 -52.18
CA MET W 456 -17.81 29.86 -53.30
C MET W 456 -16.31 29.92 -53.07
N ALA W 457 -15.83 31.03 -52.55
CA ALA W 457 -14.40 31.16 -52.29
C ALA W 457 -13.98 30.16 -51.24
N ALA W 458 -14.70 30.11 -50.13
CA ALA W 458 -14.35 29.17 -49.08
C ALA W 458 -14.41 27.74 -49.59
N ALA W 459 -15.39 27.43 -50.42
CA ALA W 459 -15.52 26.06 -50.93
C ALA W 459 -14.34 25.61 -51.77
N ALA W 460 -13.83 26.49 -52.61
CA ALA W 460 -12.70 26.15 -53.46
C ALA W 460 -11.38 26.18 -52.72
N HIS W 461 -11.25 27.04 -51.72
CA HIS W 461 -10.01 27.27 -50.99
C HIS W 461 -9.75 26.34 -49.80
N VAL W 462 -10.77 25.97 -49.03
CA VAL W 462 -10.52 25.13 -47.86
C VAL W 462 -9.84 23.81 -48.19
N PRO W 463 -10.29 23.04 -49.17
CA PRO W 463 -9.68 21.73 -49.40
C PRO W 463 -8.17 21.70 -49.64
N HIS W 464 -7.50 22.77 -50.05
CA HIS W 464 -6.06 22.64 -50.24
C HIS W 464 -5.22 23.17 -49.09
N THR W 465 -5.81 23.54 -47.95
CA THR W 465 -5.05 24.15 -46.85
C THR W 465 -4.90 23.24 -45.64
N ILE W 466 -3.92 23.59 -44.79
CA ILE W 466 -3.62 22.90 -43.53
C ILE W 466 -3.96 23.83 -42.38
N TYR W 467 -4.66 23.30 -41.38
CA TYR W 467 -5.06 24.05 -40.21
C TYR W 467 -4.56 23.44 -38.90
N SER W 468 -4.31 24.33 -37.94
CA SER W 468 -3.88 23.92 -36.61
C SER W 468 -5.02 23.22 -35.87
N PRO W 469 -4.70 22.22 -35.06
CA PRO W 469 -5.75 21.54 -34.31
C PRO W 469 -6.55 22.45 -33.38
N LEU W 470 -5.96 23.52 -32.85
CA LEU W 470 -6.71 24.40 -31.96
C LEU W 470 -7.83 25.13 -32.70
N PHE W 471 -7.64 25.39 -33.99
CA PHE W 471 -8.69 26.05 -34.76
C PHE W 471 -9.75 25.03 -35.16
N ARG W 472 -9.32 23.83 -35.52
CA ARG W 472 -10.24 22.76 -35.86
C ARG W 472 -11.12 22.46 -34.67
N LYS W 473 -10.54 22.47 -33.48
CA LYS W 473 -11.28 22.25 -32.26
C LYS W 473 -12.20 23.43 -31.96
N PHE W 474 -11.89 24.62 -32.48
CA PHE W 474 -12.75 25.77 -32.22
C PHE W 474 -14.02 25.78 -33.04
N VAL W 475 -13.97 25.44 -34.33
CA VAL W 475 -15.20 25.47 -35.12
C VAL W 475 -16.24 24.49 -34.61
N GLU W 476 -15.80 23.36 -34.08
CA GLU W 476 -16.70 22.36 -33.53
C GLU W 476 -17.57 22.91 -32.40
N TRP W 477 -16.97 23.63 -31.46
CA TRP W 477 -17.71 24.19 -30.33
C TRP W 477 -18.69 25.27 -30.73
N ILE W 478 -18.59 25.82 -31.94
CA ILE W 478 -19.51 26.87 -32.35
C ILE W 478 -20.93 26.33 -32.45
N GLU W 479 -21.07 25.10 -32.89
CA GLU W 479 -22.37 24.48 -33.05
C GLU W 479 -23.09 24.40 -31.72
N TYR W 480 -22.38 23.98 -30.69
CA TYR W 480 -22.97 23.85 -29.37
C TYR W 480 -23.38 25.21 -28.82
N LEU W 481 -22.57 26.24 -29.05
CA LEU W 481 -22.90 27.59 -28.62
C LEU W 481 -24.11 28.13 -29.37
N CYS W 482 -24.39 27.58 -30.53
CA CYS W 482 -25.56 27.98 -31.30
C CYS W 482 -26.83 27.28 -30.82
N LEU W 483 -26.74 26.05 -30.34
CA LEU W 483 -27.93 25.34 -29.87
C LEU W 483 -28.40 25.87 -28.52
N MET W 484 -27.48 26.07 -27.59
CA MET W 484 -27.81 26.48 -26.23
C MET W 484 -28.82 27.62 -26.08
N PRO W 485 -28.83 28.66 -26.92
CA PRO W 485 -29.79 29.77 -26.76
C PRO W 485 -31.18 29.57 -27.35
N ILE W 486 -31.40 28.54 -28.16
CA ILE W 486 -32.66 28.38 -28.88
C ILE W 486 -33.88 28.33 -27.96
N PHE W 487 -33.94 27.40 -27.03
CA PHE W 487 -35.11 27.30 -26.17
C PHE W 487 -35.38 28.56 -25.35
N PRO W 488 -34.41 29.14 -24.66
CA PRO W 488 -34.69 30.34 -23.86
C PRO W 488 -35.22 31.50 -24.69
N LEU W 489 -34.75 31.65 -25.92
CA LEU W 489 -35.24 32.71 -26.80
C LEU W 489 -36.63 32.39 -27.29
N ALA W 490 -36.87 31.13 -27.66
CA ALA W 490 -38.18 30.77 -28.18
C ALA W 490 -39.27 31.00 -27.16
N LEU W 491 -39.05 30.63 -25.91
CA LEU W 491 -40.09 30.84 -24.88
C LEU W 491 -40.36 32.33 -24.61
N TRP W 492 -39.36 33.19 -24.80
CA TRP W 492 -39.51 34.65 -24.61
C TRP W 492 -40.37 35.26 -25.70
N LEU W 493 -40.09 34.89 -26.93
CA LEU W 493 -40.85 35.36 -28.07
C LEU W 493 -42.28 34.91 -27.90
N MET W 494 -42.45 33.69 -27.39
CA MET W 494 -43.76 33.13 -27.10
C MET W 494 -44.40 33.73 -25.86
N ASN W 495 -43.73 34.61 -25.10
CA ASN W 495 -44.37 35.21 -23.93
C ASN W 495 -44.72 34.24 -22.81
N VAL W 496 -43.97 33.17 -22.65
CA VAL W 496 -44.29 32.19 -21.61
C VAL W 496 -44.03 32.73 -20.20
N TYR W 497 -42.93 33.47 -20.02
CA TYR W 497 -42.59 34.00 -18.70
C TYR W 497 -43.67 34.93 -18.12
N ALA W 498 -44.25 35.80 -18.94
CA ALA W 498 -45.29 36.71 -18.48
C ALA W 498 -46.53 35.98 -17.97
N ALA W 499 -46.97 34.96 -18.69
CA ALA W 499 -48.13 34.17 -18.30
C ALA W 499 -47.96 33.52 -16.93
N ILE W 500 -46.74 33.18 -16.58
CA ILE W 500 -46.41 32.60 -15.29
C ILE W 500 -46.24 33.69 -14.23
N ARG W 501 -45.56 34.79 -14.56
CA ARG W 501 -45.34 35.87 -13.61
C ARG W 501 -46.65 36.45 -13.10
N TYR W 502 -47.69 36.47 -13.93
CA TYR W 502 -49.00 36.97 -13.54
C TYR W 502 -49.98 35.82 -13.28
N ARG W 503 -49.48 34.65 -12.91
CA ARG W 503 -50.33 33.49 -12.64
C ARG W 503 -51.57 33.87 -11.83
N PRO X 18 -35.09 -18.61 -98.98
CA PRO X 18 -35.34 -18.50 -97.55
C PRO X 18 -34.49 -19.46 -96.73
N GLN X 19 -33.72 -20.32 -97.40
CA GLN X 19 -32.88 -21.27 -96.69
C GLN X 19 -31.66 -20.62 -96.04
N ALA X 20 -31.26 -19.42 -96.48
CA ALA X 20 -30.07 -18.78 -95.94
C ALA X 20 -30.21 -17.25 -95.96
N VAL X 21 -29.40 -16.59 -95.15
CA VAL X 21 -29.39 -15.14 -95.05
C VAL X 21 -27.96 -14.61 -95.02
N VAL X 22 -27.74 -13.48 -95.69
CA VAL X 22 -26.44 -12.80 -95.75
C VAL X 22 -26.44 -11.67 -94.73
N VAL X 23 -25.40 -11.60 -93.90
CA VAL X 23 -25.29 -10.57 -92.87
C VAL X 23 -23.83 -10.19 -92.69
N GLY X 24 -23.60 -8.98 -92.16
CA GLY X 24 -22.25 -8.52 -91.85
C GLY X 24 -21.91 -8.84 -90.40
N VAL X 25 -20.83 -9.58 -90.16
CA VAL X 25 -20.40 -9.94 -88.82
C VAL X 25 -19.17 -9.15 -88.41
N MET X 26 -19.22 -8.56 -87.22
CA MET X 26 -18.13 -7.79 -86.61
C MET X 26 -17.31 -8.72 -85.72
N ALA X 27 -15.99 -8.65 -85.84
CA ALA X 27 -15.07 -9.46 -85.06
C ALA X 27 -14.06 -8.58 -84.32
N GLY X 28 -13.07 -9.22 -83.70
CA GLY X 28 -12.06 -8.56 -82.89
C GLY X 28 -11.44 -7.27 -83.42
N GLU X 29 -11.41 -6.31 -82.50
CA GLU X 29 -10.89 -4.94 -82.64
C GLU X 29 -11.55 -4.11 -83.74
N GLY X 30 -12.49 -4.69 -84.51
CA GLY X 30 -13.17 -3.93 -85.55
C GLY X 30 -13.24 -4.36 -87.02
N VAL X 31 -12.81 -5.56 -87.41
CA VAL X 31 -12.96 -5.99 -88.80
C VAL X 31 -14.40 -6.43 -89.04
N GLN X 32 -15.01 -5.95 -90.14
CA GLN X 32 -16.35 -6.38 -90.55
C GLN X 32 -16.27 -7.33 -91.74
N ILE X 33 -16.96 -8.48 -91.64
CA ILE X 33 -16.95 -9.50 -92.69
C ILE X 33 -18.37 -9.90 -93.10
N GLY X 34 -18.63 -9.89 -94.40
CA GLY X 34 -19.92 -10.30 -94.96
C GLY X 34 -20.02 -11.82 -95.08
N VAL X 35 -21.08 -12.40 -94.49
CA VAL X 35 -21.28 -13.86 -94.49
C VAL X 35 -22.72 -14.25 -94.77
N LEU X 36 -22.87 -15.44 -95.42
CA LEU X 36 -24.15 -16.06 -95.75
C LEU X 36 -24.35 -17.23 -94.77
N LEU X 37 -25.21 -17.01 -93.78
CA LEU X 37 -25.50 -17.96 -92.72
C LEU X 37 -26.73 -18.82 -92.98
N ASP X 38 -26.70 -20.03 -92.44
CA ASP X 38 -27.82 -20.96 -92.55
C ASP X 38 -28.97 -20.37 -91.74
N ALA X 39 -30.12 -20.17 -92.39
CA ALA X 39 -31.25 -19.54 -91.73
C ALA X 39 -32.02 -20.42 -90.75
N ASN X 40 -31.83 -21.75 -90.73
CA ASN X 40 -32.61 -22.59 -89.82
C ASN X 40 -31.82 -23.37 -88.78
N ALA X 41 -30.52 -23.60 -88.95
CA ALA X 41 -29.74 -24.28 -87.92
C ALA X 41 -29.68 -23.43 -86.65
N PRO X 42 -29.61 -24.05 -85.47
CA PRO X 42 -29.58 -23.24 -84.25
C PRO X 42 -28.25 -22.53 -84.11
N VAL X 43 -28.33 -21.30 -83.62
CA VAL X 43 -27.17 -20.42 -83.53
C VAL X 43 -25.99 -21.09 -82.84
N SER X 44 -26.25 -21.90 -81.82
CA SER X 44 -25.15 -22.57 -81.15
C SER X 44 -24.34 -23.48 -82.04
N VAL X 45 -24.91 -23.95 -83.14
CA VAL X 45 -24.19 -24.83 -84.07
C VAL X 45 -23.18 -24.09 -84.96
N MET X 46 -23.37 -22.80 -85.20
CA MET X 46 -22.55 -22.00 -86.10
C MET X 46 -21.42 -21.18 -85.48
N THR X 47 -21.54 -20.78 -84.22
CA THR X 47 -20.54 -19.89 -83.61
C THR X 47 -19.11 -20.43 -83.67
N ASP X 48 -18.90 -21.73 -83.41
CA ASP X 48 -17.54 -22.26 -83.43
C ASP X 48 -16.93 -22.18 -84.82
N PRO X 49 -17.52 -22.76 -85.86
CA PRO X 49 -16.93 -22.64 -87.20
C PRO X 49 -16.90 -21.20 -87.66
N LEU X 50 -17.84 -20.39 -87.18
CA LEU X 50 -17.84 -18.98 -87.52
C LEU X 50 -16.59 -18.31 -86.96
N LEU X 51 -16.23 -18.66 -85.73
CA LEU X 51 -15.02 -18.15 -85.08
C LEU X 51 -13.77 -18.57 -85.86
N LYS X 52 -13.73 -19.80 -86.36
CA LYS X 52 -12.64 -20.26 -87.22
C LYS X 52 -12.51 -19.42 -88.48
N VAL X 53 -13.63 -19.17 -89.17
CA VAL X 53 -13.61 -18.40 -90.43
C VAL X 53 -13.04 -17.00 -90.22
N VAL X 54 -13.50 -16.27 -89.23
CA VAL X 54 -12.95 -14.93 -89.02
C VAL X 54 -11.45 -15.01 -88.70
N ASN X 55 -11.03 -16.03 -87.94
CA ASN X 55 -9.60 -16.21 -87.66
C ASN X 55 -8.80 -16.56 -88.91
N SER X 56 -9.32 -17.43 -89.77
CA SER X 56 -8.60 -17.76 -91.00
C SER X 56 -8.35 -16.51 -91.84
N ARG X 57 -9.36 -15.68 -92.00
CA ARG X 57 -9.22 -14.45 -92.77
C ARG X 57 -8.29 -13.48 -92.05
N LEU X 58 -8.41 -13.40 -90.73
CA LEU X 58 -7.52 -12.54 -89.96
C LEU X 58 -6.08 -13.03 -90.09
N ARG X 59 -5.89 -14.35 -90.07
CA ARG X 59 -4.56 -14.91 -90.24
C ARG X 59 -4.00 -14.56 -91.61
N GLU X 60 -4.80 -14.72 -92.66
CA GLU X 60 -4.33 -14.35 -93.99
C GLU X 60 -4.09 -12.85 -94.07
N LEU X 61 -4.96 -12.07 -93.44
CA LEU X 61 -4.77 -10.64 -93.44
C LEU X 61 -3.52 -10.26 -92.65
N GLY X 62 -3.05 -11.15 -91.78
CA GLY X 62 -1.88 -10.88 -90.99
C GLY X 62 -2.16 -10.20 -89.67
N GLU X 63 -3.42 -10.12 -89.29
CA GLU X 63 -3.83 -9.50 -88.05
C GLU X 63 -3.79 -10.55 -86.93
N ALA X 64 -3.92 -10.10 -85.69
CA ALA X 64 -3.92 -11.03 -84.57
C ALA X 64 -5.28 -11.72 -84.46
N PRO X 65 -5.32 -13.04 -84.47
CA PRO X 65 -6.60 -13.75 -84.37
C PRO X 65 -7.21 -13.62 -82.98
N LEU X 66 -8.50 -13.93 -82.92
CA LEU X 66 -9.22 -13.94 -81.66
C LEU X 66 -8.78 -15.13 -80.82
N GLU X 67 -8.62 -14.90 -79.52
CA GLU X 67 -8.25 -15.95 -78.58
C GLU X 67 -8.95 -15.74 -77.25
N ALA X 68 -9.17 -16.85 -76.54
CA ALA X 68 -9.80 -16.83 -75.24
C ALA X 68 -8.79 -16.38 -74.18
N THR X 69 -9.32 -15.90 -73.06
CA THR X 69 -8.50 -15.43 -71.93
C THR X 69 -9.06 -15.95 -70.62
N GLY X 70 -8.39 -16.93 -70.04
CA GLY X 70 -8.84 -17.51 -68.80
C GLY X 70 -10.19 -18.21 -68.89
N ARG X 71 -11.14 -17.76 -68.07
CA ARG X 71 -12.49 -18.33 -68.04
C ARG X 71 -13.52 -17.38 -68.64
N GLY X 72 -14.29 -17.91 -69.57
CA GLY X 72 -15.34 -17.17 -70.24
C GLY X 72 -15.88 -17.99 -71.39
N ARG X 73 -16.69 -17.35 -72.22
CA ARG X 73 -17.29 -18.06 -73.35
C ARG X 73 -17.49 -17.15 -74.55
N TRP X 74 -17.58 -17.78 -75.72
CA TRP X 74 -17.79 -17.11 -76.99
C TRP X 74 -19.29 -16.99 -77.23
N ALA X 75 -19.73 -15.78 -77.56
CA ALA X 75 -21.13 -15.47 -77.80
C ALA X 75 -21.32 -14.65 -79.06
N LEU X 76 -22.52 -14.76 -79.63
CA LEU X 76 -22.93 -14.00 -80.81
C LEU X 76 -24.02 -13.04 -80.35
N CYS X 77 -23.79 -11.74 -80.56
CA CYS X 77 -24.70 -10.71 -80.12
C CYS X 77 -25.05 -9.72 -81.23
N LEU X 78 -26.13 -8.98 -80.99
CA LEU X 78 -26.50 -7.86 -81.84
C LEU X 78 -25.49 -6.74 -81.60
N VAL X 79 -25.52 -5.73 -82.47
CA VAL X 79 -24.59 -4.62 -82.26
C VAL X 79 -24.86 -3.91 -80.93
N ASP X 80 -26.07 -4.05 -80.38
CA ASP X 80 -26.35 -3.46 -79.08
C ASP X 80 -25.77 -4.28 -77.94
N GLY X 81 -25.23 -5.47 -78.24
CA GLY X 81 -24.63 -6.34 -77.26
C GLY X 81 -25.51 -7.46 -76.74
N ALA X 82 -26.83 -7.38 -76.91
CA ALA X 82 -27.69 -8.44 -76.39
C ALA X 82 -27.40 -9.76 -77.09
N PRO X 83 -27.03 -10.81 -76.37
CA PRO X 83 -26.76 -12.11 -76.99
C PRO X 83 -28.01 -12.85 -77.43
N LEU X 84 -27.86 -13.61 -78.52
CA LEU X 84 -28.93 -14.43 -79.06
C LEU X 84 -29.05 -15.75 -78.31
N ARG X 85 -30.28 -16.24 -78.18
CA ARG X 85 -30.53 -17.51 -77.51
C ARG X 85 -29.95 -18.68 -78.30
N ALA X 86 -29.03 -19.41 -77.64
CA ALA X 86 -28.27 -20.52 -78.24
C ALA X 86 -29.08 -21.64 -78.90
N THR X 87 -30.28 -21.93 -78.40
CA THR X 87 -31.09 -23.02 -78.93
C THR X 87 -32.01 -22.65 -80.08
N GLN X 88 -32.25 -21.37 -80.32
CA GLN X 88 -33.20 -20.98 -81.36
C GLN X 88 -32.56 -20.88 -82.73
N SER X 89 -33.38 -21.09 -83.74
CA SER X 89 -32.96 -20.98 -85.12
C SER X 89 -32.85 -19.50 -85.46
N LEU X 90 -31.98 -19.19 -86.42
CA LEU X 90 -31.80 -17.80 -86.82
C LEU X 90 -33.09 -17.23 -87.38
N THR X 91 -33.92 -18.06 -88.00
CA THR X 91 -35.20 -17.60 -88.51
C THR X 91 -36.21 -17.44 -87.38
N GLU X 92 -35.98 -18.15 -86.27
CA GLU X 92 -36.88 -18.06 -85.13
C GLU X 92 -36.76 -16.71 -84.44
N GLN X 93 -35.57 -16.11 -84.50
CA GLN X 93 -35.28 -14.79 -83.98
C GLN X 93 -35.54 -13.73 -85.05
N ASP X 94 -35.69 -12.48 -84.59
CA ASP X 94 -35.98 -11.34 -85.45
C ASP X 94 -34.78 -10.80 -86.22
N VAL X 95 -34.10 -11.70 -86.94
CA VAL X 95 -32.93 -11.38 -87.74
C VAL X 95 -33.31 -11.54 -89.20
N TYR X 96 -33.06 -10.51 -90.00
CA TYR X 96 -33.39 -10.50 -91.42
C TYR X 96 -32.14 -10.32 -92.26
N ASP X 97 -32.26 -10.78 -93.51
CA ASP X 97 -31.18 -10.65 -94.47
C ASP X 97 -30.85 -9.17 -94.62
N GLY X 98 -29.56 -8.86 -94.47
CA GLY X 98 -29.08 -7.49 -94.52
C GLY X 98 -28.74 -6.92 -93.15
N ASP X 99 -29.10 -7.61 -92.07
CA ASP X 99 -28.72 -7.16 -90.74
C ASP X 99 -27.22 -7.40 -90.51
N ARG X 100 -26.72 -7.00 -89.34
CA ARG X 100 -25.33 -7.20 -88.95
C ARG X 100 -25.25 -7.67 -87.51
N LEU X 101 -24.22 -8.48 -87.20
CA LEU X 101 -24.07 -9.08 -85.90
C LEU X 101 -22.64 -8.95 -85.40
N TRP X 102 -22.45 -9.23 -84.11
CA TRP X 102 -21.16 -9.13 -83.46
C TRP X 102 -20.85 -10.37 -82.64
N ILE X 103 -19.67 -10.95 -82.88
CA ILE X 103 -19.17 -12.09 -82.12
C ILE X 103 -18.31 -11.56 -80.98
N ARG X 104 -18.52 -12.07 -79.77
CA ARG X 104 -17.91 -11.47 -78.59
C ARG X 104 -17.56 -12.51 -77.53
N PHE X 105 -16.57 -12.20 -76.68
CA PHE X 105 -16.16 -13.06 -75.57
C PHE X 105 -16.60 -12.47 -74.23
N ILE X 106 -17.34 -13.24 -73.44
CA ILE X 106 -17.85 -12.80 -72.14
C ILE X 106 -17.23 -13.65 -71.01
N ALA X 107 -16.54 -13.00 -70.07
CA ALA X 107 -15.83 -13.65 -68.96
C ALA X 107 -16.77 -14.22 -67.87
N ASP X 108 -16.22 -15.20 -67.13
CA ASP X 108 -16.90 -15.86 -66.01
C ASP X 108 -16.98 -14.98 -64.75
N THR X 109 -18.18 -14.84 -64.18
CA THR X 109 -18.44 -14.03 -62.98
C THR X 109 -18.56 -14.83 -61.67
N GLU X 110 -18.48 -16.15 -61.69
CA GLU X 110 -18.58 -16.95 -60.46
C GLU X 110 -17.43 -16.68 -59.48
N ARG X 111 -17.78 -16.47 -58.21
CA ARG X 111 -16.78 -16.18 -57.16
C ARG X 111 -17.36 -16.50 -55.78
N ARG X 112 -16.48 -16.66 -54.79
CA ARG X 112 -16.94 -16.94 -53.44
C ARG X 112 -17.78 -15.78 -52.90
N SER X 113 -18.68 -16.10 -51.96
CA SER X 113 -19.52 -15.10 -51.32
C SER X 113 -18.81 -14.48 -50.12
N GLN X 114 -19.13 -13.22 -49.82
CA GLN X 114 -18.54 -12.50 -48.68
C GLN X 114 -19.58 -12.25 -47.59
N VAL X 115 -19.24 -12.55 -46.33
CA VAL X 115 -20.15 -12.37 -45.20
C VAL X 115 -19.53 -11.57 -44.06
N ILE X 116 -20.35 -10.76 -43.39
CA ILE X 116 -19.98 -9.98 -42.21
C ILE X 116 -21.10 -10.12 -41.17
N GLU X 117 -20.73 -10.43 -39.92
CA GLU X 117 -21.72 -10.67 -38.88
C GLU X 117 -22.28 -9.44 -38.16
N HIS X 118 -21.40 -8.58 -37.65
CA HIS X 118 -21.85 -7.42 -36.85
C HIS X 118 -22.47 -6.33 -37.72
N ILE X 119 -23.79 -6.18 -37.58
CA ILE X 119 -24.59 -5.26 -38.40
C ILE X 119 -24.03 -3.85 -38.54
N SER X 120 -23.38 -3.32 -37.50
CA SER X 120 -22.82 -1.97 -37.63
C SER X 120 -21.71 -1.95 -38.68
N THR X 121 -20.73 -2.82 -38.55
CA THR X 121 -19.64 -2.85 -39.51
C THR X 121 -20.17 -3.28 -40.86
N ALA X 122 -21.09 -4.23 -40.85
CA ALA X 122 -21.66 -4.74 -42.09
C ALA X 122 -22.36 -3.66 -42.88
N VAL X 123 -23.21 -2.89 -42.23
CA VAL X 123 -23.91 -1.82 -42.94
C VAL X 123 -22.91 -0.82 -43.48
N ALA X 124 -21.92 -0.47 -42.70
CA ALA X 124 -20.94 0.51 -43.14
C ALA X 124 -20.21 0.05 -44.40
N SER X 125 -19.66 -1.15 -44.39
CA SER X 125 -18.89 -1.61 -45.54
C SER X 125 -19.73 -1.62 -46.82
N ASP X 126 -20.89 -2.24 -46.79
CA ASP X 126 -21.72 -2.31 -47.98
C ASP X 126 -22.11 -0.93 -48.50
N LEU X 127 -22.65 -0.11 -47.62
CA LEU X 127 -23.13 1.20 -48.05
C LEU X 127 -22.03 2.07 -48.65
N SER X 128 -20.77 1.86 -48.27
CA SER X 128 -19.70 2.68 -48.84
C SER X 128 -19.39 2.39 -50.30
N LYS X 129 -19.83 1.27 -50.85
CA LYS X 129 -19.55 0.95 -52.26
C LYS X 129 -20.57 1.49 -53.27
N ARG X 130 -21.86 1.30 -53.02
CA ARG X 130 -22.89 1.64 -53.99
C ARG X 130 -23.22 3.12 -54.14
N PHE X 131 -22.82 4.01 -53.26
CA PHE X 131 -23.17 5.41 -53.38
C PHE X 131 -21.94 6.32 -53.39
N ALA X 132 -22.10 7.50 -54.02
CA ALA X 132 -21.05 8.51 -54.14
C ALA X 132 -21.09 9.60 -53.08
N ARG X 133 -19.95 9.76 -52.40
CA ARG X 133 -19.70 10.75 -51.37
C ARG X 133 -19.30 12.08 -52.01
N ILE X 134 -19.43 13.16 -51.23
CA ILE X 134 -19.07 14.50 -51.68
C ILE X 134 -17.57 14.61 -51.91
N ASP X 135 -17.17 15.47 -52.84
CA ASP X 135 -15.76 15.69 -53.14
C ASP X 135 -15.53 17.16 -53.52
N PRO X 136 -14.29 17.61 -53.45
CA PRO X 136 -13.98 19.01 -53.79
C PRO X 136 -14.33 19.42 -55.22
N ILE X 137 -14.41 18.50 -56.16
CA ILE X 137 -14.76 18.87 -57.52
C ILE X 137 -16.23 19.29 -57.61
N VAL X 138 -17.11 18.53 -57.00
CA VAL X 138 -18.53 18.88 -57.01
C VAL X 138 -18.80 20.11 -56.15
N ALA X 139 -18.10 20.22 -55.04
CA ALA X 139 -18.31 21.33 -54.11
C ALA X 139 -18.28 22.68 -54.82
N VAL X 140 -17.35 22.85 -55.75
CA VAL X 140 -17.21 24.10 -56.48
C VAL X 140 -18.43 24.33 -57.35
N GLN X 141 -18.89 23.28 -58.02
CA GLN X 141 -20.06 23.43 -58.88
C GLN X 141 -21.26 23.87 -58.06
N VAL X 142 -21.36 23.40 -56.81
CA VAL X 142 -22.45 23.81 -55.95
C VAL X 142 -22.35 25.31 -55.66
N GLY X 143 -21.16 25.74 -55.24
CA GLY X 143 -20.93 27.15 -54.96
C GLY X 143 -21.16 28.03 -56.18
N ALA X 144 -20.70 27.58 -57.33
CA ALA X 144 -20.87 28.32 -58.58
C ALA X 144 -22.34 28.53 -58.92
N SER X 145 -23.17 27.52 -58.72
CA SER X 145 -24.60 27.68 -58.98
C SER X 145 -25.23 28.63 -57.98
N MET X 146 -24.80 28.56 -56.72
CA MET X 146 -25.31 29.43 -55.68
C MET X 146 -24.97 30.90 -55.93
N VAL X 147 -23.76 31.21 -56.38
CA VAL X 147 -23.45 32.61 -56.68
C VAL X 147 -24.28 33.09 -57.86
N ALA X 148 -24.52 32.23 -58.83
CA ALA X 148 -25.37 32.60 -59.96
C ALA X 148 -26.79 32.92 -59.54
N THR X 149 -27.38 32.10 -58.68
CA THR X 149 -28.75 32.32 -58.17
C THR X 149 -28.90 33.62 -57.38
N GLY X 150 -27.89 33.97 -56.60
CA GLY X 150 -27.95 35.18 -55.80
C GLY X 150 -28.15 36.46 -56.60
N VAL X 151 -27.35 36.65 -57.64
CA VAL X 151 -27.44 37.88 -58.43
C VAL X 151 -28.73 37.93 -59.23
N VAL X 152 -29.22 36.80 -59.73
CA VAL X 152 -30.48 36.90 -60.48
C VAL X 152 -31.57 37.31 -59.52
N LEU X 153 -31.39 37.05 -58.23
CA LEU X 153 -32.36 37.53 -57.25
C LEU X 153 -32.12 39.01 -57.01
N ALA X 154 -30.85 39.40 -56.97
CA ALA X 154 -30.46 40.78 -56.74
C ALA X 154 -31.03 41.70 -57.82
N THR X 155 -30.93 41.29 -59.07
CA THR X 155 -31.47 42.06 -60.18
C THR X 155 -32.98 42.19 -60.09
N GLY X 156 -33.66 41.18 -59.57
CA GLY X 156 -35.10 41.25 -59.45
C GLY X 156 -35.56 42.39 -58.56
N VAL X 157 -35.00 42.50 -57.36
CA VAL X 157 -35.39 43.56 -56.44
C VAL X 157 -34.95 44.93 -56.93
N LEU X 158 -33.77 45.02 -57.56
CA LEU X 158 -33.32 46.30 -58.09
C LEU X 158 -34.24 46.78 -59.21
N GLY X 159 -34.71 45.87 -60.04
CA GLY X 159 -35.64 46.23 -61.11
C GLY X 159 -36.99 46.70 -60.58
N TRP X 160 -37.53 46.01 -59.59
CA TRP X 160 -38.80 46.38 -58.98
C TRP X 160 -38.72 47.79 -58.41
N TRP X 161 -37.56 48.20 -57.91
CA TRP X 161 -37.39 49.54 -57.38
C TRP X 161 -37.48 50.58 -58.49
N ARG X 162 -36.87 50.31 -59.65
CA ARG X 162 -36.94 51.21 -60.80
C ARG X 162 -38.37 51.44 -61.28
N TRP X 163 -39.25 50.46 -61.06
CA TRP X 163 -40.65 50.55 -61.45
C TRP X 163 -41.44 51.56 -60.64
N HIS X 164 -40.89 52.07 -59.55
CA HIS X 164 -41.54 53.06 -58.72
C HIS X 164 -40.74 54.34 -58.55
N HIS X 165 -39.46 54.33 -58.91
CA HIS X 165 -38.56 55.47 -58.80
C HIS X 165 -37.72 55.60 -60.06
N ASN X 166 -37.53 56.84 -60.48
CA ASN X 166 -36.79 57.19 -61.68
C ASN X 166 -35.32 57.55 -61.41
N THR X 167 -34.90 57.53 -60.16
CA THR X 167 -33.52 57.84 -59.80
C THR X 167 -32.54 56.84 -60.43
N TRP X 168 -31.28 57.27 -60.55
CA TRP X 168 -30.16 56.52 -61.15
C TRP X 168 -29.67 55.30 -60.35
N LEU X 169 -30.04 55.18 -59.08
CA LEU X 169 -29.56 54.10 -58.21
C LEU X 169 -29.60 52.70 -58.86
N THR X 170 -30.71 52.34 -59.49
CA THR X 170 -30.82 51.02 -60.10
C THR X 170 -29.74 50.76 -61.15
N THR X 171 -29.53 51.70 -62.06
CA THR X 171 -28.50 51.50 -63.08
C THR X 171 -27.10 51.56 -62.47
N ILE X 172 -26.89 52.50 -61.57
CA ILE X 172 -25.60 52.69 -60.92
C ILE X 172 -25.15 51.42 -60.19
N TYR X 173 -26.00 50.89 -59.32
CA TYR X 173 -25.63 49.70 -58.56
C TYR X 173 -25.58 48.44 -59.42
N THR X 174 -26.45 48.32 -60.40
CA THR X 174 -26.41 47.12 -61.24
C THR X 174 -25.20 47.11 -62.16
N ALA X 175 -24.78 48.27 -62.67
CA ALA X 175 -23.65 48.33 -63.58
C ALA X 175 -22.38 47.75 -62.94
N VAL X 176 -22.08 48.15 -61.70
CA VAL X 176 -20.88 47.65 -61.03
C VAL X 176 -20.96 46.14 -60.84
N ILE X 177 -22.14 45.63 -60.51
CA ILE X 177 -22.31 44.20 -60.34
C ILE X 177 -22.01 43.51 -61.67
N GLY X 178 -22.55 44.04 -62.77
CA GLY X 178 -22.29 43.45 -64.06
C GLY X 178 -20.80 43.36 -64.37
N VAL X 179 -20.07 44.43 -64.07
CA VAL X 179 -18.63 44.52 -64.32
C VAL X 179 -17.88 43.49 -63.48
N LEU X 180 -18.15 43.42 -62.18
CA LEU X 180 -17.45 42.50 -61.30
C LEU X 180 -17.64 41.04 -61.72
N VAL X 181 -18.87 40.64 -62.00
CA VAL X 181 -19.15 39.27 -62.37
C VAL X 181 -18.44 38.89 -63.67
N LEU X 182 -18.46 39.78 -64.65
CA LEU X 182 -17.80 39.50 -65.91
C LEU X 182 -16.29 39.40 -65.70
N ALA X 183 -15.74 40.26 -64.86
CA ALA X 183 -14.31 40.26 -64.59
C ALA X 183 -13.83 38.90 -64.10
N VAL X 184 -14.50 38.36 -63.09
CA VAL X 184 -14.16 37.05 -62.53
C VAL X 184 -14.27 35.97 -63.60
N ALA X 185 -15.30 36.01 -64.41
CA ALA X 185 -15.48 35.01 -65.46
C ALA X 185 -14.29 34.93 -66.40
N MET X 186 -13.68 36.06 -66.74
CA MET X 186 -12.55 36.04 -67.64
C MET X 186 -11.40 35.20 -67.09
N LEU X 187 -11.06 35.37 -65.82
CA LEU X 187 -9.93 34.63 -65.24
C LEU X 187 -10.17 33.13 -65.28
N LEU X 188 -11.37 32.71 -64.93
CA LEU X 188 -11.69 31.29 -64.94
C LEU X 188 -11.55 30.72 -66.34
N LEU X 189 -12.07 31.44 -67.32
CA LEU X 189 -12.03 30.98 -68.70
C LEU X 189 -10.60 30.76 -69.17
N MET X 190 -9.69 31.69 -68.88
CA MET X 190 -8.31 31.50 -69.34
C MET X 190 -7.59 30.41 -68.55
N ARG X 191 -7.85 30.31 -67.24
CA ARG X 191 -7.13 29.37 -66.38
C ARG X 191 -7.63 27.93 -66.47
N ALA X 192 -8.81 27.72 -67.05
CA ALA X 192 -9.38 26.39 -67.20
C ALA X 192 -8.43 25.37 -67.82
N LYS X 193 -8.64 24.10 -67.43
CA LYS X 193 -7.93 22.88 -67.82
C LYS X 193 -8.84 21.73 -68.23
N THR X 194 -10.01 21.59 -67.60
CA THR X 194 -10.89 20.46 -67.87
C THR X 194 -12.34 20.88 -68.04
N ASP X 195 -13.10 19.89 -68.51
CA ASP X 195 -14.52 20.02 -68.76
C ASP X 195 -15.25 20.51 -67.53
N ALA X 196 -14.84 20.04 -66.37
CA ALA X 196 -15.46 20.49 -65.14
C ALA X 196 -15.19 21.97 -64.97
N ASP X 197 -13.96 22.38 -65.25
CA ASP X 197 -13.60 23.77 -65.11
C ASP X 197 -14.42 24.62 -66.06
N ARG X 198 -14.64 24.12 -67.28
CA ARG X 198 -15.42 24.84 -68.26
C ARG X 198 -16.85 25.05 -67.78
N ARG X 199 -17.44 24.01 -67.18
CA ARG X 199 -18.78 24.15 -66.64
C ARG X 199 -18.84 25.32 -65.67
N VAL X 200 -17.89 25.38 -64.74
CA VAL X 200 -17.88 26.45 -63.76
C VAL X 200 -17.79 27.80 -64.45
N ALA X 201 -16.92 27.91 -65.45
CA ALA X 201 -16.74 29.17 -66.17
C ALA X 201 -18.02 29.59 -66.88
N ASP X 202 -18.66 28.66 -67.58
CA ASP X 202 -19.87 28.96 -68.33
C ASP X 202 -20.99 29.45 -67.43
N ILE X 203 -21.19 28.79 -66.29
CA ILE X 203 -22.21 29.20 -65.34
C ILE X 203 -21.97 30.63 -64.89
N MET X 204 -20.72 30.98 -64.63
CA MET X 204 -20.37 32.32 -64.22
C MET X 204 -20.65 33.34 -65.32
N LEU X 205 -20.17 33.08 -66.53
CA LEU X 205 -20.37 34.04 -67.63
C LEU X 205 -21.83 34.28 -67.93
N MET X 206 -22.62 33.22 -68.06
CA MET X 206 -24.04 33.41 -68.33
C MET X 206 -24.71 34.30 -67.30
N SER X 207 -24.29 34.19 -66.05
CA SER X 207 -24.88 34.98 -64.98
C SER X 207 -24.67 36.49 -65.13
N ALA X 208 -23.73 36.92 -65.95
CA ALA X 208 -23.48 38.34 -66.17
C ALA X 208 -24.52 39.03 -67.06
N ILE X 209 -25.19 38.27 -67.92
CA ILE X 209 -26.16 38.82 -68.89
C ILE X 209 -27.30 39.59 -68.21
N MET X 210 -27.89 39.01 -67.17
CA MET X 210 -29.04 39.66 -66.52
C MET X 210 -28.75 41.03 -65.92
N PRO X 211 -27.74 41.22 -65.07
CA PRO X 211 -27.48 42.56 -64.50
C PRO X 211 -27.16 43.60 -65.56
N VAL X 212 -26.28 43.25 -66.48
CA VAL X 212 -25.90 44.15 -67.57
C VAL X 212 -27.13 44.58 -68.34
N THR X 213 -28.04 43.65 -68.59
CA THR X 213 -29.27 43.93 -69.32
C THR X 213 -30.15 44.97 -68.62
N VAL X 214 -30.53 44.75 -67.37
CA VAL X 214 -31.40 45.71 -66.69
C VAL X 214 -30.69 47.02 -66.39
N ALA X 215 -29.36 46.98 -66.27
CA ALA X 215 -28.61 48.20 -66.01
C ALA X 215 -28.85 49.22 -67.12
N ALA X 216 -28.85 48.77 -68.37
CA ALA X 216 -29.08 49.65 -69.52
C ALA X 216 -30.55 50.07 -69.63
N ALA X 217 -31.47 49.11 -69.58
CA ALA X 217 -32.90 49.39 -69.70
C ALA X 217 -33.41 50.36 -68.65
N ALA X 218 -32.82 50.37 -67.47
CA ALA X 218 -33.22 51.27 -66.39
C ALA X 218 -32.70 52.70 -66.53
N ALA X 219 -31.72 52.93 -67.40
CA ALA X 219 -31.12 54.25 -67.52
C ALA X 219 -32.06 55.35 -68.03
N PRO X 220 -32.94 55.14 -69.00
CA PRO X 220 -33.80 56.25 -69.45
C PRO X 220 -34.74 56.73 -68.37
N PRO X 221 -34.67 58.03 -68.05
CA PRO X 221 -35.49 58.61 -66.98
C PRO X 221 -36.97 58.60 -67.29
N GLY X 222 -37.74 58.99 -66.27
CA GLY X 222 -39.17 59.04 -66.35
C GLY X 222 -39.84 57.69 -66.23
N PRO X 223 -41.17 57.69 -66.15
CA PRO X 223 -41.88 56.43 -66.01
C PRO X 223 -41.52 55.43 -67.09
N VAL X 224 -41.50 54.17 -66.67
CA VAL X 224 -41.13 53.02 -67.47
C VAL X 224 -42.16 52.71 -68.55
N GLY X 225 -41.67 52.24 -69.69
CA GLY X 225 -42.56 51.86 -70.77
C GLY X 225 -41.82 51.56 -72.06
N SER X 226 -42.51 51.79 -73.17
CA SER X 226 -41.95 51.53 -74.49
C SER X 226 -40.54 52.07 -74.72
N PRO X 227 -40.19 53.28 -74.31
CA PRO X 227 -38.83 53.76 -74.56
C PRO X 227 -37.74 52.94 -73.88
N GLN X 228 -37.96 52.52 -72.63
CA GLN X 228 -36.98 51.68 -71.94
C GLN X 228 -36.90 50.28 -72.55
N ALA X 229 -38.04 49.73 -72.95
CA ALA X 229 -38.11 48.38 -73.52
C ALA X 229 -37.19 48.20 -74.73
N VAL X 230 -37.05 49.23 -75.56
CA VAL X 230 -36.20 49.17 -76.75
C VAL X 230 -34.74 48.85 -76.39
N LEU X 231 -34.22 49.45 -75.32
CA LEU X 231 -32.84 49.19 -74.90
C LEU X 231 -32.67 47.76 -74.39
N GLY X 232 -33.51 47.33 -73.45
CA GLY X 232 -33.38 46.03 -72.82
C GLY X 232 -33.22 44.83 -73.73
N PHE X 233 -34.24 44.55 -74.53
CA PHE X 233 -34.19 43.39 -75.42
C PHE X 233 -33.09 43.53 -76.47
N GLY X 234 -32.68 44.74 -76.78
CA GLY X 234 -31.60 44.97 -77.72
C GLY X 234 -30.30 44.54 -77.09
N VAL X 235 -29.94 45.14 -75.96
CA VAL X 235 -28.68 44.79 -75.30
C VAL X 235 -28.66 43.32 -74.98
N LEU X 236 -29.81 42.77 -74.63
CA LEU X 236 -29.92 41.35 -74.34
C LEU X 236 -29.50 40.54 -75.58
N THR X 237 -30.07 40.86 -76.72
CA THR X 237 -29.75 40.16 -77.96
C THR X 237 -28.27 40.30 -78.31
N VAL X 238 -27.73 41.51 -78.16
CA VAL X 238 -26.32 41.78 -78.45
C VAL X 238 -25.42 40.96 -77.55
N ALA X 239 -25.67 40.98 -76.25
CA ALA X 239 -24.86 40.22 -75.32
C ALA X 239 -24.94 38.73 -75.63
N ALA X 240 -26.14 38.21 -75.85
CA ALA X 240 -26.26 36.79 -76.17
C ALA X 240 -25.50 36.46 -77.44
N ALA X 241 -25.61 37.28 -78.46
CA ALA X 241 -24.86 37.03 -79.69
C ALA X 241 -23.36 37.12 -79.45
N LEU X 242 -22.91 38.15 -78.72
CA LEU X 242 -21.49 38.33 -78.45
C LEU X 242 -20.92 37.15 -77.69
N ALA X 243 -21.62 36.68 -76.68
CA ALA X 243 -21.18 35.52 -75.91
C ALA X 243 -21.03 34.31 -76.82
N LEU X 244 -22.03 34.09 -77.66
CA LEU X 244 -22.01 32.96 -78.59
C LEU X 244 -20.83 33.04 -79.56
N ARG X 245 -20.52 34.23 -80.06
CA ARG X 245 -19.42 34.41 -80.99
C ARG X 245 -18.07 34.02 -80.38
N PHE X 246 -17.74 34.60 -79.23
CA PHE X 246 -16.46 34.35 -78.58
C PHE X 246 -16.40 33.03 -77.82
N THR X 247 -17.52 32.49 -77.38
CA THR X 247 -17.50 31.24 -76.65
C THR X 247 -17.61 30.01 -77.56
N GLY X 248 -18.54 30.02 -78.51
CA GLY X 248 -18.68 28.86 -79.37
C GLY X 248 -19.10 27.59 -78.66
N ARG X 249 -19.73 27.70 -77.50
CA ARG X 249 -20.19 26.59 -76.68
C ARG X 249 -21.57 26.95 -76.11
N ARG X 250 -22.34 25.95 -75.69
CA ARG X 250 -23.68 26.23 -75.17
C ARG X 250 -24.59 26.90 -76.22
N LEU X 251 -24.46 26.41 -77.46
CA LEU X 251 -25.18 26.95 -78.62
C LEU X 251 -26.69 27.12 -78.42
N GLY X 252 -27.35 26.04 -78.00
CA GLY X 252 -28.81 26.04 -77.86
C GLY X 252 -29.40 27.13 -76.98
N ILE X 253 -28.88 27.32 -75.79
CA ILE X 253 -29.44 28.33 -74.90
C ILE X 253 -29.19 29.72 -75.47
N TYR X 254 -27.97 30.01 -75.89
CA TYR X 254 -27.70 31.33 -76.44
C TYR X 254 -28.56 31.61 -77.68
N THR X 255 -28.73 30.63 -78.56
CA THR X 255 -29.57 30.79 -79.75
C THR X 255 -31.00 31.19 -79.38
N THR X 256 -31.58 30.53 -78.38
CA THR X 256 -32.94 30.81 -77.93
C THR X 256 -33.11 32.24 -77.44
N ILE X 257 -32.16 32.71 -76.64
CA ILE X 257 -32.21 34.08 -76.13
C ILE X 257 -32.15 35.07 -77.29
N VAL X 258 -31.29 34.81 -78.26
CA VAL X 258 -31.17 35.70 -79.41
C VAL X 258 -32.50 35.81 -80.16
N ILE X 259 -33.15 34.67 -80.41
CA ILE X 259 -34.43 34.68 -81.13
C ILE X 259 -35.50 35.46 -80.37
N ILE X 260 -35.76 35.09 -79.11
CA ILE X 260 -36.80 35.78 -78.34
C ILE X 260 -36.45 37.26 -78.12
N GLY X 261 -35.16 37.57 -77.97
CA GLY X 261 -34.75 38.96 -77.79
C GLY X 261 -34.94 39.78 -79.06
N ALA X 262 -34.52 39.24 -80.19
CA ALA X 262 -34.65 39.93 -81.47
C ALA X 262 -36.10 40.25 -81.80
N LEU X 263 -36.97 39.23 -81.80
CA LEU X 263 -38.37 39.46 -82.11
C LEU X 263 -39.01 40.45 -81.14
N THR X 264 -38.67 40.38 -79.86
CA THR X 264 -39.22 41.32 -78.89
C THR X 264 -38.73 42.74 -79.15
N MET X 265 -37.48 42.88 -79.57
CA MET X 265 -36.92 44.19 -79.91
C MET X 265 -37.67 44.81 -81.08
N LEU X 266 -38.03 44.01 -82.09
CA LEU X 266 -38.81 44.50 -83.21
C LEU X 266 -40.16 45.03 -82.74
N ALA X 267 -40.84 44.27 -81.90
CA ALA X 267 -42.16 44.68 -81.37
C ALA X 267 -42.03 45.95 -80.54
N ALA X 268 -41.01 46.03 -79.67
CA ALA X 268 -40.78 47.20 -78.84
C ALA X 268 -40.53 48.44 -79.69
N LEU X 269 -39.68 48.32 -80.70
CA LEU X 269 -39.41 49.45 -81.59
C LEU X 269 -40.67 49.90 -82.31
N ALA X 270 -41.45 48.94 -82.84
CA ALA X 270 -42.69 49.28 -83.52
C ALA X 270 -43.67 50.00 -82.59
N ARG X 271 -43.93 49.43 -81.41
CA ARG X 271 -44.83 50.05 -80.44
C ARG X 271 -44.33 51.42 -80.01
N MET X 272 -43.01 51.56 -79.83
CA MET X 272 -42.43 52.84 -79.43
C MET X 272 -42.56 53.87 -80.55
N VAL X 273 -42.27 53.48 -81.79
CA VAL X 273 -42.37 54.41 -82.92
C VAL X 273 -43.83 54.70 -83.24
N ALA X 274 -44.59 53.68 -83.62
CA ALA X 274 -46.00 53.90 -83.93
C ALA X 274 -46.73 52.57 -84.07
N ALA X 275 -47.84 52.44 -83.34
CA ALA X 275 -48.66 51.23 -83.39
C ALA X 275 -50.09 51.58 -83.00
N THR X 276 -51.02 51.25 -83.90
CA THR X 276 -52.43 51.50 -83.63
C THR X 276 -52.96 50.61 -82.52
N SER X 277 -52.49 49.36 -82.44
CA SER X 277 -52.93 48.48 -81.37
C SER X 277 -51.95 47.33 -81.18
N ALA X 278 -51.97 46.76 -79.97
CA ALA X 278 -51.15 45.60 -79.66
C ALA X 278 -51.57 44.39 -80.48
N VAL X 279 -52.88 44.26 -80.73
CA VAL X 279 -53.40 43.16 -81.53
C VAL X 279 -52.71 43.12 -82.88
N THR X 280 -52.45 44.30 -83.45
CA THR X 280 -51.76 44.40 -84.72
C THR X 280 -50.36 43.80 -84.61
N LEU X 281 -49.63 44.17 -83.57
CA LEU X 281 -48.27 43.65 -83.37
C LEU X 281 -48.30 42.15 -83.09
N LEU X 282 -49.19 41.72 -82.20
CA LEU X 282 -49.32 40.30 -81.84
C LEU X 282 -49.68 39.44 -83.05
N SER X 283 -50.60 39.91 -83.90
CA SER X 283 -51.00 39.18 -85.10
C SER X 283 -49.82 39.05 -86.06
N SER X 284 -49.06 40.12 -86.23
CA SER X 284 -47.89 40.13 -87.10
C SER X 284 -46.85 39.12 -86.61
N LEU X 285 -46.59 39.13 -85.31
CA LEU X 285 -45.65 38.18 -84.72
C LEU X 285 -46.12 36.75 -84.97
N LEU X 286 -47.40 36.48 -84.76
CA LEU X 286 -47.92 35.13 -84.98
C LEU X 286 -47.68 34.67 -86.41
N LEU X 287 -47.97 35.51 -87.39
CA LEU X 287 -47.73 35.13 -88.79
C LEU X 287 -46.24 34.87 -89.06
N ILE X 288 -45.36 35.71 -88.51
CA ILE X 288 -43.92 35.55 -88.70
C ILE X 288 -43.47 34.21 -88.15
N CYS X 289 -43.94 33.85 -86.97
CA CYS X 289 -43.60 32.59 -86.33
C CYS X 289 -44.13 31.41 -87.11
N VAL X 290 -45.36 31.50 -87.61
CA VAL X 290 -45.94 30.43 -88.40
C VAL X 290 -45.05 30.09 -89.57
N VAL X 291 -44.59 31.11 -90.30
CA VAL X 291 -43.72 30.84 -91.43
C VAL X 291 -42.33 30.42 -90.95
N ALA X 292 -41.89 30.93 -89.80
CA ALA X 292 -40.57 30.60 -89.30
C ALA X 292 -40.41 29.10 -89.02
N TYR X 293 -41.48 28.43 -88.59
CA TYR X 293 -41.38 26.99 -88.33
C TYR X 293 -40.92 26.25 -89.58
N HIS X 294 -41.43 26.65 -90.74
CA HIS X 294 -41.01 26.01 -91.98
C HIS X 294 -39.59 26.40 -92.36
N ALA X 295 -39.16 27.59 -91.97
CA ALA X 295 -37.81 28.03 -92.27
C ALA X 295 -36.79 27.44 -91.31
N ALA X 296 -37.22 27.06 -90.11
CA ALA X 296 -36.32 26.56 -89.08
C ALA X 296 -35.30 25.53 -89.52
N PRO X 297 -35.65 24.41 -90.16
CA PRO X 297 -34.61 23.44 -90.53
C PRO X 297 -33.58 23.99 -91.48
N ALA X 298 -33.98 24.86 -92.39
CA ALA X 298 -33.02 25.45 -93.30
C ALA X 298 -32.09 26.39 -92.55
N LEU X 299 -32.65 27.25 -91.73
CA LEU X 299 -31.85 28.18 -90.94
C LEU X 299 -30.83 27.44 -90.11
N SER X 300 -31.27 26.43 -89.37
CA SER X 300 -30.36 25.64 -88.55
C SER X 300 -29.23 25.05 -89.38
N ARG X 301 -29.56 24.50 -90.54
CA ARG X 301 -28.59 23.86 -91.40
C ARG X 301 -27.57 24.84 -91.97
N ARG X 302 -28.00 26.04 -92.37
CA ARG X 302 -27.04 27.03 -92.88
C ARG X 302 -26.20 27.64 -91.76
N LEU X 303 -26.70 27.68 -90.54
CA LEU X 303 -25.92 28.26 -89.44
C LEU X 303 -24.65 27.48 -89.18
N ALA X 304 -24.61 26.20 -89.53
CA ALA X 304 -23.43 25.40 -89.32
C ALA X 304 -22.33 25.81 -90.31
N SER X 344 -8.34 13.15 -89.81
CA SER X 344 -8.63 14.52 -89.40
C SER X 344 -9.94 15.00 -90.01
N SER X 345 -10.29 14.44 -91.15
CA SER X 345 -11.52 14.81 -91.84
C SER X 345 -12.74 14.43 -91.00
N VAL X 346 -12.62 13.38 -90.20
CA VAL X 346 -13.71 12.90 -89.36
C VAL X 346 -14.19 14.00 -88.41
N ARG X 347 -13.25 14.77 -87.88
CA ARG X 347 -13.56 15.86 -86.94
C ARG X 347 -14.59 16.83 -87.51
N ASP X 348 -14.36 17.31 -88.73
CA ASP X 348 -15.25 18.29 -89.37
C ASP X 348 -16.69 17.77 -89.54
N VAL X 349 -16.86 16.52 -89.97
CA VAL X 349 -18.20 15.95 -90.18
C VAL X 349 -18.94 15.80 -88.86
N LEU X 350 -18.31 15.18 -87.86
CA LEU X 350 -18.96 14.99 -86.57
C LEU X 350 -19.25 16.30 -85.85
N LEU X 351 -18.31 17.24 -85.89
CA LEU X 351 -18.57 18.54 -85.27
C LEU X 351 -19.76 19.23 -85.92
N GLN X 352 -19.82 19.19 -87.25
CA GLN X 352 -20.91 19.80 -88.00
C GLN X 352 -22.25 19.18 -87.62
N ALA X 353 -22.29 17.85 -87.53
CA ALA X 353 -23.51 17.13 -87.21
C ALA X 353 -24.07 17.52 -85.84
N GLU X 354 -23.25 17.49 -84.81
CA GLU X 354 -23.77 17.86 -83.50
C GLU X 354 -24.08 19.35 -83.41
N ARG X 355 -23.32 20.21 -84.08
CA ARG X 355 -23.64 21.64 -84.05
C ARG X 355 -25.00 21.90 -84.67
N ALA X 356 -25.26 21.30 -85.84
CA ALA X 356 -26.53 21.49 -86.54
C ALA X 356 -27.71 21.02 -85.69
N ARG X 357 -27.60 19.82 -85.14
CA ARG X 357 -28.64 19.26 -84.28
C ARG X 357 -28.96 20.22 -83.15
N SER X 358 -27.93 20.80 -82.55
CA SER X 358 -28.09 21.74 -81.45
C SER X 358 -28.86 23.00 -81.86
N PHE X 359 -28.51 23.61 -82.98
CA PHE X 359 -29.20 24.84 -83.39
C PHE X 359 -30.70 24.64 -83.59
N LEU X 360 -31.12 23.53 -84.21
CA LEU X 360 -32.54 23.30 -84.45
C LEU X 360 -33.31 23.21 -83.15
N SER X 361 -32.81 22.46 -82.19
CA SER X 361 -33.49 22.34 -80.90
C SER X 361 -33.71 23.72 -80.29
N GLY X 362 -32.67 24.55 -80.31
CA GLY X 362 -32.80 25.89 -79.77
C GLY X 362 -33.78 26.73 -80.57
N LEU X 363 -33.69 26.64 -81.89
CA LEU X 363 -34.56 27.41 -82.78
C LEU X 363 -36.02 27.01 -82.56
N LEU X 364 -36.29 25.72 -82.51
CA LEU X 364 -37.65 25.23 -82.25
C LEU X 364 -38.17 25.77 -80.93
N THR X 365 -37.32 25.73 -79.91
CA THR X 365 -37.69 26.22 -78.59
C THR X 365 -38.06 27.70 -78.67
N GLY X 366 -37.24 28.48 -79.36
CA GLY X 366 -37.50 29.90 -79.51
C GLY X 366 -38.83 30.21 -80.14
N LEU X 367 -39.17 29.52 -81.22
CA LEU X 367 -40.48 29.75 -81.86
C LEU X 367 -41.63 29.31 -80.96
N GLY X 368 -41.50 28.17 -80.31
CA GLY X 368 -42.55 27.69 -79.42
C GLY X 368 -42.93 28.67 -78.32
N VAL X 369 -41.92 29.29 -77.71
CA VAL X 369 -42.13 30.28 -76.65
C VAL X 369 -42.89 31.50 -77.17
N MET X 370 -42.50 32.00 -78.32
CA MET X 370 -43.16 33.17 -78.89
C MET X 370 -44.62 32.91 -79.26
N VAL X 371 -44.91 31.79 -79.92
CA VAL X 371 -46.29 31.51 -80.32
C VAL X 371 -47.24 31.40 -79.14
N VAL X 372 -46.85 30.68 -78.08
CA VAL X 372 -47.76 30.54 -76.95
C VAL X 372 -48.05 31.89 -76.28
N VAL X 373 -47.05 32.74 -76.19
CA VAL X 373 -47.26 34.06 -75.57
C VAL X 373 -48.21 34.90 -76.43
N CYS X 374 -47.99 34.92 -77.74
CA CYS X 374 -48.85 35.67 -78.66
C CYS X 374 -50.26 35.13 -78.69
N MET X 375 -50.41 33.83 -78.92
CA MET X 375 -51.73 33.17 -78.99
C MET X 375 -52.56 33.41 -77.73
N THR X 376 -51.98 33.23 -76.56
CA THR X 376 -52.71 33.47 -75.32
C THR X 376 -53.03 34.95 -75.13
N SER X 377 -52.26 35.83 -75.77
CA SER X 377 -52.50 37.26 -75.72
C SER X 377 -53.57 37.69 -76.73
N LEU X 378 -53.64 36.98 -77.88
CA LEU X 378 -54.62 37.30 -78.92
C LEU X 378 -56.04 36.87 -78.57
N CYS X 379 -56.25 35.67 -78.04
CA CYS X 379 -57.59 35.21 -77.70
C CYS X 379 -58.22 36.05 -76.58
N ASP X 380 -59.56 36.06 -76.56
CA ASP X 380 -60.34 36.80 -75.58
C ASP X 380 -61.79 36.30 -75.49
N PRO X 381 -62.28 36.06 -74.26
CA PRO X 381 -63.64 35.54 -74.07
C PRO X 381 -64.78 36.53 -74.23
N HIS X 382 -64.51 37.82 -74.44
CA HIS X 382 -65.55 38.84 -74.59
C HIS X 382 -65.45 39.62 -75.90
N THR X 383 -64.25 39.77 -76.44
CA THR X 383 -64.03 40.57 -77.63
C THR X 383 -64.55 39.89 -78.89
N GLY X 384 -65.47 40.57 -79.57
CA GLY X 384 -66.07 40.15 -80.83
C GLY X 384 -66.47 38.71 -81.04
N GLN X 385 -66.01 38.13 -82.15
CA GLN X 385 -66.27 36.73 -82.49
C GLN X 385 -65.40 35.85 -81.59
N ARG X 386 -65.87 35.72 -80.36
CA ARG X 386 -65.19 34.98 -79.29
C ARG X 386 -64.73 33.59 -79.75
N TRP X 387 -65.47 32.97 -80.66
CA TRP X 387 -65.17 31.66 -81.24
C TRP X 387 -64.09 31.67 -82.32
N LEU X 388 -63.86 32.79 -82.99
CA LEU X 388 -62.88 32.86 -84.07
C LEU X 388 -61.45 32.54 -83.61
N PRO X 389 -60.89 33.18 -82.59
CA PRO X 389 -59.52 32.83 -82.16
C PRO X 389 -59.44 31.42 -81.58
N LEU X 390 -60.51 30.93 -80.96
CA LEU X 390 -60.55 29.58 -80.40
C LEU X 390 -60.36 28.52 -81.49
N ILE X 391 -61.13 28.62 -82.57
CA ILE X 391 -61.02 27.68 -83.69
C ILE X 391 -59.71 27.90 -84.42
N LEU X 392 -59.27 29.15 -84.52
CA LEU X 392 -57.99 29.48 -85.15
C LEU X 392 -56.84 28.85 -84.37
N ALA X 393 -56.93 28.87 -83.04
CA ALA X 393 -55.94 28.24 -82.16
C ALA X 393 -55.90 26.73 -82.37
N GLY X 394 -57.06 26.11 -82.54
CA GLY X 394 -57.15 24.68 -82.81
C GLY X 394 -56.42 24.27 -84.08
N PHE X 395 -56.73 24.94 -85.19
CA PHE X 395 -56.05 24.66 -86.46
C PHE X 395 -54.55 24.91 -86.34
N THR X 396 -54.14 25.97 -85.64
CA THR X 396 -52.71 26.25 -85.44
C THR X 396 -52.03 25.14 -84.64
N SER X 397 -52.70 24.63 -83.61
CA SER X 397 -52.17 23.55 -82.77
C SER X 397 -52.10 22.23 -83.54
N GLY X 398 -53.09 21.95 -84.38
CA GLY X 398 -53.11 20.71 -85.17
C GLY X 398 -51.86 20.52 -86.02
N PHE X 399 -51.40 21.58 -86.68
CA PHE X 399 -50.18 21.51 -87.49
C PHE X 399 -49.00 21.05 -86.64
N LEU X 400 -48.78 21.68 -85.51
CA LEU X 400 -47.68 21.31 -84.63
C LEU X 400 -47.89 19.89 -84.12
N LEU X 401 -49.13 19.56 -83.75
CA LEU X 401 -49.46 18.22 -83.26
C LEU X 401 -49.17 17.14 -84.30
N LEU X 402 -49.45 17.40 -85.57
CA LEU X 402 -49.20 16.42 -86.64
C LEU X 402 -47.75 16.38 -87.10
N ARG X 403 -47.14 17.53 -87.38
CA ARG X 403 -45.78 17.63 -87.90
C ARG X 403 -44.69 17.09 -86.95
N GLY X 404 -44.95 17.00 -85.65
CA GLY X 404 -43.95 16.53 -84.69
C GLY X 404 -43.30 15.18 -84.97
N ARG X 405 -44.00 14.28 -85.64
CA ARG X 405 -43.50 12.95 -85.99
C ARG X 405 -42.39 12.93 -87.05
N SER X 406 -42.20 14.00 -87.81
CA SER X 406 -41.19 14.06 -88.86
C SER X 406 -39.73 14.16 -88.39
N TYR X 407 -39.44 14.37 -87.11
CA TYR X 407 -38.07 14.52 -86.61
C TYR X 407 -37.68 13.37 -85.67
N VAL X 408 -36.45 12.87 -85.88
CA VAL X 408 -35.88 11.71 -85.17
C VAL X 408 -35.47 12.01 -83.71
N ASP X 409 -35.05 13.21 -83.38
CA ASP X 409 -34.58 13.49 -82.01
C ASP X 409 -35.72 13.44 -80.99
N ARG X 410 -35.42 12.77 -79.87
CA ARG X 410 -36.40 12.62 -78.77
C ARG X 410 -36.91 13.96 -78.25
N TRP X 411 -36.02 14.85 -77.84
CA TRP X 411 -36.42 16.15 -77.32
C TRP X 411 -37.08 17.04 -78.39
N GLN X 412 -36.58 17.01 -79.61
CA GLN X 412 -37.18 17.82 -80.66
C GLN X 412 -38.61 17.37 -80.90
N SER X 413 -38.83 16.07 -80.99
CA SER X 413 -40.17 15.56 -81.18
C SER X 413 -41.06 15.86 -79.98
N ILE X 414 -40.53 15.71 -78.77
CA ILE X 414 -41.27 15.98 -77.55
C ILE X 414 -41.63 17.46 -77.42
N THR X 415 -40.69 18.35 -77.69
CA THR X 415 -40.99 19.78 -77.54
C THR X 415 -42.09 20.22 -78.48
N LEU X 416 -42.08 19.70 -79.70
CA LEU X 416 -43.14 20.02 -80.65
C LEU X 416 -44.47 19.54 -80.12
N ALA X 417 -44.51 18.28 -79.68
CA ALA X 417 -45.74 17.72 -79.13
C ALA X 417 -46.22 18.51 -77.92
N GLY X 418 -45.31 18.81 -77.00
CA GLY X 418 -45.68 19.56 -75.82
C GLY X 418 -46.15 20.98 -76.12
N THR X 419 -45.58 21.61 -77.13
CA THR X 419 -45.95 22.98 -77.50
C THR X 419 -47.44 23.10 -77.83
N ALA X 420 -47.99 22.10 -78.51
CA ALA X 420 -49.41 22.12 -78.86
C ALA X 420 -50.31 21.96 -77.64
N VAL X 421 -50.01 20.99 -76.80
CA VAL X 421 -50.82 20.70 -75.62
C VAL X 421 -50.91 21.91 -74.69
N ILE X 422 -49.78 22.58 -74.44
CA ILE X 422 -49.79 23.72 -73.52
C ILE X 422 -50.69 24.84 -74.03
N ILE X 423 -50.72 25.09 -75.33
CA ILE X 423 -51.56 26.18 -75.84
C ILE X 423 -53.02 25.89 -75.53
N ALA X 424 -53.47 24.68 -75.82
CA ALA X 424 -54.86 24.32 -75.54
C ALA X 424 -55.18 24.50 -74.06
N ALA X 425 -54.32 23.96 -73.18
CA ALA X 425 -54.54 24.07 -71.74
C ALA X 425 -54.56 25.53 -71.28
N ALA X 426 -53.64 26.33 -71.78
CA ALA X 426 -53.60 27.76 -71.43
C ALA X 426 -54.85 28.51 -71.87
N VAL X 427 -55.32 28.26 -73.08
CA VAL X 427 -56.53 28.92 -73.59
C VAL X 427 -57.75 28.60 -72.73
N CYS X 428 -57.95 27.33 -72.40
CA CYS X 428 -59.10 26.98 -71.57
C CYS X 428 -59.02 27.68 -70.21
N VAL X 429 -57.84 27.75 -69.61
CA VAL X 429 -57.71 28.44 -68.33
C VAL X 429 -58.07 29.91 -68.48
N ARG X 430 -57.57 30.56 -69.52
CA ARG X 430 -57.90 31.96 -69.75
C ARG X 430 -59.42 32.15 -69.82
N TYR X 431 -60.10 31.30 -70.58
CA TYR X 431 -61.55 31.35 -70.73
C TYR X 431 -62.29 30.86 -69.49
N ALA X 432 -61.59 30.34 -68.50
CA ALA X 432 -62.16 29.90 -67.23
C ALA X 432 -61.97 30.96 -66.15
N LEU X 433 -60.84 31.63 -66.15
CA LEU X 433 -60.58 32.69 -65.18
C LEU X 433 -61.53 33.85 -65.43
N GLU X 434 -61.55 34.36 -66.65
CA GLU X 434 -62.48 35.40 -67.03
C GLU X 434 -63.77 34.73 -67.50
N LEU X 435 -64.88 35.48 -67.44
CA LEU X 435 -66.19 34.93 -67.76
C LEU X 435 -66.48 33.74 -66.83
N SER X 436 -66.08 33.93 -65.57
CA SER X 436 -66.18 32.96 -64.48
C SER X 436 -67.63 32.68 -64.09
N SER X 437 -68.00 31.40 -64.12
CA SER X 437 -69.34 30.93 -63.76
C SER X 437 -69.30 29.40 -63.71
N PRO X 438 -70.24 28.77 -62.99
CA PRO X 438 -70.23 27.30 -62.89
C PRO X 438 -70.18 26.56 -64.22
N LEU X 439 -70.86 27.04 -65.25
CA LEU X 439 -70.85 26.36 -66.54
C LEU X 439 -69.45 26.39 -67.17
N ALA X 440 -68.80 27.55 -67.14
CA ALA X 440 -67.47 27.69 -67.73
C ALA X 440 -66.46 26.74 -67.08
N VAL X 441 -66.35 26.75 -65.75
CA VAL X 441 -65.42 25.87 -65.05
C VAL X 441 -65.81 24.41 -65.20
N SER X 442 -67.09 24.10 -65.11
CA SER X 442 -67.54 22.72 -65.25
C SER X 442 -67.17 22.12 -66.59
N ILE X 443 -67.31 22.88 -67.66
CA ILE X 443 -66.95 22.44 -69.00
C ILE X 443 -65.43 22.32 -69.17
N VAL X 444 -64.69 23.33 -68.73
CA VAL X 444 -63.22 23.34 -68.89
C VAL X 444 -62.54 22.19 -68.16
N ALA X 445 -62.96 21.89 -66.93
CA ALA X 445 -62.33 20.80 -66.17
C ALA X 445 -62.45 19.45 -66.88
N ALA X 446 -63.65 19.08 -67.32
CA ALA X 446 -63.84 17.82 -68.04
C ALA X 446 -62.99 17.77 -69.30
N ILE X 447 -63.00 18.87 -70.06
CA ILE X 447 -62.22 18.98 -71.29
C ILE X 447 -60.74 18.74 -71.00
N LEU X 448 -60.22 19.43 -69.99
CA LEU X 448 -58.81 19.35 -69.68
C LEU X 448 -58.38 17.94 -69.29
N VAL X 449 -59.25 17.17 -68.68
CA VAL X 449 -58.91 15.78 -68.34
C VAL X 449 -59.16 14.83 -69.51
N LEU X 450 -60.26 15.01 -70.25
CA LEU X 450 -60.55 14.13 -71.38
C LEU X 450 -59.53 14.32 -72.49
N LEU X 451 -59.09 15.53 -72.71
CA LEU X 451 -58.16 15.94 -73.75
C LEU X 451 -56.96 15.00 -73.81
N PRO X 452 -56.13 14.90 -72.78
CA PRO X 452 -54.98 14.00 -72.85
C PRO X 452 -55.35 12.54 -72.74
N ALA X 453 -56.44 12.20 -72.08
CA ALA X 453 -56.84 10.81 -71.97
C ALA X 453 -57.07 10.22 -73.36
N ALA X 454 -57.77 10.96 -74.20
CA ALA X 454 -58.02 10.57 -75.58
C ALA X 454 -56.70 10.45 -76.35
N GLY X 455 -55.78 11.38 -76.10
CA GLY X 455 -54.49 11.35 -76.76
C GLY X 455 -53.70 10.09 -76.46
N MET X 456 -53.56 9.73 -75.19
CA MET X 456 -52.82 8.52 -74.85
C MET X 456 -53.52 7.27 -75.37
N ALA X 457 -54.84 7.19 -75.25
CA ALA X 457 -55.56 6.03 -75.77
C ALA X 457 -55.35 5.86 -77.29
N ALA X 458 -55.43 6.95 -78.04
CA ALA X 458 -55.24 6.90 -79.50
C ALA X 458 -53.84 6.42 -79.89
N ALA X 459 -52.83 6.74 -79.08
CA ALA X 459 -51.46 6.31 -79.36
C ALA X 459 -51.18 4.89 -78.87
N ALA X 460 -51.67 4.53 -77.69
CA ALA X 460 -51.40 3.19 -77.17
C ALA X 460 -52.27 2.12 -77.82
N HIS X 461 -53.51 2.42 -78.16
CA HIS X 461 -54.36 1.42 -78.81
C HIS X 461 -53.96 1.26 -80.29
#